data_5VF3
#
_entry.id   5VF3
#
loop_
_entity.id
_entity.type
_entity.pdbx_description
1 polymer 'Capsid vertex protein gp24'
2 polymer 'Major capsid protein'
3 polymer 'Small outer capsid protein'
4 polymer 'Highly immunogenic outer capsid protein'
5 polymer 'Highly immunogenic outer capsid protein'
#
loop_
_entity_poly.entity_id
_entity_poly.type
_entity_poly.pdbx_seq_one_letter_code
_entity_poly.pdbx_strand_id
1 'polypeptide(L)'
;STTTNSNSIGRPNLVALTRATTKLIYSDIVATQRTNQPVAAFYGIKYLNPDNEFTFKTGATYAGEAGYVDREQITELTEE
SKLTLNKGDLFKYNNIVYKVLEDTPFATIEESDLELALQIAIVLLKVRLFSDAASTSKFESSDSEIADARFQINKWQTAV
KSRKLKTGITVELAQDLEANGFDAPNFLEDLLATEMADEINKDILQSLITVSKRYKVTGITDSGFIDLSYASAPEAGRSL
YRMVCEMVSHIQKESTYTATFCVASARAAAILAASGWLKHKPEDDKYLSQNAYGFLANGLPLYCDTNSPLDYVIVGVVEN
IGEKEIVGSIFYAPYTEGLDLDDPEHVGAFKVVVDPESLQPSIGLLVRYALSANPYTVAKDEKEARIIDGGDMDKMAGRS
DLSVLLGVKLPKIIIDE
;
a
2 'polypeptide(L)'
;AEIGGDHGYNATNIAAGQTSGAVTQIGPAVMGMVRRAIPNLIAFDICGVQPMNSPTGQVFALRAVYGKDPVAAGAKEAFH
PMYGPDAMFSGQGAAKKFPALAASTQTTVGDIYTHFFQETGTVYLQASVQVTIDAGATDAAKLDAEIKKQMEAGALVEIA
EGMATSIAELQEGFNGSTDNPWNEMGFRIDKQVIEAKSRQLKAAYSIELTQDLRAVHGMDADAELSGILATEIMLEINRE
VVDWINYSAQVGKSGMTLTPGSKAGVFDFQDPIDIRGARWAGESFKALLFQIDKEAVEIARQTGRGEGNFIIASRNVVNV
LASVDTGISYAAQGLATGFSTDTTKSVFAGVLGGKYRVYIDQYAKQDYFTVGYKGPNEMDAGIYYAPYVALTPLRGSDPK
NFQPVMGFKTRYGIGINPFAESAAQAPASRIQSGMPSILNSLGKNAYFRRVYVKGI
;
A,B,C,D,E,F,G,H,I,J,K,L
3 'polypeptide(L)' MASARGYVNIKTFEQKLDGNKKIEGKEVSVAFPLYSDVHKISGAHYQTFPSEKAAYSTVYEENQRTEWIAANEDLWKVTG O,P,Q,R,S,T,U,V,W,X,Y
4 'polypeptide(L)'
;MTFTVDITPKTPTGVIDETKQFTATPSGQTGGGTITYAWSVDNVPQDGAEATFSYVLKGPAGQKTIKVVATNTLSEGGPE
TAEATTTITVKNKTQTTTLAVTPASPAAGVIGTPVQFTAALASQPDGASATYQWYVDDSQVGGETNSTFSYTPTTSGVKR
IKCVAQVTATDYDALSVTSNEVSLTVNKKTMNPQVTLTPPSINVQQDASATFTANVTGAPEEAQITYSWKKDSSPVEGST
NVYTVDTSSVGSQTIEVTATVTAADYNPVTVTKTGNVTVTAKVAPEPEGELPYVHPLPHRSSAYIWCGWWVMDEIQKMTE
EGKDWKTDDPDSKYYLHRYTLQKMMKDYPEVDVQESRNGYIIHKTALETGIIYTYP
;
Z
5 'polypeptide(L)' (UNK)(UNK)(UNK)(UNK)(UNK)(UNK)(UNK)(UNK)(UNK)(UNK)(UNK)(UNK)(UNK)(UNK)(UNK) z
#
# COMPACT_ATOMS: atom_id res chain seq x y z
N SER A 1 -153.23 99.80 -29.34
CA SER A 1 -152.32 100.72 -28.67
C SER A 1 -151.20 99.98 -27.98
N THR A 2 -150.04 99.93 -28.62
CA THR A 2 -148.87 99.32 -28.00
C THR A 2 -148.52 100.07 -26.73
N THR A 3 -148.38 99.35 -25.64
CA THR A 3 -148.03 99.99 -24.38
C THR A 3 -146.87 99.22 -23.76
N THR A 4 -146.51 99.57 -22.53
CA THR A 4 -145.48 98.80 -21.86
C THR A 4 -145.96 97.41 -21.47
N ASN A 5 -147.24 97.08 -21.71
CA ASN A 5 -147.70 95.72 -21.48
C ASN A 5 -147.21 94.79 -22.58
N SER A 6 -147.09 95.31 -23.80
CA SER A 6 -146.57 94.49 -24.89
C SER A 6 -145.08 94.27 -24.74
N ASN A 7 -144.32 95.35 -24.60
CA ASN A 7 -142.87 95.27 -24.45
C ASN A 7 -142.51 94.33 -23.31
N SER A 8 -141.42 93.57 -23.49
CA SER A 8 -140.95 92.62 -22.50
C SER A 8 -139.51 92.97 -22.13
N ILE A 9 -139.24 93.04 -20.83
CA ILE A 9 -137.99 93.58 -20.32
C ILE A 9 -136.92 92.50 -20.28
N GLY A 10 -135.80 92.77 -20.96
CA GLY A 10 -134.78 91.74 -21.09
C GLY A 10 -134.05 91.41 -19.80
N ARG A 11 -133.41 92.41 -19.21
CA ARG A 11 -132.63 92.23 -18.00
C ARG A 11 -132.84 93.45 -17.11
N PRO A 12 -132.56 93.33 -15.85
CA PRO A 12 -132.48 94.53 -15.02
C PRO A 12 -131.14 95.25 -15.16
N ASN A 13 -131.13 96.55 -14.98
CA ASN A 13 -129.86 97.23 -14.83
C ASN A 13 -129.33 96.90 -13.45
N LEU A 14 -128.03 96.59 -13.37
CA LEU A 14 -127.50 96.09 -12.11
C LEU A 14 -127.49 97.16 -11.03
N VAL A 15 -127.39 98.42 -11.38
CA VAL A 15 -127.43 99.52 -10.42
C VAL A 15 -126.37 99.29 -9.36
N ALA A 16 -126.76 98.99 -8.12
CA ALA A 16 -125.83 98.99 -7.00
C ALA A 16 -125.71 97.64 -6.33
N LEU A 17 -124.48 97.31 -5.94
CA LEU A 17 -124.16 96.10 -5.19
C LEU A 17 -123.88 96.51 -3.76
N THR A 18 -124.24 95.67 -2.80
CA THR A 18 -123.96 95.93 -1.40
C THR A 18 -123.49 94.66 -0.72
N ARG A 19 -122.30 94.70 -0.13
CA ARG A 19 -121.85 93.66 0.78
C ARG A 19 -121.75 94.30 2.16
N ALA A 20 -122.39 93.70 3.15
CA ALA A 20 -122.45 94.27 4.48
C ALA A 20 -121.29 93.74 5.30
N THR A 21 -120.40 94.63 5.71
CA THR A 21 -119.29 94.26 6.57
C THR A 21 -119.09 95.33 7.62
N THR A 22 -118.83 94.90 8.85
CA THR A 22 -118.58 95.84 9.93
C THR A 22 -117.36 96.70 9.65
N LYS A 23 -117.44 97.96 10.07
CA LYS A 23 -116.21 98.70 10.32
C LYS A 23 -115.44 97.86 11.32
N LEU A 24 -114.25 97.43 10.97
CA LEU A 24 -113.53 96.46 11.77
C LEU A 24 -112.44 97.18 12.54
N ILE A 25 -112.51 97.09 13.86
CA ILE A 25 -111.44 97.63 14.67
C ILE A 25 -110.74 96.52 15.44
N TYR A 26 -109.73 95.91 14.84
CA TYR A 26 -108.62 95.36 15.57
C TYR A 26 -107.34 96.15 15.36
N SER A 27 -107.35 97.12 14.45
CA SER A 27 -106.12 97.82 14.14
C SER A 27 -105.85 98.92 15.15
N ASP A 28 -106.89 99.66 15.51
CA ASP A 28 -106.71 100.79 16.42
C ASP A 28 -106.68 100.34 17.87
N ILE A 29 -107.37 99.24 18.18
CA ILE A 29 -107.67 98.90 19.56
C ILE A 29 -106.48 98.26 20.26
N VAL A 30 -105.64 97.54 19.53
CA VAL A 30 -104.66 96.67 20.15
C VAL A 30 -103.27 97.00 19.62
N ALA A 31 -102.27 96.79 20.47
CA ALA A 31 -100.90 97.09 20.09
C ALA A 31 -100.26 95.88 19.44
N THR A 32 -99.88 96.01 18.18
CA THR A 32 -99.50 94.87 17.35
C THR A 32 -98.05 95.00 16.90
N GLN A 33 -97.27 93.97 17.16
CA GLN A 33 -95.93 93.84 16.61
C GLN A 33 -95.73 92.40 16.18
N ARG A 34 -95.40 92.19 14.92
CA ARG A 34 -95.35 90.83 14.38
C ARG A 34 -94.27 90.01 15.08
N THR A 35 -94.46 88.71 15.13
CA THR A 35 -93.57 87.78 15.81
C THR A 35 -92.85 86.94 14.76
N ASN A 36 -91.54 86.78 14.92
CA ASN A 36 -90.79 86.02 13.92
C ASN A 36 -90.62 84.57 14.34
N GLN A 37 -91.19 84.18 15.47
CA GLN A 37 -91.12 82.81 15.95
C GLN A 37 -92.40 82.40 16.63
N PRO A 38 -92.75 81.10 16.59
CA PRO A 38 -94.09 80.67 17.00
C PRO A 38 -94.46 81.03 18.42
N VAL A 39 -93.51 81.41 19.25
CA VAL A 39 -93.80 81.81 20.63
C VAL A 39 -93.32 83.24 20.76
N ALA A 40 -94.10 84.08 21.43
CA ALA A 40 -93.78 85.49 21.55
C ALA A 40 -93.65 85.88 23.01
N ALA A 41 -92.47 86.34 23.41
CA ALA A 41 -92.23 86.64 24.82
C ALA A 41 -92.10 88.15 24.99
N PHE A 42 -93.12 88.75 25.57
CA PHE A 42 -93.07 90.14 25.95
C PHE A 42 -92.35 90.20 27.28
N TYR A 43 -91.23 90.90 27.34
CA TYR A 43 -90.79 91.26 28.67
C TYR A 43 -91.71 92.30 29.25
N GLY A 44 -91.65 92.44 30.54
CA GLY A 44 -92.06 93.66 31.17
C GLY A 44 -91.15 93.77 32.36
N ILE A 45 -90.77 94.99 32.68
CA ILE A 45 -89.62 95.25 33.51
C ILE A 45 -90.02 96.30 34.53
N LYS A 46 -90.01 95.89 35.79
CA LYS A 46 -90.65 96.67 36.83
C LYS A 46 -89.58 97.32 37.69
N TYR A 47 -89.76 98.61 37.95
CA TYR A 47 -88.86 99.35 38.82
C TYR A 47 -89.45 99.35 40.23
N LEU A 48 -88.78 98.64 41.13
CA LEU A 48 -89.34 98.36 42.44
C LEU A 48 -88.79 99.34 43.46
N ASN A 49 -89.27 99.19 44.69
CA ASN A 49 -88.72 99.83 45.88
C ASN A 49 -87.78 98.84 46.54
N PRO A 50 -87.21 99.13 47.70
CA PRO A 50 -86.71 98.04 48.54
C PRO A 50 -87.83 97.19 49.12
N ASP A 51 -89.08 97.64 49.06
CA ASP A 51 -90.23 96.86 49.48
C ASP A 51 -90.89 96.09 48.36
N ASN A 52 -90.33 96.10 47.16
CA ASN A 52 -90.71 95.27 46.03
C ASN A 52 -91.99 95.72 45.34
N GLU A 53 -92.74 96.67 45.89
CA GLU A 53 -93.83 97.24 45.14
C GLU A 53 -93.28 98.18 44.09
N PHE A 54 -94.04 98.38 43.02
CA PHE A 54 -93.59 99.29 41.97
C PHE A 54 -93.44 100.69 42.57
N THR A 55 -92.49 101.45 42.03
CA THR A 55 -92.31 102.81 42.53
C THR A 55 -93.58 103.63 42.34
N PHE A 56 -94.27 103.43 41.22
CA PHE A 56 -95.31 104.38 40.85
C PHE A 56 -96.61 104.13 41.60
N LYS A 57 -96.78 102.93 42.16
CA LYS A 57 -98.02 102.64 42.89
C LYS A 57 -97.97 103.16 44.32
N THR A 58 -96.81 103.13 44.96
CA THR A 58 -96.78 103.27 46.42
C THR A 58 -97.13 104.68 46.87
N GLY A 59 -96.41 105.67 46.37
CA GLY A 59 -96.48 107.00 46.95
C GLY A 59 -95.51 107.24 48.08
N ALA A 60 -94.62 106.28 48.36
CA ALA A 60 -93.67 106.37 49.46
C ALA A 60 -92.27 106.59 48.91
N THR A 61 -91.44 107.30 49.67
CA THR A 61 -90.09 107.60 49.25
C THR A 61 -89.11 106.94 50.20
N TYR A 62 -88.30 106.02 49.68
CA TYR A 62 -87.36 105.29 50.51
C TYR A 62 -85.98 105.93 50.60
N ALA A 63 -85.70 106.94 49.79
CA ALA A 63 -84.41 107.64 49.82
C ALA A 63 -84.65 109.08 50.27
N GLY A 64 -84.22 109.38 51.47
CA GLY A 64 -84.44 110.69 52.06
C GLY A 64 -84.37 110.54 53.55
N GLU A 65 -84.99 111.47 54.26
CA GLU A 65 -85.03 111.34 55.71
C GLU A 65 -85.92 110.17 56.10
N ALA A 66 -86.70 109.66 55.14
CA ALA A 66 -87.51 108.48 55.40
C ALA A 66 -86.62 107.25 55.54
N GLY A 67 -85.77 107.00 54.56
CA GLY A 67 -84.89 105.85 54.59
C GLY A 67 -85.67 104.57 54.39
N TYR A 68 -84.95 103.46 54.45
CA TYR A 68 -85.58 102.15 54.48
C TYR A 68 -85.43 101.47 55.84
N VAL A 69 -84.21 101.17 56.25
CA VAL A 69 -84.00 100.56 57.57
C VAL A 69 -84.62 101.43 58.64
N ASP A 70 -84.72 102.73 58.40
CA ASP A 70 -85.47 103.61 59.30
C ASP A 70 -86.94 103.20 59.38
N ARG A 71 -87.51 102.67 58.30
CA ARG A 71 -88.90 102.24 58.35
C ARG A 71 -89.11 101.02 59.23
N GLU A 72 -88.04 100.42 59.73
CA GLU A 72 -88.19 99.39 60.75
C GLU A 72 -88.54 100.03 62.09
N GLN A 73 -87.68 100.92 62.58
CA GLN A 73 -87.92 101.59 63.85
C GLN A 73 -89.15 102.48 63.86
N ILE A 74 -89.76 102.77 62.70
CA ILE A 74 -90.97 103.58 62.65
C ILE A 74 -92.17 102.67 62.86
N THR A 75 -93.11 103.11 63.69
CA THR A 75 -94.21 102.28 64.14
C THR A 75 -95.46 102.50 63.28
N GLU A 76 -96.02 101.41 62.76
CA GLU A 76 -97.17 101.53 61.88
C GLU A 76 -98.38 102.09 62.63
N LEU A 77 -99.34 102.62 61.88
CA LEU A 77 -100.64 102.89 62.46
C LEU A 77 -101.38 101.61 62.74
N THR A 78 -101.82 101.47 63.98
CA THR A 78 -102.75 100.43 64.36
C THR A 78 -103.82 101.10 65.22
N GLU A 79 -104.94 100.42 65.40
CA GLU A 79 -106.02 101.00 66.19
C GLU A 79 -105.55 101.33 67.60
N GLU A 80 -104.56 100.61 68.11
CA GLU A 80 -104.00 100.94 69.41
C GLU A 80 -103.00 102.08 69.31
N SER A 81 -102.20 102.11 68.26
CA SER A 81 -101.08 103.05 68.21
C SER A 81 -101.53 104.44 67.79
N LYS A 82 -102.63 104.54 67.07
CA LYS A 82 -103.09 105.84 66.59
C LYS A 82 -103.39 106.78 67.75
N LEU A 83 -103.63 106.22 68.95
CA LEU A 83 -103.96 107.06 70.09
C LEU A 83 -102.71 107.68 70.71
N THR A 84 -101.58 107.00 70.59
CA THR A 84 -100.38 107.40 71.32
C THR A 84 -99.50 108.36 70.54
N LEU A 85 -99.90 108.80 69.35
CA LEU A 85 -99.06 109.67 68.57
C LEU A 85 -98.96 111.05 69.22
N ASN A 86 -97.79 111.65 69.13
CA ASN A 86 -97.52 112.96 69.67
C ASN A 86 -96.88 113.81 68.59
N LYS A 87 -96.62 115.07 68.90
CA LYS A 87 -96.10 116.00 67.89
C LYS A 87 -94.67 115.62 67.55
N GLY A 88 -94.41 115.39 66.27
CA GLY A 88 -93.10 114.98 65.82
C GLY A 88 -92.91 113.48 65.70
N ASP A 89 -93.90 112.69 66.05
CA ASP A 89 -93.77 111.24 65.97
C ASP A 89 -94.04 110.76 64.56
N LEU A 90 -93.09 110.04 63.99
CA LEU A 90 -93.28 109.45 62.67
C LEU A 90 -94.14 108.20 62.78
N PHE A 91 -94.91 107.93 61.72
CA PHE A 91 -95.59 106.66 61.63
C PHE A 91 -95.73 106.32 60.16
N LYS A 92 -95.69 105.03 59.84
CA LYS A 92 -95.88 104.58 58.48
C LYS A 92 -97.19 103.83 58.37
N TYR A 93 -97.91 104.04 57.28
CA TYR A 93 -99.09 103.23 57.00
C TYR A 93 -99.10 102.92 55.52
N ASN A 94 -99.23 101.63 55.19
CA ASN A 94 -99.04 101.15 53.82
C ASN A 94 -97.67 101.55 53.30
N ASN A 95 -96.67 101.51 54.18
CA ASN A 95 -95.28 101.83 53.87
C ASN A 95 -95.08 103.25 53.38
N ILE A 96 -96.02 104.14 53.64
CA ILE A 96 -95.85 105.56 53.39
C ILE A 96 -95.66 106.22 54.73
N VAL A 97 -94.47 106.69 55.01
CA VAL A 97 -94.21 107.25 56.33
C VAL A 97 -94.82 108.65 56.39
N TYR A 98 -95.32 109.02 57.55
CA TYR A 98 -95.96 110.30 57.79
C TYR A 98 -95.25 110.95 58.95
N LYS A 99 -95.52 112.23 59.17
CA LYS A 99 -95.03 112.90 60.36
C LYS A 99 -96.20 113.62 61.00
N VAL A 100 -96.25 113.60 62.32
CA VAL A 100 -97.39 114.15 63.05
C VAL A 100 -97.14 115.62 63.33
N LEU A 101 -98.00 116.48 62.79
CA LEU A 101 -97.85 117.92 63.01
C LEU A 101 -98.44 118.34 64.35
N GLU A 102 -99.60 117.81 64.73
CA GLU A 102 -100.25 118.22 65.97
C GLU A 102 -100.41 117.02 66.88
N ASP A 103 -99.95 117.17 68.12
CA ASP A 103 -99.98 116.04 69.05
C ASP A 103 -101.40 115.61 69.34
N THR A 104 -101.53 114.35 69.74
CA THR A 104 -102.79 113.63 69.83
C THR A 104 -103.60 113.88 68.56
N PRO A 105 -103.10 113.50 67.38
CA PRO A 105 -103.96 113.48 66.21
C PRO A 105 -104.98 112.37 66.36
N PHE A 106 -105.99 112.41 65.49
CA PHE A 106 -107.06 111.43 65.50
C PHE A 106 -107.89 111.57 66.78
N ALA A 107 -107.83 112.75 67.39
CA ALA A 107 -108.70 113.11 68.49
C ALA A 107 -110.08 113.53 68.00
N THR A 108 -110.12 114.42 67.01
CA THR A 108 -111.39 114.88 66.47
C THR A 108 -111.86 114.05 65.30
N ILE A 109 -111.03 113.17 64.77
CA ILE A 109 -111.38 112.38 63.59
C ILE A 109 -112.13 111.14 64.06
N GLU A 110 -113.38 111.02 63.63
CA GLU A 110 -114.27 109.98 64.12
C GLU A 110 -114.31 108.76 63.22
N GLU A 111 -113.56 108.74 62.13
CA GLU A 111 -113.59 107.61 61.22
C GLU A 111 -112.97 106.39 61.89
N SER A 112 -113.75 105.32 62.00
CA SER A 112 -113.21 104.07 62.52
C SER A 112 -112.28 103.43 61.50
N ASP A 113 -112.64 103.48 60.23
CA ASP A 113 -111.75 103.01 59.17
C ASP A 113 -110.48 103.83 59.21
N LEU A 114 -109.34 103.15 59.32
CA LEU A 114 -108.09 103.88 59.55
C LEU A 114 -107.59 104.53 58.28
N GLU A 115 -107.65 103.82 57.15
CA GLU A 115 -107.13 104.35 55.90
C GLU A 115 -107.73 105.71 55.58
N LEU A 116 -109.04 105.85 55.76
CA LEU A 116 -109.68 107.11 55.43
C LEU A 116 -109.52 108.12 56.57
N ALA A 117 -109.41 107.66 57.81
CA ALA A 117 -109.15 108.59 58.90
C ALA A 117 -107.79 109.25 58.72
N LEU A 118 -106.77 108.45 58.44
CA LEU A 118 -105.46 108.99 58.10
C LEU A 118 -105.54 109.94 56.92
N GLN A 119 -106.38 109.61 55.93
CA GLN A 119 -106.57 110.42 54.75
C GLN A 119 -107.28 111.74 55.03
N ILE A 120 -108.08 111.82 56.09
CA ILE A 120 -108.68 113.10 56.46
C ILE A 120 -107.90 113.77 57.57
N ALA A 121 -106.79 113.18 58.02
CA ALA A 121 -105.86 113.93 58.83
C ALA A 121 -104.94 114.78 57.97
N ILE A 122 -104.53 114.22 56.83
CA ILE A 122 -103.66 114.95 55.91
C ILE A 122 -104.31 116.26 55.47
N VAL A 123 -105.62 116.23 55.22
CA VAL A 123 -106.29 117.44 54.75
C VAL A 123 -106.55 118.39 55.91
N LEU A 124 -106.69 117.87 57.11
CA LEU A 124 -106.81 118.71 58.29
C LEU A 124 -105.47 119.05 58.90
N LEU A 125 -104.38 118.69 58.23
CA LEU A 125 -103.01 119.06 58.60
C LEU A 125 -102.65 118.62 60.01
N LYS A 126 -103.28 117.54 60.49
CA LYS A 126 -102.82 116.92 61.72
C LYS A 126 -101.50 116.19 61.49
N VAL A 127 -101.45 115.35 60.46
CA VAL A 127 -100.23 114.63 60.12
C VAL A 127 -99.94 114.85 58.65
N ARG A 128 -98.72 115.25 58.35
CA ARG A 128 -98.33 115.51 56.97
C ARG A 128 -97.68 114.26 56.39
N LEU A 129 -97.38 114.30 55.10
CA LEU A 129 -96.69 113.19 54.47
C LEU A 129 -95.20 113.41 54.63
N PHE A 130 -94.49 112.39 55.05
CA PHE A 130 -93.11 112.56 55.42
C PHE A 130 -92.16 112.32 54.27
N SER A 131 -92.66 112.23 53.04
CA SER A 131 -91.70 112.31 51.95
C SER A 131 -90.91 113.59 52.13
N ASP A 132 -89.62 113.46 52.40
CA ASP A 132 -88.81 114.63 52.73
C ASP A 132 -87.37 114.27 52.46
N ALA A 133 -86.59 115.25 52.05
CA ALA A 133 -85.24 115.00 51.62
C ALA A 133 -84.31 114.91 52.82
N ALA A 134 -83.36 113.98 52.76
CA ALA A 134 -82.46 113.75 53.88
C ALA A 134 -81.53 114.93 54.05
N SER A 135 -81.46 115.46 55.27
CA SER A 135 -80.44 116.45 55.56
C SER A 135 -79.08 115.81 55.35
N THR A 136 -78.15 116.60 54.80
CA THR A 136 -76.92 116.02 54.25
C THR A 136 -76.20 115.17 55.28
N SER A 137 -76.31 115.48 56.56
CA SER A 137 -75.57 114.74 57.56
C SER A 137 -75.99 113.28 57.67
N LYS A 138 -77.06 112.87 57.00
CA LYS A 138 -77.54 111.51 57.17
C LYS A 138 -76.66 110.50 56.46
N PHE A 139 -76.10 110.88 55.31
CA PHE A 139 -75.38 109.88 54.52
C PHE A 139 -73.88 109.93 54.78
N GLU A 140 -73.43 110.85 55.61
CA GLU A 140 -71.99 111.03 55.81
C GLU A 140 -71.46 110.32 57.04
N SER A 141 -72.32 109.73 57.85
CA SER A 141 -71.89 109.28 59.17
C SER A 141 -70.99 108.05 59.11
N SER A 142 -70.79 107.48 57.93
CA SER A 142 -70.06 106.23 57.69
C SER A 142 -70.85 105.05 58.21
N ASP A 143 -71.87 105.28 59.03
CA ASP A 143 -72.98 104.36 59.20
C ASP A 143 -74.16 105.05 58.52
N SER A 144 -74.51 104.57 57.34
CA SER A 144 -75.56 105.18 56.53
C SER A 144 -76.39 104.11 55.88
N GLU A 145 -77.70 104.17 56.10
CA GLU A 145 -78.60 103.26 55.40
C GLU A 145 -79.03 104.01 54.15
N ILE A 146 -78.51 103.55 53.02
CA ILE A 146 -78.75 104.20 51.75
C ILE A 146 -79.76 103.38 50.97
N ALA A 147 -80.83 104.02 50.53
CA ALA A 147 -81.96 103.30 49.97
C ALA A 147 -81.52 102.49 48.75
N ASP A 148 -82.03 101.28 48.68
CA ASP A 148 -81.71 100.36 47.59
C ASP A 148 -82.76 100.49 46.52
N ALA A 149 -82.36 100.35 45.27
CA ALA A 149 -83.26 100.44 44.12
C ALA A 149 -83.23 99.11 43.41
N ARG A 150 -84.36 98.42 43.41
CA ARG A 150 -84.42 97.05 42.92
C ARG A 150 -85.26 96.98 41.66
N PHE A 151 -84.91 96.06 40.77
CA PHE A 151 -85.74 95.80 39.61
C PHE A 151 -86.04 94.31 39.55
N GLN A 152 -86.99 93.97 38.70
CA GLN A 152 -87.29 92.59 38.36
C GLN A 152 -87.73 92.57 36.90
N ILE A 153 -87.27 91.58 36.15
CA ILE A 153 -87.59 91.46 34.75
C ILE A 153 -88.29 90.13 34.56
N ASN A 154 -89.58 90.16 34.27
CA ASN A 154 -90.38 88.97 34.02
C ASN A 154 -90.76 88.94 32.55
N LYS A 155 -90.94 87.77 31.99
CA LYS A 155 -91.40 87.72 30.61
C LYS A 155 -92.84 87.24 30.61
N TRP A 156 -93.59 87.70 29.62
CA TRP A 156 -94.94 87.23 29.35
C TRP A 156 -94.89 86.52 28.02
N GLN A 157 -95.04 85.20 28.03
CA GLN A 157 -94.69 84.37 26.90
C GLN A 157 -95.95 83.68 26.37
N THR A 158 -96.22 83.84 25.09
CA THR A 158 -97.45 83.38 24.48
C THR A 158 -97.13 82.54 23.26
N ALA A 159 -97.85 81.43 23.08
CA ALA A 159 -97.67 80.62 21.89
C ALA A 159 -98.75 80.94 20.87
N VAL A 160 -98.35 81.07 19.61
CA VAL A 160 -99.31 81.51 18.59
C VAL A 160 -100.34 80.42 18.35
N LYS A 161 -101.52 80.83 17.92
CA LYS A 161 -102.64 79.94 17.68
C LYS A 161 -103.25 80.26 16.32
N SER A 162 -103.96 79.28 15.77
CA SER A 162 -104.37 79.31 14.37
C SER A 162 -105.85 79.65 14.24
N ARG A 163 -106.20 80.36 13.18
CA ARG A 163 -107.57 80.46 12.71
C ARG A 163 -107.56 80.02 11.26
N LYS A 164 -108.47 79.12 10.89
CA LYS A 164 -108.42 78.55 9.55
C LYS A 164 -109.83 78.40 9.01
N LEU A 165 -110.11 79.03 7.87
CA LEU A 165 -111.40 78.91 7.21
C LEU A 165 -111.24 78.21 5.87
N LYS A 166 -112.34 77.62 5.41
CA LYS A 166 -112.41 76.88 4.16
C LYS A 166 -113.70 77.26 3.47
N THR A 167 -113.66 77.50 2.18
CA THR A 167 -114.93 77.75 1.52
C THR A 167 -115.18 76.80 0.36
N GLY A 168 -114.53 77.02 -0.76
CA GLY A 168 -114.76 76.22 -1.94
C GLY A 168 -115.95 76.74 -2.72
N ILE A 169 -115.88 76.62 -4.05
CA ILE A 169 -116.97 76.98 -4.94
C ILE A 169 -116.93 76.02 -6.10
N THR A 170 -118.08 75.50 -6.46
CA THR A 170 -118.17 74.62 -7.60
C THR A 170 -117.87 75.39 -8.86
N VAL A 171 -117.07 74.78 -9.75
CA VAL A 171 -116.77 75.42 -11.02
C VAL A 171 -118.06 75.79 -11.74
N GLU A 172 -119.14 75.05 -11.47
CA GLU A 172 -120.43 75.41 -12.03
C GLU A 172 -120.90 76.74 -11.48
N LEU A 173 -120.53 77.07 -10.24
CA LEU A 173 -120.83 78.40 -9.70
C LEU A 173 -119.78 79.42 -10.12
N ALA A 174 -118.50 79.06 -10.09
CA ALA A 174 -117.48 80.04 -10.43
C ALA A 174 -117.64 80.50 -11.87
N GLN A 175 -118.07 79.61 -12.76
CA GLN A 175 -118.41 80.03 -14.11
C GLN A 175 -119.61 80.96 -14.11
N ASP A 176 -120.43 80.86 -13.05
CA ASP A 176 -121.65 81.65 -12.98
C ASP A 176 -121.39 83.07 -12.49
N LEU A 177 -120.56 83.22 -11.46
CA LEU A 177 -120.27 84.55 -10.95
C LEU A 177 -119.59 85.40 -12.01
N GLU A 178 -118.61 84.83 -12.72
CA GLU A 178 -117.93 85.61 -13.75
C GLU A 178 -118.89 86.08 -14.82
N ALA A 179 -119.87 85.25 -15.16
CA ALA A 179 -120.85 85.64 -16.17
C ALA A 179 -121.92 86.53 -15.58
N ASN A 180 -121.93 86.66 -14.26
CA ASN A 180 -122.89 87.51 -13.58
C ASN A 180 -122.35 88.89 -13.24
N GLY A 181 -121.08 89.16 -13.53
CA GLY A 181 -120.48 90.45 -13.28
C GLY A 181 -119.48 90.49 -12.14
N PHE A 182 -119.40 89.43 -11.32
CA PHE A 182 -118.40 89.37 -10.27
C PHE A 182 -117.06 88.94 -10.85
N ASP A 183 -116.14 88.62 -9.96
CA ASP A 183 -114.91 87.95 -10.37
C ASP A 183 -114.72 86.72 -9.51
N ALA A 184 -114.84 85.54 -10.08
CA ALA A 184 -114.95 84.33 -9.26
C ALA A 184 -113.72 84.08 -8.40
N PRO A 185 -112.51 83.93 -8.94
CA PRO A 185 -111.38 83.60 -8.05
C PRO A 185 -110.98 84.77 -7.18
N ASN A 186 -111.22 85.98 -7.65
CA ASN A 186 -110.82 87.17 -6.90
C ASN A 186 -111.81 87.50 -5.80
N PHE A 187 -113.10 87.37 -6.07
CA PHE A 187 -114.11 87.63 -5.04
C PHE A 187 -113.97 86.69 -3.87
N LEU A 188 -113.89 85.39 -4.13
CA LEU A 188 -113.78 84.42 -3.06
C LEU A 188 -112.62 84.77 -2.13
N GLU A 189 -111.44 85.00 -2.71
CA GLU A 189 -110.27 85.33 -1.89
C GLU A 189 -110.53 86.58 -1.06
N ASP A 190 -111.47 87.42 -1.51
CA ASP A 190 -111.88 88.55 -0.70
C ASP A 190 -112.88 88.14 0.37
N LEU A 191 -113.64 87.08 0.11
CA LEU A 191 -114.62 86.62 1.08
C LEU A 191 -113.94 86.14 2.35
N LEU A 192 -113.02 85.19 2.20
CA LEU A 192 -112.35 84.62 3.37
C LEU A 192 -111.61 85.69 4.16
N ALA A 193 -110.86 86.56 3.47
CA ALA A 193 -110.13 87.59 4.18
C ALA A 193 -111.07 88.57 4.84
N THR A 194 -112.29 88.73 4.29
CA THR A 194 -113.24 89.63 4.92
C THR A 194 -113.80 89.03 6.20
N GLU A 195 -114.05 87.72 6.21
CA GLU A 195 -114.58 87.12 7.42
C GLU A 195 -113.48 86.93 8.45
N MET A 196 -112.29 86.53 8.02
CA MET A 196 -111.18 86.44 8.97
C MET A 196 -110.85 87.80 9.56
N ALA A 197 -110.81 88.84 8.75
CA ALA A 197 -110.62 90.17 9.31
C ALA A 197 -111.76 90.54 10.22
N ASP A 198 -112.95 90.00 9.95
CA ASP A 198 -114.06 90.14 10.86
C ASP A 198 -113.93 89.18 12.03
N GLU A 199 -113.53 87.94 11.75
CA GLU A 199 -113.51 86.93 12.80
C GLU A 199 -112.38 87.15 13.80
N ILE A 200 -111.44 88.04 13.52
CA ILE A 200 -110.46 88.41 14.54
C ILE A 200 -111.02 89.44 15.49
N ASN A 201 -111.76 90.44 14.99
CA ASN A 201 -112.46 91.35 15.88
C ASN A 201 -113.22 90.59 16.93
N LYS A 202 -114.05 89.66 16.46
CA LYS A 202 -114.73 88.77 17.37
C LYS A 202 -113.77 88.06 18.31
N ASP A 203 -112.50 87.90 17.93
CA ASP A 203 -111.57 87.39 18.92
C ASP A 203 -111.08 88.51 19.84
N ILE A 204 -110.69 89.64 19.28
CA ILE A 204 -110.07 90.68 20.09
C ILE A 204 -111.09 91.45 20.91
N LEU A 205 -112.14 91.96 20.27
CA LEU A 205 -113.19 92.64 21.02
C LEU A 205 -113.73 91.77 22.14
N GLN A 206 -113.68 90.46 21.95
CA GLN A 206 -114.11 89.52 22.97
C GLN A 206 -112.94 88.99 23.78
N SER A 207 -111.71 89.40 23.47
CA SER A 207 -110.58 89.22 24.36
C SER A 207 -110.29 90.44 25.22
N LEU A 208 -110.90 91.58 24.94
CA LEU A 208 -110.85 92.68 25.89
C LEU A 208 -111.91 92.50 26.97
N ILE A 209 -113.10 92.04 26.58
CA ILE A 209 -114.17 91.77 27.52
C ILE A 209 -113.71 90.80 28.59
N THR A 210 -112.94 89.80 28.19
CA THR A 210 -112.56 88.74 29.10
C THR A 210 -111.22 88.98 29.77
N VAL A 211 -110.54 90.07 29.44
CA VAL A 211 -109.34 90.51 30.15
C VAL A 211 -109.67 91.66 31.10
N SER A 212 -110.19 92.75 30.56
CA SER A 212 -110.18 94.05 31.23
C SER A 212 -110.71 93.96 32.64
N LYS A 213 -109.91 94.46 33.59
CA LYS A 213 -110.28 94.37 34.99
C LYS A 213 -111.58 95.11 35.23
N ARG A 214 -112.56 94.41 35.77
CA ARG A 214 -113.86 95.02 35.97
C ARG A 214 -113.71 96.21 36.91
N TYR A 215 -114.36 97.32 36.57
CA TYR A 215 -114.28 98.53 37.37
C TYR A 215 -115.55 98.65 38.20
N LYS A 216 -115.41 98.56 39.52
CA LYS A 216 -116.52 98.54 40.44
C LYS A 216 -116.35 99.62 41.50
N VAL A 217 -117.28 100.57 41.55
CA VAL A 217 -117.28 101.53 42.63
C VAL A 217 -118.47 101.24 43.53
N THR A 218 -118.33 101.55 44.82
CA THR A 218 -119.32 101.12 45.80
C THR A 218 -120.67 101.77 45.53
N GLY A 219 -120.66 103.04 45.16
CA GLY A 219 -121.92 103.78 45.09
C GLY A 219 -122.86 103.26 44.02
N ILE A 220 -122.38 103.17 42.79
CA ILE A 220 -123.27 102.88 41.68
C ILE A 220 -122.88 101.57 40.98
N THR A 221 -121.67 101.52 40.47
CA THR A 221 -121.23 100.42 39.62
C THR A 221 -121.13 99.10 40.36
N ASP A 222 -121.33 99.08 41.68
CA ASP A 222 -121.37 97.81 42.40
C ASP A 222 -122.36 96.89 41.71
N SER A 223 -122.10 95.58 41.79
CA SER A 223 -122.73 94.51 41.00
C SER A 223 -122.00 94.39 39.68
N GLY A 224 -121.02 95.27 39.47
CA GLY A 224 -120.13 95.12 38.34
C GLY A 224 -120.40 96.10 37.22
N PHE A 225 -121.61 96.65 37.13
CA PHE A 225 -121.85 97.60 36.07
C PHE A 225 -123.03 98.52 36.32
N ILE A 226 -122.98 99.67 35.64
CA ILE A 226 -123.93 100.75 35.86
C ILE A 226 -125.24 100.47 35.14
N ASP A 227 -126.32 101.05 35.66
CA ASP A 227 -127.64 100.93 35.05
C ASP A 227 -128.16 102.31 34.69
N LEU A 228 -128.36 102.56 33.41
CA LEU A 228 -128.75 103.87 32.92
C LEU A 228 -130.21 103.86 32.51
N SER A 229 -130.96 104.85 32.97
CA SER A 229 -132.37 104.97 32.65
C SER A 229 -132.63 106.27 31.91
N TYR A 230 -133.61 106.21 31.00
CA TYR A 230 -133.89 107.34 30.13
C TYR A 230 -134.43 108.54 30.87
N ALA A 231 -134.77 108.39 32.14
CA ALA A 231 -135.39 109.48 32.87
C ALA A 231 -134.44 110.67 32.97
N SER A 232 -134.98 111.85 32.67
CA SER A 232 -134.30 113.11 32.93
C SER A 232 -132.97 113.24 32.18
N ALA A 233 -133.05 113.61 30.90
CA ALA A 233 -131.97 114.43 30.37
C ALA A 233 -130.71 113.65 30.04
N PRO A 234 -129.69 114.30 29.46
CA PRO A 234 -128.37 113.66 29.38
C PRO A 234 -127.83 113.22 30.72
N GLU A 235 -128.45 113.67 31.81
CA GLU A 235 -128.03 113.30 33.14
C GLU A 235 -127.82 111.80 33.30
N ALA A 236 -128.51 110.98 32.50
CA ALA A 236 -128.17 109.57 32.39
C ALA A 236 -127.02 109.33 31.42
N GLY A 237 -126.99 110.06 30.31
CA GLY A 237 -125.96 109.85 29.32
C GLY A 237 -124.60 110.39 29.72
N ARG A 238 -124.58 111.48 30.48
CA ARG A 238 -123.32 111.99 31.01
C ARG A 238 -122.86 111.19 32.21
N SER A 239 -123.80 110.59 32.94
CA SER A 239 -123.45 109.76 34.08
C SER A 239 -122.66 108.54 33.68
N LEU A 240 -122.71 108.15 32.41
CA LEU A 240 -121.77 107.19 31.89
C LEU A 240 -120.45 107.85 31.55
N TYR A 241 -120.49 109.07 31.01
CA TYR A 241 -119.25 109.74 30.66
C TYR A 241 -118.42 110.05 31.90
N ARG A 242 -119.03 110.04 33.09
CA ARG A 242 -118.19 110.08 34.28
C ARG A 242 -117.48 108.77 34.49
N MET A 243 -118.15 107.65 34.21
CA MET A 243 -117.52 106.36 34.42
C MET A 243 -116.43 106.10 33.39
N VAL A 244 -116.58 106.57 32.16
CA VAL A 244 -115.45 106.50 31.22
C VAL A 244 -114.28 107.33 31.73
N CYS A 245 -114.55 108.57 32.13
CA CYS A 245 -113.48 109.38 32.69
C CYS A 245 -112.83 108.73 33.91
N GLU A 246 -113.60 108.09 34.79
CA GLU A 246 -112.97 107.49 35.95
C GLU A 246 -112.18 106.25 35.57
N MET A 247 -112.69 105.47 34.62
CA MET A 247 -111.93 104.32 34.17
C MET A 247 -110.62 104.73 33.54
N VAL A 248 -110.57 105.91 32.93
CA VAL A 248 -109.34 106.36 32.30
C VAL A 248 -108.33 106.78 33.36
N SER A 249 -108.79 107.28 34.48
CA SER A 249 -107.88 107.59 35.57
C SER A 249 -107.58 106.39 36.43
N HIS A 250 -108.35 105.33 36.33
CA HIS A 250 -107.99 104.08 36.98
C HIS A 250 -107.07 103.22 36.13
N ILE A 251 -106.87 103.58 34.86
CA ILE A 251 -105.75 103.05 34.10
C ILE A 251 -104.48 103.78 34.47
N GLN A 252 -104.55 105.10 34.63
CA GLN A 252 -103.34 105.87 34.87
C GLN A 252 -102.80 105.67 36.28
N LYS A 253 -103.61 105.15 37.21
CA LYS A 253 -103.03 104.71 38.47
C LYS A 253 -102.30 103.39 38.30
N GLU A 254 -103.04 102.33 37.98
CA GLU A 254 -102.45 101.00 38.00
C GLU A 254 -101.58 100.73 36.78
N SER A 255 -102.05 101.04 35.59
CA SER A 255 -101.22 100.78 34.42
C SER A 255 -100.08 101.77 34.32
N THR A 256 -100.38 103.06 34.50
CA THR A 256 -99.61 104.29 34.34
C THR A 256 -99.63 104.79 32.91
N TYR A 257 -100.14 104.01 31.95
CA TYR A 257 -100.29 104.45 30.57
C TYR A 257 -101.58 105.26 30.41
N THR A 258 -101.60 106.11 29.39
CA THR A 258 -102.54 107.21 29.32
C THR A 258 -103.93 106.79 28.80
N ALA A 259 -104.13 105.53 28.44
CA ALA A 259 -105.44 105.02 28.03
C ALA A 259 -105.97 105.72 26.78
N THR A 260 -105.38 105.37 25.66
CA THR A 260 -105.53 106.11 24.41
C THR A 260 -106.73 105.71 23.56
N PHE A 261 -107.59 104.79 24.02
CA PHE A 261 -108.79 104.52 23.24
C PHE A 261 -109.96 104.27 24.18
N CYS A 262 -111.11 103.96 23.58
CA CYS A 262 -112.28 103.47 24.29
C CYS A 262 -113.06 102.59 23.33
N VAL A 263 -113.68 101.54 23.88
CA VAL A 263 -114.48 100.62 23.08
C VAL A 263 -115.84 100.49 23.75
N ALA A 264 -116.90 100.54 22.96
CA ALA A 264 -118.22 100.45 23.56
C ALA A 264 -119.17 99.82 22.56
N SER A 265 -120.09 99.02 23.07
CA SER A 265 -121.11 98.47 22.21
C SER A 265 -121.96 99.60 21.67
N ALA A 266 -122.60 99.33 20.54
CA ALA A 266 -123.32 100.39 19.84
C ALA A 266 -124.28 101.11 20.78
N ARG A 267 -125.13 100.37 21.48
CA ARG A 267 -126.14 101.02 22.31
C ARG A 267 -125.50 101.78 23.45
N ALA A 268 -124.34 101.33 23.94
CA ALA A 268 -123.70 102.00 25.06
C ALA A 268 -122.72 103.06 24.60
N ALA A 269 -122.44 103.12 23.30
CA ALA A 269 -121.63 104.21 22.78
C ALA A 269 -122.53 105.34 22.27
N ALA A 270 -123.82 105.06 22.13
CA ALA A 270 -124.74 106.14 21.78
C ALA A 270 -125.13 106.95 23.00
N ILE A 271 -125.34 106.27 24.13
CA ILE A 271 -125.67 106.98 25.37
C ILE A 271 -124.44 107.68 25.90
N LEU A 272 -123.27 107.30 25.41
CA LEU A 272 -122.07 108.09 25.66
C LEU A 272 -121.93 109.21 24.63
N ALA A 273 -122.57 109.07 23.48
CA ALA A 273 -122.78 110.16 22.55
C ALA A 273 -123.96 111.04 22.93
N ALA A 274 -124.98 110.47 23.57
CA ALA A 274 -126.10 111.24 24.10
C ALA A 274 -125.66 112.24 25.14
N SER A 275 -124.49 112.06 25.73
CA SER A 275 -124.00 112.97 26.74
C SER A 275 -123.64 114.31 26.13
N GLY A 276 -123.65 114.38 24.82
CA GLY A 276 -122.83 115.34 24.14
C GLY A 276 -121.38 114.98 24.36
N TRP A 277 -120.51 115.94 24.08
CA TRP A 277 -119.10 115.80 24.39
C TRP A 277 -118.49 114.63 23.64
N LEU A 278 -119.18 114.18 22.59
CA LEU A 278 -118.61 113.29 21.61
C LEU A 278 -118.74 113.97 20.25
N LYS A 279 -117.64 114.50 19.76
CA LYS A 279 -117.68 115.36 18.59
C LYS A 279 -116.92 114.69 17.46
N HIS A 280 -117.65 114.20 16.46
CA HIS A 280 -117.01 113.69 15.26
C HIS A 280 -116.64 114.80 14.30
N LYS A 281 -117.65 115.37 13.63
CA LYS A 281 -117.67 116.60 12.83
C LYS A 281 -116.73 116.47 11.63
N PRO A 282 -116.95 117.22 10.54
CA PRO A 282 -116.24 116.92 9.29
C PRO A 282 -114.74 117.17 9.32
N GLU A 283 -114.29 118.29 9.89
CA GLU A 283 -112.89 118.67 9.86
C GLU A 283 -112.03 117.82 10.79
N ASP A 284 -112.64 117.19 11.79
CA ASP A 284 -111.95 116.42 12.81
C ASP A 284 -111.63 115.00 12.36
N ASP A 285 -111.91 114.67 11.09
CA ASP A 285 -111.75 113.31 10.58
C ASP A 285 -110.33 112.78 10.80
N LYS A 286 -109.31 113.62 10.63
CA LYS A 286 -107.95 113.11 10.44
C LYS A 286 -107.51 112.20 11.58
N TYR A 287 -107.72 112.62 12.83
CA TYR A 287 -107.03 111.96 13.93
C TYR A 287 -107.72 110.65 14.33
N LEU A 288 -108.98 110.47 13.95
CA LEU A 288 -109.74 109.30 14.42
C LEU A 288 -109.61 108.10 13.51
N SER A 289 -108.86 108.18 12.43
CA SER A 289 -108.51 107.01 11.62
C SER A 289 -109.75 106.30 11.08
N GLN A 290 -110.83 107.04 10.95
CA GLN A 290 -112.02 106.62 10.23
C GLN A 290 -112.76 105.46 10.87
N ASN A 291 -112.10 104.73 11.76
CA ASN A 291 -112.76 103.64 12.46
C ASN A 291 -113.52 104.15 13.67
N ALA A 292 -113.00 105.20 14.29
CA ALA A 292 -113.58 105.71 15.52
C ALA A 292 -114.97 106.28 15.28
N TYR A 293 -115.84 106.12 16.26
CA TYR A 293 -117.16 106.73 16.17
C TYR A 293 -117.10 108.21 16.50
N GLY A 294 -115.96 108.66 17.02
CA GLY A 294 -115.79 110.06 17.36
C GLY A 294 -114.73 110.22 18.44
N PHE A 295 -114.58 111.44 18.92
CA PHE A 295 -113.70 111.75 20.03
C PHE A 295 -114.50 112.22 21.23
N LEU A 296 -114.35 111.52 22.34
CA LEU A 296 -114.83 112.01 23.61
C LEU A 296 -114.10 113.31 23.91
N ALA A 297 -114.78 114.24 24.58
CA ALA A 297 -114.20 115.52 24.91
C ALA A 297 -112.95 115.35 25.75
N ASN A 298 -112.86 114.23 26.46
CA ASN A 298 -111.64 113.87 27.17
C ASN A 298 -110.48 113.64 26.23
N GLY A 299 -110.71 113.59 24.94
CA GLY A 299 -109.66 113.30 23.98
C GLY A 299 -109.46 111.83 23.69
N LEU A 300 -110.51 111.03 23.79
CA LEU A 300 -110.33 109.64 23.48
C LEU A 300 -111.17 109.27 22.28
N PRO A 301 -110.66 108.45 21.37
CA PRO A 301 -111.50 107.94 20.31
C PRO A 301 -112.41 106.87 20.88
N LEU A 302 -113.65 106.87 20.42
CA LEU A 302 -114.65 105.95 20.91
C LEU A 302 -115.01 104.99 19.78
N TYR A 303 -114.59 103.75 19.92
CA TYR A 303 -114.75 102.76 18.86
C TYR A 303 -116.01 101.96 19.10
N CYS A 304 -117.00 102.14 18.23
CA CYS A 304 -118.28 101.47 18.35
C CYS A 304 -118.08 100.00 18.04
N ASP A 305 -118.75 99.13 18.81
CA ASP A 305 -118.51 97.68 18.71
C ASP A 305 -119.49 97.00 17.77
N THR A 306 -120.78 97.03 18.12
CA THR A 306 -121.89 96.49 17.31
C THR A 306 -121.83 94.99 17.15
N ASN A 307 -121.15 94.28 18.02
CA ASN A 307 -120.95 92.87 17.76
C ASN A 307 -121.19 92.03 19.00
N SER A 308 -120.37 92.26 20.03
CA SER A 308 -120.39 91.49 21.26
C SER A 308 -121.77 91.52 21.92
N PRO A 309 -122.07 90.55 22.72
CA PRO A 309 -123.35 90.52 23.43
C PRO A 309 -123.30 91.08 24.84
N LEU A 310 -123.00 92.37 24.99
CA LEU A 310 -122.97 92.98 26.31
C LEU A 310 -123.76 94.28 26.46
N ASP A 311 -123.43 95.29 25.64
CA ASP A 311 -123.57 96.69 25.99
C ASP A 311 -122.61 97.03 27.13
N TYR A 312 -121.33 97.08 26.79
CA TYR A 312 -120.24 97.37 27.70
C TYR A 312 -119.51 98.62 27.25
N VAL A 313 -118.76 99.23 28.14
CA VAL A 313 -117.83 100.29 27.76
C VAL A 313 -116.47 99.96 28.33
N ILE A 314 -115.54 99.64 27.45
CA ILE A 314 -114.16 99.35 27.83
C ILE A 314 -113.30 100.57 27.57
N VAL A 315 -112.43 100.88 28.50
CA VAL A 315 -111.30 101.76 28.23
C VAL A 315 -110.06 100.92 28.21
N GLY A 316 -109.10 101.31 27.37
CA GLY A 316 -107.86 100.60 27.28
C GLY A 316 -106.76 101.53 26.82
N VAL A 317 -105.58 100.99 26.55
CA VAL A 317 -104.44 101.77 26.13
C VAL A 317 -103.80 101.09 24.94
N VAL A 318 -103.33 101.89 23.99
CA VAL A 318 -102.38 101.45 22.97
C VAL A 318 -101.30 102.51 22.88
N GLU A 319 -100.08 102.15 23.27
CA GLU A 319 -98.97 103.07 23.19
C GLU A 319 -97.76 102.34 22.68
N ASN A 320 -97.19 102.83 21.58
CA ASN A 320 -95.87 102.41 21.14
C ASN A 320 -94.92 103.60 21.21
N ILE A 321 -94.07 103.59 22.23
CA ILE A 321 -93.08 104.65 22.40
C ILE A 321 -92.06 104.65 21.29
N GLY A 322 -92.02 103.59 20.50
CA GLY A 322 -91.09 103.47 19.40
C GLY A 322 -90.01 102.45 19.68
N GLU A 323 -89.30 102.11 18.62
CA GLU A 323 -88.30 101.04 18.64
C GLU A 323 -89.03 99.77 19.04
N LYS A 324 -88.63 99.08 20.10
CA LYS A 324 -89.15 97.77 20.44
C LYS A 324 -90.22 97.81 21.52
N GLU A 325 -90.54 98.98 22.06
CA GLU A 325 -91.49 99.07 23.17
C GLU A 325 -92.88 99.34 22.61
N ILE A 326 -93.76 98.35 22.69
CA ILE A 326 -95.13 98.46 22.22
C ILE A 326 -96.02 97.87 23.29
N VAL A 327 -96.87 98.68 23.90
CA VAL A 327 -97.66 98.20 25.03
C VAL A 327 -99.11 98.64 24.90
N GLY A 328 -100.02 97.68 24.94
CA GLY A 328 -101.43 97.99 25.00
C GLY A 328 -102.22 96.70 24.97
N SER A 329 -103.45 96.79 25.49
CA SER A 329 -104.19 95.59 25.80
C SER A 329 -104.30 94.67 24.60
N ILE A 330 -104.19 93.36 24.85
CA ILE A 330 -104.44 92.38 23.81
C ILE A 330 -103.46 92.54 22.66
N PHE A 331 -102.25 92.05 22.84
CA PHE A 331 -101.17 92.42 21.95
C PHE A 331 -101.34 91.89 20.51
N TYR A 332 -102.29 90.98 20.26
CA TYR A 332 -102.47 90.51 18.88
C TYR A 332 -101.17 89.91 18.36
N ALA A 333 -100.47 90.61 17.47
CA ALA A 333 -99.18 90.16 16.92
C ALA A 333 -99.27 88.93 16.02
N PRO A 334 -99.75 89.10 14.79
CA PRO A 334 -99.86 87.96 13.88
C PRO A 334 -98.50 87.40 13.54
N TYR A 335 -98.50 86.16 13.07
CA TYR A 335 -97.28 85.46 12.69
C TYR A 335 -97.39 85.01 11.24
N THR A 336 -96.76 85.73 10.32
CA THR A 336 -96.46 85.16 9.02
C THR A 336 -94.98 84.93 8.78
N GLU A 337 -94.11 85.42 9.64
CA GLU A 337 -92.71 85.46 9.26
C GLU A 337 -92.15 84.05 9.26
N GLY A 338 -91.56 83.66 8.13
CA GLY A 338 -91.31 82.28 7.81
C GLY A 338 -92.17 81.75 6.68
N LEU A 339 -93.19 82.50 6.26
CA LEU A 339 -94.06 82.09 5.17
C LEU A 339 -93.85 83.03 3.99
N ASP A 340 -94.01 82.50 2.78
CA ASP A 340 -93.86 83.30 1.57
C ASP A 340 -95.20 83.89 1.20
N LEU A 341 -95.33 85.21 1.30
CA LEU A 341 -96.58 85.89 1.02
C LEU A 341 -96.44 86.80 -0.18
N ASP A 342 -97.58 87.07 -0.81
CA ASP A 342 -97.69 88.12 -1.81
C ASP A 342 -98.32 89.32 -1.10
N ASP A 343 -97.51 90.36 -0.90
CA ASP A 343 -97.71 91.53 -0.05
C ASP A 343 -97.56 91.13 1.41
N PRO A 344 -97.04 92.02 2.26
CA PRO A 344 -96.83 91.63 3.67
C PRO A 344 -98.10 91.57 4.50
N GLU A 345 -99.12 92.36 4.17
CA GLU A 345 -100.18 92.65 5.12
C GLU A 345 -101.27 91.60 5.20
N HIS A 346 -101.18 90.51 4.45
CA HIS A 346 -102.32 89.61 4.36
C HIS A 346 -102.47 88.68 5.55
N VAL A 347 -101.42 88.50 6.35
CA VAL A 347 -101.51 87.71 7.57
C VAL A 347 -102.00 86.30 7.25
N GLY A 348 -101.14 85.49 6.64
CA GLY A 348 -101.48 84.12 6.29
C GLY A 348 -101.96 84.01 4.86
N ALA A 349 -101.65 82.87 4.25
CA ALA A 349 -101.83 82.71 2.82
C ALA A 349 -102.90 81.68 2.53
N PHE A 350 -103.58 81.88 1.40
CA PHE A 350 -104.66 80.99 0.99
C PHE A 350 -104.05 79.68 0.50
N LYS A 351 -104.91 78.73 0.17
CA LYS A 351 -104.45 77.52 -0.49
C LYS A 351 -105.61 76.94 -1.28
N VAL A 352 -105.31 76.30 -2.40
CA VAL A 352 -106.35 75.72 -3.23
C VAL A 352 -106.07 74.24 -3.36
N VAL A 353 -107.12 73.45 -3.58
CA VAL A 353 -107.03 72.01 -3.44
C VAL A 353 -107.53 71.23 -4.65
N VAL A 354 -108.79 71.44 -5.06
CA VAL A 354 -109.41 70.63 -6.10
C VAL A 354 -109.61 69.19 -5.62
N ASP A 355 -110.67 68.98 -4.85
CA ASP A 355 -111.05 67.64 -4.39
C ASP A 355 -111.02 66.66 -5.57
N PRO A 356 -110.41 65.54 -5.43
CA PRO A 356 -110.40 64.53 -6.48
C PRO A 356 -111.54 63.52 -6.37
N GLU A 357 -112.76 64.01 -6.16
CA GLU A 357 -113.95 63.17 -6.34
C GLU A 357 -114.85 63.88 -7.34
N SER A 358 -115.43 65.02 -6.97
CA SER A 358 -115.77 66.06 -7.91
C SER A 358 -114.62 67.03 -7.92
N LEU A 359 -114.23 67.47 -9.10
CA LEU A 359 -112.98 68.18 -9.30
C LEU A 359 -113.08 69.64 -8.93
N GLN A 360 -114.21 70.05 -8.37
CA GLN A 360 -114.46 71.45 -8.07
C GLN A 360 -113.60 71.89 -6.89
N PRO A 361 -112.96 73.05 -6.96
CA PRO A 361 -111.89 73.39 -6.02
C PRO A 361 -112.43 73.75 -4.64
N SER A 362 -111.51 73.75 -3.68
CA SER A 362 -111.79 74.21 -2.33
C SER A 362 -110.67 75.13 -1.89
N ILE A 363 -111.02 76.36 -1.51
CA ILE A 363 -110.03 77.38 -1.17
C ILE A 363 -110.12 77.64 0.33
N GLY A 364 -108.98 77.72 0.98
CA GLY A 364 -108.95 77.96 2.41
C GLY A 364 -107.69 78.68 2.80
N LEU A 365 -107.76 79.39 3.92
CA LEU A 365 -106.64 80.21 4.38
C LEU A 365 -106.23 79.77 5.76
N LEU A 366 -105.06 80.23 6.17
CA LEU A 366 -104.61 80.05 7.55
C LEU A 366 -104.24 81.42 8.08
N VAL A 367 -104.56 81.67 9.35
CA VAL A 367 -104.11 82.89 10.01
C VAL A 367 -103.62 82.49 11.39
N ARG A 368 -102.38 82.83 11.69
CA ARG A 368 -101.85 82.61 13.03
C ARG A 368 -101.63 83.96 13.70
N TYR A 369 -101.75 83.97 15.02
CA TYR A 369 -101.40 85.16 15.79
C TYR A 369 -101.17 84.76 17.24
N ALA A 370 -100.81 85.75 18.05
CA ALA A 370 -100.43 85.53 19.43
C ALA A 370 -101.58 85.79 20.39
N LEU A 371 -102.10 87.01 20.40
CA LEU A 371 -103.22 87.40 21.24
C LEU A 371 -102.85 87.23 22.72
N SER A 372 -102.00 88.13 23.18
CA SER A 372 -101.50 88.08 24.53
C SER A 372 -102.02 89.24 25.36
N ALA A 373 -102.40 88.96 26.59
CA ALA A 373 -102.58 90.02 27.54
C ALA A 373 -101.24 90.71 27.83
N ASN A 374 -101.32 91.95 28.27
CA ASN A 374 -100.13 92.77 28.44
C ASN A 374 -99.24 92.26 29.54
N PRO A 375 -98.01 92.75 29.61
CA PRO A 375 -97.18 92.54 30.78
C PRO A 375 -97.80 93.19 32.01
N TYR A 376 -97.32 92.76 33.18
CA TYR A 376 -97.74 93.15 34.51
C TYR A 376 -99.11 92.58 34.85
N THR A 377 -99.80 91.96 33.91
CA THR A 377 -101.07 91.31 34.19
C THR A 377 -100.72 89.90 34.58
N VAL A 378 -100.93 89.56 35.84
CA VAL A 378 -100.68 88.22 36.37
C VAL A 378 -102.00 87.67 36.84
N ALA A 379 -102.17 86.36 36.69
CA ALA A 379 -103.38 85.72 37.15
C ALA A 379 -103.44 85.76 38.67
N LYS A 380 -104.62 85.54 39.24
CA LYS A 380 -104.63 85.23 40.65
C LYS A 380 -104.72 83.71 40.79
N ASP A 381 -103.54 83.11 40.80
CA ASP A 381 -103.25 81.78 41.30
C ASP A 381 -101.88 81.92 41.93
N GLU A 382 -100.90 82.20 41.06
CA GLU A 382 -99.54 82.47 41.48
C GLU A 382 -99.44 83.80 42.20
N LYS A 383 -99.85 84.87 41.53
CA LYS A 383 -99.75 86.27 41.95
C LYS A 383 -98.32 86.78 41.84
N GLU A 384 -97.37 85.86 41.81
CA GLU A 384 -96.01 86.15 41.40
C GLU A 384 -95.51 84.93 40.62
N ALA A 385 -95.13 85.14 39.38
CA ALA A 385 -94.45 84.11 38.62
C ALA A 385 -93.57 84.83 37.61
N ARG A 386 -92.42 84.24 37.34
CA ARG A 386 -91.42 84.89 36.52
C ARG A 386 -91.54 84.49 35.06
N ILE A 387 -92.42 83.54 34.77
CA ILE A 387 -92.75 83.17 33.40
C ILE A 387 -94.26 83.14 33.28
N ILE A 388 -94.83 84.09 32.52
CA ILE A 388 -96.28 84.18 32.43
C ILE A 388 -96.73 83.87 31.01
N ASP A 389 -97.89 83.27 30.88
CA ASP A 389 -98.54 83.09 29.59
C ASP A 389 -99.64 84.13 29.46
N GLY A 390 -99.42 85.12 28.60
CA GLY A 390 -100.44 86.12 28.35
C GLY A 390 -101.69 85.53 27.76
N GLY A 391 -101.56 84.40 27.08
CA GLY A 391 -102.69 83.63 26.63
C GLY A 391 -103.32 82.92 27.81
N ASP A 392 -104.06 81.85 27.52
CA ASP A 392 -104.71 81.06 28.55
C ASP A 392 -105.60 81.97 29.41
N MET A 393 -106.69 82.40 28.76
CA MET A 393 -107.52 83.45 29.31
C MET A 393 -108.09 83.07 30.67
N ASP A 394 -108.29 81.78 30.92
CA ASP A 394 -108.83 81.32 32.19
C ASP A 394 -108.09 81.93 33.36
N LYS A 395 -106.77 81.96 33.29
CA LYS A 395 -106.00 82.54 34.38
C LYS A 395 -106.01 84.05 34.32
N MET A 396 -105.87 84.61 33.12
CA MET A 396 -105.72 86.05 33.00
C MET A 396 -107.03 86.78 33.20
N ALA A 397 -108.15 86.10 32.92
CA ALA A 397 -109.45 86.76 32.83
C ALA A 397 -109.77 87.55 34.07
N GLY A 398 -110.13 88.82 33.88
CA GLY A 398 -110.43 89.69 34.98
C GLY A 398 -109.23 90.31 35.64
N ARG A 399 -108.05 89.77 35.43
CA ARG A 399 -106.81 90.36 35.92
C ARG A 399 -106.13 91.05 34.76
N SER A 400 -106.24 92.37 34.73
CA SER A 400 -105.37 93.19 33.89
C SER A 400 -105.34 94.58 34.50
N ASP A 401 -104.19 95.24 34.41
CA ASP A 401 -104.16 96.61 34.85
C ASP A 401 -104.64 97.55 33.76
N LEU A 402 -104.44 97.16 32.50
CA LEU A 402 -104.33 98.16 31.44
C LEU A 402 -105.65 98.37 30.72
N SER A 403 -106.71 97.72 31.17
CA SER A 403 -108.04 97.97 30.63
C SER A 403 -109.07 97.69 31.71
N VAL A 404 -110.13 98.48 31.74
CA VAL A 404 -111.18 98.34 32.75
C VAL A 404 -112.53 98.37 32.08
N LEU A 405 -113.25 97.25 32.15
CA LEU A 405 -114.55 97.13 31.53
C LEU A 405 -115.63 97.68 32.45
N LEU A 406 -116.65 98.26 31.84
CA LEU A 406 -117.87 98.66 32.52
C LEU A 406 -119.05 98.17 31.68
N GLY A 407 -119.82 97.24 32.21
CA GLY A 407 -121.02 96.85 31.52
C GLY A 407 -122.07 97.93 31.68
N VAL A 408 -123.22 97.75 31.04
CA VAL A 408 -124.29 98.73 31.15
C VAL A 408 -125.63 98.00 31.15
N LYS A 409 -126.54 98.40 32.03
CA LYS A 409 -127.93 97.97 31.98
C LYS A 409 -128.74 99.03 31.25
N LEU A 410 -129.53 98.60 30.27
CA LEU A 410 -130.37 99.49 29.52
C LEU A 410 -131.68 98.78 29.20
N PRO A 411 -132.78 99.53 29.09
CA PRO A 411 -134.04 98.90 28.72
C PRO A 411 -133.92 98.16 27.40
N LYS A 412 -134.65 97.05 27.29
CA LYS A 412 -134.50 96.22 26.12
C LYS A 412 -135.10 96.89 24.91
N ILE A 413 -134.97 96.26 23.75
CA ILE A 413 -135.47 96.80 22.50
C ILE A 413 -136.56 95.86 22.03
N ILE A 414 -137.81 96.33 22.08
CA ILE A 414 -138.92 95.49 21.69
C ILE A 414 -138.81 95.15 20.22
N ILE A 415 -139.14 93.92 19.87
CA ILE A 415 -139.07 93.48 18.49
C ILE A 415 -140.46 93.12 17.98
N ALA B 1 -3.03 86.48 64.99
CA ALA B 1 -3.52 85.27 64.35
C ALA B 1 -4.92 85.47 63.84
N GLU B 2 -5.10 86.48 62.99
CA GLU B 2 -6.42 86.75 62.44
C GLU B 2 -6.93 85.55 61.66
N ILE B 3 -8.12 85.10 62.01
CA ILE B 3 -8.66 83.85 61.49
C ILE B 3 -9.86 84.18 60.64
N GLY B 4 -9.89 83.66 59.41
CA GLY B 4 -11.01 83.94 58.54
C GLY B 4 -12.27 83.24 58.98
N GLY B 5 -12.13 82.00 59.43
CA GLY B 5 -13.26 81.25 59.94
C GLY B 5 -14.28 80.98 58.86
N ASP B 6 -15.39 80.38 59.28
CA ASP B 6 -16.46 80.04 58.36
C ASP B 6 -17.80 80.41 58.97
N HIS B 7 -18.82 80.37 58.12
CA HIS B 7 -20.19 80.29 58.60
C HIS B 7 -20.38 78.94 59.27
N GLY B 8 -21.38 78.85 60.12
CA GLY B 8 -21.54 77.61 60.85
C GLY B 8 -22.13 76.49 60.02
N TYR B 9 -22.28 76.73 58.72
CA TYR B 9 -22.97 75.83 57.80
C TYR B 9 -24.47 75.79 58.04
N ASN B 10 -24.95 76.49 59.05
CA ASN B 10 -26.38 76.67 59.20
C ASN B 10 -26.87 77.50 58.02
N ALA B 11 -28.16 77.39 57.69
CA ALA B 11 -28.67 78.20 56.61
C ALA B 11 -28.89 79.63 57.06
N THR B 12 -29.10 79.86 58.34
CA THR B 12 -29.23 81.23 58.82
C THR B 12 -27.89 81.90 58.93
N ASN B 13 -26.89 81.21 59.45
CA ASN B 13 -25.56 81.78 59.58
C ASN B 13 -25.04 82.26 58.23
N ILE B 14 -25.34 81.52 57.17
CA ILE B 14 -24.84 81.92 55.86
C ILE B 14 -25.62 83.11 55.35
N ALA B 15 -26.95 83.01 55.35
CA ALA B 15 -27.75 84.12 54.84
C ALA B 15 -27.44 85.41 55.57
N ALA B 16 -27.18 85.34 56.87
CA ALA B 16 -26.87 86.54 57.64
C ALA B 16 -25.44 86.99 57.40
N GLY B 17 -24.55 86.06 57.13
CA GLY B 17 -23.14 86.34 57.04
C GLY B 17 -22.42 86.23 58.36
N GLN B 18 -23.14 86.00 59.45
CA GLN B 18 -22.53 85.73 60.75
C GLN B 18 -21.44 84.68 60.57
N THR B 19 -20.24 84.95 61.07
CA THR B 19 -19.10 84.10 60.79
C THR B 19 -18.22 83.98 62.02
N SER B 20 -17.86 82.74 62.37
CA SER B 20 -17.05 82.50 63.55
C SER B 20 -15.71 83.23 63.51
N GLY B 21 -15.20 83.54 62.33
CA GLY B 21 -13.95 84.26 62.21
C GLY B 21 -14.12 85.74 62.49
N ALA B 22 -13.12 86.51 62.10
CA ALA B 22 -13.16 87.95 62.30
C ALA B 22 -14.15 88.60 61.35
N VAL B 23 -14.06 88.28 60.07
CA VAL B 23 -14.81 89.01 59.05
C VAL B 23 -16.19 88.40 58.85
N THR B 24 -17.23 89.25 58.85
CA THR B 24 -18.60 88.86 58.53
C THR B 24 -18.91 89.26 57.10
N GLN B 25 -19.14 88.29 56.23
CA GLN B 25 -19.31 88.65 54.85
C GLN B 25 -20.66 89.33 54.63
N ILE B 26 -20.84 89.86 53.43
CA ILE B 26 -22.05 90.58 53.07
C ILE B 26 -23.25 89.67 53.14
N GLY B 27 -23.31 88.71 52.22
CA GLY B 27 -24.44 87.84 52.10
C GLY B 27 -24.09 86.66 51.21
N PRO B 28 -25.06 85.88 50.87
CA PRO B 28 -24.81 84.69 50.04
C PRO B 28 -24.93 84.90 48.53
N ALA B 29 -24.32 85.97 48.03
CA ALA B 29 -24.36 86.26 46.59
C ALA B 29 -25.78 86.18 46.06
N VAL B 30 -25.95 85.72 44.81
CA VAL B 30 -27.17 85.09 44.32
C VAL B 30 -26.74 84.10 43.26
N MET B 31 -27.29 82.89 43.31
CA MET B 31 -27.12 81.97 42.20
C MET B 31 -28.32 81.94 41.29
N GLY B 32 -29.30 82.79 41.51
CA GLY B 32 -30.48 82.86 40.66
C GLY B 32 -31.70 82.29 41.34
N MET B 33 -32.82 82.38 40.63
CA MET B 33 -34.12 82.02 41.17
C MET B 33 -34.73 80.90 40.34
N VAL B 34 -35.39 79.97 41.01
CA VAL B 34 -35.92 78.79 40.37
C VAL B 34 -37.42 78.82 40.56
N ARG B 35 -38.17 78.98 39.48
CA ARG B 35 -39.60 78.88 39.55
C ARG B 35 -40.03 77.46 39.20
N ARG B 36 -41.31 77.18 39.34
CA ARG B 36 -41.87 75.91 38.94
C ARG B 36 -42.60 76.12 37.62
N ALA B 37 -42.25 75.32 36.61
CA ALA B 37 -42.78 75.57 35.28
C ALA B 37 -44.27 75.32 35.23
N ILE B 38 -44.95 76.03 34.35
CA ILE B 38 -46.41 75.89 34.20
C ILE B 38 -46.69 74.64 33.38
N PRO B 39 -47.58 73.77 33.84
CA PRO B 39 -47.90 72.56 33.07
C PRO B 39 -48.66 72.90 31.79
N ASN B 40 -48.74 71.91 30.91
CA ASN B 40 -49.18 72.13 29.54
C ASN B 40 -50.65 71.76 29.36
N LEU B 41 -51.33 72.52 28.51
CA LEU B 41 -52.70 72.25 28.16
C LEU B 41 -52.78 71.18 27.08
N ILE B 42 -53.94 70.51 27.02
CA ILE B 42 -54.20 69.49 26.00
C ILE B 42 -54.87 70.09 24.77
N ALA B 43 -55.18 71.38 24.81
CA ALA B 43 -56.00 72.12 23.86
C ALA B 43 -57.35 71.47 23.57
N PHE B 44 -57.97 71.89 22.47
CA PHE B 44 -59.38 71.60 22.25
C PHE B 44 -59.73 70.80 20.99
N ASP B 45 -58.75 70.27 20.26
CA ASP B 45 -59.12 69.34 19.20
C ASP B 45 -59.94 68.18 19.72
N ILE B 46 -59.88 67.90 21.02
CA ILE B 46 -60.64 66.78 21.57
C ILE B 46 -62.10 67.11 21.86
N CYS B 47 -62.47 68.39 21.99
CA CYS B 47 -63.84 68.73 22.32
C CYS B 47 -64.27 69.95 21.55
N GLY B 48 -65.39 69.87 20.86
CA GLY B 48 -65.88 71.02 20.12
C GLY B 48 -66.12 72.19 21.05
N VAL B 49 -65.78 73.39 20.58
CA VAL B 49 -65.84 74.56 21.43
C VAL B 49 -67.21 75.21 21.35
N GLN B 50 -67.55 75.81 20.21
CA GLN B 50 -68.81 76.53 20.08
C GLN B 50 -68.94 77.66 21.09
N PRO B 51 -68.21 78.76 20.92
CA PRO B 51 -68.37 79.90 21.84
C PRO B 51 -69.85 80.26 21.96
N MET B 52 -70.29 80.46 23.20
CA MET B 52 -71.69 80.63 23.52
C MET B 52 -71.93 82.08 23.92
N ASN B 53 -72.79 82.77 23.16
CA ASN B 53 -72.95 84.20 23.32
C ASN B 53 -73.82 84.56 24.50
N SER B 54 -74.95 83.88 24.64
CA SER B 54 -75.88 84.10 25.73
C SER B 54 -75.90 82.86 26.61
N PRO B 55 -76.24 82.98 27.89
CA PRO B 55 -76.17 81.80 28.75
C PRO B 55 -77.14 80.75 28.27
N THR B 56 -77.07 79.61 28.93
CA THR B 56 -78.12 78.60 28.83
C THR B 56 -78.28 78.07 27.41
N GLY B 57 -77.22 78.04 26.60
CA GLY B 57 -77.35 77.64 25.21
C GLY B 57 -77.98 76.28 25.00
N GLN B 58 -78.54 76.05 23.82
CA GLN B 58 -79.31 74.85 23.54
C GLN B 58 -78.98 74.30 22.16
N VAL B 59 -79.18 73.00 21.99
CA VAL B 59 -78.78 72.29 20.79
C VAL B 59 -79.95 71.45 20.34
N PHE B 60 -80.40 71.64 19.12
CA PHE B 60 -81.47 70.78 18.64
C PHE B 60 -80.90 69.45 18.18
N ALA B 61 -81.79 68.53 17.87
CA ALA B 61 -81.37 67.30 17.20
C ALA B 61 -82.55 66.79 16.40
N LEU B 62 -82.28 66.32 15.20
CA LEU B 62 -83.36 65.95 14.30
C LEU B 62 -83.29 64.45 14.08
N ARG B 63 -84.20 63.73 14.70
CA ARG B 63 -84.35 62.31 14.48
C ARG B 63 -85.24 62.12 13.27
N ALA B 64 -84.84 61.24 12.37
CA ALA B 64 -85.72 60.84 11.30
C ALA B 64 -86.47 59.60 11.80
N VAL B 65 -87.76 59.75 12.04
CA VAL B 65 -88.58 58.70 12.63
C VAL B 65 -89.65 58.34 11.62
N TYR B 66 -90.02 57.07 11.58
CA TYR B 66 -90.97 56.65 10.58
C TYR B 66 -92.17 55.95 11.21
N GLY B 67 -93.18 55.76 10.37
CA GLY B 67 -94.37 55.06 10.75
C GLY B 67 -95.61 55.89 10.99
N LYS B 68 -95.61 57.15 10.58
CA LYS B 68 -96.72 58.10 10.65
C LYS B 68 -96.76 58.80 12.01
N ASP B 69 -95.97 58.37 13.00
CA ASP B 69 -95.91 59.04 14.29
C ASP B 69 -94.48 59.36 14.63
N PRO B 70 -93.99 60.52 14.19
CA PRO B 70 -92.64 60.93 14.58
C PRO B 70 -92.40 60.87 16.07
N VAL B 71 -93.37 61.27 16.88
CA VAL B 71 -93.28 61.14 18.33
C VAL B 71 -94.28 60.10 18.78
N ALA B 72 -93.76 58.94 19.15
CA ALA B 72 -94.56 57.87 19.73
C ALA B 72 -93.61 56.96 20.46
N ALA B 73 -94.17 56.17 21.38
CA ALA B 73 -93.36 55.18 22.07
C ALA B 73 -92.90 54.11 21.08
N GLY B 74 -91.62 53.80 21.09
CA GLY B 74 -91.11 52.75 20.25
C GLY B 74 -91.30 53.00 18.77
N ALA B 75 -90.78 54.14 18.28
CA ALA B 75 -90.81 54.47 16.87
C ALA B 75 -89.39 54.52 16.36
N LYS B 76 -89.05 53.59 15.47
CA LYS B 76 -87.67 53.35 15.11
C LYS B 76 -87.07 54.54 14.37
N GLU B 77 -85.93 55.02 14.85
CA GLU B 77 -85.24 56.10 14.15
C GLU B 77 -84.79 55.60 12.79
N ALA B 78 -84.83 56.49 11.80
CA ALA B 78 -84.63 56.04 10.43
C ALA B 78 -83.17 55.76 10.13
N PHE B 79 -82.37 56.81 10.00
CA PHE B 79 -80.98 56.64 9.60
C PHE B 79 -80.26 56.49 10.91
N HIS B 80 -79.97 55.26 11.31
CA HIS B 80 -79.38 55.07 12.61
C HIS B 80 -78.09 54.29 12.41
N PRO B 81 -76.94 54.85 12.72
CA PRO B 81 -75.69 54.14 12.43
C PRO B 81 -75.65 52.74 13.03
N MET B 82 -76.12 52.56 14.26
CA MET B 82 -76.35 51.22 14.79
C MET B 82 -77.17 50.39 13.82
N TYR B 83 -78.45 50.73 13.71
CA TYR B 83 -79.48 49.84 13.19
C TYR B 83 -79.75 50.15 11.73
N GLY B 84 -79.61 49.13 10.88
CA GLY B 84 -79.90 49.29 9.47
C GLY B 84 -81.32 49.74 9.22
N PRO B 85 -81.57 50.32 8.06
CA PRO B 85 -82.94 50.64 7.69
C PRO B 85 -83.68 49.35 7.39
N ASP B 86 -84.91 49.25 7.90
CA ASP B 86 -85.59 47.98 7.78
C ASP B 86 -85.78 47.63 6.32
N ALA B 87 -85.35 46.43 5.98
CA ALA B 87 -85.07 46.09 4.59
C ALA B 87 -86.29 46.31 3.71
N MET B 88 -87.43 45.76 4.11
CA MET B 88 -88.69 46.01 3.42
C MET B 88 -89.61 46.78 4.35
N PHE B 89 -89.78 48.06 4.06
CA PHE B 89 -90.73 48.92 4.75
C PHE B 89 -91.49 49.64 3.65
N SER B 90 -90.76 50.38 2.83
CA SER B 90 -91.25 50.73 1.51
C SER B 90 -91.71 49.53 0.73
N GLY B 91 -91.05 48.41 0.92
CA GLY B 91 -91.25 47.25 0.08
C GLY B 91 -92.43 46.44 0.54
N GLN B 92 -92.33 45.13 0.39
CA GLN B 92 -93.45 44.24 0.69
C GLN B 92 -94.04 44.55 2.04
N GLY B 93 -93.22 45.02 2.98
CA GLY B 93 -93.68 45.28 4.33
C GLY B 93 -94.78 46.32 4.43
N ALA B 94 -94.95 47.14 3.40
CA ALA B 94 -96.10 48.06 3.39
C ALA B 94 -97.35 47.37 2.88
N ALA B 95 -97.21 46.43 1.94
CA ALA B 95 -98.36 45.77 1.37
C ALA B 95 -98.94 44.73 2.31
N LYS B 96 -98.07 44.02 3.04
CA LYS B 96 -98.51 43.05 4.02
C LYS B 96 -97.74 43.24 5.31
N LYS B 97 -98.34 42.81 6.40
CA LYS B 97 -97.76 42.96 7.73
C LYS B 97 -97.08 41.65 8.11
N PHE B 98 -95.81 41.72 8.41
CA PHE B 98 -95.13 40.47 8.73
C PHE B 98 -95.20 40.20 10.21
N PRO B 99 -95.53 38.98 10.62
CA PRO B 99 -95.63 38.68 12.05
C PRO B 99 -94.27 38.77 12.72
N ALA B 100 -94.24 39.46 13.85
CA ALA B 100 -92.99 39.58 14.60
C ALA B 100 -92.53 38.20 15.06
N LEU B 101 -91.25 38.10 15.35
CA LEU B 101 -90.66 36.82 15.71
C LEU B 101 -90.47 36.81 17.21
N ALA B 102 -91.13 35.87 17.88
CA ALA B 102 -91.15 35.81 19.33
C ALA B 102 -90.83 34.40 19.77
N ALA B 103 -90.56 34.26 21.06
CA ALA B 103 -90.19 32.97 21.62
C ALA B 103 -91.23 31.91 21.29
N SER B 104 -90.76 30.78 20.78
CA SER B 104 -91.61 29.66 20.39
C SER B 104 -92.68 30.08 19.38
N THR B 105 -92.23 30.70 18.29
CA THR B 105 -93.05 30.83 17.09
C THR B 105 -92.56 29.78 16.11
N GLN B 106 -93.35 28.74 15.94
CA GLN B 106 -93.04 27.70 14.95
C GLN B 106 -93.00 28.34 13.58
N THR B 107 -91.87 28.23 12.89
CA THR B 107 -91.64 28.98 11.67
C THR B 107 -92.03 28.12 10.48
N THR B 108 -93.11 28.49 9.80
CA THR B 108 -93.51 27.75 8.61
C THR B 108 -92.55 28.08 7.47
N VAL B 109 -92.13 27.05 6.75
CA VAL B 109 -91.12 27.23 5.71
C VAL B 109 -91.61 28.26 4.72
N GLY B 110 -90.83 29.30 4.52
CA GLY B 110 -91.10 30.31 3.52
C GLY B 110 -91.69 31.60 4.03
N ASP B 111 -92.32 31.58 5.20
CA ASP B 111 -93.00 32.78 5.68
C ASP B 111 -92.03 33.74 6.33
N ILE B 112 -92.17 35.02 6.02
CA ILE B 112 -91.22 36.03 6.46
C ILE B 112 -91.62 36.53 7.84
N TYR B 113 -90.61 36.73 8.69
CA TYR B 113 -90.80 37.16 10.07
C TYR B 113 -89.90 38.34 10.34
N THR B 114 -90.47 39.41 10.86
CA THR B 114 -89.66 40.57 11.21
C THR B 114 -88.81 40.22 12.42
N HIS B 115 -87.76 41.01 12.63
CA HIS B 115 -87.13 41.04 13.94
C HIS B 115 -86.35 42.33 14.06
N PHE B 116 -86.11 42.73 15.30
CA PHE B 116 -85.34 43.92 15.60
C PHE B 116 -84.24 43.51 16.58
N PHE B 117 -82.99 43.57 16.13
CA PHE B 117 -81.87 43.27 17.00
C PHE B 117 -81.49 44.51 17.79
N GLN B 118 -81.22 44.31 19.09
CA GLN B 118 -80.79 45.43 19.92
C GLN B 118 -79.47 46.00 19.43
N GLU B 119 -78.78 45.27 18.59
CA GLU B 119 -77.55 45.73 17.95
C GLU B 119 -77.62 45.43 16.46
N THR B 120 -77.23 46.42 15.67
CA THR B 120 -77.09 46.26 14.23
C THR B 120 -78.39 45.81 13.58
N GLY B 121 -79.46 46.54 13.84
CA GLY B 121 -80.52 46.58 12.86
C GLY B 121 -81.80 45.85 13.17
N THR B 122 -82.76 46.15 12.29
CA THR B 122 -84.04 45.45 12.18
C THR B 122 -84.03 44.65 10.89
N VAL B 123 -84.48 43.40 10.96
CA VAL B 123 -84.38 42.50 9.83
C VAL B 123 -85.73 41.91 9.52
N TYR B 124 -85.91 41.51 8.27
CA TYR B 124 -87.07 40.72 7.90
C TYR B 124 -86.56 39.35 7.49
N LEU B 125 -86.77 38.37 8.36
CA LEU B 125 -86.16 37.06 8.23
C LEU B 125 -87.09 36.13 7.48
N GLN B 126 -86.50 35.26 6.68
CA GLN B 126 -87.25 34.23 5.99
C GLN B 126 -86.82 32.88 6.53
N ALA B 127 -87.78 31.99 6.74
CA ALA B 127 -87.49 30.69 7.30
C ALA B 127 -87.25 29.71 6.17
N SER B 128 -86.01 29.27 6.01
CA SER B 128 -85.70 28.29 4.97
C SER B 128 -86.11 26.89 5.37
N VAL B 129 -86.23 26.61 6.65
CA VAL B 129 -86.67 25.31 7.14
C VAL B 129 -87.40 25.53 8.45
N GLN B 130 -88.33 24.64 8.76
CA GLN B 130 -89.15 24.82 9.96
C GLN B 130 -88.32 24.66 11.22
N VAL B 131 -88.45 25.61 12.14
CA VAL B 131 -87.67 25.62 13.37
C VAL B 131 -88.47 26.39 14.42
N THR B 132 -88.14 26.13 15.69
CA THR B 132 -88.83 26.73 16.82
C THR B 132 -87.84 27.53 17.65
N ILE B 133 -88.29 28.67 18.17
CA ILE B 133 -87.41 29.71 18.67
C ILE B 133 -87.09 29.51 20.15
N ASP B 134 -87.50 28.36 20.71
CA ASP B 134 -87.03 27.99 22.04
C ASP B 134 -87.48 28.94 23.14
N ALA B 135 -88.71 28.77 23.64
CA ALA B 135 -89.30 29.69 24.61
C ALA B 135 -88.41 29.99 25.80
N GLY B 136 -87.37 29.18 26.02
CA GLY B 136 -86.38 29.52 27.03
C GLY B 136 -85.72 30.88 26.83
N ALA B 137 -85.87 31.49 25.66
CA ALA B 137 -85.36 32.83 25.41
C ALA B 137 -86.52 33.82 25.44
N THR B 138 -86.58 34.64 26.50
CA THR B 138 -87.66 35.58 26.71
C THR B 138 -87.20 37.02 26.59
N ASP B 139 -86.28 37.45 27.46
CA ASP B 139 -85.77 38.80 27.40
C ASP B 139 -85.08 39.05 26.07
N ALA B 140 -85.10 40.31 25.63
CA ALA B 140 -84.66 40.65 24.29
C ALA B 140 -83.23 40.20 24.03
N ALA B 141 -82.33 40.44 24.98
CA ALA B 141 -80.95 39.99 24.79
C ALA B 141 -80.85 38.47 24.74
N LYS B 142 -81.80 37.76 25.35
CA LYS B 142 -81.81 36.31 25.25
C LYS B 142 -82.37 35.85 23.92
N LEU B 143 -83.31 36.61 23.35
CA LEU B 143 -83.89 36.22 22.08
C LEU B 143 -82.92 36.47 20.94
N ASP B 144 -82.18 37.57 20.99
CA ASP B 144 -81.23 37.89 19.92
C ASP B 144 -80.27 36.75 19.70
N ALA B 145 -79.52 36.37 20.74
CA ALA B 145 -78.60 35.25 20.61
C ALA B 145 -79.32 33.93 20.37
N GLU B 146 -80.66 33.91 20.45
CA GLU B 146 -81.39 32.73 19.99
C GLU B 146 -81.57 32.74 18.48
N ILE B 147 -81.79 33.92 17.89
CA ILE B 147 -81.94 34.00 16.44
C ILE B 147 -80.59 33.93 15.74
N LYS B 148 -79.61 34.69 16.24
CA LYS B 148 -78.28 34.55 15.69
C LYS B 148 -77.74 33.14 15.85
N LYS B 149 -78.35 32.34 16.73
CA LYS B 149 -78.08 30.92 16.74
C LYS B 149 -78.74 30.24 15.55
N GLN B 150 -79.99 30.58 15.28
CA GLN B 150 -80.67 30.02 14.11
C GLN B 150 -80.13 30.61 12.83
N MET B 151 -80.05 31.94 12.77
CA MET B 151 -79.75 32.62 11.52
C MET B 151 -78.34 32.29 11.02
N GLU B 152 -77.41 32.02 11.94
CA GLU B 152 -76.08 31.60 11.53
C GLU B 152 -76.06 30.18 11.00
N ALA B 153 -77.05 29.37 11.36
CA ALA B 153 -77.17 28.01 10.84
C ALA B 153 -77.88 27.96 9.51
N GLY B 154 -78.25 29.11 8.94
CA GLY B 154 -78.90 29.17 7.66
C GLY B 154 -80.36 28.80 7.67
N ALA B 155 -80.90 28.35 8.80
CA ALA B 155 -82.32 28.02 8.86
C ALA B 155 -83.18 29.25 8.60
N LEU B 156 -82.99 30.28 9.42
CA LEU B 156 -83.81 31.48 9.38
C LEU B 156 -82.95 32.57 8.79
N VAL B 157 -83.20 32.93 7.54
CA VAL B 157 -82.28 33.80 6.82
C VAL B 157 -83.01 35.10 6.54
N GLU B 158 -82.31 36.07 5.95
CA GLU B 158 -82.73 37.46 5.93
C GLU B 158 -82.97 37.91 4.50
N ILE B 159 -84.05 38.67 4.27
CA ILE B 159 -84.39 39.14 2.93
C ILE B 159 -84.92 40.57 2.96
N ALA B 160 -85.04 41.12 1.76
CA ALA B 160 -85.74 42.35 1.46
C ALA B 160 -86.34 42.15 0.08
N GLU B 161 -87.53 42.65 -0.17
CA GLU B 161 -88.06 42.53 -1.52
C GLU B 161 -89.01 43.67 -1.79
N GLY B 162 -89.56 43.68 -2.99
CA GLY B 162 -90.29 44.80 -3.51
C GLY B 162 -91.75 44.75 -3.15
N MET B 163 -92.56 45.35 -4.01
CA MET B 163 -94.00 45.40 -3.84
C MET B 163 -94.62 45.14 -5.19
N ALA B 164 -95.45 44.11 -5.31
CA ALA B 164 -96.09 43.85 -6.58
C ALA B 164 -96.86 45.08 -7.02
N THR B 165 -96.59 45.56 -8.25
CA THR B 165 -97.16 46.84 -8.66
C THR B 165 -98.67 46.86 -8.48
N SER B 166 -99.35 45.74 -8.77
CA SER B 166 -100.80 45.71 -8.60
C SER B 166 -101.21 46.08 -7.19
N ILE B 167 -100.36 45.82 -6.21
CA ILE B 167 -100.61 46.32 -4.87
C ILE B 167 -100.13 47.75 -4.74
N ALA B 168 -99.05 48.12 -5.40
CA ALA B 168 -98.51 49.46 -5.26
C ALA B 168 -99.27 50.45 -6.11
N GLU B 169 -99.75 50.03 -7.26
CA GLU B 169 -100.51 50.91 -8.13
C GLU B 169 -101.67 51.53 -7.37
N LEU B 170 -102.61 50.71 -6.92
CA LEU B 170 -103.67 51.18 -6.07
C LEU B 170 -103.20 50.99 -4.64
N GLN B 171 -102.85 52.07 -3.98
CA GLN B 171 -102.36 51.99 -2.61
C GLN B 171 -103.08 53.07 -1.84
N GLU B 172 -103.89 52.67 -0.87
CA GLU B 172 -104.72 53.58 -0.10
C GLU B 172 -105.69 54.32 -1.01
N GLY B 173 -106.69 53.57 -1.46
CA GLY B 173 -107.86 54.18 -2.04
C GLY B 173 -107.77 54.64 -3.47
N PHE B 174 -107.20 53.83 -4.35
CA PHE B 174 -107.37 54.03 -5.78
C PHE B 174 -108.24 52.91 -6.31
N ASN B 175 -109.05 53.24 -7.32
CA ASN B 175 -109.87 52.25 -8.03
C ASN B 175 -110.83 51.54 -7.09
N GLY B 176 -111.14 52.15 -5.95
CA GLY B 176 -112.09 51.60 -5.01
C GLY B 176 -111.48 50.94 -3.80
N SER B 177 -110.20 50.61 -3.84
CA SER B 177 -109.56 49.84 -2.79
C SER B 177 -109.55 50.62 -1.47
N THR B 178 -109.32 49.91 -0.38
CA THR B 178 -109.18 50.56 0.92
C THR B 178 -108.38 49.66 1.85
N ASP B 179 -108.16 50.14 3.07
CA ASP B 179 -107.47 49.48 4.18
C ASP B 179 -105.98 49.31 3.96
N ASN B 180 -105.42 49.78 2.85
CA ASN B 180 -104.01 49.59 2.53
C ASN B 180 -103.27 50.93 2.48
N PRO B 181 -102.98 51.53 3.64
CA PRO B 181 -102.30 52.82 3.64
C PRO B 181 -100.86 52.66 3.23
N TRP B 182 -100.25 53.78 2.81
CA TRP B 182 -98.82 53.77 2.59
C TRP B 182 -98.08 53.79 3.92
N ASN B 183 -96.83 53.36 3.89
CA ASN B 183 -95.94 53.65 4.98
C ASN B 183 -95.36 55.05 4.83
N GLU B 184 -95.05 55.67 5.96
CA GLU B 184 -94.70 57.08 5.98
C GLU B 184 -93.42 57.26 6.78
N MET B 185 -92.80 58.43 6.64
CA MET B 185 -91.65 58.80 7.45
C MET B 185 -91.80 60.24 7.91
N GLY B 186 -91.59 60.49 9.20
CA GLY B 186 -91.56 61.83 9.73
C GLY B 186 -90.17 62.26 10.17
N PHE B 187 -90.12 63.37 10.89
CA PHE B 187 -88.91 63.74 11.61
C PHE B 187 -89.29 64.41 12.91
N ARG B 188 -88.55 64.06 13.97
CA ARG B 188 -88.94 64.41 15.33
C ARG B 188 -88.43 65.77 15.80
N ILE B 189 -87.16 66.13 15.59
CA ILE B 189 -86.60 67.41 16.05
C ILE B 189 -86.74 67.61 17.55
N ASP B 190 -85.88 66.98 18.34
CA ASP B 190 -85.84 67.20 19.77
C ASP B 190 -84.53 67.85 20.19
N LYS B 191 -84.55 68.54 21.32
CA LYS B 191 -83.51 69.52 21.67
C LYS B 191 -82.85 69.17 22.99
N GLN B 192 -81.70 69.79 23.24
CA GLN B 192 -81.08 69.76 24.55
C GLN B 192 -80.74 71.17 24.98
N VAL B 193 -80.54 71.34 26.28
CA VAL B 193 -80.37 72.66 26.87
C VAL B 193 -79.26 72.59 27.92
N ILE B 194 -78.23 73.43 27.77
CA ILE B 194 -77.10 73.39 28.70
C ILE B 194 -77.01 74.72 29.41
N GLU B 195 -76.34 74.71 30.56
CA GLU B 195 -76.21 75.88 31.43
C GLU B 195 -74.75 76.22 31.62
N ALA B 196 -74.45 77.50 31.73
CA ALA B 196 -73.07 77.96 31.87
C ALA B 196 -72.74 78.09 33.35
N LYS B 197 -71.85 77.25 33.84
CA LYS B 197 -71.48 77.30 35.24
C LYS B 197 -70.27 78.20 35.43
N SER B 198 -70.30 79.00 36.48
CA SER B 198 -69.28 80.02 36.70
C SER B 198 -68.01 79.37 37.24
N ARG B 199 -67.03 80.22 37.60
CA ARG B 199 -65.75 79.80 38.15
C ARG B 199 -64.94 81.05 38.45
N GLN B 200 -63.99 81.01 39.39
CA GLN B 200 -63.40 82.25 39.86
C GLN B 200 -62.36 82.00 40.94
N LEU B 201 -61.44 82.97 41.09
CA LEU B 201 -60.44 82.99 42.16
C LEU B 201 -60.17 84.42 42.57
N LYS B 202 -59.21 84.60 43.48
CA LYS B 202 -59.01 85.84 44.21
C LYS B 202 -57.53 85.92 44.56
N ALA B 203 -57.04 87.12 44.88
CA ALA B 203 -55.63 87.20 45.24
C ALA B 203 -55.35 88.01 46.49
N ALA B 204 -55.59 89.32 46.43
CA ALA B 204 -55.45 90.22 47.56
C ALA B 204 -54.01 90.28 48.10
N TYR B 205 -53.13 90.78 47.24
CA TYR B 205 -51.75 91.02 47.63
C TYR B 205 -51.63 92.37 48.30
N SER B 206 -50.70 92.49 49.23
CA SER B 206 -50.50 93.74 49.94
C SER B 206 -49.81 94.78 49.08
N ILE B 207 -49.96 96.05 49.47
CA ILE B 207 -49.20 97.11 48.80
C ILE B 207 -47.80 97.20 49.37
N GLU B 208 -47.61 96.85 50.64
CA GLU B 208 -46.27 96.84 51.19
C GLU B 208 -45.45 95.73 50.58
N LEU B 209 -46.12 94.75 49.96
CA LEU B 209 -45.41 93.70 49.26
C LEU B 209 -44.87 94.18 47.92
N THR B 210 -45.72 94.74 47.07
CA THR B 210 -45.26 95.13 45.74
C THR B 210 -44.17 96.18 45.82
N GLN B 211 -44.21 97.04 46.84
CA GLN B 211 -43.12 98.00 47.01
C GLN B 211 -41.80 97.29 47.25
N ASP B 212 -41.80 96.30 48.15
CA ASP B 212 -40.52 95.72 48.52
C ASP B 212 -40.17 94.51 47.67
N LEU B 213 -41.13 93.97 46.93
CA LEU B 213 -40.79 92.87 46.03
C LEU B 213 -40.24 93.38 44.70
N ARG B 214 -40.85 94.43 44.14
CA ARG B 214 -40.27 95.06 42.96
C ARG B 214 -38.82 95.44 43.21
N ALA B 215 -38.50 95.92 44.41
CA ALA B 215 -37.16 96.40 44.69
C ALA B 215 -36.16 95.27 44.77
N VAL B 216 -36.42 94.27 45.60
CA VAL B 216 -35.41 93.24 45.83
C VAL B 216 -35.41 92.20 44.72
N HIS B 217 -36.57 91.66 44.35
CA HIS B 217 -36.63 90.58 43.38
C HIS B 217 -36.90 91.02 41.95
N GLY B 218 -37.29 92.26 41.71
CA GLY B 218 -37.64 92.66 40.36
C GLY B 218 -38.92 92.09 39.81
N MET B 219 -39.55 91.14 40.49
CA MET B 219 -40.83 90.62 40.04
C MET B 219 -41.91 91.69 40.16
N ASP B 220 -43.03 91.44 39.48
CA ASP B 220 -44.12 92.41 39.50
C ASP B 220 -44.96 92.31 40.76
N ALA B 221 -45.17 91.09 41.27
CA ALA B 221 -46.00 90.79 42.43
C ALA B 221 -47.50 90.97 42.15
N ASP B 222 -47.84 91.60 41.04
CA ASP B 222 -49.20 91.56 40.51
C ASP B 222 -49.29 90.56 39.37
N ALA B 223 -48.54 90.80 38.29
CA ALA B 223 -48.50 89.83 37.21
C ALA B 223 -47.99 88.48 37.64
N GLU B 224 -47.42 88.36 38.85
CA GLU B 224 -47.14 87.03 39.37
C GLU B 224 -48.42 86.37 39.87
N LEU B 225 -49.21 87.08 40.67
CA LEU B 225 -50.51 86.53 41.07
C LEU B 225 -51.43 86.38 39.87
N SER B 226 -51.66 87.48 39.15
CA SER B 226 -52.54 87.41 37.99
C SER B 226 -52.12 86.35 37.00
N GLY B 227 -50.85 85.96 37.02
CA GLY B 227 -50.42 84.88 36.14
C GLY B 227 -50.73 83.52 36.69
N ILE B 228 -50.78 83.38 38.02
CA ILE B 228 -51.11 82.09 38.62
C ILE B 228 -52.58 81.96 38.97
N LEU B 229 -53.36 83.04 38.93
CA LEU B 229 -54.80 82.87 38.97
C LEU B 229 -55.33 82.56 37.58
N ALA B 230 -54.88 83.30 36.58
CA ALA B 230 -55.37 83.10 35.23
C ALA B 230 -54.97 81.74 34.69
N THR B 231 -53.79 81.26 35.06
CA THR B 231 -53.36 79.95 34.62
C THR B 231 -54.14 78.86 35.34
N GLU B 232 -54.42 79.07 36.61
CA GLU B 232 -55.06 78.01 37.38
C GLU B 232 -56.46 77.73 36.88
N ILE B 233 -57.24 78.78 36.63
CA ILE B 233 -58.58 78.57 36.06
C ILE B 233 -58.49 77.85 34.73
N MET B 234 -57.44 78.14 33.96
CA MET B 234 -57.30 77.48 32.67
C MET B 234 -56.67 76.11 32.78
N LEU B 235 -56.00 75.81 33.89
CA LEU B 235 -55.59 74.43 34.14
C LEU B 235 -56.72 73.61 34.72
N GLU B 236 -57.66 74.24 35.41
CA GLU B 236 -58.78 73.50 35.96
C GLU B 236 -59.85 73.28 34.90
N ILE B 237 -60.17 74.31 34.13
CA ILE B 237 -61.09 74.13 33.02
C ILE B 237 -60.57 73.08 32.06
N ASN B 238 -59.26 73.00 31.90
CA ASN B 238 -58.71 72.00 31.00
C ASN B 238 -58.64 70.62 31.64
N ARG B 239 -58.30 70.53 32.92
CA ARG B 239 -58.43 69.25 33.59
C ARG B 239 -59.89 68.87 33.80
N GLU B 240 -60.82 69.77 33.49
CA GLU B 240 -62.22 69.42 33.59
C GLU B 240 -62.68 68.57 32.40
N VAL B 241 -62.65 69.15 31.20
CA VAL B 241 -63.13 68.41 30.03
C VAL B 241 -62.39 67.09 29.91
N VAL B 242 -61.06 67.11 30.04
CA VAL B 242 -60.30 65.87 29.98
C VAL B 242 -60.75 64.90 31.05
N ASP B 243 -61.36 65.39 32.13
CA ASP B 243 -62.00 64.51 33.08
C ASP B 243 -63.46 64.30 32.84
N TRP B 244 -64.07 65.01 31.88
CA TRP B 244 -65.37 64.56 31.40
C TRP B 244 -65.22 63.52 30.30
N ILE B 245 -64.26 63.69 29.40
CA ILE B 245 -64.05 62.71 28.34
C ILE B 245 -63.74 61.34 28.94
N ASN B 246 -62.93 61.30 30.00
CA ASN B 246 -62.70 60.03 30.67
C ASN B 246 -63.92 59.61 31.47
N TYR B 247 -64.66 60.56 32.03
CA TYR B 247 -65.89 60.26 32.72
C TYR B 247 -66.94 59.73 31.77
N SER B 248 -67.05 60.34 30.59
CA SER B 248 -68.16 60.11 29.69
C SER B 248 -67.88 59.05 28.63
N ALA B 249 -66.71 58.44 28.63
CA ALA B 249 -66.37 57.48 27.59
C ALA B 249 -66.99 56.13 27.89
N GLN B 250 -67.44 55.44 26.86
CA GLN B 250 -67.92 54.08 27.08
C GLN B 250 -66.77 53.22 27.57
N VAL B 251 -67.11 52.13 28.26
CA VAL B 251 -66.07 51.15 28.49
C VAL B 251 -65.77 50.48 27.15
N GLY B 252 -64.52 50.60 26.71
CA GLY B 252 -64.12 50.03 25.44
C GLY B 252 -63.80 48.56 25.61
N LYS B 253 -63.44 47.95 24.49
CA LYS B 253 -63.17 46.53 24.47
C LYS B 253 -64.31 45.80 25.18
N SER B 254 -65.52 46.16 24.80
CA SER B 254 -66.73 45.54 25.31
C SER B 254 -67.72 45.44 24.17
N GLY B 255 -68.68 44.55 24.32
CA GLY B 255 -69.66 44.41 23.25
C GLY B 255 -69.03 43.85 21.99
N MET B 256 -69.15 44.58 20.89
CA MET B 256 -68.71 44.04 19.61
C MET B 256 -67.20 44.13 19.39
N THR B 257 -66.46 44.83 20.26
CA THR B 257 -65.01 44.86 20.13
C THR B 257 -64.31 43.83 21.01
N LEU B 258 -65.04 43.02 21.75
CA LEU B 258 -64.40 41.96 22.51
C LEU B 258 -63.80 40.91 21.60
N THR B 259 -62.75 40.28 22.09
CA THR B 259 -62.38 38.96 21.64
C THR B 259 -63.05 37.99 22.60
N PRO B 260 -63.89 37.07 22.14
CA PRO B 260 -64.90 36.46 23.02
C PRO B 260 -64.39 36.01 24.38
N GLY B 261 -63.14 35.62 24.49
CA GLY B 261 -62.60 35.22 25.78
C GLY B 261 -61.91 36.32 26.55
N SER B 262 -62.24 37.58 26.26
CA SER B 262 -61.52 38.70 26.85
C SER B 262 -62.15 39.14 28.17
N LYS B 263 -61.55 40.16 28.77
CA LYS B 263 -61.92 40.65 30.09
C LYS B 263 -62.84 41.86 30.08
N ALA B 264 -63.29 42.29 28.91
CA ALA B 264 -64.42 43.22 28.84
C ALA B 264 -64.16 44.55 29.54
N GLY B 265 -63.35 45.42 28.94
CA GLY B 265 -63.09 46.74 29.47
C GLY B 265 -61.68 46.95 29.94
N VAL B 266 -60.83 45.93 29.99
CA VAL B 266 -59.41 46.11 30.22
C VAL B 266 -58.65 45.35 29.15
N PHE B 267 -57.50 45.90 28.78
CA PHE B 267 -56.59 45.25 27.85
C PHE B 267 -55.27 45.07 28.59
N ASP B 268 -54.96 43.84 28.97
CA ASP B 268 -53.79 43.58 29.79
C ASP B 268 -52.86 42.63 29.07
N PHE B 269 -51.62 43.04 28.90
CA PHE B 269 -50.72 42.36 27.99
C PHE B 269 -50.39 40.95 28.40
N GLN B 270 -50.84 40.50 29.57
CA GLN B 270 -50.46 39.20 30.06
C GLN B 270 -51.46 38.11 29.72
N ASP B 271 -52.56 38.44 29.05
CA ASP B 271 -53.55 37.44 28.66
C ASP B 271 -53.47 37.16 27.17
N PRO B 272 -53.20 35.91 26.76
CA PRO B 272 -52.94 35.63 25.35
C PRO B 272 -54.14 35.84 24.45
N ILE B 273 -55.34 35.94 24.98
CA ILE B 273 -56.49 36.21 24.13
C ILE B 273 -56.58 37.70 23.81
N ASP B 274 -56.12 38.55 24.71
CA ASP B 274 -56.16 39.99 24.46
C ASP B 274 -55.09 40.41 23.47
N ILE B 275 -53.91 39.82 23.55
CA ILE B 275 -52.81 40.14 22.64
C ILE B 275 -52.79 39.18 21.47
N ARG B 276 -53.82 38.35 21.34
CA ARG B 276 -54.00 37.50 20.16
C ARG B 276 -52.96 36.39 20.08
N GLY B 277 -52.49 35.91 21.21
CA GLY B 277 -51.44 34.93 21.17
C GLY B 277 -50.07 35.52 21.03
N ALA B 278 -49.95 36.84 21.15
CA ALA B 278 -48.69 37.51 20.96
C ALA B 278 -47.68 37.11 22.02
N ARG B 279 -46.43 37.39 21.73
CA ARG B 279 -45.30 36.90 22.50
C ARG B 279 -44.16 37.90 22.39
N TRP B 280 -43.39 37.98 23.46
CA TRP B 280 -42.49 39.11 23.73
C TRP B 280 -43.19 40.43 23.47
N ALA B 281 -42.51 41.37 22.82
CA ALA B 281 -42.98 42.75 22.85
C ALA B 281 -43.54 43.20 21.51
N GLY B 282 -42.70 43.25 20.47
CA GLY B 282 -43.19 43.66 19.17
C GLY B 282 -44.47 42.97 18.77
N GLU B 283 -44.61 41.69 19.10
CA GLU B 283 -45.91 41.06 18.90
C GLU B 283 -46.95 41.59 19.87
N SER B 284 -46.56 41.80 21.12
CA SER B 284 -47.54 42.17 22.14
C SER B 284 -48.09 43.56 21.90
N PHE B 285 -47.21 44.54 21.80
CA PHE B 285 -47.66 45.91 21.65
C PHE B 285 -48.42 46.09 20.35
N LYS B 286 -47.93 45.51 19.26
CA LYS B 286 -48.68 45.58 18.01
C LYS B 286 -50.06 44.95 18.14
N ALA B 287 -50.33 44.21 19.21
CA ALA B 287 -51.69 43.78 19.46
C ALA B 287 -52.47 44.82 20.24
N LEU B 288 -51.82 45.84 20.76
CA LEU B 288 -52.53 47.04 21.18
C LEU B 288 -52.99 47.83 19.97
N LEU B 289 -52.07 48.09 19.04
CA LEU B 289 -52.39 48.91 17.88
C LEU B 289 -53.55 48.33 17.09
N PHE B 290 -53.80 47.03 17.21
CA PHE B 290 -55.02 46.46 16.68
C PHE B 290 -56.19 46.66 17.63
N GLN B 291 -55.96 46.61 18.94
CA GLN B 291 -57.05 46.90 19.87
C GLN B 291 -57.44 48.36 19.81
N ILE B 292 -56.50 49.25 19.47
CA ILE B 292 -56.80 50.66 19.35
C ILE B 292 -57.43 50.99 18.00
N ASP B 293 -57.26 50.12 17.00
CA ASP B 293 -58.00 50.29 15.76
C ASP B 293 -59.42 49.79 15.92
N LYS B 294 -59.58 48.62 16.51
CA LYS B 294 -60.89 47.99 16.59
C LYS B 294 -61.89 48.90 17.27
N GLU B 295 -61.43 49.78 18.15
CA GLU B 295 -62.32 50.74 18.77
C GLU B 295 -62.53 51.98 17.93
N ALA B 296 -61.46 52.52 17.37
CA ALA B 296 -61.64 53.66 16.47
C ALA B 296 -62.54 53.31 15.29
N VAL B 297 -62.65 52.03 14.96
CA VAL B 297 -63.66 51.61 13.98
C VAL B 297 -65.04 51.60 14.60
N GLU B 298 -65.15 51.06 15.81
CA GLU B 298 -66.46 50.88 16.40
C GLU B 298 -67.11 52.21 16.73
N ILE B 299 -66.33 53.28 16.86
CA ILE B 299 -66.90 54.62 16.96
C ILE B 299 -67.58 55.02 15.67
N ALA B 300 -67.14 54.46 14.54
CA ALA B 300 -67.80 54.78 13.29
C ALA B 300 -69.15 54.12 13.19
N ARG B 301 -69.35 53.02 13.93
CA ARG B 301 -70.63 52.36 13.93
C ARG B 301 -71.60 53.06 14.87
N GLN B 302 -71.13 53.43 16.05
CA GLN B 302 -72.03 54.05 17.01
C GLN B 302 -72.35 55.48 16.63
N THR B 303 -71.32 56.31 16.38
CA THR B 303 -71.58 57.71 16.11
C THR B 303 -72.20 57.90 14.75
N GLY B 304 -71.78 57.12 13.77
CA GLY B 304 -72.15 57.41 12.40
C GLY B 304 -71.47 58.63 11.85
N ARG B 305 -70.53 59.22 12.57
CA ARG B 305 -69.74 60.34 12.08
C ARG B 305 -68.42 59.89 11.49
N GLY B 306 -67.56 59.26 12.28
CA GLY B 306 -66.32 58.80 11.67
C GLY B 306 -65.49 57.91 12.56
N GLU B 307 -64.49 57.31 11.92
CA GLU B 307 -63.53 56.48 12.63
C GLU B 307 -62.84 57.31 13.70
N GLY B 308 -62.42 56.66 14.78
CA GLY B 308 -61.87 57.38 15.91
C GLY B 308 -60.69 58.26 15.55
N ASN B 309 -60.80 59.55 15.81
CA ASN B 309 -59.85 60.51 15.26
C ASN B 309 -58.71 60.86 16.19
N PHE B 310 -58.76 60.48 17.46
CA PHE B 310 -57.68 60.84 18.38
C PHE B 310 -57.71 59.85 19.53
N ILE B 311 -56.64 59.83 20.32
CA ILE B 311 -56.69 59.15 21.60
C ILE B 311 -56.06 60.07 22.63
N ILE B 312 -56.44 59.90 23.88
CA ILE B 312 -55.72 60.47 25.00
C ILE B 312 -55.36 59.31 25.91
N ALA B 313 -54.29 59.46 26.67
CA ALA B 313 -53.69 58.26 27.24
C ALA B 313 -52.57 58.63 28.18
N SER B 314 -52.22 57.71 29.05
CA SER B 314 -51.21 57.94 30.06
C SER B 314 -49.81 57.88 29.47
N ARG B 315 -48.86 58.46 30.20
CA ARG B 315 -47.46 58.41 29.77
C ARG B 315 -46.97 57.00 29.52
N ASN B 316 -47.58 55.99 30.14
CA ASN B 316 -47.11 54.62 29.97
C ASN B 316 -47.52 54.03 28.64
N VAL B 317 -48.79 54.17 28.25
CA VAL B 317 -49.15 53.63 26.95
C VAL B 317 -48.53 54.46 25.84
N VAL B 318 -48.18 55.72 26.09
CA VAL B 318 -47.58 56.47 25.00
C VAL B 318 -46.17 55.98 24.71
N ASN B 319 -45.50 55.36 25.67
CA ASN B 319 -44.32 54.57 25.30
C ASN B 319 -44.72 53.39 24.45
N VAL B 320 -45.66 52.59 24.93
CA VAL B 320 -46.16 51.45 24.18
C VAL B 320 -46.54 51.85 22.77
N LEU B 321 -47.01 53.07 22.58
CA LEU B 321 -47.24 53.55 21.23
C LEU B 321 -45.93 53.98 20.57
N ALA B 322 -45.02 54.58 21.33
CA ALA B 322 -43.82 55.14 20.73
C ALA B 322 -42.73 54.12 20.50
N SER B 323 -42.77 52.98 21.17
CA SER B 323 -41.69 52.00 21.10
C SER B 323 -41.93 50.92 20.07
N VAL B 324 -42.99 51.02 19.28
CA VAL B 324 -43.42 49.92 18.43
C VAL B 324 -43.58 50.40 17.00
N ASP B 325 -43.23 49.55 16.06
CA ASP B 325 -43.36 49.94 14.67
C ASP B 325 -44.84 49.96 14.35
N THR B 326 -45.35 51.13 13.98
CA THR B 326 -46.79 51.30 13.87
C THR B 326 -47.32 50.99 12.48
N GLY B 327 -46.44 50.79 11.51
CA GLY B 327 -46.85 50.41 10.18
C GLY B 327 -47.20 48.94 10.15
N ILE B 328 -47.12 48.36 8.96
CA ILE B 328 -47.28 46.92 8.81
C ILE B 328 -45.87 46.38 8.63
N SER B 329 -45.25 45.94 9.72
CA SER B 329 -43.96 45.27 9.63
C SER B 329 -43.75 44.33 10.78
N TYR B 330 -43.58 43.04 10.51
CA TYR B 330 -42.95 42.06 11.40
C TYR B 330 -43.19 42.34 12.88
N ALA B 331 -42.15 42.28 13.70
CA ALA B 331 -42.28 42.65 15.10
C ALA B 331 -41.08 43.48 15.48
N ALA B 332 -41.30 44.70 15.93
CA ALA B 332 -40.19 45.59 16.22
C ALA B 332 -40.42 46.30 17.54
N GLN B 333 -39.33 46.58 18.24
CA GLN B 333 -39.33 47.36 19.47
C GLN B 333 -38.07 48.21 19.47
N GLY B 334 -37.89 49.01 20.51
CA GLY B 334 -36.69 49.81 20.66
C GLY B 334 -36.93 50.89 21.68
N LEU B 335 -36.09 51.91 21.64
CA LEU B 335 -36.33 53.10 22.43
C LEU B 335 -37.49 53.89 21.84
N ALA B 336 -38.31 54.48 22.71
CA ALA B 336 -39.42 55.29 22.25
C ALA B 336 -38.90 56.37 21.31
N THR B 337 -39.49 56.45 20.12
CA THR B 337 -38.89 57.22 19.03
C THR B 337 -39.82 58.32 18.54
N GLY B 338 -40.88 58.00 17.82
CA GLY B 338 -41.67 58.96 17.08
C GLY B 338 -42.56 59.88 17.87
N PHE B 339 -42.68 59.72 19.18
CA PHE B 339 -43.62 60.49 19.96
C PHE B 339 -42.91 61.33 21.00
N SER B 340 -43.63 62.32 21.50
CA SER B 340 -43.16 63.08 22.65
C SER B 340 -43.69 62.33 23.86
N THR B 341 -42.82 61.59 24.51
CA THR B 341 -43.25 60.69 25.56
C THR B 341 -43.45 61.43 26.87
N ASP B 342 -42.63 62.45 27.12
CA ASP B 342 -42.73 63.31 28.27
C ASP B 342 -43.78 64.39 28.05
N THR B 343 -44.29 64.92 29.15
CA THR B 343 -45.07 66.14 29.10
C THR B 343 -44.27 67.22 29.82
N THR B 344 -43.52 67.99 29.05
CA THR B 344 -43.08 69.31 29.44
C THR B 344 -43.20 70.20 28.22
N LYS B 345 -42.47 69.82 27.16
CA LYS B 345 -42.56 70.52 25.89
C LYS B 345 -44.01 70.72 25.48
N SER B 346 -44.76 69.62 25.38
CA SER B 346 -46.17 69.71 25.06
C SER B 346 -46.84 68.42 25.47
N VAL B 347 -48.15 68.47 25.61
CA VAL B 347 -48.91 67.27 25.89
C VAL B 347 -49.15 66.48 24.63
N PHE B 348 -49.50 67.14 23.54
CA PHE B 348 -49.71 66.47 22.26
C PHE B 348 -48.47 65.69 21.87
N ALA B 349 -48.63 64.39 21.64
CA ALA B 349 -47.51 63.54 21.27
C ALA B 349 -47.80 62.88 19.94
N GLY B 350 -47.12 63.33 18.89
CA GLY B 350 -47.11 62.66 17.60
C GLY B 350 -48.48 62.40 17.02
N VAL B 351 -48.53 61.48 16.06
CA VAL B 351 -49.77 60.90 15.55
C VAL B 351 -49.48 59.44 15.26
N LEU B 352 -50.51 58.62 15.29
CA LEU B 352 -50.39 57.22 14.87
C LEU B 352 -50.71 57.08 13.39
N GLY B 353 -49.72 56.68 12.61
CA GLY B 353 -49.91 56.39 11.20
C GLY B 353 -50.61 57.49 10.44
N GLY B 354 -50.43 58.73 10.89
CA GLY B 354 -51.15 59.82 10.28
C GLY B 354 -52.65 59.74 10.49
N LYS B 355 -53.09 59.09 11.57
CA LYS B 355 -54.51 59.05 11.85
C LYS B 355 -54.82 59.58 13.25
N TYR B 356 -54.52 58.79 14.27
CA TYR B 356 -54.90 59.14 15.63
C TYR B 356 -53.97 60.22 16.16
N ARG B 357 -54.52 61.36 16.55
CA ARG B 357 -53.73 62.33 17.29
C ARG B 357 -53.64 61.85 18.73
N VAL B 358 -52.44 61.55 19.20
CA VAL B 358 -52.28 60.93 20.51
C VAL B 358 -51.87 62.01 21.49
N TYR B 359 -52.81 62.43 22.33
CA TYR B 359 -52.52 63.39 23.38
C TYR B 359 -52.25 62.60 24.66
N ILE B 360 -51.31 63.06 25.43
CA ILE B 360 -51.07 62.42 26.72
C ILE B 360 -52.11 62.93 27.71
N ASP B 361 -52.40 62.13 28.73
CA ASP B 361 -53.09 62.63 29.91
C ASP B 361 -52.02 62.65 30.99
N GLN B 362 -51.54 63.84 31.33
CA GLN B 362 -50.34 63.90 32.12
C GLN B 362 -50.61 63.63 33.59
N TYR B 363 -51.85 63.79 34.04
CA TYR B 363 -52.24 63.42 35.39
C TYR B 363 -53.04 62.15 35.23
N ALA B 364 -52.43 61.02 35.57
CA ALA B 364 -52.97 59.73 35.17
C ALA B 364 -53.13 58.87 36.40
N LYS B 365 -54.36 58.54 36.74
CA LYS B 365 -54.59 57.88 38.02
C LYS B 365 -54.27 56.40 37.94
N GLN B 366 -54.66 55.73 36.86
CA GLN B 366 -54.15 54.38 36.67
C GLN B 366 -53.42 54.24 35.35
N ASP B 367 -54.17 54.08 34.28
CA ASP B 367 -53.67 53.95 32.92
C ASP B 367 -54.87 53.69 32.02
N TYR B 368 -54.73 54.04 30.73
CA TYR B 368 -55.80 53.84 29.76
C TYR B 368 -55.46 54.45 28.41
N PHE B 369 -56.30 54.21 27.40
CA PHE B 369 -56.27 55.03 26.20
C PHE B 369 -57.70 55.27 25.76
N THR B 370 -58.11 56.52 25.68
CA THR B 370 -59.47 56.87 25.31
C THR B 370 -59.47 57.28 23.86
N VAL B 371 -59.96 56.43 22.98
CA VAL B 371 -59.97 56.69 21.55
C VAL B 371 -61.21 57.48 21.23
N GLY B 372 -61.05 58.71 20.78
CA GLY B 372 -62.14 59.63 20.68
C GLY B 372 -62.66 59.79 19.28
N TYR B 373 -63.33 60.91 19.05
CA TYR B 373 -63.61 61.41 17.71
C TYR B 373 -63.75 62.91 17.79
N LYS B 374 -63.27 63.60 16.76
CA LYS B 374 -63.61 64.99 16.56
C LYS B 374 -63.75 65.25 15.07
N GLY B 375 -64.89 65.80 14.68
CA GLY B 375 -65.16 66.03 13.29
C GLY B 375 -64.64 67.37 12.85
N PRO B 376 -64.87 67.71 11.59
CA PRO B 376 -64.51 69.06 11.14
C PRO B 376 -65.32 70.14 11.80
N ASN B 377 -66.63 69.93 11.95
CA ASN B 377 -67.48 70.91 12.62
C ASN B 377 -67.15 70.94 14.10
N GLU B 378 -67.09 72.14 14.66
CA GLU B 378 -67.02 72.24 16.11
C GLU B 378 -68.32 71.78 16.76
N MET B 379 -69.35 71.52 15.97
CA MET B 379 -70.57 70.88 16.45
C MET B 379 -70.43 69.38 16.61
N ASP B 380 -69.55 68.74 15.84
CA ASP B 380 -69.43 67.30 15.87
C ASP B 380 -68.26 66.97 16.78
N ALA B 381 -68.58 66.60 18.01
CA ALA B 381 -67.57 66.47 19.04
C ALA B 381 -67.79 65.24 19.88
N GLY B 382 -68.91 65.22 20.58
CA GLY B 382 -69.19 64.29 21.64
C GLY B 382 -69.14 64.92 23.01
N ILE B 383 -68.47 66.06 23.14
CA ILE B 383 -68.64 66.91 24.30
C ILE B 383 -68.28 68.33 23.87
N TYR B 384 -68.95 69.30 24.44
CA TYR B 384 -68.79 70.69 24.03
C TYR B 384 -68.27 71.49 25.19
N TYR B 385 -67.15 72.16 25.00
CA TYR B 385 -66.72 73.19 25.93
C TYR B 385 -67.11 74.51 25.32
N ALA B 386 -68.17 75.12 25.84
CA ALA B 386 -68.66 76.33 25.21
C ALA B 386 -68.41 77.50 26.14
N PRO B 387 -67.43 78.34 25.89
CA PRO B 387 -67.18 79.47 26.78
C PRO B 387 -68.20 80.57 26.61
N TYR B 388 -68.56 81.18 27.74
CA TYR B 388 -69.45 82.32 27.74
C TYR B 388 -68.68 83.62 27.96
N VAL B 389 -68.05 83.78 29.13
CA VAL B 389 -67.06 84.82 29.36
C VAL B 389 -65.74 84.15 29.65
N ALA B 390 -64.64 84.86 29.43
CA ALA B 390 -63.32 84.27 29.62
C ALA B 390 -62.48 85.17 30.52
N LEU B 391 -62.23 84.69 31.74
CA LEU B 391 -61.32 85.31 32.68
C LEU B 391 -61.48 86.82 32.71
N THR B 392 -62.72 87.27 32.86
CA THR B 392 -62.89 88.70 33.02
C THR B 392 -62.19 89.11 34.30
N PRO B 393 -61.13 89.90 34.22
CA PRO B 393 -60.44 90.31 35.44
C PRO B 393 -61.34 91.21 36.27
N LEU B 394 -61.07 91.25 37.56
CA LEU B 394 -61.77 92.16 38.45
C LEU B 394 -60.76 92.72 39.44
N ARG B 395 -60.82 94.02 39.65
CA ARG B 395 -59.98 94.68 40.63
C ARG B 395 -60.86 95.37 41.66
N GLY B 396 -60.26 95.62 42.81
CA GLY B 396 -60.93 96.35 43.86
C GLY B 396 -59.93 96.58 44.96
N SER B 397 -60.33 97.41 45.91
CA SER B 397 -59.48 97.71 47.04
C SER B 397 -60.35 97.95 48.25
N ASP B 398 -59.93 97.44 49.40
CA ASP B 398 -60.75 97.62 50.57
C ASP B 398 -60.43 98.99 51.14
N PRO B 399 -61.32 99.98 51.03
CA PRO B 399 -60.94 101.35 51.35
C PRO B 399 -60.52 101.54 52.78
N LYS B 400 -60.80 100.57 53.65
CA LYS B 400 -60.27 100.64 55.00
C LYS B 400 -58.76 100.50 54.97
N ASN B 401 -58.25 99.44 54.34
CA ASN B 401 -56.82 99.16 54.26
C ASN B 401 -56.15 99.60 52.96
N PHE B 402 -56.90 99.99 51.94
CA PHE B 402 -56.38 100.43 50.64
C PHE B 402 -55.50 99.39 49.96
N GLN B 403 -55.58 98.14 50.32
CA GLN B 403 -54.60 97.26 49.68
C GLN B 403 -55.27 96.35 48.68
N PRO B 404 -54.78 96.30 47.46
CA PRO B 404 -55.60 95.84 46.34
C PRO B 404 -55.92 94.37 46.43
N VAL B 405 -57.15 94.04 46.07
CA VAL B 405 -57.57 92.66 45.85
C VAL B 405 -57.87 92.52 44.37
N MET B 406 -57.66 91.33 43.84
CA MET B 406 -57.94 91.09 42.44
C MET B 406 -58.51 89.69 42.30
N GLY B 407 -59.21 89.48 41.20
CA GLY B 407 -59.82 88.18 40.99
C GLY B 407 -60.36 88.05 39.60
N PHE B 408 -60.48 86.81 39.16
CA PHE B 408 -60.92 86.46 37.83
C PHE B 408 -62.24 85.71 37.90
N LYS B 409 -63.07 85.85 36.87
CA LYS B 409 -64.30 85.08 36.75
C LYS B 409 -64.44 84.58 35.33
N THR B 410 -64.86 83.33 35.18
CA THR B 410 -65.16 82.76 33.88
C THR B 410 -66.51 82.09 33.96
N ARG B 411 -67.17 81.97 32.82
CA ARG B 411 -68.41 81.19 32.75
C ARG B 411 -68.37 80.41 31.45
N TYR B 412 -68.54 79.10 31.55
CA TYR B 412 -68.41 78.32 30.33
C TYR B 412 -69.57 77.35 30.16
N GLY B 413 -69.63 76.34 30.99
CA GLY B 413 -70.64 75.32 30.84
C GLY B 413 -70.17 74.31 29.84
N ILE B 414 -70.52 73.06 30.05
CA ILE B 414 -70.11 71.95 29.22
C ILE B 414 -71.38 71.38 28.62
N GLY B 415 -71.25 70.69 27.51
CA GLY B 415 -72.45 70.13 26.90
C GLY B 415 -72.12 68.83 26.21
N ILE B 416 -73.14 68.01 26.09
CA ILE B 416 -73.02 66.66 25.58
C ILE B 416 -73.61 66.68 24.19
N ASN B 417 -73.06 65.88 23.30
CA ASN B 417 -73.58 65.87 21.94
C ASN B 417 -74.88 65.08 21.91
N PRO B 418 -76.01 65.70 21.59
CA PRO B 418 -77.17 64.88 21.28
C PRO B 418 -76.79 63.97 20.13
N PHE B 419 -77.21 62.71 20.23
CA PHE B 419 -76.81 61.55 19.43
C PHE B 419 -75.59 60.87 20.02
N ALA B 420 -74.96 61.43 21.05
CA ALA B 420 -73.78 60.76 21.60
C ALA B 420 -74.13 59.39 22.13
N GLU B 421 -75.32 59.24 22.69
CA GLU B 421 -75.70 57.93 23.23
C GLU B 421 -75.85 56.92 22.10
N SER B 422 -76.61 57.27 21.07
CA SER B 422 -76.72 56.52 19.83
C SER B 422 -77.39 55.16 20.02
N ALA B 423 -77.57 54.75 21.26
CA ALA B 423 -78.27 53.50 21.55
C ALA B 423 -79.77 53.69 21.65
N ALA B 424 -80.26 54.88 21.38
CA ALA B 424 -81.69 55.18 21.54
C ALA B 424 -82.21 55.85 20.29
N GLN B 425 -83.29 55.31 19.74
CA GLN B 425 -83.99 55.98 18.66
C GLN B 425 -84.78 57.18 19.15
N ALA B 426 -84.90 57.36 20.46
CA ALA B 426 -85.70 58.41 20.99
C ALA B 426 -85.01 59.03 22.19
N PRO B 427 -85.07 60.34 22.33
CA PRO B 427 -84.67 60.98 23.58
C PRO B 427 -85.76 60.78 24.63
N ALA B 428 -85.40 61.10 25.86
CA ALA B 428 -86.38 61.18 26.94
C ALA B 428 -86.78 62.65 27.11
N SER B 429 -88.04 62.96 26.85
CA SER B 429 -88.79 64.17 27.22
C SER B 429 -88.65 65.32 26.22
N ARG B 430 -87.80 65.20 25.20
CA ARG B 430 -87.77 66.15 24.09
C ARG B 430 -87.27 67.53 24.47
N ILE B 431 -87.09 67.78 25.76
CA ILE B 431 -86.28 68.89 26.25
C ILE B 431 -85.41 68.31 27.36
N GLN B 432 -84.11 68.30 27.14
CA GLN B 432 -83.26 67.49 27.99
C GLN B 432 -82.03 68.29 28.38
N SER B 433 -81.52 68.03 29.57
CA SER B 433 -80.37 68.77 30.05
C SER B 433 -79.12 68.21 29.40
N GLY B 434 -78.44 69.04 28.63
CA GLY B 434 -77.18 68.61 28.05
C GLY B 434 -76.04 68.58 29.01
N MET B 435 -76.21 69.17 30.18
CA MET B 435 -75.16 69.12 31.18
C MET B 435 -74.84 67.67 31.51
N PRO B 436 -73.57 67.27 31.47
CA PRO B 436 -73.24 65.88 31.77
C PRO B 436 -73.68 65.49 33.17
N SER B 437 -74.38 64.37 33.26
CA SER B 437 -74.90 63.87 34.53
C SER B 437 -74.71 62.36 34.52
N ILE B 438 -74.90 61.74 35.69
CA ILE B 438 -74.72 60.29 35.74
C ILE B 438 -75.70 59.58 34.83
N LEU B 439 -76.92 60.11 34.71
CA LEU B 439 -77.92 59.41 33.92
C LEU B 439 -77.54 59.36 32.45
N ASN B 440 -77.37 60.52 31.83
CA ASN B 440 -77.09 60.53 30.39
C ASN B 440 -75.61 60.35 30.08
N SER B 441 -74.71 60.98 30.82
CA SER B 441 -73.35 61.17 30.35
C SER B 441 -72.33 60.20 30.91
N LEU B 442 -72.69 59.26 31.78
CA LEU B 442 -71.67 58.39 32.37
C LEU B 442 -71.53 57.15 31.53
N GLY B 443 -70.39 57.01 30.89
CA GLY B 443 -70.10 55.85 30.08
C GLY B 443 -71.07 55.63 28.94
N LYS B 444 -71.83 56.66 28.59
CA LYS B 444 -72.79 56.55 27.49
C LYS B 444 -72.39 57.24 26.19
N ASN B 445 -71.30 57.99 26.12
CA ASN B 445 -70.98 58.63 24.85
C ASN B 445 -70.48 57.61 23.84
N ALA B 446 -70.91 57.77 22.60
CA ALA B 446 -70.37 56.91 21.55
C ALA B 446 -69.02 57.40 21.08
N TYR B 447 -68.74 58.70 21.19
CA TYR B 447 -67.55 59.23 20.55
C TYR B 447 -66.27 58.80 21.23
N PHE B 448 -66.32 58.47 22.51
CA PHE B 448 -65.12 58.25 23.31
C PHE B 448 -65.17 56.83 23.85
N ARG B 449 -64.17 56.03 23.53
CA ARG B 449 -64.12 54.65 24.02
C ARG B 449 -62.87 54.42 24.84
N ARG B 450 -63.04 54.22 26.14
CA ARG B 450 -61.97 54.15 27.11
C ARG B 450 -61.62 52.71 27.44
N VAL B 451 -60.33 52.43 27.58
CA VAL B 451 -59.87 51.07 27.87
C VAL B 451 -58.76 51.16 28.88
N TYR B 452 -58.91 50.50 30.01
CA TYR B 452 -57.82 50.43 30.97
C TYR B 452 -56.82 49.41 30.49
N VAL B 453 -55.58 49.84 30.30
CA VAL B 453 -54.49 48.95 29.97
C VAL B 453 -53.83 48.53 31.28
N LYS B 454 -53.65 47.23 31.46
CA LYS B 454 -52.98 46.71 32.64
C LYS B 454 -51.75 45.95 32.22
N GLY B 455 -50.83 45.78 33.16
CA GLY B 455 -49.64 45.01 32.89
C GLY B 455 -48.62 45.72 32.02
N ILE B 456 -48.43 47.02 32.24
CA ILE B 456 -47.29 47.70 31.64
C ILE B 456 -46.24 47.91 32.71
N ALA C 1 36.30 21.90 37.52
CA ALA C 1 35.13 22.02 36.67
C ALA C 1 34.37 23.27 37.06
N GLU C 2 34.93 24.42 36.70
CA GLU C 2 34.30 25.68 37.00
C GLU C 2 32.90 25.72 36.41
N ILE C 3 31.93 25.98 37.25
CA ILE C 3 30.53 25.95 36.87
C ILE C 3 30.05 27.39 36.78
N GLY C 4 29.15 27.66 35.85
CA GLY C 4 28.59 29.00 35.80
C GLY C 4 27.59 29.24 36.91
N GLY C 5 26.82 28.22 37.25
CA GLY C 5 25.82 28.34 38.28
C GLY C 5 24.71 29.26 37.84
N ASP C 6 23.75 29.44 38.74
CA ASP C 6 22.62 30.32 38.48
C ASP C 6 22.33 31.14 39.71
N HIS C 7 21.63 32.24 39.49
CA HIS C 7 20.91 32.87 40.59
C HIS C 7 19.91 31.87 41.11
N GLY C 8 19.59 31.95 42.38
CA GLY C 8 18.79 30.89 42.96
C GLY C 8 17.36 30.87 42.48
N TYR C 9 17.04 31.72 41.51
CA TYR C 9 15.68 32.04 41.08
C TYR C 9 14.93 32.77 42.15
N ASN C 10 15.55 33.00 43.30
CA ASN C 10 15.05 33.96 44.27
C ASN C 10 15.05 35.35 43.66
N ALA C 11 14.18 36.20 44.19
CA ALA C 11 14.13 37.56 43.66
C ALA C 11 15.29 38.40 44.18
N THR C 12 15.70 38.18 45.42
CA THR C 12 16.81 38.96 45.96
C THR C 12 18.12 38.54 45.32
N ASN C 13 18.42 37.25 45.34
CA ASN C 13 19.68 36.73 44.82
C ASN C 13 19.92 37.15 43.39
N ILE C 14 18.88 37.50 42.64
CA ILE C 14 19.11 38.07 41.33
C ILE C 14 19.43 39.55 41.44
N ALA C 15 18.64 40.28 42.22
CA ALA C 15 18.86 41.72 42.28
C ALA C 15 20.18 42.06 42.92
N ALA C 16 20.71 41.17 43.75
CA ALA C 16 22.04 41.38 44.30
C ALA C 16 23.14 40.98 43.33
N GLY C 17 22.86 40.04 42.45
CA GLY C 17 23.89 39.45 41.64
C GLY C 17 24.51 38.22 42.25
N GLN C 18 24.17 37.88 43.49
CA GLN C 18 24.60 36.64 44.11
C GLN C 18 24.33 35.48 43.17
N THR C 19 25.28 34.56 43.08
CA THR C 19 25.12 33.41 42.20
C THR C 19 25.77 32.18 42.84
N SER C 20 25.09 31.04 42.71
CA SER C 20 25.61 29.80 43.28
C SER C 20 27.00 29.47 42.76
N GLY C 21 27.32 29.83 41.53
CA GLY C 21 28.58 29.49 40.93
C GLY C 21 29.68 30.47 41.26
N ALA C 22 30.68 30.50 40.40
CA ALA C 22 31.79 31.43 40.55
C ALA C 22 31.33 32.87 40.54
N VAL C 23 30.86 33.33 39.38
CA VAL C 23 30.69 34.76 39.13
C VAL C 23 29.50 35.31 39.89
N THR C 24 29.61 36.55 40.35
CA THR C 24 28.47 37.33 40.83
C THR C 24 28.25 38.45 39.83
N GLN C 25 27.16 38.39 39.08
CA GLN C 25 27.00 39.38 38.04
C GLN C 25 26.66 40.74 38.64
N ILE C 26 26.63 41.75 37.77
CA ILE C 26 26.39 43.12 38.22
C ILE C 26 25.00 43.24 38.82
N GLY C 27 23.99 43.13 37.98
CA GLY C 27 22.62 43.33 38.40
C GLY C 27 21.67 42.83 37.34
N PRO C 28 20.41 43.02 37.55
CA PRO C 28 19.40 42.47 36.65
C PRO C 28 19.04 43.34 35.45
N ALA C 29 20.05 43.87 34.77
CA ALA C 29 19.84 44.77 33.64
C ALA C 29 18.86 45.86 34.05
N VAL C 30 18.07 46.38 33.12
CA VAL C 30 16.80 47.05 33.36
C VAL C 30 15.91 46.80 32.16
N MET C 31 14.67 46.41 32.38
CA MET C 31 13.76 46.30 31.26
C MET C 31 12.83 47.50 31.14
N GLY C 32 12.92 48.46 32.05
CA GLY C 32 12.08 49.64 31.99
C GLY C 32 11.04 49.65 33.08
N MET C 33 10.42 50.81 33.25
CA MET C 33 9.53 51.05 34.36
C MET C 33 8.08 50.94 33.95
N VAL C 34 7.26 50.40 34.85
CA VAL C 34 5.84 50.21 34.62
C VAL C 34 5.10 51.00 35.69
N ARG C 35 4.37 52.03 35.28
CA ARG C 35 3.60 52.86 36.18
C ARG C 35 2.16 52.39 36.16
N ARG C 36 1.35 52.98 37.03
CA ARG C 36 -0.08 52.70 37.06
C ARG C 36 -0.82 53.89 36.47
N ALA C 37 -1.62 53.63 35.45
CA ALA C 37 -2.24 54.73 34.71
C ALA C 37 -3.39 55.33 35.49
N ILE C 38 -3.68 56.59 35.19
CA ILE C 38 -4.68 57.39 35.89
C ILE C 38 -6.07 57.03 35.42
N PRO C 39 -7.03 56.85 36.32
CA PRO C 39 -8.42 56.61 35.90
C PRO C 39 -9.02 57.85 35.28
N ASN C 40 -10.15 57.65 34.60
CA ASN C 40 -10.79 58.70 33.82
C ASN C 40 -11.92 59.36 34.60
N LEU C 41 -12.08 60.65 34.37
CA LEU C 41 -13.16 61.42 34.97
C LEU C 41 -14.43 61.26 34.16
N ILE C 42 -15.57 61.34 34.86
CA ILE C 42 -16.88 61.28 34.23
C ILE C 42 -17.33 62.66 33.77
N ALA C 43 -16.53 63.68 34.04
CA ALA C 43 -16.78 65.10 33.90
C ALA C 43 -18.07 65.58 34.52
N PHE C 44 -18.50 66.78 34.13
CA PHE C 44 -19.54 67.48 34.85
C PHE C 44 -20.81 67.78 34.06
N ASP C 45 -20.92 67.32 32.82
CA ASP C 45 -22.16 67.54 32.09
C ASP C 45 -23.36 66.98 32.84
N ILE C 46 -23.15 66.00 33.71
CA ILE C 46 -24.26 65.34 34.41
C ILE C 46 -24.82 66.21 35.53
N CYS C 47 -24.04 67.13 36.06
CA CYS C 47 -24.43 67.91 37.22
C CYS C 47 -24.16 69.38 36.96
N GLY C 48 -25.17 70.23 37.12
CA GLY C 48 -24.99 71.63 36.84
C GLY C 48 -23.79 72.21 37.58
N VAL C 49 -23.11 73.15 36.95
CA VAL C 49 -21.87 73.66 37.53
C VAL C 49 -22.14 74.94 38.31
N GLN C 50 -22.44 76.03 37.61
CA GLN C 50 -22.56 77.32 38.29
C GLN C 50 -21.32 77.66 39.08
N PRO C 51 -20.23 78.04 38.43
CA PRO C 51 -19.06 78.49 39.18
C PRO C 51 -19.45 79.57 40.16
N MET C 52 -18.85 79.53 41.33
CA MET C 52 -19.28 80.36 42.44
C MET C 52 -18.17 81.35 42.75
N ASN C 53 -18.41 82.62 42.42
CA ASN C 53 -17.34 83.61 42.48
C ASN C 53 -17.07 84.03 43.92
N SER C 54 -18.12 84.16 44.72
CA SER C 54 -18.01 84.54 46.11
C SER C 54 -18.60 83.44 46.96
N PRO C 55 -18.03 83.14 48.12
CA PRO C 55 -18.40 81.91 48.82
C PRO C 55 -19.85 81.96 49.22
N THR C 56 -20.45 80.78 49.32
CA THR C 56 -21.78 80.61 49.87
C THR C 56 -22.85 81.31 49.03
N GLY C 57 -23.18 80.71 47.90
CA GLY C 57 -24.30 81.17 47.09
C GLY C 57 -25.64 80.93 47.75
N GLN C 58 -26.70 81.32 47.04
CA GLN C 58 -28.08 81.10 47.48
C GLN C 58 -28.98 81.01 46.28
N VAL C 59 -30.03 80.22 46.39
CA VAL C 59 -30.94 79.97 45.28
C VAL C 59 -32.35 80.09 45.81
N PHE C 60 -33.12 81.01 45.26
CA PHE C 60 -34.48 81.16 45.72
C PHE C 60 -35.35 80.05 45.16
N ALA C 61 -36.59 79.98 45.62
CA ALA C 61 -37.57 79.10 45.00
C ALA C 61 -38.93 79.74 45.12
N LEU C 62 -39.68 79.85 44.03
CA LEU C 62 -41.03 80.41 44.13
C LEU C 62 -42.05 79.28 44.07
N ARG C 63 -42.67 79.00 45.20
CA ARG C 63 -43.80 78.09 45.25
C ARG C 63 -45.05 78.91 44.96
N ALA C 64 -45.85 78.44 44.01
CA ALA C 64 -47.19 78.99 43.83
C ALA C 64 -48.12 78.16 44.70
N VAL C 65 -48.62 78.75 45.77
CA VAL C 65 -49.31 78.05 46.83
C VAL C 65 -50.72 78.59 46.93
N TYR C 66 -51.69 77.70 47.09
CA TYR C 66 -53.06 78.19 47.12
C TYR C 66 -53.76 77.84 48.42
N GLY C 67 -54.89 78.50 48.62
CA GLY C 67 -55.68 78.40 49.82
C GLY C 67 -55.66 79.58 50.76
N LYS C 68 -55.19 80.75 50.32
CA LYS C 68 -55.19 82.06 51.00
C LYS C 68 -53.96 82.25 51.89
N ASP C 69 -53.13 81.23 52.06
CA ASP C 69 -51.98 81.31 52.95
C ASP C 69 -50.70 80.92 52.25
N PRO C 70 -49.93 81.89 51.76
CA PRO C 70 -48.67 81.54 51.10
C PRO C 70 -47.78 80.65 51.93
N VAL C 71 -47.77 80.83 53.24
CA VAL C 71 -47.09 79.92 54.17
C VAL C 71 -48.15 79.36 55.10
N ALA C 72 -48.27 78.04 55.14
CA ALA C 72 -49.22 77.40 56.03
C ALA C 72 -48.81 75.95 56.19
N ALA C 73 -49.37 75.32 57.19
CA ALA C 73 -49.16 73.88 57.34
C ALA C 73 -49.97 73.16 56.27
N GLY C 74 -49.29 72.39 55.44
CA GLY C 74 -49.97 71.60 54.43
C GLY C 74 -50.82 72.39 53.47
N ALA C 75 -50.22 73.40 52.84
CA ALA C 75 -50.88 74.15 51.79
C ALA C 75 -50.36 73.64 50.46
N LYS C 76 -51.25 73.18 49.61
CA LYS C 76 -50.87 72.45 48.42
C LYS C 76 -50.24 73.38 47.40
N GLU C 77 -49.17 72.91 46.75
CA GLU C 77 -48.53 73.70 45.71
C GLU C 77 -49.44 73.74 44.50
N ALA C 78 -49.34 74.82 43.73
CA ALA C 78 -50.28 75.02 42.62
C ALA C 78 -49.87 74.25 41.38
N PHE C 79 -48.82 74.73 40.70
CA PHE C 79 -48.42 74.13 39.44
C PHE C 79 -47.38 73.12 39.86
N HIS C 80 -47.79 71.86 39.95
CA HIS C 80 -46.92 70.84 40.50
C HIS C 80 -46.86 69.71 39.48
N PRO C 81 -45.70 69.37 38.93
CA PRO C 81 -45.67 68.32 37.92
C PRO C 81 -46.24 66.99 38.40
N MET C 82 -45.85 66.55 39.59
CA MET C 82 -46.47 65.39 40.20
C MET C 82 -47.98 65.55 40.30
N TYR C 83 -48.43 66.42 41.19
CA TYR C 83 -49.81 66.46 41.63
C TYR C 83 -50.62 67.39 40.74
N GLY C 84 -51.59 66.84 40.02
CA GLY C 84 -52.46 67.65 39.20
C GLY C 84 -53.22 68.65 40.03
N PRO C 85 -53.59 69.78 39.43
CA PRO C 85 -54.31 70.79 40.19
C PRO C 85 -55.68 70.26 40.53
N ASP C 86 -56.12 70.49 41.77
CA ASP C 86 -57.42 69.95 42.16
C ASP C 86 -58.45 70.46 41.18
N ALA C 87 -59.15 69.52 40.56
CA ALA C 87 -59.89 69.82 39.35
C ALA C 87 -60.88 70.94 39.58
N MET C 88 -61.61 70.90 40.69
CA MET C 88 -62.48 71.99 41.10
C MET C 88 -61.93 72.59 42.39
N PHE C 89 -61.32 73.75 42.27
CA PHE C 89 -60.88 74.56 43.39
C PHE C 89 -61.53 75.91 43.18
N SER C 90 -61.20 76.52 42.04
CA SER C 90 -62.04 77.58 41.50
C SER C 90 -63.50 77.21 41.52
N GLY C 91 -63.80 75.98 41.15
CA GLY C 91 -65.16 75.58 40.89
C GLY C 91 -65.88 75.16 42.15
N GLN C 92 -66.76 74.15 42.01
CA GLN C 92 -67.62 73.74 43.09
C GLN C 92 -66.86 73.58 44.40
N GLY C 93 -65.59 73.20 44.33
CA GLY C 93 -64.80 73.06 45.55
C GLY C 93 -64.71 74.32 46.37
N ALA C 94 -64.95 75.48 45.78
CA ALA C 94 -65.00 76.72 46.56
C ALA C 94 -66.37 76.97 47.18
N ALA C 95 -67.44 76.53 46.53
CA ALA C 95 -68.78 76.77 47.05
C ALA C 95 -69.10 75.87 48.23
N LYS C 96 -68.63 74.62 48.18
CA LYS C 96 -68.84 73.67 49.25
C LYS C 96 -67.53 72.95 49.52
N LYS C 97 -67.50 72.19 50.60
CA LYS C 97 -66.33 71.43 51.00
C LYS C 97 -66.71 69.95 51.03
N PHE C 98 -66.14 69.17 50.12
CA PHE C 98 -66.58 67.80 49.93
C PHE C 98 -66.09 66.90 51.06
N PRO C 99 -66.84 65.86 51.39
CA PRO C 99 -66.37 64.89 52.37
C PRO C 99 -65.22 64.07 51.82
N ALA C 100 -64.16 63.95 52.61
CA ALA C 100 -63.01 63.18 52.21
C ALA C 100 -63.35 61.71 52.14
N LEU C 101 -62.52 60.96 51.44
CA LEU C 101 -62.76 59.55 51.19
C LEU C 101 -61.69 58.77 51.93
N ALA C 102 -62.11 57.92 52.87
CA ALA C 102 -61.19 57.13 53.66
C ALA C 102 -61.87 55.82 54.02
N ALA C 103 -61.25 55.04 54.89
CA ALA C 103 -61.74 53.72 55.23
C ALA C 103 -63.18 53.77 55.74
N SER C 104 -64.02 52.91 55.19
CA SER C 104 -65.44 52.86 55.52
C SER C 104 -66.10 54.23 55.34
N THR C 105 -65.93 54.80 54.16
CA THR C 105 -66.79 55.88 53.72
C THR C 105 -67.76 55.26 52.73
N GLN C 106 -69.00 55.09 53.17
CA GLN C 106 -69.97 54.39 52.36
C GLN C 106 -70.51 55.37 51.33
N THR C 107 -70.29 55.07 50.06
CA THR C 107 -70.39 56.07 49.01
C THR C 107 -71.83 56.10 48.51
N THR C 108 -72.53 57.19 48.77
CA THR C 108 -73.87 57.32 48.22
C THR C 108 -73.78 57.54 46.72
N VAL C 109 -74.88 57.29 46.03
CA VAL C 109 -74.91 57.42 44.59
C VAL C 109 -75.02 58.89 44.23
N GLY C 110 -74.01 59.43 43.56
CA GLY C 110 -74.05 60.79 43.08
C GLY C 110 -73.27 61.79 43.91
N ASP C 111 -72.80 61.42 45.10
CA ASP C 111 -72.05 62.36 45.90
C ASP C 111 -70.59 62.38 45.50
N ILE C 112 -69.98 63.56 45.61
CA ILE C 112 -68.61 63.78 45.21
C ILE C 112 -67.72 63.71 46.43
N TYR C 113 -66.63 62.96 46.33
CA TYR C 113 -65.71 62.72 47.42
C TYR C 113 -64.30 63.10 47.00
N THR C 114 -63.65 63.95 47.78
CA THR C 114 -62.27 64.27 47.46
C THR C 114 -61.37 63.11 47.82
N HIS C 115 -60.19 63.10 47.23
CA HIS C 115 -59.11 62.35 47.84
C HIS C 115 -57.80 62.91 47.32
N PHE C 116 -56.72 62.63 48.04
CA PHE C 116 -55.40 63.06 47.65
C PHE C 116 -54.53 61.84 47.46
N PHE C 117 -54.14 61.57 46.22
CA PHE C 117 -53.28 60.43 45.97
C PHE C 117 -51.84 60.76 46.31
N GLN C 118 -51.11 59.74 46.77
CA GLN C 118 -49.71 59.94 47.10
C GLN C 118 -48.91 60.34 45.86
N GLU C 119 -49.43 60.02 44.70
CA GLU C 119 -48.85 60.42 43.43
C GLU C 119 -49.97 60.87 42.50
N THR C 120 -49.68 61.87 41.69
CA THR C 120 -50.59 62.32 40.65
C THR C 120 -51.88 62.89 41.23
N GLY C 121 -51.74 63.71 42.25
CA GLY C 121 -52.71 64.75 42.49
C GLY C 121 -53.78 64.46 43.51
N THR C 122 -54.73 65.39 43.54
CA THR C 122 -55.92 65.31 44.36
C THR C 122 -57.14 65.18 43.44
N VAL C 123 -57.93 64.16 43.67
CA VAL C 123 -59.04 63.81 42.80
C VAL C 123 -60.33 64.18 43.47
N TYR C 124 -61.31 64.56 42.68
CA TYR C 124 -62.68 64.72 43.15
C TYR C 124 -63.49 63.61 42.51
N LEU C 125 -63.86 62.61 43.30
CA LEU C 125 -64.44 61.39 42.80
C LEU C 125 -65.94 61.39 42.98
N GLN C 126 -66.67 61.26 41.88
CA GLN C 126 -68.12 61.11 41.95
C GLN C 126 -68.43 59.64 42.09
N ALA C 127 -69.13 59.26 43.16
CA ALA C 127 -69.50 57.87 43.33
C ALA C 127 -70.69 57.56 42.43
N SER C 128 -70.52 56.61 41.52
CA SER C 128 -71.59 56.24 40.61
C SER C 128 -72.46 55.11 41.12
N VAL C 129 -72.05 54.41 42.18
CA VAL C 129 -72.85 53.36 42.77
C VAL C 129 -72.39 53.20 44.21
N GLN C 130 -73.26 52.65 45.06
CA GLN C 130 -72.98 52.58 46.49
C GLN C 130 -72.01 51.45 46.77
N VAL C 131 -70.89 51.78 47.41
CA VAL C 131 -69.81 50.82 47.65
C VAL C 131 -69.01 51.31 48.85
N THR C 132 -68.29 50.40 49.49
CA THR C 132 -67.51 50.71 50.68
C THR C 132 -66.03 50.57 50.36
N ILE C 133 -65.21 51.35 51.05
CA ILE C 133 -63.81 51.56 50.70
C ILE C 133 -62.92 50.52 51.38
N ASP C 134 -63.53 49.47 51.92
CA ASP C 134 -62.75 48.35 52.47
C ASP C 134 -61.92 48.78 53.66
N ALA C 135 -62.57 48.86 54.84
CA ALA C 135 -61.96 49.43 56.04
C ALA C 135 -60.61 48.86 56.37
N GLY C 136 -60.25 47.71 55.81
CA GLY C 136 -58.91 47.18 56.00
C GLY C 136 -57.81 48.07 55.45
N ALA C 137 -58.17 49.13 54.73
CA ALA C 137 -57.19 50.03 54.12
C ALA C 137 -57.07 51.28 54.99
N THR C 138 -55.95 51.38 55.70
CA THR C 138 -55.65 52.50 56.56
C THR C 138 -54.44 53.29 56.06
N ASP C 139 -53.29 52.63 55.95
CA ASP C 139 -52.12 53.25 55.35
C ASP C 139 -52.48 53.88 54.02
N ALA C 140 -51.99 55.10 53.80
CA ALA C 140 -52.34 55.84 52.60
C ALA C 140 -52.09 55.01 51.35
N ALA C 141 -50.86 54.53 51.19
CA ALA C 141 -50.53 53.70 50.04
C ALA C 141 -51.44 52.49 49.92
N LYS C 142 -52.03 52.03 51.03
CA LYS C 142 -53.02 50.97 50.95
C LYS C 142 -54.39 51.50 50.56
N LEU C 143 -54.65 52.78 50.81
CA LEU C 143 -55.93 53.34 50.46
C LEU C 143 -56.01 53.70 48.99
N ASP C 144 -54.95 54.31 48.47
CA ASP C 144 -54.91 54.68 47.06
C ASP C 144 -55.06 53.45 46.18
N ALA C 145 -54.36 52.38 46.53
CA ALA C 145 -54.53 51.12 45.82
C ALA C 145 -55.94 50.58 45.97
N GLU C 146 -56.66 50.97 47.03
CA GLU C 146 -58.05 50.56 47.15
C GLU C 146 -58.99 51.45 46.34
N ILE C 147 -58.77 52.76 46.36
CA ILE C 147 -59.58 53.67 45.57
C ILE C 147 -59.42 53.37 44.09
N LYS C 148 -58.17 53.23 43.65
CA LYS C 148 -57.95 52.86 42.25
C LYS C 148 -58.66 51.55 41.93
N LYS C 149 -58.80 50.67 42.91
CA LYS C 149 -59.51 49.42 42.68
C LYS C 149 -60.99 49.68 42.46
N GLN C 150 -61.55 50.64 43.20
CA GLN C 150 -62.95 51.01 42.97
C GLN C 150 -63.09 51.81 41.68
N MET C 151 -62.09 52.62 41.37
CA MET C 151 -62.17 53.52 40.23
C MET C 151 -61.89 52.82 38.92
N GLU C 152 -61.17 51.71 38.94
CA GLU C 152 -60.97 50.90 37.74
C GLU C 152 -62.20 50.06 37.42
N ALA C 153 -62.96 49.68 38.44
CA ALA C 153 -64.19 48.92 38.23
C ALA C 153 -65.37 49.82 37.90
N GLY C 154 -65.14 51.12 37.76
CA GLY C 154 -66.17 52.04 37.35
C GLY C 154 -67.14 52.46 38.42
N ALA C 155 -67.02 51.89 39.62
CA ALA C 155 -67.91 52.29 40.71
C ALA C 155 -67.72 53.75 41.05
N LEU C 156 -66.50 54.13 41.36
CA LEU C 156 -66.20 55.47 41.85
C LEU C 156 -65.44 56.19 40.77
N VAL C 157 -66.12 57.10 40.08
CA VAL C 157 -65.56 57.74 38.91
C VAL C 157 -65.13 59.15 39.31
N GLU C 158 -64.48 59.85 38.38
CA GLU C 158 -63.70 61.04 38.72
C GLU C 158 -64.16 62.19 37.84
N ILE C 159 -64.45 63.34 38.44
CA ILE C 159 -65.06 64.46 37.73
C ILE C 159 -64.35 65.75 38.07
N ALA C 160 -64.69 66.78 37.30
CA ALA C 160 -64.44 68.17 37.62
C ALA C 160 -65.66 68.95 37.18
N GLU C 161 -66.24 69.75 38.06
CA GLU C 161 -67.38 70.54 37.64
C GLU C 161 -67.11 72.02 37.92
N GLY C 162 -68.12 72.83 37.65
CA GLY C 162 -67.98 74.26 37.73
C GLY C 162 -68.40 74.80 39.06
N MET C 163 -69.01 75.97 39.06
CA MET C 163 -69.67 76.55 40.22
C MET C 163 -71.00 77.11 39.75
N ALA C 164 -72.06 76.84 40.48
CA ALA C 164 -73.36 77.36 40.05
C ALA C 164 -73.33 78.88 40.05
N THR C 165 -73.86 79.49 39.00
CA THR C 165 -73.81 80.95 38.96
C THR C 165 -74.68 81.60 40.02
N SER C 166 -75.47 80.81 40.77
CA SER C 166 -76.14 81.38 41.93
C SER C 166 -75.17 81.62 43.07
N ILE C 167 -74.29 80.65 43.30
CA ILE C 167 -73.32 80.75 44.39
C ILE C 167 -72.11 81.57 44.02
N ALA C 168 -71.59 81.43 42.80
CA ALA C 168 -70.45 82.23 42.38
C ALA C 168 -70.80 83.70 42.35
N GLU C 169 -72.04 84.00 41.98
CA GLU C 169 -72.47 85.39 41.93
C GLU C 169 -72.26 86.08 43.26
N LEU C 170 -72.96 85.62 44.29
CA LEU C 170 -72.76 86.16 45.63
C LEU C 170 -71.74 85.29 46.34
N GLN C 171 -70.54 85.82 46.51
CA GLN C 171 -69.46 85.04 47.07
C GLN C 171 -68.67 85.97 47.98
N GLU C 172 -68.50 85.57 49.24
CA GLU C 172 -67.87 86.42 50.24
C GLU C 172 -68.68 87.71 50.44
N GLY C 173 -69.82 87.54 51.09
CA GLY C 173 -70.54 88.65 51.68
C GLY C 173 -71.18 89.58 50.68
N PHE C 174 -71.99 89.04 49.79
CA PHE C 174 -72.81 89.86 48.91
C PHE C 174 -74.27 89.57 49.21
N ASN C 175 -75.12 90.59 49.05
CA ASN C 175 -76.56 90.46 49.19
C ASN C 175 -76.96 89.87 50.54
N GLY C 176 -76.20 90.15 51.58
CA GLY C 176 -76.52 89.65 52.89
C GLY C 176 -76.06 88.24 53.18
N SER C 177 -75.59 87.52 52.18
CA SER C 177 -75.01 86.21 52.43
C SER C 177 -73.69 86.35 53.18
N THR C 178 -73.26 85.25 53.80
CA THR C 178 -72.01 85.26 54.54
C THR C 178 -71.44 83.85 54.55
N ASP C 179 -70.25 83.72 55.15
CA ASP C 179 -69.56 82.46 55.40
C ASP C 179 -68.96 81.82 54.15
N ASN C 180 -69.11 82.44 52.97
CA ASN C 180 -68.75 81.82 51.70
C ASN C 180 -67.64 82.62 51.02
N PRO C 181 -66.39 82.42 51.41
CA PRO C 181 -65.31 83.21 50.80
C PRO C 181 -64.94 82.71 49.42
N TRP C 182 -64.29 83.58 48.65
CA TRP C 182 -63.62 83.13 47.43
C TRP C 182 -62.40 82.31 47.79
N ASN C 183 -61.94 81.51 46.84
CA ASN C 183 -60.67 80.82 47.00
C ASN C 183 -59.54 81.62 46.38
N GLU C 184 -58.41 81.65 47.07
CA GLU C 184 -57.32 82.54 46.73
C GLU C 184 -56.06 81.74 46.50
N MET C 185 -55.09 82.38 45.86
CA MET C 185 -53.77 81.78 45.64
C MET C 185 -52.70 82.80 45.95
N GLY C 186 -51.66 82.39 46.67
CA GLY C 186 -50.50 83.21 46.92
C GLY C 186 -49.28 82.70 46.17
N PHE C 187 -48.13 83.26 46.52
CA PHE C 187 -46.86 82.72 46.07
C PHE C 187 -45.85 82.84 47.19
N ARG C 188 -45.15 81.74 47.50
CA ARG C 188 -44.42 81.70 48.76
C ARG C 188 -43.04 82.37 48.69
N ILE C 189 -42.22 82.01 47.70
CA ILE C 189 -40.84 82.51 47.57
C ILE C 189 -39.99 82.22 48.79
N ASP C 190 -39.57 80.98 48.95
CA ASP C 190 -38.61 80.63 50.00
C ASP C 190 -37.30 80.18 49.36
N LYS C 191 -36.19 80.39 50.07
CA LYS C 191 -34.88 80.32 49.44
C LYS C 191 -34.09 79.12 49.92
N GLN C 192 -32.91 78.94 49.34
CA GLN C 192 -31.95 77.96 49.82
C GLN C 192 -30.56 78.58 49.81
N VAL C 193 -29.64 77.93 50.49
CA VAL C 193 -28.31 78.48 50.72
C VAL C 193 -27.30 77.35 50.76
N ILE C 194 -26.13 77.55 50.14
CA ILE C 194 -25.05 76.57 50.20
C ILE C 194 -23.78 77.26 50.69
N GLU C 195 -22.85 76.45 51.19
CA GLU C 195 -21.56 76.90 51.69
C GLU C 195 -20.46 76.27 50.84
N ALA C 196 -19.31 76.90 50.82
CA ALA C 196 -18.17 76.38 50.09
C ALA C 196 -17.31 75.57 51.05
N LYS C 197 -17.27 74.26 50.87
CA LYS C 197 -16.46 73.40 51.72
C LYS C 197 -15.09 73.19 51.09
N SER C 198 -14.08 73.10 51.93
CA SER C 198 -12.71 73.07 51.48
C SER C 198 -12.24 71.63 51.30
N ARG C 199 -10.96 71.48 50.96
CA ARG C 199 -10.37 70.18 50.65
C ARG C 199 -8.89 70.39 50.39
N GLN C 200 -8.04 69.38 50.60
CA GLN C 200 -6.61 69.68 50.66
C GLN C 200 -5.76 68.45 50.94
N LEU C 201 -4.49 68.53 50.54
CA LEU C 201 -3.49 67.46 50.74
C LEU C 201 -2.11 68.08 50.91
N LYS C 202 -1.11 67.22 51.00
CA LYS C 202 0.23 67.58 51.45
C LYS C 202 1.19 66.57 50.83
N ALA C 203 2.49 66.88 50.84
CA ALA C 203 3.43 65.87 50.37
C ALA C 203 4.63 65.67 51.27
N ALA C 204 5.49 66.69 51.36
CA ALA C 204 6.67 66.68 52.21
C ALA C 204 7.65 65.57 51.82
N TYR C 205 8.17 65.70 50.62
CA TYR C 205 9.24 64.82 50.18
C TYR C 205 10.58 65.30 50.73
N SER C 206 11.50 64.37 50.90
CA SER C 206 12.78 64.68 51.50
C SER C 206 13.70 65.44 50.56
N ILE C 207 14.70 66.11 51.15
CA ILE C 207 15.76 66.70 50.33
C ILE C 207 16.82 65.66 49.99
N GLU C 208 16.99 64.64 50.83
CA GLU C 208 17.96 63.60 50.52
C GLU C 208 17.41 62.65 49.48
N LEU C 209 16.09 62.62 49.31
CA LEU C 209 15.49 61.76 48.30
C LEU C 209 15.74 62.29 46.91
N THR C 210 15.43 63.56 46.66
CA THR C 210 15.56 64.10 45.32
C THR C 210 16.99 63.99 44.82
N GLN C 211 17.97 64.07 45.71
CA GLN C 211 19.36 63.91 45.26
C GLN C 211 19.56 62.56 44.62
N ASP C 212 19.24 61.48 45.34
CA ASP C 212 19.58 60.16 44.84
C ASP C 212 18.56 59.64 43.83
N LEU C 213 17.28 59.99 44.02
CA LEU C 213 16.27 59.55 43.06
C LEU C 213 16.47 60.19 41.70
N ARG C 214 16.65 61.51 41.66
CA ARG C 214 17.00 62.16 40.40
C ARG C 214 18.27 61.56 39.80
N ALA C 215 19.17 61.07 40.65
CA ALA C 215 20.40 60.46 40.15
C ALA C 215 20.15 59.09 39.53
N VAL C 216 19.51 58.18 40.27
CA VAL C 216 19.40 56.81 39.78
C VAL C 216 18.26 56.68 38.77
N HIS C 217 17.05 57.15 39.10
CA HIS C 217 15.90 56.96 38.22
C HIS C 217 15.67 58.13 37.28
N GLY C 218 16.32 59.26 37.48
CA GLY C 218 16.06 60.40 36.63
C GLY C 218 14.72 61.06 36.82
N MET C 219 13.89 60.58 37.75
CA MET C 219 12.66 61.28 38.06
C MET C 219 12.93 62.54 38.84
N ASP C 220 11.94 63.44 38.87
CA ASP C 220 12.11 64.67 39.62
C ASP C 220 11.82 64.45 41.10
N ALA C 221 10.90 63.55 41.42
CA ALA C 221 10.39 63.24 42.76
C ALA C 221 9.59 64.39 43.34
N ASP C 222 9.62 65.55 42.72
CA ASP C 222 8.63 66.60 42.94
C ASP C 222 7.46 66.48 42.00
N ALA C 223 7.70 66.57 40.70
CA ALA C 223 6.61 66.54 39.74
C ALA C 223 5.82 65.25 39.82
N GLU C 224 6.32 64.24 40.54
CA GLU C 224 5.50 63.08 40.82
C GLU C 224 4.51 63.37 41.95
N LEU C 225 4.99 63.92 43.05
CA LEU C 225 4.07 64.26 44.13
C LEU C 225 3.09 65.35 43.71
N SER C 226 3.60 66.47 43.21
CA SER C 226 2.70 67.47 42.63
C SER C 226 1.81 66.85 41.58
N GLY C 227 2.25 65.74 40.99
CA GLY C 227 1.40 65.04 40.06
C GLY C 227 0.25 64.34 40.75
N ILE C 228 0.55 63.54 41.78
CA ILE C 228 -0.50 62.70 42.35
C ILE C 228 -1.35 63.48 43.34
N LEU C 229 -0.85 64.60 43.86
CA LEU C 229 -1.73 65.41 44.69
C LEU C 229 -2.78 66.10 43.84
N ALA C 230 -2.36 66.80 42.81
CA ALA C 230 -3.32 67.48 41.95
C ALA C 230 -4.22 66.50 41.22
N THR C 231 -3.69 65.33 40.88
CA THR C 231 -4.50 64.35 40.16
C THR C 231 -5.44 63.63 41.10
N GLU C 232 -5.07 63.51 42.37
CA GLU C 232 -5.99 62.90 43.32
C GLU C 232 -7.21 63.78 43.56
N ILE C 233 -6.98 65.03 43.99
CA ILE C 233 -8.09 65.88 44.39
C ILE C 233 -9.13 65.96 43.28
N MET C 234 -8.68 66.08 42.04
CA MET C 234 -9.64 66.15 40.95
C MET C 234 -10.30 64.82 40.68
N LEU C 235 -9.73 63.71 41.15
CA LEU C 235 -10.46 62.45 41.10
C LEU C 235 -11.44 62.33 42.25
N GLU C 236 -11.01 62.69 43.46
CA GLU C 236 -11.89 62.58 44.60
C GLU C 236 -13.07 63.53 44.48
N ILE C 237 -12.84 64.78 44.10
CA ILE C 237 -13.97 65.70 43.87
C ILE C 237 -14.92 65.10 42.86
N ASN C 238 -14.39 64.45 41.83
CA ASN C 238 -15.26 63.88 40.82
C ASN C 238 -15.86 62.56 41.27
N ARG C 239 -15.15 61.79 42.10
CA ARG C 239 -15.84 60.66 42.70
C ARG C 239 -16.87 61.13 43.70
N GLU C 240 -16.81 62.38 44.14
CA GLU C 240 -17.80 62.86 45.07
C GLU C 240 -19.14 63.06 44.38
N VAL C 241 -19.17 63.82 43.29
CA VAL C 241 -20.47 64.17 42.72
C VAL C 241 -21.18 62.93 42.22
N VAL C 242 -20.46 62.00 41.59
CA VAL C 242 -21.09 60.75 41.16
C VAL C 242 -21.53 59.95 42.37
N ASP C 243 -20.85 60.10 43.50
CA ASP C 243 -21.34 59.55 44.74
C ASP C 243 -22.42 60.40 45.38
N TRP C 244 -22.62 61.63 44.92
CA TRP C 244 -23.84 62.33 45.29
C TRP C 244 -24.96 62.13 44.27
N ILE C 245 -24.67 61.58 43.09
CA ILE C 245 -25.77 61.26 42.19
C ILE C 245 -26.37 59.90 42.53
N ASN C 246 -25.53 58.91 42.83
CA ASN C 246 -26.05 57.59 43.21
C ASN C 246 -26.59 57.58 44.63
N TYR C 247 -26.08 58.47 45.49
CA TYR C 247 -26.68 58.70 46.80
C TYR C 247 -28.06 59.29 46.68
N SER C 248 -28.19 60.34 45.89
CA SER C 248 -29.36 61.20 45.89
C SER C 248 -30.45 60.74 44.92
N ALA C 249 -30.31 59.59 44.30
CA ALA C 249 -31.24 59.15 43.27
C ALA C 249 -32.36 58.32 43.85
N GLN C 250 -33.59 58.60 43.44
CA GLN C 250 -34.70 57.79 43.86
C GLN C 250 -34.57 56.38 43.31
N VAL C 251 -35.27 55.45 43.95
CA VAL C 251 -35.30 54.08 43.45
C VAL C 251 -36.22 54.02 42.25
N GLY C 252 -35.69 53.56 41.12
CA GLY C 252 -36.48 53.43 39.92
C GLY C 252 -37.14 52.07 39.84
N LYS C 253 -37.92 51.90 38.77
CA LYS C 253 -38.76 50.71 38.61
C LYS C 253 -39.52 50.44 39.89
N SER C 254 -40.08 51.50 40.45
CA SER C 254 -40.89 51.43 41.65
C SER C 254 -41.99 52.46 41.53
N GLY C 255 -43.19 52.09 41.97
CA GLY C 255 -44.30 52.98 41.76
C GLY C 255 -44.74 52.97 40.32
N MET C 256 -44.97 54.15 39.74
CA MET C 256 -45.60 54.21 38.42
C MET C 256 -44.80 53.48 37.35
N THR C 257 -43.51 53.27 37.55
CA THR C 257 -42.74 52.57 36.55
C THR C 257 -42.75 51.06 36.71
N LEU C 258 -43.42 50.52 37.73
CA LEU C 258 -43.50 49.07 37.85
C LEU C 258 -44.32 48.45 36.73
N THR C 259 -44.09 47.16 36.53
CA THR C 259 -45.03 46.27 35.91
C THR C 259 -45.62 45.41 37.01
N PRO C 260 -46.93 45.35 37.18
CA PRO C 260 -47.50 44.98 38.49
C PRO C 260 -46.94 43.75 39.17
N GLY C 261 -46.30 42.85 38.43
CA GLY C 261 -45.66 41.71 39.05
C GLY C 261 -44.17 41.79 39.22
N SER C 262 -43.54 42.93 38.95
CA SER C 262 -42.09 43.01 38.86
C SER C 262 -41.46 42.97 40.25
N LYS C 263 -40.15 43.19 40.27
CA LYS C 263 -39.35 43.05 41.49
C LYS C 263 -39.17 44.34 42.27
N ALA C 264 -39.77 45.45 41.82
CA ALA C 264 -39.87 46.66 42.63
C ALA C 264 -38.50 47.18 43.07
N GLY C 265 -37.81 47.77 42.10
CA GLY C 265 -36.52 48.37 42.32
C GLY C 265 -35.36 47.66 41.67
N VAL C 266 -35.55 46.45 41.15
CA VAL C 266 -34.54 45.80 40.34
C VAL C 266 -35.19 45.25 39.08
N PHE C 267 -34.46 45.33 37.98
CA PHE C 267 -34.87 44.79 36.70
C PHE C 267 -33.98 43.59 36.43
N ASP C 268 -34.54 42.38 36.50
CA ASP C 268 -33.74 41.19 36.27
C ASP C 268 -34.28 40.44 35.06
N PHE C 269 -33.37 40.08 34.15
CA PHE C 269 -33.79 39.55 32.87
C PHE C 269 -34.42 38.18 32.96
N GLN C 270 -34.47 37.58 34.15
CA GLN C 270 -35.03 36.26 34.29
C GLN C 270 -36.50 36.26 34.72
N ASP C 271 -37.10 37.42 34.91
CA ASP C 271 -38.55 37.39 35.06
C ASP C 271 -39.23 37.38 33.71
N PRO C 272 -40.27 36.58 33.52
CA PRO C 272 -41.09 36.75 32.32
C PRO C 272 -41.84 38.05 32.32
N ILE C 273 -42.01 38.68 33.48
CA ILE C 273 -42.76 39.92 33.57
C ILE C 273 -41.91 41.10 33.17
N ASP C 274 -40.62 41.07 33.51
CA ASP C 274 -39.74 42.20 33.28
C ASP C 274 -39.31 42.32 31.82
N ILE C 275 -39.00 41.20 31.18
CA ILE C 275 -38.54 41.24 29.80
C ILE C 275 -39.74 41.13 28.87
N ARG C 276 -40.94 41.19 29.43
CA ARG C 276 -42.19 41.19 28.65
C ARG C 276 -42.37 39.87 27.93
N GLY C 277 -42.14 38.77 28.63
CA GLY C 277 -42.25 37.50 27.97
C GLY C 277 -41.28 37.33 26.82
N ALA C 278 -40.19 38.08 26.82
CA ALA C 278 -39.22 37.95 25.76
C ALA C 278 -38.54 36.59 25.82
N ARG C 279 -37.93 36.24 24.71
CA ARG C 279 -37.30 34.95 24.49
C ARG C 279 -36.01 35.19 23.72
N TRP C 280 -34.98 34.45 24.10
CA TRP C 280 -33.58 34.73 23.80
C TRP C 280 -33.20 36.17 24.11
N ALA C 281 -32.36 36.78 23.29
CA ALA C 281 -31.66 37.98 23.72
C ALA C 281 -32.20 39.23 23.07
N GLY C 282 -32.11 39.33 21.74
CA GLY C 282 -32.66 40.49 21.06
C GLY C 282 -34.05 40.86 21.54
N GLU C 283 -34.89 39.86 21.82
CA GLU C 283 -36.15 40.15 22.47
C GLU C 283 -35.93 40.64 23.89
N SER C 284 -34.96 40.06 24.61
CA SER C 284 -34.81 40.35 26.02
C SER C 284 -34.14 41.70 26.27
N PHE C 285 -33.02 41.95 25.63
CA PHE C 285 -32.31 43.20 25.89
C PHE C 285 -33.09 44.40 25.39
N LYS C 286 -33.96 44.22 24.40
CA LYS C 286 -34.82 45.34 24.02
C LYS C 286 -35.89 45.63 25.03
N ALA C 287 -36.09 44.75 26.01
CA ALA C 287 -37.01 45.05 27.09
C ALA C 287 -36.36 45.87 28.17
N LEU C 288 -35.04 45.93 28.20
CA LEU C 288 -34.37 46.93 29.03
C LEU C 288 -34.61 48.31 28.47
N LEU C 289 -34.33 48.48 27.18
CA LEU C 289 -34.47 49.78 26.55
C LEU C 289 -35.85 50.35 26.75
N PHE C 290 -36.85 49.48 26.94
CA PHE C 290 -38.18 49.95 27.30
C PHE C 290 -38.33 50.19 28.78
N GLN C 291 -37.49 49.60 29.62
CA GLN C 291 -37.51 49.97 31.03
C GLN C 291 -36.76 51.26 31.26
N ILE C 292 -35.72 51.51 30.47
CA ILE C 292 -34.98 52.75 30.62
C ILE C 292 -35.71 53.91 29.97
N ASP C 293 -36.66 53.65 29.07
CA ASP C 293 -37.55 54.72 28.62
C ASP C 293 -38.63 55.00 29.64
N LYS C 294 -39.20 53.95 30.22
CA LYS C 294 -40.33 54.13 31.10
C LYS C 294 -39.96 54.98 32.29
N GLU C 295 -38.71 54.93 32.73
CA GLU C 295 -38.24 55.84 33.78
C GLU C 295 -37.84 57.19 33.25
N ALA C 296 -37.04 57.22 32.19
CA ALA C 296 -36.65 58.51 31.63
C ALA C 296 -37.85 59.39 31.37
N VAL C 297 -39.00 58.78 31.08
CA VAL C 297 -40.24 59.53 31.02
C VAL C 297 -40.70 59.93 32.41
N GLU C 298 -40.55 59.06 33.38
CA GLU C 298 -41.12 59.32 34.69
C GLU C 298 -40.34 60.38 35.45
N ILE C 299 -39.12 60.70 35.02
CA ILE C 299 -38.43 61.88 35.53
C ILE C 299 -39.03 63.17 35.00
N ALA C 300 -39.72 63.12 33.87
CA ALA C 300 -40.43 64.29 33.41
C ALA C 300 -41.67 64.56 34.21
N ARG C 301 -42.21 63.55 34.89
CA ARG C 301 -43.36 63.76 35.74
C ARG C 301 -42.94 64.32 37.09
N GLN C 302 -41.85 63.84 37.66
CA GLN C 302 -41.47 64.31 38.99
C GLN C 302 -40.75 65.64 38.94
N THR C 303 -39.84 65.83 37.98
CA THR C 303 -39.14 67.11 37.90
C THR C 303 -40.04 68.19 37.32
N GLY C 304 -40.82 67.87 36.30
CA GLY C 304 -41.53 68.90 35.60
C GLY C 304 -40.65 69.77 34.75
N ARG C 305 -39.41 69.35 34.52
CA ARG C 305 -38.49 70.02 33.62
C ARG C 305 -38.41 69.31 32.27
N GLY C 306 -37.96 68.06 32.25
CA GLY C 306 -37.86 67.38 30.97
C GLY C 306 -37.64 65.89 31.15
N GLU C 307 -37.66 65.20 30.02
CA GLU C 307 -37.50 63.76 30.02
C GLU C 307 -36.08 63.39 30.42
N GLY C 308 -35.89 62.15 30.86
CA GLY C 308 -34.58 61.74 31.34
C GLY C 308 -33.47 61.92 30.34
N ASN C 309 -32.49 62.72 30.69
CA ASN C 309 -31.54 63.25 29.73
C ASN C 309 -30.23 62.47 29.63
N PHE C 310 -29.94 61.59 30.58
CA PHE C 310 -28.71 60.81 30.54
C PHE C 310 -28.89 59.61 31.44
N ILE C 311 -28.03 58.60 31.25
CA ILE C 311 -27.94 57.53 32.22
C ILE C 311 -26.48 57.41 32.59
N ILE C 312 -26.19 56.93 33.79
CA ILE C 312 -24.87 56.45 34.09
C ILE C 312 -25.06 55.05 34.63
N ALA C 313 -24.02 54.22 34.55
CA ALA C 313 -24.32 52.81 34.63
C ALA C 313 -23.03 52.00 34.69
N SER C 314 -23.17 50.74 35.08
CA SER C 314 -22.06 49.82 35.17
C SER C 314 -21.64 49.36 33.79
N ARG C 315 -20.41 48.83 33.72
CA ARG C 315 -19.93 48.29 32.46
C ARG C 315 -20.88 47.23 31.91
N ASN C 316 -21.42 46.37 32.77
CA ASN C 316 -22.24 45.26 32.30
C ASN C 316 -23.44 45.75 31.51
N VAL C 317 -24.29 46.59 32.12
CA VAL C 317 -25.47 47.01 31.41
C VAL C 317 -25.11 47.85 30.20
N VAL C 318 -23.89 48.41 30.16
CA VAL C 318 -23.51 49.11 28.94
C VAL C 318 -23.25 48.12 27.82
N ASN C 319 -22.74 46.93 28.13
CA ASN C 319 -22.74 45.87 27.13
C ASN C 319 -24.17 45.54 26.70
N VAL C 320 -25.06 45.30 27.67
CA VAL C 320 -26.45 45.02 27.34
C VAL C 320 -27.01 46.10 26.44
N LEU C 321 -26.64 47.35 26.69
CA LEU C 321 -27.01 48.39 25.74
C LEU C 321 -26.22 48.26 24.46
N ALA C 322 -24.93 47.96 24.55
CA ALA C 322 -24.08 48.02 23.36
C ALA C 322 -24.45 46.96 22.35
N SER C 323 -24.83 45.78 22.82
CA SER C 323 -24.95 44.60 21.96
C SER C 323 -26.32 44.45 21.35
N VAL C 324 -27.22 45.41 21.50
CA VAL C 324 -28.58 45.26 20.98
C VAL C 324 -29.00 46.50 20.20
N ASP C 325 -29.56 46.25 19.03
CA ASP C 325 -30.06 47.32 18.17
C ASP C 325 -31.07 48.15 18.95
N THR C 326 -30.80 49.45 19.08
CA THR C 326 -31.64 50.28 19.92
C THR C 326 -32.74 50.99 19.15
N GLY C 327 -32.72 50.96 17.83
CA GLY C 327 -33.78 51.59 17.06
C GLY C 327 -35.03 50.74 17.11
N ILE C 328 -35.97 50.94 16.21
CA ILE C 328 -37.14 50.08 16.15
C ILE C 328 -36.85 49.10 15.04
N SER C 329 -36.31 47.93 15.40
CA SER C 329 -36.08 46.88 14.41
C SER C 329 -36.10 45.52 15.08
N TYR C 330 -37.01 44.65 14.65
CA TYR C 330 -36.98 43.19 14.85
C TYR C 330 -36.34 42.79 16.17
N ALA C 331 -35.45 41.82 16.16
CA ALA C 331 -34.74 41.41 17.35
C ALA C 331 -33.30 41.18 16.97
N ALA C 332 -32.36 41.83 17.65
CA ALA C 332 -31.00 41.77 17.18
C ALA C 332 -30.04 41.62 18.35
N GLN C 333 -28.91 40.98 18.09
CA GLN C 333 -27.83 40.88 19.07
C GLN C 333 -26.52 40.80 18.30
N GLY C 334 -25.42 40.77 19.02
CA GLY C 334 -24.11 40.61 18.42
C GLY C 334 -23.04 41.17 19.32
N LEU C 335 -21.87 41.39 18.73
CA LEU C 335 -20.76 41.96 19.48
C LEU C 335 -21.04 43.41 19.83
N ALA C 336 -20.66 43.80 21.04
CA ALA C 336 -20.81 45.18 21.46
C ALA C 336 -20.10 46.11 20.50
N THR C 337 -20.80 47.11 20.00
CA THR C 337 -20.23 47.95 18.97
C THR C 337 -20.34 49.44 19.26
N GLY C 338 -21.55 49.97 19.23
CA GLY C 338 -21.75 51.41 19.18
C GLY C 338 -21.24 52.17 20.37
N PHE C 339 -20.88 51.50 21.46
CA PHE C 339 -20.49 52.17 22.69
C PHE C 339 -19.04 51.83 23.02
N SER C 340 -18.44 52.65 23.88
CA SER C 340 -17.15 52.31 24.44
C SER C 340 -17.43 51.53 25.71
N THR C 341 -17.26 50.22 25.64
CA THR C 341 -17.65 49.38 26.75
C THR C 341 -16.64 49.44 27.88
N ASP C 342 -15.36 49.54 27.54
CA ASP C 342 -14.29 49.67 28.51
C ASP C 342 -14.24 51.10 29.05
N THR C 343 -13.64 51.24 30.23
CA THR C 343 -13.20 52.54 30.70
C THR C 343 -11.69 52.50 30.78
N THR C 344 -11.04 52.97 29.72
CA THR C 344 -9.68 53.46 29.80
C THR C 344 -9.61 54.70 28.92
N LYS C 345 -9.91 54.51 27.64
CA LYS C 345 -10.02 55.60 26.69
C LYS C 345 -10.82 56.74 27.31
N SER C 346 -12.10 56.50 27.57
CA SER C 346 -12.92 57.51 28.22
C SER C 346 -14.10 56.82 28.86
N VAL C 347 -14.72 57.53 29.82
CA VAL C 347 -15.88 56.98 30.50
C VAL C 347 -17.13 57.12 29.67
N PHE C 348 -17.37 58.31 29.12
CA PHE C 348 -18.55 58.51 28.29
C PHE C 348 -18.60 57.47 27.19
N ALA C 349 -19.67 56.70 27.14
CA ALA C 349 -19.81 55.68 26.12
C ALA C 349 -21.05 55.97 25.30
N GLY C 350 -20.84 56.44 24.08
CA GLY C 350 -21.91 56.60 23.11
C GLY C 350 -23.10 57.42 23.56
N VAL C 351 -24.20 57.27 22.86
CA VAL C 351 -25.51 57.77 23.27
C VAL C 351 -26.53 56.73 22.84
N LEU C 352 -27.71 56.77 23.46
CA LEU C 352 -28.81 55.90 23.08
C LEU C 352 -29.76 56.66 22.17
N GLY C 353 -29.92 56.16 20.95
CA GLY C 353 -30.85 56.75 20.00
C GLY C 353 -30.67 58.23 19.82
N GLY C 354 -29.46 58.73 20.06
CA GLY C 354 -29.25 60.16 20.09
C GLY C 354 -30.07 60.86 21.16
N LYS C 355 -30.25 60.22 22.31
CA LYS C 355 -31.05 60.83 23.37
C LYS C 355 -30.32 60.83 24.71
N TYR C 356 -30.07 59.64 25.27
CA TYR C 356 -29.46 59.53 26.59
C TYR C 356 -27.94 59.47 26.43
N ARG C 357 -27.23 60.24 27.24
CA ARG C 357 -25.77 60.21 27.22
C ARG C 357 -25.29 59.21 28.26
N VAL C 358 -24.76 58.08 27.82
CA VAL C 358 -24.54 56.94 28.71
C VAL C 358 -23.12 57.02 29.25
N TYR C 359 -22.99 57.37 30.52
CA TYR C 359 -21.72 57.33 31.20
C TYR C 359 -21.57 56.00 31.94
N ILE C 360 -20.38 55.52 32.01
CA ILE C 360 -20.10 54.31 32.75
C ILE C 360 -19.65 54.72 34.14
N ASP C 361 -20.07 53.96 35.15
CA ASP C 361 -19.56 54.21 36.49
C ASP C 361 -18.53 53.15 36.78
N GLN C 362 -17.26 53.53 36.73
CA GLN C 362 -16.22 52.51 36.68
C GLN C 362 -16.03 51.81 38.00
N TYR C 363 -16.52 52.37 39.09
CA TYR C 363 -16.54 51.73 40.39
C TYR C 363 -18.01 51.46 40.64
N ALA C 364 -18.42 50.21 40.52
CA ALA C 364 -19.84 49.87 40.58
C ALA C 364 -19.99 48.69 41.52
N LYS C 365 -20.71 48.89 42.61
CA LYS C 365 -20.70 47.87 43.64
C LYS C 365 -21.50 46.65 43.22
N GLN C 366 -22.74 46.84 42.78
CA GLN C 366 -23.43 45.69 42.23
C GLN C 366 -23.58 45.83 40.73
N ASP C 367 -24.57 46.63 40.33
CA ASP C 367 -24.85 46.87 38.93
C ASP C 367 -26.06 47.79 38.89
N TYR C 368 -26.21 48.59 37.84
CA TYR C 368 -27.32 49.52 37.77
C TYR C 368 -27.24 50.42 36.57
N PHE C 369 -28.30 51.19 36.33
CA PHE C 369 -28.23 52.31 35.41
C PHE C 369 -28.98 53.47 36.05
N THR C 370 -28.33 54.60 36.23
CA THR C 370 -28.93 55.74 36.90
C THR C 370 -29.34 56.74 35.83
N VAL C 371 -30.64 56.86 35.58
CA VAL C 371 -31.14 57.69 34.50
C VAL C 371 -31.38 59.07 35.06
N GLY C 372 -30.61 60.04 34.61
CA GLY C 372 -30.65 61.35 35.19
C GLY C 372 -31.45 62.35 34.38
N TYR C 373 -31.26 63.62 34.70
CA TYR C 373 -31.70 64.72 33.86
C TYR C 373 -30.68 65.85 33.98
N LYS C 374 -30.32 66.45 32.86
CA LYS C 374 -29.57 67.69 32.86
C LYS C 374 -30.21 68.64 31.86
N GLY C 375 -30.77 69.73 32.36
CA GLY C 375 -31.45 70.68 31.52
C GLY C 375 -30.44 71.41 30.66
N PRO C 376 -30.92 72.15 29.66
CA PRO C 376 -30.01 73.00 28.90
C PRO C 376 -29.30 74.02 29.77
N ASN C 377 -29.96 74.54 30.79
CA ASN C 377 -29.30 75.42 31.73
C ASN C 377 -28.33 74.64 32.60
N GLU C 378 -27.41 75.38 33.20
CA GLU C 378 -26.68 74.86 34.35
C GLU C 378 -27.45 75.08 35.63
N MET C 379 -28.57 75.81 35.57
CA MET C 379 -29.45 75.93 36.72
C MET C 379 -30.29 74.68 36.90
N ASP C 380 -30.67 74.03 35.81
CA ASP C 380 -31.63 72.94 35.86
C ASP C 380 -30.82 71.66 35.83
N ALA C 381 -30.60 71.08 37.00
CA ALA C 381 -29.59 70.04 37.16
C ALA C 381 -30.07 68.89 38.01
N GLY C 382 -30.37 69.20 39.26
CA GLY C 382 -30.63 68.23 40.29
C GLY C 382 -29.53 68.12 41.30
N ILE C 383 -28.33 68.55 40.94
CA ILE C 383 -27.26 68.79 41.89
C ILE C 383 -26.34 69.82 41.26
N TYR C 384 -25.76 70.68 42.08
CA TYR C 384 -24.88 71.73 41.60
C TYR C 384 -23.49 71.47 42.16
N TYR C 385 -22.53 71.31 41.28
CA TYR C 385 -21.14 71.31 41.70
C TYR C 385 -20.59 72.69 41.41
N ALA C 386 -20.39 73.48 42.45
CA ALA C 386 -20.02 74.87 42.25
C ALA C 386 -18.60 75.08 42.73
N PRO C 387 -17.63 75.24 41.84
CA PRO C 387 -16.25 75.45 42.28
C PRO C 387 -16.03 76.88 42.72
N TYR C 388 -15.06 77.06 43.63
CA TYR C 388 -14.75 78.38 44.14
C TYR C 388 -13.29 78.74 43.89
N VAL C 389 -12.33 78.19 44.63
CA VAL C 389 -10.92 78.30 44.28
C VAL C 389 -10.42 76.90 43.96
N ALA C 390 -9.60 76.78 42.93
CA ALA C 390 -9.23 75.47 42.42
C ALA C 390 -7.71 75.30 42.48
N LEU C 391 -7.27 74.35 43.31
CA LEU C 391 -5.90 73.88 43.34
C LEU C 391 -4.90 75.02 43.43
N THR C 392 -5.07 75.86 44.43
CA THR C 392 -4.00 76.82 44.67
C THR C 392 -2.83 76.07 45.27
N PRO C 393 -1.73 75.89 44.55
CA PRO C 393 -0.63 75.10 45.12
C PRO C 393 0.10 75.91 46.17
N LEU C 394 0.46 75.25 47.25
CA LEU C 394 1.22 75.87 48.32
C LEU C 394 2.58 75.18 48.40
N ARG C 395 3.59 75.93 48.81
CA ARG C 395 4.93 75.39 48.95
C ARG C 395 5.52 75.90 50.25
N GLY C 396 6.65 75.32 50.63
CA GLY C 396 7.35 75.82 51.79
C GLY C 396 8.41 74.84 52.23
N SER C 397 9.18 75.28 53.21
CA SER C 397 10.16 74.43 53.85
C SER C 397 10.29 74.88 55.28
N ASP C 398 10.46 73.95 56.19
CA ASP C 398 10.52 74.29 57.60
C ASP C 398 11.97 74.48 57.99
N PRO C 399 12.38 75.68 58.41
CA PRO C 399 13.81 75.94 58.63
C PRO C 399 14.44 75.04 59.67
N LYS C 400 13.67 74.36 60.48
CA LYS C 400 14.26 73.36 61.36
C LYS C 400 15.01 72.31 60.54
N ASN C 401 14.29 71.61 59.67
CA ASN C 401 14.83 70.53 58.87
C ASN C 401 15.14 70.89 57.42
N PHE C 402 14.80 72.09 56.95
CA PHE C 402 15.07 72.58 55.60
C PHE C 402 14.53 71.70 54.50
N GLN C 403 13.56 70.84 54.77
CA GLN C 403 13.20 69.89 53.73
C GLN C 403 11.83 70.20 53.16
N PRO C 404 11.73 70.27 51.84
CA PRO C 404 10.53 70.83 51.23
C PRO C 404 9.27 70.08 51.62
N VAL C 405 8.17 70.82 51.70
CA VAL C 405 6.84 70.28 51.77
C VAL C 405 6.03 71.03 50.74
N MET C 406 4.86 70.50 50.45
CA MET C 406 4.00 71.13 49.48
C MET C 406 2.57 70.69 49.75
N GLY C 407 1.62 71.47 49.29
CA GLY C 407 0.25 71.12 49.56
C GLY C 407 -0.70 71.92 48.69
N PHE C 408 -1.89 71.36 48.51
CA PHE C 408 -2.93 71.96 47.70
C PHE C 408 -4.14 72.28 48.56
N LYS C 409 -4.90 73.28 48.14
CA LYS C 409 -6.18 73.59 48.74
C LYS C 409 -7.16 73.90 47.64
N THR C 410 -8.36 73.32 47.72
CA THR C 410 -9.45 73.66 46.82
C THR C 410 -10.70 73.83 47.66
N ARG C 411 -11.62 74.66 47.18
CA ARG C 411 -12.86 74.91 47.90
C ARG C 411 -13.98 74.87 46.89
N TYR C 412 -14.92 73.96 47.05
CA TYR C 412 -15.96 73.80 46.05
C TYR C 412 -17.36 74.01 46.62
N GLY C 413 -17.89 73.07 47.37
CA GLY C 413 -19.24 73.23 47.85
C GLY C 413 -20.20 72.74 46.81
N ILE C 414 -21.30 72.16 47.25
CA ILE C 414 -22.26 71.48 46.41
C ILE C 414 -23.59 72.18 46.61
N GLY C 415 -24.54 71.88 45.76
CA GLY C 415 -25.86 72.41 45.98
C GLY C 415 -26.89 71.44 45.44
N ILE C 416 -28.08 71.50 46.02
CA ILE C 416 -29.19 70.68 45.59
C ILE C 416 -30.15 71.61 44.88
N ASN C 417 -30.85 71.08 43.90
CA ASN C 417 -31.81 71.91 43.21
C ASN C 417 -33.05 72.01 44.07
N PRO C 418 -33.40 73.18 44.61
CA PRO C 418 -34.71 73.31 45.23
C PRO C 418 -35.74 72.97 44.17
N PHE C 419 -36.78 72.26 44.58
CA PHE C 419 -37.74 71.53 43.74
C PHE C 419 -37.21 70.14 43.44
N ALA C 420 -36.03 69.77 43.96
CA ALA C 420 -35.58 68.39 43.93
C ALA C 420 -36.67 67.45 44.37
N GLU C 421 -37.00 67.49 45.67
CA GLU C 421 -37.76 66.40 46.29
C GLU C 421 -39.07 66.14 45.56
N SER C 422 -39.80 67.19 45.20
CA SER C 422 -40.96 67.12 44.30
C SER C 422 -42.16 66.43 44.94
N ALA C 423 -41.94 65.72 46.04
CA ALA C 423 -43.03 65.13 46.80
C ALA C 423 -43.47 66.02 47.94
N ALA C 424 -42.88 67.20 48.07
CA ALA C 424 -43.15 68.12 49.17
C ALA C 424 -43.53 69.46 48.59
N GLN C 425 -44.69 69.99 49.00
CA GLN C 425 -45.15 71.26 48.50
C GLN C 425 -44.58 72.45 49.26
N ALA C 426 -43.79 72.22 50.31
CA ALA C 426 -43.31 73.30 51.11
C ALA C 426 -41.87 73.07 51.52
N PRO C 427 -41.06 74.11 51.56
CA PRO C 427 -39.76 73.99 52.21
C PRO C 427 -39.94 74.00 53.71
N ALA C 428 -38.92 73.56 54.41
CA ALA C 428 -38.88 73.66 55.86
C ALA C 428 -37.89 74.75 56.23
N SER C 429 -38.39 75.75 56.97
CA SER C 429 -37.67 76.86 57.59
C SER C 429 -37.44 78.03 56.63
N ARG C 430 -37.71 77.89 55.34
CA ARG C 430 -37.74 78.99 54.39
C ARG C 430 -36.38 79.63 54.14
N ILE C 431 -35.41 79.34 55.00
CA ILE C 431 -34.00 79.51 54.67
C ILE C 431 -33.37 78.18 55.01
N GLN C 432 -32.96 77.44 53.99
CA GLN C 432 -32.81 76.00 54.08
C GLN C 432 -31.49 75.61 53.47
N SER C 433 -30.65 74.94 54.24
CA SER C 433 -29.32 74.59 53.74
C SER C 433 -29.45 73.75 52.49
N GLY C 434 -28.78 74.16 51.44
CA GLY C 434 -28.81 73.46 50.18
C GLY C 434 -27.73 72.44 50.02
N MET C 435 -26.73 72.44 50.88
CA MET C 435 -25.77 71.36 50.93
C MET C 435 -26.51 70.04 51.09
N PRO C 436 -26.17 69.00 50.33
CA PRO C 436 -26.94 67.76 50.40
C PRO C 436 -26.87 67.14 51.78
N SER C 437 -28.03 66.77 52.31
CA SER C 437 -28.14 66.17 53.63
C SER C 437 -29.17 65.06 53.57
N ILE C 438 -29.21 64.25 54.64
CA ILE C 438 -30.16 63.13 54.70
C ILE C 438 -31.58 63.62 54.47
N LEU C 439 -31.94 64.76 55.07
CA LEU C 439 -33.33 65.19 55.04
C LEU C 439 -33.79 65.46 53.62
N ASN C 440 -33.15 66.41 52.95
CA ASN C 440 -33.59 66.84 51.63
C ASN C 440 -33.06 65.96 50.52
N SER C 441 -31.78 65.61 50.56
CA SER C 441 -31.10 65.13 49.37
C SER C 441 -30.93 63.62 49.28
N LEU C 442 -31.31 62.83 50.28
CA LEU C 442 -31.04 61.40 50.24
C LEU C 442 -32.17 60.69 49.53
N GLY C 443 -31.88 60.10 48.38
CA GLY C 443 -32.86 59.30 47.68
C GLY C 443 -34.13 60.04 47.34
N LYS C 444 -34.13 61.36 47.48
CA LYS C 444 -35.33 62.13 47.18
C LYS C 444 -35.28 62.90 45.87
N ASN C 445 -34.15 62.96 45.17
CA ASN C 445 -34.11 63.77 43.96
C ASN C 445 -35.06 63.24 42.92
N ALA C 446 -35.92 64.11 42.43
CA ALA C 446 -36.72 63.74 41.28
C ALA C 446 -35.83 63.46 40.08
N TYR C 447 -34.72 64.18 39.95
CA TYR C 447 -33.98 64.18 38.70
C TYR C 447 -33.34 62.84 38.38
N PHE C 448 -33.01 62.05 39.39
CA PHE C 448 -32.17 60.87 39.18
C PHE C 448 -32.93 59.63 39.62
N ARG C 449 -32.92 58.58 38.81
CA ARG C 449 -33.59 57.35 39.17
C ARG C 449 -32.69 56.16 38.94
N ARG C 450 -32.36 55.44 40.00
CA ARG C 450 -31.39 54.35 39.97
C ARG C 450 -32.09 53.01 39.96
N VAL C 451 -31.64 52.10 39.10
CA VAL C 451 -32.24 50.78 38.99
C VAL C 451 -31.14 49.73 38.94
N TYR C 452 -31.13 48.82 39.90
CA TYR C 452 -30.18 47.73 39.87
C TYR C 452 -30.67 46.71 38.86
N VAL C 453 -29.86 46.41 37.88
CA VAL C 453 -30.18 45.34 36.95
C VAL C 453 -29.59 44.06 37.51
N LYS C 454 -30.33 42.97 37.39
CA LYS C 454 -29.85 41.68 37.82
C LYS C 454 -29.92 40.69 36.68
N GLY C 455 -29.23 39.57 36.84
CA GLY C 455 -29.35 38.49 35.88
C GLY C 455 -28.65 38.75 34.58
N ILE C 456 -27.60 39.56 34.58
CA ILE C 456 -26.78 39.72 33.38
C ILE C 456 -25.69 38.67 33.38
N ALA D 1 1.68 -24.88 -20.32
CA ALA D 1 0.65 -24.02 -19.75
C ALA D 1 1.27 -23.13 -18.69
N GLU D 2 2.17 -22.26 -19.11
CA GLU D 2 2.90 -21.44 -18.15
C GLU D 2 1.98 -20.43 -17.48
N ILE D 3 1.95 -20.46 -16.16
CA ILE D 3 1.12 -19.59 -15.36
C ILE D 3 1.92 -18.36 -15.01
N GLY D 4 1.30 -17.19 -15.11
CA GLY D 4 1.96 -15.96 -14.73
C GLY D 4 1.98 -15.80 -13.23
N GLY D 5 0.86 -16.12 -12.59
CA GLY D 5 0.78 -16.11 -11.14
C GLY D 5 0.71 -14.71 -10.57
N ASP D 6 0.32 -14.66 -9.30
CA ASP D 6 0.21 -13.41 -8.57
C ASP D 6 1.05 -13.48 -7.31
N HIS D 7 1.30 -12.33 -6.71
CA HIS D 7 1.75 -12.31 -5.35
C HIS D 7 0.63 -12.84 -4.47
N GLY D 8 0.96 -13.24 -3.27
CA GLY D 8 -0.12 -13.71 -2.43
C GLY D 8 -1.15 -12.66 -2.08
N TYR D 9 -0.92 -11.41 -2.48
CA TYR D 9 -1.58 -10.21 -2.00
C TYR D 9 -1.16 -9.89 -0.58
N ASN D 10 -0.32 -10.73 0.03
CA ASN D 10 0.27 -10.43 1.31
C ASN D 10 1.20 -9.23 1.17
N ALA D 11 1.42 -8.53 2.27
CA ALA D 11 2.33 -7.39 2.22
C ALA D 11 3.78 -7.82 2.22
N THR D 12 4.09 -8.97 2.80
CA THR D 12 5.46 -9.45 2.77
C THR D 12 5.80 -10.07 1.43
N ASN D 13 4.91 -10.92 0.92
CA ASN D 13 5.16 -11.60 -0.34
C ASN D 13 5.36 -10.61 -1.46
N ILE D 14 4.66 -9.48 -1.43
CA ILE D 14 4.86 -8.50 -2.49
C ILE D 14 6.24 -7.86 -2.37
N ALA D 15 6.55 -7.34 -1.18
CA ALA D 15 7.82 -6.64 -1.02
C ALA D 15 9.00 -7.51 -1.39
N ALA D 16 8.81 -8.83 -1.37
CA ALA D 16 9.87 -9.75 -1.76
C ALA D 16 9.82 -10.11 -3.23
N GLY D 17 8.75 -9.76 -3.93
CA GLY D 17 8.56 -10.23 -5.28
C GLY D 17 8.15 -11.69 -5.38
N GLN D 18 8.13 -12.41 -4.26
CA GLN D 18 7.66 -13.79 -4.24
C GLN D 18 6.33 -13.90 -4.95
N THR D 19 6.21 -14.88 -5.84
CA THR D 19 5.00 -15.01 -6.65
C THR D 19 4.66 -16.47 -6.86
N SER D 20 3.39 -16.81 -6.65
CA SER D 20 2.94 -18.19 -6.82
C SER D 20 3.16 -18.71 -8.22
N GLY D 21 3.33 -17.84 -9.20
CA GLY D 21 3.53 -18.26 -10.56
C GLY D 21 4.96 -18.66 -10.84
N ALA D 22 5.28 -18.73 -12.12
CA ALA D 22 6.66 -18.96 -12.55
C ALA D 22 7.57 -17.87 -12.02
N VAL D 23 7.35 -16.64 -12.45
CA VAL D 23 8.31 -15.56 -12.31
C VAL D 23 8.24 -14.95 -10.91
N THR D 24 9.40 -14.59 -10.36
CA THR D 24 9.50 -13.79 -9.14
C THR D 24 9.95 -12.39 -9.52
N GLN D 25 9.09 -11.40 -9.32
CA GLN D 25 9.47 -10.09 -9.82
C GLN D 25 10.57 -9.48 -8.95
N ILE D 26 11.11 -8.37 -9.42
CA ILE D 26 12.17 -7.66 -8.73
C ILE D 26 11.69 -7.13 -7.39
N GLY D 27 10.79 -6.16 -7.43
CA GLY D 27 10.34 -5.47 -6.25
C GLY D 27 9.16 -4.60 -6.57
N PRO D 28 8.61 -3.97 -5.57
CA PRO D 28 7.38 -3.21 -5.74
C PRO D 28 7.56 -1.75 -6.16
N ALA D 29 8.39 -1.51 -7.15
CA ALA D 29 8.67 -0.16 -7.67
C ALA D 29 8.97 0.77 -6.50
N VAL D 30 8.68 2.06 -6.65
CA VAL D 30 8.51 3.02 -5.55
C VAL D 30 7.50 4.05 -6.01
N MET D 31 6.52 4.37 -5.19
CA MET D 31 5.63 5.48 -5.53
C MET D 31 5.98 6.74 -4.75
N GLY D 32 7.03 6.70 -3.93
CA GLY D 32 7.49 7.91 -3.26
C GLY D 32 7.21 7.90 -1.77
N MET D 33 7.97 8.70 -1.04
CA MET D 33 7.93 8.72 0.42
C MET D 33 7.02 9.85 0.89
N VAL D 34 6.07 9.51 1.74
CA VAL D 34 5.16 10.50 2.30
C VAL D 34 5.66 10.87 3.68
N ARG D 35 5.81 12.16 3.93
CA ARG D 35 6.21 12.66 5.24
C ARG D 35 4.99 13.22 5.96
N ARG D 36 5.19 13.61 7.21
CA ARG D 36 4.14 14.18 8.03
C ARG D 36 4.30 15.69 8.11
N ALA D 37 3.18 16.40 8.19
CA ALA D 37 3.23 17.86 8.16
C ALA D 37 3.97 18.40 9.37
N ILE D 38 4.50 19.61 9.24
CA ILE D 38 5.10 20.34 10.35
C ILE D 38 4.09 21.37 10.85
N PRO D 39 3.67 21.30 12.11
CA PRO D 39 2.50 22.07 12.55
C PRO D 39 2.78 23.57 12.65
N ASN D 40 1.71 24.33 12.79
CA ASN D 40 1.78 25.79 12.73
C ASN D 40 1.91 26.43 14.09
N LEU D 41 2.67 27.52 14.14
CA LEU D 41 2.84 28.33 15.33
C LEU D 41 1.70 29.33 15.50
N ILE D 42 1.50 29.79 16.75
CA ILE D 42 0.52 30.83 17.06
C ILE D 42 1.11 32.22 16.96
N ALA D 43 2.36 32.33 16.55
CA ALA D 43 3.19 33.51 16.64
C ALA D 43 3.16 34.12 18.03
N PHE D 44 3.57 35.38 18.14
CA PHE D 44 3.75 35.97 19.47
C PHE D 44 2.93 37.21 19.74
N ASP D 45 2.00 37.58 18.87
CA ASP D 45 1.19 38.76 19.17
C ASP D 45 0.45 38.60 20.49
N ILE D 46 0.38 37.38 21.01
CA ILE D 46 -0.39 37.12 22.23
C ILE D 46 0.37 37.54 23.47
N CYS D 47 1.70 37.61 23.38
CA CYS D 47 2.52 37.89 24.55
C CYS D 47 3.70 38.78 24.16
N GLY D 48 3.95 39.80 24.98
CA GLY D 48 5.08 40.68 24.73
C GLY D 48 6.37 39.91 24.59
N VAL D 49 7.28 40.39 23.75
CA VAL D 49 8.51 39.64 23.52
C VAL D 49 9.62 40.11 24.46
N GLN D 50 10.15 41.30 24.24
CA GLN D 50 11.26 41.81 25.04
C GLN D 50 12.48 40.88 25.01
N PRO D 51 13.20 40.81 23.91
CA PRO D 51 14.44 40.05 23.90
C PRO D 51 15.42 40.59 24.92
N MET D 52 15.96 39.70 25.74
CA MET D 52 16.78 40.08 26.89
C MET D 52 18.22 39.71 26.60
N ASN D 53 19.09 40.72 26.56
CA ASN D 53 20.49 40.49 26.21
C ASN D 53 21.28 39.94 27.38
N SER D 54 21.15 40.58 28.54
CA SER D 54 21.80 40.08 29.75
C SER D 54 20.84 39.14 30.43
N PRO D 55 21.30 38.08 31.08
CA PRO D 55 20.39 37.25 31.84
C PRO D 55 19.71 38.10 32.90
N THR D 56 18.53 37.66 33.33
CA THR D 56 17.86 38.22 34.49
C THR D 56 17.51 39.70 34.33
N GLY D 57 16.49 39.98 33.53
CA GLY D 57 15.97 41.33 33.45
C GLY D 57 15.27 41.77 34.73
N GLN D 58 14.85 43.03 34.76
CA GLN D 58 14.08 43.57 35.86
C GLN D 58 13.20 44.71 35.37
N VAL D 59 12.05 44.89 36.02
CA VAL D 59 11.08 45.92 35.66
C VAL D 59 10.58 46.57 36.93
N PHE D 60 10.62 47.90 36.98
CA PHE D 60 10.14 48.55 38.18
C PHE D 60 8.63 48.63 38.18
N ALA D 61 8.08 49.07 39.30
CA ALA D 61 6.66 49.38 39.36
C ALA D 61 6.47 50.55 40.30
N LEU D 62 5.79 51.60 39.90
CA LEU D 62 5.56 52.73 40.78
C LEU D 62 4.11 52.71 41.22
N ARG D 63 3.89 52.33 42.48
CA ARG D 63 2.56 52.43 43.05
C ARG D 63 2.41 53.85 43.55
N ALA D 64 1.24 54.42 43.38
CA ALA D 64 0.91 55.66 44.08
C ALA D 64 0.17 55.27 45.35
N VAL D 65 0.84 55.44 46.47
CA VAL D 65 0.33 55.00 47.76
C VAL D 65 0.08 56.23 48.60
N TYR D 66 -1.05 56.25 49.31
CA TYR D 66 -1.36 57.43 50.09
C TYR D 66 -1.46 57.12 51.56
N GLY D 67 -1.48 58.18 52.35
CA GLY D 67 -1.58 58.08 53.78
C GLY D 67 -0.35 58.39 54.60
N LYS D 68 0.66 59.04 54.02
CA LYS D 68 1.87 59.54 54.66
C LYS D 68 2.94 58.46 54.76
N ASP D 69 2.61 57.20 54.44
CA ASP D 69 3.58 56.10 54.43
C ASP D 69 3.51 55.42 53.08
N PRO D 70 4.36 55.79 52.15
CA PRO D 70 4.41 55.08 50.87
C PRO D 70 4.52 53.58 51.05
N VAL D 71 5.16 53.14 52.12
CA VAL D 71 5.21 51.73 52.51
C VAL D 71 4.64 51.61 53.91
N ALA D 72 3.57 50.83 54.04
CA ALA D 72 2.95 50.59 55.33
C ALA D 72 2.12 49.33 55.20
N ALA D 73 1.72 48.77 56.33
CA ALA D 73 0.81 47.64 56.28
C ALA D 73 -0.53 48.11 55.75
N GLY D 74 -0.98 47.52 54.65
CA GLY D 74 -2.25 47.87 54.07
C GLY D 74 -2.41 49.36 53.82
N ALA D 75 -1.47 49.96 53.11
CA ALA D 75 -1.57 51.35 52.70
C ALA D 75 -2.22 51.37 51.33
N LYS D 76 -3.43 51.88 51.26
CA LYS D 76 -4.23 51.80 50.04
C LYS D 76 -3.48 52.39 48.87
N GLU D 77 -3.70 51.81 47.68
CA GLU D 77 -3.08 52.34 46.47
C GLU D 77 -3.96 53.41 45.88
N ALA D 78 -3.33 54.44 45.32
CA ALA D 78 -4.07 55.63 44.93
C ALA D 78 -4.88 55.42 43.66
N PHE D 79 -4.20 55.29 42.53
CA PHE D 79 -4.88 55.23 41.25
C PHE D 79 -4.89 53.76 40.89
N HIS D 80 -6.00 53.09 41.15
CA HIS D 80 -6.08 51.66 40.94
C HIS D 80 -7.30 51.38 40.09
N PRO D 81 -7.15 50.76 38.91
CA PRO D 81 -8.35 50.46 38.11
C PRO D 81 -9.45 49.73 38.86
N MET D 82 -9.11 48.68 39.61
CA MET D 82 -10.06 48.06 40.52
C MET D 82 -10.69 49.14 41.39
N TYR D 83 -9.87 49.70 42.26
CA TYR D 83 -10.33 50.32 43.49
C TYR D 83 -10.46 51.83 43.36
N GLY D 84 -11.67 52.33 43.60
CA GLY D 84 -11.92 53.75 43.57
C GLY D 84 -11.07 54.51 44.58
N PRO D 85 -10.90 55.80 44.34
CA PRO D 85 -10.19 56.62 45.33
C PRO D 85 -11.09 56.80 46.53
N ASP D 86 -10.50 56.76 47.73
CA ASP D 86 -11.34 56.87 48.91
C ASP D 86 -12.03 58.22 48.91
N ALA D 87 -13.35 58.16 49.00
CA ALA D 87 -14.19 59.26 48.57
C ALA D 87 -13.80 60.56 49.27
N MET D 88 -13.74 60.54 50.60
CA MET D 88 -13.28 61.69 51.36
C MET D 88 -11.98 61.31 52.07
N PHE D 89 -10.88 61.80 51.53
CA PHE D 89 -9.56 61.62 52.11
C PHE D 89 -8.93 62.99 52.18
N SER D 90 -8.78 63.61 51.01
CA SER D 90 -8.62 65.06 50.97
C SER D 90 -9.65 65.75 51.83
N GLY D 91 -10.86 65.25 51.84
CA GLY D 91 -11.97 65.94 52.45
C GLY D 91 -12.12 65.56 53.90
N GLN D 92 -13.37 65.45 54.36
CA GLN D 92 -13.68 65.29 55.77
C GLN D 92 -12.75 64.28 56.43
N GLY D 93 -12.40 63.21 55.73
CA GLY D 93 -11.59 62.16 56.29
C GLY D 93 -10.24 62.60 56.81
N ALA D 94 -9.81 63.81 56.44
CA ALA D 94 -8.65 64.39 57.11
C ALA D 94 -9.03 65.07 58.42
N ALA D 95 -10.24 65.62 58.50
CA ALA D 95 -10.66 66.28 59.73
C ALA D 95 -11.00 65.27 60.81
N LYS D 96 -11.82 64.28 60.48
CA LYS D 96 -12.21 63.26 61.44
C LYS D 96 -11.84 61.88 60.90
N LYS D 97 -11.82 60.91 61.79
CA LYS D 97 -11.56 59.52 61.44
C LYS D 97 -12.86 58.74 61.58
N PHE D 98 -13.27 58.07 60.51
CA PHE D 98 -14.58 57.45 60.56
C PHE D 98 -14.48 56.03 61.10
N PRO D 99 -15.50 55.57 61.82
CA PRO D 99 -15.47 54.20 62.34
C PRO D 99 -15.55 53.19 61.20
N ALA D 100 -14.64 52.24 61.20
CA ALA D 100 -14.69 51.18 60.21
C ALA D 100 -15.93 50.32 60.43
N LEU D 101 -16.34 49.63 59.38
CA LEU D 101 -17.58 48.88 59.40
C LEU D 101 -17.24 47.40 59.36
N ALA D 102 -17.78 46.65 60.32
CA ALA D 102 -17.45 45.25 60.45
C ALA D 102 -18.69 44.50 60.92
N ALA D 103 -18.51 43.23 61.25
CA ALA D 103 -19.62 42.42 61.74
C ALA D 103 -20.19 43.02 63.01
N SER D 104 -21.51 42.89 63.17
CA SER D 104 -22.20 43.35 64.37
C SER D 104 -21.99 44.82 64.67
N THR D 105 -21.77 45.64 63.64
CA THR D 105 -21.73 47.07 63.85
C THR D 105 -23.15 47.60 63.68
N GLN D 106 -23.72 48.07 64.77
CA GLN D 106 -25.07 48.61 64.75
C GLN D 106 -24.99 50.04 64.24
N THR D 107 -25.68 50.31 63.13
CA THR D 107 -25.44 51.53 62.36
C THR D 107 -26.37 52.61 62.85
N THR D 108 -25.82 53.62 63.50
CA THR D 108 -26.63 54.75 63.92
C THR D 108 -26.98 55.60 62.71
N VAL D 109 -28.19 56.14 62.69
CA VAL D 109 -28.65 56.86 61.51
C VAL D 109 -27.86 58.15 61.37
N GLY D 110 -27.19 58.30 60.22
CA GLY D 110 -26.45 59.49 59.92
C GLY D 110 -24.95 59.36 60.01
N ASP D 111 -24.45 58.32 60.68
CA ASP D 111 -23.01 58.24 60.97
C ASP D 111 -22.30 57.46 59.89
N ILE D 112 -21.21 58.04 59.38
CA ILE D 112 -20.52 57.51 58.22
C ILE D 112 -19.57 56.40 58.64
N TYR D 113 -19.62 55.27 57.94
CA TYR D 113 -18.79 54.12 58.21
C TYR D 113 -17.93 53.83 57.00
N THR D 114 -16.62 53.70 57.20
CA THR D 114 -15.75 53.33 56.10
C THR D 114 -15.93 51.86 55.79
N HIS D 115 -15.73 51.49 54.54
CA HIS D 115 -15.55 50.09 54.22
C HIS D 115 -14.75 49.97 52.95
N PHE D 116 -14.13 48.81 52.78
CA PHE D 116 -13.27 48.53 51.64
C PHE D 116 -13.75 47.23 51.03
N PHE D 117 -14.32 47.29 49.84
CA PHE D 117 -14.71 46.05 49.17
C PHE D 117 -13.51 45.42 48.50
N GLN D 118 -13.56 44.11 48.34
CA GLN D 118 -12.42 43.42 47.73
C GLN D 118 -12.35 43.72 46.24
N GLU D 119 -13.44 44.20 45.67
CA GLU D 119 -13.43 44.85 44.37
C GLU D 119 -13.89 46.28 44.56
N THR D 120 -13.95 47.02 43.47
CA THR D 120 -14.68 48.29 43.42
C THR D 120 -14.38 49.20 44.61
N GLY D 121 -13.16 49.11 45.12
CA GLY D 121 -12.67 50.19 45.92
C GLY D 121 -13.08 50.23 47.38
N THR D 122 -12.83 51.39 47.96
CA THR D 122 -13.17 51.73 49.34
C THR D 122 -14.27 52.76 49.31
N VAL D 123 -15.26 52.58 50.16
CA VAL D 123 -16.40 53.47 50.21
C VAL D 123 -16.54 54.00 51.62
N TYR D 124 -17.00 55.23 51.74
CA TYR D 124 -17.44 55.73 53.03
C TYR D 124 -18.95 55.65 52.99
N LEU D 125 -19.48 54.65 53.65
CA LEU D 125 -20.90 54.40 53.61
C LEU D 125 -21.57 55.24 54.66
N GLN D 126 -22.72 55.77 54.34
CA GLN D 126 -23.54 56.45 55.32
C GLN D 126 -24.69 55.54 55.69
N ALA D 127 -25.05 55.53 56.97
CA ALA D 127 -26.16 54.72 57.43
C ALA D 127 -27.42 55.56 57.38
N SER D 128 -28.32 55.25 56.46
CA SER D 128 -29.57 55.98 56.39
C SER D 128 -30.62 55.43 57.34
N VAL D 129 -30.50 54.18 57.77
CA VAL D 129 -31.46 53.58 58.69
C VAL D 129 -30.72 52.53 59.50
N GLN D 130 -31.15 52.35 60.75
CA GLN D 130 -30.42 51.51 61.68
C GLN D 130 -30.54 50.04 61.30
N VAL D 131 -29.41 49.35 61.27
CA VAL D 131 -29.36 47.97 60.81
C VAL D 131 -28.20 47.27 61.48
N THR D 132 -28.30 45.95 61.60
CA THR D 132 -27.25 45.11 62.14
C THR D 132 -26.54 44.41 60.98
N ILE D 133 -25.22 44.31 61.07
CA ILE D 133 -24.43 43.82 59.95
C ILE D 133 -24.30 42.30 60.04
N ASP D 134 -25.06 41.67 60.93
CA ASP D 134 -25.22 40.22 60.87
C ASP D 134 -23.93 39.45 61.13
N ALA D 135 -23.59 39.27 62.41
CA ALA D 135 -22.33 38.64 62.80
C ALA D 135 -22.05 37.33 62.08
N GLY D 136 -23.07 36.73 61.47
CA GLY D 136 -22.81 35.63 60.56
C GLY D 136 -21.86 35.98 59.44
N ALA D 137 -21.58 37.27 59.22
CA ALA D 137 -20.65 37.72 58.20
C ALA D 137 -19.32 38.05 58.87
N THR D 138 -18.32 37.21 58.63
CA THR D 138 -16.99 37.38 59.18
C THR D 138 -15.94 37.44 58.08
N ASP D 139 -15.82 36.39 57.28
CA ASP D 139 -14.90 36.38 56.16
C ASP D 139 -15.09 37.63 55.30
N ALA D 140 -13.98 38.21 54.86
CA ALA D 140 -14.05 39.47 54.11
C ALA D 140 -14.86 39.34 52.83
N ALA D 141 -14.97 38.14 52.28
CA ALA D 141 -15.87 37.94 51.15
C ALA D 141 -17.31 37.72 51.59
N LYS D 142 -17.53 37.34 52.85
CA LYS D 142 -18.89 37.27 53.36
C LYS D 142 -19.41 38.63 53.78
N LEU D 143 -18.53 39.51 54.25
CA LEU D 143 -18.98 40.82 54.70
C LEU D 143 -19.44 41.67 53.54
N ASP D 144 -18.72 41.61 52.42
CA ASP D 144 -19.04 42.47 51.29
C ASP D 144 -20.40 42.13 50.72
N ALA D 145 -20.64 40.86 50.39
CA ALA D 145 -21.96 40.47 49.95
C ALA D 145 -23.01 40.64 51.05
N GLU D 146 -22.58 40.85 52.30
CA GLU D 146 -23.52 41.23 53.35
C GLU D 146 -23.80 42.73 53.35
N ILE D 147 -22.82 43.55 52.98
CA ILE D 147 -23.05 44.99 52.87
C ILE D 147 -23.76 45.33 51.58
N LYS D 148 -23.30 44.77 50.46
CA LYS D 148 -24.04 44.96 49.22
C LYS D 148 -25.47 44.50 49.35
N LYS D 149 -25.76 43.63 50.32
CA LYS D 149 -27.15 43.34 50.64
C LYS D 149 -27.83 44.57 51.21
N GLN D 150 -27.22 45.16 52.24
CA GLN D 150 -27.79 46.37 52.83
C GLN D 150 -27.82 47.50 51.82
N MET D 151 -26.67 47.80 51.22
CA MET D 151 -26.57 48.99 50.38
C MET D 151 -27.47 48.91 49.15
N GLU D 152 -27.77 47.70 48.68
CA GLU D 152 -28.75 47.58 47.61
C GLU D 152 -30.13 47.98 48.11
N ALA D 153 -30.44 47.70 49.37
CA ALA D 153 -31.74 48.05 49.94
C ALA D 153 -31.82 49.51 50.34
N GLY D 154 -30.76 50.27 50.10
CA GLY D 154 -30.75 51.68 50.41
C GLY D 154 -30.50 52.01 51.87
N ALA D 155 -30.38 51.00 52.73
CA ALA D 155 -30.14 51.28 54.14
C ALA D 155 -28.82 52.02 54.33
N LEU D 156 -27.75 51.41 53.90
CA LEU D 156 -26.41 51.93 54.11
C LEU D 156 -25.96 52.48 52.77
N VAL D 157 -25.95 53.80 52.62
CA VAL D 157 -25.71 54.40 51.33
C VAL D 157 -24.29 54.94 51.35
N GLU D 158 -23.83 55.51 50.24
CA GLU D 158 -22.41 55.80 50.06
C GLU D 158 -22.23 57.26 49.70
N ILE D 159 -21.34 57.97 50.40
CA ILE D 159 -21.19 59.41 50.23
C ILE D 159 -19.72 59.80 50.17
N ALA D 160 -19.52 61.07 49.84
CA ALA D 160 -18.25 61.75 49.93
C ALA D 160 -18.54 63.21 50.23
N GLU D 161 -17.75 63.82 51.11
CA GLU D 161 -17.95 65.25 51.32
C GLU D 161 -16.63 65.92 51.55
N GLY D 162 -16.66 67.23 51.66
CA GLY D 162 -15.46 68.02 51.75
C GLY D 162 -15.07 68.25 53.19
N MET D 163 -14.26 69.27 53.40
CA MET D 163 -13.85 69.64 54.74
C MET D 163 -14.51 70.97 55.04
N ALA D 164 -14.86 71.20 56.29
CA ALA D 164 -15.43 72.50 56.63
C ALA D 164 -14.33 73.54 56.60
N THR D 165 -14.61 74.71 56.02
CA THR D 165 -13.53 75.70 55.90
C THR D 165 -13.08 76.24 57.25
N SER D 166 -13.78 75.94 58.34
CA SER D 166 -13.25 76.30 59.65
C SER D 166 -12.07 75.41 60.01
N ILE D 167 -12.24 74.11 59.82
CA ILE D 167 -11.19 73.17 60.12
C ILE D 167 -10.06 73.23 59.11
N ALA D 168 -10.37 73.47 57.84
CA ALA D 168 -9.32 73.47 56.83
C ALA D 168 -8.44 74.69 56.95
N GLU D 169 -9.03 75.83 57.29
CA GLU D 169 -8.28 77.06 57.43
C GLU D 169 -7.10 76.87 58.35
N LEU D 170 -7.37 76.41 59.57
CA LEU D 170 -6.31 76.09 60.50
C LEU D 170 -6.16 74.58 60.49
N GLN D 171 -5.12 74.11 59.80
CA GLN D 171 -4.94 72.68 59.64
C GLN D 171 -3.46 72.44 59.85
N GLU D 172 -3.14 71.60 60.83
CA GLU D 172 -1.76 71.41 61.27
C GLU D 172 -1.20 72.73 61.80
N GLY D 173 -1.70 73.09 62.97
CA GLY D 173 -1.04 74.10 63.78
C GLY D 173 -1.06 75.52 63.29
N PHE D 174 -2.24 76.07 63.02
CA PHE D 174 -2.38 77.50 62.86
C PHE D 174 -3.27 78.02 63.97
N ASN D 175 -3.08 79.29 64.33
CA ASN D 175 -3.93 79.94 65.32
C ASN D 175 -3.89 79.19 66.65
N GLY D 176 -2.80 78.49 66.90
CA GLY D 176 -2.64 77.75 68.13
C GLY D 176 -3.12 76.33 68.10
N SER D 177 -3.97 75.95 67.16
CA SER D 177 -4.53 74.61 67.13
C SER D 177 -3.44 73.57 66.92
N THR D 178 -3.74 72.32 67.25
CA THR D 178 -2.72 71.28 67.12
C THR D 178 -3.39 69.92 66.95
N ASP D 179 -2.56 68.90 66.73
CA ASP D 179 -2.92 67.49 66.60
C ASP D 179 -3.68 67.16 65.33
N ASN D 180 -3.87 68.11 64.41
CA ASN D 180 -4.72 67.95 63.24
C ASN D 180 -3.87 67.97 61.96
N PRO D 181 -3.26 66.85 61.59
CA PRO D 181 -2.38 66.87 60.42
C PRO D 181 -3.17 66.96 59.13
N TRP D 182 -2.47 67.34 58.05
CA TRP D 182 -2.99 67.16 56.71
C TRP D 182 -2.73 65.74 56.24
N ASN D 183 -3.56 65.27 55.31
CA ASN D 183 -3.31 63.99 54.69
C ASN D 183 -2.29 64.10 53.57
N GLU D 184 -1.54 63.03 53.35
CA GLU D 184 -0.45 63.06 52.41
C GLU D 184 -0.53 61.85 51.49
N MET D 185 0.25 61.91 50.40
CA MET D 185 0.30 60.82 49.44
C MET D 185 1.75 60.60 49.01
N GLY D 186 2.21 59.35 49.03
CA GLY D 186 3.55 59.00 48.59
C GLY D 186 3.55 58.21 47.29
N PHE D 187 4.73 57.67 46.97
CA PHE D 187 4.83 56.72 45.88
C PHE D 187 5.88 55.68 46.21
N ARG D 188 5.56 54.40 45.96
CA ARG D 188 6.38 53.33 46.51
C ARG D 188 7.57 52.87 45.66
N ILE D 189 7.41 52.67 44.35
CA ILE D 189 8.51 52.23 43.48
C ILE D 189 9.10 50.87 43.88
N ASP D 190 8.42 49.77 43.55
CA ASP D 190 8.91 48.43 43.79
C ASP D 190 9.31 47.76 42.48
N LYS D 191 10.24 46.81 42.55
CA LYS D 191 10.83 46.21 41.37
C LYS D 191 10.49 44.73 41.26
N GLN D 192 10.46 44.24 40.03
CA GLN D 192 10.35 42.82 39.75
C GLN D 192 11.58 42.36 39.01
N VAL D 193 11.81 41.05 39.04
CA VAL D 193 13.04 40.45 38.56
C VAL D 193 12.72 39.11 37.93
N ILE D 194 13.32 38.80 36.78
CA ILE D 194 13.14 37.50 36.14
C ILE D 194 14.50 36.84 35.97
N GLU D 195 14.46 35.54 35.69
CA GLU D 195 15.64 34.73 35.43
C GLU D 195 15.46 34.05 34.09
N ALA D 196 16.56 33.62 33.49
CA ALA D 196 16.52 33.01 32.17
C ALA D 196 16.70 31.52 32.31
N LYS D 197 15.65 30.76 32.00
CA LYS D 197 15.69 29.31 32.10
C LYS D 197 16.11 28.69 30.78
N SER D 198 16.80 27.57 30.87
CA SER D 198 17.41 26.95 29.71
C SER D 198 16.49 25.88 29.14
N ARG D 199 16.96 25.19 28.10
CA ARG D 199 16.19 24.21 27.35
C ARG D 199 17.11 23.65 26.27
N GLN D 200 16.83 22.43 25.79
CA GLN D 200 17.84 21.71 25.02
C GLN D 200 17.36 20.32 24.62
N LEU D 201 17.98 19.77 23.57
CA LEU D 201 17.75 18.39 23.13
C LEU D 201 19.04 17.79 22.58
N LYS D 202 18.93 16.55 22.10
CA LYS D 202 20.03 15.69 21.70
C LYS D 202 19.57 14.93 20.45
N ALA D 203 20.51 14.30 19.74
CA ALA D 203 20.05 13.37 18.71
C ALA D 203 20.78 12.04 18.68
N ALA D 204 22.06 12.08 18.33
CA ALA D 204 22.94 10.90 18.29
C ALA D 204 22.47 9.86 17.26
N TYR D 205 22.60 10.24 15.99
CA TYR D 205 22.35 9.26 14.94
C TYR D 205 23.54 8.34 14.81
N SER D 206 23.59 7.53 13.76
CA SER D 206 24.62 6.51 13.65
C SER D 206 25.37 6.61 12.34
N ILE D 207 26.63 6.17 12.35
CA ILE D 207 27.47 6.30 11.16
C ILE D 207 27.20 5.16 10.19
N GLU D 208 26.72 4.03 10.69
CA GLU D 208 26.37 2.92 9.81
C GLU D 208 25.06 3.20 9.11
N LEU D 209 24.23 4.06 9.69
CA LEU D 209 22.96 4.42 9.06
C LEU D 209 23.18 5.39 7.90
N THR D 210 23.87 6.50 8.14
CA THR D 210 23.95 7.54 7.12
C THR D 210 24.57 7.00 5.83
N GLN D 211 25.45 6.01 5.93
CA GLN D 211 26.01 5.41 4.72
C GLN D 211 24.91 4.80 3.88
N ASP D 212 24.12 3.90 4.45
CA ASP D 212 23.19 3.13 3.63
C ASP D 212 21.93 3.92 3.35
N LEU D 213 21.46 4.70 4.31
CA LEU D 213 20.29 5.55 4.08
C LEU D 213 20.55 6.56 2.97
N ARG D 214 21.77 7.07 2.88
CA ARG D 214 22.10 7.91 1.74
C ARG D 214 22.15 7.09 0.46
N ALA D 215 22.59 5.83 0.57
CA ALA D 215 22.62 4.97 -0.60
C ALA D 215 21.20 4.65 -1.07
N VAL D 216 20.36 4.15 -0.18
CA VAL D 216 19.05 3.69 -0.61
C VAL D 216 18.08 4.86 -0.80
N HIS D 217 17.89 5.71 0.21
CA HIS D 217 16.88 6.77 0.14
C HIS D 217 17.42 8.13 -0.29
N GLY D 218 18.73 8.33 -0.30
CA GLY D 218 19.27 9.63 -0.63
C GLY D 218 19.10 10.71 0.42
N MET D 219 18.38 10.45 1.50
CA MET D 219 18.22 11.46 2.53
C MET D 219 19.51 11.66 3.30
N ASP D 220 19.58 12.79 4.01
CA ASP D 220 20.83 13.14 4.67
C ASP D 220 21.03 12.34 5.95
N ALA D 221 19.96 12.12 6.71
CA ALA D 221 19.97 11.45 8.01
C ALA D 221 20.63 12.29 9.08
N ASP D 222 21.20 13.43 8.71
CA ASP D 222 21.59 14.46 9.67
C ASP D 222 20.58 15.58 9.70
N ALA D 223 20.46 16.32 8.60
CA ALA D 223 19.47 17.38 8.52
C ALA D 223 18.06 16.89 8.74
N GLU D 224 17.83 15.57 8.76
CA GLU D 224 16.57 15.06 9.23
C GLU D 224 16.47 15.13 10.75
N LEU D 225 17.57 14.87 11.45
CA LEU D 225 17.53 15.05 12.91
C LEU D 225 17.64 16.51 13.30
N SER D 226 18.65 17.22 12.78
CA SER D 226 18.76 18.64 13.10
C SER D 226 17.52 19.42 12.68
N GLY D 227 16.75 18.89 11.74
CA GLY D 227 15.53 19.51 11.34
C GLY D 227 14.43 19.28 12.36
N ILE D 228 14.37 18.08 12.94
CA ILE D 228 13.29 17.81 13.89
C ILE D 228 13.66 18.13 15.32
N LEU D 229 14.92 18.37 15.63
CA LEU D 229 15.21 18.93 16.94
C LEU D 229 15.00 20.43 16.96
N ALA D 230 15.59 21.14 16.00
CA ALA D 230 15.43 22.58 15.93
C ALA D 230 13.99 22.99 15.71
N THR D 231 13.19 22.12 15.10
CA THR D 231 11.77 22.37 14.99
C THR D 231 11.05 22.02 16.27
N GLU D 232 11.50 20.98 16.97
CA GLU D 232 10.81 20.58 18.19
C GLU D 232 11.05 21.57 19.32
N ILE D 233 12.22 22.19 19.40
CA ILE D 233 12.40 23.18 20.46
C ILE D 233 11.50 24.38 20.21
N MET D 234 11.25 24.71 18.95
CA MET D 234 10.39 25.84 18.67
C MET D 234 8.93 25.49 18.92
N LEU D 235 8.48 24.33 18.48
CA LEU D 235 7.11 23.95 18.72
C LEU D 235 6.82 23.79 20.20
N GLU D 236 7.84 23.56 21.02
CA GLU D 236 7.63 23.53 22.46
C GLU D 236 7.63 24.93 23.05
N ILE D 237 8.61 25.76 22.71
CA ILE D 237 8.63 27.13 23.24
C ILE D 237 7.42 27.90 22.77
N ASN D 238 6.80 27.48 21.68
CA ASN D 238 5.53 28.09 21.30
C ASN D 238 4.36 27.50 22.07
N ARG D 239 4.34 26.20 22.29
CA ARG D 239 3.30 25.63 23.12
C ARG D 239 3.50 25.96 24.59
N GLU D 240 4.67 26.45 24.96
CA GLU D 240 4.83 26.92 26.33
C GLU D 240 4.09 28.23 26.56
N VAL D 241 4.38 29.25 25.77
CA VAL D 241 3.80 30.54 26.06
C VAL D 241 2.33 30.60 25.70
N VAL D 242 1.79 29.56 25.06
CA VAL D 242 0.34 29.41 25.06
C VAL D 242 -0.11 28.75 26.35
N ASP D 243 0.64 27.77 26.86
CA ASP D 243 0.26 27.13 28.10
C ASP D 243 0.28 28.07 29.27
N TRP D 244 1.18 29.04 29.30
CA TRP D 244 1.16 29.96 30.42
C TRP D 244 0.02 30.95 30.31
N ILE D 245 -0.42 31.26 29.09
CA ILE D 245 -1.62 32.06 28.95
C ILE D 245 -2.82 31.31 29.50
N ASN D 246 -2.97 30.04 29.13
CA ASN D 246 -4.10 29.27 29.64
C ASN D 246 -3.92 28.95 31.12
N TYR D 247 -2.69 28.68 31.53
CA TYR D 247 -2.40 28.46 32.94
C TYR D 247 -2.70 29.70 33.76
N SER D 248 -2.18 30.84 33.34
CA SER D 248 -2.20 32.04 34.15
C SER D 248 -3.50 32.81 34.04
N ALA D 249 -4.46 32.34 33.25
CA ALA D 249 -5.70 33.08 33.07
C ALA D 249 -6.67 32.81 34.21
N GLN D 250 -7.35 33.86 34.64
CA GLN D 250 -8.40 33.72 35.63
C GLN D 250 -9.52 32.86 35.05
N VAL D 251 -10.31 32.26 35.93
CA VAL D 251 -11.50 31.58 35.43
C VAL D 251 -12.47 32.63 34.95
N GLY D 252 -12.87 32.52 33.71
CA GLY D 252 -13.84 33.45 33.19
C GLY D 252 -15.24 33.01 33.54
N LYS D 253 -16.21 33.86 33.19
CA LYS D 253 -17.58 33.64 33.57
C LYS D 253 -17.66 33.31 35.05
N SER D 254 -16.95 34.11 35.84
CA SER D 254 -16.92 33.97 37.28
C SER D 254 -16.68 35.35 37.86
N GLY D 255 -17.00 35.50 39.13
CA GLY D 255 -16.92 36.82 39.72
C GLY D 255 -17.96 37.75 39.14
N MET D 256 -17.52 38.88 38.58
CA MET D 256 -18.48 39.87 38.14
C MET D 256 -19.25 39.45 36.90
N THR D 257 -18.72 38.53 36.10
CA THR D 257 -19.35 38.20 34.83
C THR D 257 -20.33 37.04 34.90
N LEU D 258 -20.59 36.49 36.08
CA LEU D 258 -21.57 35.40 36.19
C LEU D 258 -22.94 35.83 35.70
N THR D 259 -23.67 34.84 35.20
CA THR D 259 -25.12 34.93 35.10
C THR D 259 -25.68 34.10 36.24
N PRO D 260 -26.26 34.70 37.28
CA PRO D 260 -26.35 34.05 38.59
C PRO D 260 -26.82 32.61 38.62
N GLY D 261 -27.50 32.14 37.58
CA GLY D 261 -27.84 30.74 37.51
C GLY D 261 -26.85 29.88 36.73
N SER D 262 -25.62 30.36 36.55
CA SER D 262 -24.66 29.66 35.72
C SER D 262 -23.81 28.69 36.52
N LYS D 263 -22.89 28.02 35.82
CA LYS D 263 -22.00 27.04 36.42
C LYS D 263 -20.64 27.63 36.78
N ALA D 264 -20.44 28.92 36.60
CA ALA D 264 -19.22 29.59 37.06
C ALA D 264 -17.97 29.01 36.42
N GLY D 265 -17.71 29.35 35.17
CA GLY D 265 -16.52 28.90 34.48
C GLY D 265 -16.75 27.99 33.31
N VAL D 266 -17.98 27.57 33.03
CA VAL D 266 -18.30 26.93 31.77
C VAL D 266 -19.49 27.62 31.13
N PHE D 267 -19.38 27.88 29.85
CA PHE D 267 -20.49 28.36 29.04
C PHE D 267 -20.92 27.19 28.19
N ASP D 268 -22.07 26.60 28.49
CA ASP D 268 -22.55 25.45 27.76
C ASP D 268 -23.89 25.77 27.13
N PHE D 269 -24.01 25.47 25.83
CA PHE D 269 -25.16 25.93 25.09
C PHE D 269 -26.45 25.25 25.49
N GLN D 270 -26.39 24.25 26.36
CA GLN D 270 -27.59 23.52 26.72
C GLN D 270 -28.27 24.07 27.97
N ASP D 271 -27.64 24.98 28.69
CA ASP D 271 -28.26 25.58 29.87
C ASP D 271 -28.99 26.84 29.45
N PRO D 272 -30.30 26.92 29.64
CA PRO D 272 -31.05 28.05 29.08
C PRO D 272 -30.65 29.38 29.65
N ILE D 273 -29.99 29.40 30.80
CA ILE D 273 -29.60 30.64 31.44
C ILE D 273 -28.33 31.20 30.83
N ASP D 274 -27.42 30.33 30.38
CA ASP D 274 -26.19 30.80 29.74
C ASP D 274 -26.46 31.38 28.37
N ILE D 275 -27.36 30.78 27.60
CA ILE D 275 -27.65 31.25 26.27
C ILE D 275 -28.85 32.20 26.29
N ARG D 276 -29.31 32.55 27.49
CA ARG D 276 -30.37 33.53 27.68
C ARG D 276 -31.71 33.06 27.16
N GLY D 277 -31.98 31.76 27.24
CA GLY D 277 -33.22 31.25 26.71
C GLY D 277 -33.24 31.08 25.21
N ALA D 278 -32.11 31.26 24.55
CA ALA D 278 -32.06 31.22 23.11
C ALA D 278 -32.37 29.82 22.60
N ARG D 279 -32.74 29.77 21.33
CA ARG D 279 -33.29 28.56 20.73
C ARG D 279 -32.83 28.49 19.28
N TRP D 280 -32.70 27.27 18.81
CA TRP D 280 -31.91 26.90 17.64
C TRP D 280 -30.55 27.54 17.69
N ALA D 281 -30.03 28.04 16.58
CA ALA D 281 -28.63 28.37 16.50
C ALA D 281 -28.39 29.87 16.51
N GLY D 282 -28.84 30.58 15.48
CA GLY D 282 -28.60 32.00 15.38
C GLY D 282 -28.98 32.73 16.65
N GLU D 283 -29.93 32.17 17.41
CA GLU D 283 -30.16 32.69 18.75
C GLU D 283 -29.09 32.21 19.73
N SER D 284 -28.71 30.94 19.66
CA SER D 284 -27.85 30.37 20.69
C SER D 284 -26.41 30.81 20.55
N PHE D 285 -25.85 30.68 19.36
CA PHE D 285 -24.46 31.08 19.15
C PHE D 285 -24.26 32.54 19.46
N LYS D 286 -25.16 33.41 18.98
CA LYS D 286 -25.06 34.81 19.31
C LYS D 286 -25.06 35.05 20.82
N ALA D 287 -25.54 34.10 21.60
CA ALA D 287 -25.43 34.25 23.05
C ALA D 287 -24.09 33.83 23.58
N LEU D 288 -23.21 33.30 22.73
CA LEU D 288 -21.81 33.24 23.08
C LEU D 288 -21.15 34.59 22.85
N LEU D 289 -21.46 35.22 21.71
CA LEU D 289 -20.84 36.49 21.38
C LEU D 289 -21.17 37.57 22.39
N PHE D 290 -22.19 37.36 23.21
CA PHE D 290 -22.39 38.22 24.36
C PHE D 290 -21.50 37.83 25.51
N GLN D 291 -21.18 36.55 25.67
CA GLN D 291 -20.27 36.15 26.74
C GLN D 291 -18.88 36.66 26.45
N ILE D 292 -18.38 36.42 25.24
CA ILE D 292 -17.01 36.79 24.91
C ILE D 292 -16.82 38.29 24.92
N ASP D 293 -17.89 39.07 24.80
CA ASP D 293 -17.79 40.49 25.12
C ASP D 293 -17.64 40.68 26.61
N LYS D 294 -18.53 40.05 27.39
CA LYS D 294 -18.69 40.40 28.78
C LYS D 294 -17.39 40.28 29.54
N GLU D 295 -16.51 39.37 29.12
CA GLU D 295 -15.20 39.25 29.73
C GLU D 295 -14.20 40.21 29.12
N ALA D 296 -14.21 40.35 27.80
CA ALA D 296 -13.32 41.33 27.18
C ALA D 296 -13.52 42.71 27.79
N VAL D 297 -14.74 43.01 28.23
CA VAL D 297 -14.98 44.23 28.98
C VAL D 297 -14.41 44.14 30.37
N GLU D 298 -14.51 42.97 31.00
CA GLU D 298 -14.11 42.87 32.40
C GLU D 298 -12.61 42.93 32.57
N ILE D 299 -11.85 42.52 31.55
CA ILE D 299 -10.39 42.70 31.59
C ILE D 299 -10.05 44.17 31.69
N ALA D 300 -10.82 45.02 31.03
CA ALA D 300 -10.54 46.44 31.06
C ALA D 300 -10.69 47.01 32.45
N ARG D 301 -11.44 46.35 33.31
CA ARG D 301 -11.57 46.78 34.70
C ARG D 301 -10.32 46.40 35.47
N GLN D 302 -9.89 45.16 35.37
CA GLN D 302 -8.78 44.68 36.18
C GLN D 302 -7.45 45.23 35.69
N THR D 303 -7.17 45.08 34.40
CA THR D 303 -5.89 45.54 33.88
C THR D 303 -5.77 47.04 33.96
N GLY D 304 -6.88 47.76 33.87
CA GLY D 304 -6.80 49.20 33.78
C GLY D 304 -6.06 49.68 32.56
N ARG D 305 -5.86 48.81 31.57
CA ARG D 305 -5.22 49.17 30.32
C ARG D 305 -6.23 49.24 29.17
N GLY D 306 -6.87 48.13 28.84
CA GLY D 306 -7.81 48.21 27.73
C GLY D 306 -8.70 46.99 27.67
N GLU D 307 -9.72 47.10 26.85
CA GLU D 307 -10.69 46.04 26.65
C GLU D 307 -9.98 44.82 26.06
N GLY D 308 -10.59 43.65 26.24
CA GLY D 308 -9.97 42.44 25.75
C GLY D 308 -9.70 42.45 24.27
N ASN D 309 -8.44 42.32 23.90
CA ASN D 309 -8.05 42.53 22.51
C ASN D 309 -8.01 41.27 21.66
N PHE D 310 -8.01 40.09 22.26
CA PHE D 310 -7.88 38.89 21.44
C PHE D 310 -8.40 37.71 22.25
N ILE D 311 -8.72 36.64 21.55
CA ILE D 311 -9.04 35.39 22.22
C ILE D 311 -8.18 34.31 21.60
N ILE D 312 -7.94 33.25 22.33
CA ILE D 312 -7.47 32.03 21.72
C ILE D 312 -8.50 30.97 22.07
N ALA D 313 -8.61 29.95 21.25
CA ALA D 313 -9.79 29.11 21.38
C ALA D 313 -9.66 27.91 20.47
N SER D 314 -10.47 26.90 20.77
CA SER D 314 -10.39 25.62 20.10
C SER D 314 -10.93 25.70 18.70
N ARG D 315 -10.62 24.68 17.89
CA ARG D 315 -11.30 24.53 16.62
C ARG D 315 -12.81 24.53 16.78
N ASN D 316 -13.30 24.05 17.93
CA ASN D 316 -14.74 23.85 18.09
C ASN D 316 -15.48 25.18 18.10
N VAL D 317 -15.11 26.09 19.01
CA VAL D 317 -15.85 27.34 19.07
C VAL D 317 -15.56 28.20 17.86
N VAL D 318 -14.45 28.00 17.18
CA VAL D 318 -14.20 28.78 15.97
C VAL D 318 -15.15 28.40 14.85
N ASN D 319 -15.90 27.30 14.99
CA ASN D 319 -17.10 27.18 14.18
C ASN D 319 -18.25 28.01 14.75
N VAL D 320 -18.46 27.92 16.06
CA VAL D 320 -19.48 28.72 16.70
C VAL D 320 -19.28 30.20 16.43
N LEU D 321 -18.04 30.64 16.29
CA LEU D 321 -17.82 32.03 15.93
C LEU D 321 -18.00 32.26 14.44
N ALA D 322 -17.49 31.36 13.61
CA ALA D 322 -17.45 31.61 12.18
C ALA D 322 -18.80 31.43 11.51
N SER D 323 -19.71 30.69 12.13
CA SER D 323 -20.97 30.33 11.50
C SER D 323 -22.10 31.30 11.82
N VAL D 324 -21.81 32.42 12.48
CA VAL D 324 -22.85 33.32 12.95
C VAL D 324 -22.54 34.75 12.53
N ASP D 325 -23.58 35.52 12.29
CA ASP D 325 -23.37 36.92 11.98
C ASP D 325 -22.97 37.63 13.26
N THR D 326 -21.76 38.17 13.29
CA THR D 326 -21.20 38.69 14.52
C THR D 326 -21.58 40.14 14.75
N GLY D 327 -22.16 40.81 13.77
CA GLY D 327 -22.69 42.14 13.97
C GLY D 327 -23.99 42.07 14.72
N ILE D 328 -24.77 43.14 14.62
CA ILE D 328 -26.07 43.18 15.26
C ILE D 328 -27.05 42.91 14.13
N SER D 329 -27.46 41.64 13.97
CA SER D 329 -28.54 41.32 13.05
C SER D 329 -29.27 40.07 13.49
N TYR D 330 -30.57 40.16 13.75
CA TYR D 330 -31.50 39.04 13.85
C TYR D 330 -30.86 37.77 14.40
N ALA D 331 -31.12 36.63 13.78
CA ALA D 331 -30.52 35.38 14.17
C ALA D 331 -30.04 34.68 12.93
N ALA D 332 -28.76 34.35 12.85
CA ALA D 332 -28.24 33.87 11.58
C ALA D 332 -27.29 32.70 11.79
N GLN D 333 -27.34 31.75 10.87
CA GLN D 333 -26.41 30.63 10.85
C GLN D 333 -26.04 30.37 9.40
N GLY D 334 -25.16 29.39 9.19
CA GLY D 334 -24.77 29.00 7.85
C GLY D 334 -23.49 28.19 7.92
N LEU D 335 -22.82 28.11 6.79
CA LEU D 335 -21.52 27.47 6.74
C LEU D 335 -20.46 28.40 7.33
N ALA D 336 -19.47 27.79 7.97
CA ALA D 336 -18.35 28.56 8.50
C ALA D 336 -17.72 29.36 7.37
N THR D 337 -17.55 30.66 7.58
CA THR D 337 -17.06 31.48 6.48
C THR D 337 -15.90 32.37 6.86
N GLY D 338 -16.16 33.40 7.67
CA GLY D 338 -15.20 34.48 7.85
C GLY D 338 -13.89 34.08 8.47
N PHE D 339 -13.78 32.86 9.01
CA PHE D 339 -12.62 32.47 9.79
C PHE D 339 -11.91 31.28 9.15
N SER D 340 -10.66 31.08 9.58
CA SER D 340 -9.94 29.86 9.23
C SER D 340 -10.21 28.87 10.34
N THR D 341 -11.06 27.90 10.06
CA THR D 341 -11.39 26.91 11.08
C THR D 341 -10.34 25.83 11.15
N ASP D 342 -9.77 25.45 10.01
CA ASP D 342 -8.76 24.41 9.95
C ASP D 342 -7.41 24.94 10.38
N THR D 343 -6.59 24.07 10.95
CA THR D 343 -5.22 24.42 11.18
C THR D 343 -4.37 23.54 10.27
N THR D 344 -4.02 24.10 9.13
CA THR D 344 -2.85 23.71 8.36
C THR D 344 -2.26 25.03 7.87
N LYS D 345 -3.06 25.74 7.09
CA LYS D 345 -2.71 27.05 6.57
C LYS D 345 -2.12 27.91 7.67
N SER D 346 -2.90 28.27 8.68
CA SER D 346 -2.35 29.02 9.79
C SER D 346 -3.24 28.88 11.01
N VAL D 347 -2.66 29.17 12.17
CA VAL D 347 -3.42 29.12 13.42
C VAL D 347 -4.28 30.37 13.57
N PHE D 348 -3.71 31.54 13.32
CA PHE D 348 -4.49 32.76 13.42
C PHE D 348 -5.74 32.68 12.57
N ALA D 349 -6.90 32.85 13.20
CA ALA D 349 -8.17 32.69 12.51
C ALA D 349 -8.96 33.99 12.60
N GLY D 350 -9.03 34.71 11.50
CA GLY D 350 -9.93 35.84 11.40
C GLY D 350 -9.76 36.89 12.48
N VAL D 351 -10.75 37.78 12.51
CA VAL D 351 -10.98 38.69 13.63
C VAL D 351 -12.49 38.81 13.81
N LEU D 352 -12.94 38.92 15.05
CA LEU D 352 -14.35 39.19 15.32
C LEU D 352 -14.61 40.69 15.28
N GLY D 353 -15.51 41.11 14.41
CA GLY D 353 -15.97 42.50 14.43
C GLY D 353 -14.84 43.50 14.42
N GLY D 354 -13.72 43.16 13.80
CA GLY D 354 -12.59 44.07 13.78
C GLY D 354 -12.08 44.45 15.15
N LYS D 355 -12.25 43.58 16.14
CA LYS D 355 -11.75 43.85 17.48
C LYS D 355 -10.89 42.70 18.00
N TYR D 356 -11.51 41.54 18.19
CA TYR D 356 -10.83 40.40 18.79
C TYR D 356 -10.01 39.66 17.74
N ARG D 357 -8.73 39.46 17.97
CA ARG D 357 -7.97 38.53 17.16
C ARG D 357 -8.21 37.13 17.70
N VAL D 358 -8.79 36.26 16.89
CA VAL D 358 -9.17 34.94 17.37
C VAL D 358 -8.10 33.98 16.91
N TYR D 359 -7.24 33.57 17.83
CA TYR D 359 -6.24 32.56 17.54
C TYR D 359 -6.81 31.21 17.87
N ILE D 360 -6.48 30.23 17.05
CA ILE D 360 -6.85 28.86 17.38
C ILE D 360 -5.86 28.34 18.40
N ASP D 361 -6.29 27.39 19.21
CA ASP D 361 -5.39 26.53 19.94
C ASP D 361 -5.63 25.15 19.35
N GLN D 362 -4.71 24.70 18.52
CA GLN D 362 -5.00 23.52 17.72
C GLN D 362 -4.96 22.25 18.54
N TYR D 363 -4.38 22.28 19.72
CA TYR D 363 -4.38 21.15 20.65
C TYR D 363 -5.21 21.62 21.85
N ALA D 364 -6.43 21.13 21.96
CA ALA D 364 -7.35 21.64 22.95
C ALA D 364 -7.89 20.46 23.74
N LYS D 365 -7.52 20.37 25.00
CA LYS D 365 -7.78 19.13 25.71
C LYS D 365 -9.25 19.01 26.09
N GLN D 366 -9.94 20.14 26.29
CA GLN D 366 -11.39 20.06 26.32
C GLN D 366 -11.99 20.97 25.28
N ASP D 367 -12.07 22.25 25.62
CA ASP D 367 -12.57 23.30 24.76
C ASP D 367 -12.54 24.57 25.60
N TYR D 368 -12.48 25.72 24.93
CA TYR D 368 -12.47 26.98 25.66
C TYR D 368 -12.26 28.18 24.75
N PHE D 369 -12.32 29.38 25.30
CA PHE D 369 -11.79 30.56 24.65
C PHE D 369 -11.21 31.45 25.72
N THR D 370 -9.99 31.93 25.51
CA THR D 370 -9.29 32.73 26.51
C THR D 370 -9.19 34.16 26.01
N VAL D 371 -9.98 35.06 26.58
CA VAL D 371 -10.02 36.43 26.09
C VAL D 371 -8.89 37.19 26.75
N GLY D 372 -7.98 37.73 25.94
CA GLY D 372 -6.75 38.29 26.44
C GLY D 372 -6.70 39.80 26.38
N TYR D 373 -5.49 40.32 26.56
CA TYR D 373 -5.16 41.69 26.19
C TYR D 373 -3.72 41.73 25.73
N LYS D 374 -3.46 42.43 24.63
CA LYS D 374 -2.10 42.76 24.25
C LYS D 374 -2.07 44.22 23.81
N GLY D 375 -1.35 45.04 24.56
CA GLY D 375 -1.31 46.45 24.29
C GLY D 375 -0.53 46.74 23.03
N PRO D 376 -0.38 48.04 22.73
CA PRO D 376 0.53 48.40 21.64
C PRO D 376 1.98 48.09 21.95
N ASN D 377 2.42 48.38 23.17
CA ASN D 377 3.80 48.14 23.54
C ASN D 377 4.04 46.66 23.81
N GLU D 378 5.30 46.25 23.69
CA GLU D 378 5.69 44.96 24.21
C GLU D 378 5.82 44.96 25.72
N MET D 379 5.80 46.13 26.34
CA MET D 379 5.82 46.21 27.79
C MET D 379 4.49 45.85 28.39
N ASP D 380 3.40 46.17 27.70
CA ASP D 380 2.06 45.94 28.22
C ASP D 380 1.58 44.66 27.58
N ALA D 381 1.66 43.56 28.33
CA ALA D 381 1.41 42.24 27.78
C ALA D 381 0.56 41.40 28.70
N GLY D 382 1.11 41.11 29.87
CA GLY D 382 0.56 40.15 30.79
C GLY D 382 1.36 38.89 30.89
N ILE D 383 2.20 38.61 29.91
CA ILE D 383 3.27 37.63 30.05
C ILE D 383 4.35 37.99 29.06
N TYR D 384 5.61 37.74 29.42
CA TYR D 384 6.74 38.14 28.59
C TYR D 384 7.50 36.89 28.18
N TYR D 385 7.65 36.67 26.89
CA TYR D 385 8.56 35.66 26.40
C TYR D 385 9.82 36.36 25.95
N ALA D 386 10.88 36.22 26.74
CA ALA D 386 12.10 36.96 26.49
C ALA D 386 13.18 36.00 26.03
N PRO D 387 13.54 35.97 24.76
CA PRO D 387 14.60 35.06 24.31
C PRO D 387 15.96 35.57 24.72
N TYR D 388 16.83 34.64 25.10
CA TYR D 388 18.16 35.02 25.57
C TYR D 388 19.24 34.55 24.61
N VAL D 389 19.36 33.24 24.39
CA VAL D 389 20.14 32.69 23.28
C VAL D 389 19.19 31.84 22.45
N ALA D 390 19.63 31.49 21.25
CA ALA D 390 18.75 30.77 20.33
C ALA D 390 19.49 29.60 19.71
N LEU D 391 19.02 28.39 20.03
CA LEU D 391 19.32 27.16 19.28
C LEU D 391 20.78 27.08 18.87
N THR D 392 21.67 27.30 19.81
CA THR D 392 23.07 27.14 19.48
C THR D 392 23.33 25.68 19.19
N PRO D 393 23.63 25.28 17.96
CA PRO D 393 23.82 23.86 17.66
C PRO D 393 25.14 23.38 18.21
N LEU D 394 25.14 22.17 18.74
CA LEU D 394 26.33 21.57 19.29
C LEU D 394 26.56 20.22 18.63
N ARG D 395 27.83 19.85 18.48
CA ARG D 395 28.17 18.59 17.85
C ARG D 395 29.22 17.88 18.70
N GLY D 396 29.42 16.61 18.40
CA GLY D 396 30.45 15.84 19.08
C GLY D 396 30.41 14.41 18.61
N SER D 397 31.42 13.65 19.01
CA SER D 397 31.48 12.22 18.72
C SER D 397 32.03 11.51 19.93
N ASP D 398 31.33 10.52 20.42
CA ASP D 398 31.81 9.81 21.59
C ASP D 398 32.94 8.88 21.15
N PRO D 399 34.19 9.10 21.58
CA PRO D 399 35.30 8.33 21.03
C PRO D 399 35.27 6.87 21.38
N LYS D 400 34.45 6.45 22.34
CA LYS D 400 34.29 5.02 22.56
C LYS D 400 33.75 4.35 21.31
N ASN D 401 32.58 4.80 20.84
CA ASN D 401 31.92 4.26 19.66
C ASN D 401 32.09 5.10 18.41
N PHE D 402 32.69 6.28 18.47
CA PHE D 402 32.97 7.15 17.33
C PHE D 402 31.74 7.69 16.62
N GLN D 403 30.58 7.32 17.01
CA GLN D 403 29.46 7.72 16.16
C GLN D 403 28.87 9.05 16.62
N PRO D 404 28.51 9.91 15.68
CA PRO D 404 28.29 11.31 16.02
C PRO D 404 27.03 11.51 16.83
N VAL D 405 27.13 12.35 17.86
CA VAL D 405 26.00 12.85 18.61
C VAL D 405 25.91 14.34 18.34
N MET D 406 24.72 14.88 18.45
CA MET D 406 24.50 16.29 18.21
C MET D 406 23.43 16.77 19.15
N GLY D 407 23.41 18.07 19.40
CA GLY D 407 22.45 18.59 20.34
C GLY D 407 22.37 20.10 20.27
N PHE D 408 21.24 20.63 20.72
CA PHE D 408 20.98 22.06 20.69
C PHE D 408 20.77 22.56 22.11
N LYS D 409 20.94 23.85 22.32
CA LYS D 409 20.63 24.47 23.61
C LYS D 409 20.04 25.85 23.40
N THR D 410 19.03 26.19 24.19
CA THR D 410 18.46 27.53 24.17
C THR D 410 18.23 27.98 25.60
N ARG D 411 18.09 29.30 25.77
CA ARG D 411 17.81 29.88 27.06
C ARG D 411 16.83 31.02 26.84
N TYR D 412 15.72 31.00 27.55
CA TYR D 412 14.73 32.04 27.28
C TYR D 412 14.23 32.69 28.56
N GLY D 413 13.44 31.99 29.34
CA GLY D 413 12.90 32.59 30.54
C GLY D 413 11.65 33.37 30.22
N ILE D 414 10.70 33.39 31.14
CA ILE D 414 9.40 34.01 30.93
C ILE D 414 9.25 35.04 32.04
N GLY D 415 8.29 35.93 31.88
CA GLY D 415 8.04 36.91 32.92
C GLY D 415 6.58 37.25 32.99
N ILE D 416 6.18 37.70 34.16
CA ILE D 416 4.81 38.11 34.42
C ILE D 416 4.81 39.63 34.38
N ASN D 417 3.75 40.19 33.88
CA ASN D 417 3.65 41.63 33.88
C ASN D 417 3.57 42.09 35.34
N PRO D 418 4.44 42.98 35.80
CA PRO D 418 4.15 43.64 37.05
C PRO D 418 2.78 44.28 36.90
N PHE D 419 1.96 44.19 37.93
CA PHE D 419 0.56 44.61 37.94
C PHE D 419 -0.32 43.52 37.37
N ALA D 420 0.22 42.37 36.97
CA ALA D 420 -0.61 41.30 36.44
C ALA D 420 -1.75 40.97 37.38
N GLU D 421 -1.44 40.64 38.62
CA GLU D 421 -2.48 40.28 39.57
C GLU D 421 -3.51 41.40 39.71
N SER D 422 -3.04 42.59 40.05
CA SER D 422 -3.87 43.80 40.07
C SER D 422 -5.07 43.67 40.98
N ALA D 423 -5.02 42.76 41.93
CA ALA D 423 -5.86 42.83 43.10
C ALA D 423 -5.10 43.41 44.27
N ALA D 424 -3.82 43.72 44.08
CA ALA D 424 -2.89 43.94 45.16
C ALA D 424 -2.67 45.42 45.38
N GLN D 425 -2.94 45.88 46.60
CA GLN D 425 -2.68 47.27 46.96
C GLN D 425 -1.23 47.64 46.74
N ALA D 426 -0.32 46.94 47.41
CA ALA D 426 1.09 47.15 47.24
C ALA D 426 1.77 45.80 47.37
N PRO D 427 2.80 45.53 46.59
CA PRO D 427 3.37 44.18 46.56
C PRO D 427 4.19 43.93 47.80
N ALA D 428 4.36 42.65 48.11
CA ALA D 428 5.20 42.25 49.22
C ALA D 428 6.67 42.23 48.79
N SER D 429 7.54 42.62 49.71
CA SER D 429 8.99 42.40 49.64
C SER D 429 9.74 43.36 48.72
N ARG D 430 9.02 44.10 47.89
CA ARG D 430 9.59 45.12 47.01
C ARG D 430 10.39 44.55 45.85
N ILE D 431 10.89 43.33 46.01
CA ILE D 431 11.70 42.67 45.01
C ILE D 431 11.07 41.31 44.82
N GLN D 432 10.44 41.10 43.68
CA GLN D 432 9.55 39.96 43.57
C GLN D 432 9.77 39.30 42.23
N SER D 433 10.08 38.01 42.27
CA SER D 433 10.41 37.30 41.04
C SER D 433 9.26 37.42 40.05
N GLY D 434 9.59 37.83 38.84
CA GLY D 434 8.66 37.86 37.74
C GLY D 434 8.53 36.53 37.04
N MET D 435 9.29 35.54 37.45
CA MET D 435 9.08 34.20 36.96
C MET D 435 7.69 33.72 37.38
N PRO D 436 6.91 33.13 36.48
CA PRO D 436 5.60 32.60 36.89
C PRO D 436 5.75 31.45 37.86
N SER D 437 4.74 31.26 38.68
CA SER D 437 4.78 30.30 39.78
C SER D 437 3.36 29.86 40.08
N ILE D 438 3.17 29.19 41.21
CA ILE D 438 1.81 28.94 41.66
C ILE D 438 1.22 30.19 42.31
N LEU D 439 1.99 30.86 43.16
CA LEU D 439 1.41 31.92 43.98
C LEU D 439 0.95 33.09 43.13
N ASN D 440 1.87 33.69 42.39
CA ASN D 440 1.56 34.91 41.67
C ASN D 440 0.88 34.64 40.33
N SER D 441 1.30 33.62 39.61
CA SER D 441 0.89 33.48 38.22
C SER D 441 -0.24 32.51 37.95
N LEU D 442 -0.76 31.79 38.94
CA LEU D 442 -1.76 30.76 38.65
C LEU D 442 -3.14 31.37 38.76
N GLY D 443 -3.84 31.47 37.63
CA GLY D 443 -5.22 31.90 37.65
C GLY D 443 -5.44 33.29 38.20
N LYS D 444 -4.36 34.00 38.51
CA LYS D 444 -4.47 35.35 39.01
C LYS D 444 -4.19 36.44 37.99
N ASN D 445 -3.79 36.13 36.78
CA ASN D 445 -3.33 37.17 35.87
C ASN D 445 -4.53 37.89 35.30
N ALA D 446 -4.56 39.21 35.43
CA ALA D 446 -5.76 39.96 35.04
C ALA D 446 -5.93 39.99 33.53
N TYR D 447 -4.85 39.84 32.78
CA TYR D 447 -4.94 40.08 31.35
C TYR D 447 -5.70 38.99 30.61
N PHE D 448 -5.83 37.81 31.19
CA PHE D 448 -6.29 36.64 30.46
C PHE D 448 -7.44 36.01 31.23
N ARG D 449 -8.54 35.72 30.54
CA ARG D 449 -9.70 35.08 31.17
C ARG D 449 -10.13 33.86 30.37
N ARG D 450 -10.00 32.69 30.96
CA ARG D 450 -10.27 31.42 30.30
C ARG D 450 -11.68 30.95 30.62
N VAL D 451 -12.38 30.45 29.61
CA VAL D 451 -13.76 30.01 29.76
C VAL D 451 -13.95 28.72 29.00
N TYR D 452 -14.31 27.65 29.69
CA TYR D 452 -14.56 26.39 29.00
C TYR D 452 -15.94 26.42 28.38
N VAL D 453 -16.02 26.08 27.13
CA VAL D 453 -17.29 25.95 26.43
C VAL D 453 -17.67 24.47 26.42
N LYS D 454 -18.96 24.18 26.52
CA LYS D 454 -19.45 22.82 26.43
C LYS D 454 -20.59 22.76 25.45
N GLY D 455 -20.98 21.54 25.09
CA GLY D 455 -22.16 21.38 24.27
C GLY D 455 -22.00 21.87 22.86
N ILE D 456 -20.83 21.69 22.27
CA ILE D 456 -20.68 21.92 20.85
C ILE D 456 -20.55 20.57 20.16
N ALA E 1 -70.81 -3.79 -49.37
CA ALA E 1 -70.48 -3.06 -48.17
C ALA E 1 -69.09 -3.44 -47.71
N GLU E 2 -68.08 -3.00 -48.44
CA GLU E 2 -66.72 -3.41 -48.09
C GLU E 2 -66.29 -2.74 -46.81
N ILE E 3 -65.98 -3.55 -45.81
CA ILE E 3 -65.76 -3.06 -44.46
C ILE E 3 -64.26 -3.05 -44.24
N GLY E 4 -63.75 -1.91 -43.75
CA GLY E 4 -62.31 -1.81 -43.55
C GLY E 4 -61.83 -2.64 -42.39
N GLY E 5 -62.60 -2.69 -41.32
CA GLY E 5 -62.26 -3.53 -40.19
C GLY E 5 -61.08 -3.00 -39.43
N ASP E 6 -60.76 -3.64 -38.31
CA ASP E 6 -59.67 -3.23 -37.44
C ASP E 6 -58.83 -4.44 -37.08
N HIS E 7 -57.68 -4.16 -36.49
CA HIS E 7 -56.98 -5.18 -35.74
C HIS E 7 -57.79 -5.53 -34.52
N GLY E 8 -57.53 -6.69 -33.94
CA GLY E 8 -58.32 -7.06 -32.80
C GLY E 8 -57.98 -6.25 -31.57
N TYR E 9 -57.04 -5.31 -31.73
CA TYR E 9 -56.36 -4.58 -30.69
C TYR E 9 -55.42 -5.46 -29.90
N ASN E 10 -55.36 -6.74 -30.20
CA ASN E 10 -54.34 -7.61 -29.65
C ASN E 10 -52.98 -7.14 -30.12
N ALA E 11 -51.95 -7.45 -29.34
CA ALA E 11 -50.62 -7.00 -29.70
C ALA E 11 -50.00 -7.86 -30.79
N THR E 12 -50.41 -9.12 -30.91
CA THR E 12 -49.94 -9.95 -32.00
C THR E 12 -50.67 -9.65 -33.30
N ASN E 13 -51.99 -9.56 -33.24
CA ASN E 13 -52.78 -9.23 -34.42
C ASN E 13 -52.22 -8.03 -35.13
N ILE E 14 -51.77 -7.03 -34.40
CA ILE E 14 -51.30 -5.82 -35.04
C ILE E 14 -49.97 -6.06 -35.72
N ALA E 15 -48.98 -6.56 -34.98
CA ALA E 15 -47.64 -6.71 -35.54
C ALA E 15 -47.66 -7.59 -36.77
N ALA E 16 -48.61 -8.52 -36.86
CA ALA E 16 -48.78 -9.29 -38.08
C ALA E 16 -49.58 -8.51 -39.12
N GLY E 17 -50.40 -7.57 -38.70
CA GLY E 17 -51.26 -6.89 -39.63
C GLY E 17 -52.58 -7.57 -39.89
N GLN E 18 -52.85 -8.70 -39.24
CA GLN E 18 -54.14 -9.36 -39.35
C GLN E 18 -55.25 -8.35 -39.13
N THR E 19 -56.30 -8.43 -39.92
CA THR E 19 -57.37 -7.46 -39.80
C THR E 19 -58.72 -8.11 -40.09
N SER E 20 -59.71 -7.75 -39.27
CA SER E 20 -61.02 -8.38 -39.39
C SER E 20 -61.69 -8.08 -40.72
N GLY E 21 -61.46 -6.91 -41.27
CA GLY E 21 -62.18 -6.48 -42.46
C GLY E 21 -61.63 -7.10 -43.72
N ALA E 22 -61.90 -6.42 -44.84
CA ALA E 22 -61.31 -6.82 -46.11
C ALA E 22 -59.79 -6.82 -46.02
N VAL E 23 -59.20 -5.65 -45.85
CA VAL E 23 -57.78 -5.44 -46.10
C VAL E 23 -56.94 -5.92 -44.92
N THR E 24 -55.74 -6.45 -45.21
CA THR E 24 -54.75 -6.79 -44.21
C THR E 24 -53.58 -5.84 -44.32
N GLN E 25 -53.40 -4.98 -43.32
CA GLN E 25 -52.34 -4.00 -43.40
C GLN E 25 -50.97 -4.68 -43.36
N ILE E 26 -49.98 -3.99 -43.92
CA ILE E 26 -48.62 -4.49 -44.05
C ILE E 26 -48.07 -4.83 -42.68
N GLY E 27 -47.88 -3.79 -41.87
CA GLY E 27 -47.25 -3.93 -40.58
C GLY E 27 -47.34 -2.61 -39.85
N PRO E 28 -46.96 -2.61 -38.62
CA PRO E 28 -47.20 -1.44 -37.76
C PRO E 28 -46.15 -0.33 -37.84
N ALA E 29 -45.81 0.08 -39.05
CA ALA E 29 -44.91 1.23 -39.27
C ALA E 29 -43.65 1.06 -38.42
N VAL E 30 -43.07 2.17 -37.96
CA VAL E 30 -42.18 2.24 -36.80
C VAL E 30 -42.29 3.65 -36.24
N MET E 31 -42.31 3.78 -34.93
CA MET E 31 -42.18 5.09 -34.32
C MET E 31 -40.78 5.36 -33.80
N GLY E 32 -39.84 4.44 -33.97
CA GLY E 32 -38.49 4.63 -33.52
C GLY E 32 -38.14 3.75 -32.33
N MET E 33 -36.85 3.67 -32.06
CA MET E 33 -36.31 2.76 -31.05
C MET E 33 -35.92 3.51 -29.79
N VAL E 34 -36.18 2.89 -28.64
CA VAL E 34 -35.87 3.47 -27.35
C VAL E 34 -34.80 2.62 -26.70
N ARG E 35 -33.61 3.19 -26.53
CA ARG E 35 -32.56 2.54 -25.77
C ARG E 35 -32.65 3.03 -24.34
N ARG E 36 -31.82 2.45 -23.47
CA ARG E 36 -31.75 2.85 -22.08
C ARG E 36 -30.46 3.64 -21.88
N ALA E 37 -30.57 4.87 -21.39
CA ALA E 37 -29.40 5.73 -21.34
C ALA E 37 -28.38 5.21 -20.34
N ILE E 38 -27.12 5.55 -20.57
CA ILE E 38 -26.02 5.06 -19.74
C ILE E 38 -25.87 5.97 -18.53
N PRO E 39 -25.82 5.43 -17.31
CA PRO E 39 -25.72 6.27 -16.12
C PRO E 39 -24.41 7.01 -16.06
N ASN E 40 -24.38 8.05 -15.22
CA ASN E 40 -23.24 8.95 -15.13
C ASN E 40 -22.21 8.46 -14.13
N LEU E 41 -20.95 8.67 -14.47
CA LEU E 41 -19.85 8.43 -13.55
C LEU E 41 -19.65 9.61 -12.61
N ILE E 42 -19.07 9.33 -11.44
CA ILE E 42 -18.72 10.35 -10.47
C ILE E 42 -17.34 10.95 -10.76
N ALA E 43 -16.67 10.42 -11.77
CA ALA E 43 -15.25 10.63 -12.10
C ALA E 43 -14.33 10.41 -10.92
N PHE E 44 -13.11 10.93 -11.01
CA PHE E 44 -12.08 10.60 -10.03
C PHE E 44 -11.57 11.74 -9.17
N ASP E 45 -12.13 12.94 -9.27
CA ASP E 45 -11.56 14.04 -8.52
C ASP E 45 -11.56 13.80 -7.01
N ILE E 46 -12.28 12.80 -6.51
CA ILE E 46 -12.36 12.53 -5.08
C ILE E 46 -11.34 11.51 -4.59
N CYS E 47 -10.49 11.00 -5.46
CA CYS E 47 -9.45 10.07 -5.05
C CYS E 47 -8.22 10.37 -5.88
N GLY E 48 -7.08 9.80 -5.49
CA GLY E 48 -5.91 9.92 -6.30
C GLY E 48 -6.07 9.16 -7.59
N VAL E 49 -5.03 9.18 -8.41
CA VAL E 49 -4.98 8.26 -9.54
C VAL E 49 -3.63 7.54 -9.53
N GLN E 50 -2.55 8.24 -9.85
CA GLN E 50 -1.27 7.56 -9.89
C GLN E 50 -1.27 6.33 -10.77
N PRO E 51 -1.28 6.47 -12.10
CA PRO E 51 -1.13 5.28 -12.95
C PRO E 51 0.07 4.47 -12.51
N MET E 52 -0.07 3.16 -12.57
CA MET E 52 0.90 2.25 -12.00
C MET E 52 1.52 1.46 -13.14
N ASN E 53 2.80 1.73 -13.41
CA ASN E 53 3.44 1.19 -14.59
C ASN E 53 3.75 -0.30 -14.43
N SER E 54 4.33 -0.67 -13.32
CA SER E 54 4.60 -2.05 -13.00
C SER E 54 3.75 -2.47 -11.82
N PRO E 55 3.37 -3.73 -11.72
CA PRO E 55 2.46 -4.12 -10.63
C PRO E 55 3.09 -3.77 -9.29
N THR E 56 2.24 -3.67 -8.29
CA THR E 56 2.68 -3.59 -6.90
C THR E 56 3.53 -2.34 -6.66
N GLY E 57 2.86 -1.21 -6.61
CA GLY E 57 3.50 -0.01 -6.10
C GLY E 57 3.89 -0.17 -4.64
N GLN E 58 4.67 0.80 -4.15
CA GLN E 58 4.93 0.89 -2.73
C GLN E 58 5.17 2.34 -2.37
N VAL E 59 4.87 2.70 -1.13
CA VAL E 59 4.93 4.07 -0.65
C VAL E 59 5.47 4.05 0.76
N PHE E 60 6.46 4.87 1.06
CA PHE E 60 7.04 4.84 2.38
C PHE E 60 6.29 5.82 3.28
N ALA E 61 6.60 5.83 4.56
CA ALA E 61 6.08 6.87 5.44
C ALA E 61 7.12 7.18 6.49
N LEU E 62 7.47 8.45 6.67
CA LEU E 62 8.47 8.81 7.65
C LEU E 62 7.77 9.37 8.87
N ARG E 63 7.72 8.58 9.94
CA ARG E 63 7.20 9.05 11.21
C ARG E 63 8.36 9.66 11.97
N ALA E 64 8.17 10.86 12.50
CA ALA E 64 9.18 11.44 13.36
C ALA E 64 8.83 11.01 14.78
N VAL E 65 9.65 10.15 15.35
CA VAL E 65 9.35 9.50 16.62
C VAL E 65 10.40 9.91 17.63
N TYR E 66 9.98 10.27 18.82
CA TYR E 66 10.95 10.73 19.79
C TYR E 66 10.96 9.85 21.03
N GLY E 67 11.99 10.06 21.83
CA GLY E 67 12.24 9.24 22.99
C GLY E 67 13.39 8.28 22.88
N LYS E 68 14.28 8.44 21.90
CA LYS E 68 15.52 7.70 21.72
C LYS E 68 15.28 6.36 21.01
N ASP E 69 14.03 5.91 20.88
CA ASP E 69 13.69 4.63 20.25
C ASP E 69 12.77 4.89 19.08
N PRO E 70 13.31 5.08 17.89
CA PRO E 70 12.44 5.31 16.73
C PRO E 70 11.36 4.26 16.56
N VAL E 71 11.70 2.98 16.74
CA VAL E 71 10.74 1.90 16.71
C VAL E 71 10.70 1.26 18.08
N ALA E 72 9.58 1.44 18.77
CA ALA E 72 9.42 0.89 20.12
C ALA E 72 7.93 0.79 20.40
N ALA E 73 7.60 0.04 21.44
CA ALA E 73 6.22 -0.01 21.87
C ALA E 73 5.79 1.37 22.35
N GLY E 74 4.72 1.88 21.77
CA GLY E 74 4.14 3.13 22.20
C GLY E 74 5.13 4.26 22.32
N ALA E 75 5.87 4.54 21.27
CA ALA E 75 6.82 5.65 21.23
C ALA E 75 6.15 6.82 20.53
N LYS E 76 5.99 7.92 21.24
CA LYS E 76 5.18 9.03 20.75
C LYS E 76 5.72 9.54 19.42
N GLU E 77 4.81 9.90 18.52
CA GLU E 77 5.21 10.51 17.27
C GLU E 77 5.43 12.01 17.48
N ALA E 78 6.41 12.56 16.78
CA ALA E 78 6.85 13.92 17.09
C ALA E 78 5.84 14.95 16.63
N PHE E 79 5.72 15.12 15.32
CA PHE E 79 4.85 16.15 14.77
C PHE E 79 3.62 15.39 14.33
N HIS E 80 2.58 15.43 15.15
CA HIS E 80 1.41 14.62 14.90
C HIS E 80 0.22 15.56 14.85
N PRO E 81 -0.51 15.67 13.75
CA PRO E 81 -1.60 16.65 13.69
C PRO E 81 -2.59 16.50 14.82
N MET E 82 -2.98 15.27 15.14
CA MET E 82 -3.79 14.98 16.32
C MET E 82 -3.13 15.50 17.59
N TYR E 83 -2.08 14.83 18.02
CA TYR E 83 -1.54 14.95 19.37
C TYR E 83 -0.50 16.06 19.43
N GLY E 84 -0.54 16.84 20.50
CA GLY E 84 0.33 17.98 20.64
C GLY E 84 1.74 17.60 21.03
N PRO E 85 2.66 18.55 20.96
CA PRO E 85 4.01 18.31 21.45
C PRO E 85 3.99 18.28 22.95
N ASP E 86 4.70 17.33 23.54
CA ASP E 86 4.71 17.30 24.99
C ASP E 86 5.39 18.55 25.49
N ALA E 87 4.64 19.31 26.29
CA ALA E 87 4.95 20.72 26.50
C ALA E 87 6.37 20.90 27.00
N MET E 88 6.73 20.22 28.07
CA MET E 88 8.10 20.19 28.57
C MET E 88 8.69 18.82 28.27
N PHE E 89 9.60 18.78 27.31
CA PHE E 89 10.33 17.58 26.96
C PHE E 89 11.80 17.97 26.88
N SER E 90 12.10 18.91 25.99
CA SER E 90 13.32 19.68 26.12
C SER E 90 13.48 20.25 27.51
N GLY E 91 12.40 20.73 28.11
CA GLY E 91 12.47 21.52 29.31
C GLY E 91 12.57 20.64 30.53
N GLN E 92 11.94 21.07 31.62
CA GLN E 92 12.05 20.37 32.89
C GLN E 92 11.92 18.87 32.73
N GLY E 93 11.12 18.43 31.77
CA GLY E 93 10.92 17.02 31.54
C GLY E 93 12.20 16.23 31.39
N ALA E 94 13.25 16.85 30.87
CA ALA E 94 14.52 16.13 30.72
C ALA E 94 15.31 16.13 32.02
N ALA E 95 15.17 17.16 32.85
CA ALA E 95 15.91 17.21 34.10
C ALA E 95 15.40 16.17 35.08
N LYS E 96 14.10 16.14 35.32
CA LYS E 96 13.46 15.17 36.19
C LYS E 96 12.40 14.40 35.41
N LYS E 97 12.02 13.24 35.93
CA LYS E 97 10.98 12.41 35.33
C LYS E 97 9.66 12.67 36.05
N PHE E 98 8.66 13.05 35.29
CA PHE E 98 7.46 13.35 36.05
C PHE E 98 6.60 12.11 36.19
N PRO E 99 6.00 11.91 37.37
CA PRO E 99 5.23 10.68 37.59
C PRO E 99 3.99 10.66 36.73
N ALA E 100 3.78 9.54 36.04
CA ALA E 100 2.57 9.38 35.26
C ALA E 100 1.35 9.47 36.15
N LEU E 101 0.27 9.97 35.59
CA LEU E 101 -0.96 10.20 36.34
C LEU E 101 -1.89 9.03 36.09
N ALA E 102 -2.27 8.34 37.15
CA ALA E 102 -3.04 7.11 37.04
C ALA E 102 -4.10 7.08 38.13
N ALA E 103 -4.99 6.11 38.01
CA ALA E 103 -6.07 5.95 38.99
C ALA E 103 -5.52 5.86 40.39
N SER E 104 -6.07 6.69 41.28
CA SER E 104 -5.57 6.85 42.65
C SER E 104 -4.10 7.21 42.69
N THR E 105 -3.77 8.29 42.00
CA THR E 105 -2.56 9.04 42.29
C THR E 105 -2.99 10.27 43.06
N GLN E 106 -2.71 10.30 44.36
CA GLN E 106 -3.08 11.44 45.17
C GLN E 106 -2.16 12.60 44.83
N THR E 107 -2.75 13.72 44.42
CA THR E 107 -1.99 14.79 43.81
C THR E 107 -1.51 15.73 44.89
N THR E 108 -0.21 15.75 45.16
CA THR E 108 0.32 16.71 46.11
C THR E 108 0.39 18.08 45.44
N VAL E 109 0.24 19.12 46.25
CA VAL E 109 0.03 20.46 45.71
C VAL E 109 1.31 20.93 45.04
N GLY E 110 1.22 21.27 43.75
CA GLY E 110 2.32 21.79 43.00
C GLY E 110 3.08 20.79 42.16
N ASP E 111 2.93 19.49 42.43
CA ASP E 111 3.74 18.48 41.78
C ASP E 111 3.20 18.17 40.40
N ILE E 112 4.06 18.31 39.38
CA ILE E 112 3.66 18.15 38.00
C ILE E 112 3.46 16.67 37.69
N TYR E 113 2.41 16.36 36.94
CA TYR E 113 2.09 15.01 36.51
C TYR E 113 2.00 14.97 34.99
N THR E 114 2.60 13.96 34.38
CA THR E 114 2.36 13.77 32.96
C THR E 114 0.99 13.16 32.76
N HIS E 115 0.46 13.33 31.56
CA HIS E 115 -0.60 12.46 31.13
C HIS E 115 -0.64 12.47 29.62
N PHE E 116 -1.27 11.45 29.06
CA PHE E 116 -1.35 11.28 27.63
C PHE E 116 -2.81 11.05 27.28
N PHE E 117 -3.42 12.00 26.59
CA PHE E 117 -4.81 11.85 26.20
C PHE E 117 -4.90 11.06 24.90
N GLN E 118 -5.81 10.08 24.88
CA GLN E 118 -5.99 9.27 23.68
C GLN E 118 -6.38 10.12 22.49
N GLU E 119 -6.82 11.34 22.75
CA GLU E 119 -7.24 12.27 21.71
C GLU E 119 -6.59 13.62 22.02
N THR E 120 -5.87 14.15 21.04
CA THR E 120 -5.28 15.47 21.15
C THR E 120 -4.33 15.62 22.33
N GLY E 121 -3.18 14.96 22.28
CA GLY E 121 -2.03 15.47 22.99
C GLY E 121 -1.57 14.69 24.19
N THR E 122 -0.39 15.10 24.64
CA THR E 122 0.24 14.64 25.88
C THR E 122 0.54 15.87 26.73
N VAL E 123 0.05 15.88 27.95
CA VAL E 123 0.12 17.05 28.80
C VAL E 123 1.05 16.78 29.96
N TYR E 124 1.63 17.84 30.49
CA TYR E 124 2.27 17.80 31.80
C TYR E 124 1.43 18.67 32.71
N LEU E 125 0.66 18.04 33.57
CA LEU E 125 -0.33 18.73 34.38
C LEU E 125 0.28 19.11 35.71
N GLN E 126 0.01 20.33 36.14
CA GLN E 126 0.39 20.78 37.47
C GLN E 126 -0.80 20.72 38.38
N ALA E 127 -0.61 20.19 39.59
CA ALA E 127 -1.71 20.02 40.52
C ALA E 127 -1.82 21.26 41.38
N SER E 128 -2.88 22.03 41.21
CA SER E 128 -3.06 23.22 42.02
C SER E 128 -3.66 22.93 43.39
N VAL E 129 -4.36 21.81 43.55
CA VAL E 129 -4.95 21.47 44.84
C VAL E 129 -4.98 19.95 44.97
N GLN E 130 -4.83 19.47 46.20
CA GLN E 130 -4.70 18.05 46.44
C GLN E 130 -6.02 17.35 46.17
N VAL E 131 -6.00 16.36 45.29
CA VAL E 131 -7.21 15.72 44.79
C VAL E 131 -6.89 14.29 44.40
N THR E 132 -7.91 13.43 44.43
CA THR E 132 -7.76 12.02 44.12
C THR E 132 -8.33 11.76 42.72
N ILE E 133 -7.67 10.88 41.98
CA ILE E 133 -7.98 10.65 40.58
C ILE E 133 -9.04 9.57 40.46
N ASP E 134 -9.64 9.19 41.60
CA ASP E 134 -10.85 8.39 41.57
C ASP E 134 -10.64 7.01 40.94
N ALA E 135 -10.02 6.09 41.70
CA ALA E 135 -9.68 4.77 41.17
C ALA E 135 -10.84 4.05 40.52
N GLY E 136 -12.07 4.49 40.76
CA GLY E 136 -13.20 3.95 40.03
C GLY E 136 -13.01 4.01 38.53
N ALA E 137 -12.16 4.92 38.06
CA ALA E 137 -11.86 5.04 36.65
C ALA E 137 -10.51 4.38 36.38
N THR E 138 -10.54 3.23 35.73
CA THR E 138 -9.35 2.46 35.41
C THR E 138 -9.06 2.46 33.92
N ASP E 139 -10.00 1.98 33.11
CA ASP E 139 -9.84 1.98 31.66
C ASP E 139 -9.40 3.35 31.19
N ALA E 140 -8.43 3.37 30.26
CA ALA E 140 -7.81 4.62 29.83
C ALA E 140 -8.84 5.62 29.35
N ALA E 141 -9.83 5.16 28.58
CA ALA E 141 -10.87 6.07 28.11
C ALA E 141 -11.77 6.54 29.24
N LYS E 142 -11.86 5.79 30.34
CA LYS E 142 -12.55 6.26 31.53
C LYS E 142 -11.68 7.16 32.37
N LEU E 143 -10.36 7.08 32.23
CA LEU E 143 -9.47 7.96 32.96
C LEU E 143 -9.40 9.34 32.33
N ASP E 144 -9.21 9.40 31.01
CA ASP E 144 -9.08 10.68 30.34
C ASP E 144 -10.27 11.58 30.66
N ALA E 145 -11.47 11.03 30.68
CA ALA E 145 -12.63 11.80 31.06
C ALA E 145 -12.68 12.06 32.56
N GLU E 146 -11.87 11.38 33.35
CA GLU E 146 -11.77 11.71 34.78
C GLU E 146 -10.86 12.89 35.01
N ILE E 147 -9.79 13.01 34.22
CA ILE E 147 -8.86 14.12 34.37
C ILE E 147 -9.48 15.40 33.82
N LYS E 148 -10.14 15.31 32.66
CA LYS E 148 -10.84 16.47 32.15
C LYS E 148 -11.92 16.95 33.09
N LYS E 149 -12.34 16.11 34.03
CA LYS E 149 -13.19 16.59 35.11
C LYS E 149 -12.38 17.44 36.08
N GLN E 150 -11.25 16.93 36.53
CA GLN E 150 -10.37 17.71 37.39
C GLN E 150 -9.88 18.95 36.64
N MET E 151 -9.24 18.74 35.49
CA MET E 151 -8.56 19.82 34.81
C MET E 151 -9.51 20.95 34.44
N GLU E 152 -10.78 20.64 34.20
CA GLU E 152 -11.76 21.69 33.97
C GLU E 152 -12.10 22.43 35.24
N ALA E 153 -12.03 21.75 36.38
CA ALA E 153 -12.36 22.40 37.64
C ALA E 153 -11.22 23.26 38.16
N GLY E 154 -10.12 23.35 37.43
CA GLY E 154 -8.98 24.13 37.85
C GLY E 154 -8.13 23.45 38.89
N ALA E 155 -8.52 22.27 39.35
CA ALA E 155 -7.70 21.55 40.32
C ALA E 155 -6.35 21.21 39.73
N LEU E 156 -6.34 20.52 38.60
CA LEU E 156 -5.14 20.03 37.97
C LEU E 156 -4.96 20.81 36.69
N VAL E 157 -3.99 21.72 36.68
CA VAL E 157 -3.84 22.66 35.57
C VAL E 157 -2.78 22.10 34.63
N GLU E 158 -2.42 22.83 33.58
CA GLU E 158 -1.59 22.31 32.51
C GLU E 158 -0.50 23.32 32.21
N ILE E 159 0.78 22.92 32.26
CA ILE E 159 1.90 23.85 32.16
C ILE E 159 2.96 23.34 31.19
N ALA E 160 3.88 24.25 30.87
CA ALA E 160 5.16 23.94 30.23
C ALA E 160 6.20 24.88 30.82
N GLU E 161 7.33 24.36 31.28
CA GLU E 161 8.33 25.24 31.84
C GLU E 161 9.70 24.91 31.27
N GLY E 162 10.71 25.58 31.78
CA GLY E 162 12.05 25.49 31.24
C GLY E 162 12.89 24.46 31.94
N MET E 163 14.17 24.76 32.06
CA MET E 163 15.10 23.96 32.82
C MET E 163 16.06 24.92 33.50
N ALA E 164 16.24 24.79 34.80
CA ALA E 164 17.05 25.75 35.53
C ALA E 164 18.47 25.76 34.99
N THR E 165 19.04 26.96 34.78
CA THR E 165 20.38 27.00 34.23
C THR E 165 21.42 26.37 35.14
N SER E 166 21.05 25.98 36.36
CA SER E 166 21.97 25.16 37.15
C SER E 166 21.89 23.70 36.73
N ILE E 167 20.71 23.23 36.36
CA ILE E 167 20.59 21.84 35.92
C ILE E 167 21.00 21.71 34.47
N ALA E 168 20.63 22.66 33.63
CA ALA E 168 20.90 22.50 32.21
C ALA E 168 22.36 22.65 31.91
N GLU E 169 23.04 23.51 32.65
CA GLU E 169 24.46 23.71 32.46
C GLU E 169 25.21 22.40 32.56
N LEU E 170 25.12 21.74 33.70
CA LEU E 170 25.70 20.42 33.86
C LEU E 170 24.61 19.42 33.54
N GLN E 171 24.71 18.80 32.37
CA GLN E 171 23.64 17.91 31.95
C GLN E 171 24.29 16.72 31.29
N GLU E 172 23.95 15.52 31.76
CA GLU E 172 24.62 14.29 31.38
C GLU E 172 26.10 14.36 31.76
N GLY E 173 26.33 14.29 33.06
CA GLY E 173 27.65 14.05 33.57
C GLY E 173 28.67 15.14 33.34
N PHE E 174 28.37 16.36 33.75
CA PHE E 174 29.35 17.41 33.83
C PHE E 174 29.59 17.75 35.28
N ASN E 175 30.79 18.21 35.59
CA ASN E 175 31.10 18.70 36.95
C ASN E 175 30.85 17.64 38.00
N GLY E 176 31.04 16.37 37.66
CA GLY E 176 30.83 15.29 38.58
C GLY E 176 29.41 14.80 38.70
N SER E 177 28.42 15.57 38.26
CA SER E 177 27.04 15.14 38.36
C SER E 177 26.80 13.93 37.47
N THR E 178 25.71 13.21 37.71
CA THR E 178 25.47 12.00 36.93
C THR E 178 23.97 11.68 36.90
N ASP E 179 23.63 10.65 36.12
CA ASP E 179 22.31 10.07 35.99
C ASP E 179 21.29 10.93 35.25
N ASN E 180 21.69 12.08 34.73
CA ASN E 180 20.74 13.01 34.14
C ASN E 180 20.90 13.17 32.64
N PRO E 181 20.37 12.26 31.84
CA PRO E 181 20.58 12.33 30.39
C PRO E 181 19.77 13.43 29.73
N TRP E 182 20.20 13.79 28.52
CA TRP E 182 19.39 14.62 27.64
C TRP E 182 18.28 13.78 27.01
N ASN E 183 17.27 14.47 26.51
CA ASN E 183 16.22 13.83 25.73
C ASN E 183 16.53 13.92 24.24
N GLU E 184 16.14 12.88 23.51
CA GLU E 184 16.55 12.68 22.14
C GLU E 184 15.32 12.48 21.28
N MET E 185 15.50 12.58 19.96
CA MET E 185 14.43 12.33 19.01
C MET E 185 15.00 11.56 17.82
N GLY E 186 14.24 10.57 17.34
CA GLY E 186 14.58 9.86 16.13
C GLY E 186 13.63 10.16 14.99
N PHE E 187 13.78 9.37 13.92
CA PHE E 187 12.79 9.28 12.86
C PHE E 187 12.68 7.81 12.49
N ARG E 188 11.66 7.45 11.72
CA ARG E 188 11.29 6.04 11.64
C ARG E 188 11.31 5.45 10.24
N ILE E 189 10.52 5.95 9.29
CA ILE E 189 10.52 5.46 7.92
C ILE E 189 10.03 4.04 7.76
N ASP E 190 8.72 3.84 7.78
CA ASP E 190 8.09 2.56 7.49
C ASP E 190 7.33 2.62 6.18
N LYS E 191 7.15 1.46 5.55
CA LYS E 191 6.70 1.42 4.16
C LYS E 191 5.37 0.68 4.03
N GLN E 192 4.71 0.92 2.91
CA GLN E 192 3.50 0.21 2.51
C GLN E 192 3.67 -0.38 1.12
N VAL E 193 2.74 -1.28 0.77
CA VAL E 193 2.81 -2.02 -0.48
C VAL E 193 1.39 -2.26 -0.97
N ILE E 194 1.18 -2.19 -2.29
CA ILE E 194 -0.13 -2.46 -2.88
C ILE E 194 0.05 -3.46 -4.01
N GLU E 195 -1.08 -3.96 -4.52
CA GLU E 195 -1.11 -4.98 -5.56
C GLU E 195 -2.14 -4.58 -6.60
N ALA E 196 -1.97 -5.08 -7.82
CA ALA E 196 -2.93 -4.83 -8.88
C ALA E 196 -3.85 -6.02 -9.04
N LYS E 197 -5.15 -5.76 -9.11
CA LYS E 197 -6.16 -6.79 -9.30
C LYS E 197 -6.79 -6.63 -10.66
N SER E 198 -7.33 -7.71 -11.19
CA SER E 198 -7.80 -7.77 -12.56
C SER E 198 -9.32 -7.70 -12.61
N ARG E 199 -9.85 -7.80 -13.82
CA ARG E 199 -11.27 -7.63 -14.08
C ARG E 199 -11.53 -7.85 -15.57
N GLN E 200 -12.72 -8.29 -15.96
CA GLN E 200 -12.85 -8.82 -17.32
C GLN E 200 -14.27 -9.31 -17.59
N LEU E 201 -14.64 -9.33 -18.87
CA LEU E 201 -15.95 -9.84 -19.34
C LEU E 201 -15.82 -10.36 -20.76
N LYS E 202 -16.95 -10.80 -21.31
CA LYS E 202 -17.03 -11.64 -22.50
C LYS E 202 -18.23 -11.18 -23.31
N ALA E 203 -18.35 -11.65 -24.55
CA ALA E 203 -19.61 -11.43 -25.24
C ALA E 203 -20.16 -12.66 -25.94
N ALA E 204 -19.48 -13.11 -26.99
CA ALA E 204 -19.85 -14.28 -27.79
C ALA E 204 -21.21 -14.08 -28.46
N TYR E 205 -21.23 -13.16 -29.43
CA TYR E 205 -22.42 -12.89 -30.21
C TYR E 205 -22.42 -13.76 -31.44
N SER E 206 -23.58 -14.27 -31.82
CA SER E 206 -23.65 -15.21 -32.92
C SER E 206 -23.40 -14.54 -34.25
N ILE E 207 -23.06 -15.35 -35.25
CA ILE E 207 -22.80 -14.82 -36.59
C ILE E 207 -24.11 -14.62 -37.35
N GLU E 208 -25.15 -15.38 -37.01
CA GLU E 208 -26.44 -15.21 -37.69
C GLU E 208 -27.13 -13.96 -37.22
N LEU E 209 -26.69 -13.42 -36.08
CA LEU E 209 -27.34 -12.23 -35.55
C LEU E 209 -26.83 -10.97 -36.22
N THR E 210 -25.52 -10.86 -36.43
CA THR E 210 -25.01 -9.66 -37.10
C THR E 210 -25.60 -9.53 -38.48
N GLN E 211 -25.94 -10.64 -39.12
CA GLN E 211 -26.66 -10.58 -40.37
C GLN E 211 -28.12 -10.21 -40.12
N ASP E 212 -28.65 -10.56 -38.95
CA ASP E 212 -30.00 -10.16 -38.60
C ASP E 212 -30.11 -8.67 -38.35
N LEU E 213 -29.31 -8.14 -37.42
CA LEU E 213 -29.44 -6.74 -37.06
C LEU E 213 -29.03 -5.81 -38.20
N ARG E 214 -27.87 -6.06 -38.79
CA ARG E 214 -27.42 -5.22 -39.89
C ARG E 214 -28.48 -5.14 -40.98
N ALA E 215 -29.20 -6.23 -41.23
CA ALA E 215 -30.23 -6.21 -42.26
C ALA E 215 -31.45 -5.42 -41.84
N VAL E 216 -32.08 -5.80 -40.72
CA VAL E 216 -33.35 -5.17 -40.37
C VAL E 216 -33.15 -3.85 -39.64
N HIS E 217 -32.31 -3.82 -38.59
CA HIS E 217 -32.22 -2.62 -37.75
C HIS E 217 -31.09 -1.68 -38.12
N GLY E 218 -30.18 -2.06 -38.99
CA GLY E 218 -29.02 -1.22 -39.23
C GLY E 218 -28.03 -1.14 -38.08
N MET E 219 -28.24 -1.89 -37.01
CA MET E 219 -27.30 -1.91 -35.91
C MET E 219 -26.03 -2.66 -36.28
N ASP E 220 -24.98 -2.42 -35.50
CA ASP E 220 -23.71 -3.10 -35.72
C ASP E 220 -23.69 -4.49 -35.10
N ALA E 221 -24.41 -4.71 -34.00
CA ALA E 221 -24.51 -5.99 -33.33
C ALA E 221 -23.20 -6.44 -32.69
N ASP E 222 -22.12 -5.76 -33.04
CA ASP E 222 -20.81 -5.96 -32.44
C ASP E 222 -20.46 -4.79 -31.54
N ALA E 223 -20.39 -3.59 -32.11
CA ALA E 223 -20.24 -2.38 -31.31
C ALA E 223 -21.40 -2.16 -30.37
N GLU E 224 -22.48 -2.94 -30.47
CA GLU E 224 -23.47 -2.93 -29.41
C GLU E 224 -22.94 -3.60 -28.16
N LEU E 225 -22.36 -4.79 -28.31
CA LEU E 225 -21.79 -5.47 -27.14
C LEU E 225 -20.53 -4.78 -26.66
N SER E 226 -19.61 -4.47 -27.58
CA SER E 226 -18.42 -3.72 -27.19
C SER E 226 -18.78 -2.43 -26.46
N GLY E 227 -19.97 -1.91 -26.67
CA GLY E 227 -20.41 -0.72 -25.98
C GLY E 227 -20.88 -1.02 -24.58
N ILE E 228 -21.50 -2.18 -24.36
CA ILE E 228 -21.98 -2.52 -23.04
C ILE E 228 -21.01 -3.38 -22.24
N LEU E 229 -19.97 -3.91 -22.86
CA LEU E 229 -18.91 -4.48 -22.05
C LEU E 229 -17.92 -3.41 -21.61
N ALA E 230 -17.52 -2.53 -22.54
CA ALA E 230 -16.53 -1.53 -22.19
C ALA E 230 -17.08 -0.53 -21.20
N THR E 231 -18.37 -0.24 -21.27
CA THR E 231 -18.97 0.64 -20.29
C THR E 231 -19.15 -0.06 -18.96
N GLU E 232 -19.67 -1.28 -18.97
CA GLU E 232 -19.96 -1.97 -17.73
C GLU E 232 -18.71 -2.24 -16.92
N ILE E 233 -17.53 -2.27 -17.53
CA ILE E 233 -16.33 -2.35 -16.71
C ILE E 233 -15.96 -0.98 -16.17
N MET E 234 -16.30 0.10 -16.87
CA MET E 234 -16.00 1.41 -16.33
C MET E 234 -17.09 1.94 -15.42
N LEU E 235 -18.28 1.36 -15.44
CA LEU E 235 -19.27 1.70 -14.43
C LEU E 235 -19.02 0.97 -13.13
N GLU E 236 -18.56 -0.27 -13.20
CA GLU E 236 -18.25 -1.00 -11.99
C GLU E 236 -16.99 -0.45 -11.34
N ILE E 237 -15.90 -0.29 -12.10
CA ILE E 237 -14.67 0.25 -11.53
C ILE E 237 -14.91 1.58 -10.86
N ASN E 238 -15.81 2.39 -11.40
CA ASN E 238 -16.10 3.64 -10.73
C ASN E 238 -17.07 3.47 -9.58
N ARG E 239 -18.00 2.52 -9.66
CA ARG E 239 -18.80 2.23 -8.49
C ARG E 239 -17.98 1.58 -7.41
N GLU E 240 -16.84 0.99 -7.76
CA GLU E 240 -16.02 0.37 -6.74
C GLU E 240 -15.43 1.39 -5.78
N VAL E 241 -14.76 2.41 -6.31
CA VAL E 241 -14.06 3.33 -5.42
C VAL E 241 -15.04 4.09 -4.54
N VAL E 242 -16.18 4.52 -5.09
CA VAL E 242 -17.20 5.14 -4.27
C VAL E 242 -17.76 4.16 -3.26
N ASP E 243 -17.59 2.86 -3.51
CA ASP E 243 -17.88 1.87 -2.50
C ASP E 243 -16.68 1.53 -1.64
N TRP E 244 -15.48 2.00 -2.01
CA TRP E 244 -14.39 1.97 -1.04
C TRP E 244 -14.43 3.18 -0.12
N ILE E 245 -14.72 4.37 -0.66
CA ILE E 245 -14.82 5.55 0.18
C ILE E 245 -15.87 5.34 1.28
N ASN E 246 -17.08 4.96 0.89
CA ASN E 246 -18.12 4.71 1.89
C ASN E 246 -17.79 3.51 2.77
N TYR E 247 -16.90 2.64 2.31
CA TYR E 247 -16.39 1.53 3.12
C TYR E 247 -15.30 1.98 4.05
N SER E 248 -14.43 2.87 3.59
CA SER E 248 -13.24 3.24 4.31
C SER E 248 -13.41 4.49 5.16
N ALA E 249 -14.59 5.06 5.20
CA ALA E 249 -14.79 6.33 5.88
C ALA E 249 -15.00 6.11 7.36
N GLN E 250 -14.45 7.00 8.18
CA GLN E 250 -14.68 6.92 9.60
C GLN E 250 -16.14 7.17 9.90
N VAL E 251 -16.58 6.77 11.09
CA VAL E 251 -17.90 7.17 11.54
C VAL E 251 -17.86 8.66 11.82
N GLY E 252 -18.71 9.40 11.17
CA GLY E 252 -18.81 10.81 11.42
C GLY E 252 -19.72 11.09 12.58
N LYS E 253 -19.73 12.35 13.01
CA LYS E 253 -20.50 12.76 14.17
C LYS E 253 -20.21 11.81 15.33
N SER E 254 -18.93 11.56 15.54
CA SER E 254 -18.49 10.69 16.61
C SER E 254 -17.20 11.26 17.19
N GLY E 255 -16.89 10.83 18.40
CA GLY E 255 -15.69 11.32 19.02
C GLY E 255 -15.82 12.80 19.28
N MET E 256 -14.87 13.58 18.75
CA MET E 256 -14.81 14.99 19.09
C MET E 256 -15.88 15.82 18.40
N THR E 257 -16.59 15.28 17.43
CA THR E 257 -17.66 16.04 16.77
C THR E 257 -19.04 15.75 17.34
N LEU E 258 -19.16 14.92 18.36
CA LEU E 258 -20.47 14.73 19.00
C LEU E 258 -20.89 15.98 19.76
N THR E 259 -22.10 16.42 19.50
CA THR E 259 -22.81 17.19 20.49
C THR E 259 -23.17 16.21 21.59
N PRO E 260 -22.67 16.37 22.82
CA PRO E 260 -22.65 15.26 23.78
C PRO E 260 -23.95 14.50 23.97
N GLY E 261 -25.08 15.09 23.61
CA GLY E 261 -26.33 14.36 23.67
C GLY E 261 -26.78 13.74 22.36
N SER E 262 -25.86 13.53 21.43
CA SER E 262 -26.21 13.12 20.07
C SER E 262 -26.32 11.60 19.98
N LYS E 263 -26.52 11.10 18.76
CA LYS E 263 -26.72 9.69 18.52
C LYS E 263 -25.48 8.95 18.05
N ALA E 264 -24.33 9.63 17.95
CA ALA E 264 -23.05 8.98 17.69
C ALA E 264 -23.07 8.22 16.36
N GLY E 265 -23.03 8.99 15.28
CA GLY E 265 -22.90 8.45 13.95
C GLY E 265 -24.10 8.60 13.05
N VAL E 266 -25.24 9.07 13.55
CA VAL E 266 -26.37 9.42 12.69
C VAL E 266 -26.82 10.82 13.04
N PHE E 267 -27.09 11.63 12.04
CA PHE E 267 -27.65 12.97 12.23
C PHE E 267 -29.09 12.91 11.76
N ASP E 268 -30.03 12.94 12.69
CA ASP E 268 -31.43 12.78 12.36
C ASP E 268 -32.21 14.02 12.75
N PHE E 269 -32.97 14.55 11.81
CA PHE E 269 -33.60 15.84 11.96
C PHE E 269 -34.63 15.88 13.07
N GLN E 270 -34.92 14.77 13.72
CA GLN E 270 -35.92 14.75 14.77
C GLN E 270 -35.36 14.88 16.18
N ASP E 271 -34.03 14.94 16.35
CA ASP E 271 -33.44 15.11 17.68
C ASP E 271 -33.24 16.58 17.97
N PRO E 272 -33.88 17.14 19.00
CA PRO E 272 -33.64 18.56 19.30
C PRO E 272 -32.19 18.87 19.58
N ILE E 273 -31.41 17.90 20.05
CA ILE E 273 -30.02 18.18 20.36
C ILE E 273 -29.15 18.11 19.12
N ASP E 274 -29.46 17.22 18.17
CA ASP E 274 -28.67 17.12 16.94
C ASP E 274 -28.82 18.37 16.09
N ILE E 275 -30.05 18.87 15.96
CA ILE E 275 -30.33 20.03 15.13
C ILE E 275 -30.20 21.29 15.98
N ARG E 276 -29.69 21.15 17.20
CA ARG E 276 -29.42 22.28 18.06
C ARG E 276 -30.70 23.03 18.44
N GLY E 277 -31.71 22.27 18.82
CA GLY E 277 -32.97 22.90 19.18
C GLY E 277 -33.71 23.53 18.04
N ALA E 278 -33.27 23.30 16.81
CA ALA E 278 -33.85 24.00 15.67
C ALA E 278 -35.30 23.58 15.47
N ARG E 279 -36.00 24.38 14.70
CA ARG E 279 -37.44 24.30 14.60
C ARG E 279 -37.88 24.64 13.18
N TRP E 280 -38.93 23.98 12.73
CA TRP E 280 -39.28 23.83 11.32
C TRP E 280 -38.08 23.47 10.49
N ALA E 281 -37.91 24.06 9.32
CA ALA E 281 -36.95 23.56 8.35
C ALA E 281 -35.72 24.45 8.24
N GLY E 282 -35.89 25.69 7.81
CA GLY E 282 -34.75 26.56 7.64
C GLY E 282 -33.88 26.68 8.87
N GLU E 283 -34.44 26.44 10.04
CA GLU E 283 -33.57 26.27 11.20
C GLU E 283 -32.97 24.87 11.23
N SER E 284 -33.73 23.87 10.80
CA SER E 284 -33.29 22.49 10.92
C SER E 284 -32.24 22.15 9.88
N PHE E 285 -32.49 22.48 8.62
CA PHE E 285 -31.53 22.14 7.58
C PHE E 285 -30.23 22.92 7.77
N LYS E 286 -30.32 24.15 8.27
CA LYS E 286 -29.09 24.87 8.58
C LYS E 286 -28.31 24.18 9.68
N ALA E 287 -28.99 23.50 10.60
CA ALA E 287 -28.27 22.76 11.62
C ALA E 287 -27.62 21.52 11.05
N LEU E 288 -27.90 21.17 9.80
CA LEU E 288 -27.06 20.21 9.10
C LEU E 288 -25.81 20.89 8.56
N LEU E 289 -25.96 22.07 7.96
CA LEU E 289 -24.81 22.76 7.39
C LEU E 289 -23.77 23.07 8.43
N PHE E 290 -24.13 23.11 9.70
CA PHE E 290 -23.15 23.19 10.76
C PHE E 290 -22.55 21.84 11.06
N GLN E 291 -23.31 20.77 10.87
CA GLN E 291 -22.78 19.43 11.07
C GLN E 291 -21.86 19.04 9.92
N ILE E 292 -22.05 19.63 8.75
CA ILE E 292 -21.21 19.31 7.62
C ILE E 292 -19.91 20.09 7.66
N ASP E 293 -19.86 21.20 8.39
CA ASP E 293 -18.59 21.86 8.68
C ASP E 293 -17.84 21.15 9.79
N LYS E 294 -18.55 20.85 10.88
CA LYS E 294 -17.90 20.39 12.09
C LYS E 294 -17.01 19.20 11.82
N GLU E 295 -17.34 18.40 10.81
CA GLU E 295 -16.48 17.33 10.37
C GLU E 295 -15.41 17.77 9.37
N ALA E 296 -15.78 18.59 8.39
CA ALA E 296 -14.75 19.08 7.47
C ALA E 296 -13.68 19.88 8.19
N VAL E 297 -14.00 20.43 9.35
CA VAL E 297 -12.98 21.04 10.20
C VAL E 297 -12.20 19.96 10.94
N GLU E 298 -12.84 18.84 11.21
CA GLU E 298 -12.20 17.80 12.02
C GLU E 298 -11.25 16.95 11.21
N ILE E 299 -11.47 16.83 9.90
CA ILE E 299 -10.47 16.18 9.06
C ILE E 299 -9.18 16.99 9.02
N ALA E 300 -9.26 18.29 9.24
CA ALA E 300 -8.04 19.06 9.42
C ALA E 300 -7.30 18.64 10.66
N ARG E 301 -7.98 18.07 11.64
CA ARG E 301 -7.32 17.62 12.85
C ARG E 301 -6.64 16.28 12.64
N GLN E 302 -7.34 15.31 12.06
CA GLN E 302 -6.74 13.99 11.96
C GLN E 302 -5.78 13.87 10.78
N THR E 303 -6.14 14.40 9.63
CA THR E 303 -5.25 14.28 8.49
C THR E 303 -4.11 15.27 8.56
N GLY E 304 -4.34 16.44 9.11
CA GLY E 304 -3.29 17.43 9.17
C GLY E 304 -2.94 17.95 7.81
N ARG E 305 -3.71 17.57 6.79
CA ARG E 305 -3.53 18.14 5.47
C ARG E 305 -4.38 19.40 5.29
N GLY E 306 -5.69 19.26 5.38
CA GLY E 306 -6.50 20.46 5.32
C GLY E 306 -7.95 20.21 5.69
N GLU E 307 -8.71 21.29 5.64
CA GLU E 307 -10.15 21.24 5.90
C GLU E 307 -10.82 20.35 4.87
N GLY E 308 -11.95 19.76 5.25
CA GLY E 308 -12.63 18.84 4.36
C GLY E 308 -13.01 19.41 3.02
N ASN E 309 -12.51 18.81 1.95
CA ASN E 309 -12.58 19.43 0.64
C ASN E 309 -13.78 19.04 -0.19
N PHE E 310 -14.51 17.99 0.16
CA PHE E 310 -15.63 17.56 -0.67
C PHE E 310 -16.57 16.75 0.19
N ILE E 311 -17.79 16.58 -0.30
CA ILE E 311 -18.70 15.61 0.30
C ILE E 311 -19.33 14.82 -0.84
N ILE E 312 -19.68 13.58 -0.57
CA ILE E 312 -20.62 12.85 -1.40
C ILE E 312 -21.80 12.55 -0.53
N ALA E 313 -22.95 12.32 -1.16
CA ALA E 313 -24.19 12.32 -0.40
C ALA E 313 -25.33 11.87 -1.29
N SER E 314 -26.39 11.39 -0.67
CA SER E 314 -27.55 10.89 -1.37
C SER E 314 -28.36 12.03 -1.97
N ARG E 315 -29.21 11.69 -2.93
CA ARG E 315 -30.08 12.69 -3.52
C ARG E 315 -30.86 13.46 -2.47
N ASN E 316 -31.32 12.78 -1.42
CA ASN E 316 -32.10 13.46 -0.39
C ASN E 316 -31.29 14.54 0.31
N VAL E 317 -30.13 14.17 0.86
CA VAL E 317 -29.30 15.14 1.54
C VAL E 317 -28.68 16.11 0.54
N VAL E 318 -28.93 15.91 -0.76
CA VAL E 318 -28.59 16.96 -1.70
C VAL E 318 -29.79 17.87 -1.97
N ASN E 319 -30.98 17.51 -1.51
CA ASN E 319 -32.04 18.50 -1.40
C ASN E 319 -31.86 19.35 -0.14
N VAL E 320 -31.63 18.70 0.99
CA VAL E 320 -31.36 19.43 2.22
C VAL E 320 -30.29 20.48 2.00
N LEU E 321 -29.31 20.18 1.17
CA LEU E 321 -28.33 21.21 0.81
C LEU E 321 -28.86 22.14 -0.27
N ALA E 322 -29.74 21.65 -1.14
CA ALA E 322 -30.19 22.50 -2.23
C ALA E 322 -31.17 23.56 -1.76
N SER E 323 -32.04 23.20 -0.84
CA SER E 323 -33.23 24.00 -0.55
C SER E 323 -33.03 24.97 0.60
N VAL E 324 -31.83 25.10 1.15
CA VAL E 324 -31.63 25.94 2.32
C VAL E 324 -30.46 26.88 2.13
N ASP E 325 -30.68 28.14 2.46
CA ASP E 325 -29.68 29.17 2.28
C ASP E 325 -28.42 28.80 3.04
N THR E 326 -27.31 28.69 2.32
CA THR E 326 -26.06 28.19 2.91
C THR E 326 -25.13 29.31 3.32
N GLY E 327 -25.50 30.55 3.09
CA GLY E 327 -24.76 31.67 3.64
C GLY E 327 -25.17 31.88 5.08
N ILE E 328 -24.85 33.05 5.60
CA ILE E 328 -25.23 33.40 6.96
C ILE E 328 -26.45 34.30 6.80
N SER E 329 -27.64 33.70 6.84
CA SER E 329 -28.86 34.51 6.84
C SER E 329 -29.99 33.76 7.53
N TYR E 330 -30.49 34.31 8.63
CA TYR E 330 -31.79 33.94 9.23
C TYR E 330 -32.14 32.47 9.04
N ALA E 331 -33.37 32.19 8.63
CA ALA E 331 -33.78 30.83 8.36
C ALA E 331 -34.60 30.82 7.08
N ALA E 332 -34.21 30.00 6.11
CA ALA E 332 -34.91 30.06 4.84
C ALA E 332 -35.01 28.66 4.23
N GLN E 333 -36.08 28.44 3.48
CA GLN E 333 -36.31 27.21 2.74
C GLN E 333 -36.88 27.61 1.38
N GLY E 334 -37.27 26.63 0.60
CA GLY E 334 -37.91 26.88 -0.68
C GLY E 334 -37.67 25.71 -1.61
N LEU E 335 -37.82 25.98 -2.90
CA LEU E 335 -37.49 24.98 -3.90
C LEU E 335 -35.98 24.85 -4.04
N ALA E 336 -35.54 23.64 -4.37
CA ALA E 336 -34.13 23.42 -4.66
C ALA E 336 -33.67 24.36 -5.75
N THR E 337 -32.51 24.96 -5.57
CA THR E 337 -32.03 25.93 -6.54
C THR E 337 -30.58 25.68 -6.95
N GLY E 338 -29.67 25.82 -6.00
CA GLY E 338 -28.25 25.92 -6.32
C GLY E 338 -27.63 24.66 -6.88
N PHE E 339 -28.24 23.50 -6.66
CA PHE E 339 -27.60 22.24 -7.02
C PHE E 339 -28.38 21.52 -8.09
N SER E 340 -27.70 20.62 -8.79
CA SER E 340 -28.36 19.67 -9.68
C SER E 340 -28.61 18.42 -8.86
N THR E 341 -29.86 18.23 -8.45
CA THR E 341 -30.19 17.12 -7.56
C THR E 341 -30.62 15.88 -8.32
N ASP E 342 -30.91 15.99 -9.61
CA ASP E 342 -31.10 14.81 -10.44
C ASP E 342 -29.75 14.30 -10.91
N THR E 343 -29.68 13.00 -11.17
CA THR E 343 -28.53 12.48 -11.88
C THR E 343 -29.03 11.96 -13.23
N THR E 344 -28.90 12.81 -14.23
CA THR E 344 -28.85 12.41 -15.63
C THR E 344 -27.76 13.23 -16.27
N LYS E 345 -27.93 14.55 -16.22
CA LYS E 345 -26.91 15.49 -16.66
C LYS E 345 -25.56 15.08 -16.13
N SER E 346 -25.35 15.22 -14.82
CA SER E 346 -24.10 14.76 -14.24
C SER E 346 -24.29 14.53 -12.77
N VAL E 347 -23.42 13.71 -12.19
CA VAL E 347 -23.51 13.42 -10.77
C VAL E 347 -23.02 14.61 -9.95
N PHE E 348 -21.93 15.24 -10.37
CA PHE E 348 -21.41 16.38 -9.64
C PHE E 348 -22.51 17.42 -9.48
N ALA E 349 -22.81 17.79 -8.23
CA ALA E 349 -23.85 18.76 -7.94
C ALA E 349 -23.24 19.93 -7.18
N GLY E 350 -23.10 21.06 -7.86
CA GLY E 350 -22.81 22.33 -7.22
C GLY E 350 -21.61 22.37 -6.31
N VAL E 351 -21.58 23.40 -5.46
CA VAL E 351 -20.63 23.52 -4.36
C VAL E 351 -21.36 24.20 -3.22
N LEU E 352 -20.82 24.06 -2.00
CA LEU E 352 -21.33 24.76 -0.83
C LEU E 352 -20.42 25.95 -0.51
N GLY E 353 -20.94 27.15 -0.69
CA GLY E 353 -20.17 28.34 -0.40
C GLY E 353 -18.85 28.39 -1.13
N GLY E 354 -18.75 27.69 -2.25
CA GLY E 354 -17.48 27.60 -2.93
C GLY E 354 -16.42 26.90 -2.12
N LYS E 355 -16.80 25.89 -1.35
CA LYS E 355 -15.85 25.14 -0.56
C LYS E 355 -16.00 23.65 -0.81
N TYR E 356 -17.12 23.08 -0.37
CA TYR E 356 -17.36 21.66 -0.46
C TYR E 356 -17.90 21.32 -1.84
N ARG E 357 -17.21 20.47 -2.57
CA ARG E 357 -17.80 19.91 -3.78
C ARG E 357 -18.74 18.79 -3.39
N VAL E 358 -20.02 18.92 -3.72
CA VAL E 358 -21.02 17.95 -3.29
C VAL E 358 -21.28 17.01 -4.45
N TYR E 359 -20.78 15.79 -4.36
CA TYR E 359 -21.02 14.78 -5.38
C TYR E 359 -22.18 13.91 -4.94
N ILE E 360 -23.19 13.79 -5.78
CA ILE E 360 -24.27 12.87 -5.47
C ILE E 360 -23.72 11.46 -5.46
N ASP E 361 -24.37 10.59 -4.71
CA ASP E 361 -24.17 9.15 -4.90
C ASP E 361 -25.50 8.66 -5.42
N GLN E 362 -25.55 8.38 -6.71
CA GLN E 362 -26.85 8.12 -7.32
C GLN E 362 -27.43 6.80 -6.87
N TYR E 363 -26.59 5.84 -6.52
CA TYR E 363 -27.03 4.56 -5.97
C TYR E 363 -26.70 4.61 -4.49
N ALA E 364 -27.72 4.79 -3.66
CA ALA E 364 -27.51 4.96 -2.23
C ALA E 364 -28.55 4.12 -1.52
N LYS E 365 -28.09 3.18 -0.71
CA LYS E 365 -29.02 2.20 -0.20
C LYS E 365 -29.80 2.75 0.99
N GLN E 366 -29.22 3.69 1.72
CA GLN E 366 -29.98 4.33 2.78
C GLN E 366 -30.03 5.83 2.63
N ASP E 367 -28.96 6.47 3.10
CA ASP E 367 -28.79 7.91 3.08
C ASP E 367 -27.50 8.17 3.83
N TYR E 368 -26.83 9.29 3.56
CA TYR E 368 -25.61 9.65 4.24
C TYR E 368 -24.99 10.87 3.62
N PHE E 369 -23.91 11.37 4.20
CA PHE E 369 -22.99 12.20 3.45
C PHE E 369 -21.60 11.90 3.96
N THR E 370 -20.64 11.80 3.06
CA THR E 370 -19.27 11.49 3.44
C THR E 370 -18.43 12.72 3.12
N VAL E 371 -18.06 13.47 4.15
CA VAL E 371 -17.27 14.66 3.96
C VAL E 371 -15.83 14.24 3.85
N GLY E 372 -15.20 14.52 2.72
CA GLY E 372 -13.92 13.96 2.41
C GLY E 372 -12.79 14.95 2.49
N TYR E 373 -11.71 14.64 1.81
CA TYR E 373 -10.63 15.57 1.56
C TYR E 373 -9.95 15.15 0.28
N LYS E 374 -9.54 16.11 -0.53
CA LYS E 374 -8.63 15.85 -1.63
C LYS E 374 -7.64 16.98 -1.71
N GLY E 375 -6.36 16.68 -1.51
CA GLY E 375 -5.34 17.68 -1.60
C GLY E 375 -5.13 18.08 -3.04
N PRO E 376 -4.24 19.05 -3.26
CA PRO E 376 -3.89 19.40 -4.64
C PRO E 376 -3.19 18.26 -5.36
N ASN E 377 -2.28 17.56 -4.70
CA ASN E 377 -1.55 16.48 -5.34
C ASN E 377 -2.48 15.32 -5.68
N GLU E 378 -2.02 14.46 -6.58
CA GLU E 378 -2.63 13.15 -6.68
C GLU E 378 -2.07 12.21 -5.63
N MET E 379 -1.02 12.62 -4.92
CA MET E 379 -0.47 11.83 -3.82
C MET E 379 -1.27 11.97 -2.54
N ASP E 380 -1.88 13.13 -2.32
CA ASP E 380 -2.61 13.39 -1.08
C ASP E 380 -4.08 13.20 -1.39
N ALA E 381 -4.60 12.04 -0.99
CA ALA E 381 -5.94 11.64 -1.38
C ALA E 381 -6.70 11.03 -0.23
N GLY E 382 -6.19 9.92 0.26
CA GLY E 382 -6.89 9.07 1.20
C GLY E 382 -7.33 7.76 0.60
N ILE E 383 -7.39 7.67 -0.73
CA ILE E 383 -7.48 6.39 -1.42
C ILE E 383 -6.93 6.60 -2.80
N TYR E 384 -6.31 5.56 -3.36
CA TYR E 384 -5.70 5.66 -4.68
C TYR E 384 -6.36 4.69 -5.62
N TYR E 385 -6.81 5.18 -6.76
CA TYR E 385 -7.21 4.30 -7.84
C TYR E 385 -6.04 4.25 -8.79
N ALA E 386 -5.31 3.16 -8.80
CA ALA E 386 -4.11 3.09 -9.62
C ALA E 386 -4.37 2.18 -10.80
N PRO E 387 -4.55 2.69 -12.01
CA PRO E 387 -4.73 1.81 -13.15
C PRO E 387 -3.44 1.12 -13.50
N TYR E 388 -3.54 0.02 -14.23
CA TYR E 388 -2.35 -0.70 -14.64
C TYR E 388 -2.41 -0.99 -16.13
N VAL E 389 -3.36 -1.80 -16.57
CA VAL E 389 -3.65 -1.98 -17.98
C VAL E 389 -5.14 -1.74 -18.19
N ALA E 390 -5.49 -1.04 -19.26
CA ALA E 390 -6.85 -0.52 -19.43
C ALA E 390 -7.53 -1.18 -20.61
N LEU E 391 -8.51 -2.04 -20.33
CA LEU E 391 -9.45 -2.57 -21.30
C LEU E 391 -8.77 -3.00 -22.59
N THR E 392 -7.76 -3.86 -22.46
CA THR E 392 -7.17 -4.39 -23.67
C THR E 392 -8.16 -5.36 -24.30
N PRO E 393 -8.74 -5.05 -25.45
CA PRO E 393 -9.76 -5.95 -26.00
C PRO E 393 -9.13 -7.20 -26.57
N LEU E 394 -9.81 -8.31 -26.35
CA LEU E 394 -9.42 -9.60 -26.89
C LEU E 394 -10.51 -10.08 -27.84
N ARG E 395 -10.10 -10.81 -28.87
CA ARG E 395 -11.04 -11.37 -29.82
C ARG E 395 -10.74 -12.84 -30.02
N GLY E 396 -11.67 -13.54 -30.64
CA GLY E 396 -11.47 -14.95 -30.90
C GLY E 396 -12.70 -15.53 -31.55
N SER E 397 -12.56 -16.78 -31.97
CA SER E 397 -13.68 -17.55 -32.50
C SER E 397 -13.38 -19.01 -32.27
N ASP E 398 -14.43 -19.79 -32.06
CA ASP E 398 -14.23 -21.20 -31.75
C ASP E 398 -14.50 -22.02 -32.99
N PRO E 399 -13.51 -22.73 -33.54
CA PRO E 399 -13.69 -23.32 -34.87
C PRO E 399 -14.75 -24.37 -34.95
N LYS E 400 -15.23 -24.89 -33.84
CA LYS E 400 -16.36 -25.81 -33.90
C LYS E 400 -17.53 -25.15 -34.60
N ASN E 401 -18.00 -24.03 -34.05
CA ASN E 401 -19.16 -23.30 -34.56
C ASN E 401 -18.83 -22.05 -35.36
N PHE E 402 -17.56 -21.64 -35.43
CA PHE E 402 -17.10 -20.46 -36.18
C PHE E 402 -17.76 -19.16 -35.77
N GLN E 403 -18.31 -19.06 -34.57
CA GLN E 403 -19.03 -17.82 -34.28
C GLN E 403 -18.30 -16.97 -33.27
N PRO E 404 -18.07 -15.70 -33.55
CA PRO E 404 -17.06 -14.94 -32.83
C PRO E 404 -17.42 -14.69 -31.39
N VAL E 405 -16.38 -14.62 -30.56
CA VAL E 405 -16.46 -14.17 -29.18
C VAL E 405 -15.57 -12.95 -29.06
N MET E 406 -15.83 -12.15 -28.04
CA MET E 406 -14.98 -11.01 -27.74
C MET E 406 -14.94 -10.83 -26.24
N GLY E 407 -13.86 -10.24 -25.76
CA GLY E 407 -13.72 -10.08 -24.32
C GLY E 407 -12.67 -9.04 -23.99
N PHE E 408 -12.81 -8.46 -22.81
CA PHE E 408 -11.97 -7.38 -22.35
C PHE E 408 -11.27 -7.77 -21.06
N LYS E 409 -10.08 -7.23 -20.84
CA LYS E 409 -9.39 -7.39 -19.56
C LYS E 409 -8.79 -6.07 -19.13
N THR E 410 -8.87 -5.78 -17.84
CA THR E 410 -8.27 -4.61 -17.23
C THR E 410 -7.62 -5.03 -15.93
N ARG E 411 -6.66 -4.23 -15.46
CA ARG E 411 -6.07 -4.48 -14.17
C ARG E 411 -5.84 -3.14 -13.51
N TYR E 412 -6.27 -2.99 -12.26
CA TYR E 412 -6.08 -1.69 -11.63
C TYR E 412 -5.47 -1.81 -10.24
N GLY E 413 -6.22 -2.28 -9.28
CA GLY E 413 -5.67 -2.23 -7.94
C GLY E 413 -5.93 -0.88 -7.29
N ILE E 414 -6.09 -0.92 -5.98
CA ILE E 414 -6.45 0.24 -5.18
C ILE E 414 -5.37 0.44 -4.14
N GLY E 415 -5.35 1.61 -3.53
CA GLY E 415 -4.34 1.87 -2.53
C GLY E 415 -4.89 2.81 -1.48
N ILE E 416 -4.29 2.72 -0.30
CA ILE E 416 -4.72 3.45 0.88
C ILE E 416 -3.60 4.42 1.22
N ASN E 417 -3.96 5.61 1.67
CA ASN E 417 -2.91 6.59 1.91
C ASN E 417 -2.17 6.26 3.19
N PRO E 418 -0.88 5.94 3.14
CA PRO E 418 -0.14 5.79 4.39
C PRO E 418 -0.27 7.10 5.14
N PHE E 419 -0.52 7.01 6.44
CA PHE E 419 -1.00 8.10 7.30
C PHE E 419 -2.52 8.17 7.24
N ALA E 420 -3.18 7.27 6.52
CA ALA E 420 -4.64 7.28 6.50
C ALA E 420 -5.20 7.38 7.88
N GLU E 421 -4.82 6.46 8.76
CA GLU E 421 -5.41 6.46 10.09
C GLU E 421 -4.96 7.68 10.87
N SER E 422 -3.66 7.88 10.99
CA SER E 422 -3.06 9.08 11.57
C SER E 422 -3.44 9.24 13.04
N ALA E 423 -4.37 8.42 13.51
CA ALA E 423 -4.67 8.37 14.93
C ALA E 423 -3.72 7.46 15.68
N ALA E 424 -2.74 6.89 15.00
CA ALA E 424 -1.81 5.95 15.63
C ALA E 424 -0.40 6.41 15.34
N GLN E 425 0.40 6.55 16.40
CA GLN E 425 1.76 7.04 16.20
C GLN E 425 2.64 6.03 15.49
N ALA E 426 2.18 4.80 15.32
CA ALA E 426 3.02 3.80 14.73
C ALA E 426 2.22 2.92 13.77
N PRO E 427 2.81 2.56 12.64
CA PRO E 427 2.23 1.49 11.85
C PRO E 427 2.65 0.15 12.44
N ALA E 428 1.81 -0.85 12.21
CA ALA E 428 2.15 -2.19 12.62
C ALA E 428 2.86 -2.91 11.48
N SER E 429 3.89 -3.69 11.83
CA SER E 429 4.58 -4.62 10.94
C SER E 429 5.56 -3.94 9.99
N ARG E 430 5.40 -2.64 9.78
CA ARG E 430 6.38 -1.83 9.07
C ARG E 430 6.57 -2.20 7.60
N ILE E 431 6.01 -3.33 7.17
CA ILE E 431 5.68 -3.56 5.77
C ILE E 431 4.23 -3.97 5.78
N GLN E 432 3.36 -3.13 5.23
CA GLN E 432 1.94 -3.22 5.52
C GLN E 432 1.16 -3.01 4.25
N SER E 433 0.24 -3.91 3.97
CA SER E 433 -0.47 -3.88 2.70
C SER E 433 -1.26 -2.60 2.57
N GLY E 434 -1.11 -1.94 1.43
CA GLY E 434 -1.88 -0.77 1.07
C GLY E 434 -3.17 -1.09 0.36
N MET E 435 -3.42 -2.35 0.07
CA MET E 435 -4.75 -2.74 -0.36
C MET E 435 -5.73 -2.50 0.77
N PRO E 436 -6.91 -1.95 0.51
CA PRO E 436 -7.87 -1.77 1.60
C PRO E 436 -8.34 -3.12 2.13
N SER E 437 -8.34 -3.25 3.45
CA SER E 437 -8.70 -4.49 4.12
C SER E 437 -9.52 -4.14 5.34
N ILE E 438 -10.10 -5.16 5.97
CA ILE E 438 -10.86 -4.91 7.20
C ILE E 438 -9.99 -4.27 8.25
N LEU E 439 -8.75 -4.74 8.39
CA LEU E 439 -7.91 -4.26 9.48
C LEU E 439 -7.55 -2.79 9.30
N ASN E 440 -6.90 -2.48 8.19
CA ASN E 440 -6.35 -1.13 8.04
C ASN E 440 -7.37 -0.13 7.54
N SER E 441 -8.18 -0.49 6.54
CA SER E 441 -8.96 0.52 5.84
C SER E 441 -10.41 0.63 6.26
N LEU E 442 -10.92 -0.22 7.14
CA LEU E 442 -12.36 -0.19 7.42
C LEU E 442 -12.64 0.86 8.48
N GLY E 443 -13.39 1.89 8.09
CA GLY E 443 -13.78 2.92 9.02
C GLY E 443 -12.61 3.68 9.61
N LYS E 444 -11.40 3.42 9.13
CA LYS E 444 -10.21 4.02 9.69
C LYS E 444 -9.61 5.17 8.89
N ASN E 445 -10.10 5.48 7.70
CA ASN E 445 -9.52 6.61 6.97
C ASN E 445 -9.83 7.92 7.66
N ALA E 446 -8.80 8.67 7.99
CA ALA E 446 -9.06 9.98 8.54
C ALA E 446 -9.51 10.97 7.48
N TYR E 447 -9.38 10.64 6.20
CA TYR E 447 -9.74 11.59 5.16
C TYR E 447 -11.24 11.62 4.88
N PHE E 448 -11.98 10.60 5.26
CA PHE E 448 -13.39 10.49 4.91
C PHE E 448 -14.21 10.32 6.18
N ARG E 449 -15.26 11.11 6.34
CA ARG E 449 -16.09 11.05 7.53
C ARG E 449 -17.55 10.98 7.15
N ARG E 450 -18.22 9.89 7.53
CA ARG E 450 -19.51 9.50 7.00
C ARG E 450 -20.58 9.60 8.06
N VAL E 451 -21.73 10.15 7.69
CA VAL E 451 -22.81 10.44 8.64
C VAL E 451 -24.12 10.00 8.02
N TYR E 452 -24.80 9.04 8.64
CA TYR E 452 -26.09 8.64 8.12
C TYR E 452 -27.13 9.65 8.58
N VAL E 453 -27.77 10.32 7.63
CA VAL E 453 -28.80 11.29 7.95
C VAL E 453 -30.14 10.58 7.96
N LYS E 454 -30.87 10.69 9.06
CA LYS E 454 -32.19 10.10 9.17
C LYS E 454 -33.24 11.18 9.31
N GLY E 455 -34.46 10.86 8.91
CA GLY E 455 -35.54 11.80 9.06
C GLY E 455 -35.81 12.68 7.87
N ILE E 456 -35.31 12.34 6.69
CA ILE E 456 -35.68 13.08 5.50
C ILE E 456 -36.79 12.34 4.78
N ALA F 1 -111.47 54.69 -13.79
CA ALA F 1 -110.36 54.18 -13.01
C ALA F 1 -109.65 53.08 -13.77
N GLU F 2 -108.92 53.49 -14.80
CA GLU F 2 -108.19 52.53 -15.62
C GLU F 2 -106.93 52.09 -14.92
N ILE F 3 -106.84 50.81 -14.63
CA ILE F 3 -105.80 50.27 -13.78
C ILE F 3 -104.68 49.78 -14.67
N GLY F 4 -103.45 50.21 -14.41
CA GLY F 4 -102.32 49.70 -15.16
C GLY F 4 -102.11 48.23 -14.93
N GLY F 5 -102.16 47.81 -13.68
CA GLY F 5 -102.12 46.41 -13.33
C GLY F 5 -100.75 45.81 -13.48
N ASP F 6 -100.60 44.57 -13.06
CA ASP F 6 -99.33 43.87 -13.16
C ASP F 6 -99.52 42.58 -13.94
N HIS F 7 -98.40 42.06 -14.41
CA HIS F 7 -98.35 40.64 -14.70
C HIS F 7 -98.49 39.90 -13.39
N GLY F 8 -99.07 38.71 -13.43
CA GLY F 8 -99.31 38.02 -12.19
C GLY F 8 -98.05 37.58 -11.49
N TYR F 9 -96.91 37.91 -12.09
CA TYR F 9 -95.57 37.47 -11.73
C TYR F 9 -95.30 36.04 -12.14
N ASN F 10 -96.27 35.35 -12.71
CA ASN F 10 -95.97 34.06 -13.29
C ASN F 10 -95.00 34.25 -14.45
N ALA F 11 -94.25 33.20 -14.75
CA ALA F 11 -93.26 33.33 -15.81
C ALA F 11 -93.91 33.43 -17.17
N THR F 12 -95.05 32.78 -17.37
CA THR F 12 -95.68 32.89 -18.68
C THR F 12 -96.42 34.20 -18.84
N ASN F 13 -97.17 34.60 -17.82
CA ASN F 13 -97.92 35.85 -17.90
C ASN F 13 -97.04 37.01 -18.30
N ILE F 14 -95.76 36.95 -17.96
CA ILE F 14 -94.87 38.02 -18.37
C ILE F 14 -94.44 37.82 -19.82
N ALA F 15 -94.03 36.60 -20.17
CA ALA F 15 -93.52 36.36 -21.51
C ALA F 15 -94.59 36.50 -22.56
N ALA F 16 -95.86 36.37 -22.18
CA ALA F 16 -96.97 36.57 -23.10
C ALA F 16 -97.50 38.00 -23.07
N GLY F 17 -96.92 38.86 -22.24
CA GLY F 17 -97.46 40.20 -22.13
C GLY F 17 -98.84 40.24 -21.52
N GLN F 18 -99.35 39.12 -21.03
CA GLN F 18 -100.63 39.10 -20.34
C GLN F 18 -100.57 40.05 -19.16
N THR F 19 -101.70 40.67 -18.83
CA THR F 19 -101.72 41.60 -17.72
C THR F 19 -103.10 41.65 -17.10
N SER F 20 -103.15 41.77 -15.78
CA SER F 20 -104.40 41.80 -15.05
C SER F 20 -105.18 43.09 -15.23
N GLY F 21 -104.61 44.10 -15.86
CA GLY F 21 -105.22 45.41 -15.94
C GLY F 21 -105.79 45.72 -17.30
N ALA F 22 -105.83 47.00 -17.63
CA ALA F 22 -106.21 47.44 -18.96
C ALA F 22 -105.26 46.86 -20.00
N VAL F 23 -104.02 47.29 -19.98
CA VAL F 23 -103.08 47.16 -21.09
C VAL F 23 -102.28 45.86 -21.00
N THR F 24 -102.15 45.17 -22.14
CA THR F 24 -101.24 44.03 -22.29
C THR F 24 -100.01 44.48 -23.06
N GLN F 25 -98.82 44.28 -22.48
CA GLN F 25 -97.67 44.81 -23.17
C GLN F 25 -97.22 43.89 -24.30
N ILE F 26 -96.25 44.38 -25.07
CA ILE F 26 -95.71 43.65 -26.21
C ILE F 26 -95.05 42.37 -25.76
N GLY F 27 -93.94 42.51 -25.08
CA GLY F 27 -93.09 41.39 -24.73
C GLY F 27 -92.07 41.83 -23.71
N PRO F 28 -91.31 40.92 -23.21
CA PRO F 28 -90.40 41.20 -22.10
C PRO F 28 -89.03 41.74 -22.51
N ALA F 29 -89.03 42.74 -23.38
CA ALA F 29 -87.79 43.31 -23.93
C ALA F 29 -86.91 42.15 -24.40
N VAL F 30 -85.60 42.32 -24.29
CA VAL F 30 -84.63 41.25 -24.08
C VAL F 30 -83.48 41.86 -23.32
N MET F 31 -82.98 41.15 -22.33
CA MET F 31 -81.80 41.65 -21.64
C MET F 31 -80.53 41.00 -22.16
N GLY F 32 -80.63 40.16 -23.17
CA GLY F 32 -79.49 39.51 -23.78
C GLY F 32 -79.43 38.03 -23.45
N MET F 33 -78.46 37.36 -24.06
CA MET F 33 -78.34 35.92 -23.93
C MET F 33 -77.11 35.56 -23.13
N VAL F 34 -77.26 34.59 -22.24
CA VAL F 34 -76.17 34.10 -21.42
C VAL F 34 -75.84 32.71 -21.93
N ARG F 35 -74.68 32.57 -22.54
CA ARG F 35 -74.21 31.27 -22.95
C ARG F 35 -73.26 30.72 -21.89
N ARG F 36 -72.84 29.48 -22.07
CA ARG F 36 -71.97 28.81 -21.13
C ARG F 36 -70.56 28.71 -21.71
N ALA F 37 -69.57 29.17 -20.96
CA ALA F 37 -68.22 29.23 -21.47
C ALA F 37 -67.67 27.84 -21.74
N ILE F 38 -66.72 27.75 -22.65
CA ILE F 38 -66.08 26.49 -23.01
C ILE F 38 -64.89 26.22 -22.08
N PRO F 39 -64.87 25.09 -21.38
CA PRO F 39 -63.79 24.83 -20.43
C PRO F 39 -62.46 24.67 -21.13
N ASN F 40 -61.40 25.06 -20.43
CA ASN F 40 -60.10 25.21 -21.07
C ASN F 40 -59.35 23.88 -21.13
N LEU F 41 -58.58 23.74 -22.20
CA LEU F 41 -57.72 22.59 -22.42
C LEU F 41 -56.41 22.75 -21.66
N ILE F 42 -55.76 21.61 -21.41
CA ILE F 42 -54.49 21.56 -20.70
C ILE F 42 -53.29 21.52 -21.64
N ALA F 43 -53.55 21.55 -22.94
CA ALA F 43 -52.64 21.28 -24.04
C ALA F 43 -51.85 19.98 -23.90
N PHE F 44 -50.80 19.83 -24.68
CA PHE F 44 -50.12 18.55 -24.84
C PHE F 44 -48.66 18.54 -24.41
N ASP F 45 -48.16 19.64 -23.85
CA ASP F 45 -46.77 19.62 -23.41
C ASP F 45 -46.55 18.57 -22.31
N ILE F 46 -47.63 18.04 -21.74
CA ILE F 46 -47.47 17.03 -20.70
C ILE F 46 -47.20 15.65 -21.28
N CYS F 47 -47.63 15.41 -22.51
CA CYS F 47 -47.52 14.10 -23.11
C CYS F 47 -47.05 14.22 -24.55
N GLY F 48 -45.96 13.55 -24.89
CA GLY F 48 -45.41 13.68 -26.22
C GLY F 48 -46.41 13.28 -27.28
N VAL F 49 -46.46 14.04 -28.36
CA VAL F 49 -47.49 13.86 -29.37
C VAL F 49 -47.11 12.74 -30.33
N GLN F 50 -46.14 12.97 -31.19
CA GLN F 50 -45.81 12.00 -32.24
C GLN F 50 -46.99 11.72 -33.15
N PRO F 51 -47.34 12.63 -34.06
CA PRO F 51 -48.40 12.32 -35.03
C PRO F 51 -48.14 10.97 -35.66
N MET F 52 -49.21 10.23 -35.89
CA MET F 52 -49.11 8.85 -36.35
C MET F 52 -49.67 8.83 -37.76
N ASN F 53 -48.79 8.63 -38.73
CA ASN F 53 -49.15 8.83 -40.13
C ASN F 53 -49.96 7.66 -40.67
N SER F 54 -49.88 6.50 -40.02
CA SER F 54 -50.57 5.31 -40.47
C SER F 54 -50.98 4.54 -39.23
N PRO F 55 -52.08 3.79 -39.28
CA PRO F 55 -52.55 3.10 -38.07
C PRO F 55 -51.45 2.20 -37.55
N THR F 56 -51.54 1.88 -36.27
CA THR F 56 -50.64 0.92 -35.66
C THR F 56 -49.18 1.33 -35.70
N GLY F 57 -48.76 2.28 -34.87
CA GLY F 57 -47.34 2.50 -34.71
C GLY F 57 -46.68 1.34 -33.98
N GLN F 58 -45.35 1.40 -33.86
CA GLN F 58 -44.65 0.47 -32.99
C GLN F 58 -43.34 1.09 -32.55
N VAL F 59 -42.85 0.67 -31.39
CA VAL F 59 -41.67 1.25 -30.78
C VAL F 59 -40.84 0.12 -30.19
N PHE F 60 -39.57 0.05 -30.55
CA PHE F 60 -38.75 -1.02 -30.01
C PHE F 60 -38.19 -0.60 -28.67
N ALA F 61 -37.56 -1.52 -27.96
CA ALA F 61 -36.84 -1.16 -26.77
C ALA F 61 -35.63 -2.05 -26.62
N LEU F 62 -34.45 -1.50 -26.42
CA LEU F 62 -33.25 -2.32 -26.27
C LEU F 62 -32.88 -2.37 -24.79
N ARG F 63 -33.13 -3.50 -24.16
CA ARG F 63 -32.65 -3.74 -22.82
C ARG F 63 -31.22 -4.23 -22.95
N ALA F 64 -30.31 -3.67 -22.17
CA ALA F 64 -28.98 -4.23 -22.07
C ALA F 64 -29.02 -5.21 -20.91
N VAL F 65 -28.98 -6.50 -21.22
CA VAL F 65 -29.23 -7.55 -20.26
C VAL F 65 -27.96 -8.35 -20.11
N TYR F 66 -27.53 -8.57 -18.88
CA TYR F 66 -26.29 -9.28 -18.68
C TYR F 66 -26.51 -10.61 -18.00
N GLY F 67 -25.51 -11.46 -18.12
CA GLY F 67 -25.60 -12.82 -17.68
C GLY F 67 -25.81 -13.88 -18.73
N LYS F 68 -25.45 -13.61 -19.99
CA LYS F 68 -25.32 -14.58 -21.06
C LYS F 68 -26.67 -14.88 -21.71
N ASP F 69 -27.79 -14.48 -21.13
CA ASP F 69 -29.12 -14.77 -21.65
C ASP F 69 -29.86 -13.48 -21.91
N PRO F 70 -29.80 -12.97 -23.13
CA PRO F 70 -30.56 -11.78 -23.47
C PRO F 70 -32.01 -11.86 -23.04
N VAL F 71 -32.62 -13.05 -23.11
CA VAL F 71 -33.96 -13.28 -22.60
C VAL F 71 -33.89 -14.47 -21.67
N ALA F 72 -34.53 -14.35 -20.51
CA ALA F 72 -34.42 -15.36 -19.46
C ALA F 72 -35.24 -14.96 -18.25
N ALA F 73 -35.27 -15.81 -17.24
CA ALA F 73 -36.00 -15.50 -16.02
C ALA F 73 -35.19 -14.53 -15.19
N GLY F 74 -35.74 -13.34 -14.98
CA GLY F 74 -35.12 -12.37 -14.08
C GLY F 74 -33.66 -12.09 -14.38
N ALA F 75 -33.29 -12.07 -15.65
CA ALA F 75 -31.93 -11.70 -16.02
C ALA F 75 -31.80 -10.19 -15.91
N LYS F 76 -30.88 -9.75 -15.08
CA LYS F 76 -30.85 -8.36 -14.67
C LYS F 76 -30.50 -7.45 -15.83
N GLU F 77 -31.13 -6.28 -15.87
CA GLU F 77 -30.83 -5.30 -16.90
C GLU F 77 -29.58 -4.53 -16.51
N ALA F 78 -28.79 -4.17 -17.51
CA ALA F 78 -27.45 -3.66 -17.24
C ALA F 78 -27.50 -2.25 -16.70
N PHE F 79 -27.86 -1.30 -17.55
CA PHE F 79 -27.75 0.11 -17.21
C PHE F 79 -29.15 0.51 -16.84
N HIS F 80 -29.43 0.55 -15.53
CA HIS F 80 -30.79 0.69 -15.05
C HIS F 80 -30.81 1.89 -14.12
N PRO F 81 -31.61 2.91 -14.41
CA PRO F 81 -31.63 4.07 -13.49
C PRO F 81 -31.92 3.71 -12.04
N MET F 82 -32.91 2.86 -11.79
CA MET F 82 -33.12 2.30 -10.45
C MET F 82 -31.85 1.66 -9.92
N TYR F 83 -31.50 0.52 -10.49
CA TYR F 83 -30.62 -0.44 -9.84
C TYR F 83 -29.16 -0.19 -10.23
N GLY F 84 -28.31 -0.05 -9.24
CA GLY F 84 -26.89 0.10 -9.46
C GLY F 84 -26.31 -1.11 -10.16
N PRO F 85 -25.23 -0.93 -10.90
CA PRO F 85 -24.57 -2.07 -11.52
C PRO F 85 -23.87 -2.88 -10.45
N ASP F 86 -24.06 -4.19 -10.47
CA ASP F 86 -23.39 -4.99 -9.46
C ASP F 86 -21.90 -4.84 -9.62
N ALA F 87 -21.26 -4.34 -8.58
CA ALA F 87 -19.94 -3.75 -8.76
C ALA F 87 -18.84 -4.78 -8.83
N MET F 88 -19.04 -5.97 -8.30
CA MET F 88 -18.23 -7.11 -8.67
C MET F 88 -19.11 -8.06 -9.45
N PHE F 89 -18.96 -8.02 -10.76
CA PHE F 89 -19.58 -8.93 -11.71
C PHE F 89 -18.46 -9.31 -12.65
N SER F 90 -17.93 -8.30 -13.32
CA SER F 90 -16.62 -8.39 -13.91
C SER F 90 -15.61 -8.95 -12.92
N GLY F 91 -15.59 -8.39 -11.72
CA GLY F 91 -14.53 -8.63 -10.78
C GLY F 91 -14.77 -9.90 -9.99
N GLN F 92 -14.36 -9.89 -8.73
CA GLN F 92 -14.36 -11.09 -7.91
C GLN F 92 -15.63 -11.90 -8.07
N GLY F 93 -16.76 -11.21 -8.28
CA GLY F 93 -18.03 -11.89 -8.43
C GLY F 93 -18.08 -12.92 -9.54
N ALA F 94 -17.15 -12.85 -10.50
CA ALA F 94 -17.08 -13.87 -11.53
C ALA F 94 -16.20 -15.03 -11.16
N ALA F 95 -15.37 -14.88 -10.12
CA ALA F 95 -14.52 -15.98 -9.69
C ALA F 95 -15.28 -16.96 -8.82
N LYS F 96 -16.12 -16.45 -7.92
CA LYS F 96 -16.91 -17.26 -7.02
C LYS F 96 -18.34 -16.74 -7.05
N LYS F 97 -19.24 -17.51 -6.47
CA LYS F 97 -20.63 -17.08 -6.30
C LYS F 97 -20.84 -16.77 -4.82
N PHE F 98 -21.14 -15.52 -4.52
CA PHE F 98 -21.22 -15.16 -3.11
C PHE F 98 -22.56 -15.59 -2.54
N PRO F 99 -22.57 -16.16 -1.36
CA PRO F 99 -23.82 -16.72 -0.81
C PRO F 99 -24.86 -15.62 -0.64
N ALA F 100 -26.04 -15.87 -1.20
CA ALA F 100 -27.13 -14.91 -1.07
C ALA F 100 -27.45 -14.69 0.38
N LEU F 101 -27.84 -13.47 0.70
CA LEU F 101 -28.09 -13.08 2.07
C LEU F 101 -29.58 -13.22 2.33
N ALA F 102 -29.92 -14.02 3.33
CA ALA F 102 -31.30 -14.43 3.53
C ALA F 102 -31.61 -14.41 5.02
N ALA F 103 -32.90 -14.59 5.33
CA ALA F 103 -33.33 -14.62 6.71
C ALA F 103 -32.56 -15.67 7.50
N SER F 104 -31.95 -15.22 8.60
CA SER F 104 -31.10 -16.07 9.44
C SER F 104 -29.97 -16.72 8.65
N THR F 105 -29.19 -15.89 7.97
CA THR F 105 -27.86 -16.27 7.51
C THR F 105 -26.88 -15.64 8.49
N GLN F 106 -26.26 -16.47 9.32
CA GLN F 106 -25.37 -15.96 10.35
C GLN F 106 -24.07 -15.53 9.69
N THR F 107 -23.73 -14.26 9.81
CA THR F 107 -22.70 -13.67 8.99
C THR F 107 -21.33 -13.93 9.59
N THR F 108 -20.49 -14.66 8.85
CA THR F 108 -19.11 -14.86 9.26
C THR F 108 -18.30 -13.60 8.99
N VAL F 109 -17.48 -13.22 9.98
CA VAL F 109 -16.71 -11.99 9.83
C VAL F 109 -15.77 -12.13 8.66
N GLY F 110 -15.85 -11.20 7.71
CA GLY F 110 -14.93 -11.13 6.60
C GLY F 110 -15.48 -11.61 5.28
N ASP F 111 -16.56 -12.40 5.27
CA ASP F 111 -17.02 -13.02 4.04
C ASP F 111 -18.12 -12.20 3.38
N ILE F 112 -18.08 -12.14 2.06
CA ILE F 112 -18.95 -11.25 1.30
C ILE F 112 -20.29 -11.93 1.05
N TYR F 113 -21.37 -11.14 1.09
CA TYR F 113 -22.73 -11.61 0.91
C TYR F 113 -23.42 -10.72 -0.11
N THR F 114 -24.03 -11.32 -1.13
CA THR F 114 -24.78 -10.51 -2.06
C THR F 114 -26.14 -10.21 -1.48
N HIS F 115 -26.73 -9.13 -1.96
CA HIS F 115 -28.15 -8.93 -1.77
C HIS F 115 -28.66 -8.05 -2.89
N PHE F 116 -29.90 -8.27 -3.28
CA PHE F 116 -30.55 -7.48 -4.32
C PHE F 116 -31.66 -6.69 -3.64
N PHE F 117 -31.51 -5.38 -3.56
CA PHE F 117 -32.58 -4.58 -3.00
C PHE F 117 -33.64 -4.30 -4.05
N GLN F 118 -34.90 -4.27 -3.62
CA GLN F 118 -35.97 -3.94 -4.54
C GLN F 118 -35.87 -2.49 -4.99
N GLU F 119 -35.11 -1.68 -4.25
CA GLU F 119 -34.83 -0.32 -4.63
C GLU F 119 -33.32 -0.12 -4.69
N THR F 120 -32.85 0.31 -5.85
CA THR F 120 -31.44 0.66 -6.07
C THR F 120 -30.52 -0.53 -5.84
N GLY F 121 -30.70 -1.55 -6.66
CA GLY F 121 -29.59 -2.36 -7.07
C GLY F 121 -29.33 -3.60 -6.27
N THR F 122 -28.29 -4.30 -6.72
CA THR F 122 -27.75 -5.47 -6.06
C THR F 122 -26.40 -5.12 -5.46
N VAL F 123 -26.21 -5.45 -4.20
CA VAL F 123 -25.04 -5.03 -3.44
C VAL F 123 -24.23 -6.26 -3.08
N TYR F 124 -22.95 -6.08 -2.91
CA TYR F 124 -22.09 -7.12 -2.38
C TYR F 124 -21.62 -6.64 -1.02
N LEU F 125 -22.18 -7.20 0.03
CA LEU F 125 -21.97 -6.73 1.38
C LEU F 125 -20.88 -7.56 2.03
N GLN F 126 -20.00 -6.89 2.77
CA GLN F 126 -18.97 -7.57 3.56
C GLN F 126 -19.35 -7.46 5.02
N ALA F 127 -19.34 -8.58 5.72
CA ALA F 127 -19.78 -8.60 7.11
C ALA F 127 -18.59 -8.30 8.00
N SER F 128 -18.59 -7.13 8.62
CA SER F 128 -17.47 -6.76 9.47
C SER F 128 -17.54 -7.41 10.84
N VAL F 129 -18.73 -7.75 11.33
CA VAL F 129 -18.90 -8.39 12.62
C VAL F 129 -20.08 -9.33 12.54
N GLN F 130 -20.05 -10.37 13.37
CA GLN F 130 -20.99 -11.46 13.24
C GLN F 130 -22.38 -11.07 13.73
N VAL F 131 -23.39 -11.31 12.89
CA VAL F 131 -24.77 -10.95 13.20
C VAL F 131 -25.69 -11.90 12.45
N THR F 132 -26.89 -12.09 12.96
CA THR F 132 -27.92 -12.90 12.33
C THR F 132 -29.01 -12.01 11.79
N ILE F 133 -29.60 -12.41 10.67
CA ILE F 133 -30.47 -11.54 9.90
C ILE F 133 -31.92 -11.68 10.37
N ASP F 134 -32.15 -12.41 11.46
CA ASP F 134 -33.46 -12.44 12.10
C ASP F 134 -34.55 -13.03 11.21
N ALA F 135 -34.65 -14.36 11.15
CA ALA F 135 -35.60 -15.03 10.26
C ALA F 135 -37.02 -14.50 10.36
N GLY F 136 -37.34 -13.75 11.41
CA GLY F 136 -38.62 -13.07 11.42
C GLY F 136 -38.82 -12.13 10.25
N ALA F 137 -37.77 -11.79 9.50
CA ALA F 137 -37.87 -10.94 8.33
C ALA F 137 -37.82 -11.83 7.10
N THR F 138 -38.96 -12.00 6.45
CA THR F 138 -39.11 -12.89 5.30
C THR F 138 -39.44 -12.11 4.03
N ASP F 139 -40.56 -11.40 4.02
CA ASP F 139 -40.92 -10.59 2.87
C ASP F 139 -39.76 -9.70 2.47
N ALA F 140 -39.54 -9.57 1.17
CA ALA F 140 -38.41 -8.79 0.69
C ALA F 140 -38.45 -7.36 1.18
N ALA F 141 -39.64 -6.79 1.36
CA ALA F 141 -39.72 -5.44 1.89
C ALA F 141 -39.40 -5.38 3.38
N LYS F 142 -39.59 -6.48 4.10
CA LYS F 142 -39.16 -6.55 5.48
C LYS F 142 -37.68 -6.82 5.61
N LEU F 143 -37.11 -7.56 4.65
CA LEU F 143 -35.71 -7.93 4.72
C LEU F 143 -34.80 -6.75 4.43
N ASP F 144 -35.12 -5.96 3.41
CA ASP F 144 -34.29 -4.80 3.12
C ASP F 144 -34.10 -3.94 4.36
N ALA F 145 -35.20 -3.52 4.97
CA ALA F 145 -35.08 -2.74 6.20
C ALA F 145 -34.50 -3.56 7.35
N GLU F 146 -34.35 -4.88 7.18
CA GLU F 146 -33.55 -5.63 8.13
C GLU F 146 -32.06 -5.54 7.81
N ILE F 147 -31.71 -5.53 6.53
CA ILE F 147 -30.30 -5.45 6.14
C ILE F 147 -29.79 -4.04 6.25
N LYS F 148 -30.58 -3.07 5.79
CA LYS F 148 -30.18 -1.67 5.97
C LYS F 148 -30.02 -1.34 7.44
N LYS F 149 -30.78 -2.00 8.31
CA LYS F 149 -30.60 -1.80 9.74
C LYS F 149 -29.26 -2.36 10.19
N GLN F 150 -28.84 -3.49 9.62
CA GLN F 150 -27.49 -3.97 9.88
C GLN F 150 -26.46 -3.06 9.25
N MET F 151 -26.64 -2.76 7.96
CA MET F 151 -25.65 -1.99 7.22
C MET F 151 -25.52 -0.57 7.74
N GLU F 152 -26.56 -0.02 8.36
CA GLU F 152 -26.42 1.29 8.99
C GLU F 152 -25.60 1.20 10.27
N ALA F 153 -25.71 0.10 11.00
CA ALA F 153 -24.96 -0.05 12.24
C ALA F 153 -23.51 -0.45 11.99
N GLY F 154 -23.11 -0.58 10.73
CA GLY F 154 -21.75 -0.90 10.37
C GLY F 154 -21.41 -2.36 10.40
N ALA F 155 -22.29 -3.21 10.96
CA ALA F 155 -21.98 -4.62 11.04
C ALA F 155 -21.69 -5.20 9.68
N LEU F 156 -22.57 -4.96 8.72
CA LEU F 156 -22.49 -5.53 7.39
C LEU F 156 -22.27 -4.38 6.43
N VAL F 157 -21.05 -4.24 5.92
CA VAL F 157 -20.68 -3.08 5.13
C VAL F 157 -20.74 -3.49 3.67
N GLU F 158 -20.50 -2.57 2.76
CA GLU F 158 -20.77 -2.78 1.33
C GLU F 158 -19.49 -2.52 0.56
N ILE F 159 -19.03 -3.51 -0.19
CA ILE F 159 -17.75 -3.43 -0.88
C ILE F 159 -17.92 -3.79 -2.35
N ALA F 160 -16.87 -3.50 -3.11
CA ALA F 160 -16.72 -3.94 -4.48
C ALA F 160 -15.24 -4.17 -4.72
N GLU F 161 -14.88 -5.29 -5.34
CA GLU F 161 -13.47 -5.51 -5.57
C GLU F 161 -13.28 -6.28 -6.87
N GLY F 162 -12.02 -6.49 -7.22
CA GLY F 162 -11.66 -7.08 -8.48
C GLY F 162 -11.31 -8.54 -8.34
N MET F 163 -10.58 -9.05 -9.33
CA MET F 163 -10.32 -10.47 -9.46
C MET F 163 -8.83 -10.69 -9.28
N ALA F 164 -8.46 -11.53 -8.33
CA ALA F 164 -7.05 -11.82 -8.12
C ALA F 164 -6.43 -12.36 -9.41
N THR F 165 -5.31 -11.76 -9.84
CA THR F 165 -4.74 -12.16 -11.11
C THR F 165 -4.25 -13.58 -11.12
N SER F 166 -4.27 -14.28 -9.99
CA SER F 166 -4.14 -15.73 -10.04
C SER F 166 -5.37 -16.35 -10.64
N ILE F 167 -6.54 -15.83 -10.30
CA ILE F 167 -7.80 -16.33 -10.86
C ILE F 167 -8.01 -15.77 -12.26
N ALA F 168 -7.82 -14.47 -12.44
CA ALA F 168 -8.17 -13.86 -13.71
C ALA F 168 -7.36 -14.43 -14.84
N GLU F 169 -6.08 -14.69 -14.59
CA GLU F 169 -5.22 -15.26 -15.61
C GLU F 169 -5.84 -16.50 -16.22
N LEU F 170 -6.05 -17.53 -15.43
CA LEU F 170 -6.68 -18.74 -15.92
C LEU F 170 -8.17 -18.59 -15.70
N GLN F 171 -8.90 -18.35 -16.78
CA GLN F 171 -10.34 -18.15 -16.66
C GLN F 171 -11.00 -18.88 -17.80
N GLU F 172 -11.92 -19.79 -17.47
CA GLU F 172 -12.51 -20.69 -18.44
C GLU F 172 -11.42 -21.58 -19.06
N GLY F 173 -10.96 -22.50 -18.23
CA GLY F 173 -10.18 -23.62 -18.72
C GLY F 173 -8.85 -23.29 -19.32
N PHE F 174 -8.02 -22.57 -18.58
CA PHE F 174 -6.62 -22.41 -18.94
C PHE F 174 -5.78 -23.11 -17.90
N ASN F 175 -4.64 -23.64 -18.33
CA ASN F 175 -3.72 -24.33 -17.44
C ASN F 175 -4.38 -25.50 -16.74
N GLY F 176 -5.46 -26.01 -17.30
CA GLY F 176 -6.14 -27.15 -16.74
C GLY F 176 -7.26 -26.85 -15.76
N SER F 177 -7.43 -25.60 -15.37
CA SER F 177 -8.51 -25.27 -14.44
C SER F 177 -9.86 -25.51 -15.09
N THR F 178 -10.90 -25.62 -14.27
CA THR F 178 -12.23 -25.85 -14.81
C THR F 178 -13.28 -25.13 -13.97
N ASP F 179 -14.52 -25.16 -14.47
CA ASP F 179 -15.73 -24.64 -13.84
C ASP F 179 -15.78 -23.12 -13.72
N ASN F 180 -14.78 -22.39 -14.20
CA ASN F 180 -14.80 -20.96 -14.00
C ASN F 180 -14.96 -20.18 -15.29
N PRO F 181 -16.17 -20.06 -15.84
CA PRO F 181 -16.35 -19.28 -17.06
C PRO F 181 -16.25 -17.80 -16.77
N TRP F 182 -16.07 -17.02 -17.84
CA TRP F 182 -16.18 -15.57 -17.73
C TRP F 182 -17.64 -15.16 -17.64
N ASN F 183 -17.87 -13.97 -17.11
CA ASN F 183 -19.19 -13.37 -17.22
C ASN F 183 -19.38 -12.73 -18.59
N GLU F 184 -20.63 -12.59 -18.99
CA GLU F 184 -20.97 -12.11 -20.32
C GLU F 184 -22.12 -11.13 -20.21
N MET F 185 -22.38 -10.43 -21.30
CA MET F 185 -23.50 -9.52 -21.39
C MET F 185 -24.13 -9.63 -22.76
N GLY F 186 -25.47 -9.64 -22.83
CA GLY F 186 -26.18 -9.54 -24.07
C GLY F 186 -26.94 -8.24 -24.20
N PHE F 187 -27.79 -8.18 -25.23
CA PHE F 187 -28.82 -7.16 -25.32
C PHE F 187 -30.08 -7.83 -25.84
N ARG F 188 -31.21 -7.13 -25.75
CA ARG F 188 -32.48 -7.82 -25.88
C ARG F 188 -33.33 -7.36 -27.06
N ILE F 189 -33.75 -6.09 -27.13
CA ILE F 189 -34.54 -5.56 -28.24
C ILE F 189 -35.92 -6.20 -28.39
N ASP F 190 -36.86 -5.82 -27.54
CA ASP F 190 -38.26 -6.17 -27.68
C ASP F 190 -39.05 -4.96 -28.20
N LYS F 191 -40.35 -5.11 -28.45
CA LYS F 191 -41.09 -4.05 -29.15
C LYS F 191 -42.48 -3.86 -28.56
N GLN F 192 -43.01 -2.65 -28.76
CA GLN F 192 -44.38 -2.31 -28.39
C GLN F 192 -45.19 -1.92 -29.61
N VAL F 193 -46.51 -2.02 -29.47
CA VAL F 193 -47.42 -1.85 -30.59
C VAL F 193 -48.65 -1.08 -30.13
N ILE F 194 -49.00 0.00 -30.84
CA ILE F 194 -50.18 0.77 -30.49
C ILE F 194 -51.13 0.77 -31.69
N GLU F 195 -52.38 1.14 -31.43
CA GLU F 195 -53.48 1.04 -32.37
C GLU F 195 -54.38 2.26 -32.22
N ALA F 196 -54.77 2.86 -33.32
CA ALA F 196 -55.60 4.06 -33.24
C ALA F 196 -57.06 3.69 -33.00
N LYS F 197 -57.69 4.36 -32.05
CA LYS F 197 -59.10 4.16 -31.75
C LYS F 197 -59.90 5.35 -32.23
N SER F 198 -61.03 5.07 -32.88
CA SER F 198 -61.81 6.12 -33.51
C SER F 198 -62.64 6.85 -32.45
N ARG F 199 -63.52 7.75 -32.91
CA ARG F 199 -64.34 8.59 -32.05
C ARG F 199 -65.20 9.47 -32.96
N GLN F 200 -66.36 9.92 -32.53
CA GLN F 200 -67.29 10.50 -33.51
C GLN F 200 -68.60 10.94 -32.86
N LEU F 201 -69.27 11.89 -33.50
CA LEU F 201 -70.58 12.40 -33.05
C LEU F 201 -71.41 12.85 -34.25
N LYS F 202 -72.60 13.36 -33.96
CA LYS F 202 -73.67 13.53 -34.93
C LYS F 202 -74.47 14.74 -34.51
N ALA F 203 -75.27 15.31 -35.42
CA ALA F 203 -76.16 16.37 -34.97
C ALA F 203 -77.58 16.27 -35.46
N ALA F 204 -77.78 16.48 -36.77
CA ALA F 204 -79.07 16.43 -37.44
C ALA F 204 -80.03 17.51 -36.95
N TYR F 205 -79.68 18.76 -37.22
CA TYR F 205 -80.61 19.83 -36.92
C TYR F 205 -81.68 19.95 -38.01
N SER F 206 -82.82 20.49 -37.62
CA SER F 206 -83.93 20.63 -38.55
C SER F 206 -83.70 21.74 -39.55
N ILE F 207 -84.44 21.67 -40.67
CA ILE F 207 -84.42 22.79 -41.61
C ILE F 207 -85.40 23.87 -41.17
N GLU F 208 -86.45 23.49 -40.44
CA GLU F 208 -87.39 24.50 -39.97
C GLU F 208 -86.82 25.25 -38.78
N LEU F 209 -85.86 24.64 -38.08
CA LEU F 209 -85.20 25.34 -36.99
C LEU F 209 -84.33 26.46 -37.51
N THR F 210 -83.41 26.13 -38.42
CA THR F 210 -82.45 27.12 -38.84
C THR F 210 -83.10 28.30 -39.53
N GLN F 211 -84.36 28.16 -39.97
CA GLN F 211 -85.03 29.29 -40.59
C GLN F 211 -85.47 30.32 -39.57
N ASP F 212 -86.16 29.88 -38.52
CA ASP F 212 -86.70 30.83 -37.56
C ASP F 212 -85.67 31.25 -36.52
N LEU F 213 -84.86 30.32 -36.02
CA LEU F 213 -83.76 30.69 -35.14
C LEU F 213 -82.85 31.72 -35.78
N ARG F 214 -82.53 31.55 -37.05
CA ARG F 214 -81.82 32.61 -37.77
C ARG F 214 -82.62 33.89 -37.79
N ALA F 215 -83.94 33.78 -37.88
CA ALA F 215 -84.78 34.98 -37.97
C ALA F 215 -84.94 35.64 -36.62
N VAL F 216 -85.25 34.86 -35.58
CA VAL F 216 -85.49 35.49 -34.28
C VAL F 216 -84.19 35.79 -33.54
N HIS F 217 -83.29 34.81 -33.41
CA HIS F 217 -82.10 35.00 -32.59
C HIS F 217 -80.85 35.45 -33.35
N GLY F 218 -80.85 35.38 -34.67
CA GLY F 218 -79.64 35.69 -35.41
C GLY F 218 -78.55 34.64 -35.37
N MET F 219 -78.73 33.54 -34.64
CA MET F 219 -77.76 32.48 -34.67
C MET F 219 -77.84 31.68 -35.97
N ASP F 220 -76.78 30.93 -36.25
CA ASP F 220 -76.74 30.17 -37.49
C ASP F 220 -77.48 28.84 -37.38
N ALA F 221 -77.61 28.30 -36.17
CA ALA F 221 -78.26 27.01 -35.91
C ALA F 221 -77.48 25.85 -36.50
N ASP F 222 -76.44 26.15 -37.27
CA ASP F 222 -75.48 25.17 -37.77
C ASP F 222 -74.14 25.30 -37.09
N ALA F 223 -73.49 26.45 -37.21
CA ALA F 223 -72.26 26.68 -36.49
C ALA F 223 -72.41 26.55 -34.99
N GLU F 224 -73.65 26.46 -34.48
CA GLU F 224 -73.82 26.16 -33.06
C GLU F 224 -73.60 24.68 -32.79
N LEU F 225 -74.13 23.81 -33.64
CA LEU F 225 -73.86 22.38 -33.47
C LEU F 225 -72.45 22.03 -33.93
N SER F 226 -72.08 22.46 -35.13
CA SER F 226 -70.70 22.29 -35.57
C SER F 226 -69.72 22.92 -34.60
N GLY F 227 -70.17 23.86 -33.79
CA GLY F 227 -69.37 24.42 -32.74
C GLY F 227 -69.28 23.51 -31.53
N ILE F 228 -70.40 22.88 -31.14
CA ILE F 228 -70.39 22.07 -29.94
C ILE F 228 -70.14 20.60 -30.19
N LEU F 229 -70.14 20.14 -31.44
CA LEU F 229 -69.62 18.79 -31.67
C LEU F 229 -68.10 18.81 -31.77
N ALA F 230 -67.55 19.79 -32.49
CA ALA F 230 -66.12 19.85 -32.67
C ALA F 230 -65.40 20.25 -31.40
N THR F 231 -66.08 21.01 -30.54
CA THR F 231 -65.48 21.38 -29.27
C THR F 231 -65.57 20.26 -28.27
N GLU F 232 -66.61 19.42 -28.35
CA GLU F 232 -66.69 18.26 -27.47
C GLU F 232 -65.52 17.32 -27.71
N ILE F 233 -65.40 16.82 -28.95
CA ILE F 233 -64.38 15.82 -29.24
C ILE F 233 -63.01 16.32 -28.85
N MET F 234 -62.79 17.64 -28.90
CA MET F 234 -61.50 18.15 -28.47
C MET F 234 -61.38 18.24 -26.97
N LEU F 235 -62.50 18.32 -26.24
CA LEU F 235 -62.43 18.22 -24.79
C LEU F 235 -62.31 16.77 -24.34
N GLU F 236 -63.14 15.89 -24.87
CA GLU F 236 -63.11 14.51 -24.45
C GLU F 236 -61.77 13.86 -24.72
N ILE F 237 -61.16 14.15 -25.88
CA ILE F 237 -59.82 13.64 -26.14
C ILE F 237 -58.83 14.20 -25.14
N ASN F 238 -58.99 15.47 -24.77
CA ASN F 238 -58.06 16.06 -23.82
C ASN F 238 -58.39 15.66 -22.40
N ARG F 239 -59.66 15.42 -22.09
CA ARG F 239 -59.96 14.82 -20.79
C ARG F 239 -59.55 13.37 -20.75
N GLU F 240 -59.32 12.75 -21.91
CA GLU F 240 -58.85 11.37 -21.91
C GLU F 240 -57.41 11.29 -21.46
N VAL F 241 -56.52 12.03 -22.11
CA VAL F 241 -55.10 11.86 -21.82
C VAL F 241 -54.81 12.27 -20.39
N VAL F 242 -55.41 13.38 -19.94
CA VAL F 242 -55.20 13.80 -18.56
C VAL F 242 -55.76 12.78 -17.60
N ASP F 243 -56.72 11.99 -18.02
CA ASP F 243 -57.18 10.88 -17.21
C ASP F 243 -56.37 9.62 -17.43
N TRP F 244 -55.47 9.60 -18.43
CA TRP F 244 -54.48 8.53 -18.50
C TRP F 244 -53.17 8.90 -17.82
N ILE F 245 -52.99 10.15 -17.43
CA ILE F 245 -51.85 10.48 -16.59
C ILE F 245 -52.15 10.20 -15.13
N ASN F 246 -53.34 10.57 -14.67
CA ASN F 246 -53.70 10.26 -13.29
C ASN F 246 -54.02 8.78 -13.13
N TYR F 247 -54.48 8.13 -14.19
CA TYR F 247 -54.62 6.68 -14.19
C TYR F 247 -53.29 5.99 -14.04
N SER F 248 -52.29 6.46 -14.79
CA SER F 248 -51.03 5.77 -14.96
C SER F 248 -49.94 6.22 -14.00
N ALA F 249 -50.24 7.12 -13.08
CA ALA F 249 -49.20 7.68 -12.22
C ALA F 249 -48.98 6.82 -10.99
N GLN F 250 -47.71 6.62 -10.64
CA GLN F 250 -47.41 5.91 -9.41
C GLN F 250 -47.89 6.71 -8.21
N VAL F 251 -48.03 6.03 -7.09
CA VAL F 251 -48.34 6.73 -5.85
C VAL F 251 -47.05 7.36 -5.34
N GLY F 252 -47.04 8.67 -5.24
CA GLY F 252 -45.86 9.37 -4.79
C GLY F 252 -45.77 9.35 -3.29
N LYS F 253 -44.72 9.97 -2.79
CA LYS F 253 -44.42 9.98 -1.36
C LYS F 253 -44.51 8.56 -0.82
N SER F 254 -43.79 7.67 -1.48
CA SER F 254 -43.69 6.27 -1.09
C SER F 254 -42.26 5.84 -1.28
N GLY F 255 -41.94 4.68 -0.75
CA GLY F 255 -40.61 4.14 -0.98
C GLY F 255 -39.55 5.06 -0.42
N MET F 256 -38.64 5.51 -1.28
CA MET F 256 -37.52 6.32 -0.83
C MET F 256 -37.91 7.78 -0.62
N THR F 257 -39.12 8.18 -0.97
CA THR F 257 -39.52 9.56 -0.79
C THR F 257 -40.24 9.81 0.53
N LEU F 258 -40.37 8.82 1.40
CA LEU F 258 -41.02 9.03 2.69
C LEU F 258 -40.09 9.64 3.72
N THR F 259 -40.61 10.57 4.48
CA THR F 259 -40.08 10.86 5.79
C THR F 259 -40.53 9.70 6.68
N PRO F 260 -39.62 8.97 7.31
CA PRO F 260 -39.96 7.62 7.78
C PRO F 260 -41.25 7.49 8.56
N GLY F 261 -41.73 8.56 9.20
CA GLY F 261 -42.98 8.50 9.92
C GLY F 261 -44.21 9.00 9.17
N SER F 262 -44.10 9.26 7.88
CA SER F 262 -45.17 9.93 7.15
C SER F 262 -46.32 8.96 6.86
N LYS F 263 -47.27 9.39 6.04
CA LYS F 263 -48.48 8.62 5.80
C LYS F 263 -48.42 7.74 4.56
N ALA F 264 -47.30 7.72 3.84
CA ALA F 264 -47.09 6.80 2.73
C ALA F 264 -48.16 6.97 1.65
N GLY F 265 -48.00 8.06 0.90
CA GLY F 265 -48.82 8.32 -0.27
C GLY F 265 -49.76 9.50 -0.15
N VAL F 266 -49.88 10.11 1.01
CA VAL F 266 -50.59 11.38 1.15
C VAL F 266 -49.72 12.33 1.96
N PHE F 267 -49.75 13.59 1.59
CA PHE F 267 -49.02 14.65 2.27
C PHE F 267 -50.04 15.56 2.92
N ASP F 268 -50.15 15.52 4.23
CA ASP F 268 -51.14 16.32 4.92
C ASP F 268 -50.46 17.36 5.79
N PHE F 269 -50.93 18.60 5.71
CA PHE F 269 -50.29 19.70 6.40
C PHE F 269 -50.45 19.62 7.91
N GLN F 270 -51.19 18.65 8.43
CA GLN F 270 -51.40 18.54 9.87
C GLN F 270 -50.48 17.55 10.55
N ASP F 271 -49.62 16.84 9.81
CA ASP F 271 -48.62 15.98 10.43
C ASP F 271 -47.38 16.79 10.72
N PRO F 272 -46.96 16.93 11.97
CA PRO F 272 -45.69 17.61 12.24
C PRO F 272 -44.51 16.94 11.57
N ILE F 273 -44.66 15.68 11.15
CA ILE F 273 -43.59 14.96 10.47
C ILE F 273 -43.51 15.36 9.01
N ASP F 274 -44.66 15.49 8.35
CA ASP F 274 -44.68 15.82 6.93
C ASP F 274 -44.25 17.24 6.67
N ILE F 275 -44.62 18.17 7.55
CA ILE F 275 -44.29 19.57 7.33
C ILE F 275 -43.00 19.91 8.06
N ARG F 276 -42.34 18.92 8.63
CA ARG F 276 -41.05 19.12 9.28
C ARG F 276 -41.16 20.07 10.47
N GLY F 277 -42.10 19.79 11.35
CA GLY F 277 -42.24 20.64 12.52
C GLY F 277 -42.58 22.07 12.18
N ALA F 278 -43.03 22.33 10.97
CA ALA F 278 -43.38 23.68 10.56
C ALA F 278 -44.60 24.17 11.32
N ARG F 279 -44.78 25.48 11.29
CA ARG F 279 -45.79 26.16 12.07
C ARG F 279 -46.28 27.37 11.31
N TRP F 280 -47.52 27.72 11.54
CA TRP F 280 -48.31 28.62 10.70
C TRP F 280 -48.15 28.25 9.22
N ALA F 281 -47.98 29.23 8.35
CA ALA F 281 -48.12 28.97 6.94
C ALA F 281 -46.79 28.92 6.21
N GLY F 282 -46.09 30.03 6.12
CA GLY F 282 -44.84 30.07 5.38
C GLY F 282 -43.91 28.94 5.74
N GLU F 283 -43.87 28.57 7.01
CA GLU F 283 -43.15 27.35 7.37
C GLU F 283 -43.84 26.13 6.79
N SER F 284 -45.16 26.08 6.86
CA SER F 284 -45.86 24.85 6.50
C SER F 284 -45.90 24.65 4.99
N PHE F 285 -46.28 25.68 4.23
CA PHE F 285 -46.41 25.48 2.80
C PHE F 285 -45.04 25.36 2.15
N LYS F 286 -44.00 25.95 2.74
CA LYS F 286 -42.66 25.70 2.23
C LYS F 286 -42.17 24.31 2.54
N ALA F 287 -42.92 23.52 3.30
CA ALA F 287 -42.58 22.12 3.45
C ALA F 287 -43.29 21.26 2.43
N LEU F 288 -44.24 21.84 1.70
CA LEU F 288 -44.73 21.19 0.48
C LEU F 288 -43.69 21.30 -0.61
N LEU F 289 -43.15 22.49 -0.81
CA LEU F 289 -42.22 22.72 -1.91
C LEU F 289 -41.00 21.83 -1.79
N PHE F 290 -40.65 21.42 -0.57
CA PHE F 290 -39.63 20.39 -0.42
C PHE F 290 -40.19 19.00 -0.64
N GLN F 291 -41.49 18.81 -0.45
CA GLN F 291 -42.08 17.52 -0.78
C GLN F 291 -42.31 17.36 -2.27
N ILE F 292 -42.51 18.47 -2.98
CA ILE F 292 -42.65 18.39 -4.42
C ILE F 292 -41.29 18.36 -5.10
N ASP F 293 -40.22 18.80 -4.42
CA ASP F 293 -38.89 18.57 -4.96
C ASP F 293 -38.45 17.14 -4.73
N LYS F 294 -38.64 16.63 -3.52
CA LYS F 294 -38.13 15.31 -3.18
C LYS F 294 -38.63 14.26 -4.16
N GLU F 295 -39.80 14.48 -4.77
CA GLU F 295 -40.27 13.57 -5.79
C GLU F 295 -39.73 13.90 -7.17
N ALA F 296 -39.73 15.17 -7.55
CA ALA F 296 -39.18 15.51 -8.85
C ALA F 296 -37.74 15.05 -8.97
N VAL F 297 -37.04 14.90 -7.85
CA VAL F 297 -35.74 14.25 -7.86
C VAL F 297 -35.89 12.76 -8.10
N GLU F 298 -36.99 12.17 -7.63
CA GLU F 298 -37.09 10.72 -7.68
C GLU F 298 -37.52 10.23 -9.04
N ILE F 299 -38.25 11.04 -9.80
CA ILE F 299 -38.53 10.67 -11.19
C ILE F 299 -37.25 10.54 -11.97
N ALA F 300 -36.22 11.30 -11.58
CA ALA F 300 -34.93 11.15 -12.24
C ALA F 300 -34.27 9.84 -11.88
N ARG F 301 -34.65 9.24 -10.76
CA ARG F 301 -34.13 7.92 -10.41
C ARG F 301 -34.91 6.82 -11.12
N GLN F 302 -36.21 6.96 -11.26
CA GLN F 302 -36.97 5.91 -11.93
C GLN F 302 -36.81 5.98 -13.44
N THR F 303 -36.96 7.15 -14.01
CA THR F 303 -36.85 7.26 -15.46
C THR F 303 -35.41 7.15 -15.91
N GLY F 304 -34.49 7.74 -15.16
CA GLY F 304 -33.16 7.92 -15.69
C GLY F 304 -33.10 8.93 -16.80
N ARG F 305 -34.21 9.60 -17.10
CA ARG F 305 -34.23 10.67 -18.10
C ARG F 305 -33.98 12.03 -17.46
N GLY F 306 -34.85 12.46 -16.57
CA GLY F 306 -34.60 13.74 -15.94
C GLY F 306 -35.41 13.98 -14.68
N GLU F 307 -35.11 15.09 -14.05
CA GLU F 307 -35.86 15.54 -12.89
C GLU F 307 -37.27 15.91 -13.31
N GLY F 308 -38.22 15.75 -12.39
CA GLY F 308 -39.62 15.95 -12.75
C GLY F 308 -39.93 17.33 -13.27
N ASN F 309 -40.42 17.42 -14.49
CA ASN F 309 -40.47 18.68 -15.21
C ASN F 309 -41.78 19.44 -15.10
N PHE F 310 -42.84 18.83 -14.60
CA PHE F 310 -44.11 19.53 -14.55
C PHE F 310 -44.95 18.87 -13.48
N ILE F 311 -45.95 19.60 -13.00
CA ILE F 311 -46.94 19.02 -12.11
C ILE F 311 -48.29 19.40 -12.65
N ILE F 312 -49.26 18.50 -12.54
CA ILE F 312 -50.66 18.88 -12.69
C ILE F 312 -51.29 18.65 -11.34
N ALA F 313 -52.35 19.40 -11.05
CA ALA F 313 -52.72 19.48 -9.65
C ALA F 313 -54.04 20.21 -9.51
N SER F 314 -54.67 20.02 -8.36
CA SER F 314 -55.97 20.59 -8.13
C SER F 314 -55.87 22.08 -7.87
N ARG F 315 -56.99 22.77 -8.03
CA ARG F 315 -57.02 24.18 -7.69
C ARG F 315 -56.52 24.42 -6.27
N ASN F 316 -56.93 23.56 -5.33
CA ASN F 316 -56.60 23.78 -3.92
C ASN F 316 -55.10 23.92 -3.73
N VAL F 317 -54.33 22.93 -4.16
CA VAL F 317 -52.88 23.02 -3.97
C VAL F 317 -52.29 24.16 -4.77
N VAL F 318 -52.94 24.62 -5.83
CA VAL F 318 -52.35 25.71 -6.58
C VAL F 318 -52.43 27.01 -5.80
N ASN F 319 -53.40 27.16 -4.90
CA ASN F 319 -53.28 28.19 -3.87
C ASN F 319 -52.03 27.96 -3.03
N VAL F 320 -51.92 26.77 -2.46
CA VAL F 320 -50.80 26.46 -1.58
C VAL F 320 -49.49 26.66 -2.28
N LEU F 321 -49.45 26.49 -3.59
CA LEU F 321 -48.23 26.85 -4.31
C LEU F 321 -48.16 28.34 -4.60
N ALA F 322 -49.29 28.99 -4.84
CA ALA F 322 -49.26 30.40 -5.18
C ALA F 322 -49.05 31.28 -3.97
N SER F 323 -49.56 30.90 -2.81
CA SER F 323 -49.63 31.79 -1.66
C SER F 323 -48.39 31.75 -0.81
N VAL F 324 -47.34 31.04 -1.23
CA VAL F 324 -46.13 30.94 -0.43
C VAL F 324 -44.90 31.15 -1.29
N ASP F 325 -44.00 31.99 -0.79
CA ASP F 325 -42.78 32.30 -1.50
C ASP F 325 -42.05 31.02 -1.83
N THR F 326 -41.78 30.80 -3.12
CA THR F 326 -41.21 29.55 -3.58
C THR F 326 -39.71 29.62 -3.77
N GLY F 327 -39.10 30.78 -3.53
CA GLY F 327 -37.66 30.91 -3.55
C GLY F 327 -37.13 30.54 -2.18
N ILE F 328 -35.88 30.92 -1.92
CA ILE F 328 -35.28 30.69 -0.62
C ILE F 328 -35.37 32.04 0.09
N SER F 329 -36.43 32.24 0.86
CA SER F 329 -36.48 33.39 1.78
C SER F 329 -37.41 33.07 2.93
N TYR F 330 -36.89 33.13 4.16
CA TYR F 330 -37.67 33.16 5.41
C TYR F 330 -38.95 32.34 5.32
N ALA F 331 -40.06 32.88 5.81
CA ALA F 331 -41.34 32.22 5.69
C ALA F 331 -42.38 33.27 5.37
N ALA F 332 -43.11 33.09 4.27
CA ALA F 332 -44.04 34.12 3.85
C ALA F 332 -45.31 33.51 3.31
N GLN F 333 -46.42 34.22 3.52
CA GLN F 333 -47.74 33.86 3.05
C GLN F 333 -48.40 35.10 2.48
N GLY F 334 -49.60 34.96 1.95
CA GLY F 334 -50.37 36.10 1.51
C GLY F 334 -51.34 35.68 0.43
N LEU F 335 -51.94 36.68 -0.21
CA LEU F 335 -52.87 36.40 -1.27
C LEU F 335 -52.17 35.66 -2.41
N ALA F 336 -52.92 34.78 -3.06
CA ALA F 336 -52.41 34.13 -4.27
C ALA F 336 -52.00 35.19 -5.28
N THR F 337 -50.79 35.10 -5.78
CA THR F 337 -50.32 36.09 -6.73
C THR F 337 -49.72 35.46 -7.96
N GLY F 338 -48.61 34.76 -7.80
CA GLY F 338 -47.82 34.33 -8.93
C GLY F 338 -48.56 33.52 -9.96
N PHE F 339 -49.63 32.84 -9.57
CA PHE F 339 -50.23 31.83 -10.43
C PHE F 339 -51.64 32.21 -10.83
N SER F 340 -52.12 31.58 -11.90
CA SER F 340 -53.53 31.65 -12.24
C SER F 340 -54.19 30.48 -11.54
N THR F 341 -54.81 30.75 -10.40
CA THR F 341 -55.41 29.67 -9.62
C THR F 341 -56.79 29.33 -10.12
N ASP F 342 -57.48 30.28 -10.73
CA ASP F 342 -58.75 29.97 -11.37
C ASP F 342 -58.49 29.34 -12.72
N THR F 343 -59.44 28.54 -13.18
CA THR F 343 -59.45 28.13 -14.58
C THR F 343 -60.65 28.77 -15.23
N THR F 344 -60.41 29.89 -15.89
CA THR F 344 -61.21 30.36 -17.00
C THR F 344 -60.24 30.85 -18.05
N LYS F 345 -59.45 31.86 -17.65
CA LYS F 345 -58.41 32.40 -18.51
C LYS F 345 -57.53 31.29 -19.08
N SER F 346 -56.96 30.46 -18.21
CA SER F 346 -56.17 29.35 -18.71
C SER F 346 -56.03 28.30 -17.62
N VAL F 347 -55.76 27.06 -18.04
CA VAL F 347 -55.50 26.00 -17.08
C VAL F 347 -54.04 26.02 -16.63
N PHE F 348 -53.12 26.21 -17.57
CA PHE F 348 -51.71 26.32 -17.21
C PHE F 348 -51.55 27.42 -16.17
N ALA F 349 -50.95 27.10 -15.03
CA ALA F 349 -50.77 28.08 -13.97
C ALA F 349 -49.29 28.25 -13.68
N GLY F 350 -48.72 29.38 -14.11
CA GLY F 350 -47.40 29.79 -13.71
C GLY F 350 -46.30 28.77 -13.93
N VAL F 351 -45.19 28.97 -13.24
CA VAL F 351 -44.13 27.98 -13.10
C VAL F 351 -43.57 28.11 -11.70
N LEU F 352 -43.06 27.02 -11.14
CA LEU F 352 -42.38 27.09 -9.86
C LEU F 352 -40.90 27.27 -10.10
N GLY F 353 -40.38 28.44 -9.75
CA GLY F 353 -38.96 28.67 -9.88
C GLY F 353 -38.40 28.34 -11.24
N GLY F 354 -39.15 28.65 -12.29
CA GLY F 354 -38.69 28.37 -13.65
C GLY F 354 -38.41 26.91 -13.91
N LYS F 355 -38.85 26.01 -13.04
CA LYS F 355 -38.58 24.58 -13.22
C LYS F 355 -39.85 23.80 -13.55
N TYR F 356 -40.82 23.75 -12.64
CA TYR F 356 -42.04 22.98 -12.84
C TYR F 356 -43.07 23.84 -13.56
N ARG F 357 -43.69 23.29 -14.59
CA ARG F 357 -44.82 23.95 -15.21
C ARG F 357 -46.10 23.42 -14.58
N VAL F 358 -46.76 24.24 -13.79
CA VAL F 358 -47.81 23.78 -12.89
C VAL F 358 -49.13 23.88 -13.62
N TYR F 359 -49.72 22.76 -13.98
CA TYR F 359 -51.04 22.77 -14.60
C TYR F 359 -52.10 22.52 -13.54
N ILE F 360 -53.22 23.19 -13.67
CA ILE F 360 -54.37 22.85 -12.86
C ILE F 360 -55.03 21.63 -13.45
N ASP F 361 -55.68 20.83 -12.63
CA ASP F 361 -56.59 19.82 -13.13
C ASP F 361 -57.98 20.29 -12.71
N GLN F 362 -58.73 20.80 -13.67
CA GLN F 362 -59.94 21.53 -13.32
C GLN F 362 -61.08 20.62 -12.91
N TYR F 363 -61.01 19.35 -13.24
CA TYR F 363 -61.97 18.37 -12.75
C TYR F 363 -61.16 17.50 -11.80
N ALA F 364 -61.35 17.70 -10.51
CA ALA F 364 -60.49 17.08 -9.52
C ALA F 364 -61.38 16.51 -8.43
N LYS F 365 -61.18 15.24 -8.13
CA LYS F 365 -62.11 14.57 -7.25
C LYS F 365 -61.84 14.92 -5.79
N GLN F 366 -60.59 14.84 -5.38
CA GLN F 366 -60.27 15.22 -4.01
C GLN F 366 -59.26 16.33 -4.00
N ASP F 367 -58.01 15.96 -4.22
CA ASP F 367 -56.90 16.90 -4.24
C ASP F 367 -55.65 16.11 -4.54
N TYR F 368 -54.64 16.76 -5.11
CA TYR F 368 -53.37 16.11 -5.40
C TYR F 368 -52.44 17.01 -6.16
N PHE F 369 -51.23 16.55 -6.40
CA PHE F 369 -50.40 17.08 -7.46
C PHE F 369 -49.65 15.91 -8.07
N THR F 370 -49.60 15.85 -9.38
CA THR F 370 -48.91 14.77 -10.07
C THR F 370 -47.66 15.34 -10.73
N VAL F 371 -46.50 15.01 -10.18
CA VAL F 371 -45.25 15.53 -10.72
C VAL F 371 -44.84 14.62 -11.86
N GLY F 372 -44.77 15.18 -13.07
CA GLY F 372 -44.50 14.40 -14.24
C GLY F 372 -43.11 14.63 -14.81
N TYR F 373 -42.92 14.17 -16.03
CA TYR F 373 -41.71 14.48 -16.77
C TYR F 373 -42.05 14.60 -18.24
N LYS F 374 -41.53 15.64 -18.89
CA LYS F 374 -41.57 15.73 -20.34
C LYS F 374 -40.20 16.18 -20.82
N GLY F 375 -39.50 15.31 -21.56
CA GLY F 375 -38.19 15.64 -22.02
C GLY F 375 -38.23 16.64 -23.15
N PRO F 376 -37.06 16.92 -23.71
CA PRO F 376 -37.04 17.74 -24.93
C PRO F 376 -37.69 17.05 -26.11
N ASN F 377 -37.46 15.75 -26.28
CA ASN F 377 -38.08 15.01 -27.36
C ASN F 377 -39.58 14.92 -27.15
N GLU F 378 -40.29 14.63 -28.23
CA GLU F 378 -41.63 14.08 -28.09
C GLU F 378 -41.58 12.57 -28.02
N MET F 379 -40.40 11.97 -28.11
CA MET F 379 -40.21 10.55 -27.88
C MET F 379 -40.21 10.23 -26.39
N ASP F 380 -39.61 11.11 -25.59
CA ASP F 380 -39.43 10.87 -24.17
C ASP F 380 -40.55 11.59 -23.46
N ALA F 381 -41.56 10.85 -23.07
CA ALA F 381 -42.82 11.42 -22.64
C ALA F 381 -43.32 10.76 -21.37
N GLY F 382 -43.57 9.47 -21.49
CA GLY F 382 -44.27 8.70 -20.48
C GLY F 382 -45.67 8.33 -20.89
N ILE F 383 -46.25 9.08 -21.82
CA ILE F 383 -47.44 8.64 -22.53
C ILE F 383 -47.45 9.38 -23.85
N TYR F 384 -47.94 8.71 -24.90
CA TYR F 384 -47.93 9.30 -26.23
C TYR F 384 -49.37 9.49 -26.66
N TYR F 385 -49.73 10.71 -27.00
CA TYR F 385 -50.99 10.96 -27.70
C TYR F 385 -50.66 11.11 -29.15
N ALA F 386 -50.98 10.10 -29.94
CA ALA F 386 -50.60 10.11 -31.34
C ALA F 386 -51.87 10.27 -32.16
N PRO F 387 -52.13 11.42 -32.75
CA PRO F 387 -53.31 11.56 -33.59
C PRO F 387 -53.14 10.83 -34.90
N TYR F 388 -54.25 10.61 -35.59
CA TYR F 388 -54.21 9.96 -36.88
C TYR F 388 -55.00 10.75 -37.90
N VAL F 389 -56.32 10.85 -37.72
CA VAL F 389 -57.11 11.81 -38.49
C VAL F 389 -57.78 12.75 -37.49
N ALA F 390 -58.14 13.94 -37.96
CA ALA F 390 -58.61 14.97 -37.05
C ALA F 390 -59.92 15.55 -37.54
N LEU F 391 -60.99 15.30 -36.78
CA LEU F 391 -62.29 15.96 -36.92
C LEU F 391 -62.69 16.12 -38.37
N THR F 392 -62.63 15.03 -39.11
CA THR F 392 -63.07 15.09 -40.49
C THR F 392 -64.55 15.41 -40.50
N PRO F 393 -64.95 16.59 -40.97
CA PRO F 393 -66.37 16.94 -40.92
C PRO F 393 -67.13 16.16 -41.98
N LEU F 394 -68.32 15.73 -41.60
CA LEU F 394 -69.18 15.00 -42.53
C LEU F 394 -70.53 15.71 -42.57
N ARG F 395 -71.16 15.69 -43.73
CA ARG F 395 -72.48 16.29 -43.91
C ARG F 395 -73.35 15.32 -44.68
N GLY F 396 -74.64 15.60 -44.68
CA GLY F 396 -75.56 14.76 -45.42
C GLY F 396 -76.95 15.34 -45.32
N SER F 397 -77.85 14.74 -46.08
CA SER F 397 -79.25 15.08 -45.96
C SER F 397 -80.06 13.81 -46.16
N ASP F 398 -80.98 13.55 -45.27
CA ASP F 398 -81.85 12.41 -45.43
C ASP F 398 -82.82 12.73 -46.56
N PRO F 399 -82.76 12.04 -47.69
CA PRO F 399 -83.53 12.49 -48.86
C PRO F 399 -85.01 12.38 -48.70
N LYS F 400 -85.49 11.62 -47.72
CA LYS F 400 -86.93 11.58 -47.46
C LYS F 400 -87.41 12.92 -46.94
N ASN F 401 -86.81 13.40 -45.85
CA ASN F 401 -87.20 14.61 -45.17
C ASN F 401 -86.34 15.83 -45.48
N PHE F 402 -85.25 15.66 -46.23
CA PHE F 402 -84.36 16.73 -46.67
C PHE F 402 -83.74 17.52 -45.53
N GLN F 403 -83.64 16.99 -44.35
CA GLN F 403 -83.15 17.93 -43.32
C GLN F 403 -81.75 17.58 -42.88
N PRO F 404 -80.83 18.55 -42.89
CA PRO F 404 -79.40 18.23 -42.90
C PRO F 404 -78.95 17.58 -41.61
N VAL F 405 -78.21 16.49 -41.74
CA VAL F 405 -77.54 15.85 -40.63
C VAL F 405 -76.06 16.08 -40.82
N MET F 406 -75.33 16.14 -39.72
CA MET F 406 -73.90 16.40 -39.77
C MET F 406 -73.22 15.57 -38.71
N GLY F 407 -71.93 15.37 -38.88
CA GLY F 407 -71.21 14.53 -37.94
C GLY F 407 -69.72 14.61 -38.17
N PHE F 408 -68.97 14.30 -37.12
CA PHE F 408 -67.53 14.37 -37.13
C PHE F 408 -66.93 13.01 -36.80
N LYS F 409 -65.70 12.78 -37.25
CA LYS F 409 -64.96 11.57 -36.94
C LYS F 409 -63.51 11.93 -36.69
N THR F 410 -62.90 11.27 -35.71
CA THR F 410 -61.48 11.40 -35.45
C THR F 410 -60.91 10.02 -35.21
N ARG F 411 -59.61 9.88 -35.35
CA ARG F 411 -58.95 8.65 -34.95
C ARG F 411 -57.62 9.04 -34.34
N TYR F 412 -57.32 8.55 -33.15
CA TYR F 412 -56.05 8.94 -32.57
C TYR F 412 -55.24 7.77 -32.05
N GLY F 413 -55.63 7.19 -30.95
CA GLY F 413 -54.83 6.17 -30.32
C GLY F 413 -53.80 6.79 -29.40
N ILE F 414 -53.52 6.11 -28.30
CA ILE F 414 -52.61 6.56 -27.26
C ILE F 414 -51.51 5.52 -27.18
N GLY F 415 -50.41 5.87 -26.57
CA GLY F 415 -49.35 4.91 -26.38
C GLY F 415 -48.56 5.22 -25.13
N ILE F 416 -48.00 4.17 -24.56
CA ILE F 416 -47.24 4.25 -23.33
C ILE F 416 -45.77 4.19 -23.70
N ASN F 417 -44.96 4.90 -22.95
CA ASN F 417 -43.53 4.86 -23.21
C ASN F 417 -43.02 3.47 -22.87
N PRO F 418 -42.34 2.76 -23.77
CA PRO F 418 -41.59 1.60 -23.32
C PRO F 418 -40.57 2.09 -22.33
N PHE F 419 -40.20 1.23 -21.38
CA PHE F 419 -39.39 1.58 -20.22
C PHE F 419 -40.22 2.37 -19.23
N ALA F 420 -41.50 2.63 -19.51
CA ALA F 420 -42.34 3.35 -18.55
C ALA F 420 -42.19 2.77 -17.17
N GLU F 421 -42.44 1.47 -17.05
CA GLU F 421 -42.38 0.82 -15.74
C GLU F 421 -41.04 1.09 -15.07
N SER F 422 -39.96 0.56 -15.63
CA SER F 422 -38.60 0.74 -15.11
C SER F 422 -38.48 0.23 -13.68
N ALA F 423 -39.43 -0.60 -13.27
CA ALA F 423 -39.28 -1.45 -12.12
C ALA F 423 -38.91 -2.86 -12.50
N ALA F 424 -38.83 -3.17 -13.79
CA ALA F 424 -38.62 -4.52 -14.27
C ALA F 424 -37.45 -4.53 -15.22
N GLN F 425 -36.57 -5.51 -15.05
CA GLN F 425 -35.43 -5.63 -15.96
C GLN F 425 -35.85 -6.23 -17.29
N ALA F 426 -37.07 -6.75 -17.37
CA ALA F 426 -37.45 -7.38 -18.62
C ALA F 426 -38.92 -7.10 -18.93
N PRO F 427 -39.25 -6.87 -20.20
CA PRO F 427 -40.65 -6.80 -20.58
C PRO F 427 -41.21 -8.19 -20.72
N ALA F 428 -42.51 -8.30 -20.52
CA ALA F 428 -43.20 -9.57 -20.75
C ALA F 428 -43.68 -9.63 -22.19
N SER F 429 -43.57 -10.82 -22.78
CA SER F 429 -44.18 -11.20 -24.06
C SER F 429 -43.46 -10.65 -25.29
N ARG F 430 -42.63 -9.64 -25.15
CA ARG F 430 -41.71 -9.14 -26.16
C ARG F 430 -42.40 -8.59 -27.39
N ILE F 431 -43.70 -8.76 -27.55
CA ILE F 431 -44.51 -7.91 -28.41
C ILE F 431 -45.69 -7.45 -27.58
N GLN F 432 -45.70 -6.18 -27.23
CA GLN F 432 -46.66 -5.73 -26.23
C GLN F 432 -47.61 -4.71 -26.81
N SER F 433 -48.83 -4.71 -26.30
CA SER F 433 -49.73 -3.62 -26.59
C SER F 433 -49.20 -2.36 -25.93
N GLY F 434 -49.05 -1.31 -26.73
CA GLY F 434 -48.52 -0.08 -26.20
C GLY F 434 -49.62 0.78 -25.66
N MET F 435 -50.85 0.37 -25.90
CA MET F 435 -52.00 1.12 -25.43
C MET F 435 -52.23 0.83 -23.95
N PRO F 436 -52.55 1.84 -23.15
CA PRO F 436 -52.57 1.66 -21.70
C PRO F 436 -53.65 0.70 -21.27
N SER F 437 -53.29 -0.25 -20.41
CA SER F 437 -54.23 -1.19 -19.83
C SER F 437 -53.77 -1.52 -18.43
N ILE F 438 -54.67 -2.09 -17.63
CA ILE F 438 -54.37 -2.36 -16.23
C ILE F 438 -53.07 -3.11 -16.07
N LEU F 439 -52.77 -4.02 -16.98
CA LEU F 439 -51.56 -4.82 -16.84
C LEU F 439 -50.32 -3.95 -16.75
N ASN F 440 -49.94 -3.33 -17.86
CA ASN F 440 -48.65 -2.64 -17.91
C ASN F 440 -48.71 -1.24 -17.32
N SER F 441 -49.74 -0.47 -17.64
CA SER F 441 -49.70 0.97 -17.45
C SER F 441 -50.42 1.49 -16.21
N LEU F 442 -51.01 0.65 -15.37
CA LEU F 442 -51.78 1.18 -14.25
C LEU F 442 -50.87 1.40 -13.06
N GLY F 443 -50.72 2.66 -12.66
CA GLY F 443 -49.92 2.99 -11.50
C GLY F 443 -48.46 2.59 -11.62
N LYS F 444 -48.03 2.18 -12.80
CA LYS F 444 -46.65 1.77 -13.00
C LYS F 444 -45.77 2.79 -13.72
N ASN F 445 -46.28 3.90 -14.23
CA ASN F 445 -45.39 4.82 -14.93
C ASN F 445 -44.36 5.40 -13.98
N ALA F 446 -43.12 5.40 -14.42
CA ALA F 446 -42.09 6.07 -13.66
C ALA F 446 -42.12 7.57 -13.85
N TYR F 447 -42.79 8.05 -14.88
CA TYR F 447 -42.75 9.46 -15.19
C TYR F 447 -43.65 10.30 -14.30
N PHE F 448 -44.72 9.71 -13.78
CA PHE F 448 -45.79 10.47 -13.16
C PHE F 448 -45.94 9.99 -11.73
N ARG F 449 -45.75 10.88 -10.77
CA ARG F 449 -45.88 10.50 -9.37
C ARG F 449 -46.97 11.33 -8.71
N ARG F 450 -48.07 10.67 -8.37
CA ARG F 450 -49.26 11.30 -7.85
C ARG F 450 -49.21 11.30 -6.33
N VAL F 451 -49.54 12.42 -5.72
CA VAL F 451 -49.51 12.57 -4.27
C VAL F 451 -50.76 13.32 -3.86
N TYR F 452 -51.59 12.70 -3.03
CA TYR F 452 -52.77 13.39 -2.54
C TYR F 452 -52.34 14.28 -1.39
N VAL F 453 -52.59 15.56 -1.52
CA VAL F 453 -52.39 16.48 -0.42
C VAL F 453 -53.66 16.48 0.41
N LYS F 454 -53.52 16.59 1.72
CA LYS F 454 -54.67 16.72 2.60
C LYS F 454 -54.42 17.86 3.56
N GLY F 455 -55.48 18.27 4.25
CA GLY F 455 -55.33 19.35 5.19
C GLY F 455 -55.28 20.72 4.58
N ILE F 456 -55.59 20.85 3.30
CA ILE F 456 -55.83 22.19 2.76
C ILE F 456 -57.25 22.56 3.13
N ALA G 1 -78.16 95.80 45.98
CA ALA G 1 -77.79 94.42 46.32
C ALA G 1 -78.73 93.44 45.64
N GLU G 2 -78.47 93.17 44.36
CA GLU G 2 -79.43 92.47 43.53
C GLU G 2 -78.82 91.23 42.90
N ILE G 3 -79.59 90.15 42.92
CA ILE G 3 -79.12 88.81 42.57
C ILE G 3 -79.48 88.50 41.12
N GLY G 4 -78.53 87.95 40.37
CA GLY G 4 -78.82 87.52 39.02
C GLY G 4 -79.28 86.09 38.94
N GLY G 5 -78.94 85.29 39.94
CA GLY G 5 -79.50 83.97 40.06
C GLY G 5 -79.06 83.02 38.97
N ASP G 6 -79.44 81.76 39.11
CA ASP G 6 -79.22 80.76 38.09
C ASP G 6 -80.53 80.03 37.84
N HIS G 7 -80.61 79.40 36.69
CA HIS G 7 -81.67 78.44 36.50
C HIS G 7 -81.45 77.29 37.46
N GLY G 8 -82.51 76.57 37.75
CA GLY G 8 -82.30 75.48 38.69
C GLY G 8 -81.34 74.41 38.20
N TYR G 9 -80.87 74.53 36.96
CA TYR G 9 -80.18 73.50 36.19
C TYR G 9 -81.14 72.40 35.81
N ASN G 10 -82.38 72.46 36.28
CA ASN G 10 -83.43 71.61 35.75
C ASN G 10 -83.62 71.95 34.27
N ALA G 11 -83.60 70.94 33.42
CA ALA G 11 -83.76 71.19 31.98
C ALA G 11 -85.10 71.82 31.66
N THR G 12 -86.05 71.79 32.59
CA THR G 12 -87.34 72.41 32.36
C THR G 12 -87.24 73.93 32.53
N ASN G 13 -86.58 74.39 33.59
CA ASN G 13 -86.41 75.82 33.80
C ASN G 13 -85.56 76.42 32.70
N ILE G 14 -84.41 75.82 32.41
CA ILE G 14 -83.45 76.47 31.54
C ILE G 14 -84.07 76.75 30.18
N ALA G 15 -85.00 75.91 29.74
CA ALA G 15 -85.62 76.10 28.44
C ALA G 15 -86.73 77.15 28.48
N ALA G 16 -87.41 77.28 29.61
CA ALA G 16 -88.41 78.34 29.74
C ALA G 16 -87.78 79.69 30.04
N GLY G 17 -86.61 79.69 30.68
CA GLY G 17 -85.98 80.91 31.11
C GLY G 17 -86.20 81.26 32.54
N GLN G 18 -86.97 80.46 33.28
CA GLN G 18 -87.18 80.67 34.71
C GLN G 18 -85.83 80.83 35.40
N THR G 19 -85.75 81.79 36.31
CA THR G 19 -84.49 82.09 36.97
C THR G 19 -84.76 82.53 38.41
N SER G 20 -83.96 82.02 39.34
CA SER G 20 -84.11 82.42 40.72
C SER G 20 -83.77 83.88 40.94
N GLY G 21 -83.07 84.51 40.01
CA GLY G 21 -82.54 85.86 40.19
C GLY G 21 -83.51 86.94 39.79
N ALA G 22 -82.95 88.07 39.38
CA ALA G 22 -83.77 89.21 39.00
C ALA G 22 -84.32 89.10 37.60
N VAL G 23 -83.63 88.39 36.71
CA VAL G 23 -83.91 88.45 35.28
C VAL G 23 -84.23 87.06 34.77
N THR G 24 -85.29 86.95 33.95
CA THR G 24 -85.59 85.72 33.24
C THR G 24 -85.23 85.91 31.78
N GLN G 25 -84.19 85.20 31.33
CA GLN G 25 -83.73 85.36 29.97
C GLN G 25 -84.82 84.93 28.99
N ILE G 26 -84.74 85.46 27.77
CA ILE G 26 -85.70 85.07 26.74
C ILE G 26 -85.70 83.57 26.58
N GLY G 27 -84.52 82.96 26.53
CA GLY G 27 -84.43 81.54 26.35
C GLY G 27 -83.01 81.07 26.18
N PRO G 28 -82.88 79.85 25.73
CA PRO G 28 -81.56 79.23 25.70
C PRO G 28 -80.74 79.47 24.44
N ALA G 29 -80.67 80.69 23.93
CA ALA G 29 -79.93 80.99 22.71
C ALA G 29 -80.30 79.95 21.64
N VAL G 30 -79.35 79.63 20.76
CA VAL G 30 -79.31 78.37 20.00
C VAL G 30 -77.86 78.09 19.70
N MET G 31 -77.45 76.84 19.84
CA MET G 31 -76.11 76.47 19.42
C MET G 31 -76.08 75.76 18.07
N GLY G 32 -77.23 75.57 17.44
CA GLY G 32 -77.28 74.97 16.13
C GLY G 32 -77.86 73.57 16.19
N MET G 33 -78.21 73.06 15.01
CA MET G 33 -78.91 71.79 14.92
C MET G 33 -77.93 70.69 14.57
N VAL G 34 -78.13 69.53 15.20
CA VAL G 34 -77.33 68.34 14.94
C VAL G 34 -78.23 67.37 14.22
N ARG G 35 -78.00 67.18 12.92
CA ARG G 35 -78.76 66.19 12.19
C ARG G 35 -78.07 64.84 12.31
N ARG G 36 -78.71 63.81 11.80
CA ARG G 36 -78.13 62.48 11.77
C ARG G 36 -77.58 62.20 10.39
N ALA G 37 -76.40 61.59 10.34
CA ALA G 37 -75.70 61.45 9.07
C ALA G 37 -76.43 60.47 8.16
N ILE G 38 -76.40 60.75 6.87
CA ILE G 38 -77.01 59.87 5.87
C ILE G 38 -76.06 58.72 5.56
N PRO G 39 -76.41 57.49 5.91
CA PRO G 39 -75.48 56.37 5.71
C PRO G 39 -75.27 56.10 4.23
N ASN G 40 -74.19 55.39 3.94
CA ASN G 40 -73.65 55.30 2.61
C ASN G 40 -74.15 54.08 1.84
N LEU G 41 -74.29 54.26 0.53
CA LEU G 41 -74.59 53.17 -0.36
C LEU G 41 -73.33 52.36 -0.64
N ILE G 42 -73.53 51.11 -1.04
CA ILE G 42 -72.44 50.19 -1.33
C ILE G 42 -72.20 50.21 -2.85
N ALA G 43 -72.94 51.09 -3.50
CA ALA G 43 -73.15 51.18 -4.94
C ALA G 43 -73.55 49.86 -5.57
N PHE G 44 -73.44 49.74 -6.88
CA PHE G 44 -73.95 48.59 -7.59
C PHE G 44 -72.94 47.75 -8.35
N ASP G 45 -71.65 48.07 -8.30
CA ASP G 45 -70.70 47.24 -9.02
C ASP G 45 -70.78 45.78 -8.60
N ILE G 46 -71.19 45.51 -7.36
CA ILE G 46 -71.25 44.15 -6.86
C ILE G 46 -72.22 43.28 -7.63
N CYS G 47 -73.17 43.86 -8.34
CA CYS G 47 -74.16 43.06 -9.05
C CYS G 47 -74.46 43.71 -10.39
N GLY G 48 -74.52 42.90 -11.44
CA GLY G 48 -74.79 43.41 -12.76
C GLY G 48 -76.03 44.28 -12.78
N VAL G 49 -76.00 45.37 -13.53
CA VAL G 49 -77.09 46.34 -13.43
C VAL G 49 -78.09 46.12 -14.55
N GLN G 50 -77.72 46.46 -15.77
CA GLN G 50 -78.68 46.39 -16.87
C GLN G 50 -79.90 47.26 -16.61
N PRO G 51 -79.79 48.58 -16.69
CA PRO G 51 -81.00 49.41 -16.61
C PRO G 51 -82.04 48.93 -17.59
N MET G 52 -83.29 48.94 -17.16
CA MET G 52 -84.37 48.24 -17.84
C MET G 52 -85.34 49.29 -18.39
N ASN G 53 -85.35 49.45 -19.71
CA ASN G 53 -86.12 50.53 -20.32
C ASN G 53 -87.61 50.27 -20.22
N SER G 54 -88.03 49.08 -20.57
CA SER G 54 -89.43 48.69 -20.53
C SER G 54 -89.61 47.62 -19.47
N PRO G 55 -90.77 47.54 -18.82
CA PRO G 55 -90.89 46.63 -17.70
C PRO G 55 -90.58 45.22 -18.12
N THR G 56 -90.18 44.39 -17.16
CA THR G 56 -90.16 42.96 -17.33
C THR G 56 -89.19 42.52 -18.44
N GLY G 57 -87.90 42.60 -18.11
CA GLY G 57 -86.88 42.07 -19.00
C GLY G 57 -86.97 40.57 -19.14
N GLN G 58 -86.07 40.01 -19.95
CA GLN G 58 -85.96 38.57 -20.09
C GLN G 58 -84.54 38.25 -20.52
N VAL G 59 -84.08 37.05 -20.17
CA VAL G 59 -82.71 36.64 -20.43
C VAL G 59 -82.71 35.21 -20.89
N PHE G 60 -82.15 34.95 -22.07
CA PHE G 60 -82.10 33.58 -22.54
C PHE G 60 -80.99 32.82 -21.83
N ALA G 61 -80.92 31.53 -22.11
CA ALA G 61 -79.74 30.76 -21.78
C ALA G 61 -79.66 29.61 -22.76
N LEU G 62 -78.47 29.33 -23.25
CA LEU G 62 -78.29 28.27 -24.23
C LEU G 62 -77.52 27.14 -23.56
N ARG G 63 -78.21 26.08 -23.24
CA ARG G 63 -77.57 24.89 -22.70
C ARG G 63 -77.15 24.05 -23.89
N ALA G 64 -75.91 23.59 -23.89
CA ALA G 64 -75.52 22.58 -24.85
C ALA G 64 -75.78 21.24 -24.19
N VAL G 65 -76.82 20.55 -24.62
CA VAL G 65 -77.31 19.37 -23.96
C VAL G 65 -77.06 18.20 -24.89
N TYR G 66 -76.42 17.15 -24.38
CA TYR G 66 -76.02 16.09 -25.26
C TYR G 66 -76.74 14.80 -24.96
N GLY G 67 -76.70 13.91 -25.94
CA GLY G 67 -77.50 12.72 -25.95
C GLY G 67 -78.67 12.66 -26.90
N LYS G 68 -78.73 13.54 -27.90
CA LYS G 68 -79.68 13.53 -29.02
C LYS G 68 -80.98 14.25 -28.67
N ASP G 69 -81.21 14.60 -27.42
CA ASP G 69 -82.46 15.19 -26.98
C ASP G 69 -82.22 16.52 -26.31
N PRO G 70 -82.34 17.63 -27.03
CA PRO G 70 -82.10 18.93 -26.40
C PRO G 70 -82.88 19.10 -25.12
N VAL G 71 -84.14 18.70 -25.10
CA VAL G 71 -84.97 18.69 -23.91
C VAL G 71 -85.32 17.25 -23.61
N ALA G 72 -84.92 16.79 -22.43
CA ALA G 72 -85.18 15.41 -22.04
C ALA G 72 -85.11 15.33 -20.53
N ALA G 73 -85.59 14.22 -20.00
CA ALA G 73 -85.50 14.03 -18.56
C ALA G 73 -84.04 13.82 -18.19
N GLY G 74 -83.52 14.70 -17.34
CA GLY G 74 -82.16 14.59 -16.84
C GLY G 74 -81.10 14.34 -17.89
N ALA G 75 -81.13 15.09 -18.98
CA ALA G 75 -80.09 15.02 -19.99
C ALA G 75 -78.98 15.98 -19.64
N LYS G 76 -77.76 15.49 -19.63
CA LYS G 76 -76.64 16.22 -19.06
C LYS G 76 -76.35 17.48 -19.87
N GLU G 77 -75.68 18.43 -19.24
CA GLU G 77 -75.25 19.63 -19.95
C GLU G 77 -73.81 19.45 -20.39
N ALA G 78 -73.49 19.98 -21.56
CA ALA G 78 -72.22 19.65 -22.21
C ALA G 78 -71.05 20.32 -21.52
N PHE G 79 -70.96 21.64 -21.66
CA PHE G 79 -69.80 22.35 -21.19
C PHE G 79 -70.25 22.91 -19.86
N HIS G 80 -69.88 22.25 -18.78
CA HIS G 80 -70.39 22.65 -17.48
C HIS G 80 -69.22 22.91 -16.57
N PRO G 81 -69.03 24.12 -16.04
CA PRO G 81 -67.84 24.38 -15.23
C PRO G 81 -67.66 23.42 -14.06
N MET G 82 -68.74 23.13 -13.32
CA MET G 82 -68.70 22.07 -12.33
C MET G 82 -68.26 20.75 -12.96
N TYR G 83 -69.16 20.16 -13.73
CA TYR G 83 -69.08 18.77 -14.14
C TYR G 83 -68.23 18.62 -15.39
N GLY G 84 -67.24 17.75 -15.34
CA GLY G 84 -66.44 17.45 -16.50
C GLY G 84 -67.27 16.86 -17.61
N PRO G 85 -66.75 16.90 -18.84
CA PRO G 85 -67.44 16.22 -19.92
C PRO G 85 -67.23 14.74 -19.77
N ASP G 86 -68.27 13.95 -20.01
CA ASP G 86 -68.11 12.53 -19.78
C ASP G 86 -67.03 12.01 -20.70
N ALA G 87 -66.03 11.40 -20.08
CA ALA G 87 -64.75 11.20 -20.73
C ALA G 87 -64.92 10.45 -22.04
N MET G 88 -65.65 9.34 -22.02
CA MET G 88 -66.02 8.62 -23.22
C MET G 88 -67.52 8.76 -23.40
N PHE G 89 -67.91 9.56 -24.38
CA PHE G 89 -69.28 9.69 -24.84
C PHE G 89 -69.25 9.49 -26.33
N SER G 90 -68.50 10.36 -27.00
CA SER G 90 -68.02 10.05 -28.34
C SER G 90 -67.35 8.70 -28.40
N GLY G 91 -66.64 8.33 -27.36
CA GLY G 91 -65.81 7.15 -27.37
C GLY G 91 -66.60 5.92 -27.01
N GLN G 92 -65.93 5.00 -26.33
CA GLN G 92 -66.50 3.68 -26.05
C GLN G 92 -67.92 3.79 -25.53
N GLY G 93 -68.21 4.85 -24.78
CA GLY G 93 -69.54 5.06 -24.24
C GLY G 93 -70.63 5.13 -25.28
N ALA G 94 -70.28 5.42 -26.54
CA ALA G 94 -71.26 5.28 -27.62
C ALA G 94 -71.35 3.86 -28.13
N ALA G 95 -70.27 3.10 -28.04
CA ALA G 95 -70.29 1.73 -28.53
C ALA G 95 -71.01 0.80 -27.56
N LYS G 96 -70.74 0.97 -26.26
CA LYS G 96 -71.35 0.13 -25.24
C LYS G 96 -71.87 1.00 -24.11
N LYS G 97 -72.64 0.39 -23.22
CA LYS G 97 -73.26 1.09 -22.10
C LYS G 97 -72.68 0.56 -20.80
N PHE G 98 -72.10 1.46 -19.99
CA PHE G 98 -71.43 0.90 -18.82
C PHE G 98 -72.40 0.81 -17.65
N PRO G 99 -72.32 -0.26 -16.88
CA PRO G 99 -73.20 -0.38 -15.71
C PRO G 99 -72.85 0.67 -14.69
N ALA G 100 -73.87 1.38 -14.22
CA ALA G 100 -73.63 2.42 -13.23
C ALA G 100 -73.18 1.78 -11.94
N LEU G 101 -72.53 2.58 -11.12
CA LEU G 101 -71.94 2.08 -9.89
C LEU G 101 -72.83 2.52 -8.73
N ALA G 102 -73.21 1.56 -7.89
CA ALA G 102 -74.19 1.80 -6.85
C ALA G 102 -73.77 1.04 -5.60
N ALA G 103 -74.48 1.31 -4.51
CA ALA G 103 -74.21 0.62 -3.25
C ALA G 103 -74.28 -0.88 -3.44
N SER G 104 -73.25 -1.57 -2.96
CA SER G 104 -73.10 -3.02 -3.12
C SER G 104 -73.16 -3.42 -4.59
N THR G 105 -72.34 -2.77 -5.41
CA THR G 105 -72.00 -3.27 -6.73
C THR G 105 -70.58 -3.79 -6.62
N GLN G 106 -70.43 -5.11 -6.64
CA GLN G 106 -69.13 -5.71 -6.48
C GLN G 106 -68.34 -5.48 -7.76
N THR G 107 -67.18 -4.85 -7.62
CA THR G 107 -66.40 -4.40 -8.77
C THR G 107 -65.45 -5.51 -9.19
N THR G 108 -65.69 -6.12 -10.33
CA THR G 108 -64.78 -7.13 -10.83
C THR G 108 -63.57 -6.47 -11.43
N VAL G 109 -62.43 -7.16 -11.38
CA VAL G 109 -61.17 -6.55 -11.79
C VAL G 109 -61.18 -6.33 -13.29
N GLY G 110 -60.99 -5.10 -13.71
CA GLY G 110 -60.89 -4.75 -15.10
C GLY G 110 -62.15 -4.15 -15.70
N ASP G 111 -63.31 -4.39 -15.09
CA ASP G 111 -64.54 -3.84 -15.65
C ASP G 111 -64.61 -2.33 -15.41
N ILE G 112 -65.43 -1.67 -16.21
CA ILE G 112 -65.56 -0.22 -16.16
C ILE G 112 -66.96 0.13 -15.67
N TYR G 113 -67.05 1.13 -14.80
CA TYR G 113 -68.28 1.52 -14.12
C TYR G 113 -68.40 3.03 -14.11
N THR G 114 -69.49 3.57 -14.64
CA THR G 114 -69.68 5.01 -14.56
C THR G 114 -70.02 5.42 -13.14
N HIS G 115 -69.82 6.69 -12.86
CA HIS G 115 -70.60 7.30 -11.78
C HIS G 115 -70.65 8.79 -12.02
N PHE G 116 -71.71 9.42 -11.54
CA PHE G 116 -71.92 10.84 -11.72
C PHE G 116 -71.79 11.49 -10.35
N PHE G 117 -70.70 12.21 -10.14
CA PHE G 117 -70.52 12.86 -8.85
C PHE G 117 -71.40 14.09 -8.73
N GLN G 118 -71.80 14.41 -7.51
CA GLN G 118 -72.55 15.63 -7.28
C GLN G 118 -71.69 16.85 -7.56
N GLU G 119 -70.37 16.68 -7.52
CA GLU G 119 -69.42 17.73 -7.85
C GLU G 119 -68.29 17.15 -8.66
N THR G 120 -67.88 17.86 -9.70
CA THR G 120 -66.79 17.47 -10.59
C THR G 120 -67.14 16.22 -11.41
N GLY G 121 -68.36 16.18 -11.89
CA GLY G 121 -68.60 15.53 -13.17
C GLY G 121 -69.06 14.10 -13.14
N THR G 122 -69.00 13.53 -14.34
CA THR G 122 -69.35 12.14 -14.61
C THR G 122 -68.10 11.40 -15.05
N VAL G 123 -67.79 10.31 -14.36
CA VAL G 123 -66.55 9.60 -14.58
C VAL G 123 -66.85 8.17 -14.98
N TYR G 124 -65.93 7.59 -15.73
CA TYR G 124 -65.97 6.18 -16.05
C TYR G 124 -64.83 5.55 -15.27
N LEU G 125 -65.17 4.84 -14.20
CA LEU G 125 -64.21 4.29 -13.27
C LEU G 125 -63.86 2.87 -13.68
N GLN G 126 -62.58 2.55 -13.77
CA GLN G 126 -62.12 1.22 -14.12
C GLN G 126 -61.62 0.52 -12.87
N ALA G 127 -62.36 -0.47 -12.40
CA ALA G 127 -61.97 -1.14 -11.18
C ALA G 127 -60.71 -1.96 -11.42
N SER G 128 -59.64 -1.66 -10.69
CA SER G 128 -58.41 -2.42 -10.79
C SER G 128 -58.32 -3.54 -9.77
N VAL G 129 -59.23 -3.60 -8.79
CA VAL G 129 -59.22 -4.62 -7.77
C VAL G 129 -60.65 -4.80 -7.28
N GLN G 130 -60.96 -5.99 -6.79
CA GLN G 130 -62.33 -6.34 -6.46
C GLN G 130 -62.67 -5.85 -5.07
N VAL G 131 -63.69 -4.99 -4.96
CA VAL G 131 -64.06 -4.38 -3.71
C VAL G 131 -65.55 -4.06 -3.74
N THR G 132 -66.17 -4.11 -2.57
CA THR G 132 -67.59 -3.83 -2.42
C THR G 132 -67.78 -2.37 -2.03
N ILE G 133 -68.87 -1.77 -2.53
CA ILE G 133 -69.08 -0.34 -2.45
C ILE G 133 -69.80 0.01 -1.15
N ASP G 134 -69.92 -0.96 -0.24
CA ASP G 134 -70.32 -0.63 1.12
C ASP G 134 -71.74 -0.10 1.20
N ALA G 135 -72.73 -1.00 1.19
CA ALA G 135 -74.14 -0.61 1.13
C ALA G 135 -74.53 0.42 2.17
N GLY G 136 -73.70 0.64 3.18
CA GLY G 136 -73.95 1.73 4.10
C GLY G 136 -74.01 3.10 3.46
N ALA G 137 -73.56 3.23 2.21
CA ALA G 137 -73.66 4.48 1.46
C ALA G 137 -74.73 4.33 0.39
N THR G 138 -75.88 4.96 0.64
CA THR G 138 -77.05 4.88 -0.25
C THR G 138 -77.39 6.25 -0.81
N ASP G 139 -77.70 7.21 0.06
CA ASP G 139 -77.83 8.60 -0.37
C ASP G 139 -76.62 9.01 -1.19
N ALA G 140 -76.88 9.73 -2.28
CA ALA G 140 -75.81 10.04 -3.23
C ALA G 140 -74.64 10.74 -2.55
N ALA G 141 -74.91 11.84 -1.85
CA ALA G 141 -73.84 12.59 -1.20
C ALA G 141 -73.01 11.73 -0.26
N LYS G 142 -73.58 10.64 0.25
CA LYS G 142 -72.78 9.65 0.97
C LYS G 142 -72.05 8.73 0.01
N LEU G 143 -72.65 8.45 -1.14
CA LEU G 143 -72.03 7.52 -2.08
C LEU G 143 -70.78 8.11 -2.69
N ASP G 144 -70.82 9.37 -3.11
CA ASP G 144 -69.65 9.98 -3.70
C ASP G 144 -68.48 10.00 -2.73
N ALA G 145 -68.74 10.15 -1.44
CA ALA G 145 -67.65 10.05 -0.49
C ALA G 145 -67.23 8.62 -0.26
N GLU G 146 -68.05 7.65 -0.65
CA GLU G 146 -67.65 6.25 -0.57
C GLU G 146 -66.79 5.84 -1.75
N ILE G 147 -67.02 6.43 -2.92
CA ILE G 147 -66.21 6.11 -4.09
C ILE G 147 -64.88 6.84 -4.04
N LYS G 148 -64.89 8.11 -3.62
CA LYS G 148 -63.62 8.78 -3.38
C LYS G 148 -62.78 8.03 -2.36
N LYS G 149 -63.43 7.30 -1.45
CA LYS G 149 -62.68 6.44 -0.53
C LYS G 149 -61.96 5.35 -1.30
N GLN G 150 -62.68 4.63 -2.16
CA GLN G 150 -62.03 3.65 -3.01
C GLN G 150 -61.03 4.30 -3.93
N MET G 151 -61.46 5.31 -4.67
CA MET G 151 -60.66 5.83 -5.77
C MET G 151 -59.38 6.51 -5.30
N GLU G 152 -59.36 7.05 -4.09
CA GLU G 152 -58.12 7.57 -3.55
C GLU G 152 -57.19 6.45 -3.12
N ALA G 153 -57.74 5.29 -2.81
CA ALA G 153 -56.94 4.11 -2.47
C ALA G 153 -56.47 3.39 -3.72
N GLY G 154 -56.73 3.93 -4.89
CA GLY G 154 -56.29 3.33 -6.13
C GLY G 154 -57.07 2.10 -6.55
N ALA G 155 -58.03 1.67 -5.74
CA ALA G 155 -58.82 0.50 -6.11
C ALA G 155 -59.60 0.75 -7.39
N LEU G 156 -60.47 1.74 -7.37
CA LEU G 156 -61.36 2.05 -8.47
C LEU G 156 -60.82 3.31 -9.11
N VAL G 157 -60.21 3.19 -10.29
CA VAL G 157 -59.52 4.30 -10.91
C VAL G 157 -60.31 4.69 -12.15
N GLU G 158 -59.89 5.78 -12.79
CA GLU G 158 -60.76 6.51 -13.70
C GLU G 158 -60.11 6.62 -15.06
N ILE G 159 -60.87 6.33 -16.12
CA ILE G 159 -60.34 6.24 -17.47
C ILE G 159 -61.24 6.97 -18.46
N ALA G 160 -60.73 7.08 -19.67
CA ALA G 160 -61.48 7.41 -20.87
C ALA G 160 -60.85 6.62 -21.99
N GLU G 161 -61.64 6.05 -22.89
CA GLU G 161 -61.00 5.40 -24.02
C GLU G 161 -61.76 5.73 -25.29
N GLY G 162 -61.34 5.11 -26.37
CA GLY G 162 -61.82 5.45 -27.69
C GLY G 162 -62.98 4.58 -28.10
N MET G 163 -63.03 4.28 -29.39
CA MET G 163 -64.04 3.41 -29.96
C MET G 163 -63.34 2.47 -30.91
N ALA G 164 -63.47 1.17 -30.69
CA ALA G 164 -62.78 0.23 -31.57
C ALA G 164 -63.15 0.51 -33.01
N THR G 165 -62.15 0.76 -33.85
CA THR G 165 -62.43 1.27 -35.18
C THR G 165 -63.19 0.30 -36.05
N SER G 166 -63.46 -0.92 -35.59
CA SER G 166 -64.45 -1.74 -36.27
C SER G 166 -65.87 -1.37 -35.89
N ILE G 167 -66.05 -0.81 -34.69
CA ILE G 167 -67.38 -0.35 -34.29
C ILE G 167 -67.68 1.00 -34.92
N ALA G 168 -66.72 1.93 -34.85
CA ALA G 168 -66.96 3.27 -35.38
C ALA G 168 -67.16 3.23 -36.88
N GLU G 169 -66.52 2.30 -37.56
CA GLU G 169 -66.64 2.25 -39.00
C GLU G 169 -68.08 2.06 -39.43
N LEU G 170 -68.71 1.02 -38.94
CA LEU G 170 -70.12 0.79 -39.21
C LEU G 170 -70.87 1.27 -37.99
N GLN G 171 -71.50 2.43 -38.11
CA GLN G 171 -72.19 3.00 -36.98
C GLN G 171 -73.52 3.52 -37.51
N GLU G 172 -74.61 3.02 -36.94
CA GLU G 172 -75.96 3.32 -37.38
C GLU G 172 -76.17 2.85 -38.82
N GLY G 173 -76.24 1.53 -38.95
CA GLY G 173 -76.74 0.92 -40.15
C GLY G 173 -75.82 0.92 -41.33
N PHE G 174 -74.56 0.55 -41.14
CA PHE G 174 -73.68 0.26 -42.25
C PHE G 174 -73.42 -1.22 -42.28
N ASN G 175 -73.21 -1.76 -43.47
CA ASN G 175 -72.89 -3.17 -43.65
C ASN G 175 -73.94 -4.05 -43.01
N GLY G 176 -75.16 -3.52 -42.91
CA GLY G 176 -76.26 -4.28 -42.37
C GLY G 176 -76.30 -4.36 -40.87
N SER G 177 -75.47 -3.61 -40.15
CA SER G 177 -75.63 -3.56 -38.71
C SER G 177 -76.92 -2.84 -38.36
N THR G 178 -77.38 -3.03 -37.13
CA THR G 178 -78.59 -2.37 -36.67
C THR G 178 -78.47 -2.04 -35.20
N ASP G 179 -79.25 -1.05 -34.78
CA ASP G 179 -79.34 -0.62 -33.39
C ASP G 179 -77.97 -0.31 -32.81
N ASN G 180 -77.25 0.57 -33.50
CA ASN G 180 -75.99 1.13 -33.01
C ASN G 180 -75.90 2.58 -33.43
N PRO G 181 -76.64 3.46 -32.76
CA PRO G 181 -76.71 4.85 -33.20
C PRO G 181 -75.42 5.59 -32.90
N TRP G 182 -75.22 6.71 -33.60
CA TRP G 182 -74.24 7.67 -33.13
C TRP G 182 -74.84 8.47 -32.00
N ASN G 183 -74.00 8.95 -31.10
CA ASN G 183 -74.46 9.91 -30.13
C ASN G 183 -74.55 11.28 -30.77
N GLU G 184 -75.38 12.14 -30.22
CA GLU G 184 -75.63 13.43 -30.83
C GLU G 184 -75.66 14.48 -29.74
N MET G 185 -75.48 15.74 -30.14
CA MET G 185 -75.51 16.85 -29.21
C MET G 185 -76.46 17.92 -29.73
N GLY G 186 -77.42 18.32 -28.91
CA GLY G 186 -78.31 19.42 -29.23
C GLY G 186 -78.00 20.65 -28.39
N PHE G 187 -78.73 21.72 -28.65
CA PHE G 187 -78.62 22.91 -27.82
C PHE G 187 -80.02 23.39 -27.47
N ARG G 188 -80.24 23.66 -26.19
CA ARG G 188 -81.61 23.79 -25.70
C ARG G 188 -82.21 25.19 -25.90
N ILE G 189 -81.54 26.25 -25.45
CA ILE G 189 -82.05 27.62 -25.52
C ILE G 189 -83.38 27.82 -24.79
N ASP G 190 -83.34 27.90 -23.46
CA ASP G 190 -84.51 28.22 -22.67
C ASP G 190 -84.31 29.58 -22.00
N LYS G 191 -85.40 30.25 -21.67
CA LYS G 191 -85.34 31.67 -21.31
C LYS G 191 -85.80 31.89 -19.88
N GLN G 192 -85.39 33.02 -19.31
CA GLN G 192 -85.88 33.48 -18.02
C GLN G 192 -86.53 34.84 -18.17
N VAL G 193 -87.37 35.22 -17.22
CA VAL G 193 -88.16 36.43 -17.31
C VAL G 193 -88.27 37.05 -15.93
N ILE G 194 -88.08 38.35 -15.82
CA ILE G 194 -88.21 39.03 -14.54
C ILE G 194 -89.26 40.12 -14.67
N GLU G 195 -89.77 40.57 -13.53
CA GLU G 195 -90.81 41.57 -13.44
C GLU G 195 -90.27 42.73 -12.62
N ALA G 196 -90.85 43.91 -12.80
CA ALA G 196 -90.44 45.08 -12.04
C ALA G 196 -91.36 45.23 -10.84
N LYS G 197 -90.84 45.00 -9.64
CA LYS G 197 -91.61 45.18 -8.44
C LYS G 197 -91.45 46.60 -7.93
N SER G 198 -92.57 47.22 -7.57
CA SER G 198 -92.58 48.63 -7.22
C SER G 198 -92.06 48.82 -5.81
N ARG G 199 -92.14 50.06 -5.33
CA ARG G 199 -91.68 50.44 -3.99
C ARG G 199 -91.98 51.92 -3.81
N GLN G 200 -92.15 52.39 -2.58
CA GLN G 200 -92.73 53.72 -2.42
C GLN G 200 -92.89 54.08 -0.95
N LEU G 201 -92.95 55.37 -0.66
CA LEU G 201 -93.24 55.88 0.69
C LEU G 201 -94.03 57.17 0.57
N LYS G 202 -94.16 57.84 1.71
CA LYS G 202 -95.14 58.89 1.96
C LYS G 202 -94.53 59.83 2.99
N ALA G 203 -95.12 61.02 3.14
CA ALA G 203 -94.66 61.87 4.25
C ALA G 203 -95.79 62.44 5.08
N ALA G 204 -96.63 63.27 4.46
CA ALA G 204 -97.80 63.88 5.10
C ALA G 204 -97.39 64.83 6.24
N TYR G 205 -96.74 65.91 5.83
CA TYR G 205 -96.30 66.93 6.77
C TYR G 205 -97.33 68.05 6.85
N SER G 206 -97.51 68.59 8.04
CA SER G 206 -98.52 69.61 8.25
C SER G 206 -98.16 70.90 7.53
N ILE G 207 -99.19 71.66 7.15
CA ILE G 207 -98.97 72.96 6.52
C ILE G 207 -98.55 73.98 7.55
N GLU G 208 -98.87 73.72 8.81
CA GLU G 208 -98.45 74.61 9.88
C GLU G 208 -97.03 74.30 10.34
N LEU G 209 -96.51 73.15 9.94
CA LEU G 209 -95.12 72.84 10.26
C LEU G 209 -94.17 73.70 9.45
N THR G 210 -94.30 73.68 8.12
CA THR G 210 -93.33 74.35 7.27
C THR G 210 -93.09 75.77 7.73
N GLN G 211 -94.17 76.50 7.99
CA GLN G 211 -94.04 77.86 8.47
C GLN G 211 -93.27 77.93 9.78
N ASP G 212 -93.58 77.05 10.73
CA ASP G 212 -92.75 76.99 11.92
C ASP G 212 -91.30 76.72 11.55
N LEU G 213 -91.07 75.68 10.78
CA LEU G 213 -89.72 75.20 10.56
C LEU G 213 -88.94 76.07 9.58
N ARG G 214 -89.64 76.80 8.71
CA ARG G 214 -88.95 77.84 7.95
C ARG G 214 -88.53 78.99 8.85
N ALA G 215 -89.36 79.35 9.82
CA ALA G 215 -89.07 80.51 10.65
C ALA G 215 -88.07 80.19 11.74
N VAL G 216 -88.28 79.10 12.49
CA VAL G 216 -87.39 78.86 13.62
C VAL G 216 -86.07 78.24 13.16
N HIS G 217 -86.11 77.17 12.38
CA HIS G 217 -84.87 76.49 12.00
C HIS G 217 -84.31 76.91 10.66
N GLY G 218 -85.07 77.64 9.85
CA GLY G 218 -84.62 77.97 8.52
C GLY G 218 -84.60 76.81 7.54
N MET G 219 -84.80 75.59 8.02
CA MET G 219 -84.85 74.44 7.12
C MET G 219 -86.14 74.46 6.31
N ASP G 220 -86.15 73.69 5.24
CA ASP G 220 -87.18 73.84 4.23
C ASP G 220 -88.38 72.92 4.44
N ALA G 221 -88.46 72.18 5.55
CA ALA G 221 -89.62 71.31 5.73
C ALA G 221 -89.70 70.32 4.59
N ASP G 222 -90.58 70.58 3.63
CA ASP G 222 -90.75 69.74 2.46
C ASP G 222 -89.42 69.16 1.99
N ALA G 223 -88.49 70.00 1.59
CA ALA G 223 -87.21 69.52 1.10
C ALA G 223 -86.43 68.69 2.13
N GLU G 224 -86.83 68.68 3.40
CA GLU G 224 -86.24 67.73 4.34
C GLU G 224 -86.91 66.37 4.26
N LEU G 225 -88.24 66.33 4.15
CA LEU G 225 -88.89 65.03 3.97
C LEU G 225 -88.52 64.41 2.64
N SER G 226 -88.60 65.18 1.55
CA SER G 226 -88.04 64.70 0.30
C SER G 226 -86.59 64.32 0.44
N GLY G 227 -85.93 64.78 1.49
CA GLY G 227 -84.59 64.32 1.80
C GLY G 227 -84.61 62.93 2.41
N ILE G 228 -85.48 62.70 3.39
CA ILE G 228 -85.46 61.41 4.06
C ILE G 228 -86.27 60.34 3.32
N LEU G 229 -87.20 60.72 2.45
CA LEU G 229 -87.84 59.67 1.66
C LEU G 229 -86.94 59.24 0.51
N ALA G 230 -86.41 60.19 -0.25
CA ALA G 230 -85.55 59.84 -1.37
C ALA G 230 -84.33 59.07 -0.90
N THR G 231 -83.85 59.36 0.30
CA THR G 231 -82.71 58.62 0.82
C THR G 231 -83.13 57.26 1.34
N GLU G 232 -84.31 57.16 1.94
CA GLU G 232 -84.72 55.88 2.52
C GLU G 232 -84.88 54.82 1.45
N ILE G 233 -85.54 55.15 0.35
CA ILE G 233 -85.78 54.16 -0.68
C ILE G 233 -84.46 53.70 -1.29
N MET G 234 -83.57 54.64 -1.55
CA MET G 234 -82.28 54.24 -2.10
C MET G 234 -81.38 53.59 -1.07
N LEU G 235 -81.66 53.77 0.21
CA LEU G 235 -80.99 52.96 1.22
C LEU G 235 -81.59 51.57 1.29
N GLU G 236 -82.91 51.45 1.16
CA GLU G 236 -83.51 50.14 1.21
C GLU G 236 -83.23 49.35 -0.05
N ILE G 237 -83.46 49.95 -1.23
CA ILE G 237 -83.13 49.26 -2.47
C ILE G 237 -81.68 48.82 -2.46
N ASN G 238 -80.82 49.59 -1.82
CA ASN G 238 -79.44 49.17 -1.65
C ASN G 238 -79.29 48.15 -0.54
N ARG G 239 -80.08 48.25 0.52
CA ARG G 239 -80.03 47.19 1.52
C ARG G 239 -80.68 45.93 1.00
N GLU G 240 -81.46 46.01 -0.07
CA GLU G 240 -82.03 44.81 -0.66
C GLU G 240 -80.97 43.96 -1.33
N VAL G 241 -80.22 44.54 -2.26
CA VAL G 241 -79.32 43.73 -3.07
C VAL G 241 -78.21 43.14 -2.21
N VAL G 242 -77.69 43.93 -1.27
CA VAL G 242 -76.73 43.35 -0.33
C VAL G 242 -77.38 42.22 0.44
N ASP G 243 -78.69 42.28 0.65
CA ASP G 243 -79.41 41.21 1.32
C ASP G 243 -79.96 40.16 0.37
N TRP G 244 -79.82 40.35 -0.94
CA TRP G 244 -79.95 39.20 -1.82
C TRP G 244 -78.61 38.58 -2.16
N ILE G 245 -77.50 39.23 -1.83
CA ILE G 245 -76.20 38.58 -1.97
C ILE G 245 -75.95 37.65 -0.79
N ASN G 246 -76.14 38.14 0.43
CA ASN G 246 -75.92 37.34 1.62
C ASN G 246 -77.02 36.30 1.82
N TYR G 247 -78.18 36.52 1.21
CA TYR G 247 -79.24 35.52 1.20
C TYR G 247 -78.95 34.44 0.18
N SER G 248 -78.54 34.84 -1.02
CA SER G 248 -78.36 33.93 -2.13
C SER G 248 -76.95 33.34 -2.22
N ALA G 249 -76.07 33.64 -1.28
CA ALA G 249 -74.72 33.14 -1.35
C ALA G 249 -74.60 31.77 -0.73
N GLN G 250 -73.87 30.88 -1.40
CA GLN G 250 -73.62 29.58 -0.82
C GLN G 250 -72.84 29.72 0.48
N VAL G 251 -72.93 28.71 1.32
CA VAL G 251 -72.10 28.71 2.52
C VAL G 251 -70.67 28.39 2.09
N GLY G 252 -69.75 29.28 2.42
CA GLY G 252 -68.35 29.06 2.11
C GLY G 252 -67.68 28.23 3.17
N LYS G 253 -66.40 27.97 2.94
CA LYS G 253 -65.61 27.11 3.80
C LYS G 253 -66.40 25.84 4.11
N SER G 254 -66.95 25.24 3.05
CA SER G 254 -67.69 24.01 3.17
C SER G 254 -67.57 23.26 1.86
N GLY G 255 -67.83 21.96 1.92
CA GLY G 255 -67.60 21.16 0.74
C GLY G 255 -66.12 21.04 0.44
N MET G 256 -65.70 21.46 -0.75
CA MET G 256 -64.34 21.22 -1.19
C MET G 256 -63.35 22.19 -0.55
N THR G 257 -63.80 23.30 0.01
CA THR G 257 -62.91 24.29 0.58
C THR G 257 -62.65 24.09 2.07
N LEU G 258 -63.19 23.04 2.68
CA LEU G 258 -62.89 22.76 4.07
C LEU G 258 -61.44 22.35 4.27
N THR G 259 -60.82 22.89 5.30
CA THR G 259 -59.75 22.19 5.96
C THR G 259 -60.41 21.06 6.75
N PRO G 260 -60.07 19.80 6.50
CA PRO G 260 -60.95 18.70 6.92
C PRO G 260 -61.40 18.72 8.38
N GLY G 261 -60.67 19.39 9.25
CA GLY G 261 -61.08 19.46 10.63
C GLY G 261 -61.73 20.77 11.03
N SER G 262 -62.18 21.54 10.05
CA SER G 262 -62.69 22.88 10.33
C SER G 262 -64.09 22.79 10.95
N LYS G 263 -64.70 23.96 11.11
CA LYS G 263 -66.05 24.06 11.65
C LYS G 263 -67.11 24.18 10.56
N ALA G 264 -66.73 24.08 9.29
CA ALA G 264 -67.70 23.97 8.21
C ALA G 264 -68.64 25.15 8.14
N GLY G 265 -68.15 26.29 7.66
CA GLY G 265 -68.97 27.47 7.47
C GLY G 265 -68.62 28.64 8.35
N VAL G 266 -67.73 28.48 9.33
CA VAL G 266 -67.21 29.61 10.08
C VAL G 266 -65.69 29.50 10.12
N PHE G 267 -65.02 30.63 10.01
CA PHE G 267 -63.57 30.73 10.12
C PHE G 267 -63.29 31.51 11.38
N ASP G 268 -62.81 30.84 12.42
CA ASP G 268 -62.61 31.48 13.72
C ASP G 268 -61.14 31.42 14.09
N PHE G 269 -60.60 32.58 14.45
CA PHE G 269 -59.17 32.74 14.63
C PHE G 269 -58.67 31.97 15.84
N GLN G 270 -59.56 31.32 16.56
CA GLN G 270 -59.19 30.55 17.74
C GLN G 270 -59.03 29.06 17.49
N ASP G 271 -59.30 28.56 16.28
CA ASP G 271 -59.02 27.17 15.96
C ASP G 271 -57.66 27.04 15.33
N PRO G 272 -56.72 26.32 15.95
CA PRO G 272 -55.41 26.12 15.32
C PRO G 272 -55.48 25.40 14.00
N ILE G 273 -56.60 24.76 13.69
CA ILE G 273 -56.75 24.15 12.37
C ILE G 273 -57.12 25.20 11.32
N ASP G 274 -57.99 26.15 11.69
CA ASP G 274 -58.42 27.16 10.72
C ASP G 274 -57.35 28.19 10.42
N ILE G 275 -56.52 28.55 11.40
CA ILE G 275 -55.47 29.53 11.17
C ILE G 275 -54.16 28.83 10.85
N ARG G 276 -54.21 27.51 10.66
CA ARG G 276 -53.06 26.74 10.21
C ARG G 276 -51.95 26.71 11.25
N GLY G 277 -52.33 26.62 12.51
CA GLY G 277 -51.32 26.59 13.55
C GLY G 277 -50.61 27.90 13.73
N ALA G 278 -51.18 28.98 13.23
CA ALA G 278 -50.54 30.27 13.31
C ALA G 278 -50.45 30.73 14.75
N ARG G 279 -49.51 31.63 14.99
CA ARG G 279 -49.21 32.12 16.32
C ARG G 279 -49.09 33.64 16.29
N TRP G 280 -49.48 34.26 17.38
CA TRP G 280 -49.76 35.70 17.47
C TRP G 280 -50.64 36.17 16.33
N ALA G 281 -50.40 37.37 15.81
CA ALA G 281 -51.37 38.02 14.94
C ALA G 281 -50.96 37.92 13.48
N GLY G 282 -49.80 38.48 13.13
CA GLY G 282 -49.35 38.43 11.75
C GLY G 282 -49.50 37.06 11.12
N GLU G 283 -49.14 36.01 11.85
CA GLU G 283 -49.39 34.68 11.34
C GLU G 283 -50.87 34.38 11.24
N SER G 284 -51.67 34.89 12.18
CA SER G 284 -53.07 34.49 12.25
C SER G 284 -53.92 35.14 11.18
N PHE G 285 -53.85 36.46 11.05
CA PHE G 285 -54.67 37.14 10.06
C PHE G 285 -54.29 36.69 8.66
N LYS G 286 -53.01 36.46 8.42
CA LYS G 286 -52.58 35.96 7.12
C LYS G 286 -53.18 34.61 6.79
N ALA G 287 -53.73 33.90 7.78
CA ALA G 287 -54.41 32.66 7.46
C ALA G 287 -55.83 32.92 6.97
N LEU G 288 -56.38 34.09 7.25
CA LEU G 288 -57.63 34.48 6.61
C LEU G 288 -57.40 34.71 5.13
N LEU G 289 -56.40 35.53 4.79
CA LEU G 289 -56.12 35.87 3.41
C LEU G 289 -55.93 34.63 2.55
N PHE G 290 -55.58 33.51 3.16
CA PHE G 290 -55.63 32.23 2.45
C PHE G 290 -57.03 31.64 2.42
N GLN G 291 -57.85 31.91 3.43
CA GLN G 291 -59.22 31.40 3.39
C GLN G 291 -60.08 32.19 2.43
N ILE G 292 -59.80 33.49 2.28
CA ILE G 292 -60.55 34.29 1.32
C ILE G 292 -60.10 33.99 -0.09
N ASP G 293 -58.84 33.60 -0.28
CA ASP G 293 -58.42 33.07 -1.57
C ASP G 293 -59.22 31.84 -1.92
N LYS G 294 -59.19 30.84 -1.05
CA LYS G 294 -59.55 29.49 -1.41
C LYS G 294 -60.96 29.43 -2.00
N GLU G 295 -61.84 30.33 -1.57
CA GLU G 295 -63.18 30.38 -2.14
C GLU G 295 -63.23 31.20 -3.41
N ALA G 296 -62.58 32.36 -3.43
CA ALA G 296 -62.48 33.11 -4.66
C ALA G 296 -61.93 32.25 -5.78
N VAL G 297 -61.05 31.31 -5.46
CA VAL G 297 -60.67 30.28 -6.41
C VAL G 297 -61.86 29.40 -6.73
N GLU G 298 -62.67 29.08 -5.73
CA GLU G 298 -63.67 28.03 -5.88
C GLU G 298 -64.95 28.53 -6.53
N ILE G 299 -65.21 29.84 -6.53
CA ILE G 299 -66.25 30.38 -7.38
C ILE G 299 -65.93 30.11 -8.84
N ALA G 300 -64.65 30.15 -9.21
CA ALA G 300 -64.28 29.93 -10.59
C ALA G 300 -64.52 28.50 -11.01
N ARG G 301 -64.73 27.60 -10.06
CA ARG G 301 -65.10 26.25 -10.45
C ARG G 301 -66.59 26.15 -10.74
N GLN G 302 -67.41 26.76 -9.90
CA GLN G 302 -68.85 26.61 -10.05
C GLN G 302 -69.43 27.55 -11.10
N THR G 303 -68.90 28.77 -11.20
CA THR G 303 -69.41 29.69 -12.20
C THR G 303 -68.87 29.37 -13.59
N GLY G 304 -67.57 29.18 -13.71
CA GLY G 304 -66.98 29.08 -15.02
C GLY G 304 -66.87 30.42 -15.69
N ARG G 305 -66.78 31.49 -14.90
CA ARG G 305 -66.54 32.83 -15.39
C ARG G 305 -65.17 33.35 -14.95
N GLY G 306 -64.93 33.42 -13.65
CA GLY G 306 -63.60 33.78 -13.21
C GLY G 306 -63.43 33.56 -11.72
N GLU G 307 -62.23 33.89 -11.26
CA GLU G 307 -61.94 33.84 -9.84
C GLU G 307 -62.80 34.86 -9.11
N GLY G 308 -62.97 34.67 -7.81
CA GLY G 308 -63.83 35.55 -7.06
C GLY G 308 -63.35 36.98 -7.10
N ASN G 309 -64.17 37.87 -7.63
CA ASN G 309 -63.70 39.19 -8.00
C ASN G 309 -63.93 40.26 -6.94
N PHE G 310 -64.75 40.00 -5.93
CA PHE G 310 -64.95 41.00 -4.89
C PHE G 310 -65.36 40.28 -3.62
N ILE G 311 -65.31 41.00 -2.51
CA ILE G 311 -65.91 40.53 -1.28
C ILE G 311 -66.67 41.69 -0.67
N ILE G 312 -67.70 41.37 0.10
CA ILE G 312 -68.27 42.32 1.04
C ILE G 312 -68.08 41.71 2.41
N ALA G 313 -68.13 42.54 3.44
CA ALA G 313 -67.64 42.09 4.73
C ALA G 313 -67.96 43.11 5.81
N SER G 314 -67.89 42.67 7.06
CA SER G 314 -68.21 43.52 8.18
C SER G 314 -67.07 44.48 8.49
N ARG G 315 -67.40 45.54 9.23
CA ARG G 315 -66.36 46.44 9.72
C ARG G 315 -65.26 45.68 10.45
N ASN G 316 -65.62 44.62 11.18
CA ASN G 316 -64.63 43.91 11.98
C ASN G 316 -63.55 43.28 11.12
N VAL G 317 -63.94 42.52 10.10
CA VAL G 317 -62.92 41.82 9.34
C VAL G 317 -62.15 42.75 8.42
N VAL G 318 -62.72 43.89 8.04
CA VAL G 318 -61.95 44.79 7.19
C VAL G 318 -60.79 45.40 7.98
N ASN G 319 -60.89 45.44 9.30
CA ASN G 319 -59.68 45.65 10.10
C ASN G 319 -58.72 44.49 9.93
N VAL G 320 -59.22 43.27 10.11
CA VAL G 320 -58.37 42.10 9.97
C VAL G 320 -57.77 42.03 8.58
N LEU G 321 -58.43 42.62 7.59
CA LEU G 321 -57.81 42.73 6.27
C LEU G 321 -56.88 43.93 6.20
N ALA G 322 -57.25 45.05 6.80
CA ALA G 322 -56.47 46.27 6.64
C ALA G 322 -55.24 46.30 7.52
N SER G 323 -55.18 45.46 8.54
CA SER G 323 -54.09 45.52 9.50
C SER G 323 -52.98 44.55 9.19
N VAL G 324 -53.04 43.82 8.09
CA VAL G 324 -52.07 42.79 7.79
C VAL G 324 -51.56 42.89 6.37
N ASP G 325 -50.25 42.77 6.22
CA ASP G 325 -49.61 42.83 4.92
C ASP G 325 -50.22 41.74 4.03
N THR G 326 -50.78 42.15 2.89
CA THR G 326 -51.53 41.24 2.05
C THR G 326 -50.72 40.65 0.92
N GLY G 327 -49.46 41.06 0.77
CA GLY G 327 -48.58 40.47 -0.21
C GLY G 327 -48.02 39.17 0.33
N ILE G 328 -46.91 38.74 -0.25
CA ILE G 328 -46.19 37.58 0.26
C ILE G 328 -45.04 38.18 1.05
N SER G 329 -45.22 38.34 2.35
CA SER G 329 -44.12 38.76 3.21
C SER G 329 -44.32 38.24 4.62
N TYR G 330 -43.36 37.45 5.12
CA TYR G 330 -43.16 37.18 6.54
C TYR G 330 -44.44 37.16 7.35
N ALA G 331 -44.47 37.82 8.49
CA ALA G 331 -45.67 37.99 9.26
C ALA G 331 -45.72 39.42 9.76
N ALA G 332 -46.83 40.10 9.53
CA ALA G 332 -46.82 41.52 9.85
C ALA G 332 -48.18 41.94 10.36
N GLN G 333 -48.20 43.05 11.08
CA GLN G 333 -49.41 43.62 11.63
C GLN G 333 -49.17 45.12 11.80
N GLY G 334 -50.17 45.82 12.28
CA GLY G 334 -50.02 47.23 12.58
C GLY G 334 -51.33 47.95 12.40
N LEU G 335 -51.27 49.26 12.51
CA LEU G 335 -52.45 50.09 12.33
C LEU G 335 -53.12 49.78 11.00
N ALA G 336 -54.44 49.65 11.05
CA ALA G 336 -55.20 49.49 9.82
C ALA G 336 -54.89 50.64 8.89
N THR G 337 -54.42 50.31 7.68
CA THR G 337 -53.87 51.36 6.83
C THR G 337 -54.46 51.33 5.42
N GLY G 338 -54.18 50.26 4.68
CA GLY G 338 -54.51 50.23 3.27
C GLY G 338 -55.98 50.40 2.95
N PHE G 339 -56.86 50.21 3.92
CA PHE G 339 -58.29 50.21 3.67
C PHE G 339 -58.97 51.30 4.46
N SER G 340 -60.18 51.64 4.03
CA SER G 340 -61.03 52.56 4.79
C SER G 340 -61.90 51.72 5.70
N THR G 341 -61.58 51.73 7.00
CA THR G 341 -62.26 50.86 7.94
C THR G 341 -63.59 51.45 8.40
N ASP G 342 -63.70 52.76 8.46
CA ASP G 342 -64.96 53.39 8.83
C ASP G 342 -65.90 53.40 7.65
N THR G 343 -67.19 53.46 7.95
CA THR G 343 -68.16 53.77 6.92
C THR G 343 -68.73 55.13 7.30
N THR G 344 -68.14 56.17 6.74
CA THR G 344 -68.73 57.48 6.61
C THR G 344 -68.36 58.01 5.24
N LYS G 345 -67.05 58.18 5.05
CA LYS G 345 -66.48 58.57 3.78
C LYS G 345 -67.09 57.77 2.65
N SER G 346 -66.81 56.47 2.59
CA SER G 346 -67.53 55.61 1.66
C SER G 346 -67.39 54.19 2.15
N VAL G 347 -68.30 53.34 1.68
CA VAL G 347 -68.31 51.96 2.15
C VAL G 347 -67.26 51.13 1.43
N PHE G 348 -67.09 51.33 0.13
CA PHE G 348 -66.04 50.62 -0.59
C PHE G 348 -64.70 50.87 0.08
N ALA G 349 -64.04 49.80 0.49
CA ALA G 349 -62.77 49.92 1.20
C ALA G 349 -61.69 49.18 0.42
N GLY G 350 -60.82 49.94 -0.23
CA GLY G 350 -59.61 49.48 -0.85
C GLY G 350 -59.79 48.36 -1.86
N VAL G 351 -58.68 47.70 -2.13
CA VAL G 351 -58.63 46.47 -2.89
C VAL G 351 -57.55 45.60 -2.26
N LEU G 352 -57.78 44.29 -2.26
CA LEU G 352 -56.77 43.35 -1.78
C LEU G 352 -55.85 42.95 -2.93
N GLY G 353 -54.57 43.25 -2.79
CA GLY G 353 -53.60 42.77 -3.75
C GLY G 353 -53.97 43.07 -5.19
N GLY G 354 -54.66 44.18 -5.42
CA GLY G 354 -55.09 44.51 -6.76
C GLY G 354 -56.08 43.54 -7.36
N LYS G 355 -56.58 42.57 -6.57
CA LYS G 355 -57.49 41.56 -7.09
C LYS G 355 -58.91 41.76 -6.55
N TYR G 356 -59.17 41.42 -5.30
CA TYR G 356 -60.49 41.56 -4.73
C TYR G 356 -60.78 43.04 -4.52
N ARG G 357 -62.05 43.40 -4.44
CA ARG G 357 -62.44 44.74 -4.01
C ARG G 357 -63.39 44.63 -2.83
N VAL G 358 -62.99 45.17 -1.69
CA VAL G 358 -63.60 44.83 -0.41
C VAL G 358 -64.59 45.92 -0.05
N TYR G 359 -65.88 45.63 -0.17
CA TYR G 359 -66.91 46.55 0.28
C TYR G 359 -67.28 46.18 1.71
N ILE G 360 -67.29 47.17 2.59
CA ILE G 360 -67.77 46.92 3.93
C ILE G 360 -69.26 46.61 3.85
N ASP G 361 -69.76 45.86 4.81
CA ASP G 361 -71.19 45.79 5.07
C ASP G 361 -71.40 46.44 6.41
N GLN G 362 -71.95 47.64 6.40
CA GLN G 362 -71.96 48.42 7.62
C GLN G 362 -73.00 47.91 8.60
N TYR G 363 -73.99 47.17 8.14
CA TYR G 363 -74.98 46.56 9.01
C TYR G 363 -74.80 45.05 8.86
N ALA G 364 -74.21 44.41 9.86
CA ALA G 364 -73.93 42.99 9.79
C ALA G 364 -74.12 42.40 11.16
N LYS G 365 -74.89 41.31 11.24
CA LYS G 365 -75.37 40.89 12.54
C LYS G 365 -74.29 40.16 13.33
N GLN G 366 -73.66 39.16 12.73
CA GLN G 366 -72.58 38.51 13.47
C GLN G 366 -71.25 39.01 12.95
N ASP G 367 -70.83 38.46 11.82
CA ASP G 367 -69.62 38.87 11.14
C ASP G 367 -69.46 37.91 9.97
N TYR G 368 -68.71 38.33 8.95
CA TYR G 368 -68.56 37.49 7.77
C TYR G 368 -67.78 38.17 6.67
N PHE G 369 -67.50 37.44 5.60
CA PHE G 369 -67.14 38.05 4.34
C PHE G 369 -67.77 37.24 3.23
N THR G 370 -68.38 37.90 2.26
CA THR G 370 -69.04 37.21 1.16
C THR G 370 -68.25 37.44 -0.11
N VAL G 371 -67.53 36.43 -0.56
CA VAL G 371 -66.68 36.58 -1.73
C VAL G 371 -67.53 36.36 -2.96
N GLY G 372 -67.69 37.38 -3.78
CA GLY G 372 -68.59 37.34 -4.89
C GLY G 372 -67.90 37.16 -6.22
N TYR G 373 -68.59 37.56 -7.27
CA TYR G 373 -68.00 37.68 -8.58
C TYR G 373 -68.74 38.75 -9.36
N LYS G 374 -68.02 39.54 -10.13
CA LYS G 374 -68.64 40.45 -11.08
C LYS G 374 -67.82 40.41 -12.36
N GLY G 375 -68.42 39.95 -13.45
CA GLY G 375 -67.71 39.84 -14.69
C GLY G 375 -67.47 41.20 -15.28
N PRO G 376 -66.74 41.27 -16.39
CA PRO G 376 -66.63 42.56 -17.08
C PRO G 376 -67.96 43.07 -17.58
N ASN G 377 -68.79 42.20 -18.14
CA ASN G 377 -70.09 42.61 -18.64
C ASN G 377 -71.01 43.01 -17.48
N GLU G 378 -72.01 43.81 -17.81
CA GLU G 378 -73.15 43.95 -16.93
C GLU G 378 -73.97 42.67 -16.89
N MET G 379 -73.73 41.77 -17.83
CA MET G 379 -74.49 40.53 -17.89
C MET G 379 -73.99 39.49 -16.90
N ASP G 380 -72.68 39.41 -16.70
CA ASP G 380 -72.10 38.34 -15.90
C ASP G 380 -72.03 38.84 -14.47
N ALA G 381 -72.96 38.37 -13.65
CA ALA G 381 -73.16 38.98 -12.35
C ALA G 381 -73.37 37.96 -11.25
N GLY G 382 -74.43 37.20 -11.40
CA GLY G 382 -74.98 36.36 -10.36
C GLY G 382 -76.24 36.90 -9.75
N ILE G 383 -76.47 38.21 -9.83
CA ILE G 383 -77.77 38.78 -9.56
C ILE G 383 -77.86 40.10 -10.32
N TYR G 384 -79.04 40.42 -10.81
CA TYR G 384 -79.23 41.57 -11.68
C TYR G 384 -80.06 42.61 -10.95
N TYR G 385 -79.50 43.78 -10.73
CA TYR G 385 -80.30 44.89 -10.24
C TYR G 385 -80.61 45.75 -11.44
N ALA G 386 -81.83 45.68 -11.90
CA ALA G 386 -82.22 46.42 -13.07
C ALA G 386 -83.25 47.47 -12.67
N PRO G 387 -82.89 48.74 -12.62
CA PRO G 387 -83.89 49.75 -12.27
C PRO G 387 -84.86 49.97 -13.41
N TYR G 388 -85.98 50.61 -13.10
CA TYR G 388 -86.96 50.89 -14.12
C TYR G 388 -87.33 52.36 -14.13
N VAL G 389 -88.02 52.82 -13.09
CA VAL G 389 -88.19 54.25 -12.86
C VAL G 389 -87.48 54.59 -11.56
N ALA G 390 -87.07 55.85 -11.43
CA ALA G 390 -86.29 56.27 -10.28
C ALA G 390 -87.02 57.38 -9.53
N LEU G 391 -87.51 57.05 -8.35
CA LEU G 391 -87.91 58.02 -7.32
C LEU G 391 -88.68 59.19 -7.91
N THR G 392 -89.67 58.89 -8.72
CA THR G 392 -90.54 59.92 -9.25
C THR G 392 -91.29 60.56 -8.11
N PRO G 393 -91.07 61.83 -7.80
CA PRO G 393 -91.75 62.44 -6.67
C PRO G 393 -93.21 62.65 -6.98
N LEU G 394 -94.03 62.58 -5.94
CA LEU G 394 -95.45 62.83 -6.08
C LEU G 394 -95.89 63.76 -4.97
N ARG G 395 -96.73 64.73 -5.31
CA ARG G 395 -97.17 65.75 -4.38
C ARG G 395 -98.68 65.79 -4.30
N GLY G 396 -99.19 66.33 -3.20
CA GLY G 396 -100.62 66.48 -3.06
C GLY G 396 -100.94 67.26 -1.80
N SER G 397 -102.23 67.36 -1.52
CA SER G 397 -102.68 67.98 -0.29
C SER G 397 -104.00 67.35 0.13
N ASP G 398 -104.18 67.16 1.42
CA ASP G 398 -105.39 66.54 1.93
C ASP G 398 -106.55 67.48 1.68
N PRO G 399 -107.54 67.09 0.86
CA PRO G 399 -108.50 68.08 0.37
C PRO G 399 -109.43 68.65 1.41
N LYS G 400 -109.69 67.96 2.51
CA LYS G 400 -110.59 68.50 3.51
C LYS G 400 -109.90 69.52 4.40
N ASN G 401 -108.75 69.17 4.95
CA ASN G 401 -108.03 70.02 5.88
C ASN G 401 -106.90 70.81 5.25
N PHE G 402 -106.70 70.70 3.93
CA PHE G 402 -105.70 71.49 3.20
C PHE G 402 -104.28 71.19 3.61
N GLN G 403 -103.98 69.97 4.05
CA GLN G 403 -102.61 69.88 4.51
C GLN G 403 -101.82 68.92 3.64
N PRO G 404 -100.56 69.25 3.35
CA PRO G 404 -99.87 68.56 2.26
C PRO G 404 -99.44 67.17 2.65
N VAL G 405 -99.36 66.32 1.64
CA VAL G 405 -98.76 65.01 1.74
C VAL G 405 -97.87 64.86 0.53
N MET G 406 -96.81 64.08 0.67
CA MET G 406 -95.89 63.86 -0.43
C MET G 406 -95.38 62.44 -0.34
N GLY G 407 -94.91 61.93 -1.47
CA GLY G 407 -94.45 60.56 -1.50
C GLY G 407 -93.73 60.27 -2.79
N PHE G 408 -92.85 59.26 -2.72
CA PHE G 408 -92.06 58.84 -3.85
C PHE G 408 -92.45 57.43 -4.25
N LYS G 409 -92.37 57.14 -5.55
CA LYS G 409 -92.53 55.78 -6.05
C LYS G 409 -91.30 55.40 -6.89
N THR G 410 -90.94 54.13 -6.86
CA THR G 410 -89.91 53.61 -7.73
C THR G 410 -90.34 52.24 -8.22
N ARG G 411 -89.72 51.78 -9.29
CA ARG G 411 -89.93 50.42 -9.76
C ARG G 411 -88.59 49.88 -10.19
N TYR G 412 -88.21 48.72 -9.69
CA TYR G 412 -86.89 48.25 -10.05
C TYR G 412 -86.91 46.82 -10.53
N GLY G 413 -87.12 45.88 -9.65
CA GLY G 413 -87.05 44.50 -10.11
C GLY G 413 -85.63 43.99 -10.10
N ILE G 414 -85.51 42.69 -9.79
CA ILE G 414 -84.24 42.03 -9.63
C ILE G 414 -84.28 40.82 -10.54
N GLY G 415 -83.12 40.20 -10.75
CA GLY G 415 -83.08 39.01 -11.55
C GLY G 415 -81.94 38.13 -11.09
N ILE G 416 -82.09 36.84 -11.35
CA ILE G 416 -81.10 35.86 -10.98
C ILE G 416 -80.38 35.47 -12.26
N ASN G 417 -79.09 35.30 -12.18
CA ASN G 417 -78.36 34.94 -13.39
C ASN G 417 -78.75 33.54 -13.80
N PRO G 418 -79.31 33.31 -14.98
CA PRO G 418 -79.44 31.94 -15.45
C PRO G 418 -78.06 31.35 -15.50
N PHE G 419 -77.94 30.09 -15.08
CA PHE G 419 -76.71 29.35 -14.81
C PHE G 419 -76.24 29.52 -13.38
N ALA G 420 -76.87 30.39 -12.60
CA ALA G 420 -76.35 30.66 -11.26
C ALA G 420 -76.37 29.43 -10.40
N GLU G 421 -77.51 28.71 -10.38
CA GLU G 421 -77.65 27.57 -9.48
C GLU G 421 -76.52 26.57 -9.66
N SER G 422 -76.00 26.44 -10.88
CA SER G 422 -74.74 25.76 -11.17
C SER G 422 -74.82 24.26 -10.95
N ALA G 423 -75.82 23.81 -10.22
CA ALA G 423 -75.96 22.40 -9.92
C ALA G 423 -76.85 21.68 -10.92
N ALA G 424 -77.52 22.40 -11.80
CA ALA G 424 -78.57 21.83 -12.63
C ALA G 424 -78.17 21.91 -14.08
N GLN G 425 -78.30 20.80 -14.80
CA GLN G 425 -78.05 20.82 -16.23
C GLN G 425 -79.24 21.31 -17.02
N ALA G 426 -80.41 21.42 -16.42
CA ALA G 426 -81.57 21.78 -17.17
C ALA G 426 -82.46 22.73 -16.38
N PRO G 427 -83.06 23.71 -17.03
CA PRO G 427 -84.08 24.51 -16.37
C PRO G 427 -85.37 23.73 -16.27
N ALA G 428 -86.26 24.19 -15.41
CA ALA G 428 -87.62 23.68 -15.38
C ALA G 428 -88.53 24.67 -16.10
N SER G 429 -89.39 24.16 -16.96
CA SER G 429 -90.47 24.85 -17.64
C SER G 429 -90.01 25.71 -18.81
N ARG G 430 -88.73 25.98 -18.95
CA ARG G 430 -88.15 26.63 -20.13
C ARG G 430 -88.54 28.09 -20.28
N ILE G 431 -89.57 28.53 -19.57
CA ILE G 431 -89.82 29.94 -19.33
C ILE G 431 -89.99 30.05 -17.84
N GLN G 432 -89.01 30.64 -17.17
CA GLN G 432 -88.86 30.43 -15.75
C GLN G 432 -88.61 31.77 -15.10
N SER G 433 -89.46 32.13 -14.15
CA SER G 433 -89.32 33.39 -13.45
C SER G 433 -87.91 33.51 -12.91
N GLY G 434 -87.30 34.66 -13.14
CA GLY G 434 -85.97 34.94 -12.64
C GLY G 434 -85.94 35.72 -11.37
N MET G 435 -87.08 36.20 -10.92
CA MET G 435 -87.17 36.86 -9.63
C MET G 435 -86.68 35.88 -8.56
N PRO G 436 -85.90 36.34 -7.58
CA PRO G 436 -85.40 35.42 -6.57
C PRO G 436 -86.51 34.90 -5.66
N SER G 437 -86.34 33.66 -5.23
CA SER G 437 -87.31 32.93 -4.42
C SER G 437 -86.55 31.99 -3.52
N ILE G 438 -87.26 31.06 -2.89
CA ILE G 438 -86.59 30.02 -2.13
C ILE G 438 -86.00 28.97 -3.07
N LEU G 439 -86.78 28.52 -4.04
CA LEU G 439 -86.38 27.35 -4.82
C LEU G 439 -85.11 27.63 -5.60
N ASN G 440 -85.11 28.65 -6.45
CA ASN G 440 -83.99 28.85 -7.35
C ASN G 440 -82.84 29.59 -6.67
N SER G 441 -83.15 30.65 -5.93
CA SER G 441 -82.12 31.61 -5.54
C SER G 441 -81.61 31.48 -4.11
N LEU G 442 -82.15 30.61 -3.27
CA LEU G 442 -81.72 30.58 -1.88
C LEU G 442 -80.49 29.71 -1.70
N GLY G 443 -79.39 30.32 -1.26
CA GLY G 443 -78.20 29.58 -0.96
C GLY G 443 -77.62 28.83 -2.14
N LYS G 444 -78.18 29.04 -3.33
CA LYS G 444 -77.75 28.31 -4.50
C LYS G 444 -76.88 29.09 -5.48
N ASN G 445 -76.65 30.39 -5.29
CA ASN G 445 -75.79 31.09 -6.24
C ASN G 445 -74.39 30.53 -6.19
N ALA G 446 -73.85 30.21 -7.36
CA ALA G 446 -72.44 29.92 -7.44
C ALA G 446 -71.63 31.19 -7.30
N TYR G 447 -72.13 32.30 -7.84
CA TYR G 447 -71.34 33.51 -7.92
C TYR G 447 -70.97 34.09 -6.55
N PHE G 448 -71.73 33.78 -5.51
CA PHE G 448 -71.55 34.42 -4.22
C PHE G 448 -71.27 33.35 -3.18
N ARG G 449 -70.16 33.46 -2.47
CA ARG G 449 -69.85 32.53 -1.41
C ARG G 449 -69.56 33.27 -0.11
N ARG G 450 -70.11 32.76 0.99
CA ARG G 450 -70.19 33.49 2.24
C ARG G 450 -69.59 32.67 3.38
N VAL G 451 -68.85 33.33 4.25
CA VAL G 451 -68.19 32.69 5.39
C VAL G 451 -68.33 33.59 6.60
N TYR G 452 -68.78 33.04 7.71
CA TYR G 452 -68.78 33.76 8.96
C TYR G 452 -67.39 33.72 9.58
N VAL G 453 -66.96 34.83 10.13
CA VAL G 453 -65.68 34.92 10.81
C VAL G 453 -65.96 35.11 12.30
N LYS G 454 -65.26 34.36 13.13
CA LYS G 454 -65.44 34.46 14.57
C LYS G 454 -64.11 34.76 15.24
N GLY G 455 -64.19 35.23 16.47
CA GLY G 455 -63.01 35.44 17.27
C GLY G 455 -62.21 36.65 16.85
N ILE G 456 -62.87 37.78 16.62
CA ILE G 456 -62.15 39.02 16.40
C ILE G 456 -62.39 39.95 17.57
N ALA H 1 96.70 -0.58 39.11
CA ALA H 1 96.35 -1.52 38.06
C ALA H 1 94.94 -1.23 37.61
N GLU H 2 94.79 -0.28 36.71
CA GLU H 2 93.44 0.10 36.28
C GLU H 2 92.91 -0.87 35.26
N ILE H 3 91.82 -1.53 35.61
CA ILE H 3 91.36 -2.71 34.90
C ILE H 3 90.24 -2.28 33.97
N GLY H 4 90.35 -2.65 32.69
CA GLY H 4 89.31 -2.27 31.74
C GLY H 4 87.98 -2.91 32.08
N GLY H 5 87.99 -4.19 32.40
CA GLY H 5 86.79 -4.86 32.86
C GLY H 5 85.78 -5.06 31.77
N ASP H 6 84.70 -5.75 32.10
CA ASP H 6 83.67 -6.10 31.13
C ASP H 6 82.30 -5.76 31.69
N HIS H 7 81.33 -5.70 30.79
CA HIS H 7 79.95 -5.82 31.20
C HIS H 7 79.75 -7.23 31.72
N GLY H 8 78.74 -7.40 32.55
CA GLY H 8 78.60 -8.74 33.10
C GLY H 8 78.19 -9.80 32.12
N TYR H 9 77.96 -9.45 30.85
CA TYR H 9 77.33 -10.28 29.83
C TYR H 9 75.84 -10.43 30.07
N ASN H 10 75.36 -9.99 31.23
CA ASN H 10 73.92 -9.85 31.42
C ASN H 10 73.39 -8.84 30.44
N ALA H 11 72.17 -9.06 29.95
CA ALA H 11 71.66 -8.12 28.97
C ALA H 11 71.37 -6.76 29.58
N THR H 12 71.20 -6.68 30.90
CA THR H 12 71.02 -5.38 31.54
C THR H 12 72.35 -4.66 31.73
N ASN H 13 73.34 -5.36 32.28
CA ASN H 13 74.65 -4.75 32.50
C ASN H 13 75.25 -4.21 31.23
N ILE H 14 74.82 -4.73 30.08
CA ILE H 14 75.31 -4.17 28.84
C ILE H 14 74.51 -2.94 28.46
N ALA H 15 73.19 -2.98 28.63
CA ALA H 15 72.39 -1.85 28.22
C ALA H 15 72.64 -0.65 29.13
N ALA H 16 72.94 -0.89 30.39
CA ALA H 16 73.20 0.19 31.33
C ALA H 16 74.63 0.69 31.28
N GLY H 17 75.47 0.13 30.42
CA GLY H 17 76.85 0.56 30.38
C GLY H 17 77.60 0.23 31.65
N GLN H 18 76.95 -0.50 32.54
CA GLN H 18 77.60 -0.97 33.77
C GLN H 18 78.82 -1.79 33.40
N THR H 19 79.84 -1.73 34.25
CA THR H 19 81.08 -2.42 33.96
C THR H 19 81.75 -2.85 35.26
N SER H 20 82.32 -4.05 35.27
CA SER H 20 83.03 -4.53 36.45
C SER H 20 84.29 -3.74 36.74
N GLY H 21 84.81 -2.98 35.77
CA GLY H 21 86.06 -2.29 35.91
C GLY H 21 85.88 -0.84 36.28
N ALA H 22 86.95 -0.07 36.07
CA ALA H 22 86.92 1.36 36.33
C ALA H 22 85.83 2.05 35.53
N VAL H 23 85.95 2.02 34.21
CA VAL H 23 85.14 2.86 33.32
C VAL H 23 83.79 2.22 33.05
N THR H 24 82.71 3.01 33.15
CA THR H 24 81.39 2.62 32.73
C THR H 24 81.10 3.23 31.37
N GLN H 25 80.86 2.40 30.36
CA GLN H 25 80.72 2.98 29.03
C GLN H 25 79.37 3.67 28.89
N ILE H 26 79.22 4.39 27.78
CA ILE H 26 78.01 5.12 27.47
C ILE H 26 76.86 4.16 27.30
N GLY H 27 76.92 3.34 26.27
CA GLY H 27 75.85 2.45 25.94
C GLY H 27 76.21 1.55 24.79
N PRO H 28 75.22 0.77 24.33
CA PRO H 28 75.43 -0.16 23.23
C PRO H 28 75.62 0.44 21.84
N ALA H 29 75.35 1.72 21.65
CA ALA H 29 75.07 2.31 20.34
C ALA H 29 73.85 1.63 19.74
N VAL H 30 73.83 1.40 18.43
CA VAL H 30 72.71 0.71 17.79
C VAL H 30 73.26 -0.06 16.59
N MET H 31 72.78 -1.29 16.41
CA MET H 31 72.99 -2.00 15.16
C MET H 31 71.77 -1.95 14.26
N GLY H 32 70.73 -1.22 14.65
CA GLY H 32 69.56 -1.06 13.83
C GLY H 32 68.36 -1.84 14.32
N MET H 33 67.22 -1.59 13.69
CA MET H 33 65.96 -2.16 14.12
C MET H 33 65.49 -3.22 13.14
N VAL H 34 64.89 -4.28 13.67
CA VAL H 34 64.41 -5.38 12.85
C VAL H 34 62.90 -5.42 12.96
N ARG H 35 62.21 -5.13 11.86
CA ARG H 35 60.77 -5.27 11.83
C ARG H 35 60.42 -6.64 11.24
N ARG H 36 59.13 -6.96 11.25
CA ARG H 36 58.62 -8.25 10.78
C ARG H 36 57.80 -8.01 9.52
N ALA H 37 58.15 -8.67 8.44
CA ALA H 37 57.60 -8.34 7.13
C ALA H 37 56.12 -8.71 7.06
N ILE H 38 55.41 -8.05 6.14
CA ILE H 38 53.97 -8.20 5.97
C ILE H 38 53.68 -9.36 5.03
N PRO H 39 52.81 -10.30 5.41
CA PRO H 39 52.53 -11.44 4.54
C PRO H 39 51.82 -11.01 3.27
N ASN H 40 51.81 -11.92 2.30
CA ASN H 40 51.33 -11.64 0.96
C ASN H 40 49.87 -12.00 0.77
N LEU H 41 49.20 -11.21 -0.05
CA LEU H 41 47.84 -11.46 -0.45
C LEU H 41 47.79 -12.44 -1.62
N ILE H 42 46.64 -13.12 -1.76
CA ILE H 42 46.38 -14.02 -2.87
C ILE H 42 45.64 -13.33 -4.00
N ALA H 43 45.40 -12.04 -3.85
CA ALA H 43 44.56 -11.18 -4.67
C ALA H 43 43.17 -11.75 -4.91
N PHE H 44 42.46 -11.19 -5.88
CA PHE H 44 41.08 -11.56 -6.13
C PHE H 44 40.78 -12.16 -7.49
N ASP H 45 41.78 -12.40 -8.32
CA ASP H 45 41.51 -12.93 -9.65
C ASP H 45 40.70 -14.22 -9.61
N ILE H 46 40.68 -14.92 -8.47
CA ILE H 46 40.02 -16.21 -8.36
C ILE H 46 38.56 -16.13 -7.93
N CYS H 47 38.08 -14.97 -7.51
CA CYS H 47 36.69 -14.82 -7.07
C CYS H 47 36.17 -13.49 -7.58
N GLY H 48 35.05 -13.52 -8.29
CA GLY H 48 34.55 -12.30 -8.90
C GLY H 48 34.27 -11.23 -7.87
N VAL H 49 34.67 -10.01 -8.17
CA VAL H 49 34.55 -8.93 -7.19
C VAL H 49 33.13 -8.38 -7.19
N GLN H 50 32.74 -7.65 -8.24
CA GLN H 50 31.45 -6.97 -8.24
C GLN H 50 31.27 -6.01 -7.07
N PRO H 51 31.94 -4.86 -7.08
CA PRO H 51 31.68 -3.87 -6.03
C PRO H 51 30.19 -3.63 -5.87
N MET H 52 29.78 -3.46 -4.61
CA MET H 52 28.37 -3.34 -4.27
C MET H 52 28.14 -1.95 -3.70
N ASN H 53 27.42 -1.13 -4.46
CA ASN H 53 27.25 0.28 -4.10
C ASN H 53 26.21 0.46 -3.01
N SER H 54 25.08 -0.19 -3.15
CA SER H 54 24.04 -0.10 -2.15
C SER H 54 23.91 -1.44 -1.46
N PRO H 55 23.51 -1.47 -0.19
CA PRO H 55 23.52 -2.75 0.53
C PRO H 55 22.67 -3.77 -0.20
N THR H 56 23.05 -5.03 -0.04
CA THR H 56 22.18 -6.16 -0.31
C THR H 56 21.75 -6.21 -1.78
N GLY H 57 22.70 -6.51 -2.64
CA GLY H 57 22.37 -6.83 -4.01
C GLY H 57 21.61 -8.13 -4.11
N GLN H 58 21.02 -8.37 -5.28
CA GLN H 58 20.27 -9.59 -5.51
C GLN H 58 20.46 -10.03 -6.95
N VAL H 59 20.59 -11.34 -7.14
CA VAL H 59 20.89 -11.94 -8.44
C VAL H 59 19.75 -12.88 -8.79
N PHE H 60 19.34 -12.88 -10.05
CA PHE H 60 18.28 -13.80 -10.43
C PHE H 60 18.87 -15.07 -11.04
N ALA H 61 18.01 -16.04 -11.29
CA ALA H 61 18.40 -17.22 -12.03
C ALA H 61 17.21 -17.70 -12.86
N LEU H 62 17.41 -17.94 -14.15
CA LEU H 62 16.33 -18.45 -14.99
C LEU H 62 16.61 -19.90 -15.30
N ARG H 63 15.85 -20.79 -14.68
CA ARG H 63 15.91 -22.19 -15.02
C ARG H 63 14.96 -22.43 -16.18
N ALA H 64 15.40 -23.17 -17.18
CA ALA H 64 14.49 -23.62 -18.21
C ALA H 64 13.92 -24.95 -17.76
N VAL H 65 12.63 -24.98 -17.47
CA VAL H 65 11.96 -26.13 -16.88
C VAL H 65 10.96 -26.66 -17.89
N TYR H 66 10.92 -27.97 -18.05
CA TYR H 66 9.90 -28.55 -18.89
C TYR H 66 9.02 -29.50 -18.10
N GLY H 67 7.89 -29.84 -18.69
CA GLY H 67 6.83 -30.47 -17.97
C GLY H 67 5.64 -29.59 -17.63
N LYS H 68 5.47 -28.45 -18.30
CA LYS H 68 4.21 -27.72 -18.27
C LYS H 68 4.04 -26.94 -16.98
N ASP H 69 4.85 -27.23 -15.98
CA ASP H 69 4.80 -26.54 -14.69
C ASP H 69 6.17 -26.00 -14.33
N PRO H 70 6.44 -24.74 -14.64
CA PRO H 70 7.77 -24.18 -14.35
C PRO H 70 8.23 -24.43 -12.93
N VAL H 71 7.35 -24.24 -11.94
CA VAL H 71 7.67 -24.52 -10.55
C VAL H 71 6.82 -25.69 -10.11
N ALA H 72 7.46 -26.83 -9.87
CA ALA H 72 6.74 -28.03 -9.47
C ALA H 72 7.71 -28.96 -8.76
N ALA H 73 7.15 -29.91 -8.04
CA ALA H 73 7.98 -30.91 -7.40
C ALA H 73 8.75 -31.69 -8.46
N GLY H 74 10.07 -31.74 -8.29
CA GLY H 74 10.91 -32.52 -9.18
C GLY H 74 10.67 -32.23 -10.64
N ALA H 75 10.69 -30.96 -11.01
CA ALA H 75 10.45 -30.57 -12.39
C ALA H 75 11.79 -30.50 -13.11
N LYS H 76 12.00 -31.41 -14.05
CA LYS H 76 13.29 -31.55 -14.69
C LYS H 76 13.69 -30.25 -15.39
N GLU H 77 14.90 -29.78 -15.11
CA GLU H 77 15.38 -28.58 -15.77
C GLU H 77 15.76 -28.92 -17.19
N ALA H 78 15.55 -27.97 -18.10
CA ALA H 78 15.68 -28.28 -19.52
C ALA H 78 17.12 -28.44 -19.93
N PHE H 79 17.87 -27.35 -19.95
CA PHE H 79 19.23 -27.36 -20.45
C PHE H 79 20.11 -27.37 -19.23
N HIS H 80 20.57 -28.55 -18.84
CA HIS H 80 21.30 -28.70 -17.60
C HIS H 80 22.63 -29.36 -17.91
N PRO H 81 23.76 -28.72 -17.64
CA PRO H 81 25.05 -29.36 -17.97
C PRO H 81 25.22 -30.78 -17.45
N MET H 82 24.84 -31.05 -16.20
CA MET H 82 24.73 -32.41 -15.69
C MET H 82 23.97 -33.29 -16.67
N TYR H 83 22.67 -33.04 -16.76
CA TYR H 83 21.69 -34.00 -17.23
C TYR H 83 21.38 -33.80 -18.70
N GLY H 84 21.46 -34.87 -19.46
CA GLY H 84 21.04 -34.84 -20.84
C GLY H 84 19.55 -34.56 -20.94
N PRO H 85 19.09 -34.12 -22.10
CA PRO H 85 17.65 -33.98 -22.31
C PRO H 85 17.04 -35.35 -22.52
N ASP H 86 15.82 -35.52 -22.04
CA ASP H 86 15.16 -36.80 -22.30
C ASP H 86 14.85 -36.84 -23.78
N ALA H 87 15.43 -37.84 -24.45
CA ALA H 87 15.60 -37.72 -25.89
C ALA H 87 14.30 -37.90 -26.64
N MET H 88 13.35 -38.62 -26.07
CA MET H 88 11.98 -38.58 -26.57
C MET H 88 11.12 -37.93 -25.49
N PHE H 89 10.80 -36.69 -25.72
CA PHE H 89 9.87 -35.91 -24.92
C PHE H 89 9.00 -35.25 -25.96
N SER H 90 9.63 -34.47 -26.82
CA SER H 90 9.06 -34.15 -28.11
C SER H 90 8.49 -35.39 -28.79
N GLY H 91 9.20 -36.50 -28.69
CA GLY H 91 8.95 -37.65 -29.52
C GLY H 91 7.98 -38.64 -28.90
N GLN H 92 8.26 -39.92 -29.11
CA GLN H 92 7.34 -40.98 -28.71
C GLN H 92 6.82 -40.77 -27.30
N GLY H 93 7.65 -40.24 -26.41
CA GLY H 93 7.26 -40.05 -25.03
C GLY H 93 6.05 -39.18 -24.83
N ALA H 94 5.72 -38.34 -25.80
CA ALA H 94 4.49 -37.56 -25.73
C ALA H 94 3.29 -38.36 -26.19
N ALA H 95 3.48 -39.27 -27.14
CA ALA H 95 2.38 -40.07 -27.65
C ALA H 95 1.91 -41.07 -26.61
N LYS H 96 2.83 -41.86 -26.07
CA LYS H 96 2.54 -42.81 -25.02
C LYS H 96 3.43 -42.52 -23.82
N LYS H 97 3.01 -43.03 -22.67
CA LYS H 97 3.71 -42.77 -21.41
C LYS H 97 4.60 -43.96 -21.07
N PHE H 98 5.88 -43.70 -20.89
CA PHE H 98 6.66 -44.90 -20.63
C PHE H 98 6.79 -45.16 -19.15
N PRO H 99 6.72 -46.42 -18.74
CA PRO H 99 6.73 -46.74 -17.31
C PRO H 99 8.09 -46.49 -16.71
N ALA H 100 8.10 -46.00 -15.48
CA ALA H 100 9.35 -45.82 -14.77
C ALA H 100 9.99 -47.17 -14.49
N LEU H 101 11.28 -47.14 -14.22
CA LEU H 101 12.03 -48.36 -13.96
C LEU H 101 12.39 -48.38 -12.49
N ALA H 102 11.95 -49.41 -11.79
CA ALA H 102 12.08 -49.48 -10.34
C ALA H 102 12.59 -50.87 -9.95
N ALA H 103 12.95 -51.01 -8.68
CA ALA H 103 13.41 -52.28 -8.17
C ALA H 103 12.41 -53.38 -8.47
N SER H 104 12.90 -54.46 -9.08
CA SER H 104 12.08 -55.59 -9.51
C SER H 104 10.94 -55.14 -10.41
N THR H 105 11.28 -54.34 -11.41
CA THR H 105 10.45 -54.19 -12.59
C THR H 105 10.99 -55.15 -13.62
N GLN H 106 10.24 -56.20 -13.91
CA GLN H 106 10.71 -57.21 -14.84
C GLN H 106 10.49 -56.72 -16.25
N THR H 107 11.57 -56.56 -16.99
CA THR H 107 11.51 -55.89 -18.29
C THR H 107 11.06 -56.89 -19.35
N THR H 108 9.98 -56.60 -20.05
CA THR H 108 9.57 -57.41 -21.18
C THR H 108 10.27 -56.90 -22.42
N VAL H 109 10.63 -57.82 -23.31
CA VAL H 109 11.47 -57.48 -24.44
C VAL H 109 10.80 -56.40 -25.27
N GLY H 110 11.55 -55.33 -25.55
CA GLY H 110 11.10 -54.28 -26.43
C GLY H 110 10.46 -53.09 -25.75
N ASP H 111 9.94 -53.26 -24.54
CA ASP H 111 9.29 -52.15 -23.86
C ASP H 111 10.32 -51.12 -23.46
N ILE H 112 10.03 -49.85 -23.73
CA ILE H 112 10.91 -48.76 -23.35
C ILE H 112 10.61 -48.38 -21.91
N TYR H 113 11.61 -48.50 -21.04
CA TYR H 113 11.50 -48.12 -19.65
C TYR H 113 12.32 -46.87 -19.41
N THR H 114 11.70 -45.84 -18.83
CA THR H 114 12.44 -44.63 -18.53
C THR H 114 13.36 -44.87 -17.36
N HIS H 115 14.36 -44.00 -17.22
CA HIS H 115 15.01 -43.91 -15.93
C HIS H 115 15.67 -42.55 -15.84
N PHE H 116 15.89 -42.11 -14.61
CA PHE H 116 16.54 -40.84 -14.32
C PHE H 116 17.78 -41.16 -13.51
N PHE H 117 18.96 -40.99 -14.09
CA PHE H 117 20.18 -41.13 -13.32
C PHE H 117 20.44 -39.86 -12.54
N GLN H 118 21.02 -40.02 -11.34
CA GLN H 118 21.27 -38.84 -10.51
C GLN H 118 22.40 -37.99 -11.10
N GLU H 119 23.14 -38.55 -12.04
CA GLU H 119 24.12 -37.82 -12.81
C GLU H 119 23.98 -38.17 -14.27
N THR H 120 24.15 -37.17 -15.12
CA THR H 120 24.11 -37.37 -16.57
C THR H 120 22.78 -37.95 -17.02
N GLY H 121 21.71 -37.33 -16.57
CA GLY H 121 20.51 -37.31 -17.37
C GLY H 121 19.44 -38.33 -17.03
N THR H 122 18.35 -38.18 -17.78
CA THR H 122 17.25 -39.12 -17.81
C THR H 122 17.28 -39.88 -19.12
N VAL H 123 16.95 -41.16 -19.06
CA VAL H 123 17.15 -42.04 -20.20
C VAL H 123 15.87 -42.81 -20.49
N TYR H 124 15.73 -43.19 -21.75
CA TYR H 124 14.66 -44.07 -22.17
C TYR H 124 15.30 -45.37 -22.63
N LEU H 125 15.20 -46.39 -21.80
CA LEU H 125 15.94 -47.61 -21.98
C LEU H 125 15.05 -48.64 -22.66
N GLN H 126 15.50 -49.17 -23.78
CA GLN H 126 14.82 -50.27 -24.43
C GLN H 126 15.35 -51.58 -23.89
N ALA H 127 14.47 -52.50 -23.56
CA ALA H 127 14.88 -53.76 -22.95
C ALA H 127 15.10 -54.78 -24.06
N SER H 128 16.35 -55.20 -24.24
CA SER H 128 16.66 -56.18 -25.27
C SER H 128 16.34 -57.59 -24.82
N VAL H 129 16.50 -57.91 -23.53
CA VAL H 129 16.21 -59.24 -23.03
C VAL H 129 15.56 -59.12 -21.66
N GLN H 130 14.66 -60.05 -21.38
CA GLN H 130 13.89 -60.00 -20.14
C GLN H 130 14.81 -60.20 -18.95
N VAL H 131 14.69 -59.31 -17.96
CA VAL H 131 15.58 -59.32 -16.80
C VAL H 131 14.84 -58.71 -15.63
N THR H 132 15.33 -58.98 -14.43
CA THR H 132 14.80 -58.39 -13.21
C THR H 132 15.80 -57.38 -12.67
N ILE H 133 15.30 -56.28 -12.13
CA ILE H 133 16.13 -55.16 -11.73
C ILE H 133 16.59 -55.35 -10.29
N ASP H 134 16.36 -56.54 -9.73
CA ASP H 134 17.01 -56.92 -8.48
C ASP H 134 16.58 -56.06 -7.30
N ALA H 135 15.43 -56.40 -6.70
CA ALA H 135 14.84 -55.61 -5.63
C ALA H 135 15.82 -55.29 -4.50
N GLY H 136 16.95 -55.99 -4.44
CA GLY H 136 17.97 -55.62 -3.49
C GLY H 136 18.45 -54.17 -3.62
N ALA H 137 18.15 -53.52 -4.74
CA ALA H 137 18.49 -52.12 -4.93
C ALA H 137 17.23 -51.28 -4.71
N THR H 138 17.18 -50.59 -3.58
CA THR H 138 16.06 -49.76 -3.20
C THR H 138 16.41 -48.28 -3.28
N ASP H 139 17.41 -47.86 -2.50
CA ASP H 139 17.93 -46.50 -2.60
C ASP H 139 18.29 -46.18 -4.03
N ALA H 140 18.05 -44.92 -4.43
CA ALA H 140 18.26 -44.52 -5.82
C ALA H 140 19.68 -44.84 -6.28
N ALA H 141 20.69 -44.35 -5.56
CA ALA H 141 22.06 -44.58 -5.96
C ALA H 141 22.42 -46.07 -5.95
N LYS H 142 21.63 -46.90 -5.28
CA LYS H 142 21.80 -48.34 -5.41
C LYS H 142 21.12 -48.86 -6.67
N LEU H 143 20.07 -48.19 -7.11
CA LEU H 143 19.41 -48.55 -8.37
C LEU H 143 20.23 -48.12 -9.57
N ASP H 144 20.66 -46.86 -9.59
CA ASP H 144 21.45 -46.35 -10.72
C ASP H 144 22.68 -47.20 -10.96
N ALA H 145 23.18 -47.90 -9.96
CA ALA H 145 24.23 -48.88 -10.19
C ALA H 145 23.68 -50.19 -10.70
N GLU H 146 22.45 -50.54 -10.32
CA GLU H 146 21.86 -51.78 -10.81
C GLU H 146 21.55 -51.70 -12.29
N ILE H 147 21.13 -50.54 -12.77
CA ILE H 147 20.82 -50.38 -14.18
C ILE H 147 22.10 -50.30 -15.01
N LYS H 148 23.05 -49.49 -14.56
CA LYS H 148 24.34 -49.46 -15.26
C LYS H 148 24.98 -50.84 -15.30
N LYS H 149 24.56 -51.75 -14.42
CA LYS H 149 25.01 -53.13 -14.53
C LYS H 149 24.27 -53.85 -15.64
N GLN H 150 22.95 -53.65 -15.74
CA GLN H 150 22.21 -54.22 -16.86
C GLN H 150 22.57 -53.51 -18.14
N MET H 151 22.48 -52.18 -18.13
CA MET H 151 22.68 -51.40 -19.35
C MET H 151 24.08 -51.58 -19.94
N GLU H 152 25.05 -51.97 -19.13
CA GLU H 152 26.37 -52.28 -19.65
C GLU H 152 26.43 -53.66 -20.26
N ALA H 153 25.61 -54.59 -19.77
CA ALA H 153 25.60 -55.95 -20.31
C ALA H 153 24.75 -56.06 -21.56
N GLY H 154 24.22 -54.95 -22.04
CA GLY H 154 23.40 -54.95 -23.24
C GLY H 154 21.99 -55.41 -23.04
N ALA H 155 21.66 -55.94 -21.86
CA ALA H 155 20.29 -56.36 -21.60
C ALA H 155 19.33 -55.22 -21.83
N LEU H 156 19.61 -54.07 -21.24
CA LEU H 156 18.73 -52.92 -21.27
C LEU H 156 19.51 -51.81 -21.94
N VAL H 157 19.12 -51.43 -23.15
CA VAL H 157 19.87 -50.48 -23.93
C VAL H 157 19.04 -49.22 -24.03
N GLU H 158 19.62 -48.17 -24.61
CA GLU H 158 19.07 -46.83 -24.50
C GLU H 158 18.70 -46.34 -25.90
N ILE H 159 17.51 -45.75 -26.05
CA ILE H 159 17.04 -45.30 -27.35
C ILE H 159 16.36 -43.96 -27.24
N ALA H 160 16.09 -43.38 -28.41
CA ALA H 160 15.27 -42.20 -28.61
C ALA H 160 14.55 -42.42 -29.92
N GLU H 161 13.26 -42.12 -30.00
CA GLU H 161 12.60 -42.26 -31.28
C GLU H 161 11.54 -41.17 -31.43
N GLY H 162 10.90 -41.17 -32.59
CA GLY H 162 9.96 -40.14 -32.95
C GLY H 162 8.54 -40.53 -32.62
N MET H 163 7.61 -39.84 -33.26
CA MET H 163 6.18 -40.04 -33.05
C MET H 163 5.57 -40.37 -34.39
N ALA H 164 4.97 -41.55 -34.51
CA ALA H 164 4.41 -41.96 -35.79
C ALA H 164 3.42 -40.92 -36.29
N THR H 165 3.57 -40.51 -37.55
CA THR H 165 2.75 -39.42 -38.06
C THR H 165 1.27 -39.74 -38.05
N SER H 166 0.88 -40.97 -37.74
CA SER H 166 -0.53 -41.23 -37.48
C SER H 166 -0.95 -40.61 -36.16
N ILE H 167 -0.08 -40.68 -35.17
CA ILE H 167 -0.39 -40.14 -33.85
C ILE H 167 -0.15 -38.65 -33.81
N ALA H 168 0.94 -38.18 -34.41
CA ALA H 168 1.23 -36.76 -34.33
C ALA H 168 0.24 -35.95 -35.14
N GLU H 169 -0.33 -36.53 -36.18
CA GLU H 169 -1.32 -35.82 -36.98
C GLU H 169 -2.52 -35.43 -36.14
N LEU H 170 -3.17 -36.41 -35.55
CA LEU H 170 -4.26 -36.14 -34.61
C LEU H 170 -3.66 -36.16 -33.23
N GLN H 171 -3.48 -34.98 -32.64
CA GLN H 171 -2.80 -34.90 -31.35
C GLN H 171 -3.56 -33.87 -30.52
N GLU H 172 -4.04 -34.30 -29.36
CA GLU H 172 -4.89 -33.48 -28.50
C GLU H 172 -6.16 -33.07 -29.26
N GLY H 173 -7.03 -34.06 -29.39
CA GLY H 173 -8.39 -33.79 -29.82
C GLY H 173 -8.53 -33.35 -31.27
N PHE H 174 -8.04 -34.14 -32.19
CA PHE H 174 -8.35 -33.98 -33.59
C PHE H 174 -9.04 -35.23 -34.06
N ASN H 175 -10.00 -35.08 -34.97
CA ASN H 175 -10.68 -36.20 -35.59
C ASN H 175 -11.34 -37.10 -34.55
N GLY H 176 -11.63 -36.55 -33.38
CA GLY H 176 -12.33 -37.26 -32.34
C GLY H 176 -11.47 -37.80 -31.23
N SER H 177 -10.17 -37.99 -31.47
CA SER H 177 -9.32 -38.61 -30.48
C SER H 177 -9.20 -37.72 -29.24
N THR H 178 -8.76 -38.30 -28.13
CA THR H 178 -8.64 -37.53 -26.89
C THR H 178 -7.60 -38.15 -25.98
N ASP H 179 -7.34 -37.46 -24.86
CA ASP H 179 -6.39 -37.86 -23.81
C ASP H 179 -4.93 -37.76 -24.22
N ASN H 180 -4.65 -37.26 -25.41
CA ASN H 180 -3.28 -37.25 -25.90
C ASN H 180 -2.74 -35.83 -26.05
N PRO H 181 -2.32 -35.17 -24.97
CA PRO H 181 -1.82 -33.80 -25.07
C PRO H 181 -0.43 -33.73 -25.65
N TRP H 182 -0.06 -32.54 -26.09
CA TRP H 182 1.33 -32.25 -26.42
C TRP H 182 2.13 -32.03 -25.14
N ASN H 183 3.44 -32.15 -25.25
CA ASN H 183 4.33 -31.83 -24.16
C ASN H 183 4.84 -30.40 -24.27
N GLU H 184 5.06 -29.77 -23.12
CA GLU H 184 5.23 -28.33 -23.05
C GLU H 184 6.46 -28.01 -22.21
N MET H 185 6.92 -26.75 -22.29
CA MET H 185 8.09 -26.30 -21.56
C MET H 185 7.87 -24.88 -21.03
N GLY H 186 8.20 -24.65 -19.76
CA GLY H 186 8.13 -23.33 -19.17
C GLY H 186 9.50 -22.75 -18.85
N PHE H 187 9.50 -21.66 -18.08
CA PHE H 187 10.74 -21.10 -17.57
C PHE H 187 10.51 -20.54 -16.18
N ARG H 188 11.41 -20.84 -15.25
CA ARG H 188 11.17 -20.65 -13.83
C ARG H 188 11.50 -19.27 -13.26
N ILE H 189 12.71 -18.73 -13.51
CA ILE H 189 13.13 -17.41 -13.03
C ILE H 189 13.08 -17.26 -11.51
N ASP H 190 14.06 -17.82 -10.80
CA ASP H 190 14.18 -17.60 -9.36
C ASP H 190 15.23 -16.53 -9.05
N LYS H 191 15.39 -16.19 -7.78
CA LYS H 191 16.27 -15.09 -7.40
C LYS H 191 17.06 -15.41 -6.15
N GLN H 192 18.13 -14.65 -5.94
CA GLN H 192 18.93 -14.74 -4.72
C GLN H 192 19.19 -13.36 -4.16
N VAL H 193 19.73 -13.32 -2.95
CA VAL H 193 19.87 -12.11 -2.16
C VAL H 193 21.11 -12.23 -1.28
N ILE H 194 21.88 -11.14 -1.14
CA ILE H 194 23.03 -11.13 -0.25
C ILE H 194 22.95 -9.91 0.65
N GLU H 195 23.83 -9.87 1.65
CA GLU H 195 23.84 -8.84 2.69
C GLU H 195 25.26 -8.44 2.99
N ALA H 196 25.48 -7.15 3.21
CA ALA H 196 26.82 -6.64 3.46
C ALA H 196 27.13 -6.69 4.95
N LYS H 197 28.24 -7.31 5.30
CA LYS H 197 28.68 -7.41 6.70
C LYS H 197 29.82 -6.44 6.97
N SER H 198 29.91 -5.99 8.20
CA SER H 198 30.86 -4.97 8.60
C SER H 198 32.14 -5.63 9.11
N ARG H 199 33.04 -4.81 9.64
CA ARG H 199 34.35 -5.20 10.13
C ARG H 199 35.04 -3.93 10.61
N GLN H 200 35.98 -4.05 11.54
CA GLN H 200 36.47 -2.84 12.20
C GLN H 200 37.52 -3.18 13.24
N LEU H 201 38.37 -2.20 13.55
CA LEU H 201 39.34 -2.30 14.65
C LEU H 201 39.61 -0.91 15.19
N LYS H 202 40.46 -0.85 16.21
CA LYS H 202 40.62 0.31 17.09
C LYS H 202 42.11 0.47 17.36
N ALA H 203 42.49 1.60 17.95
CA ALA H 203 43.91 1.79 18.17
C ALA H 203 44.27 2.26 19.57
N ALA H 204 43.96 3.53 19.87
CA ALA H 204 44.16 4.12 21.19
C ALA H 204 45.63 4.11 21.60
N TYR H 205 46.42 4.94 20.94
CA TYR H 205 47.78 5.12 21.41
C TYR H 205 47.83 6.27 22.39
N SER H 206 49.01 6.63 22.85
CA SER H 206 49.15 7.60 23.92
C SER H 206 49.83 8.86 23.43
N ILE H 207 49.54 9.97 24.12
CA ILE H 207 50.21 11.22 23.74
C ILE H 207 51.61 11.26 24.31
N GLU H 208 51.84 10.64 25.48
CA GLU H 208 53.20 10.59 26.00
C GLU H 208 54.05 9.62 25.21
N LEU H 209 53.45 8.73 24.44
CA LEU H 209 54.24 7.88 23.56
C LEU H 209 54.78 8.68 22.38
N THR H 210 53.88 9.32 21.63
CA THR H 210 54.30 9.99 20.41
C THR H 210 55.34 11.07 20.68
N GLN H 211 55.42 11.58 21.91
CA GLN H 211 56.44 12.59 22.21
C GLN H 211 57.82 11.96 22.28
N ASP H 212 57.96 10.91 23.09
CA ASP H 212 59.30 10.37 23.34
C ASP H 212 59.74 9.44 22.22
N LEU H 213 58.83 8.58 21.75
CA LEU H 213 59.15 7.71 20.62
C LEU H 213 59.58 8.53 19.42
N ARG H 214 58.97 9.69 19.20
CA ARG H 214 59.47 10.61 18.19
C ARG H 214 60.93 10.95 18.46
N ALA H 215 61.26 11.23 19.72
CA ALA H 215 62.61 11.68 20.05
C ALA H 215 63.62 10.55 19.89
N VAL H 216 63.36 9.41 20.53
CA VAL H 216 64.35 8.35 20.55
C VAL H 216 64.42 7.60 19.22
N HIS H 217 63.30 7.03 18.76
CA HIS H 217 63.31 6.18 17.58
C HIS H 217 62.96 6.88 16.28
N GLY H 218 62.49 8.12 16.32
CA GLY H 218 62.14 8.81 15.11
C GLY H 218 60.86 8.35 14.43
N MET H 219 60.24 7.28 14.91
CA MET H 219 59.01 6.79 14.30
C MET H 219 57.85 7.75 14.51
N ASP H 220 56.80 7.52 13.72
CA ASP H 220 55.62 8.36 13.80
C ASP H 220 54.75 8.00 15.00
N ALA H 221 54.72 6.72 15.38
CA ALA H 221 53.91 6.14 16.46
C ALA H 221 52.43 6.17 16.14
N ASP H 222 52.04 6.86 15.08
CA ASP H 222 50.70 6.78 14.51
C ASP H 222 50.67 5.94 13.26
N ALA H 223 51.31 6.38 12.19
CA ALA H 223 51.30 5.62 10.96
C ALA H 223 51.87 4.22 11.16
N GLU H 224 52.76 4.06 12.13
CA GLU H 224 53.25 2.73 12.45
C GLU H 224 52.16 1.89 13.09
N LEU H 225 51.32 2.53 13.90
CA LEU H 225 50.19 1.81 14.48
C LEU H 225 49.01 1.77 13.51
N SER H 226 48.81 2.83 12.73
CA SER H 226 47.71 2.84 11.78
C SER H 226 48.02 1.97 10.58
N GLY H 227 49.28 1.70 10.30
CA GLY H 227 49.59 0.78 9.23
C GLY H 227 49.35 -0.65 9.64
N ILE H 228 49.16 -0.89 10.93
CA ILE H 228 48.84 -2.23 11.39
C ILE H 228 47.37 -2.52 11.22
N LEU H 229 46.51 -1.55 11.54
CA LEU H 229 45.07 -1.78 11.41
C LEU H 229 44.65 -1.87 9.96
N ALA H 230 45.01 -0.88 9.16
CA ALA H 230 44.70 -0.92 7.74
C ALA H 230 45.20 -2.20 7.10
N THR H 231 46.36 -2.68 7.53
CA THR H 231 46.92 -3.89 6.94
C THR H 231 46.25 -5.13 7.50
N GLU H 232 45.87 -5.11 8.77
CA GLU H 232 45.25 -6.31 9.34
C GLU H 232 43.89 -6.59 8.73
N ILE H 233 43.11 -5.57 8.43
CA ILE H 233 41.82 -5.81 7.81
C ILE H 233 41.99 -6.30 6.37
N MET H 234 43.01 -5.81 5.69
CA MET H 234 43.25 -6.30 4.35
C MET H 234 43.70 -7.74 4.34
N LEU H 235 44.33 -8.21 5.42
CA LEU H 235 44.69 -9.63 5.51
C LEU H 235 43.49 -10.47 5.92
N GLU H 236 42.77 -10.04 6.97
CA GLU H 236 41.65 -10.83 7.45
C GLU H 236 40.57 -10.96 6.40
N ILE H 237 40.37 -9.92 5.59
CA ILE H 237 39.40 -10.03 4.51
C ILE H 237 39.93 -10.94 3.41
N ASN H 238 41.24 -10.95 3.20
CA ASN H 238 41.78 -11.83 2.17
C ASN H 238 41.93 -13.25 2.66
N ARG H 239 42.23 -13.45 3.93
CA ARG H 239 42.13 -14.78 4.49
C ARG H 239 40.69 -15.22 4.63
N GLU H 240 39.74 -14.32 4.47
CA GLU H 240 38.34 -14.72 4.56
C GLU H 240 37.86 -15.43 3.31
N VAL H 241 38.08 -14.85 2.13
CA VAL H 241 37.54 -15.49 0.94
C VAL H 241 38.23 -16.81 0.70
N VAL H 242 39.56 -16.86 0.84
CA VAL H 242 40.28 -18.11 0.66
C VAL H 242 39.81 -19.13 1.67
N ASP H 243 39.21 -18.70 2.77
CA ASP H 243 38.53 -19.63 3.64
C ASP H 243 37.08 -19.84 3.28
N TRP H 244 36.50 -19.02 2.41
CA TRP H 244 35.20 -19.36 1.85
C TRP H 244 35.32 -20.10 0.53
N ILE H 245 36.50 -20.15 -0.07
CA ILE H 245 36.68 -21.00 -1.23
C ILE H 245 36.94 -22.44 -0.80
N ASN H 246 37.75 -22.64 0.24
CA ASN H 246 38.00 -23.99 0.72
C ASN H 246 36.88 -24.50 1.62
N TYR H 247 36.06 -23.61 2.17
CA TYR H 247 34.84 -24.04 2.84
C TYR H 247 33.81 -24.50 1.82
N SER H 248 33.67 -23.76 0.74
CA SER H 248 32.60 -23.97 -0.21
C SER H 248 32.98 -24.86 -1.37
N ALA H 249 34.17 -25.42 -1.39
CA ALA H 249 34.57 -26.29 -2.49
C ALA H 249 34.01 -27.68 -2.29
N GLN H 250 33.64 -28.34 -3.39
CA GLN H 250 33.23 -29.72 -3.31
C GLN H 250 34.38 -30.60 -2.86
N VAL H 251 34.05 -31.80 -2.42
CA VAL H 251 35.08 -32.81 -2.25
C VAL H 251 35.37 -33.38 -3.63
N GLY H 252 36.61 -33.24 -4.07
CA GLY H 252 37.02 -33.72 -5.37
C GLY H 252 37.46 -35.16 -5.29
N LYS H 253 37.85 -35.68 -6.46
CA LYS H 253 38.19 -37.10 -6.56
C LYS H 253 37.08 -37.94 -5.94
N SER H 254 35.86 -37.60 -6.32
CA SER H 254 34.67 -38.29 -5.82
C SER H 254 33.62 -38.24 -6.91
N GLY H 255 32.60 -39.07 -6.77
CA GLY H 255 31.61 -39.12 -7.82
C GLY H 255 32.21 -39.69 -9.07
N MET H 256 32.15 -38.95 -10.17
CA MET H 256 32.59 -39.52 -11.43
C MET H 256 34.10 -39.48 -11.60
N THR H 257 34.83 -38.67 -10.85
CA THR H 257 36.27 -38.63 -10.98
C THR H 257 37.00 -39.67 -10.13
N LEU H 258 36.28 -40.47 -9.35
CA LEU H 258 36.93 -41.58 -8.65
C LEU H 258 37.61 -42.51 -9.64
N THR H 259 38.76 -43.01 -9.24
CA THR H 259 39.20 -44.28 -9.74
C THR H 259 38.52 -45.32 -8.86
N PRO H 260 37.75 -46.25 -9.41
CA PRO H 260 36.78 -47.00 -8.60
C PRO H 260 37.31 -47.59 -7.29
N GLY H 261 38.62 -47.76 -7.18
CA GLY H 261 39.22 -48.23 -5.95
C GLY H 261 39.88 -47.19 -5.08
N SER H 262 39.55 -45.91 -5.24
CA SER H 262 40.22 -44.87 -4.50
C SER H 262 39.57 -44.66 -3.13
N LYS H 263 40.08 -43.68 -2.40
CA LYS H 263 39.54 -43.37 -1.07
C LYS H 263 38.54 -42.23 -1.09
N ALA H 264 38.16 -41.74 -2.27
CA ALA H 264 37.05 -40.79 -2.41
C ALA H 264 37.31 -39.49 -1.66
N GLY H 265 38.17 -38.66 -2.24
CA GLY H 265 38.45 -37.37 -1.65
C GLY H 265 39.87 -37.16 -1.17
N VAL H 266 40.70 -38.20 -1.18
CA VAL H 266 42.12 -38.04 -0.95
C VAL H 266 42.88 -38.71 -2.07
N PHE H 267 43.90 -38.05 -2.58
CA PHE H 267 44.80 -38.61 -3.57
C PHE H 267 46.14 -38.77 -2.88
N ASP H 268 46.51 -40.00 -2.57
CA ASP H 268 47.73 -40.24 -1.82
C ASP H 268 48.67 -41.15 -2.60
N PHE H 269 49.93 -40.78 -2.62
CA PHE H 269 50.89 -41.40 -3.51
C PHE H 269 51.24 -42.82 -3.11
N GLN H 270 50.68 -43.35 -2.03
CA GLN H 270 50.97 -44.72 -1.65
C GLN H 270 49.94 -45.73 -2.14
N ASP H 271 48.87 -45.31 -2.81
CA ASP H 271 47.91 -46.25 -3.37
C ASP H 271 48.26 -46.58 -4.82
N PRO H 272 48.46 -47.85 -5.16
CA PRO H 272 48.73 -48.18 -6.56
C PRO H 272 47.56 -47.91 -7.47
N ILE H 273 46.36 -47.78 -6.93
CA ILE H 273 45.20 -47.47 -7.75
C ILE H 273 45.10 -45.98 -8.00
N ASP H 274 45.49 -45.16 -7.03
CA ASP H 274 45.40 -43.71 -7.16
C ASP H 274 46.44 -43.16 -8.12
N ILE H 275 47.66 -43.69 -8.08
CA ILE H 275 48.73 -43.24 -8.95
C ILE H 275 48.83 -44.09 -10.22
N ARG H 276 47.90 -45.02 -10.42
CA ARG H 276 47.86 -45.86 -11.61
C ARG H 276 49.08 -46.79 -11.66
N GLY H 277 49.36 -47.43 -10.55
CA GLY H 277 50.46 -48.38 -10.53
C GLY H 277 51.80 -47.73 -10.76
N ALA H 278 51.82 -46.41 -10.66
CA ALA H 278 53.04 -45.65 -10.86
C ALA H 278 54.06 -45.95 -9.77
N ARG H 279 55.30 -45.57 -10.05
CA ARG H 279 56.45 -46.00 -9.26
C ARG H 279 57.55 -44.97 -9.38
N TRP H 280 58.36 -44.88 -8.34
CA TRP H 280 59.26 -43.76 -8.07
C TRP H 280 58.54 -42.44 -8.29
N ALA H 281 59.19 -41.47 -8.94
CA ALA H 281 58.68 -40.12 -8.89
C ALA H 281 57.97 -39.72 -10.17
N GLY H 282 58.70 -39.54 -11.26
CA GLY H 282 58.09 -39.10 -12.49
C GLY H 282 56.85 -39.88 -12.86
N GLU H 283 56.80 -41.15 -12.49
CA GLU H 283 55.53 -41.87 -12.64
C GLU H 283 54.51 -41.40 -11.61
N SER H 284 54.92 -41.20 -10.37
CA SER H 284 53.96 -41.01 -9.30
C SER H 284 53.40 -39.60 -9.26
N PHE H 285 54.24 -38.61 -9.55
CA PHE H 285 53.74 -37.24 -9.53
C PHE H 285 52.95 -36.92 -10.78
N LYS H 286 53.38 -37.42 -11.94
CA LYS H 286 52.59 -37.26 -13.14
C LYS H 286 51.22 -37.90 -13.01
N ALA H 287 51.01 -38.78 -12.04
CA ALA H 287 49.66 -39.27 -11.80
C ALA H 287 48.80 -38.23 -11.12
N LEU H 288 49.43 -37.34 -10.35
CA LEU H 288 48.69 -36.20 -9.83
C LEU H 288 48.26 -35.28 -10.95
N LEU H 289 49.18 -34.98 -11.88
CA LEU H 289 48.85 -34.09 -12.98
C LEU H 289 47.72 -34.66 -13.83
N PHE H 290 47.50 -35.96 -13.79
CA PHE H 290 46.29 -36.52 -14.40
C PHE H 290 45.09 -36.44 -13.46
N GLN H 291 45.30 -36.53 -12.15
CA GLN H 291 44.19 -36.32 -11.24
C GLN H 291 43.74 -34.87 -11.25
N ILE H 292 44.64 -33.95 -11.56
CA ILE H 292 44.30 -32.55 -11.59
C ILE H 292 43.68 -32.16 -12.93
N ASP H 293 43.85 -32.97 -13.97
CA ASP H 293 43.07 -32.80 -15.19
C ASP H 293 41.69 -33.39 -15.03
N LYS H 294 41.61 -34.59 -14.49
CA LYS H 294 40.34 -35.29 -14.42
C LYS H 294 39.29 -34.46 -13.72
N GLU H 295 39.70 -33.63 -12.76
CA GLU H 295 38.80 -32.72 -12.07
C GLU H 295 38.57 -31.42 -12.80
N ALA H 296 39.63 -30.75 -13.23
CA ALA H 296 39.43 -29.51 -13.97
C ALA H 296 38.50 -29.73 -15.15
N VAL H 297 38.50 -30.93 -15.70
CA VAL H 297 37.49 -31.29 -16.70
C VAL H 297 36.12 -31.37 -16.07
N GLU H 298 36.01 -32.10 -14.96
CA GLU H 298 34.71 -32.41 -14.41
C GLU H 298 33.97 -31.16 -13.96
N ILE H 299 34.69 -30.07 -13.68
CA ILE H 299 34.02 -28.81 -13.40
C ILE H 299 33.33 -28.28 -14.63
N ALA H 300 33.80 -28.62 -15.83
CA ALA H 300 33.08 -28.20 -17.01
C ALA H 300 31.77 -28.94 -17.15
N ARG H 301 31.62 -30.07 -16.47
CA ARG H 301 30.39 -30.82 -16.49
C ARG H 301 29.36 -30.27 -15.49
N GLN H 302 29.79 -29.96 -14.27
CA GLN H 302 28.81 -29.51 -13.28
C GLN H 302 28.48 -28.04 -13.46
N THR H 303 29.48 -27.20 -13.68
CA THR H 303 29.19 -25.79 -13.84
C THR H 303 28.57 -25.49 -15.19
N GLY H 304 28.90 -26.26 -16.21
CA GLY H 304 28.45 -25.94 -17.53
C GLY H 304 29.07 -24.69 -18.10
N ARG H 305 30.01 -24.08 -17.39
CA ARG H 305 30.70 -22.88 -17.88
C ARG H 305 31.99 -23.23 -18.59
N GLY H 306 32.94 -23.85 -17.90
CA GLY H 306 34.14 -24.25 -18.61
C GLY H 306 35.00 -25.16 -17.74
N GLU H 307 36.14 -25.54 -18.32
CA GLU H 307 37.09 -26.41 -17.64
C GLU H 307 37.79 -25.62 -16.53
N GLY H 308 38.34 -26.36 -15.57
CA GLY H 308 38.96 -25.73 -14.41
C GLY H 308 40.12 -24.80 -14.71
N ASN H 309 39.99 -23.55 -14.31
CA ASN H 309 40.90 -22.51 -14.76
C ASN H 309 42.05 -22.21 -13.81
N PHE H 310 42.02 -22.69 -12.58
CA PHE H 310 43.08 -22.38 -11.63
C PHE H 310 43.06 -23.43 -10.54
N ILE H 311 44.13 -23.49 -9.75
CA ILE H 311 44.11 -24.27 -8.53
C ILE H 311 44.77 -23.45 -7.43
N ILE H 312 44.34 -23.68 -6.20
CA ILE H 312 45.08 -23.18 -5.04
C ILE H 312 45.49 -24.41 -4.24
N ALA H 313 46.59 -24.31 -3.52
CA ALA H 313 47.22 -25.54 -3.07
C ALA H 313 48.38 -25.23 -2.14
N SER H 314 48.77 -26.23 -1.37
CA SER H 314 49.75 -26.05 -0.31
C SER H 314 51.15 -25.91 -0.88
N ARG H 315 52.05 -25.37 -0.06
CA ARG H 315 53.46 -25.31 -0.47
C ARG H 315 54.02 -26.68 -0.80
N ASN H 316 53.45 -27.74 -0.23
CA ASN H 316 53.95 -29.08 -0.51
C ASN H 316 53.65 -29.51 -1.94
N VAL H 317 52.37 -29.48 -2.34
CA VAL H 317 52.05 -29.90 -3.69
C VAL H 317 52.71 -28.97 -4.69
N VAL H 318 52.88 -27.70 -4.36
CA VAL H 318 53.47 -26.82 -5.34
C VAL H 318 54.93 -27.20 -5.61
N ASN H 319 55.56 -27.97 -4.72
CA ASN H 319 56.76 -28.67 -5.15
C ASN H 319 56.42 -29.82 -6.08
N VAL H 320 55.48 -30.68 -5.67
CA VAL H 320 55.08 -31.81 -6.49
C VAL H 320 54.66 -31.37 -7.88
N LEU H 321 54.09 -30.18 -7.99
CA LEU H 321 53.86 -29.66 -9.33
C LEU H 321 55.13 -29.09 -9.93
N ALA H 322 56.01 -28.52 -9.12
CA ALA H 322 57.17 -27.86 -9.68
C ALA H 322 58.21 -28.85 -10.16
N SER H 323 58.32 -30.01 -9.51
CA SER H 323 59.45 -30.90 -9.70
C SER H 323 59.24 -31.92 -10.81
N VAL H 324 58.15 -31.85 -11.56
CA VAL H 324 57.83 -32.88 -12.53
C VAL H 324 57.48 -32.25 -13.88
N ASP H 325 58.06 -32.81 -14.94
CA ASP H 325 57.77 -32.31 -16.27
C ASP H 325 56.28 -32.38 -16.51
N THR H 326 55.67 -31.24 -16.82
CA THR H 326 54.23 -31.14 -16.91
C THR H 326 53.70 -31.42 -18.30
N GLY H 327 54.56 -31.45 -19.31
CA GLY H 327 54.14 -31.77 -20.65
C GLY H 327 53.93 -33.25 -20.78
N ILE H 328 53.93 -33.75 -22.01
CA ILE H 328 53.83 -35.18 -22.26
C ILE H 328 55.25 -35.63 -22.56
N SER H 329 55.97 -36.11 -21.54
CA SER H 329 57.27 -36.72 -21.78
C SER H 329 57.58 -37.70 -20.66
N TYR H 330 57.78 -38.98 -21.01
CA TYR H 330 58.44 -39.99 -20.18
C TYR H 330 58.21 -39.79 -18.69
N ALA H 331 59.27 -39.87 -17.89
CA ALA H 331 59.14 -39.67 -16.46
C ALA H 331 60.33 -38.86 -15.99
N ALA H 332 60.10 -37.82 -15.20
CA ALA H 332 61.23 -37.02 -14.76
C ALA H 332 60.94 -36.37 -13.41
N GLN H 333 61.98 -36.28 -12.58
CA GLN H 333 61.93 -35.57 -11.31
C GLN H 333 63.10 -34.60 -11.29
N GLY H 334 63.31 -33.92 -10.17
CA GLY H 334 64.44 -33.04 -10.03
C GLY H 334 64.11 -31.91 -9.08
N LEU H 335 64.90 -30.85 -9.17
CA LEU H 335 64.67 -29.68 -8.33
C LEU H 335 63.47 -28.91 -8.81
N ALA H 336 62.68 -28.40 -7.87
CA ALA H 336 61.59 -27.51 -8.22
C ALA H 336 62.12 -26.37 -9.06
N THR H 337 61.43 -26.07 -10.15
CA THR H 337 62.00 -25.11 -11.09
C THR H 337 61.02 -24.01 -11.50
N GLY H 338 59.97 -24.37 -12.23
CA GLY H 338 59.16 -23.38 -12.92
C GLY H 338 58.26 -22.55 -12.03
N PHE H 339 58.12 -22.87 -10.76
CA PHE H 339 57.14 -22.22 -9.92
C PHE H 339 57.82 -21.44 -8.81
N SER H 340 57.07 -20.52 -8.22
CA SER H 340 57.53 -19.87 -6.99
C SER H 340 57.02 -20.74 -5.86
N THR H 341 57.92 -21.50 -5.26
CA THR H 341 57.49 -22.47 -4.27
C THR H 341 57.25 -21.81 -2.93
N ASP H 342 58.12 -20.86 -2.57
CA ASP H 342 57.98 -20.13 -1.33
C ASP H 342 56.92 -19.05 -1.45
N THR H 343 56.34 -18.68 -0.33
CA THR H 343 55.54 -17.47 -0.28
C THR H 343 56.30 -16.48 0.60
N THR H 344 57.04 -15.61 -0.04
CA THR H 344 57.45 -14.33 0.51
C THR H 344 57.31 -13.32 -0.60
N LYS H 345 58.10 -13.54 -1.66
CA LYS H 345 58.05 -12.68 -2.83
C LYS H 345 56.63 -12.52 -3.35
N SER H 346 55.94 -13.64 -3.60
CA SER H 346 54.53 -13.58 -3.96
C SER H 346 53.88 -14.93 -3.72
N VAL H 347 52.55 -14.90 -3.59
CA VAL H 347 51.80 -16.15 -3.39
C VAL H 347 51.54 -16.86 -4.71
N PHE H 348 51.17 -16.12 -5.74
CA PHE H 348 50.96 -16.73 -7.05
C PHE H 348 52.18 -17.51 -7.49
N ALA H 349 51.98 -18.78 -7.82
CA ALA H 349 53.08 -19.64 -8.26
C ALA H 349 52.80 -20.16 -9.65
N GLY H 350 53.52 -19.64 -10.65
CA GLY H 350 53.58 -20.24 -11.97
C GLY H 350 52.25 -20.47 -12.64
N VAL H 351 52.26 -21.32 -13.66
CA VAL H 351 51.06 -21.86 -14.29
C VAL H 351 51.38 -23.28 -14.70
N LEU H 352 50.36 -24.10 -14.89
CA LEU H 352 50.54 -25.44 -15.43
C LEU H 352 50.18 -25.47 -16.91
N GLY H 353 51.18 -25.68 -17.76
CA GLY H 353 50.95 -25.79 -19.17
C GLY H 353 50.21 -24.61 -19.75
N GLY H 354 50.35 -23.46 -19.11
CA GLY H 354 49.61 -22.29 -19.55
C GLY H 354 48.13 -22.43 -19.41
N LYS H 355 47.67 -23.32 -18.52
CA LYS H 355 46.23 -23.47 -18.27
C LYS H 355 45.90 -23.12 -16.83
N TYR H 356 46.35 -23.91 -15.86
CA TYR H 356 45.95 -23.72 -14.47
C TYR H 356 46.85 -22.69 -13.80
N ARG H 357 46.27 -21.64 -13.25
CA ARG H 357 47.04 -20.75 -12.38
C ARG H 357 47.13 -21.37 -11.01
N VAL H 358 48.33 -21.67 -10.54
CA VAL H 358 48.51 -22.44 -9.33
C VAL H 358 48.83 -21.45 -8.22
N TYR H 359 47.87 -21.17 -7.37
CA TYR H 359 48.07 -20.27 -6.26
C TYR H 359 48.42 -21.06 -5.02
N ILE H 360 49.25 -20.53 -4.21
CA ILE H 360 49.56 -21.17 -2.94
C ILE H 360 48.55 -20.70 -1.92
N ASP H 361 48.18 -21.60 -1.02
CA ASP H 361 47.53 -21.20 0.22
C ASP H 361 48.62 -21.24 1.27
N GLN H 362 49.08 -20.07 1.69
CA GLN H 362 50.30 -20.05 2.49
C GLN H 362 50.05 -20.58 3.88
N TYR H 363 48.84 -20.45 4.40
CA TYR H 363 48.46 -21.03 5.68
C TYR H 363 47.60 -22.23 5.34
N ALA H 364 48.16 -23.42 5.46
CA ALA H 364 47.49 -24.63 5.01
C ALA H 364 47.61 -25.67 6.10
N LYS H 365 46.48 -26.12 6.61
CA LYS H 365 46.55 -26.92 7.82
C LYS H 365 47.02 -28.32 7.52
N GLN H 366 46.57 -28.92 6.43
CA GLN H 366 47.11 -30.21 6.09
C GLN H 366 47.85 -30.18 4.77
N ASP H 367 47.09 -30.25 3.69
CA ASP H 367 47.59 -30.22 2.34
C ASP H 367 46.41 -30.46 1.44
N TYR H 368 46.51 -30.01 0.19
CA TYR H 368 45.41 -30.16 -0.77
C TYR H 368 45.69 -29.46 -2.08
N PHE H 369 44.76 -29.58 -3.02
CA PHE H 369 44.66 -28.61 -4.09
C PHE H 369 43.20 -28.42 -4.41
N THR H 370 42.76 -27.18 -4.56
CA THR H 370 41.40 -26.86 -4.91
C THR H 370 41.38 -26.35 -6.34
N VAL H 371 40.90 -27.17 -7.27
CA VAL H 371 40.91 -26.79 -8.68
C VAL H 371 39.65 -25.98 -8.94
N GLY H 372 39.82 -24.71 -9.28
CA GLY H 372 38.72 -23.79 -9.34
C GLY H 372 38.21 -23.56 -10.73
N TYR H 373 37.48 -22.46 -10.89
CA TYR H 373 37.19 -21.89 -12.19
C TYR H 373 36.99 -20.39 -11.99
N LYS H 374 37.47 -19.59 -12.93
CA LYS H 374 37.07 -18.21 -13.00
C LYS H 374 36.85 -17.85 -14.46
N GLY H 375 35.62 -17.51 -14.82
CA GLY H 375 35.32 -17.16 -16.17
C GLY H 375 35.90 -15.82 -16.52
N PRO H 376 35.65 -15.39 -17.76
CA PRO H 376 36.03 -14.02 -18.12
C PRO H 376 35.28 -12.98 -17.31
N ASN H 377 33.97 -13.13 -17.14
CA ASN H 377 33.20 -12.16 -16.41
C ASN H 377 33.53 -12.20 -14.93
N GLU H 378 33.19 -11.12 -14.24
CA GLU H 378 33.11 -11.17 -12.79
C GLU H 378 31.79 -11.75 -12.33
N MET H 379 30.80 -11.81 -13.22
CA MET H 379 29.56 -12.49 -12.89
C MET H 379 29.76 -14.00 -12.80
N ASP H 380 30.66 -14.55 -13.61
CA ASP H 380 30.87 -15.98 -13.66
C ASP H 380 32.11 -16.27 -12.83
N ALA H 381 31.88 -16.69 -11.58
CA ALA H 381 32.95 -16.87 -10.62
C ALA H 381 32.76 -18.13 -9.82
N GLY H 382 31.69 -18.15 -9.04
CA GLY H 382 31.40 -19.19 -8.08
C GLY H 382 31.51 -18.73 -6.65
N ILE H 383 32.13 -17.58 -6.40
CA ILE H 383 31.98 -16.88 -5.13
C ILE H 383 32.28 -15.42 -5.40
N TYR H 384 31.61 -14.54 -4.68
CA TYR H 384 31.70 -13.11 -4.96
C TYR H 384 32.15 -12.40 -3.71
N TYR H 385 33.19 -11.61 -3.83
CA TYR H 385 33.57 -10.67 -2.78
C TYR H 385 33.09 -9.30 -3.24
N ALA H 386 32.02 -8.82 -2.65
CA ALA H 386 31.45 -7.55 -3.09
C ALA H 386 31.72 -6.51 -2.01
N PRO H 387 32.64 -5.59 -2.20
CA PRO H 387 32.90 -4.58 -1.17
C PRO H 387 31.86 -3.48 -1.19
N TYR H 388 31.67 -2.87 -0.03
CA TYR H 388 30.62 -1.86 0.12
C TYR H 388 31.20 -0.51 0.51
N VAL H 389 31.78 -0.38 1.71
CA VAL H 389 32.58 0.79 2.05
C VAL H 389 33.91 0.30 2.61
N ALA H 390 35.00 0.91 2.18
CA ALA H 390 36.34 0.37 2.45
C ALA H 390 37.10 1.30 3.38
N LEU H 391 37.44 0.78 4.57
CA LEU H 391 38.27 1.46 5.55
C LEU H 391 37.98 2.94 5.70
N THR H 392 36.85 3.28 6.29
CA THR H 392 36.65 4.70 6.58
C THR H 392 37.39 5.01 7.85
N PRO H 393 38.51 5.73 7.79
CA PRO H 393 39.31 5.94 9.00
C PRO H 393 38.60 6.88 9.94
N LEU H 394 38.58 6.52 11.22
CA LEU H 394 37.94 7.31 12.25
C LEU H 394 38.96 7.79 13.25
N ARG H 395 38.80 9.02 13.70
CA ARG H 395 39.63 9.59 14.75
C ARG H 395 38.75 10.05 15.89
N GLY H 396 39.37 10.32 17.03
CA GLY H 396 38.65 10.81 18.17
C GLY H 396 39.59 10.89 19.35
N SER H 397 39.09 11.49 20.43
CA SER H 397 39.88 11.59 21.64
C SER H 397 38.93 11.68 22.82
N ASP H 398 39.36 11.15 23.95
CA ASP H 398 38.55 11.18 25.16
C ASP H 398 38.95 12.41 25.95
N PRO H 399 38.08 13.41 26.08
CA PRO H 399 38.51 14.70 26.66
C PRO H 399 38.92 14.62 28.10
N LYS H 400 38.62 13.55 28.81
CA LYS H 400 39.11 13.41 30.18
C LYS H 400 40.63 13.33 30.20
N ASN H 401 41.20 12.40 29.44
CA ASN H 401 42.64 12.21 29.35
C ASN H 401 43.29 12.79 28.09
N PHE H 402 42.52 13.31 27.15
CA PHE H 402 43.00 13.98 25.93
C PHE H 402 43.88 13.10 25.06
N GLN H 403 43.82 11.81 25.20
CA GLN H 403 44.82 11.06 24.43
C GLN H 403 44.17 10.31 23.28
N PRO H 404 44.68 10.46 22.07
CA PRO H 404 43.92 10.08 20.89
C PRO H 404 43.64 8.59 20.83
N VAL H 405 42.52 8.25 20.21
CA VAL H 405 42.19 6.91 19.78
C VAL H 405 41.87 7.01 18.30
N MET H 406 41.90 5.87 17.62
CA MET H 406 41.55 5.86 16.21
C MET H 406 41.12 4.46 15.83
N GLY H 407 40.41 4.37 14.72
CA GLY H 407 39.86 3.10 14.33
C GLY H 407 39.33 3.14 12.92
N PHE H 408 39.26 1.96 12.31
CA PHE H 408 38.81 1.82 10.95
C PHE H 408 37.56 0.96 10.89
N LYS H 409 36.70 1.22 9.91
CA LYS H 409 35.54 0.38 9.65
C LYS H 409 35.46 0.08 8.17
N THR H 410 35.08 -1.15 7.84
CA THR H 410 34.80 -1.54 6.47
C THR H 410 33.50 -2.31 6.45
N ARG H 411 32.91 -2.42 5.28
CA ARG H 411 31.74 -3.26 5.11
C ARG H 411 31.85 -3.93 3.76
N TYR H 412 31.75 -5.26 3.73
CA TYR H 412 31.89 -5.90 2.44
C TYR H 412 30.70 -6.79 2.09
N GLY H 413 30.60 -7.94 2.71
CA GLY H 413 29.58 -8.89 2.34
C GLY H 413 30.06 -9.78 1.20
N ILE H 414 29.64 -11.03 1.24
CA ILE H 414 30.06 -12.05 0.31
C ILE H 414 28.82 -12.53 -0.43
N GLY H 415 29.02 -13.12 -1.59
CA GLY H 415 27.91 -13.62 -2.36
C GLY H 415 28.33 -14.84 -3.13
N ILE H 416 27.36 -15.68 -3.41
CA ILE H 416 27.60 -17.00 -3.94
C ILE H 416 26.93 -17.05 -5.31
N ASN H 417 27.54 -17.76 -6.23
CA ASN H 417 26.97 -17.78 -7.56
C ASN H 417 25.65 -18.54 -7.51
N PRO H 418 24.54 -17.98 -7.97
CA PRO H 418 23.40 -18.85 -8.28
C PRO H 418 23.86 -19.80 -9.37
N PHE H 419 23.32 -21.00 -9.35
CA PHE H 419 23.77 -22.12 -10.18
C PHE H 419 25.08 -22.70 -9.66
N ALA H 420 25.65 -22.13 -8.60
CA ALA H 420 26.85 -22.74 -8.03
C ALA H 420 26.62 -24.21 -7.77
N GLU H 421 25.50 -24.53 -7.12
CA GLU H 421 25.18 -25.93 -6.88
C GLU H 421 25.12 -26.70 -8.20
N SER H 422 24.11 -26.41 -9.02
CA SER H 422 23.96 -27.00 -10.36
C SER H 422 23.94 -28.52 -10.30
N ALA H 423 23.65 -29.06 -9.12
CA ALA H 423 23.28 -30.45 -9.00
C ALA H 423 21.78 -30.60 -8.89
N ALA H 424 21.03 -29.51 -8.89
CA ALA H 424 19.61 -29.54 -8.59
C ALA H 424 18.85 -28.72 -9.63
N GLN H 425 17.81 -29.31 -10.20
CA GLN H 425 16.97 -28.56 -11.12
C GLN H 425 16.12 -27.54 -10.38
N ALA H 426 15.81 -27.81 -9.12
CA ALA H 426 14.90 -26.99 -8.38
C ALA H 426 15.62 -26.31 -7.24
N PRO H 427 15.85 -25.00 -7.30
CA PRO H 427 16.33 -24.29 -6.12
C PRO H 427 15.20 -24.14 -5.11
N ALA H 428 15.52 -24.33 -3.84
CA ALA H 428 14.53 -24.32 -2.79
C ALA H 428 14.22 -22.89 -2.38
N SER H 429 12.93 -22.60 -2.22
CA SER H 429 12.35 -21.39 -1.63
C SER H 429 12.31 -20.19 -2.57
N ARG H 430 13.09 -20.18 -3.64
CA ARG H 430 13.00 -19.22 -4.73
C ARG H 430 13.37 -17.80 -4.33
N ILE H 431 13.46 -17.48 -3.06
CA ILE H 431 14.25 -16.34 -2.60
C ILE H 431 15.17 -16.87 -1.52
N GLN H 432 16.45 -16.93 -1.81
CA GLN H 432 17.35 -17.70 -0.98
C GLN H 432 18.67 -16.96 -0.81
N SER H 433 19.12 -16.90 0.43
CA SER H 433 20.28 -16.10 0.77
C SER H 433 21.47 -16.50 -0.08
N GLY H 434 22.23 -15.51 -0.51
CA GLY H 434 23.47 -15.76 -1.22
C GLY H 434 24.62 -15.84 -0.26
N MET H 435 24.42 -15.28 0.94
CA MET H 435 25.41 -15.40 2.00
C MET H 435 25.75 -16.86 2.22
N PRO H 436 27.02 -17.24 2.16
CA PRO H 436 27.36 -18.65 2.34
C PRO H 436 26.98 -19.13 3.73
N SER H 437 26.26 -20.25 3.78
CA SER H 437 25.89 -20.91 5.01
C SER H 437 26.00 -22.41 4.80
N ILE H 438 25.95 -23.16 5.89
CA ILE H 438 26.12 -24.61 5.79
C ILE H 438 25.16 -25.21 4.78
N LEU H 439 23.92 -24.74 4.78
CA LEU H 439 22.90 -25.39 3.95
C LEU H 439 23.24 -25.28 2.47
N ASN H 440 23.34 -24.05 1.97
CA ASN H 440 23.48 -23.88 0.53
C ASN H 440 24.91 -24.02 0.04
N SER H 441 25.87 -23.42 0.75
CA SER H 441 27.21 -23.28 0.18
C SER H 441 28.25 -24.27 0.69
N LEU H 442 27.96 -25.12 1.66
CA LEU H 442 29.04 -25.95 2.20
C LEU H 442 29.29 -27.11 1.26
N GLY H 443 30.49 -27.16 0.72
CA GLY H 443 30.89 -28.28 -0.12
C GLY H 443 30.06 -28.43 -1.37
N LYS H 444 29.16 -27.50 -1.63
CA LYS H 444 28.25 -27.63 -2.77
C LYS H 444 28.62 -26.79 -3.98
N ASN H 445 29.64 -25.94 -3.94
CA ASN H 445 29.98 -25.20 -5.15
C ASN H 445 30.47 -26.15 -6.22
N ALA H 446 29.92 -26.02 -7.41
CA ALA H 446 30.47 -26.80 -8.50
C ALA H 446 31.72 -26.17 -9.08
N TYR H 447 32.03 -24.93 -8.71
CA TYR H 447 33.16 -24.26 -9.30
C TYR H 447 34.51 -24.65 -8.70
N PHE H 448 34.52 -25.20 -7.49
CA PHE H 448 35.74 -25.42 -6.75
C PHE H 448 35.76 -26.87 -6.29
N ARG H 449 36.76 -27.63 -6.72
CA ARG H 449 36.85 -29.04 -6.32
C ARG H 449 38.12 -29.27 -5.53
N ARG H 450 37.97 -29.71 -4.29
CA ARG H 450 39.06 -29.78 -3.33
C ARG H 450 39.49 -31.22 -3.12
N VAL H 451 40.81 -31.44 -3.09
CA VAL H 451 41.37 -32.79 -2.98
C VAL H 451 42.52 -32.75 -2.01
N TYR H 452 42.48 -33.60 -0.99
CA TYR H 452 43.58 -33.66 -0.02
C TYR H 452 44.62 -34.63 -0.55
N VAL H 453 45.82 -34.12 -0.81
CA VAL H 453 46.93 -34.97 -1.20
C VAL H 453 47.59 -35.49 0.06
N LYS H 454 47.87 -36.77 0.10
CA LYS H 454 48.58 -37.37 1.21
C LYS H 454 49.81 -38.10 0.71
N GLY H 455 50.71 -38.43 1.63
CA GLY H 455 51.89 -39.15 1.25
C GLY H 455 52.94 -38.32 0.57
N ILE H 456 52.91 -37.00 0.74
CA ILE H 456 54.03 -36.20 0.30
C ILE H 456 55.04 -36.17 1.44
N ALA I 1 138.00 -60.23 5.06
CA ALA I 1 136.89 -60.04 4.14
C ALA I 1 136.15 -58.81 4.55
N GLU I 2 136.75 -57.66 4.29
CA GLU I 2 136.14 -56.41 4.67
C GLU I 2 134.76 -56.30 4.05
N ILE I 3 133.76 -56.09 4.88
CA ILE I 3 132.37 -56.15 4.48
C ILE I 3 131.76 -54.77 4.70
N GLY I 4 131.06 -54.28 3.70
CA GLY I 4 130.46 -52.97 3.84
C GLY I 4 129.37 -52.95 4.89
N GLY I 5 128.72 -54.08 5.10
CA GLY I 5 127.65 -54.19 6.04
C GLY I 5 126.49 -53.29 5.65
N ASP I 6 125.54 -53.19 6.56
CA ASP I 6 124.41 -52.30 6.36
C ASP I 6 124.02 -51.69 7.68
N HIS I 7 123.23 -50.63 7.61
CA HIS I 7 122.50 -50.21 8.78
C HIS I 7 121.55 -51.33 9.15
N GLY I 8 121.13 -51.36 10.40
CA GLY I 8 120.28 -52.46 10.82
C GLY I 8 118.88 -52.40 10.26
N TYR I 9 118.63 -51.46 9.35
CA TYR I 9 117.30 -51.07 8.90
C TYR I 9 116.51 -50.44 10.02
N ASN I 10 117.06 -50.37 11.22
CA ASN I 10 116.49 -49.57 12.29
C ASN I 10 116.50 -48.11 11.89
N ALA I 11 115.54 -47.34 12.39
CA ALA I 11 115.54 -45.92 12.03
C ALA I 11 116.57 -45.15 12.81
N THR I 12 117.00 -45.62 13.98
CA THR I 12 118.00 -44.89 14.71
C THR I 12 119.38 -45.11 14.13
N ASN I 13 119.73 -46.37 13.85
CA ASN I 13 121.04 -46.68 13.31
C ASN I 13 121.30 -45.88 12.05
N ILE I 14 120.29 -45.72 11.21
CA ILE I 14 120.49 -45.00 9.96
C ILE I 14 120.73 -43.52 10.22
N ALA I 15 119.82 -42.88 10.95
CA ALA I 15 119.98 -41.46 11.22
C ALA I 15 121.30 -41.16 11.91
N ALA I 16 121.86 -42.14 12.62
CA ALA I 16 123.20 -42.05 13.17
C ALA I 16 124.25 -42.26 12.10
N GLY I 17 124.21 -43.40 11.44
CA GLY I 17 125.29 -43.89 10.62
C GLY I 17 125.95 -45.12 11.20
N GLN I 18 125.61 -45.48 12.43
CA GLN I 18 126.01 -46.74 13.01
C GLN I 18 125.72 -47.86 12.03
N THR I 19 126.71 -48.69 11.75
CA THR I 19 126.59 -49.66 10.68
C THR I 19 127.26 -50.97 11.09
N SER I 20 126.58 -52.08 10.80
CA SER I 20 127.06 -53.41 11.18
C SER I 20 128.44 -53.71 10.63
N GLY I 21 128.77 -53.22 9.44
CA GLY I 21 130.07 -53.46 8.85
C GLY I 21 131.11 -52.50 9.36
N ALA I 22 132.21 -52.42 8.63
CA ALA I 22 133.30 -51.51 8.96
C ALA I 22 132.83 -50.07 9.02
N VAL I 23 132.43 -49.53 7.89
CA VAL I 23 132.35 -48.08 7.70
C VAL I 23 131.06 -47.54 8.27
N THR I 24 131.13 -46.38 8.92
CA THR I 24 129.96 -45.64 9.41
C THR I 24 129.78 -44.40 8.56
N GLN I 25 128.64 -44.30 7.88
CA GLN I 25 128.50 -43.16 6.99
C GLN I 25 128.25 -41.88 7.76
N ILE I 26 128.27 -40.76 7.05
CA ILE I 26 128.04 -39.45 7.62
C ILE I 26 126.64 -39.35 8.19
N GLY I 27 125.66 -39.37 7.30
CA GLY I 27 124.28 -39.19 7.64
C GLY I 27 123.39 -39.59 6.49
N PRO I 28 122.11 -39.56 6.69
CA PRO I 28 121.17 -40.09 5.71
C PRO I 28 120.75 -39.11 4.62
N ALA I 29 121.71 -38.43 4.03
CA ALA I 29 121.45 -37.38 3.03
C ALA I 29 120.37 -36.44 3.56
N VAL I 30 119.57 -35.86 2.66
CA VAL I 30 118.28 -35.26 2.96
C VAL I 30 117.42 -35.40 1.72
N MET I 31 116.18 -35.84 1.90
CA MET I 31 115.24 -35.81 0.79
C MET I 31 114.26 -34.65 0.88
N GLY I 32 114.35 -33.84 1.92
CA GLY I 32 113.52 -32.66 2.05
C GLY I 32 112.47 -32.81 3.13
N MET I 33 111.69 -31.74 3.29
CA MET I 33 110.77 -31.58 4.41
C MET I 33 109.33 -31.58 3.93
N VAL I 34 108.45 -32.21 4.70
CA VAL I 34 107.05 -32.29 4.36
C VAL I 34 106.28 -31.65 5.50
N ARG I 35 105.67 -30.51 5.22
CA ARG I 35 104.84 -29.81 6.19
C ARG I 35 103.40 -30.24 5.98
N ARG I 36 102.51 -29.79 6.86
CA ARG I 36 101.11 -30.16 6.77
C ARG I 36 100.28 -29.01 6.22
N ALA I 37 99.34 -29.33 5.34
CA ALA I 37 98.59 -28.31 4.63
C ALA I 37 97.60 -27.61 5.55
N ILE I 38 97.34 -26.34 5.26
CA ILE I 38 96.41 -25.55 6.06
C ILE I 38 94.99 -25.83 5.58
N PRO I 39 94.07 -26.21 6.46
CA PRO I 39 92.71 -26.53 6.01
C PRO I 39 91.98 -25.30 5.49
N ASN I 40 90.88 -25.56 4.78
CA ASN I 40 90.17 -24.53 4.05
C ASN I 40 89.11 -23.87 4.91
N LEU I 41 88.96 -22.56 4.73
CA LEU I 41 87.90 -21.80 5.37
C LEU I 41 86.60 -21.94 4.61
N ILE I 42 85.49 -21.79 5.33
CA ILE I 42 84.14 -21.84 4.76
C ILE I 42 83.64 -20.46 4.38
N ALA I 43 84.39 -19.42 4.75
CA ALA I 43 84.06 -18.00 4.67
C ALA I 43 82.70 -17.64 5.24
N PHE I 44 82.23 -16.45 4.90
CA PHE I 44 81.11 -15.86 5.62
C PHE I 44 79.86 -15.59 4.80
N ASP I 45 79.79 -16.02 3.54
CA ASP I 45 78.54 -15.81 2.83
C ASP I 45 77.35 -16.39 3.59
N ILE I 46 77.58 -17.37 4.48
CA ILE I 46 76.50 -18.06 5.16
C ILE I 46 75.99 -17.36 6.41
N CYS I 47 76.71 -16.38 6.94
CA CYS I 47 76.27 -15.70 8.16
C CYS I 47 76.57 -14.23 8.02
N GLY I 48 75.62 -13.38 8.41
CA GLY I 48 75.84 -11.95 8.34
C GLY I 48 77.06 -11.54 9.12
N VAL I 49 77.59 -10.36 8.79
CA VAL I 49 78.83 -9.95 9.42
C VAL I 49 78.58 -8.80 10.40
N GLN I 50 78.21 -7.65 9.90
CA GLN I 50 78.01 -6.49 10.78
C GLN I 50 79.25 -6.16 11.60
N PRO I 51 80.31 -5.62 11.00
CA PRO I 51 81.45 -5.19 11.84
C PRO I 51 80.97 -4.23 12.91
N MET I 52 81.68 -4.23 14.04
CA MET I 52 81.19 -3.60 15.26
C MET I 52 82.26 -2.64 15.75
N ASN I 53 81.95 -1.34 15.72
CA ASN I 53 82.95 -0.32 16.02
C ASN I 53 83.27 -0.27 17.50
N SER I 54 82.26 -0.18 18.33
CA SER I 54 82.37 -0.14 19.77
C SER I 54 81.76 -1.38 20.37
N PRO I 55 82.23 -1.84 21.53
CA PRO I 55 81.72 -3.11 22.04
C PRO I 55 80.22 -3.04 22.25
N THR I 56 79.62 -4.22 22.30
CA THR I 56 78.28 -4.39 22.85
C THR I 56 77.24 -3.64 22.02
N GLY I 57 76.95 -4.17 20.84
CA GLY I 57 75.90 -3.63 20.01
C GLY I 57 74.52 -3.86 20.62
N GLN I 58 73.50 -3.39 19.90
CA GLN I 58 72.12 -3.68 20.28
C GLN I 58 71.27 -3.62 19.03
N VAL I 59 70.21 -4.44 18.99
CA VAL I 59 69.35 -4.58 17.83
C VAL I 59 67.92 -4.61 18.33
N PHE I 60 67.10 -3.67 17.87
CA PHE I 60 65.73 -3.65 18.35
C PHE I 60 64.90 -4.68 17.60
N ALA I 61 63.67 -4.87 18.05
CA ALA I 61 62.72 -5.71 17.32
C ALA I 61 61.32 -5.19 17.50
N LEU I 62 60.57 -4.97 16.43
CA LEU I 62 59.22 -4.43 16.57
C LEU I 62 58.22 -5.53 16.29
N ARG I 63 57.57 -6.02 17.34
CA ARG I 63 56.48 -6.96 17.19
C ARG I 63 55.20 -6.15 17.06
N ALA I 64 54.37 -6.51 16.10
CA ALA I 64 53.03 -5.96 16.04
C ALA I 64 52.12 -6.91 16.80
N VAL I 65 51.68 -6.51 17.97
CA VAL I 65 50.94 -7.38 18.87
C VAL I 65 49.54 -6.81 19.02
N TYR I 66 48.56 -7.69 19.10
CA TYR I 66 47.18 -7.23 19.15
C TYR I 66 46.50 -7.66 20.43
N GLY I 67 45.35 -7.06 20.66
CA GLY I 67 44.53 -7.37 21.80
C GLY I 67 44.50 -6.38 22.92
N LYS I 68 44.98 -5.15 22.72
CA LYS I 68 44.92 -4.02 23.62
C LYS I 68 46.09 -4.04 24.62
N ASP I 69 46.86 -5.11 24.69
CA ASP I 69 48.00 -5.21 25.60
C ASP I 69 49.24 -5.51 24.79
N PRO I 70 49.97 -4.48 24.35
CA PRO I 70 51.17 -4.74 23.55
C PRO I 70 52.10 -5.73 24.19
N VAL I 71 52.35 -5.60 25.48
CA VAL I 71 53.18 -6.51 26.24
C VAL I 71 52.30 -7.23 27.24
N ALA I 72 52.05 -8.51 27.01
CA ALA I 72 51.20 -9.25 27.93
C ALA I 72 51.48 -10.72 27.76
N ALA I 73 51.05 -11.50 28.74
CA ALA I 73 51.20 -12.94 28.66
C ALA I 73 50.46 -13.47 27.45
N GLY I 74 51.18 -14.17 26.58
CA GLY I 74 50.57 -14.80 25.42
C GLY I 74 49.71 -13.89 24.59
N ALA I 75 50.26 -12.77 24.16
CA ALA I 75 49.56 -11.85 23.26
C ALA I 75 50.09 -12.07 21.86
N LYS I 76 49.25 -12.55 20.97
CA LYS I 76 49.69 -13.08 19.70
C LYS I 76 50.29 -11.98 18.82
N GLU I 77 51.31 -12.33 18.05
CA GLU I 77 51.92 -11.39 17.14
C GLU I 77 51.09 -11.28 15.88
N ALA I 78 51.04 -10.08 15.30
CA ALA I 78 50.12 -9.80 14.22
C ALA I 78 50.55 -10.47 12.93
N PHE I 79 51.65 -10.01 12.36
CA PHE I 79 52.09 -10.47 11.05
C PHE I 79 53.18 -11.47 11.35
N HIS I 80 52.82 -12.75 11.32
CA HIS I 80 53.74 -13.78 11.77
C HIS I 80 53.91 -14.80 10.66
N PRO I 81 55.11 -15.03 10.13
CA PRO I 81 55.23 -15.95 8.99
C PRO I 81 54.67 -17.34 9.24
N MET I 82 54.99 -17.96 10.37
CA MET I 82 54.31 -19.17 10.82
C MET I 82 52.80 -18.98 10.76
N TYR I 83 52.30 -18.17 11.69
CA TYR I 83 50.90 -18.21 12.09
C TYR I 83 50.08 -17.23 11.27
N GLY I 84 49.04 -17.75 10.61
CA GLY I 84 48.13 -16.92 9.86
C GLY I 84 47.40 -15.93 10.73
N PRO I 85 46.82 -14.89 10.12
CA PRO I 85 46.03 -13.95 10.90
C PRO I 85 44.76 -14.63 11.33
N ASP I 86 44.35 -14.44 12.58
CA ASP I 86 43.11 -15.05 13.00
C ASP I 86 42.00 -14.55 12.10
N ALA I 87 41.30 -15.50 11.49
CA ALA I 87 40.50 -15.20 10.33
C ALA I 87 39.48 -14.12 10.61
N MET I 88 38.70 -14.28 11.68
CA MET I 88 37.80 -13.24 12.14
C MET I 88 38.29 -12.74 13.48
N PHE I 89 38.88 -11.55 13.47
CA PHE I 89 39.27 -10.85 14.69
C PHE I 89 38.61 -9.48 14.71
N SER I 90 38.89 -8.66 13.71
CA SER I 90 38.02 -7.55 13.39
C SER I 90 36.57 -7.97 13.32
N GLY I 91 36.30 -9.12 12.73
CA GLY I 91 34.94 -9.51 12.43
C GLY I 91 34.28 -10.17 13.60
N GLN I 92 33.42 -11.16 13.31
CA GLN I 92 32.58 -11.77 14.33
C GLN I 92 33.34 -12.08 15.59
N GLY I 93 34.62 -12.42 15.47
CA GLY I 93 35.43 -12.68 16.63
C GLY I 93 35.48 -11.54 17.63
N ALA I 94 35.21 -10.31 17.20
CA ALA I 94 35.08 -9.21 18.14
C ALA I 94 33.70 -9.12 18.75
N ALA I 95 32.68 -9.63 18.06
CA ALA I 95 31.32 -9.53 18.57
C ALA I 95 31.06 -10.56 19.66
N LYS I 96 31.45 -11.80 19.42
CA LYS I 96 31.31 -12.87 20.39
C LYS I 96 32.66 -13.56 20.54
N LYS I 97 32.89 -14.13 21.73
CA LYS I 97 34.07 -14.95 21.93
C LYS I 97 33.70 -16.41 21.72
N PHE I 98 34.44 -17.07 20.84
CA PHE I 98 34.11 -18.43 20.46
C PHE I 98 34.74 -19.42 21.43
N PRO I 99 34.07 -20.53 21.70
CA PRO I 99 34.63 -21.50 22.65
C PRO I 99 35.87 -22.14 22.07
N ALA I 100 36.94 -22.14 22.85
CA ALA I 100 38.15 -22.83 22.45
C ALA I 100 37.83 -24.31 22.30
N LEU I 101 38.37 -24.91 21.26
CA LEU I 101 38.10 -26.32 21.01
C LEU I 101 39.11 -27.14 21.80
N ALA I 102 38.62 -28.08 22.60
CA ALA I 102 39.47 -28.81 23.51
C ALA I 102 39.04 -30.27 23.50
N ALA I 103 39.85 -31.10 24.14
CA ALA I 103 39.55 -32.53 24.20
C ALA I 103 38.15 -32.76 24.74
N SER I 104 37.37 -33.55 24.00
CA SER I 104 35.98 -33.83 24.34
C SER I 104 35.17 -32.55 24.53
N THR I 105 35.22 -31.69 23.53
CA THR I 105 34.20 -30.66 23.34
C THR I 105 33.31 -31.16 22.22
N GLN I 106 32.10 -31.56 22.58
CA GLN I 106 31.21 -32.18 21.61
C GLN I 106 30.67 -31.10 20.69
N THR I 107 30.95 -31.21 19.41
CA THR I 107 30.66 -30.16 18.46
C THR I 107 29.17 -30.13 18.17
N THR I 108 28.51 -29.00 18.40
CA THR I 108 27.13 -28.85 17.99
C THR I 108 27.10 -28.31 16.57
N VAL I 109 26.21 -28.87 15.75
CA VAL I 109 26.19 -28.53 14.33
C VAL I 109 25.95 -27.05 14.16
N GLY I 110 26.85 -26.40 13.42
CA GLY I 110 26.70 -25.02 13.05
C GLY I 110 27.53 -24.05 13.87
N ASP I 111 27.94 -24.42 15.07
CA ASP I 111 28.66 -23.50 15.93
C ASP I 111 30.13 -23.40 15.52
N ILE I 112 30.70 -22.23 15.73
CA ILE I 112 32.07 -21.97 15.35
C ILE I 112 32.97 -22.16 16.57
N TYR I 113 34.13 -22.79 16.35
CA TYR I 113 35.05 -23.16 17.41
C TYR I 113 36.44 -22.66 17.03
N THR I 114 37.09 -21.92 17.92
CA THR I 114 38.45 -21.54 17.63
C THR I 114 39.38 -22.70 17.91
N HIS I 115 40.53 -22.68 17.26
CA HIS I 115 41.64 -23.47 17.73
C HIS I 115 42.92 -22.78 17.29
N PHE I 116 43.97 -22.94 18.07
CA PHE I 116 45.25 -22.36 17.76
C PHE I 116 46.20 -23.50 17.46
N PHE I 117 46.60 -23.64 16.20
CA PHE I 117 47.51 -24.71 15.84
C PHE I 117 48.95 -24.34 16.15
N GLN I 118 49.74 -25.34 16.54
CA GLN I 118 51.13 -25.11 16.91
C GLN I 118 51.91 -24.52 15.74
N GLU I 119 51.46 -24.79 14.53
CA GLU I 119 51.96 -24.14 13.34
C GLU I 119 50.77 -23.53 12.62
N THR I 120 51.04 -22.88 11.49
CA THR I 120 49.98 -22.45 10.59
C THR I 120 48.83 -21.75 11.31
N GLY I 121 49.14 -21.05 12.38
CA GLY I 121 48.21 -20.06 12.88
C GLY I 121 47.10 -20.55 13.78
N THR I 122 46.12 -19.67 13.95
CA THR I 122 44.89 -19.93 14.69
C THR I 122 43.72 -19.95 13.73
N VAL I 123 42.78 -20.84 13.99
CA VAL I 123 41.65 -21.07 13.10
C VAL I 123 40.36 -20.84 13.84
N TYR I 124 39.32 -20.52 13.09
CA TYR I 124 37.95 -20.56 13.59
C TYR I 124 37.25 -21.64 12.80
N LEU I 125 37.00 -22.77 13.45
CA LEU I 125 36.48 -23.95 12.80
C LEU I 125 34.97 -23.99 12.99
N GLN I 126 34.23 -24.17 11.90
CA GLN I 126 32.80 -24.39 11.96
C GLN I 126 32.54 -25.87 11.94
N ALA I 127 31.70 -26.35 12.84
CA ALA I 127 31.41 -27.77 12.92
C ALA I 127 30.18 -28.06 12.08
N SER I 128 30.37 -28.79 10.98
CA SER I 128 29.25 -29.10 10.11
C SER I 128 28.53 -30.39 10.49
N VAL I 129 29.06 -31.15 11.44
CA VAL I 129 28.37 -32.33 11.95
C VAL I 129 28.83 -32.59 13.37
N GLN I 130 27.92 -33.10 14.19
CA GLN I 130 28.22 -33.34 15.60
C GLN I 130 29.22 -34.47 15.75
N VAL I 131 30.33 -34.19 16.44
CA VAL I 131 31.39 -35.16 16.63
C VAL I 131 32.13 -34.79 17.91
N THR I 132 32.81 -35.77 18.50
CA THR I 132 33.57 -35.57 19.72
C THR I 132 35.06 -35.60 19.41
N ILE I 133 35.82 -34.79 20.14
CA ILE I 133 37.20 -34.47 19.78
C ILE I 133 38.14 -35.51 20.38
N ASP I 134 37.58 -36.60 20.91
CA ASP I 134 38.39 -37.75 21.28
C ASP I 134 39.39 -37.42 22.38
N ALA I 135 38.92 -37.38 23.63
CA ALA I 135 39.72 -36.91 24.76
C ALA I 135 41.07 -37.58 24.86
N GLY I 136 41.28 -38.69 24.17
CA GLY I 136 42.61 -39.27 24.11
C GLY I 136 43.67 -38.32 23.59
N ALA I 137 43.28 -37.20 23.00
CA ALA I 137 44.21 -36.16 22.58
C ALA I 137 44.18 -35.05 23.62
N THR I 138 45.25 -34.96 24.41
CA THR I 138 45.36 -34.00 25.50
C THR I 138 46.48 -33.01 25.25
N ASP I 139 47.72 -33.47 25.11
CA ASP I 139 48.81 -32.60 24.69
C ASP I 139 48.44 -31.89 23.40
N ALA I 140 48.84 -30.62 23.29
CA ALA I 140 48.46 -29.83 22.14
C ALA I 140 48.98 -30.44 20.85
N ALA I 141 50.18 -31.01 20.88
CA ALA I 141 50.69 -31.68 19.69
C ALA I 141 49.82 -32.86 19.30
N LYS I 142 49.16 -33.49 20.27
CA LYS I 142 48.21 -34.54 19.95
C LYS I 142 46.83 -34.01 19.60
N LEU I 143 46.51 -32.78 19.99
CA LEU I 143 45.20 -32.23 19.66
C LEU I 143 45.18 -31.73 18.22
N ASP I 144 46.24 -31.06 17.78
CA ASP I 144 46.33 -30.66 16.38
C ASP I 144 46.30 -31.86 15.45
N ALA I 145 46.57 -33.05 15.98
CA ALA I 145 46.43 -34.25 15.19
C ALA I 145 44.98 -34.71 15.11
N GLU I 146 44.23 -34.56 16.20
CA GLU I 146 42.86 -35.02 16.20
C GLU I 146 41.92 -34.05 15.54
N ILE I 147 42.25 -32.77 15.51
CA ILE I 147 41.41 -31.79 14.81
C ILE I 147 41.63 -31.86 13.31
N LYS I 148 42.89 -31.93 12.88
CA LYS I 148 43.15 -32.11 11.46
C LYS I 148 42.53 -33.41 10.96
N LYS I 149 42.42 -34.42 11.81
CA LYS I 149 41.73 -35.63 11.39
C LYS I 149 40.25 -35.35 11.17
N GLN I 150 39.62 -34.64 12.11
CA GLN I 150 38.23 -34.25 11.93
C GLN I 150 38.07 -33.36 10.69
N MET I 151 38.95 -32.37 10.55
CA MET I 151 38.82 -31.37 9.51
C MET I 151 39.11 -31.93 8.12
N GLU I 152 39.96 -32.95 8.02
CA GLU I 152 40.15 -33.67 6.77
C GLU I 152 38.98 -34.57 6.44
N ALA I 153 38.23 -35.00 7.45
CA ALA I 153 37.02 -35.77 7.21
C ALA I 153 35.82 -34.88 6.90
N GLY I 154 36.01 -33.56 6.85
CA GLY I 154 34.93 -32.66 6.55
C GLY I 154 34.00 -32.39 7.71
N ALA I 155 34.16 -33.07 8.84
CA ALA I 155 33.29 -32.83 9.98
C ALA I 155 33.40 -31.38 10.43
N LEU I 156 34.59 -30.95 10.73
CA LEU I 156 34.84 -29.65 11.33
C LEU I 156 35.61 -28.84 10.30
N VAL I 157 34.92 -27.90 9.66
CA VAL I 157 35.50 -27.18 8.54
C VAL I 157 35.89 -25.81 9.08
N GLU I 158 36.45 -24.96 8.24
CA GLU I 158 37.17 -23.78 8.70
C GLU I 158 36.63 -22.57 7.99
N ILE I 159 36.32 -21.49 8.73
CA ILE I 159 35.69 -20.31 8.16
C ILE I 159 36.26 -19.04 8.76
N ALA I 160 35.90 -17.93 8.12
CA ALA I 160 36.09 -16.57 8.58
C ALA I 160 34.86 -15.79 8.18
N GLU I 161 34.27 -15.04 9.10
CA GLU I 161 33.11 -14.26 8.69
C GLU I 161 33.26 -12.83 9.18
N GLY I 162 32.25 -12.03 8.89
CA GLY I 162 32.27 -10.62 9.18
C GLY I 162 31.63 -10.32 10.51
N MET I 163 30.98 -9.17 10.59
CA MET I 163 30.32 -8.74 11.81
C MET I 163 28.97 -8.17 11.43
N ALA I 164 27.90 -8.71 12.02
CA ALA I 164 26.58 -8.24 11.67
C ALA I 164 26.49 -6.74 11.84
N THR I 165 26.06 -6.03 10.80
CA THR I 165 26.05 -4.58 10.86
C THR I 165 25.09 -4.06 11.91
N SER I 166 24.30 -4.92 12.54
CA SER I 166 23.59 -4.51 13.74
C SER I 166 24.51 -4.45 14.94
N ILE I 167 25.47 -5.37 15.02
CA ILE I 167 26.41 -5.40 16.14
C ILE I 167 27.48 -4.36 15.94
N ALA I 168 28.06 -4.32 14.74
CA ALA I 168 29.18 -3.42 14.49
C ALA I 168 28.77 -1.97 14.69
N GLU I 169 27.53 -1.66 14.34
CA GLU I 169 27.06 -0.28 14.41
C GLU I 169 27.21 0.26 15.82
N LEU I 170 26.70 -0.45 16.80
CA LEU I 170 26.87 -0.08 18.19
C LEU I 170 27.95 -0.97 18.78
N GLN I 171 29.12 -0.40 18.96
CA GLN I 171 30.25 -1.20 19.43
C GLN I 171 31.00 -0.34 20.43
N GLU I 172 31.21 -0.88 21.63
CA GLU I 172 31.73 -0.13 22.77
C GLU I 172 30.79 1.03 23.11
N GLY I 173 29.66 0.65 23.70
CA GLY I 173 28.82 1.60 24.38
C GLY I 173 28.16 2.62 23.48
N PHE I 174 27.40 2.17 22.50
CA PHE I 174 26.53 3.05 21.75
C PHE I 174 25.10 2.58 21.95
N ASN I 175 24.16 3.53 21.93
CA ASN I 175 22.74 3.19 21.96
C ASN I 175 22.38 2.35 23.18
N GLY I 176 23.17 2.45 24.24
CA GLY I 176 22.86 1.79 25.48
C GLY I 176 23.53 0.45 25.68
N SER I 177 24.06 -0.17 24.64
CA SER I 177 24.75 -1.43 24.81
C SER I 177 26.01 -1.22 25.63
N THR I 178 26.53 -2.30 26.19
CA THR I 178 27.79 -2.22 26.93
C THR I 178 28.47 -3.59 26.91
N ASP I 179 29.66 -3.64 27.51
CA ASP I 179 30.48 -4.84 27.66
C ASP I 179 31.07 -5.33 26.35
N ASN I 180 30.84 -4.64 25.24
CA ASN I 180 31.27 -5.10 23.92
C ASN I 180 32.31 -4.15 23.35
N PRO I 181 33.58 -4.36 23.65
CA PRO I 181 34.62 -3.47 23.12
C PRO I 181 34.89 -3.74 21.65
N TRP I 182 35.55 -2.77 21.01
CA TRP I 182 36.26 -3.06 19.77
C TRP I 182 37.50 -3.86 20.09
N ASN I 183 38.05 -4.51 19.08
CA ASN I 183 39.37 -5.11 19.24
C ASN I 183 40.45 -4.16 18.76
N GLU I 184 41.59 -4.18 19.44
CA GLU I 184 42.63 -3.20 19.22
C GLU I 184 43.91 -3.90 18.82
N MET I 185 44.83 -3.13 18.25
CA MET I 185 46.16 -3.64 17.95
C MET I 185 47.21 -2.62 18.34
N GLY I 186 48.22 -3.06 19.10
CA GLY I 186 49.35 -2.23 19.42
C GLY I 186 50.61 -2.67 18.69
N PHE I 187 51.74 -2.14 19.16
CA PHE I 187 53.04 -2.66 18.77
C PHE I 187 53.91 -2.73 20.01
N ARG I 188 55.17 -3.11 19.85
CA ARG I 188 55.91 -3.46 21.05
C ARG I 188 57.30 -2.82 21.18
N ILE I 189 58.23 -3.11 20.27
CA ILE I 189 59.59 -2.55 20.26
C ILE I 189 60.41 -2.93 21.48
N ASP I 190 60.89 -4.17 21.51
CA ASP I 190 61.83 -4.62 22.52
C ASP I 190 63.17 -4.93 21.88
N LYS I 191 64.25 -4.85 22.63
CA LYS I 191 65.60 -4.80 22.07
C LYS I 191 66.43 -6.00 22.47
N GLN I 192 67.48 -6.26 21.70
CA GLN I 192 68.50 -7.25 21.98
C GLN I 192 69.84 -6.59 22.17
N VAL I 193 70.76 -7.32 22.78
CA VAL I 193 72.08 -6.80 23.11
C VAL I 193 73.11 -7.91 23.01
N ILE I 194 74.25 -7.63 22.38
CA ILE I 194 75.34 -8.59 22.30
C ILE I 194 76.56 -7.99 22.98
N GLU I 195 77.51 -8.85 23.32
CA GLU I 195 78.75 -8.48 23.98
C GLU I 195 79.90 -9.01 23.15
N ALA I 196 81.05 -8.36 23.23
CA ALA I 196 82.20 -8.79 22.46
C ALA I 196 83.09 -9.66 23.33
N LYS I 197 83.13 -10.95 23.04
CA LYS I 197 83.99 -11.87 23.78
C LYS I 197 85.36 -11.91 23.13
N SER I 198 86.39 -11.97 23.94
CA SER I 198 87.75 -11.89 23.45
C SER I 198 88.28 -13.30 23.19
N ARG I 199 89.55 -13.37 22.80
CA ARG I 199 90.16 -14.62 22.36
C ARG I 199 91.64 -14.35 22.07
N GLN I 200 92.51 -15.36 22.16
CA GLN I 200 93.93 -15.03 22.19
C GLN I 200 94.79 -16.27 22.34
N LEU I 201 96.05 -16.15 21.93
CA LEU I 201 97.06 -17.20 22.12
C LEU I 201 98.43 -16.56 22.36
N LYS I 202 99.44 -17.40 22.44
CA LYS I 202 100.76 -17.09 22.97
C LYS I 202 101.74 -17.99 22.24
N ALA I 203 103.03 -17.68 22.29
CA ALA I 203 103.97 -18.63 21.71
C ALA I 203 105.16 -18.93 22.61
N ALA I 204 106.03 -17.94 22.81
CA ALA I 204 107.16 -18.03 23.72
C ALA I 204 108.14 -19.13 23.31
N TYR I 205 108.81 -18.90 22.20
CA TYR I 205 109.89 -19.79 21.79
C TYR I 205 111.16 -19.40 22.56
N SER I 206 112.31 -19.89 22.13
CA SER I 206 113.54 -19.64 22.86
C SER I 206 114.54 -18.89 22.01
N ILE I 207 115.44 -18.16 22.67
CA ILE I 207 116.50 -17.48 21.94
C ILE I 207 117.61 -18.46 21.59
N GLU I 208 117.69 -19.58 22.31
CA GLU I 208 118.66 -20.61 21.97
C GLU I 208 118.14 -21.52 20.88
N LEU I 209 116.83 -21.49 20.60
CA LEU I 209 116.29 -22.28 19.50
C LEU I 209 116.55 -21.63 18.17
N THR I 210 116.22 -20.34 18.04
CA THR I 210 116.38 -19.67 16.76
C THR I 210 117.83 -19.66 16.31
N GLN I 211 118.80 -19.77 17.21
CA GLN I 211 120.20 -19.81 16.78
C GLN I 211 120.50 -21.10 16.05
N ASP I 212 120.19 -22.24 16.66
CA ASP I 212 120.58 -23.51 16.05
C ASP I 212 119.60 -23.95 14.97
N LEU I 213 118.30 -23.74 15.20
CA LEU I 213 117.32 -24.07 14.18
C LEU I 213 117.60 -23.33 12.88
N ARG I 214 117.78 -22.01 12.96
CA ARG I 214 118.12 -21.26 11.76
C ARG I 214 119.42 -21.74 11.17
N ALA I 215 120.32 -22.26 12.01
CA ALA I 215 121.59 -22.76 11.48
C ALA I 215 121.38 -24.01 10.66
N VAL I 216 120.68 -25.00 11.21
CA VAL I 216 120.54 -26.28 10.50
C VAL I 216 119.44 -26.21 9.45
N HIS I 217 118.23 -25.75 9.80
CA HIS I 217 117.10 -25.81 8.90
C HIS I 217 116.88 -24.56 8.07
N GLY I 218 117.53 -23.45 8.40
CA GLY I 218 117.25 -22.21 7.74
C GLY I 218 115.86 -21.64 7.98
N MET I 219 115.06 -22.24 8.86
CA MET I 219 113.76 -21.67 9.19
C MET I 219 113.92 -20.43 10.06
N ASP I 220 112.85 -19.65 10.15
CA ASP I 220 112.88 -18.50 11.04
C ASP I 220 112.56 -18.91 12.47
N ALA I 221 111.58 -19.78 12.66
CA ALA I 221 111.11 -20.25 13.96
C ALA I 221 110.41 -19.15 14.75
N ASP I 222 110.57 -17.90 14.34
CA ASP I 222 109.64 -16.86 14.78
C ASP I 222 108.43 -16.84 13.87
N ALA I 223 108.62 -16.98 12.57
CA ALA I 223 107.51 -16.88 11.64
C ALA I 223 106.75 -18.20 11.56
N GLU I 224 107.33 -19.28 12.07
CA GLU I 224 106.59 -20.53 12.10
C GLU I 224 105.57 -20.53 13.23
N LEU I 225 105.91 -19.91 14.36
CA LEU I 225 104.91 -19.72 15.41
C LEU I 225 103.95 -18.61 15.07
N SER I 226 104.46 -17.44 14.67
CA SER I 226 103.57 -16.36 14.26
C SER I 226 102.66 -16.77 13.13
N GLY I 227 103.00 -17.82 12.40
CA GLY I 227 102.18 -18.30 11.33
C GLY I 227 101.09 -19.23 11.78
N ILE I 228 101.33 -20.01 12.84
CA ILE I 228 100.31 -20.91 13.36
C ILE I 228 99.59 -20.36 14.59
N LEU I 229 99.95 -19.18 15.07
CA LEU I 229 99.03 -18.54 15.98
C LEU I 229 97.95 -17.77 15.23
N ALA I 230 98.34 -17.03 14.21
CA ALA I 230 97.38 -16.24 13.46
C ALA I 230 96.54 -17.09 12.53
N THR I 231 97.06 -18.24 12.11
CA THR I 231 96.27 -19.16 11.32
C THR I 231 95.34 -19.97 12.20
N GLU I 232 95.72 -20.24 13.43
CA GLU I 232 94.86 -20.97 14.34
C GLU I 232 93.63 -20.15 14.69
N ILE I 233 93.81 -18.94 15.20
CA ILE I 233 92.69 -18.14 15.65
C ILE I 233 91.68 -17.97 14.53
N MET I 234 92.15 -17.80 13.29
CA MET I 234 91.21 -17.65 12.20
C MET I 234 90.57 -18.96 11.80
N LEU I 235 91.15 -20.09 12.16
CA LEU I 235 90.44 -21.34 11.96
C LEU I 235 89.46 -21.59 13.09
N GLU I 236 89.87 -21.35 14.32
CA GLU I 236 88.98 -21.59 15.44
C GLU I 236 87.79 -20.65 15.42
N ILE I 237 87.99 -19.39 15.03
CA ILE I 237 86.86 -18.50 14.83
C ILE I 237 85.96 -19.00 13.71
N ASN I 238 86.57 -19.35 12.57
CA ASN I 238 85.75 -19.82 11.47
C ASN I 238 85.13 -21.17 11.76
N ARG I 239 85.74 -21.97 12.63
CA ARG I 239 85.06 -23.16 13.09
C ARG I 239 83.98 -22.83 14.11
N GLU I 240 84.09 -21.68 14.76
CA GLU I 240 83.07 -21.31 15.72
C GLU I 240 81.73 -21.08 15.05
N VAL I 241 81.68 -20.15 14.10
CA VAL I 241 80.39 -19.76 13.54
C VAL I 241 79.71 -20.95 12.90
N VAL I 242 80.46 -21.79 12.19
CA VAL I 242 79.86 -22.97 11.58
C VAL I 242 79.43 -23.96 12.64
N ASP I 243 80.10 -23.99 13.78
CA ASP I 243 79.61 -24.74 14.91
C ASP I 243 78.41 -24.08 15.57
N TRP I 244 78.17 -22.80 15.30
CA TRP I 244 76.91 -22.20 15.73
C TRP I 244 75.81 -22.33 14.70
N ILE I 245 76.13 -22.73 13.47
CA ILE I 245 75.05 -22.96 12.52
C ILE I 245 74.44 -24.33 12.73
N ASN I 246 75.25 -25.35 12.96
CA ASN I 246 74.72 -26.69 13.19
C ASN I 246 74.21 -26.86 14.61
N TYR I 247 74.73 -26.09 15.56
CA TYR I 247 74.17 -26.02 16.91
C TYR I 247 72.80 -25.39 16.91
N SER I 248 72.64 -24.29 16.19
CA SER I 248 71.45 -23.47 16.24
C SER I 248 70.39 -23.86 15.22
N ALA I 249 70.61 -24.92 14.45
CA ALA I 249 69.71 -25.27 13.37
C ALA I 249 68.62 -26.21 13.86
N GLN I 250 67.38 -25.91 13.48
CA GLN I 250 66.30 -26.83 13.78
C GLN I 250 66.52 -28.15 13.08
N VAL I 251 65.89 -29.19 13.59
CA VAL I 251 65.91 -30.47 12.89
C VAL I 251 64.90 -30.41 11.75
N GLY I 252 65.39 -30.56 10.54
CA GLY I 252 64.53 -30.60 9.39
C GLY I 252 63.86 -31.94 9.27
N LYS I 253 63.12 -32.10 8.17
CA LYS I 253 62.37 -33.32 7.90
C LYS I 253 61.60 -33.74 9.14
N SER I 254 60.87 -32.80 9.71
CA SER I 254 60.05 -33.07 10.87
C SER I 254 58.88 -32.12 10.87
N GLY I 255 57.82 -32.51 11.57
CA GLY I 255 56.64 -31.70 11.54
C GLY I 255 56.01 -31.72 10.17
N MET I 256 55.90 -30.56 9.55
CA MET I 256 55.18 -30.46 8.29
C MET I 256 55.92 -31.11 7.12
N THR I 257 57.25 -31.17 7.16
CA THR I 257 58.00 -31.68 6.03
C THR I 257 58.16 -33.19 6.01
N LEU I 258 57.68 -33.91 7.02
CA LEU I 258 57.69 -35.36 6.94
C LEU I 258 56.84 -35.86 5.79
N THR I 259 57.27 -36.96 5.21
CA THR I 259 56.33 -37.86 4.58
C THR I 259 55.73 -38.72 5.70
N PRO I 260 54.42 -38.80 5.83
CA PRO I 260 53.81 -39.24 7.09
C PRO I 260 54.38 -40.52 7.70
N GLY I 261 55.08 -41.33 6.91
CA GLY I 261 55.73 -42.51 7.45
C GLY I 261 57.23 -42.42 7.65
N SER I 262 57.85 -41.27 7.39
CA SER I 262 59.30 -41.19 7.42
C SER I 262 59.81 -41.22 8.86
N LYS I 263 61.13 -41.07 9.00
CA LYS I 263 61.80 -41.31 10.26
C LYS I 263 62.02 -40.06 11.10
N ALA I 264 61.51 -38.91 10.67
CA ALA I 264 61.47 -37.71 11.51
C ALA I 264 62.87 -37.26 11.93
N GLY I 265 63.56 -36.68 10.96
CA GLY I 265 64.86 -36.08 11.19
C GLY I 265 66.00 -36.80 10.53
N VAL I 266 65.79 -37.99 9.96
CA VAL I 266 66.80 -38.65 9.14
C VAL I 266 66.16 -39.05 7.82
N PHE I 267 66.82 -38.71 6.73
CA PHE I 267 66.43 -39.13 5.40
C PHE I 267 67.34 -40.28 4.99
N ASP I 268 66.80 -41.50 4.95
CA ASP I 268 67.61 -42.67 4.67
C ASP I 268 67.15 -43.34 3.39
N PHE I 269 68.08 -43.54 2.46
CA PHE I 269 67.74 -43.99 1.13
C PHE I 269 67.13 -45.37 1.11
N GLN I 270 67.06 -46.06 2.23
CA GLN I 270 66.56 -47.42 2.27
C GLN I 270 65.10 -47.52 2.70
N ASP I 271 64.44 -46.40 2.98
CA ASP I 271 62.99 -46.50 3.17
C ASP I 271 62.28 -46.23 1.85
N PRO I 272 61.40 -47.13 1.42
CA PRO I 272 60.61 -46.84 0.22
C PRO I 272 59.71 -45.64 0.37
N ILE I 273 59.48 -45.17 1.60
CA ILE I 273 58.70 -43.96 1.81
C ILE I 273 59.53 -42.72 1.52
N ASP I 274 60.80 -42.73 1.91
CA ASP I 274 61.64 -41.55 1.76
C ASP I 274 62.15 -41.35 0.35
N ILE I 275 62.45 -42.43 -0.36
CA ILE I 275 62.83 -42.31 -1.76
C ILE I 275 61.63 -42.41 -2.70
N ARG I 276 60.42 -42.49 -2.15
CA ARG I 276 59.20 -42.54 -2.95
C ARG I 276 59.12 -43.82 -3.79
N GLY I 277 59.56 -44.92 -3.20
CA GLY I 277 59.51 -46.17 -3.91
C GLY I 277 60.46 -46.21 -5.07
N ALA I 278 61.40 -45.28 -5.11
CA ALA I 278 62.36 -45.25 -6.19
C ALA I 278 63.27 -46.47 -6.13
N ARG I 279 63.92 -46.73 -7.26
CA ARG I 279 64.66 -47.96 -7.50
C ARG I 279 65.93 -47.64 -8.26
N TRP I 280 66.95 -48.44 -8.02
CA TRP I 280 68.33 -48.14 -8.36
C TRP I 280 68.70 -46.73 -7.91
N ALA I 281 69.43 -45.98 -8.72
CA ALA I 281 70.05 -44.76 -8.23
C ALA I 281 69.37 -43.51 -8.76
N GLY I 282 69.42 -43.29 -10.07
CA GLY I 282 68.83 -42.07 -10.62
C GLY I 282 67.44 -41.79 -10.09
N GLU I 283 66.62 -42.83 -9.96
CA GLU I 283 65.34 -42.64 -9.28
C GLU I 283 65.56 -42.30 -7.81
N SER I 284 66.55 -42.91 -7.17
CA SER I 284 66.65 -42.87 -5.72
C SER I 284 67.23 -41.56 -5.23
N PHE I 285 68.34 -41.11 -5.82
CA PHE I 285 68.95 -39.88 -5.34
C PHE I 285 68.10 -38.68 -5.67
N LYS I 286 67.43 -38.68 -6.82
CA LYS I 286 66.53 -37.60 -7.16
C LYS I 286 65.41 -37.45 -6.15
N ALA I 287 65.22 -38.41 -5.26
CA ALA I 287 64.31 -38.21 -4.14
C ALA I 287 64.93 -37.36 -3.05
N LEU I 288 66.24 -37.25 -3.00
CA LEU I 288 66.86 -36.31 -2.08
C LEU I 288 66.68 -34.89 -2.57
N LEU I 289 66.92 -34.65 -3.86
CA LEU I 289 66.73 -33.33 -4.44
C LEU I 289 65.32 -32.80 -4.15
N PHE I 290 64.36 -33.70 -4.01
CA PHE I 290 63.03 -33.28 -3.58
C PHE I 290 62.93 -33.10 -2.07
N GLN I 291 63.77 -33.78 -1.30
CA GLN I 291 63.77 -33.54 0.14
C GLN I 291 64.55 -32.28 0.49
N ILE I 292 65.59 -31.97 -0.26
CA ILE I 292 66.35 -30.76 0.02
C ILE I 292 65.59 -29.53 -0.42
N ASP I 293 64.67 -29.68 -1.39
CA ASP I 293 63.80 -28.58 -1.74
C ASP I 293 62.75 -28.36 -0.66
N LYS I 294 62.09 -29.44 -0.26
CA LYS I 294 60.96 -29.34 0.62
C LYS I 294 61.29 -28.58 1.89
N GLU I 295 62.55 -28.60 2.32
CA GLU I 295 62.94 -27.80 3.47
C GLU I 295 63.29 -26.37 3.11
N ALA I 296 64.06 -26.18 2.04
CA ALA I 296 64.30 -24.82 1.60
C ALA I 296 63.00 -24.09 1.35
N VAL I 297 61.94 -24.81 1.00
CA VAL I 297 60.62 -24.22 0.93
C VAL I 297 60.11 -23.87 2.32
N GLU I 298 60.47 -24.67 3.32
CA GLU I 298 59.87 -24.51 4.64
C GLU I 298 60.53 -23.40 5.43
N ILE I 299 61.79 -23.09 5.14
CA ILE I 299 62.45 -21.96 5.77
C ILE I 299 61.79 -20.65 5.39
N ALA I 300 61.15 -20.59 4.23
CA ALA I 300 60.43 -19.39 3.87
C ALA I 300 59.11 -19.26 4.62
N ARG I 301 58.64 -20.35 5.22
CA ARG I 301 57.48 -20.27 6.08
C ARG I 301 57.86 -19.82 7.48
N GLN I 302 58.98 -20.29 8.00
CA GLN I 302 59.37 -19.92 9.35
C GLN I 302 60.02 -18.55 9.42
N THR I 303 60.91 -18.24 8.48
CA THR I 303 61.59 -16.96 8.57
C THR I 303 60.70 -15.83 8.08
N GLY I 304 59.84 -16.10 7.12
CA GLY I 304 59.15 -15.01 6.48
C GLY I 304 60.04 -14.13 5.66
N ARG I 305 61.26 -14.59 5.36
CA ARG I 305 62.21 -13.83 4.56
C ARG I 305 62.37 -14.42 3.16
N GLY I 306 62.82 -15.65 3.05
CA GLY I 306 62.94 -16.24 1.73
C GLY I 306 63.14 -17.73 1.78
N GLU I 307 63.15 -18.32 0.59
CA GLU I 307 63.42 -19.74 0.44
C GLU I 307 64.85 -20.05 0.86
N GLY I 308 65.09 -21.29 1.28
CA GLY I 308 66.40 -21.63 1.77
C GLY I 308 67.50 -21.42 0.74
N ASN I 309 68.45 -20.56 1.06
CA ASN I 309 69.37 -20.03 0.07
C ASN I 309 70.69 -20.78 -0.04
N PHE I 310 71.02 -21.65 0.91
CA PHE I 310 72.26 -22.39 0.82
C PHE I 310 72.11 -23.63 1.66
N ILE I 311 72.97 -24.61 1.42
CA ILE I 311 73.08 -25.74 2.30
C ILE I 311 74.56 -25.87 2.65
N ILE I 312 74.83 -26.43 3.82
CA ILE I 312 76.16 -26.96 4.09
C ILE I 312 75.96 -28.42 4.41
N ALA I 313 77.01 -29.21 4.24
CA ALA I 313 76.75 -30.64 4.11
C ALA I 313 78.07 -31.40 4.11
N SER I 314 77.96 -32.70 4.35
CA SER I 314 79.13 -33.56 4.37
C SER I 314 79.58 -33.92 2.97
N ARG I 315 80.84 -34.34 2.86
CA ARG I 315 81.35 -34.82 1.59
C ARG I 315 80.47 -35.89 1.00
N ASN I 316 79.90 -36.77 1.83
CA ASN I 316 79.09 -37.87 1.32
C ASN I 316 77.93 -37.37 0.48
N VAL I 317 77.05 -36.55 1.07
CA VAL I 317 75.87 -36.16 0.33
C VAL I 317 76.21 -35.26 -0.84
N VAL I 318 77.37 -34.62 -0.84
CA VAL I 318 77.72 -33.84 -2.01
C VAL I 318 77.92 -34.75 -3.20
N ASN I 319 78.44 -35.96 -2.99
CA ASN I 319 78.43 -36.96 -4.05
C ASN I 319 77.01 -37.30 -4.46
N VAL I 320 76.16 -37.65 -3.49
CA VAL I 320 74.76 -37.90 -3.80
C VAL I 320 74.17 -36.74 -4.58
N LEU I 321 74.66 -35.53 -4.35
CA LEU I 321 74.24 -34.42 -5.19
C LEU I 321 75.02 -34.38 -6.49
N ALA I 322 76.32 -34.68 -6.45
CA ALA I 322 77.16 -34.46 -7.62
C ALA I 322 76.98 -35.51 -8.69
N SER I 323 76.50 -36.69 -8.34
CA SER I 323 76.41 -37.80 -9.28
C SER I 323 75.07 -37.89 -9.97
N VAL I 324 74.18 -36.94 -9.76
CA VAL I 324 72.78 -37.08 -10.16
C VAL I 324 72.37 -35.89 -10.97
N ASP I 325 71.53 -36.12 -11.97
CA ASP I 325 71.06 -35.04 -12.81
C ASP I 325 70.06 -34.23 -12.01
N THR I 326 70.37 -32.97 -11.76
CA THR I 326 69.56 -32.19 -10.85
C THR I 326 68.42 -31.45 -11.54
N GLY I 327 68.40 -31.41 -12.86
CA GLY I 327 67.32 -30.79 -13.57
C GLY I 327 66.10 -31.68 -13.53
N ILE I 328 65.17 -31.44 -14.44
CA ILE I 328 64.03 -32.32 -14.59
C ILE I 328 64.36 -33.18 -15.79
N SER I 329 64.94 -34.35 -15.55
CA SER I 329 65.19 -35.31 -16.63
C SER I 329 65.25 -36.71 -16.07
N TYR I 330 64.43 -37.62 -16.60
CA TYR I 330 64.58 -39.07 -16.52
C TYR I 330 65.23 -39.55 -15.22
N ALA I 331 66.18 -40.45 -15.33
CA ALA I 331 66.92 -40.96 -14.18
C ALA I 331 68.38 -41.00 -14.58
N ALA I 332 69.27 -40.61 -13.68
CA ALA I 332 70.63 -40.44 -14.10
C ALA I 332 71.60 -40.72 -12.96
N GLN I 333 72.75 -41.27 -13.31
CA GLN I 333 73.84 -41.49 -12.38
C GLN I 333 75.14 -41.37 -13.16
N GLY I 334 76.25 -41.51 -12.47
CA GLY I 334 77.53 -41.49 -13.13
C GLY I 334 78.59 -41.00 -12.18
N LEU I 335 79.71 -40.57 -12.74
CA LEU I 335 80.79 -40.05 -11.94
C LEU I 335 80.46 -38.65 -11.44
N ALA I 336 80.85 -38.36 -10.21
CA ALA I 336 80.67 -37.04 -9.64
C ALA I 336 81.28 -36.01 -10.57
N THR I 337 80.52 -34.96 -10.89
CA THR I 337 80.99 -34.04 -11.92
C THR I 337 80.90 -32.58 -11.50
N GLY I 338 79.68 -32.06 -11.33
CA GLY I 338 79.49 -30.63 -11.22
C GLY I 338 80.11 -30.00 -9.98
N PHE I 339 80.38 -30.78 -8.95
CA PHE I 339 80.74 -30.24 -7.65
C PHE I 339 82.18 -30.58 -7.29
N SER I 340 82.77 -29.75 -6.44
CA SER I 340 84.06 -30.07 -5.85
C SER I 340 83.80 -30.76 -4.52
N THR I 341 84.01 -32.07 -4.49
CA THR I 341 83.70 -32.85 -3.30
C THR I 341 84.90 -33.00 -2.39
N ASP I 342 86.08 -32.59 -2.84
CA ASP I 342 87.26 -32.62 -2.00
C ASP I 342 87.42 -31.27 -1.33
N THR I 343 87.81 -31.29 -0.06
CA THR I 343 88.23 -30.05 0.56
C THR I 343 89.74 -30.11 0.57
N THR I 344 90.34 -29.52 -0.46
CA THR I 344 91.71 -29.06 -0.43
C THR I 344 91.72 -27.74 -1.16
N LYS I 345 91.34 -27.80 -2.44
CA LYS I 345 91.11 -26.62 -3.24
C LYS I 345 90.32 -25.59 -2.46
N SER I 346 89.04 -25.86 -2.23
CA SER I 346 88.21 -24.98 -1.43
C SER I 346 87.01 -25.75 -0.95
N VAL I 347 86.33 -25.20 0.05
CA VAL I 347 85.16 -25.86 0.61
C VAL I 347 83.96 -25.69 -0.30
N PHE I 348 83.72 -24.47 -0.76
CA PHE I 348 82.53 -24.21 -1.57
C PHE I 348 82.47 -25.14 -2.76
N ALA I 349 81.36 -25.87 -2.86
CA ALA I 349 81.16 -26.82 -3.95
C ALA I 349 79.91 -26.45 -4.73
N GLY I 350 80.10 -25.91 -5.93
CA GLY I 350 79.04 -25.76 -6.89
C GLY I 350 77.81 -25.04 -6.41
N VAL I 351 76.72 -25.22 -7.15
CA VAL I 351 75.38 -24.78 -6.77
C VAL I 351 74.41 -25.81 -7.31
N LEU I 352 73.23 -25.89 -6.71
CA LEU I 352 72.15 -26.72 -7.23
C LEU I 352 71.21 -25.87 -8.07
N GLY I 353 71.12 -26.18 -9.35
CA GLY I 353 70.18 -25.52 -10.23
C GLY I 353 70.31 -24.02 -10.22
N GLY I 354 71.51 -23.53 -9.91
CA GLY I 354 71.69 -22.11 -9.79
C GLY I 354 70.95 -21.49 -8.63
N LYS I 355 70.49 -22.29 -7.67
CA LYS I 355 69.76 -21.78 -6.52
C LYS I 355 70.59 -21.87 -5.25
N TYR I 356 70.79 -23.06 -4.69
CA TYR I 356 71.48 -23.21 -3.42
C TYR I 356 72.97 -23.01 -3.60
N ARG I 357 73.65 -22.71 -2.50
CA ARG I 357 75.10 -22.79 -2.44
C ARG I 357 75.48 -23.94 -1.52
N VAL I 358 76.17 -24.92 -2.05
CA VAL I 358 76.44 -26.14 -1.30
C VAL I 358 77.86 -26.06 -0.78
N TYR I 359 78.01 -25.79 0.51
CA TYR I 359 79.31 -25.82 1.15
C TYR I 359 79.52 -27.18 1.77
N ILE I 360 80.70 -27.70 1.65
CA ILE I 360 81.04 -28.91 2.39
C ILE I 360 81.25 -28.52 3.83
N ASP I 361 81.04 -29.46 4.74
CA ASP I 361 81.49 -29.28 6.12
C ASP I 361 82.55 -30.33 6.35
N GLN I 362 83.80 -29.90 6.39
CA GLN I 362 84.88 -30.86 6.28
C GLN I 362 85.09 -31.65 7.56
N TYR I 363 84.62 -31.14 8.68
CA TYR I 363 84.61 -31.87 9.93
C TYR I 363 83.15 -32.21 10.18
N ALA I 364 82.77 -33.46 9.94
CA ALA I 364 81.37 -33.84 9.98
C ALA I 364 81.31 -35.21 10.62
N LYS I 365 80.48 -35.34 11.64
CA LYS I 365 80.56 -36.56 12.43
C LYS I 365 79.82 -37.70 11.76
N GLN I 366 78.58 -37.47 11.33
CA GLN I 366 77.88 -38.55 10.66
C GLN I 366 77.69 -38.22 9.20
N ASP I 367 76.68 -37.40 8.93
CA ASP I 367 76.38 -36.86 7.62
C ASP I 367 75.13 -36.03 7.79
N TYR I 368 74.92 -35.08 6.88
CA TYR I 368 73.79 -34.18 6.98
C TYR I 368 73.89 -33.14 5.88
N PHE I 369 72.82 -32.37 5.73
CA PHE I 369 72.86 -31.14 4.97
C PHE I 369 72.03 -30.11 5.71
N THR I 370 72.61 -28.95 5.97
CA THR I 370 71.91 -27.91 6.72
C THR I 370 71.50 -26.82 5.74
N VAL I 371 70.23 -26.77 5.41
CA VAL I 371 69.72 -25.83 4.42
C VAL I 371 69.44 -24.53 5.17
N GLY I 372 70.13 -23.47 4.80
CA GLY I 372 70.12 -22.25 5.55
C GLY I 372 69.31 -21.16 4.90
N TYR I 373 69.62 -19.92 5.27
CA TYR I 373 69.15 -18.76 4.53
C TYR I 373 70.17 -17.65 4.72
N LYS I 374 70.43 -16.91 3.66
CA LYS I 374 71.19 -15.67 3.77
C LYS I 374 70.55 -14.64 2.85
N GLY I 375 70.05 -13.56 3.44
CA GLY I 375 69.41 -12.55 2.66
C GLY I 375 70.39 -11.69 1.93
N PRO I 376 69.89 -10.70 1.21
CA PRO I 376 70.79 -9.70 0.62
C PRO I 376 71.52 -8.90 1.67
N ASN I 377 70.85 -8.53 2.75
CA ASN I 377 71.49 -7.78 3.81
C ASN I 377 72.52 -8.62 4.53
N GLU I 378 73.42 -7.94 5.24
CA GLU I 378 74.13 -8.57 6.32
C GLU I 378 73.30 -8.56 7.59
N MET I 379 72.26 -7.74 7.64
CA MET I 379 71.33 -7.77 8.74
C MET I 379 70.51 -9.04 8.75
N ASP I 380 70.18 -9.57 7.58
CA ASP I 380 69.28 -10.71 7.48
C ASP I 380 70.15 -11.94 7.31
N ALA I 381 70.30 -12.68 8.39
CA ALA I 381 71.24 -13.78 8.43
C ALA I 381 70.65 -15.01 9.09
N GLY I 382 70.33 -14.87 10.37
CA GLY I 382 70.03 -15.97 11.25
C GLY I 382 71.13 -16.22 12.26
N ILE I 383 72.33 -15.74 11.98
CA ILE I 383 73.37 -15.59 12.98
C ILE I 383 74.32 -14.51 12.51
N TYR I 384 74.88 -13.76 13.44
CA TYR I 384 75.79 -12.68 13.11
C TYR I 384 77.16 -12.99 13.67
N TYR I 385 78.19 -12.90 12.84
CA TYR I 385 79.55 -12.85 13.32
C TYR I 385 80.03 -11.42 13.17
N ALA I 386 80.13 -10.71 14.28
CA ALA I 386 80.49 -9.31 14.25
C ALA I 386 81.87 -9.13 14.85
N PRO I 387 82.90 -8.87 14.06
CA PRO I 387 84.23 -8.70 14.64
C PRO I 387 84.40 -7.31 15.23
N TYR I 388 85.30 -7.21 16.20
CA TYR I 388 85.53 -5.94 16.88
C TYR I 388 86.97 -5.48 16.74
N VAL I 389 87.94 -6.20 17.29
CA VAL I 389 89.34 -6.01 16.93
C VAL I 389 89.84 -7.32 16.36
N ALA I 390 90.89 -7.25 15.56
CA ALA I 390 91.37 -8.43 14.84
C ALA I 390 92.87 -8.56 14.97
N LEU I 391 93.32 -9.64 15.61
CA LEU I 391 94.71 -10.09 15.61
C LEU I 391 95.68 -8.96 15.90
N THR I 392 95.48 -8.30 17.02
CA THR I 392 96.51 -7.36 17.43
C THR I 392 97.70 -8.14 17.95
N PRO I 393 98.82 -8.17 17.24
CA PRO I 393 99.95 -8.97 17.70
C PRO I 393 100.66 -8.27 18.85
N LEU I 394 101.06 -9.05 19.84
CA LEU I 394 101.74 -8.53 21.01
C LEU I 394 103.09 -9.22 21.14
N ARG I 395 104.10 -8.46 21.50
CA ARG I 395 105.45 -8.98 21.66
C ARG I 395 105.98 -8.61 23.03
N GLY I 396 107.05 -9.27 23.43
CA GLY I 396 107.67 -8.98 24.71
C GLY I 396 108.83 -9.92 24.95
N SER I 397 109.68 -9.50 25.89
CA SER I 397 110.80 -10.32 26.34
C SER I 397 110.89 -10.21 27.84
N ASP I 398 110.88 -11.33 28.53
CA ASP I 398 110.89 -11.29 29.98
C ASP I 398 112.31 -11.02 30.46
N PRO I 399 112.59 -9.89 31.10
CA PRO I 399 113.98 -9.51 31.35
C PRO I 399 114.73 -10.47 32.24
N LYS I 400 114.02 -11.33 32.97
CA LYS I 400 114.72 -12.35 33.75
C LYS I 400 115.54 -13.25 32.84
N ASN I 401 114.88 -13.93 31.90
CA ASN I 401 115.50 -14.89 31.00
C ASN I 401 115.78 -14.37 29.61
N PHE I 402 115.36 -13.16 29.26
CA PHE I 402 115.61 -12.50 27.98
C PHE I 402 115.06 -13.25 26.78
N GLN I 403 114.11 -14.16 26.94
CA GLN I 403 113.73 -14.98 25.81
C GLN I 403 112.34 -14.64 25.30
N PRO I 404 112.19 -14.40 24.01
CA PRO I 404 111.00 -13.72 23.51
C PRO I 404 109.73 -14.53 23.73
N VAL I 405 108.67 -13.80 24.07
CA VAL I 405 107.31 -14.32 24.03
C VAL I 405 106.55 -13.48 23.04
N MET I 406 105.47 -14.03 22.53
CA MET I 406 104.62 -13.31 21.61
C MET I 406 103.21 -13.83 21.74
N GLY I 407 102.24 -12.96 21.55
CA GLY I 407 100.86 -13.37 21.72
C GLY I 407 99.94 -12.51 20.89
N PHE I 408 98.79 -13.06 20.56
CA PHE I 408 97.77 -12.35 19.80
C PHE I 408 96.53 -12.20 20.64
N LYS I 409 95.72 -11.20 20.32
CA LYS I 409 94.42 -11.01 20.95
C LYS I 409 93.42 -10.58 19.90
N THR I 410 92.23 -11.17 19.93
CA THR I 410 91.14 -10.77 19.05
C THR I 410 89.88 -10.67 19.88
N ARG I 411 88.99 -9.77 19.49
CA ARG I 411 87.71 -9.62 20.17
C ARG I 411 86.63 -9.59 19.11
N TYR I 412 85.67 -10.48 19.20
CA TYR I 412 84.70 -10.55 18.12
C TYR I 412 83.27 -10.50 18.65
N GLY I 413 82.83 -11.54 19.29
CA GLY I 413 81.44 -11.49 19.68
C GLY I 413 80.52 -11.93 18.57
N ILE I 414 79.43 -12.57 18.96
CA ILE I 414 78.49 -13.19 18.06
C ILE I 414 77.14 -12.53 18.30
N GLY I 415 76.22 -12.74 17.40
CA GLY I 415 74.87 -12.26 17.62
C GLY I 415 73.87 -13.16 16.94
N ILE I 416 72.67 -13.19 17.48
CA ILE I 416 71.58 -14.00 16.98
C ILE I 416 70.59 -13.06 16.33
N ASN I 417 69.94 -13.52 15.29
CA ASN I 417 68.96 -12.65 14.65
C ASN I 417 67.74 -12.59 15.53
N PRO I 418 67.32 -11.41 16.00
CA PRO I 418 66.00 -11.35 16.62
C PRO I 418 65.00 -11.85 15.59
N PHE I 419 63.93 -12.48 16.07
CA PHE I 419 62.94 -13.19 15.28
C PHE I 419 63.47 -14.56 14.91
N ALA I 420 64.70 -14.92 15.32
CA ALA I 420 65.25 -16.22 14.99
C ALA I 420 64.28 -17.32 15.32
N GLU I 421 63.76 -17.34 16.56
CA GLU I 421 62.92 -18.45 16.97
C GLU I 421 61.67 -18.54 16.11
N SER I 422 61.00 -17.41 15.90
CA SER I 422 59.87 -17.27 14.98
C SER I 422 58.67 -18.08 15.42
N ALA I 423 58.86 -18.98 16.37
CA ALA I 423 57.77 -19.69 17.01
C ALA I 423 57.27 -18.98 18.25
N ALA I 424 57.82 -17.81 18.57
CA ALA I 424 57.47 -17.07 19.76
C ALA I 424 56.95 -15.71 19.35
N GLN I 425 55.76 -15.36 19.82
CA GLN I 425 55.22 -14.05 19.51
C GLN I 425 55.75 -12.96 20.41
N ALA I 426 56.49 -13.32 21.46
CA ALA I 426 56.95 -12.33 22.40
C ALA I 426 58.37 -12.64 22.83
N PRO I 427 59.21 -11.62 22.97
CA PRO I 427 60.51 -11.84 23.55
C PRO I 427 60.39 -11.96 25.06
N ALA I 428 61.34 -12.65 25.65
CA ALA I 428 61.44 -12.70 27.10
C ALA I 428 62.33 -11.56 27.57
N SER I 429 61.87 -10.82 28.56
CA SER I 429 62.58 -9.81 29.34
C SER I 429 62.73 -8.48 28.62
N ARG I 430 62.54 -8.41 27.31
CA ARG I 430 62.48 -7.16 26.56
C ARG I 430 63.80 -6.42 26.49
N ILE I 431 64.75 -6.76 27.36
CA ILE I 431 66.16 -6.47 27.13
C ILE I 431 66.81 -7.84 27.11
N GLN I 432 67.20 -8.28 25.93
CA GLN I 432 67.47 -9.68 25.70
C GLN I 432 68.91 -9.81 25.26
N SER I 433 69.53 -10.93 25.60
CA SER I 433 70.91 -11.17 25.23
C SER I 433 70.95 -11.92 23.92
N GLY I 434 71.42 -11.26 22.87
CA GLY I 434 71.60 -11.89 21.59
C GLY I 434 72.79 -12.80 21.51
N MET I 435 73.62 -12.81 22.53
CA MET I 435 74.68 -13.80 22.61
C MET I 435 74.04 -15.18 22.63
N PRO I 436 74.34 -16.05 21.66
CA PRO I 436 73.64 -17.35 21.61
C PRO I 436 73.81 -18.13 22.90
N SER I 437 72.82 -18.96 23.20
CA SER I 437 72.82 -19.75 24.43
C SER I 437 71.95 -20.98 24.21
N ILE I 438 71.66 -21.69 25.28
CA ILE I 438 70.72 -22.80 25.18
C ILE I 438 69.31 -22.30 25.01
N LEU I 439 68.94 -21.25 25.73
CA LEU I 439 67.56 -20.79 25.71
C LEU I 439 67.12 -20.39 24.32
N ASN I 440 67.64 -19.27 23.82
CA ASN I 440 67.10 -18.69 22.60
C ASN I 440 67.66 -19.35 21.35
N SER I 441 68.93 -19.69 21.34
CA SER I 441 69.61 -20.06 20.11
C SER I 441 69.79 -21.54 19.87
N LEU I 442 69.41 -22.44 20.78
CA LEU I 442 69.69 -23.85 20.58
C LEU I 442 68.55 -24.48 19.78
N GLY I 443 68.86 -24.93 18.58
CA GLY I 443 67.90 -25.63 17.76
C GLY I 443 66.63 -24.87 17.49
N LYS I 444 66.62 -23.58 17.78
CA LYS I 444 65.45 -22.76 17.54
C LYS I 444 65.53 -21.83 16.34
N ASN I 445 66.67 -21.74 15.64
CA ASN I 445 66.71 -20.84 14.50
C ASN I 445 65.78 -21.32 13.41
N ALA I 446 64.98 -20.40 12.90
CA ALA I 446 64.15 -20.69 11.74
C ALA I 446 64.95 -20.65 10.45
N TYR I 447 66.14 -20.07 10.48
CA TYR I 447 66.90 -19.88 9.25
C TYR I 447 67.62 -21.15 8.81
N PHE I 448 67.97 -22.03 9.73
CA PHE I 448 68.84 -23.15 9.44
C PHE I 448 68.10 -24.44 9.79
N ARG I 449 68.07 -25.40 8.86
CA ARG I 449 67.39 -26.65 9.09
C ARG I 449 68.28 -27.82 8.74
N ARG I 450 68.58 -28.66 9.72
CA ARG I 450 69.59 -29.70 9.63
C ARG I 450 68.91 -31.06 9.46
N VAL I 451 69.45 -31.88 8.57
CA VAL I 451 68.86 -33.16 8.23
C VAL I 451 69.96 -34.20 8.10
N TYR I 452 69.86 -35.28 8.87
CA TYR I 452 70.85 -36.34 8.78
C TYR I 452 70.48 -37.26 7.66
N VAL I 453 71.34 -37.38 6.67
CA VAL I 453 71.15 -38.36 5.60
C VAL I 453 71.78 -39.66 6.05
N LYS I 454 71.08 -40.76 5.85
CA LYS I 454 71.60 -42.06 6.17
C LYS I 454 71.46 -42.99 4.98
N GLY I 455 72.15 -44.12 5.04
CA GLY I 455 72.02 -45.09 4.00
C GLY I 455 72.80 -44.81 2.74
N ILE I 456 73.67 -43.79 2.75
CA ILE I 456 74.56 -43.62 1.63
C ILE I 456 75.62 -44.70 1.71
N ALA J 1 107.43 -99.86 -59.79
CA ALA J 1 106.51 -99.57 -58.70
C ALA J 1 107.23 -98.90 -57.57
N GLU J 2 107.82 -97.74 -57.85
CA GLU J 2 108.63 -97.06 -56.84
C GLU J 2 107.75 -96.16 -56.00
N ILE J 3 107.64 -96.47 -54.74
CA ILE J 3 106.71 -95.82 -53.84
C ILE J 3 107.40 -94.62 -53.22
N GLY J 4 106.68 -93.53 -53.08
CA GLY J 4 107.23 -92.35 -52.46
C GLY J 4 107.04 -92.37 -50.95
N GLY J 5 105.99 -93.03 -50.51
CA GLY J 5 105.74 -93.21 -49.08
C GLY J 5 105.54 -91.89 -48.37
N ASP J 6 105.46 -92.00 -47.05
CA ASP J 6 105.26 -90.86 -46.18
C ASP J 6 106.04 -91.05 -44.91
N HIS J 7 106.15 -89.97 -44.14
CA HIS J 7 106.55 -90.11 -42.75
C HIS J 7 105.43 -90.80 -42.01
N GLY J 8 105.77 -91.36 -40.86
CA GLY J 8 104.72 -92.06 -40.15
C GLY J 8 103.67 -91.17 -39.54
N TYR J 9 103.82 -89.85 -39.68
CA TYR J 9 103.04 -88.82 -39.00
C TYR J 9 103.45 -88.72 -37.54
N ASN J 10 104.33 -89.60 -37.09
CA ASN J 10 104.92 -89.45 -35.78
C ASN J 10 105.81 -88.22 -35.78
N ALA J 11 105.80 -87.47 -34.68
CA ALA J 11 106.59 -86.26 -34.65
C ALA J 11 108.08 -86.54 -34.66
N THR J 12 108.51 -87.73 -34.28
CA THR J 12 109.92 -88.07 -34.43
C THR J 12 110.25 -88.48 -35.86
N ASN J 13 109.45 -89.37 -36.45
CA ASN J 13 109.70 -89.78 -37.82
C ASN J 13 109.81 -88.58 -38.73
N ILE J 14 108.98 -87.58 -38.52
CA ILE J 14 109.03 -86.43 -39.40
C ILE J 14 110.29 -85.64 -39.13
N ALA J 15 110.55 -85.33 -37.87
CA ALA J 15 111.74 -84.56 -37.54
C ALA J 15 113.01 -85.29 -37.93
N ALA J 16 112.97 -86.61 -38.04
CA ALA J 16 114.13 -87.40 -38.44
C ALA J 16 114.15 -87.71 -39.92
N GLY J 17 113.15 -87.30 -40.68
CA GLY J 17 113.15 -87.54 -42.10
C GLY J 17 112.99 -89.00 -42.48
N GLN J 18 112.81 -89.86 -41.49
CA GLN J 18 112.47 -91.25 -41.75
C GLN J 18 111.24 -91.31 -42.63
N THR J 19 111.16 -92.34 -43.48
CA THR J 19 110.03 -92.47 -44.38
C THR J 19 109.84 -93.95 -44.72
N SER J 20 108.58 -94.35 -44.89
CA SER J 20 108.25 -95.72 -45.22
C SER J 20 108.59 -96.09 -46.66
N GLY J 21 108.80 -95.10 -47.54
CA GLY J 21 109.00 -95.35 -48.93
C GLY J 21 110.45 -95.50 -49.31
N ALA J 22 110.74 -95.29 -50.59
CA ALA J 22 112.11 -95.30 -51.06
C ALA J 22 112.94 -94.26 -50.32
N VAL J 23 112.58 -93.00 -50.50
CA VAL J 23 113.44 -91.89 -50.08
C VAL J 23 113.23 -91.57 -48.62
N THR J 24 114.32 -91.21 -47.94
CA THR J 24 114.28 -90.62 -46.60
C THR J 24 114.64 -89.16 -46.75
N GLN J 25 113.72 -88.26 -46.41
CA GLN J 25 113.97 -86.87 -46.74
C GLN J 25 115.05 -86.28 -45.83
N ILE J 26 115.49 -85.08 -46.20
CA ILE J 26 116.51 -84.35 -45.45
C ILE J 26 116.02 -84.03 -44.06
N GLY J 27 115.02 -83.17 -43.99
CA GLY J 27 114.55 -82.64 -42.74
C GLY J 27 113.30 -81.84 -42.93
N PRO J 28 112.73 -81.38 -41.86
CA PRO J 28 111.42 -80.72 -41.92
C PRO J 28 111.46 -79.21 -42.15
N ALA J 29 112.25 -78.79 -43.12
CA ALA J 29 112.40 -77.37 -43.46
C ALA J 29 112.66 -76.59 -42.18
N VAL J 30 112.20 -75.34 -42.11
CA VAL J 30 111.94 -74.60 -40.88
C VAL J 30 110.88 -73.57 -41.21
N MET J 31 109.93 -73.38 -40.31
CA MET J 31 109.01 -72.27 -40.48
C MET J 31 109.35 -71.09 -39.59
N GLY J 32 110.45 -71.16 -38.84
CA GLY J 32 110.89 -70.06 -38.01
C GLY J 32 110.64 -70.33 -36.53
N MET J 33 111.19 -69.44 -35.71
CA MET J 33 111.12 -69.60 -34.27
C MET J 33 110.14 -68.61 -33.66
N VAL J 34 109.44 -69.06 -32.62
CA VAL J 34 108.42 -68.29 -31.96
C VAL J 34 108.87 -68.03 -30.54
N ARG J 35 108.84 -66.78 -30.12
CA ARG J 35 109.16 -66.41 -28.75
C ARG J 35 107.89 -66.04 -28.01
N ARG J 36 108.04 -65.75 -26.72
CA ARG J 36 106.93 -65.37 -25.85
C ARG J 36 107.08 -63.90 -25.52
N ALA J 37 106.08 -63.10 -25.86
CA ALA J 37 106.19 -61.66 -25.74
C ALA J 37 106.45 -61.25 -24.30
N ILE J 38 107.18 -60.16 -24.13
CA ILE J 38 107.57 -59.69 -22.80
C ILE J 38 106.44 -58.84 -22.22
N PRO J 39 105.97 -59.14 -21.02
CA PRO J 39 104.79 -58.44 -20.48
C PRO J 39 105.07 -56.97 -20.20
N ASN J 40 103.99 -56.22 -20.02
CA ASN J 40 104.05 -54.76 -19.98
C ASN J 40 104.11 -54.21 -18.57
N LEU J 41 104.86 -53.12 -18.43
CA LEU J 41 104.98 -52.38 -17.19
C LEU J 41 103.83 -51.39 -17.00
N ILE J 42 103.59 -51.04 -15.73
CA ILE J 42 102.59 -50.05 -15.36
C ILE J 42 103.19 -48.65 -15.23
N ALA J 43 104.45 -48.50 -15.56
CA ALA J 43 105.30 -47.34 -15.30
C ALA J 43 105.24 -46.89 -13.84
N PHE J 44 105.66 -45.65 -13.58
CA PHE J 44 105.74 -45.17 -12.21
C PHE J 44 104.86 -43.97 -11.89
N ASP J 45 104.00 -43.53 -12.81
CA ASP J 45 103.18 -42.38 -12.51
C ASP J 45 102.32 -42.58 -11.27
N ILE J 46 102.19 -43.82 -10.78
CA ILE J 46 101.37 -44.11 -9.61
C ILE J 46 102.11 -43.98 -8.29
N CYS J 47 103.43 -43.80 -8.31
CA CYS J 47 104.17 -43.65 -7.07
C CYS J 47 105.35 -42.74 -7.33
N GLY J 48 105.65 -41.87 -6.37
CA GLY J 48 106.79 -40.99 -6.51
C GLY J 48 108.06 -41.78 -6.76
N VAL J 49 109.03 -41.15 -7.41
CA VAL J 49 110.27 -41.85 -7.74
C VAL J 49 111.39 -41.38 -6.82
N GLN J 50 111.80 -40.13 -6.92
CA GLN J 50 112.86 -39.65 -6.05
C GLN J 50 114.13 -40.47 -6.18
N PRO J 51 114.87 -40.39 -7.28
CA PRO J 51 116.14 -41.10 -7.36
C PRO J 51 117.01 -40.78 -6.15
N MET J 52 117.65 -41.80 -5.60
CA MET J 52 118.36 -41.71 -4.35
C MET J 52 119.84 -41.95 -4.61
N ASN J 53 120.65 -40.90 -4.48
CA ASN J 53 122.03 -40.98 -4.91
C ASN J 53 122.89 -41.75 -3.92
N SER J 54 122.78 -41.43 -2.66
CA SER J 54 123.50 -42.13 -1.61
C SER J 54 122.52 -42.90 -0.76
N PRO J 55 122.94 -44.01 -0.14
CA PRO J 55 121.96 -44.84 0.56
C PRO J 55 121.25 -44.05 1.63
N THR J 56 120.09 -44.53 2.02
CA THR J 56 119.42 -44.11 3.25
C THR J 56 119.09 -42.61 3.22
N GLY J 57 118.06 -42.29 2.44
CA GLY J 57 117.52 -40.97 2.48
C GLY J 57 116.88 -40.65 3.83
N GLN J 58 116.45 -39.41 3.98
CA GLN J 58 115.70 -39.01 5.16
C GLN J 58 114.76 -37.88 4.77
N VAL J 59 113.66 -37.77 5.50
CA VAL J 59 112.62 -36.78 5.22
C VAL J 59 112.11 -36.27 6.54
N PHE J 60 112.03 -34.94 6.70
CA PHE J 60 111.52 -34.41 7.95
C PHE J 60 110.02 -34.36 7.89
N ALA J 61 109.39 -34.02 9.00
CA ALA J 61 107.97 -33.71 9.00
C ALA J 61 107.70 -32.66 10.05
N LEU J 62 107.02 -31.56 9.70
CA LEU J 62 106.73 -30.54 10.69
C LEU J 62 105.27 -30.65 11.07
N ARG J 63 105.02 -31.17 12.26
CA ARG J 63 103.70 -31.13 12.85
C ARG J 63 103.57 -29.80 13.55
N ALA J 64 102.39 -29.23 13.51
CA ALA J 64 102.09 -28.10 14.37
C ALA J 64 101.30 -28.66 15.54
N VAL J 65 101.95 -28.72 16.70
CA VAL J 65 101.39 -29.32 17.89
C VAL J 65 101.00 -28.21 18.83
N TYR J 66 99.81 -28.28 19.38
CA TYR J 66 99.40 -27.23 20.30
C TYR J 66 99.18 -27.79 21.69
N GLY J 67 99.16 -26.88 22.65
CA GLY J 67 99.22 -27.24 24.04
C GLY J 67 100.52 -26.93 24.77
N LYS J 68 101.37 -26.05 24.22
CA LYS J 68 102.54 -25.51 24.91
C LYS J 68 103.71 -26.49 24.92
N ASP J 69 103.44 -27.75 24.62
CA ASP J 69 104.45 -28.80 24.66
C ASP J 69 104.56 -29.45 23.30
N PRO J 70 105.48 -29.02 22.47
CA PRO J 70 105.57 -29.54 21.11
C PRO J 70 105.61 -31.06 21.09
N VAL J 71 106.12 -31.66 22.15
CA VAL J 71 106.11 -33.10 22.33
C VAL J 71 105.50 -33.39 23.70
N ALA J 72 104.41 -34.13 23.71
CA ALA J 72 103.71 -34.46 24.94
C ALA J 72 102.86 -35.68 24.65
N ALA J 73 102.36 -36.30 25.71
CA ALA J 73 101.49 -37.45 25.50
C ALA J 73 100.21 -36.98 24.84
N GLY J 74 99.93 -37.53 23.67
CA GLY J 74 98.73 -37.18 22.92
C GLY J 74 98.51 -35.69 22.78
N ALA J 75 99.54 -34.96 22.34
CA ALA J 75 99.39 -33.54 22.10
C ALA J 75 98.84 -33.36 20.69
N LYS J 76 97.64 -32.80 20.61
CA LYS J 76 96.86 -32.84 19.39
C LYS J 76 97.50 -32.00 18.31
N GLU J 77 97.73 -32.59 17.14
CA GLU J 77 98.28 -31.83 16.02
C GLU J 77 97.32 -30.71 15.65
N ALA J 78 97.88 -29.64 15.10
CA ALA J 78 97.04 -28.47 14.84
C ALA J 78 96.24 -28.61 13.56
N PHE J 79 96.90 -28.45 12.42
CA PHE J 79 96.17 -28.38 11.16
C PHE J 79 96.14 -29.79 10.63
N HIS J 80 95.04 -30.49 10.84
CA HIS J 80 95.00 -31.91 10.55
C HIS J 80 93.81 -32.18 9.65
N PRO J 81 93.99 -32.67 8.43
CA PRO J 81 92.82 -32.91 7.57
C PRO J 81 91.74 -33.78 8.19
N MET J 82 92.12 -34.90 8.81
CA MET J 82 91.18 -35.67 9.63
C MET J 82 90.49 -34.75 10.62
N TYR J 83 91.26 -34.30 11.60
CA TYR J 83 90.73 -33.75 12.84
C TYR J 83 90.57 -32.25 12.77
N GLY J 84 89.39 -31.75 13.16
CA GLY J 84 89.17 -30.33 13.24
C GLY J 84 89.99 -29.67 14.32
N PRO J 85 90.12 -28.35 14.25
CA PRO J 85 90.76 -27.61 15.34
C PRO J 85 89.80 -27.57 16.50
N ASP J 86 90.33 -27.75 17.71
CA ASP J 86 89.42 -27.77 18.85
C ASP J 86 88.80 -26.40 18.99
N ALA J 87 87.47 -26.40 19.08
CA ALA J 87 86.70 -25.19 18.81
C ALA J 87 87.14 -24.04 19.71
N MET J 88 87.17 -24.26 21.01
CA MET J 88 87.63 -23.25 21.95
C MET J 88 88.90 -23.75 22.61
N PHE J 89 90.02 -23.17 22.20
CA PHE J 89 91.32 -23.38 22.78
C PHE J 89 91.89 -21.99 23.00
N SER J 90 91.97 -21.22 21.91
CA SER J 90 92.02 -19.79 22.02
C SER J 90 90.96 -19.24 22.95
N GLY J 91 89.78 -19.83 22.91
CA GLY J 91 88.63 -19.27 23.57
C GLY J 91 88.45 -19.78 24.98
N GLN J 92 87.19 -20.00 25.37
CA GLN J 92 86.84 -20.37 26.73
C GLN J 92 87.71 -21.50 27.25
N GLY J 93 88.27 -22.30 26.35
CA GLY J 93 89.12 -23.40 26.78
C GLY J 93 90.33 -22.96 27.57
N ALA J 94 90.82 -21.74 27.33
CA ALA J 94 91.95 -21.25 28.08
C ALA J 94 91.55 -20.71 29.45
N ALA J 95 90.32 -20.21 29.57
CA ALA J 95 89.87 -19.65 30.84
C ALA J 95 89.44 -20.73 31.81
N LYS J 96 89.03 -21.90 31.33
CA LYS J 96 88.60 -22.99 32.19
C LYS J 96 88.81 -24.30 31.47
N LYS J 97 88.95 -25.37 32.24
CA LYS J 97 89.18 -26.69 31.67
C LYS J 97 87.88 -27.49 31.72
N PHE J 98 87.45 -28.04 30.53
CA PHE J 98 86.17 -28.73 30.50
C PHE J 98 86.34 -30.21 30.82
N PRO J 99 85.38 -30.80 31.49
CA PRO J 99 85.47 -32.23 31.79
C PRO J 99 85.33 -33.07 30.55
N ALA J 100 86.19 -34.08 30.43
CA ALA J 100 86.09 -35.02 29.34
C ALA J 100 84.83 -35.84 29.48
N LEU J 101 84.42 -36.44 28.37
CA LEU J 101 83.14 -37.12 28.30
C LEU J 101 83.43 -38.61 28.18
N ALA J 102 82.98 -39.38 29.16
CA ALA J 102 83.34 -40.78 29.28
C ALA J 102 82.13 -41.60 29.68
N ALA J 103 82.29 -42.93 29.63
CA ALA J 103 81.23 -43.84 30.00
C ALA J 103 80.73 -43.56 31.41
N SER J 104 79.40 -43.50 31.56
CA SER J 104 78.77 -43.17 32.83
C SER J 104 79.24 -41.81 33.35
N THR J 105 79.12 -40.79 32.50
CA THR J 105 79.20 -39.40 32.93
C THR J 105 77.83 -38.80 32.69
N GLN J 106 77.11 -38.52 33.76
CA GLN J 106 75.75 -38.03 33.64
C GLN J 106 75.81 -36.53 33.33
N THR J 107 75.25 -36.15 32.19
CA THR J 107 75.44 -34.80 31.67
C THR J 107 74.43 -33.86 32.30
N THR J 108 74.90 -32.86 33.03
CA THR J 108 74.00 -31.82 33.51
C THR J 108 73.73 -30.81 32.41
N VAL J 109 72.53 -30.24 32.43
CA VAL J 109 72.12 -29.38 31.33
C VAL J 109 72.94 -28.09 31.36
N GLY J 110 73.63 -27.81 30.27
CA GLY J 110 74.41 -26.61 30.13
C GLY J 110 75.91 -26.79 30.26
N ASP J 111 76.36 -27.86 30.91
CA ASP J 111 77.79 -28.02 31.13
C ASP J 111 78.45 -28.56 29.86
N ILE J 112 79.50 -27.89 29.41
CA ILE J 112 80.17 -28.28 28.18
C ILE J 112 81.14 -29.42 28.47
N TYR J 113 81.22 -30.38 27.56
CA TYR J 113 82.02 -31.57 27.72
C TYR J 113 82.89 -31.76 26.49
N THR J 114 84.20 -31.90 26.70
CA THR J 114 85.08 -32.16 25.58
C THR J 114 84.93 -33.60 25.15
N HIS J 115 85.08 -33.85 23.86
CA HIS J 115 85.31 -35.20 23.41
C HIS J 115 86.14 -35.15 22.16
N PHE J 116 86.89 -36.23 21.95
CA PHE J 116 87.79 -36.36 20.81
C PHE J 116 87.37 -37.61 20.04
N PHE J 117 86.82 -37.43 18.85
CA PHE J 117 86.44 -38.58 18.03
C PHE J 117 87.67 -39.12 17.32
N GLN J 118 87.72 -40.45 17.16
CA GLN J 118 88.89 -41.04 16.53
C GLN J 118 89.06 -40.56 15.09
N GLU J 119 88.01 -39.99 14.53
CA GLU J 119 88.05 -39.24 13.30
C GLU J 119 87.43 -37.87 13.56
N THR J 120 87.42 -37.03 12.53
CA THR J 120 86.56 -35.85 12.53
C THR J 120 86.77 -34.96 13.75
N GLY J 121 87.93 -35.07 14.38
CA GLY J 121 88.37 -34.03 15.29
C GLY J 121 88.03 -34.21 16.76
N THR J 122 88.11 -33.07 17.43
CA THR J 122 87.83 -32.94 18.86
C THR J 122 86.77 -31.85 19.06
N VAL J 123 85.70 -32.21 19.74
CA VAL J 123 84.55 -31.32 19.84
C VAL J 123 84.32 -30.97 21.30
N TYR J 124 83.67 -29.83 21.51
CA TYR J 124 83.24 -29.41 22.83
C TYR J 124 81.72 -29.44 22.84
N LEU J 125 81.16 -30.44 23.51
CA LEU J 125 79.74 -30.73 23.43
C LEU J 125 79.03 -30.06 24.58
N GLN J 126 77.98 -29.31 24.29
CA GLN J 126 77.15 -28.70 25.33
C GLN J 126 75.90 -29.56 25.44
N ALA J 127 75.77 -30.26 26.55
CA ALA J 127 74.63 -31.16 26.71
C ALA J 127 73.35 -30.34 26.86
N SER J 128 72.40 -30.56 25.97
CA SER J 128 71.14 -29.83 26.07
C SER J 128 70.19 -30.46 27.08
N VAL J 129 70.21 -31.79 27.21
CA VAL J 129 69.34 -32.50 28.12
C VAL J 129 70.15 -33.55 28.86
N GLN J 130 69.66 -33.95 30.02
CA GLN J 130 70.43 -34.83 30.90
C GLN J 130 70.36 -36.26 30.39
N VAL J 131 71.52 -36.85 30.11
CA VAL J 131 71.60 -38.17 29.50
C VAL J 131 72.86 -38.86 30.00
N THR J 132 72.80 -40.18 30.05
CA THR J 132 73.92 -41.01 30.49
C THR J 132 74.59 -41.65 29.29
N ILE J 133 75.91 -41.79 29.37
CA ILE J 133 76.72 -42.17 28.21
C ILE J 133 76.81 -43.69 28.12
N ASP J 134 76.00 -44.40 28.91
CA ASP J 134 75.81 -45.83 28.66
C ASP J 134 77.08 -46.64 28.88
N ALA J 135 77.38 -46.96 30.15
CA ALA J 135 78.66 -47.56 30.53
C ALA J 135 79.05 -48.75 29.68
N GLY J 136 78.11 -49.33 28.95
CA GLY J 136 78.45 -50.34 27.96
C GLY J 136 79.43 -49.87 26.91
N ALA J 137 79.65 -48.57 26.79
CA ALA J 137 80.58 -48.02 25.79
C ALA J 137 81.88 -47.64 26.48
N THR J 138 82.91 -48.44 26.27
CA THR J 138 84.22 -48.26 26.91
C THR J 138 85.32 -48.13 25.87
N ASP J 139 85.49 -49.13 25.02
CA ASP J 139 86.41 -49.03 23.90
C ASP J 139 86.18 -47.73 23.15
N ALA J 140 87.27 -47.06 22.78
CA ALA J 140 87.16 -45.75 22.15
C ALA J 140 86.26 -45.80 20.92
N ALA J 141 86.40 -46.85 20.11
CA ALA J 141 85.55 -46.96 18.92
C ALA J 141 84.12 -47.33 19.27
N LYS J 142 83.87 -47.80 20.49
CA LYS J 142 82.50 -47.96 20.95
C LYS J 142 81.94 -46.65 21.47
N LEU J 143 82.77 -45.86 22.15
CA LEU J 143 82.27 -44.63 22.75
C LEU J 143 81.87 -43.62 21.69
N ASP J 144 82.70 -43.44 20.66
CA ASP J 144 82.40 -42.47 19.63
C ASP J 144 81.04 -42.73 19.00
N ALA J 145 80.77 -43.98 18.65
CA ALA J 145 79.46 -44.31 18.14
C ALA J 145 78.39 -44.24 19.21
N GLU J 146 78.76 -44.18 20.49
CA GLU J 146 77.78 -43.92 21.54
C GLU J 146 77.47 -42.45 21.68
N ILE J 147 78.44 -41.57 21.44
CA ILE J 147 78.17 -40.14 21.45
C ILE J 147 77.52 -39.72 20.14
N LYS J 148 77.99 -40.24 19.01
CA LYS J 148 77.34 -39.90 17.77
C LYS J 148 75.89 -40.34 17.74
N LYS J 149 75.47 -41.20 18.66
CA LYS J 149 74.03 -41.46 18.79
C LYS J 149 73.35 -40.34 19.55
N GLN J 150 73.95 -39.91 20.67
CA GLN J 150 73.42 -38.77 21.40
C GLN J 150 73.44 -37.53 20.53
N MET J 151 74.61 -37.19 20.01
CA MET J 151 74.77 -35.94 19.28
C MET J 151 73.95 -35.90 18.00
N GLU J 152 73.56 -37.06 17.47
CA GLU J 152 72.58 -37.09 16.39
C GLU J 152 71.17 -36.85 16.89
N ALA J 153 70.89 -37.24 18.13
CA ALA J 153 69.58 -37.02 18.71
C ALA J 153 69.41 -35.60 19.22
N GLY J 154 70.41 -34.74 19.03
CA GLY J 154 70.34 -33.37 19.46
C GLY J 154 70.50 -33.16 20.94
N ALA J 155 70.65 -34.24 21.71
CA ALA J 155 70.77 -34.09 23.16
C ALA J 155 72.10 -33.45 23.54
N LEU J 156 73.19 -34.02 23.06
CA LEU J 156 74.53 -33.56 23.37
C LEU J 156 75.02 -32.86 22.12
N VAL J 157 75.07 -31.54 22.16
CA VAL J 157 75.30 -30.77 20.94
C VAL J 157 76.57 -29.96 21.11
N GLU J 158 77.18 -29.59 19.98
CA GLU J 158 78.56 -29.16 19.91
C GLU J 158 78.61 -27.63 19.76
N ILE J 159 79.51 -26.98 20.50
CA ILE J 159 79.63 -25.52 20.47
C ILE J 159 81.08 -25.09 20.36
N ALA J 160 81.24 -23.79 20.11
CA ALA J 160 82.50 -23.08 20.17
C ALA J 160 82.20 -21.67 20.67
N GLU J 161 82.99 -21.17 21.61
CA GLU J 161 82.72 -19.82 22.06
C GLU J 161 84.03 -19.14 22.44
N GLY J 162 83.91 -17.88 22.82
CA GLY J 162 85.04 -17.01 23.00
C GLY J 162 85.59 -17.06 24.39
N MET J 163 86.12 -15.94 24.82
CA MET J 163 86.65 -15.79 26.17
C MET J 163 86.12 -14.48 26.71
N ALA J 164 85.65 -14.48 27.94
CA ALA J 164 85.08 -13.25 28.49
C ALA J 164 86.16 -12.21 28.67
N THR J 165 85.90 -10.98 28.21
CA THR J 165 86.92 -9.94 28.26
C THR J 165 87.31 -9.56 29.68
N SER J 166 86.63 -10.10 30.70
CA SER J 166 87.15 -9.93 32.05
C SER J 166 88.29 -10.87 32.32
N ILE J 167 88.21 -12.08 31.77
CA ILE J 167 89.26 -13.07 31.97
C ILE J 167 90.40 -12.82 31.00
N ALA J 168 90.09 -12.47 29.76
CA ALA J 168 91.16 -12.29 28.79
C ALA J 168 91.98 -11.04 29.06
N GLU J 169 91.38 -10.03 29.67
CA GLU J 169 92.12 -8.80 29.94
C GLU J 169 93.30 -9.07 30.86
N LEU J 170 93.04 -9.63 32.02
CA LEU J 170 94.09 -10.02 32.94
C LEU J 170 94.30 -11.51 32.73
N GLN J 171 95.36 -11.86 32.03
CA GLN J 171 95.61 -13.25 31.71
C GLN J 171 97.07 -13.51 32.04
N GLU J 172 97.30 -14.40 32.99
CA GLU J 172 98.61 -14.66 33.54
C GLU J 172 99.17 -13.39 34.19
N GLY J 173 98.59 -13.10 35.34
CA GLY J 173 99.23 -12.21 36.28
C GLY J 173 99.19 -10.74 35.95
N PHE J 174 98.02 -10.21 35.65
CA PHE J 174 97.82 -8.78 35.66
C PHE J 174 96.90 -8.47 36.82
N ASN J 175 97.07 -7.28 37.40
CA ASN J 175 96.23 -6.81 38.49
C ASN J 175 96.28 -7.76 39.67
N GLY J 176 97.37 -8.53 39.78
CA GLY J 176 97.54 -9.45 40.87
C GLY J 176 96.87 -10.79 40.72
N SER J 177 96.26 -11.08 39.58
CA SER J 177 95.71 -12.40 39.32
C SER J 177 96.84 -13.42 39.20
N THR J 178 96.50 -14.70 39.28
CA THR J 178 97.51 -15.72 39.09
C THR J 178 96.89 -17.01 38.56
N ASP J 179 97.76 -17.97 38.22
CA ASP J 179 97.44 -19.34 37.83
C ASP J 179 96.71 -19.48 36.51
N ASN J 180 96.48 -18.39 35.77
CA ASN J 180 95.68 -18.40 34.56
C ASN J 180 96.56 -18.10 33.35
N PRO J 181 97.29 -19.09 32.85
CA PRO J 181 98.22 -18.84 31.74
C PRO J 181 97.47 -18.72 30.43
N TRP J 182 98.16 -18.15 29.43
CA TRP J 182 97.64 -18.19 28.08
C TRP J 182 97.91 -19.55 27.47
N ASN J 183 97.09 -19.90 26.48
CA ASN J 183 97.38 -21.10 25.70
C ASN J 183 98.39 -20.80 24.60
N GLU J 184 99.16 -21.81 24.24
CA GLU J 184 100.28 -21.63 23.35
C GLU J 184 100.25 -22.72 22.29
N MET J 185 101.02 -22.52 21.22
CA MET J 185 101.14 -23.52 20.16
C MET J 185 102.59 -23.65 19.74
N GLY J 186 103.07 -24.89 19.61
CA GLY J 186 104.42 -25.16 19.15
C GLY J 186 104.45 -25.78 17.77
N PHE J 187 105.63 -26.28 17.41
CA PHE J 187 105.80 -27.09 16.21
C PHE J 187 106.84 -28.16 16.47
N ARG J 188 106.55 -29.39 16.04
CA ARG J 188 107.35 -30.53 16.50
C ARG J 188 108.58 -30.86 15.66
N ILE J 189 108.47 -30.93 14.33
CA ILE J 189 109.60 -31.27 13.46
C ILE J 189 110.23 -32.64 13.78
N ASP J 190 109.60 -33.72 13.35
CA ASP J 190 110.16 -35.06 13.47
C ASP J 190 110.52 -35.61 12.10
N LYS J 191 111.48 -36.53 12.04
CA LYS J 191 112.06 -36.96 10.78
C LYS J 191 111.77 -38.44 10.50
N GLN J 192 111.79 -38.78 9.21
CA GLN J 192 111.77 -40.17 8.75
C GLN J 192 113.02 -40.49 7.97
N VAL J 193 113.28 -41.80 7.85
CA VAL J 193 114.53 -42.31 7.31
C VAL J 193 114.25 -43.63 6.60
N ILE J 194 114.97 -43.89 5.51
CA ILE J 194 114.79 -45.11 4.74
C ILE J 194 116.14 -45.77 4.51
N GLU J 195 116.11 -46.99 3.99
CA GLU J 195 117.29 -47.77 3.65
C GLU J 195 117.10 -48.30 2.24
N ALA J 196 118.19 -48.66 1.59
CA ALA J 196 118.16 -49.17 0.22
C ALA J 196 118.39 -50.67 0.24
N LYS J 197 117.42 -51.42 -0.28
CA LYS J 197 117.52 -52.87 -0.32
C LYS J 197 117.95 -53.34 -1.71
N SER J 198 118.71 -54.42 -1.73
CA SER J 198 119.38 -54.88 -2.93
C SER J 198 118.51 -55.91 -3.63
N ARG J 199 119.03 -56.51 -4.71
CA ARG J 199 118.31 -57.46 -5.56
C ARG J 199 119.27 -57.89 -6.65
N GLN J 200 119.05 -59.06 -7.24
CA GLN J 200 120.10 -59.66 -8.06
C GLN J 200 119.66 -61.00 -8.64
N LEU J 201 120.32 -61.40 -9.74
CA LEU J 201 120.12 -62.70 -10.38
C LEU J 201 121.43 -63.18 -10.98
N LYS J 202 121.37 -64.36 -11.61
CA LYS J 202 122.53 -65.12 -12.08
C LYS J 202 122.14 -65.80 -13.38
N ALA J 203 123.14 -66.27 -14.13
CA ALA J 203 122.77 -67.07 -15.30
C ALA J 203 123.57 -68.36 -15.43
N ALA J 204 124.86 -68.26 -15.69
CA ALA J 204 125.76 -69.40 -15.83
C ALA J 204 125.39 -70.29 -17.03
N TYR J 205 125.64 -69.77 -18.21
CA TYR J 205 125.43 -70.53 -19.44
C TYR J 205 126.72 -71.20 -19.88
N SER J 206 126.58 -72.38 -20.45
CA SER J 206 127.75 -73.16 -20.82
C SER J 206 128.48 -72.57 -22.01
N ILE J 207 129.76 -72.95 -22.13
CA ILE J 207 130.55 -72.58 -23.30
C ILE J 207 130.33 -73.53 -24.45
N GLU J 208 129.86 -74.75 -24.17
CA GLU J 208 129.54 -75.69 -25.24
C GLU J 208 128.17 -75.41 -25.84
N LEU J 209 127.32 -74.68 -25.13
CA LEU J 209 126.06 -74.23 -25.70
C LEU J 209 126.26 -73.03 -26.61
N THR J 210 126.97 -72.02 -26.13
CA THR J 210 127.17 -70.82 -26.92
C THR J 210 127.82 -71.10 -28.26
N GLN J 211 128.49 -72.24 -28.42
CA GLN J 211 129.02 -72.62 -29.72
C GLN J 211 127.92 -73.14 -30.62
N ASP J 212 127.28 -74.25 -30.25
CA ASP J 212 126.39 -74.92 -31.17
C ASP J 212 125.10 -74.15 -31.38
N LEU J 213 124.59 -73.52 -30.33
CA LEU J 213 123.41 -72.67 -30.49
C LEU J 213 123.65 -71.58 -31.51
N ARG J 214 124.80 -70.92 -31.42
CA ARG J 214 125.11 -69.90 -32.42
C ARG J 214 125.32 -70.53 -33.78
N ALA J 215 125.72 -71.80 -33.81
CA ALA J 215 125.91 -72.48 -35.09
C ALA J 215 124.56 -72.81 -35.74
N VAL J 216 123.69 -73.49 -35.00
CA VAL J 216 122.44 -73.94 -35.62
C VAL J 216 121.39 -72.83 -35.65
N HIS J 217 121.13 -72.16 -34.52
CA HIS J 217 120.04 -71.20 -34.43
C HIS J 217 120.45 -69.76 -34.68
N GLY J 218 121.74 -69.46 -34.72
CA GLY J 218 122.15 -68.08 -34.93
C GLY J 218 122.02 -67.16 -33.73
N MET J 219 121.40 -67.61 -32.64
CA MET J 219 121.31 -66.78 -31.46
C MET J 219 122.65 -66.68 -30.75
N ASP J 220 122.77 -65.66 -29.90
CA ASP J 220 124.00 -65.39 -29.17
C ASP J 220 124.11 -66.21 -27.88
N ALA J 221 123.00 -66.62 -27.28
CA ALA J 221 122.98 -67.44 -26.08
C ALA J 221 123.53 -66.71 -24.85
N ASP J 222 124.19 -65.59 -25.06
CA ASP J 222 124.57 -64.70 -23.97
C ASP J 222 123.50 -63.63 -23.84
N ALA J 223 123.38 -62.81 -24.88
CA ALA J 223 122.40 -61.73 -24.88
C ALA J 223 120.99 -62.24 -24.64
N GLU J 224 120.73 -63.53 -24.82
CA GLU J 224 119.44 -64.08 -24.41
C GLU J 224 119.33 -64.09 -22.88
N LEU J 225 120.34 -64.64 -22.20
CA LEU J 225 120.29 -64.62 -20.74
C LEU J 225 120.41 -63.21 -20.20
N SER J 226 121.44 -62.47 -20.62
CA SER J 226 121.51 -61.07 -20.24
C SER J 226 120.25 -60.32 -20.61
N GLY J 227 119.49 -60.84 -21.57
CA GLY J 227 118.22 -60.26 -21.92
C GLY J 227 117.11 -60.61 -20.95
N ILE J 228 117.09 -61.85 -20.46
CA ILE J 228 116.01 -62.26 -19.58
C ILE J 228 116.33 -62.08 -18.11
N LEU J 229 117.57 -61.79 -17.75
CA LEU J 229 117.81 -61.32 -16.39
C LEU J 229 117.57 -59.84 -16.27
N ALA J 230 118.05 -59.05 -17.23
CA ALA J 230 117.81 -57.63 -17.19
C ALA J 230 116.34 -57.31 -17.26
N THR J 231 115.58 -58.13 -17.99
CA THR J 231 114.14 -57.91 -18.06
C THR J 231 113.46 -58.33 -16.78
N GLU J 232 113.89 -59.44 -16.18
CA GLU J 232 113.19 -59.94 -15.01
C GLU J 232 113.29 -58.98 -13.84
N ILE J 233 114.48 -58.43 -13.59
CA ILE J 233 114.61 -57.49 -12.49
C ILE J 233 113.77 -56.26 -12.75
N MET J 234 113.57 -55.89 -14.01
CA MET J 234 112.71 -54.75 -14.29
C MET J 234 111.24 -55.10 -14.19
N LEU J 235 110.88 -56.36 -14.43
CA LEU J 235 109.50 -56.77 -14.23
C LEU J 235 109.19 -56.97 -12.77
N GLU J 236 110.10 -57.58 -12.00
CA GLU J 236 109.82 -57.80 -10.59
C GLU J 236 109.74 -56.49 -9.84
N ILE J 237 110.74 -55.61 -10.00
CA ILE J 237 110.67 -54.31 -9.34
C ILE J 237 109.38 -53.60 -9.67
N ASN J 238 108.87 -53.77 -10.90
CA ASN J 238 107.60 -53.14 -11.21
C ASN J 238 106.42 -53.91 -10.66
N ARG J 239 106.54 -55.23 -10.50
CA ARG J 239 105.51 -55.94 -9.77
C ARG J 239 105.64 -55.71 -8.28
N GLU J 240 106.78 -55.21 -7.82
CA GLU J 240 106.93 -54.91 -6.41
C GLU J 240 106.05 -53.73 -5.99
N VAL J 241 106.26 -52.57 -6.61
CA VAL J 241 105.54 -51.38 -6.16
C VAL J 241 104.04 -51.57 -6.34
N VAL J 242 103.64 -52.21 -7.43
CA VAL J 242 102.22 -52.53 -7.58
C VAL J 242 101.77 -53.48 -6.49
N ASP J 243 102.69 -54.24 -5.91
CA ASP J 243 102.33 -55.10 -4.81
C ASP J 243 102.55 -54.47 -3.45
N TRP J 244 103.21 -53.32 -3.38
CA TRP J 244 103.10 -52.55 -2.15
C TRP J 244 101.86 -51.68 -2.16
N ILE J 245 101.54 -51.06 -3.30
CA ILE J 245 100.37 -50.20 -3.40
C ILE J 245 99.11 -50.96 -2.99
N ASN J 246 99.00 -52.21 -3.37
CA ASN J 246 97.86 -53.01 -2.93
C ASN J 246 98.02 -53.43 -1.48
N TYR J 247 99.20 -53.92 -1.12
CA TYR J 247 99.50 -54.27 0.26
C TYR J 247 99.25 -53.11 1.20
N SER J 248 99.81 -51.95 0.88
CA SER J 248 99.78 -50.82 1.78
C SER J 248 98.47 -50.04 1.72
N ALA J 249 97.52 -50.46 0.90
CA ALA J 249 96.28 -49.71 0.74
C ALA J 249 95.34 -50.01 1.89
N GLN J 250 94.54 -49.01 2.25
CA GLN J 250 93.47 -49.24 3.20
C GLN J 250 92.44 -50.16 2.58
N VAL J 251 91.60 -50.74 3.41
CA VAL J 251 90.43 -51.40 2.87
C VAL J 251 89.38 -50.35 2.58
N GLY J 252 89.02 -50.21 1.31
CA GLY J 252 88.01 -49.27 0.92
C GLY J 252 86.64 -49.83 1.17
N LYS J 253 85.64 -49.02 0.87
CA LYS J 253 84.26 -49.34 1.20
C LYS J 253 84.19 -49.90 2.62
N SER J 254 84.60 -49.05 3.54
CA SER J 254 84.69 -49.41 4.94
C SER J 254 84.71 -48.13 5.75
N GLY J 255 84.43 -48.25 7.02
CA GLY J 255 84.44 -47.06 7.84
C GLY J 255 83.39 -46.11 7.31
N MET J 256 83.83 -44.92 6.92
CA MET J 256 82.89 -43.85 6.58
C MET J 256 82.28 -44.02 5.19
N THR J 257 82.85 -44.86 4.33
CA THR J 257 82.31 -45.03 2.98
C THR J 257 81.33 -46.19 2.87
N LEU J 258 81.05 -46.92 3.95
CA LEU J 258 80.08 -48.00 3.88
C LEU J 258 78.70 -47.51 3.55
N THR J 259 77.98 -48.32 2.79
CA THR J 259 76.54 -48.32 2.84
C THR J 259 76.14 -49.21 4.01
N PRO J 260 75.46 -48.68 5.01
CA PRO J 260 75.44 -49.33 6.33
C PRO J 260 75.12 -50.82 6.35
N GLY J 261 74.47 -51.33 5.32
CA GLY J 261 74.20 -52.76 5.26
C GLY J 261 75.11 -53.58 4.38
N SER J 262 76.18 -52.99 3.86
CA SER J 262 77.00 -53.66 2.85
C SER J 262 77.95 -54.65 3.52
N LYS J 263 78.91 -55.16 2.76
CA LYS J 263 79.81 -56.20 3.21
C LYS J 263 81.13 -55.64 3.71
N ALA J 264 81.33 -54.33 3.65
CA ALA J 264 82.48 -53.68 4.27
C ALA J 264 83.79 -54.22 3.69
N GLY J 265 84.09 -53.75 2.48
CA GLY J 265 85.33 -54.06 1.81
C GLY J 265 85.23 -54.89 0.56
N VAL J 266 84.06 -55.40 0.20
CA VAL J 266 83.85 -55.94 -1.15
C VAL J 266 82.60 -55.32 -1.73
N PHE J 267 82.65 -55.00 -3.00
CA PHE J 267 81.51 -54.47 -3.73
C PHE J 267 81.12 -55.53 -4.72
N ASP J 268 80.01 -56.21 -4.47
CA ASP J 268 79.61 -57.32 -5.32
C ASP J 268 78.21 -57.06 -5.86
N PHE J 269 78.06 -57.26 -7.17
CA PHE J 269 76.87 -56.80 -7.87
C PHE J 269 75.64 -57.62 -7.53
N GLN J 270 75.77 -58.66 -6.73
CA GLN J 270 74.62 -59.50 -6.43
C GLN J 270 73.89 -59.10 -5.16
N ASP J 271 74.35 -58.09 -4.43
CA ASP J 271 73.65 -57.64 -3.23
C ASP J 271 72.95 -56.33 -3.52
N PRO J 272 71.63 -56.26 -3.38
CA PRO J 272 70.90 -55.06 -3.83
C PRO J 272 71.32 -53.80 -3.11
N ILE J 273 71.95 -53.93 -1.95
CA ILE J 273 72.38 -52.76 -1.20
C ILE J 273 73.60 -52.13 -1.83
N ASP J 274 74.51 -52.95 -2.37
CA ASP J 274 75.74 -52.43 -2.95
C ASP J 274 75.48 -51.69 -4.25
N ILE J 275 74.62 -52.24 -5.09
CA ILE J 275 74.34 -51.61 -6.38
C ILE J 275 73.16 -50.66 -6.24
N ARG J 276 72.72 -50.45 -5.01
CA ARG J 276 71.66 -49.49 -4.70
C ARG J 276 70.32 -49.96 -5.26
N GLY J 277 70.10 -51.26 -5.25
CA GLY J 277 68.85 -51.75 -5.79
C GLY J 277 68.77 -51.71 -7.29
N ALA J 278 69.91 -51.57 -7.96
CA ALA J 278 69.94 -51.48 -9.41
C ALA J 278 69.54 -52.78 -10.06
N ARG J 279 69.19 -52.69 -11.32
CA ARG J 279 68.59 -53.79 -12.05
C ARG J 279 69.15 -53.81 -13.46
N TRP J 280 69.25 -55.00 -14.03
CA TRP J 280 70.12 -55.29 -15.18
C TRP J 280 71.48 -54.67 -15.02
N ALA J 281 72.04 -54.06 -16.06
CA ALA J 281 73.45 -53.71 -16.04
C ALA J 281 73.67 -52.21 -16.00
N GLY J 282 73.23 -51.49 -17.02
CA GLY J 282 73.41 -50.06 -17.03
C GLY J 282 72.97 -49.41 -15.73
N GLU J 283 72.03 -50.01 -15.02
CA GLU J 283 71.78 -49.57 -13.65
C GLU J 283 72.85 -50.09 -12.69
N SER J 284 73.31 -51.33 -12.88
CA SER J 284 74.19 -51.95 -11.91
C SER J 284 75.61 -51.44 -11.99
N PHE J 285 76.19 -51.42 -13.18
CA PHE J 285 77.58 -50.99 -13.31
C PHE J 285 77.73 -49.55 -12.89
N LYS J 286 76.79 -48.68 -13.30
CA LYS J 286 76.84 -47.30 -12.86
C LYS J 286 76.90 -47.19 -11.34
N ALA J 287 76.33 -48.15 -10.63
CA ALA J 287 76.40 -48.11 -9.18
C ALA J 287 77.79 -48.43 -8.66
N LEU J 288 78.63 -49.08 -9.47
CA LEU J 288 80.05 -49.12 -9.14
C LEU J 288 80.67 -47.75 -9.27
N LEU J 289 80.39 -47.06 -10.37
CA LEU J 289 80.96 -45.74 -10.59
C LEU J 289 80.61 -44.78 -9.47
N PHE J 290 79.56 -45.06 -8.69
CA PHE J 290 79.30 -44.29 -7.50
C PHE J 290 80.13 -44.77 -6.32
N GLN J 291 80.51 -46.04 -6.29
CA GLN J 291 81.43 -46.48 -5.23
C GLN J 291 82.83 -45.96 -5.49
N ILE J 292 83.20 -45.85 -6.77
CA ILE J 292 84.56 -45.47 -7.08
C ILE J 292 84.77 -43.98 -6.86
N ASP J 293 83.70 -43.19 -6.90
CA ASP J 293 83.80 -41.80 -6.51
C ASP J 293 83.87 -41.68 -5.00
N LYS J 294 82.99 -42.40 -4.32
CA LYS J 294 82.81 -42.20 -2.89
C LYS J 294 84.12 -42.39 -2.13
N GLU J 295 85.03 -43.21 -2.66
CA GLU J 295 86.34 -43.36 -2.05
C GLU J 295 87.32 -42.30 -2.51
N ALA J 296 87.37 -42.02 -3.81
CA ALA J 296 88.25 -40.97 -4.27
C ALA J 296 87.93 -39.65 -3.59
N VAL J 297 86.69 -39.47 -3.16
CA VAL J 297 86.37 -38.37 -2.26
C VAL J 297 87.05 -38.55 -0.92
N GLU J 298 87.01 -39.78 -0.38
CA GLU J 298 87.42 -39.98 1.00
C GLU J 298 88.94 -39.89 1.14
N ILE J 299 89.68 -40.26 0.09
CA ILE J 299 91.12 -40.04 0.08
C ILE J 299 91.44 -38.58 0.29
N ALA J 300 90.55 -37.68 -0.13
CA ALA J 300 90.82 -36.27 0.02
C ALA J 300 90.64 -35.83 1.46
N ARG J 301 89.94 -36.63 2.26
CA ARG J 301 89.81 -36.33 3.68
C ARG J 301 91.04 -36.78 4.45
N GLN J 302 91.48 -38.01 4.25
CA GLN J 302 92.58 -38.54 5.04
C GLN J 302 93.91 -37.99 4.59
N THR J 303 94.18 -38.01 3.29
CA THR J 303 95.44 -37.50 2.80
C THR J 303 95.58 -36.01 3.03
N GLY J 304 94.47 -35.28 2.99
CA GLY J 304 94.53 -33.85 3.13
C GLY J 304 95.24 -33.19 1.97
N ARG J 305 95.47 -33.93 0.90
CA ARG J 305 96.13 -33.41 -0.28
C ARG J 305 95.17 -33.24 -1.45
N GLY J 306 94.55 -34.31 -1.93
CA GLY J 306 93.62 -34.13 -3.03
C GLY J 306 92.69 -35.31 -3.21
N GLU J 307 91.75 -35.13 -4.11
CA GLU J 307 90.83 -36.21 -4.45
C GLU J 307 91.58 -37.34 -5.13
N GLY J 308 91.02 -38.55 -5.05
CA GLY J 308 91.68 -39.70 -5.60
C GLY J 308 91.97 -39.57 -7.08
N ASN J 309 93.24 -39.62 -7.44
CA ASN J 309 93.69 -39.21 -8.75
C ASN J 309 93.85 -40.34 -9.75
N PHE J 310 93.81 -41.60 -9.31
CA PHE J 310 93.94 -42.71 -10.24
C PHE J 310 93.35 -43.94 -9.58
N ILE J 311 93.07 -44.95 -10.40
CA ILE J 311 92.75 -46.27 -9.86
C ILE J 311 93.59 -47.28 -10.61
N ILE J 312 93.90 -48.38 -9.96
CA ILE J 312 94.40 -49.54 -10.67
C ILE J 312 93.40 -50.64 -10.41
N ALA J 313 93.32 -51.61 -11.31
CA ALA J 313 92.16 -52.48 -11.27
C ALA J 313 92.32 -53.61 -12.27
N SER J 314 91.54 -54.66 -12.06
CA SER J 314 91.69 -55.88 -12.82
C SER J 314 91.17 -55.71 -14.24
N ARG J 315 91.59 -56.63 -15.12
CA ARG J 315 91.00 -56.68 -16.45
C ARG J 315 89.49 -56.73 -16.38
N ASN J 316 88.94 -57.44 -15.41
CA ASN J 316 87.50 -57.62 -15.32
C ASN J 316 86.78 -56.30 -15.15
N VAL J 317 87.09 -55.56 -14.07
CA VAL J 317 86.32 -54.35 -13.84
C VAL J 317 86.59 -53.33 -14.92
N VAL J 318 87.76 -53.38 -15.57
CA VAL J 318 88.02 -52.42 -16.63
C VAL J 318 87.13 -52.66 -17.84
N ASN J 319 86.50 -53.83 -17.96
CA ASN J 319 85.31 -53.92 -18.80
C ASN J 319 84.15 -53.20 -18.14
N VAL J 320 83.84 -53.56 -16.90
CA VAL J 320 82.73 -52.98 -16.17
C VAL J 320 82.85 -51.46 -16.10
N LEU J 321 84.05 -50.92 -16.27
CA LEU J 321 84.16 -49.50 -16.50
C LEU J 321 83.91 -49.13 -17.95
N ALA J 322 84.37 -49.96 -18.88
CA ALA J 322 84.33 -49.60 -20.28
C ALA J 322 83.03 -49.96 -20.97
N SER J 323 82.15 -50.71 -20.31
CA SER J 323 80.90 -51.09 -20.93
C SER J 323 79.76 -50.14 -20.59
N VAL J 324 80.03 -49.07 -19.87
CA VAL J 324 78.98 -48.25 -19.29
C VAL J 324 79.26 -46.78 -19.51
N ASP J 325 78.20 -46.02 -19.79
CA ASP J 325 78.37 -44.59 -19.97
C ASP J 325 78.75 -44.02 -18.61
N THR J 326 79.93 -43.41 -18.54
CA THR J 326 80.47 -42.99 -17.26
C THR J 326 80.01 -41.60 -16.88
N GLY J 327 79.44 -40.85 -17.80
CA GLY J 327 78.91 -39.55 -17.49
C GLY J 327 77.57 -39.69 -16.80
N ILE J 328 76.79 -38.63 -16.83
CA ILE J 328 75.47 -38.65 -16.23
C ILE J 328 74.47 -38.81 -17.37
N SER J 329 74.02 -40.04 -17.61
CA SER J 329 72.84 -40.25 -18.43
C SER J 329 72.25 -41.63 -18.15
N TYR J 330 70.93 -41.67 -17.98
CA TYR J 330 70.08 -42.87 -18.02
C TYR J 330 70.79 -44.13 -17.55
N ALA J 331 70.64 -45.23 -18.28
CA ALA J 331 71.32 -46.47 -17.98
C ALA J 331 71.78 -47.08 -19.29
N ALA J 332 73.05 -47.45 -19.38
CA ALA J 332 73.58 -47.85 -20.67
C ALA J 332 74.56 -48.99 -20.51
N GLN J 333 74.63 -49.84 -21.54
CA GLN J 333 75.60 -50.91 -21.63
C GLN J 333 75.96 -51.08 -23.09
N GLY J 334 76.82 -52.04 -23.38
CA GLY J 334 77.17 -52.37 -24.74
C GLY J 334 78.56 -52.96 -24.80
N LEU J 335 79.16 -52.88 -25.98
CA LEU J 335 80.54 -53.31 -26.15
C LEU J 335 81.47 -52.31 -25.49
N ALA J 336 82.52 -52.83 -24.85
CA ALA J 336 83.51 -51.95 -24.24
C ALA J 336 84.11 -51.05 -25.31
N THR J 337 84.35 -49.79 -24.94
CA THR J 337 84.77 -48.85 -25.97
C THR J 337 85.99 -48.05 -25.57
N GLY J 338 85.86 -47.16 -24.61
CA GLY J 338 86.86 -46.12 -24.41
C GLY J 338 88.20 -46.57 -23.87
N PHE J 339 88.35 -47.83 -23.48
CA PHE J 339 89.51 -48.25 -22.73
C PHE J 339 90.30 -49.30 -23.48
N SER J 340 91.55 -49.49 -23.08
CA SER J 340 92.34 -50.63 -23.49
C SER J 340 92.25 -51.66 -22.37
N THR J 341 91.37 -52.63 -22.56
CA THR J 341 91.14 -53.62 -21.52
C THR J 341 92.13 -54.75 -21.60
N ASP J 342 92.60 -55.07 -22.81
CA ASP J 342 93.62 -56.10 -22.94
C ASP J 342 94.99 -55.52 -22.57
N THR J 343 95.84 -56.33 -21.97
CA THR J 343 97.22 -55.90 -21.81
C THR J 343 98.12 -56.73 -22.72
N THR J 344 98.38 -56.14 -23.87
CA THR J 344 99.51 -56.45 -24.71
C THR J 344 100.13 -55.16 -25.21
N LYS J 345 99.36 -54.36 -25.94
CA LYS J 345 99.77 -53.02 -26.30
C LYS J 345 100.30 -52.27 -25.08
N SER J 346 99.45 -52.00 -24.11
CA SER J 346 99.91 -51.29 -22.92
C SER J 346 98.97 -51.57 -21.77
N VAL J 347 99.46 -51.36 -20.55
CA VAL J 347 98.66 -51.60 -19.36
C VAL J 347 97.73 -50.44 -19.08
N PHE J 348 98.23 -49.21 -19.19
CA PHE J 348 97.41 -48.04 -18.90
C PHE J 348 96.14 -48.07 -19.73
N ALA J 349 95.00 -47.99 -19.05
CA ALA J 349 93.72 -48.06 -19.74
C ALA J 349 92.93 -46.78 -19.48
N GLY J 350 92.88 -45.93 -20.49
CA GLY J 350 91.97 -44.79 -20.51
C GLY J 350 92.04 -43.87 -19.32
N VAL J 351 90.99 -43.06 -19.16
CA VAL J 351 90.75 -42.26 -17.97
C VAL J 351 89.25 -42.26 -17.75
N LEU J 352 88.83 -42.11 -16.51
CA LEU J 352 87.40 -41.96 -16.22
C LEU J 352 87.03 -40.49 -16.19
N GLY J 353 86.24 -40.06 -17.16
CA GLY J 353 85.77 -38.70 -17.22
C GLY J 353 86.89 -37.69 -17.14
N GLY J 354 88.08 -38.07 -17.57
CA GLY J 354 89.22 -37.19 -17.42
C GLY J 354 89.63 -36.96 -15.98
N LYS J 355 89.29 -37.87 -15.08
CA LYS J 355 89.65 -37.75 -13.67
C LYS J 355 90.61 -38.85 -13.24
N TYR J 356 90.13 -40.08 -13.14
CA TYR J 356 90.93 -41.19 -12.66
C TYR J 356 91.70 -41.79 -13.82
N ARG J 357 93.01 -41.91 -13.69
CA ARG J 357 93.75 -42.73 -14.64
C ARG J 357 93.59 -44.19 -14.23
N VAL J 358 93.00 -45.00 -15.08
CA VAL J 358 92.65 -46.36 -14.70
C VAL J 358 93.74 -47.27 -15.25
N TYR J 359 94.63 -47.72 -14.38
CA TYR J 359 95.68 -48.63 -14.80
C TYR J 359 95.20 -50.05 -14.60
N ILE J 360 95.51 -50.91 -15.52
CA ILE J 360 95.17 -52.31 -15.31
C ILE J 360 96.21 -52.92 -14.38
N ASP J 361 95.81 -53.94 -13.65
CA ASP J 361 96.75 -54.81 -12.98
C ASP J 361 96.60 -56.15 -13.70
N GLN J 362 97.56 -56.48 -14.53
CA GLN J 362 97.38 -57.62 -15.40
C GLN J 362 97.52 -58.94 -14.67
N TYR J 363 98.09 -58.93 -13.47
CA TYR J 363 98.16 -60.11 -12.62
C TYR J 363 97.30 -59.76 -11.42
N ALA J 364 96.10 -60.33 -11.35
CA ALA J 364 95.16 -60.01 -10.29
C ALA J 364 94.65 -61.34 -9.76
N LYS J 365 94.95 -61.64 -8.50
CA LYS J 365 94.69 -62.97 -8.02
C LYS J 365 93.24 -63.16 -7.61
N GLN J 366 92.50 -62.08 -7.36
CA GLN J 366 91.06 -62.21 -7.34
C GLN J 366 90.39 -61.28 -8.33
N ASP J 367 90.22 -60.05 -7.88
CA ASP J 367 89.62 -58.95 -8.63
C ASP J 367 89.53 -57.78 -7.66
N TYR J 368 89.53 -56.54 -8.15
CA TYR J 368 89.51 -55.40 -7.25
C TYR J 368 89.63 -54.10 -8.01
N PHE J 369 89.58 -52.98 -7.30
CA PHE J 369 90.12 -51.73 -7.82
C PHE J 369 90.68 -50.96 -6.66
N THR J 370 91.81 -50.29 -6.88
CA THR J 370 92.48 -49.52 -5.84
C THR J 370 92.55 -48.06 -6.27
N VAL J 371 91.79 -47.21 -5.60
CA VAL J 371 91.69 -45.81 -5.98
C VAL J 371 92.77 -45.08 -5.20
N GLY J 372 93.74 -44.52 -5.90
CA GLY J 372 94.93 -44.01 -5.29
C GLY J 372 94.96 -42.49 -5.23
N TYR J 373 96.18 -41.96 -5.12
CA TYR J 373 96.43 -40.55 -5.35
C TYR J 373 97.88 -40.39 -5.80
N LYS J 374 98.11 -39.47 -6.72
CA LYS J 374 99.47 -39.02 -7.03
C LYS J 374 99.43 -37.52 -7.28
N GLY J 375 100.21 -36.78 -6.51
CA GLY J 375 100.20 -35.34 -6.61
C GLY J 375 101.13 -34.86 -7.70
N PRO J 376 101.22 -33.53 -7.83
CA PRO J 376 102.20 -32.99 -8.78
C PRO J 376 103.62 -33.26 -8.38
N ASN J 377 103.96 -33.04 -7.12
CA ASN J 377 105.31 -33.32 -6.65
C ASN J 377 105.53 -34.82 -6.58
N GLU J 378 106.68 -35.26 -7.03
CA GLU J 378 107.03 -36.66 -6.78
C GLU J 378 107.25 -36.90 -5.29
N MET J 379 107.26 -35.84 -4.49
CA MET J 379 107.30 -36.00 -3.03
C MET J 379 105.95 -36.40 -2.48
N ASP J 380 104.86 -35.98 -3.10
CA ASP J 380 103.53 -36.27 -2.57
C ASP J 380 103.01 -37.46 -3.36
N ALA J 381 103.10 -38.64 -2.75
CA ALA J 381 102.88 -39.88 -3.45
C ALA J 381 102.04 -40.84 -2.63
N GLY J 382 102.59 -41.22 -1.48
CA GLY J 382 102.05 -42.25 -0.63
C GLY J 382 102.88 -43.51 -0.63
N ILE J 383 103.70 -43.70 -1.64
CA ILE J 383 104.80 -44.65 -1.58
C ILE J 383 105.87 -44.15 -2.53
N TYR J 384 107.13 -44.37 -2.19
CA TYR J 384 108.23 -43.85 -2.97
C TYR J 384 109.06 -45.01 -3.47
N TYR J 385 109.28 -45.08 -4.76
CA TYR J 385 110.26 -46.02 -5.30
C TYR J 385 111.51 -45.22 -5.59
N ALA J 386 112.51 -45.36 -4.74
CA ALA J 386 113.72 -44.57 -4.90
C ALA J 386 114.84 -45.47 -5.39
N PRO J 387 115.22 -45.40 -6.65
CA PRO J 387 116.30 -46.25 -7.15
C PRO J 387 117.65 -45.72 -6.74
N TYR J 388 118.57 -46.65 -6.52
CA TYR J 388 119.90 -46.30 -6.03
C TYR J 388 120.95 -46.65 -7.08
N VAL J 389 121.18 -47.92 -7.36
CA VAL J 389 121.99 -48.34 -8.50
C VAL J 389 121.11 -49.19 -9.40
N ALA J 390 121.51 -49.32 -10.66
CA ALA J 390 120.66 -49.96 -11.66
C ALA J 390 121.43 -51.03 -12.41
N LEU J 391 121.06 -52.28 -12.21
CA LEU J 391 121.44 -53.41 -13.06
C LEU J 391 122.90 -53.36 -13.47
N THR J 392 123.77 -53.17 -12.49
CA THR J 392 125.19 -53.22 -12.82
C THR J 392 125.54 -54.63 -13.23
N PRO J 393 125.90 -54.88 -14.49
CA PRO J 393 126.14 -56.26 -14.91
C PRO J 393 127.46 -56.77 -14.37
N LEU J 394 127.47 -58.05 -13.98
CA LEU J 394 128.66 -58.69 -13.46
C LEU J 394 128.93 -59.95 -14.27
N ARG J 395 130.21 -60.29 -14.40
CA ARG J 395 130.64 -61.44 -15.18
C ARG J 395 131.72 -62.19 -14.43
N GLY J 396 131.93 -63.44 -14.81
CA GLY J 396 132.98 -64.24 -14.21
C GLY J 396 132.94 -65.64 -14.79
N SER J 397 134.00 -66.39 -14.50
CA SER J 397 134.10 -67.76 -14.94
C SER J 397 134.76 -68.58 -13.86
N ASP J 398 134.24 -69.74 -13.59
CA ASP J 398 134.82 -70.52 -12.51
C ASP J 398 135.96 -71.35 -13.05
N PRO J 399 137.19 -71.22 -12.55
CA PRO J 399 138.33 -71.83 -13.23
C PRO J 399 138.32 -73.33 -13.24
N LYS J 400 137.54 -73.99 -12.38
CA LYS J 400 137.39 -75.44 -12.50
C LYS J 400 136.88 -75.80 -13.89
N ASN J 401 135.66 -75.38 -14.19
CA ASN J 401 134.96 -75.70 -15.43
C ASN J 401 135.07 -74.66 -16.53
N PHE J 402 135.63 -73.48 -16.26
CA PHE J 402 135.89 -72.44 -17.26
C PHE J 402 134.65 -71.95 -17.99
N GLN J 403 133.44 -72.14 -17.46
CA GLN J 403 132.27 -71.81 -18.25
C GLN J 403 131.55 -70.60 -17.69
N PRO J 404 131.28 -69.60 -18.52
CA PRO J 404 130.97 -68.27 -18.00
C PRO J 404 129.69 -68.24 -17.20
N VAL J 405 129.76 -67.63 -16.03
CA VAL J 405 128.59 -67.31 -15.23
C VAL J 405 128.44 -65.81 -15.30
N MET J 406 127.21 -65.34 -15.16
CA MET J 406 126.96 -63.91 -15.23
C MET J 406 125.81 -63.56 -14.33
N GLY J 407 125.76 -62.32 -13.91
CA GLY J 407 124.72 -61.93 -12.98
C GLY J 407 124.64 -60.43 -12.83
N PHE J 408 123.49 -59.98 -12.37
CA PHE J 408 123.19 -58.57 -12.17
C PHE J 408 122.98 -58.29 -10.69
N LYS J 409 123.23 -57.07 -10.28
CA LYS J 409 122.88 -56.60 -8.93
C LYS J 409 122.30 -55.21 -9.03
N THR J 410 121.18 -54.98 -8.35
CA THR J 410 120.59 -53.66 -8.28
C THR J 410 120.24 -53.37 -6.84
N ARG J 411 120.20 -52.11 -6.48
CA ARG J 411 119.80 -51.69 -5.15
C ARG J 411 118.81 -50.57 -5.31
N TYR J 412 117.62 -50.72 -4.74
CA TYR J 412 116.59 -49.69 -4.93
C TYR J 412 116.11 -49.15 -3.58
N GLY J 413 115.31 -49.88 -2.85
CA GLY J 413 114.75 -49.39 -1.62
C GLY J 413 113.48 -48.60 -1.87
N ILE J 414 112.55 -48.68 -0.93
CA ILE J 414 111.23 -48.08 -1.03
C ILE J 414 111.08 -47.15 0.17
N GLY J 415 110.09 -46.29 0.12
CA GLY J 415 109.81 -45.46 1.26
C GLY J 415 108.34 -45.13 1.34
N ILE J 416 107.89 -44.86 2.54
CA ILE J 416 106.52 -44.50 2.80
C ILE J 416 106.49 -42.99 2.96
N ASN J 417 105.46 -42.37 2.44
CA ASN J 417 105.28 -40.96 2.68
C ASN J 417 105.17 -40.75 4.18
N PRO J 418 105.93 -39.84 4.79
CA PRO J 418 105.56 -39.39 6.12
C PRO J 418 104.17 -38.82 6.00
N PHE J 419 103.41 -38.85 7.09
CA PHE J 419 102.01 -38.44 7.11
C PHE J 419 101.12 -39.48 6.47
N ALA J 420 101.67 -40.60 5.97
CA ALA J 420 100.85 -41.60 5.31
C ALA J 420 99.69 -42.03 6.18
N GLU J 421 99.99 -42.50 7.39
CA GLU J 421 98.92 -43.00 8.25
C GLU J 421 97.90 -41.91 8.54
N SER J 422 98.37 -40.72 8.91
CA SER J 422 97.54 -39.52 9.02
C SER J 422 96.50 -39.65 10.12
N ALA J 423 96.32 -40.84 10.68
CA ALA J 423 95.42 -41.05 11.80
C ALA J 423 96.08 -40.71 13.12
N ALA J 424 97.32 -40.26 13.11
CA ALA J 424 98.07 -39.98 14.32
C ALA J 424 98.55 -38.53 14.29
N GLN J 425 98.22 -37.78 15.34
CA GLN J 425 98.71 -36.41 15.42
C GLN J 425 100.21 -36.38 15.59
N ALA J 426 100.74 -37.31 16.38
CA ALA J 426 102.15 -37.30 16.69
C ALA J 426 102.78 -38.62 16.30
N PRO J 427 103.97 -38.60 15.73
CA PRO J 427 104.65 -39.86 15.41
C PRO J 427 105.24 -40.47 16.66
N ALA J 428 105.57 -41.74 16.55
CA ALA J 428 106.26 -42.46 17.61
C ALA J 428 107.76 -42.45 17.33
N SER J 429 108.53 -41.97 18.30
CA SER J 429 109.98 -42.04 18.43
C SER J 429 110.74 -40.94 17.70
N ARG J 430 110.09 -40.12 16.87
CA ARG J 430 110.68 -38.92 16.31
C ARG J 430 111.81 -39.18 15.32
N ILE J 431 112.31 -40.41 15.27
CA ILE J 431 113.11 -40.87 14.14
C ILE J 431 112.47 -42.19 13.72
N GLN J 432 111.86 -42.21 12.55
CA GLN J 432 110.93 -43.27 12.24
C GLN J 432 111.22 -43.79 10.86
N SER J 433 111.37 -45.11 10.73
CA SER J 433 111.77 -45.65 9.45
C SER J 433 110.64 -45.53 8.44
N GLY J 434 110.97 -45.06 7.25
CA GLY J 434 110.03 -44.96 6.16
C GLY J 434 109.92 -46.22 5.35
N MET J 435 110.68 -47.24 5.69
CA MET J 435 110.53 -48.52 5.03
C MET J 435 109.14 -49.08 5.33
N PRO J 436 108.44 -49.63 4.34
CA PRO J 436 107.14 -50.23 4.64
C PRO J 436 107.28 -51.51 5.44
N SER J 437 106.30 -51.76 6.29
CA SER J 437 106.28 -52.97 7.12
C SER J 437 104.84 -53.18 7.58
N ILE J 438 104.64 -54.17 8.45
CA ILE J 438 103.29 -54.39 8.97
C ILE J 438 102.85 -53.22 9.82
N LEU J 439 103.72 -52.73 10.70
CA LEU J 439 103.28 -51.76 11.69
C LEU J 439 102.86 -50.45 11.04
N ASN J 440 103.76 -49.82 10.29
CA ASN J 440 103.43 -48.51 9.77
C ASN J 440 102.63 -48.57 8.48
N SER J 441 102.99 -49.44 7.55
CA SER J 441 102.49 -49.34 6.19
C SER J 441 101.37 -50.30 5.81
N LEU J 442 101.00 -51.26 6.64
CA LEU J 442 100.02 -52.26 6.19
C LEU J 442 98.61 -51.71 6.40
N GLY J 443 97.88 -51.55 5.31
CA GLY J 443 96.50 -51.11 5.39
C GLY J 443 96.34 -49.72 5.97
N LYS J 444 97.44 -49.02 6.21
CA LYS J 444 97.40 -47.72 6.85
C LYS J 444 97.61 -46.53 5.92
N ASN J 445 97.94 -46.74 4.65
CA ASN J 445 98.13 -45.59 3.77
C ASN J 445 96.82 -44.86 3.54
N ALA J 446 96.85 -43.54 3.71
CA ALA J 446 95.68 -42.75 3.38
C ALA J 446 95.49 -42.64 1.88
N TYR J 447 96.55 -42.81 1.10
CA TYR J 447 96.48 -42.50 -0.33
C TYR J 447 95.76 -43.58 -1.13
N PHE J 448 95.74 -44.82 -0.67
CA PHE J 448 95.36 -45.94 -1.49
C PHE J 448 94.22 -46.69 -0.81
N ARG J 449 93.10 -46.85 -1.50
CA ARG J 449 91.94 -47.54 -0.93
C ARG J 449 91.52 -48.67 -1.85
N ARG J 450 91.62 -49.90 -1.35
CA ARG J 450 91.46 -51.11 -2.14
C ARG J 450 90.11 -51.74 -1.89
N VAL J 451 89.41 -52.12 -2.96
CA VAL J 451 88.07 -52.65 -2.88
C VAL J 451 87.95 -53.85 -3.80
N TYR J 452 87.55 -54.99 -3.27
CA TYR J 452 87.40 -56.19 -4.06
C TYR J 452 86.01 -56.17 -4.70
N VAL J 453 85.96 -56.10 -6.01
CA VAL J 453 84.70 -56.26 -6.72
C VAL J 453 84.47 -57.74 -6.90
N LYS J 454 83.25 -58.18 -6.67
CA LYS J 454 82.88 -59.58 -6.85
C LYS J 454 81.60 -59.65 -7.67
N GLY J 455 81.26 -60.87 -8.07
CA GLY J 455 80.03 -61.07 -8.79
C GLY J 455 80.07 -60.67 -10.24
N ILE J 456 81.23 -60.26 -10.75
CA ILE J 456 81.36 -60.05 -12.18
C ILE J 456 81.35 -61.40 -12.88
N ALA K 1 32.29 -87.58 -82.11
CA ALA K 1 32.52 -86.62 -81.04
C ALA K 1 33.98 -86.61 -80.69
N GLU K 2 34.81 -86.15 -81.62
CA GLU K 2 36.24 -86.15 -81.39
C GLU K 2 36.57 -85.30 -80.19
N ILE K 3 37.24 -85.90 -79.23
CA ILE K 3 37.42 -85.31 -77.91
C ILE K 3 38.91 -85.17 -77.67
N GLY K 4 39.32 -83.98 -77.24
CA GLY K 4 40.74 -83.76 -77.01
C GLY K 4 41.26 -84.58 -75.86
N GLY K 5 40.50 -84.67 -74.78
CA GLY K 5 40.94 -85.42 -73.66
C GLY K 5 42.18 -84.77 -73.05
N ASP K 6 42.72 -85.45 -72.06
CA ASP K 6 43.89 -84.93 -71.36
C ASP K 6 44.82 -86.05 -70.98
N HIS K 7 46.02 -85.66 -70.59
CA HIS K 7 46.90 -86.54 -69.86
C HIS K 7 46.25 -86.89 -68.55
N GLY K 8 46.59 -88.05 -68.01
CA GLY K 8 45.94 -88.47 -66.79
C GLY K 8 46.37 -87.68 -65.57
N TYR K 9 47.14 -86.61 -65.79
CA TYR K 9 47.83 -85.84 -64.77
C TYR K 9 48.98 -86.63 -64.16
N ASN K 10 49.19 -87.87 -64.57
CA ASN K 10 50.37 -88.60 -64.20
C ASN K 10 51.61 -87.92 -64.75
N ALA K 11 52.74 -88.15 -64.10
CA ALA K 11 53.97 -87.53 -64.57
C ALA K 11 54.51 -88.25 -65.79
N THR K 12 54.27 -89.54 -65.93
CA THR K 12 54.77 -90.26 -67.09
C THR K 12 53.91 -90.01 -68.32
N ASN K 13 52.59 -90.10 -68.17
CA ASN K 13 51.68 -89.86 -69.27
C ASN K 13 51.92 -88.51 -69.89
N ILE K 14 52.23 -87.51 -69.08
CA ILE K 14 52.56 -86.20 -69.63
C ILE K 14 53.91 -86.25 -70.31
N ALA K 15 54.93 -86.72 -69.60
CA ALA K 15 56.27 -86.73 -70.16
C ALA K 15 56.35 -87.51 -71.45
N ALA K 16 55.44 -88.46 -71.66
CA ALA K 16 55.38 -89.22 -72.90
C ALA K 16 54.38 -88.63 -73.88
N GLY K 17 53.68 -87.57 -73.52
CA GLY K 17 52.68 -87.03 -74.42
C GLY K 17 51.42 -87.85 -74.53
N GLN K 18 51.40 -89.03 -73.92
CA GLN K 18 50.23 -89.90 -73.95
C GLN K 18 48.98 -89.12 -73.53
N THR K 19 47.87 -89.39 -74.20
CA THR K 19 46.66 -88.65 -73.90
C THR K 19 45.43 -89.54 -73.98
N SER K 20 44.57 -89.46 -72.96
CA SER K 20 43.34 -90.21 -72.92
C SER K 20 42.44 -89.95 -74.13
N GLY K 21 42.54 -88.78 -74.75
CA GLY K 21 41.70 -88.43 -75.87
C GLY K 21 42.23 -88.97 -77.18
N ALA K 22 41.85 -88.30 -78.26
CA ALA K 22 42.27 -88.74 -79.58
C ALA K 22 43.74 -88.46 -79.83
N VAL K 23 44.19 -87.26 -79.53
CA VAL K 23 45.48 -86.76 -80.02
C VAL K 23 46.53 -86.84 -78.93
N THR K 24 47.71 -87.37 -79.29
CA THR K 24 48.86 -87.43 -78.40
C THR K 24 49.79 -86.28 -78.72
N GLN K 25 50.09 -85.44 -77.73
CA GLN K 25 50.97 -84.34 -78.01
C GLN K 25 52.41 -84.83 -78.10
N ILE K 26 53.30 -83.93 -78.53
CA ILE K 26 54.71 -84.24 -78.68
C ILE K 26 55.32 -84.58 -77.33
N GLY K 27 55.43 -83.58 -76.49
CA GLY K 27 56.11 -83.69 -75.22
C GLY K 27 55.82 -82.45 -74.41
N PRO K 28 56.27 -82.43 -73.20
CA PRO K 28 55.91 -81.35 -72.28
C PRO K 28 56.76 -80.08 -72.36
N ALA K 29 56.98 -79.58 -73.56
CA ALA K 29 57.74 -78.35 -73.77
C ALA K 29 59.08 -78.43 -73.02
N VAL K 30 59.57 -77.29 -72.53
CA VAL K 30 60.54 -77.19 -71.43
C VAL K 30 60.34 -75.84 -70.77
N MET K 31 60.40 -75.81 -69.45
CA MET K 31 60.49 -74.54 -68.76
C MET K 31 61.90 -74.21 -68.31
N GLY K 32 62.88 -75.04 -68.61
CA GLY K 32 64.26 -74.75 -68.29
C GLY K 32 64.76 -75.56 -67.12
N MET K 33 66.06 -75.42 -66.87
CA MET K 33 66.75 -76.22 -65.88
C MET K 33 66.97 -75.46 -64.60
N VAL K 34 66.90 -76.18 -63.48
CA VAL K 34 67.13 -75.60 -62.17
C VAL K 34 68.29 -76.36 -61.55
N ARG K 35 69.42 -75.69 -61.37
CA ARG K 35 70.59 -76.29 -60.74
C ARG K 35 70.58 -75.91 -59.27
N ARG K 36 71.54 -76.42 -58.51
CA ARG K 36 71.62 -76.17 -57.08
C ARG K 36 72.78 -75.22 -56.78
N ALA K 37 72.51 -74.20 -55.98
CA ALA K 37 73.52 -73.19 -55.71
C ALA K 37 74.72 -73.79 -55.00
N ILE K 38 75.89 -73.20 -55.23
CA ILE K 38 77.13 -73.66 -54.62
C ILE K 38 77.32 -72.95 -53.29
N PRO K 39 77.52 -73.69 -52.20
CA PRO K 39 77.60 -73.06 -50.87
C PRO K 39 78.82 -72.16 -50.75
N ASN K 40 78.79 -71.32 -49.72
CA ASN K 40 79.77 -70.26 -49.56
C ASN K 40 80.92 -70.68 -48.67
N LEU K 41 82.11 -70.23 -49.04
CA LEU K 41 83.28 -70.42 -48.22
C LEU K 41 83.34 -69.35 -47.13
N ILE K 42 84.04 -69.68 -46.03
CA ILE K 42 84.27 -68.72 -44.95
C ILE K 42 85.57 -67.96 -45.15
N ALA K 43 86.24 -68.21 -46.27
CA ALA K 43 87.59 -67.79 -46.59
C ALA K 43 88.58 -68.09 -45.47
N PHE K 44 89.75 -67.44 -45.50
CA PHE K 44 90.82 -67.81 -44.58
C PHE K 44 91.27 -66.72 -43.63
N ASP K 45 90.63 -65.56 -43.59
CA ASP K 45 91.14 -64.54 -42.69
C ASP K 45 91.04 -64.95 -41.22
N ILE K 46 90.34 -66.03 -40.91
CA ILE K 46 90.19 -66.47 -39.53
C ILE K 46 91.35 -67.32 -39.02
N CYS K 47 92.33 -67.62 -39.86
CA CYS K 47 93.42 -68.50 -39.46
C CYS K 47 94.63 -68.17 -40.31
N GLY K 48 95.79 -68.66 -39.88
CA GLY K 48 97.00 -68.46 -40.64
C GLY K 48 96.93 -69.17 -41.97
N VAL K 49 98.01 -69.01 -42.74
CA VAL K 49 98.17 -69.83 -43.93
C VAL K 49 99.56 -70.46 -43.92
N GLN K 50 100.59 -69.66 -44.09
CA GLN K 50 101.94 -70.22 -44.23
C GLN K 50 102.01 -71.28 -45.32
N PRO K 51 101.95 -70.90 -46.59
CA PRO K 51 102.16 -71.90 -47.66
C PRO K 51 103.44 -72.68 -47.41
N MET K 52 103.38 -73.96 -47.64
CA MET K 52 104.45 -74.87 -47.24
C MET K 52 105.12 -75.44 -48.48
N ASN K 53 106.34 -74.99 -48.74
CA ASN K 53 107.00 -75.30 -50.00
C ASN K 53 107.43 -76.75 -50.05
N SER K 54 108.08 -77.21 -49.00
CA SER K 54 108.53 -78.57 -48.89
C SER K 54 107.77 -79.24 -47.78
N PRO K 55 107.45 -80.54 -47.90
CA PRO K 55 106.57 -81.16 -46.91
C PRO K 55 107.16 -81.02 -45.51
N THR K 56 106.30 -81.17 -44.53
CA THR K 56 106.71 -81.32 -43.14
C THR K 56 107.44 -80.07 -42.63
N GLY K 57 106.66 -79.01 -42.44
CA GLY K 57 107.20 -77.84 -41.77
C GLY K 57 107.56 -78.13 -40.33
N GLN K 58 108.26 -77.19 -39.72
CA GLN K 58 108.55 -77.28 -38.29
C GLN K 58 108.70 -75.86 -37.74
N VAL K 59 108.31 -75.69 -36.48
CA VAL K 59 108.35 -74.39 -35.84
C VAL K 59 108.90 -74.57 -34.45
N PHE K 60 109.90 -73.77 -34.09
CA PHE K 60 110.44 -73.87 -32.74
C PHE K 60 109.60 -73.07 -31.76
N ALA K 61 110.00 -73.06 -30.50
CA ALA K 61 109.44 -72.14 -29.54
C ALA K 61 110.47 -71.89 -28.46
N LEU K 62 110.61 -70.67 -27.98
CA LEU K 62 111.62 -70.39 -26.97
C LEU K 62 110.93 -70.00 -25.67
N ARG K 63 110.98 -70.90 -24.70
CA ARG K 63 110.52 -70.62 -23.35
C ARG K 63 111.67 -70.00 -22.58
N ALA K 64 111.41 -68.90 -21.89
CA ALA K 64 112.36 -68.43 -20.88
C ALA K 64 111.91 -69.05 -19.57
N VAL K 65 112.70 -69.98 -19.07
CA VAL K 65 112.34 -70.79 -17.92
C VAL K 65 113.33 -70.52 -16.82
N TYR K 66 112.85 -70.38 -15.59
CA TYR K 66 113.78 -70.04 -14.53
C TYR K 66 113.78 -71.08 -13.43
N GLY K 67 114.79 -70.97 -12.59
CA GLY K 67 115.05 -71.94 -11.57
C GLY K 67 116.24 -72.86 -11.78
N LYS K 68 117.15 -72.54 -12.70
CA LYS K 68 118.42 -73.21 -12.93
C LYS K 68 118.24 -74.45 -13.81
N ASP K 69 117.01 -74.86 -14.11
CA ASP K 69 116.75 -76.05 -14.90
C ASP K 69 115.97 -75.66 -16.15
N PRO K 70 116.66 -75.42 -17.26
CA PRO K 70 115.94 -75.08 -18.49
C PRO K 70 114.86 -76.07 -18.85
N VAL K 71 115.11 -77.36 -18.73
CA VAL K 71 114.11 -78.39 -19.00
C VAL K 71 113.92 -79.21 -17.73
N ALA K 72 112.78 -79.06 -17.07
CA ALA K 72 112.55 -79.78 -15.83
C ALA K 72 111.06 -79.85 -15.56
N ALA K 73 110.69 -80.77 -14.69
CA ALA K 73 109.29 -80.92 -14.31
C ALA K 73 108.87 -79.72 -13.47
N GLY K 74 107.83 -79.02 -13.91
CA GLY K 74 107.33 -77.89 -13.17
C GLY K 74 108.40 -76.85 -12.91
N ALA K 75 109.04 -76.40 -13.98
CA ALA K 75 109.98 -75.29 -13.91
C ALA K 75 109.25 -74.08 -14.45
N LYS K 76 108.99 -73.13 -13.57
CA LYS K 76 108.01 -72.10 -13.86
C LYS K 76 108.53 -71.16 -14.94
N GLU K 77 107.77 -71.04 -16.03
CA GLU K 77 108.22 -70.24 -17.15
C GLU K 77 108.25 -68.76 -16.78
N ALA K 78 109.18 -68.03 -17.38
CA ALA K 78 109.46 -66.68 -16.93
C ALA K 78 108.37 -65.71 -17.31
N PHE K 79 108.29 -65.39 -18.59
CA PHE K 79 107.41 -64.33 -19.05
C PHE K 79 106.19 -65.03 -19.60
N HIS K 80 105.14 -65.11 -18.80
CA HIS K 80 104.01 -65.94 -19.15
C HIS K 80 102.76 -65.08 -19.14
N PRO K 81 102.03 -64.94 -20.24
CA PRO K 81 100.83 -64.11 -20.19
C PRO K 81 99.88 -64.48 -19.06
N MET K 82 99.62 -65.77 -18.85
CA MET K 82 98.89 -66.23 -17.67
C MET K 82 99.49 -65.66 -16.41
N TYR K 83 100.64 -66.21 -16.03
CA TYR K 83 101.16 -66.15 -14.68
C TYR K 83 102.14 -65.00 -14.54
N GLY K 84 101.94 -64.18 -13.51
CA GLY K 84 102.84 -63.09 -13.26
C GLY K 84 104.24 -63.56 -12.92
N PRO K 85 105.18 -62.63 -12.85
CA PRO K 85 106.49 -62.94 -12.30
C PRO K 85 106.35 -63.18 -10.82
N ASP K 86 107.08 -64.15 -10.30
CA ASP K 86 107.05 -64.32 -8.86
C ASP K 86 107.67 -63.09 -8.24
N ALA K 87 106.89 -62.41 -7.40
CA ALA K 87 107.17 -61.04 -7.02
C ALA K 87 108.58 -60.89 -6.51
N MET K 88 108.97 -61.71 -5.55
CA MET K 88 110.33 -61.75 -5.05
C MET K 88 110.94 -63.09 -5.45
N PHE K 89 111.85 -63.03 -6.40
CA PHE K 89 112.63 -64.18 -6.84
C PHE K 89 114.08 -63.74 -6.81
N SER K 90 114.38 -62.71 -7.59
CA SER K 90 115.57 -61.92 -7.35
C SER K 90 115.67 -61.49 -5.90
N GLY K 91 114.56 -61.11 -5.31
CA GLY K 91 114.54 -60.42 -4.05
C GLY K 91 114.64 -61.36 -2.89
N GLN K 92 113.95 -61.01 -1.80
CA GLN K 92 114.03 -61.79 -0.56
C GLN K 92 113.91 -63.27 -0.81
N GLY K 93 113.16 -63.66 -1.83
CA GLY K 93 113.02 -65.08 -2.14
C GLY K 93 114.34 -65.80 -2.31
N ALA K 94 115.36 -65.11 -2.79
CA ALA K 94 116.65 -65.77 -2.98
C ALA K 94 117.43 -65.84 -1.67
N ALA K 95 117.31 -64.83 -0.83
CA ALA K 95 118.02 -64.82 0.44
C ALA K 95 117.55 -65.97 1.34
N LYS K 96 116.26 -66.01 1.62
CA LYS K 96 115.65 -67.08 2.39
C LYS K 96 114.58 -67.77 1.56
N LYS K 97 114.33 -69.03 1.87
CA LYS K 97 113.38 -69.82 1.12
C LYS K 97 112.02 -69.76 1.82
N PHE K 98 110.99 -69.39 1.06
CA PHE K 98 109.76 -69.26 1.83
C PHE K 98 108.97 -70.55 1.83
N PRO K 99 108.35 -70.89 2.95
CA PRO K 99 107.57 -72.13 3.00
C PRO K 99 106.34 -72.02 2.11
N ALA K 100 106.14 -73.03 1.29
CA ALA K 100 104.94 -73.06 0.46
C ALA K 100 103.72 -73.18 1.35
N LEU K 101 102.59 -72.75 0.82
CA LEU K 101 101.37 -72.66 1.60
C LEU K 101 100.49 -73.85 1.22
N ALA K 102 100.16 -74.67 2.21
CA ALA K 102 99.43 -75.90 1.98
C ALA K 102 98.28 -76.01 2.96
N ALA K 103 97.43 -77.00 2.74
CA ALA K 103 96.28 -77.22 3.62
C ALA K 103 96.74 -77.41 5.06
N SER K 104 96.13 -76.62 5.95
CA SER K 104 96.48 -76.62 7.37
C SER K 104 97.94 -76.26 7.61
N THR K 105 98.39 -75.21 6.93
CA THR K 105 99.55 -74.47 7.38
C THR K 105 99.05 -73.33 8.23
N GLN K 106 99.27 -73.40 9.53
CA GLN K 106 98.84 -72.33 10.41
C GLN K 106 99.87 -71.22 10.31
N THR K 107 99.43 -70.06 9.85
CA THR K 107 100.34 -69.01 9.39
C THR K 107 100.68 -68.11 10.56
N THR K 108 101.94 -68.11 10.97
CA THR K 108 102.37 -67.20 12.00
C THR K 108 102.33 -65.77 11.48
N VAL K 109 102.29 -64.81 12.39
CA VAL K 109 102.08 -63.43 11.99
C VAL K 109 103.37 -62.89 11.38
N GLY K 110 103.27 -62.43 10.13
CA GLY K 110 104.37 -61.79 9.46
C GLY K 110 105.15 -62.67 8.51
N ASP K 111 105.11 -63.99 8.69
CA ASP K 111 105.91 -64.86 7.84
C ASP K 111 105.34 -64.91 6.44
N ILE K 112 106.22 -64.83 5.45
CA ILE K 112 105.82 -64.80 4.05
C ILE K 112 105.67 -66.21 3.54
N TYR K 113 104.54 -66.52 2.91
CA TYR K 113 104.26 -67.84 2.36
C TYR K 113 104.05 -67.72 0.86
N THR K 114 104.74 -68.56 0.10
CA THR K 114 104.55 -68.60 -1.33
C THR K 114 103.23 -69.28 -1.66
N HIS K 115 102.77 -69.07 -2.88
CA HIS K 115 101.77 -69.94 -3.45
C HIS K 115 101.83 -69.80 -4.96
N PHE K 116 101.23 -70.77 -5.64
CA PHE K 116 101.12 -70.75 -7.09
C PHE K 116 99.67 -70.97 -7.46
N PHE K 117 99.04 -69.94 -8.01
CA PHE K 117 97.66 -70.02 -8.45
C PHE K 117 97.59 -70.63 -9.84
N GLN K 118 96.76 -71.65 -10.00
CA GLN K 118 96.63 -72.30 -11.30
C GLN K 118 96.20 -71.31 -12.37
N GLU K 119 95.63 -70.19 -11.96
CA GLU K 119 95.26 -69.13 -12.86
C GLU K 119 95.95 -67.85 -12.41
N THR K 120 96.70 -67.22 -13.31
CA THR K 120 97.31 -65.92 -13.04
C THR K 120 98.20 -65.90 -11.81
N GLY K 121 99.36 -66.52 -11.90
CA GLY K 121 100.48 -66.04 -11.12
C GLY K 121 100.89 -66.90 -9.94
N THR K 122 102.03 -66.49 -9.39
CA THR K 122 102.57 -67.05 -8.16
C THR K 122 102.91 -65.91 -7.23
N VAL K 123 102.45 -66.00 -5.99
CA VAL K 123 102.48 -64.88 -5.06
C VAL K 123 103.39 -65.22 -3.91
N TYR K 124 103.88 -64.20 -3.23
CA TYR K 124 104.49 -64.35 -1.93
C TYR K 124 103.60 -63.64 -0.92
N LEU K 125 102.87 -64.41 -0.13
CA LEU K 125 101.82 -63.88 0.72
C LEU K 125 102.33 -63.65 2.12
N GLN K 126 102.17 -62.44 2.62
CA GLN K 126 102.52 -62.10 3.99
C GLN K 126 101.29 -62.23 4.86
N ALA K 127 101.35 -63.10 5.86
CA ALA K 127 100.22 -63.31 6.75
C ALA K 127 100.16 -62.17 7.76
N SER K 128 99.07 -61.42 7.75
CA SER K 128 98.91 -60.33 8.70
C SER K 128 98.29 -60.77 10.02
N VAL K 129 97.68 -61.96 10.07
CA VAL K 129 97.14 -62.49 11.31
C VAL K 129 97.11 -64.01 11.18
N GLN K 130 97.18 -64.68 12.33
CA GLN K 130 97.32 -66.13 12.32
C GLN K 130 96.00 -66.81 11.98
N VAL K 131 96.04 -67.66 10.96
CA VAL K 131 94.85 -68.34 10.46
C VAL K 131 95.28 -69.68 9.89
N THR K 132 94.35 -70.62 9.87
CA THR K 132 94.59 -71.95 9.31
C THR K 132 93.90 -72.08 7.96
N ILE K 133 94.54 -72.82 7.06
CA ILE K 133 94.16 -72.85 5.66
C ILE K 133 93.11 -73.91 5.43
N ASP K 134 92.55 -74.45 6.51
CA ASP K 134 91.32 -75.24 6.40
C ASP K 134 91.52 -76.53 5.62
N ALA K 135 92.06 -77.57 6.28
CA ALA K 135 92.44 -78.82 5.62
C ALA K 135 91.33 -79.41 4.77
N GLY K 136 90.09 -78.97 4.95
CA GLY K 136 89.05 -79.33 4.02
C GLY K 136 89.34 -78.97 2.57
N ALA K 137 90.34 -78.12 2.33
CA ALA K 137 90.79 -77.79 0.98
C ALA K 137 92.05 -78.57 0.69
N THR K 138 91.94 -79.59 -0.17
CA THR K 138 93.03 -80.50 -0.46
C THR K 138 93.50 -80.39 -1.90
N ASP K 139 92.64 -80.71 -2.85
CA ASP K 139 92.98 -80.52 -4.25
C ASP K 139 93.40 -79.08 -4.49
N ALA K 140 94.40 -78.89 -5.35
CA ALA K 140 94.92 -77.55 -5.59
C ALA K 140 93.82 -76.58 -5.98
N ALA K 141 92.92 -76.99 -6.86
CA ALA K 141 91.84 -76.11 -7.26
C ALA K 141 90.87 -75.82 -6.11
N LYS K 142 90.86 -76.65 -5.08
CA LYS K 142 90.15 -76.31 -3.86
C LYS K 142 91.00 -75.45 -2.92
N LEU K 143 92.32 -75.48 -3.08
CA LEU K 143 93.17 -74.67 -2.22
C LEU K 143 93.20 -73.22 -2.68
N ASP K 144 93.27 -72.99 -3.99
CA ASP K 144 93.28 -71.63 -4.50
C ASP K 144 92.05 -70.88 -4.04
N ALA K 145 90.89 -71.53 -4.08
CA ALA K 145 89.69 -70.88 -3.58
C ALA K 145 89.75 -70.62 -2.09
N GLU K 146 90.50 -71.44 -1.33
CA GLU K 146 90.60 -71.22 0.10
C GLU K 146 91.60 -70.13 0.45
N ILE K 147 92.59 -69.90 -0.40
CA ILE K 147 93.52 -68.80 -0.15
C ILE K 147 92.91 -67.48 -0.55
N LYS K 148 92.20 -67.44 -1.69
CA LYS K 148 91.56 -66.19 -2.08
C LYS K 148 90.61 -65.70 -1.00
N LYS K 149 89.85 -66.62 -0.40
CA LYS K 149 89.01 -66.21 0.73
C LYS K 149 89.85 -65.57 1.82
N GLN K 150 90.95 -66.22 2.19
CA GLN K 150 91.84 -65.64 3.18
C GLN K 150 92.44 -64.34 2.66
N MET K 151 92.89 -64.35 1.41
CA MET K 151 93.60 -63.18 0.89
C MET K 151 92.66 -62.00 0.74
N GLU K 152 91.37 -62.24 0.50
CA GLU K 152 90.41 -61.15 0.48
C GLU K 152 90.10 -60.66 1.88
N ALA K 153 90.18 -61.52 2.88
CA ALA K 153 89.77 -61.12 4.22
C ALA K 153 90.83 -60.27 4.91
N GLY K 154 91.93 -59.97 4.22
CA GLY K 154 92.99 -59.18 4.79
C GLY K 154 93.93 -59.95 5.68
N ALA K 155 93.57 -61.18 6.05
CA ALA K 155 94.47 -61.99 6.87
C ALA K 155 95.80 -62.18 6.17
N LEU K 156 95.76 -62.71 4.96
CA LEU K 156 96.95 -63.16 4.25
C LEU K 156 97.08 -62.29 3.02
N VAL K 157 98.06 -61.40 3.01
CA VAL K 157 98.15 -60.41 1.96
C VAL K 157 99.43 -60.66 1.18
N GLU K 158 99.65 -59.92 0.10
CA GLU K 158 100.61 -60.27 -0.93
C GLU K 158 101.66 -59.18 -1.05
N ILE K 159 102.95 -59.56 -1.09
CA ILE K 159 104.03 -58.59 -1.10
C ILE K 159 105.13 -59.00 -2.08
N ALA K 160 106.02 -58.05 -2.33
CA ALA K 160 107.31 -58.27 -2.97
C ALA K 160 108.32 -57.38 -2.28
N GLU K 161 109.41 -57.93 -1.78
CA GLU K 161 110.37 -57.03 -1.15
C GLU K 161 111.77 -57.24 -1.68
N GLY K 162 112.73 -56.56 -1.08
CA GLY K 162 114.09 -56.54 -1.55
C GLY K 162 114.91 -57.67 -0.96
N MET K 163 116.20 -57.40 -0.82
CA MET K 163 117.12 -58.30 -0.15
C MET K 163 118.03 -57.44 0.69
N ALA K 164 118.06 -57.65 2.00
CA ALA K 164 118.85 -56.79 2.85
C ALA K 164 120.31 -56.78 2.39
N THR K 165 120.86 -55.58 2.16
CA THR K 165 122.24 -55.51 1.68
C THR K 165 123.20 -56.24 2.59
N SER K 166 122.85 -56.47 3.85
CA SER K 166 123.66 -57.35 4.67
C SER K 166 123.71 -58.74 4.08
N ILE K 167 122.58 -59.22 3.56
CA ILE K 167 122.53 -60.53 2.93
C ILE K 167 123.04 -60.47 1.51
N ALA K 168 122.60 -59.50 0.72
CA ALA K 168 122.91 -59.53 -0.70
C ALA K 168 124.38 -59.34 -0.95
N GLU K 169 125.03 -58.55 -0.10
CA GLU K 169 126.45 -58.29 -0.27
C GLU K 169 127.24 -59.56 -0.30
N LEU K 170 127.13 -60.37 0.74
CA LEU K 170 127.75 -61.67 0.77
C LEU K 170 126.74 -62.69 0.28
N GLN K 171 126.91 -63.17 -0.93
CA GLN K 171 125.91 -64.05 -1.51
C GLN K 171 126.64 -65.14 -2.27
N GLU K 172 126.31 -66.39 -1.95
CA GLU K 172 126.99 -67.55 -2.48
C GLU K 172 128.46 -67.54 -2.06
N GLY K 173 128.65 -67.76 -0.76
CA GLY K 173 129.96 -68.03 -0.23
C GLY K 173 130.95 -66.88 -0.30
N PHE K 174 130.58 -65.74 0.25
CA PHE K 174 131.52 -64.65 0.47
C PHE K 174 131.63 -64.42 1.96
N ASN K 175 132.82 -64.09 2.42
CA ASN K 175 133.04 -63.80 3.84
C ASN K 175 132.60 -64.97 4.70
N GLY K 176 132.90 -66.18 4.24
CA GLY K 176 132.61 -67.37 5.01
C GLY K 176 131.18 -67.85 4.97
N SER K 177 130.26 -67.05 4.45
CA SER K 177 128.87 -67.47 4.41
C SER K 177 128.71 -68.69 3.53
N THR K 178 127.58 -69.39 3.68
CA THR K 178 127.31 -70.56 2.87
C THR K 178 125.80 -70.77 2.75
N ASP K 179 125.43 -71.77 1.96
CA ASP K 179 124.06 -72.23 1.75
C ASP K 179 123.17 -71.26 1.01
N ASN K 180 123.67 -70.12 0.56
CA ASN K 180 122.84 -69.07 0.00
C ASN K 180 123.18 -68.83 -1.47
N PRO K 181 122.59 -69.59 -2.39
CA PRO K 181 122.85 -69.36 -3.81
C PRO K 181 122.12 -68.14 -4.31
N TRP K 182 122.58 -67.63 -5.46
CA TRP K 182 121.78 -66.75 -6.28
C TRP K 182 120.74 -67.56 -7.03
N ASN K 183 119.72 -66.88 -7.52
CA ASN K 183 118.73 -67.52 -8.37
C ASN K 183 119.01 -67.23 -9.82
N GLU K 184 118.71 -68.20 -10.69
CA GLU K 184 119.14 -68.19 -12.07
C GLU K 184 117.94 -68.31 -12.99
N MET K 185 118.15 -68.01 -14.27
CA MET K 185 117.11 -68.16 -15.28
C MET K 185 117.71 -68.73 -16.56
N GLY K 186 117.09 -69.78 -17.11
CA GLY K 186 117.53 -70.37 -18.35
C GLY K 186 116.58 -70.09 -19.50
N PHE K 187 116.82 -70.77 -20.62
CA PHE K 187 115.84 -70.81 -21.69
C PHE K 187 115.82 -72.21 -22.28
N ARG K 188 114.80 -72.50 -23.10
CA ARG K 188 114.45 -73.90 -23.34
C ARG K 188 114.54 -74.32 -24.81
N ILE K 189 113.77 -73.73 -25.72
CA ILE K 189 113.83 -74.02 -27.16
C ILE K 189 113.38 -75.43 -27.53
N ASP K 190 112.07 -75.64 -27.56
CA ASP K 190 111.43 -76.86 -28.07
C ASP K 190 110.91 -76.63 -29.49
N LYS K 191 110.87 -77.70 -30.29
CA LYS K 191 110.43 -77.60 -31.67
C LYS K 191 109.14 -78.36 -31.87
N GLN K 192 108.36 -77.95 -32.86
CA GLN K 192 107.18 -78.67 -33.30
C GLN K 192 107.31 -79.04 -34.77
N VAL K 193 106.43 -79.94 -35.21
CA VAL K 193 106.52 -80.52 -36.54
C VAL K 193 105.11 -80.74 -37.09
N ILE K 194 104.88 -80.39 -38.36
CA ILE K 194 103.61 -80.69 -38.99
C ILE K 194 103.89 -81.43 -40.29
N GLU K 195 102.89 -82.16 -40.77
CA GLU K 195 102.99 -83.02 -41.94
C GLU K 195 101.96 -82.58 -42.97
N ALA K 196 102.18 -82.92 -44.22
CA ALA K 196 101.24 -82.58 -45.27
C ALA K 196 100.47 -83.82 -45.68
N LYS K 197 99.22 -83.90 -45.27
CA LYS K 197 98.32 -84.96 -45.69
C LYS K 197 97.76 -84.66 -47.07
N SER K 198 97.28 -85.71 -47.74
CA SER K 198 96.76 -85.60 -49.09
C SER K 198 95.25 -85.68 -49.11
N ARG K 199 94.68 -85.61 -50.31
CA ARG K 199 93.24 -85.54 -50.52
C ARG K 199 92.93 -85.54 -52.02
N GLN K 200 91.76 -86.04 -52.44
CA GLN K 200 91.62 -86.36 -53.86
C GLN K 200 90.26 -86.96 -54.18
N LEU K 201 89.86 -86.85 -55.47
CA LEU K 201 88.60 -87.39 -56.00
C LEU K 201 88.79 -87.79 -57.45
N LYS K 202 87.70 -88.23 -58.08
CA LYS K 202 87.69 -88.97 -59.34
C LYS K 202 86.40 -88.64 -60.07
N ALA K 203 86.32 -88.96 -61.36
CA ALA K 203 85.01 -88.81 -62.01
C ALA K 203 84.60 -89.99 -62.89
N ALA K 204 85.31 -90.18 -64.00
CA ALA K 204 85.10 -91.30 -64.92
C ALA K 204 83.71 -91.28 -65.56
N TYR K 205 83.50 -90.27 -66.39
CA TYR K 205 82.25 -90.13 -67.14
C TYR K 205 82.33 -90.89 -68.44
N SER K 206 81.20 -91.45 -68.86
CA SER K 206 81.18 -92.24 -70.07
C SER K 206 81.42 -91.39 -71.31
N ILE K 207 81.83 -92.04 -72.39
CA ILE K 207 81.92 -91.34 -73.67
C ILE K 207 80.56 -91.31 -74.37
N GLU K 208 79.74 -92.34 -74.18
CA GLU K 208 78.42 -92.37 -74.81
C GLU K 208 77.47 -91.38 -74.17
N LEU K 209 77.79 -90.93 -72.96
CA LEU K 209 77.03 -89.84 -72.33
C LEU K 209 77.41 -88.50 -72.93
N THR K 210 78.70 -88.20 -73.00
CA THR K 210 79.11 -86.92 -73.51
C THR K 210 78.65 -86.69 -74.93
N GLN K 211 78.33 -87.75 -75.67
CA GLN K 211 77.79 -87.58 -77.02
C GLN K 211 76.35 -87.11 -76.97
N ASP K 212 75.49 -87.82 -76.25
CA ASP K 212 74.06 -87.51 -76.32
C ASP K 212 73.67 -86.36 -75.40
N LEU K 213 74.19 -86.35 -74.17
CA LEU K 213 73.93 -85.23 -73.27
C LEU K 213 74.28 -83.90 -73.92
N ARG K 214 75.45 -83.82 -74.55
CA ARG K 214 75.80 -82.59 -75.25
C ARG K 214 74.87 -82.32 -76.42
N ALA K 215 74.25 -83.36 -76.96
CA ALA K 215 73.29 -83.16 -78.04
C ALA K 215 71.94 -82.70 -77.50
N VAL K 216 71.40 -83.35 -76.48
CA VAL K 216 70.06 -83.01 -76.04
C VAL K 216 70.05 -81.76 -75.15
N HIS K 217 70.89 -81.73 -74.11
CA HIS K 217 70.88 -80.61 -73.17
C HIS K 217 71.85 -79.50 -73.53
N GLY K 218 72.79 -79.74 -74.43
CA GLY K 218 73.79 -78.74 -74.71
C GLY K 218 74.78 -78.49 -73.60
N MET K 219 74.78 -79.27 -72.53
CA MET K 219 75.79 -79.08 -71.49
C MET K 219 77.15 -79.54 -71.99
N ASP K 220 78.15 -79.42 -71.13
CA ASP K 220 79.46 -79.94 -71.49
C ASP K 220 79.60 -81.42 -71.17
N ALA K 221 78.95 -81.88 -70.10
CA ALA K 221 79.00 -83.26 -69.60
C ALA K 221 80.35 -83.61 -68.97
N ASP K 222 81.35 -82.78 -69.24
CA ASP K 222 82.66 -82.91 -68.60
C ASP K 222 82.83 -81.83 -67.53
N ALA K 223 82.88 -80.57 -67.96
CA ALA K 223 83.08 -79.47 -67.04
C ALA K 223 82.01 -79.41 -65.97
N GLU K 224 80.94 -80.18 -66.10
CA GLU K 224 80.03 -80.33 -64.97
C GLU K 224 80.66 -81.17 -63.87
N LEU K 225 81.40 -82.23 -64.24
CA LEU K 225 82.11 -83.00 -63.23
C LEU K 225 83.30 -82.23 -62.69
N SER K 226 84.20 -81.80 -63.58
CA SER K 226 85.35 -81.05 -63.12
C SER K 226 84.97 -79.82 -62.32
N GLY K 227 83.72 -79.39 -62.43
CA GLY K 227 83.25 -78.25 -61.66
C GLY K 227 82.73 -78.65 -60.30
N ILE K 228 82.27 -79.89 -60.14
CA ILE K 228 81.91 -80.38 -58.82
C ILE K 228 83.01 -81.19 -58.14
N LEU K 229 84.07 -81.56 -58.85
CA LEU K 229 85.18 -82.14 -58.12
C LEU K 229 86.07 -81.04 -57.56
N ALA K 230 86.38 -80.04 -58.37
CA ALA K 230 87.26 -78.98 -57.90
C ALA K 230 86.62 -78.20 -56.77
N THR K 231 85.31 -77.99 -56.83
CA THR K 231 84.63 -77.31 -55.74
C THR K 231 84.59 -78.18 -54.50
N GLU K 232 84.18 -79.44 -54.64
CA GLU K 232 83.98 -80.28 -53.47
C GLU K 232 85.27 -80.51 -52.71
N ILE K 233 86.43 -80.36 -53.34
CA ILE K 233 87.66 -80.43 -52.57
C ILE K 233 87.93 -79.09 -51.89
N MET K 234 87.51 -77.99 -52.49
CA MET K 234 87.71 -76.69 -51.86
C MET K 234 86.59 -76.32 -50.92
N LEU K 235 85.49 -77.07 -50.91
CA LEU K 235 84.52 -76.94 -49.83
C LEU K 235 84.95 -77.75 -48.62
N GLU K 236 85.40 -78.98 -48.83
CA GLU K 236 85.77 -79.82 -47.71
C GLU K 236 87.01 -79.31 -47.03
N ILE K 237 88.02 -78.88 -47.80
CA ILE K 237 89.18 -78.24 -47.18
C ILE K 237 88.76 -77.05 -46.35
N ASN K 238 87.73 -76.34 -46.79
CA ASN K 238 87.28 -75.19 -46.02
C ASN K 238 86.39 -75.59 -44.86
N ARG K 239 85.49 -76.55 -45.05
CA ARG K 239 84.77 -77.04 -43.88
C ARG K 239 85.68 -77.80 -42.95
N GLU K 240 86.90 -78.10 -43.36
CA GLU K 240 87.81 -78.79 -42.45
C GLU K 240 88.27 -77.87 -41.34
N VAL K 241 88.85 -76.72 -41.68
CA VAL K 241 89.47 -75.89 -40.65
C VAL K 241 88.42 -75.32 -39.71
N VAL K 242 87.31 -74.82 -40.25
CA VAL K 242 86.24 -74.36 -39.38
C VAL K 242 85.75 -75.48 -38.49
N ASP K 243 86.01 -76.73 -38.86
CA ASP K 243 85.79 -77.85 -37.96
C ASP K 243 87.02 -78.18 -37.13
N TRP K 244 88.18 -77.62 -37.46
CA TRP K 244 89.28 -77.67 -36.50
C TRP K 244 89.20 -76.54 -35.49
N ILE K 245 88.86 -75.33 -35.94
CA ILE K 245 88.75 -74.21 -35.01
C ILE K 245 87.74 -74.52 -33.92
N ASN K 246 86.54 -74.94 -34.30
CA ASN K 246 85.56 -75.32 -33.29
C ASN K 246 85.96 -76.58 -32.54
N TYR K 247 86.81 -77.41 -33.14
CA TYR K 247 87.38 -78.55 -32.43
C TYR K 247 88.44 -78.11 -31.45
N SER K 248 89.28 -77.17 -31.87
CA SER K 248 90.45 -76.77 -31.11
C SER K 248 90.17 -75.62 -30.17
N ALA K 249 88.93 -75.19 -30.04
CA ALA K 249 88.60 -74.01 -29.25
C ALA K 249 88.30 -74.37 -27.81
N GLN K 250 88.80 -73.56 -26.89
CA GLN K 250 88.53 -73.76 -25.48
C GLN K 250 87.04 -73.58 -25.19
N VAL K 251 86.62 -74.12 -24.06
CA VAL K 251 85.27 -73.84 -23.58
C VAL K 251 85.26 -72.48 -22.93
N GLY K 252 84.48 -71.57 -23.50
CA GLY K 252 84.42 -70.22 -23.00
C GLY K 252 83.46 -70.09 -21.85
N LYS K 253 83.36 -68.87 -21.34
CA LYS K 253 82.58 -68.60 -20.14
C LYS K 253 82.96 -69.60 -19.06
N SER K 254 84.27 -69.81 -18.92
CA SER K 254 84.82 -70.71 -17.94
C SER K 254 86.06 -70.07 -17.34
N GLY K 255 86.56 -70.65 -16.28
CA GLY K 255 87.76 -70.12 -15.69
C GLY K 255 87.49 -68.74 -15.12
N MET K 256 88.27 -67.77 -15.55
CA MET K 256 88.13 -66.43 -14.99
C MET K 256 86.93 -65.68 -15.56
N THR K 257 86.36 -66.13 -16.68
CA THR K 257 85.25 -65.41 -17.29
C THR K 257 83.89 -65.75 -16.69
N LEU K 258 83.82 -66.70 -15.76
CA LEU K 258 82.55 -67.00 -15.12
C LEU K 258 82.02 -65.84 -14.32
N THR K 259 80.73 -65.64 -14.36
CA THR K 259 80.07 -64.99 -13.26
C THR K 259 79.82 -66.06 -12.21
N PRO K 260 80.26 -65.87 -10.97
CA PRO K 260 80.37 -67.00 -10.04
C PRO K 260 79.16 -67.91 -9.94
N GLY K 261 77.99 -67.45 -10.34
CA GLY K 261 76.84 -68.34 -10.39
C GLY K 261 76.46 -68.83 -11.77
N SER K 262 77.36 -68.72 -12.73
CA SER K 262 77.02 -69.06 -14.11
C SER K 262 77.15 -70.57 -14.32
N LYS K 263 76.87 -70.99 -15.56
CA LYS K 263 76.77 -72.39 -15.90
C LYS K 263 78.02 -72.97 -16.53
N ALA K 264 79.11 -72.20 -16.63
CA ALA K 264 80.43 -72.73 -16.99
C ALA K 264 80.42 -73.39 -18.36
N GLY K 265 80.36 -72.55 -19.38
CA GLY K 265 80.45 -73.00 -20.75
C GLY K 265 79.19 -72.83 -21.57
N VAL K 266 78.07 -72.45 -20.98
CA VAL K 266 76.87 -72.10 -21.73
C VAL K 266 76.32 -70.77 -21.22
N PHE K 267 76.13 -69.84 -22.14
CA PHE K 267 75.49 -68.57 -21.84
C PHE K 267 74.06 -68.67 -22.31
N ASP K 268 73.12 -68.79 -21.38
CA ASP K 268 71.72 -68.96 -21.73
C ASP K 268 70.90 -67.82 -21.18
N PHE K 269 70.01 -67.30 -22.00
CA PHE K 269 69.34 -66.05 -21.70
C PHE K 269 68.37 -66.15 -20.54
N GLN K 270 68.16 -67.33 -19.98
CA GLN K 270 67.19 -67.50 -18.91
C GLN K 270 67.81 -67.52 -17.52
N ASP K 271 69.13 -67.31 -17.38
CA ASP K 271 69.72 -67.15 -16.06
C ASP K 271 69.82 -65.67 -15.70
N PRO K 272 69.11 -65.21 -14.67
CA PRO K 272 69.28 -63.81 -14.25
C PRO K 272 70.71 -63.48 -13.84
N ILE K 273 71.53 -64.49 -13.59
CA ILE K 273 72.96 -64.25 -13.33
C ILE K 273 73.71 -64.04 -14.63
N ASP K 274 73.36 -64.81 -15.66
CA ASP K 274 74.08 -64.73 -16.92
C ASP K 274 73.79 -63.45 -17.65
N ILE K 275 72.53 -63.05 -17.72
CA ILE K 275 72.16 -61.83 -18.43
C ILE K 275 72.22 -60.65 -17.47
N ARG K 276 72.72 -60.87 -16.26
CA ARG K 276 72.90 -59.82 -15.27
C ARG K 276 71.57 -59.23 -14.83
N GLY K 277 70.63 -60.10 -14.46
CA GLY K 277 69.34 -59.58 -14.06
C GLY K 277 68.63 -58.80 -15.14
N ALA K 278 69.06 -58.95 -16.39
CA ALA K 278 68.43 -58.23 -17.48
C ALA K 278 67.00 -58.69 -17.69
N ARG K 279 66.26 -57.88 -18.41
CA ARG K 279 64.82 -58.02 -18.57
C ARG K 279 64.43 -57.59 -19.96
N TRP K 280 63.45 -58.28 -20.52
CA TRP K 280 63.11 -58.29 -21.94
C TRP K 280 64.33 -58.48 -22.81
N ALA K 281 64.43 -57.76 -23.91
CA ALA K 281 65.42 -58.10 -24.91
C ALA K 281 66.60 -57.14 -24.91
N GLY K 282 66.37 -55.87 -25.21
CA GLY K 282 67.45 -54.90 -25.26
C GLY K 282 68.33 -54.92 -24.04
N GLU K 283 67.79 -55.34 -22.90
CA GLU K 283 68.67 -55.59 -21.77
C GLU K 283 69.36 -56.95 -21.88
N SER K 284 68.66 -57.94 -22.43
CA SER K 284 69.17 -59.30 -22.39
C SER K 284 70.20 -59.58 -23.48
N PHE K 285 70.03 -58.99 -24.64
CA PHE K 285 71.00 -59.21 -25.71
C PHE K 285 72.27 -58.42 -25.47
N LYS K 286 72.16 -57.20 -24.96
CA LYS K 286 73.36 -56.48 -24.57
C LYS K 286 74.16 -57.26 -23.54
N ALA K 287 73.50 -58.01 -22.67
CA ALA K 287 74.22 -58.82 -21.71
C ALA K 287 74.87 -60.02 -22.35
N LEU K 288 74.60 -60.29 -23.63
CA LEU K 288 75.48 -61.18 -24.38
C LEU K 288 76.72 -60.44 -24.84
N LEU K 289 76.55 -59.21 -25.33
CA LEU K 289 77.69 -58.45 -25.82
C LEU K 289 78.70 -58.18 -24.71
N PHE K 290 78.27 -58.26 -23.45
CA PHE K 290 79.24 -58.20 -22.37
C PHE K 290 79.93 -59.53 -22.18
N GLN K 291 79.27 -60.63 -22.50
CA GLN K 291 79.93 -61.92 -22.44
C GLN K 291 80.89 -62.11 -23.59
N ILE K 292 80.62 -61.46 -24.72
CA ILE K 292 81.49 -61.61 -25.88
C ILE K 292 82.69 -60.68 -25.81
N ASP K 293 82.64 -59.61 -25.01
CA ASP K 293 83.85 -58.86 -24.69
C ASP K 293 84.68 -59.61 -23.67
N LYS K 294 84.04 -60.05 -22.59
CA LYS K 294 84.75 -60.63 -21.46
C LYS K 294 85.65 -61.76 -21.91
N GLU K 295 85.30 -62.45 -22.99
CA GLU K 295 86.20 -63.45 -23.53
C GLU K 295 87.24 -62.85 -24.48
N ALA K 296 86.82 -61.96 -25.37
CA ALA K 296 87.80 -61.33 -26.25
C ALA K 296 88.91 -60.65 -25.47
N VAL K 297 88.65 -60.26 -24.22
CA VAL K 297 89.70 -59.81 -23.33
C VAL K 297 90.49 -60.99 -22.80
N GLU K 298 89.84 -62.13 -22.60
CA GLU K 298 90.48 -63.23 -21.92
C GLU K 298 91.35 -64.03 -22.86
N ILE K 299 91.17 -63.88 -24.17
CA ILE K 299 92.15 -64.40 -25.11
C ILE K 299 93.43 -63.58 -25.06
N ALA K 300 93.33 -62.29 -24.76
CA ALA K 300 94.55 -61.51 -24.59
C ALA K 300 95.30 -61.92 -23.34
N ARG K 301 94.64 -62.58 -22.41
CA ARG K 301 95.30 -63.06 -21.21
C ARG K 301 96.03 -64.36 -21.46
N GLN K 302 95.41 -65.29 -22.18
CA GLN K 302 96.06 -66.57 -22.40
C GLN K 302 97.08 -66.52 -23.53
N THR K 303 96.76 -65.86 -24.62
CA THR K 303 97.72 -65.80 -25.71
C THR K 303 98.86 -64.86 -25.39
N GLY K 304 98.57 -63.79 -24.66
CA GLY K 304 99.55 -62.73 -24.60
C GLY K 304 99.81 -62.10 -25.93
N ARG K 305 98.90 -62.25 -26.88
CA ARG K 305 99.02 -61.62 -28.19
C ARG K 305 98.07 -60.44 -28.33
N GLY K 306 96.77 -60.66 -28.26
CA GLY K 306 95.86 -59.54 -28.39
C GLY K 306 94.45 -59.89 -27.98
N GLU K 307 93.63 -58.85 -27.90
CA GLU K 307 92.22 -59.00 -27.62
C GLU K 307 91.55 -59.79 -28.75
N GLY K 308 90.47 -60.49 -28.42
CA GLY K 308 89.83 -61.35 -29.41
C GLY K 308 89.38 -60.61 -30.65
N ASN K 309 89.91 -61.02 -31.79
CA ASN K 309 89.82 -60.22 -33.01
C ASN K 309 88.67 -60.61 -33.93
N PHE K 310 88.02 -61.75 -33.72
CA PHE K 310 86.94 -62.15 -34.60
C PHE K 310 86.04 -63.08 -33.81
N ILE K 311 84.85 -63.32 -34.33
CA ILE K 311 84.04 -64.41 -33.83
C ILE K 311 83.47 -65.15 -35.03
N ILE K 312 83.13 -66.41 -34.84
CA ILE K 312 82.28 -67.14 -35.76
C ILE K 312 81.13 -67.69 -34.94
N ALA K 313 80.00 -67.95 -35.59
CA ALA K 313 78.80 -68.17 -34.81
C ALA K 313 77.66 -68.63 -35.71
N SER K 314 76.64 -69.20 -35.08
CA SER K 314 75.51 -69.73 -35.82
C SER K 314 74.65 -68.59 -36.35
N ARG K 315 73.83 -68.90 -37.36
CA ARG K 315 72.93 -67.89 -37.89
C ARG K 315 72.07 -67.28 -36.79
N ASN K 316 71.85 -68.01 -35.72
CA ASN K 316 70.84 -67.62 -34.74
C ASN K 316 71.40 -66.59 -33.77
N VAL K 317 72.68 -66.67 -33.44
CA VAL K 317 73.29 -65.67 -32.57
C VAL K 317 73.88 -64.58 -33.43
N VAL K 318 73.63 -64.62 -34.72
CA VAL K 318 73.92 -63.44 -35.52
C VAL K 318 72.70 -62.54 -35.59
N ASN K 319 71.52 -63.03 -35.21
CA ASN K 319 70.41 -62.11 -34.98
C ASN K 319 70.57 -61.40 -33.65
N VAL K 320 70.85 -62.15 -32.59
CA VAL K 320 71.11 -61.54 -31.30
C VAL K 320 72.18 -60.47 -31.39
N LEU K 321 73.08 -60.59 -32.34
CA LEU K 321 74.02 -59.52 -32.60
C LEU K 321 73.43 -58.43 -33.48
N ALA K 322 72.64 -58.81 -34.48
CA ALA K 322 72.14 -57.83 -35.44
C ALA K 322 70.98 -57.03 -34.92
N SER K 323 70.27 -57.53 -33.91
CA SER K 323 69.01 -56.94 -33.48
C SER K 323 69.16 -55.94 -32.35
N VAL K 324 70.37 -55.57 -31.97
CA VAL K 324 70.58 -54.74 -30.79
C VAL K 324 71.34 -53.49 -31.21
N ASP K 325 71.34 -52.50 -30.32
CA ASP K 325 72.22 -51.36 -30.46
C ASP K 325 73.51 -51.73 -29.76
N THR K 326 74.58 -51.91 -30.53
CA THR K 326 75.78 -52.51 -29.97
C THR K 326 76.67 -51.50 -29.26
N GLY K 327 76.43 -50.21 -29.45
CA GLY K 327 77.25 -49.21 -28.77
C GLY K 327 76.83 -49.12 -27.32
N ILE K 328 77.14 -48.04 -26.64
CA ILE K 328 76.72 -47.86 -25.26
C ILE K 328 75.48 -46.99 -25.35
N SER K 329 74.30 -47.62 -25.39
CA SER K 329 73.05 -46.86 -25.33
C SER K 329 71.94 -47.71 -24.75
N TYR K 330 71.36 -47.27 -23.64
CA TYR K 330 70.06 -47.72 -23.11
C TYR K 330 69.75 -49.18 -23.42
N ALA K 331 68.53 -49.47 -23.86
CA ALA K 331 68.17 -50.82 -24.24
C ALA K 331 67.32 -50.73 -25.49
N ALA K 332 67.68 -51.47 -26.52
CA ALA K 332 66.97 -51.36 -27.79
C ALA K 332 66.94 -52.71 -28.48
N GLN K 333 65.96 -52.87 -29.36
CA GLN K 333 65.78 -54.08 -30.14
C GLN K 333 65.16 -53.67 -31.47
N GLY K 334 64.88 -54.65 -32.31
CA GLY K 334 64.23 -54.37 -33.58
C GLY K 334 64.53 -55.46 -34.58
N LEU K 335 64.44 -55.10 -35.85
CA LEU K 335 64.77 -56.03 -36.90
C LEU K 335 66.28 -56.11 -37.10
N ALA K 336 66.75 -57.29 -37.50
CA ALA K 336 68.16 -57.44 -37.81
C ALA K 336 68.58 -56.44 -38.87
N THR K 337 69.60 -55.65 -38.57
CA THR K 337 69.95 -54.50 -39.39
C THR K 337 71.36 -54.60 -39.97
N GLY K 338 72.38 -54.44 -39.15
CA GLY K 338 73.72 -54.24 -39.68
C GLY K 338 74.44 -55.44 -40.20
N PHE K 339 73.88 -56.65 -40.12
CA PHE K 339 74.59 -57.85 -40.51
C PHE K 339 73.88 -58.55 -41.65
N SER K 340 74.61 -59.44 -42.31
CA SER K 340 73.99 -60.38 -43.24
C SER K 340 73.67 -61.62 -42.44
N THR K 341 72.41 -61.76 -42.08
CA THR K 341 72.01 -62.86 -41.22
C THR K 341 71.84 -64.15 -42.01
N ASP K 342 71.47 -64.04 -43.28
CA ASP K 342 71.37 -65.20 -44.16
C ASP K 342 72.74 -65.56 -44.69
N THR K 343 72.91 -66.83 -45.05
CA THR K 343 74.08 -67.24 -45.81
C THR K 343 73.61 -67.69 -47.18
N THR K 344 73.68 -66.79 -48.14
CA THR K 344 73.78 -67.12 -49.55
C THR K 344 74.78 -66.17 -50.16
N LYS K 345 74.44 -64.88 -50.10
CA LYS K 345 75.32 -63.83 -50.57
C LYS K 345 76.73 -64.01 -50.02
N SER K 346 76.85 -64.11 -48.69
CA SER K 346 78.16 -64.24 -48.08
C SER K 346 78.02 -64.89 -46.72
N VAL K 347 79.11 -65.50 -46.27
CA VAL K 347 79.19 -65.97 -44.89
C VAL K 347 79.55 -64.83 -43.95
N PHE K 348 80.58 -64.07 -44.29
CA PHE K 348 81.01 -62.96 -43.44
C PHE K 348 79.86 -62.01 -43.21
N ALA K 349 79.51 -61.77 -41.96
CA ALA K 349 78.40 -60.88 -41.63
C ALA K 349 78.93 -59.74 -40.77
N GLY K 350 79.04 -58.55 -41.36
CA GLY K 350 79.29 -57.34 -40.63
C GLY K 350 80.50 -57.33 -39.73
N VAL K 351 80.53 -56.38 -38.80
CA VAL K 351 81.47 -56.34 -37.70
C VAL K 351 80.72 -55.83 -36.48
N LEU K 352 81.24 -56.12 -35.29
CA LEU K 352 80.72 -55.56 -34.06
C LEU K 352 81.56 -54.36 -33.65
N GLY K 353 80.94 -53.18 -33.66
CA GLY K 353 81.59 -51.98 -33.13
C GLY K 353 82.97 -51.74 -33.68
N GLY K 354 83.16 -51.99 -34.98
CA GLY K 354 84.47 -51.85 -35.57
C GLY K 354 85.53 -52.72 -34.94
N LYS K 355 85.13 -53.77 -34.22
CA LYS K 355 86.09 -54.62 -33.51
C LYS K 355 86.02 -56.06 -33.98
N TYR K 356 84.92 -56.77 -33.74
CA TYR K 356 84.84 -58.20 -34.02
C TYR K 356 84.32 -58.45 -35.42
N ARG K 357 85.07 -59.19 -36.22
CA ARG K 357 84.53 -59.68 -37.48
C ARG K 357 83.66 -60.89 -37.20
N VAL K 358 82.37 -60.82 -37.51
CA VAL K 358 81.44 -61.88 -37.13
C VAL K 358 81.21 -62.75 -38.35
N TYR K 359 81.77 -63.94 -38.35
CA TYR K 359 81.52 -64.90 -39.41
C TYR K 359 80.40 -65.82 -38.99
N ILE K 360 79.57 -66.18 -39.91
CA ILE K 360 78.53 -67.17 -39.65
C ILE K 360 79.15 -68.54 -39.86
N ASP K 361 78.77 -69.50 -39.05
CA ASP K 361 79.07 -70.89 -39.35
C ASP K 361 77.77 -71.45 -39.91
N GLN K 362 77.73 -71.63 -41.22
CA GLN K 362 76.45 -71.85 -41.85
C GLN K 362 75.94 -73.25 -41.57
N TYR K 363 76.83 -74.20 -41.33
CA TYR K 363 76.46 -75.54 -40.89
C TYR K 363 76.75 -75.57 -39.40
N ALA K 364 75.70 -75.48 -38.59
CA ALA K 364 75.86 -75.23 -37.16
C ALA K 364 74.98 -76.20 -36.41
N LYS K 365 75.59 -77.04 -35.60
CA LYS K 365 74.85 -78.16 -35.06
C LYS K 365 73.87 -77.70 -34.00
N GLN K 366 74.34 -76.95 -33.03
CA GLN K 366 73.41 -76.45 -32.01
C GLN K 366 73.33 -74.94 -32.08
N ASP K 367 74.30 -74.29 -31.46
CA ASP K 367 74.42 -72.84 -31.49
C ASP K 367 75.61 -72.47 -30.64
N TYR K 368 76.22 -71.33 -30.92
CA TYR K 368 77.45 -70.94 -30.23
C TYR K 368 78.04 -69.68 -30.84
N PHE K 369 79.05 -69.12 -30.20
CA PHE K 369 79.89 -68.15 -30.85
C PHE K 369 81.31 -68.41 -30.42
N THR K 370 82.22 -68.48 -31.35
CA THR K 370 83.61 -68.76 -31.03
C THR K 370 84.41 -67.49 -31.25
N VAL K 371 84.78 -66.82 -30.16
CA VAL K 371 85.56 -65.60 -30.24
C VAL K 371 87.01 -66.00 -30.39
N GLY K 372 87.64 -65.61 -31.50
CA GLY K 372 88.95 -66.06 -31.83
C GLY K 372 90.01 -64.99 -31.70
N TYR K 373 91.16 -65.24 -32.32
CA TYR K 373 92.18 -64.23 -32.48
C TYR K 373 92.87 -64.45 -33.81
N LYS K 374 93.10 -63.38 -34.54
CA LYS K 374 93.97 -63.41 -35.71
C LYS K 374 94.86 -62.17 -35.68
N GLY K 375 96.15 -62.37 -35.56
CA GLY K 375 97.07 -61.26 -35.50
C GLY K 375 97.33 -60.69 -36.87
N PRO K 376 98.22 -59.71 -36.93
CA PRO K 376 98.62 -59.18 -38.24
C PRO K 376 99.37 -60.19 -39.08
N ASN K 377 100.31 -60.93 -38.49
CA ASN K 377 101.05 -61.94 -39.23
C ASN K 377 100.12 -63.06 -39.66
N GLU K 378 100.56 -63.81 -40.66
CA GLU K 378 99.99 -65.14 -40.83
C GLU K 378 100.68 -66.15 -39.92
N MET K 379 101.74 -65.74 -39.23
CA MET K 379 102.39 -66.59 -38.25
C MET K 379 101.58 -66.69 -36.96
N ASP K 380 100.86 -65.63 -36.61
CA ASP K 380 100.15 -65.56 -35.35
C ASP K 380 98.68 -65.82 -35.64
N ALA K 381 98.24 -67.02 -35.34
CA ALA K 381 96.93 -67.47 -35.80
C ALA K 381 96.14 -68.18 -34.72
N GLY K 382 96.68 -69.31 -34.28
CA GLY K 382 95.98 -70.28 -33.48
C GLY K 382 95.66 -71.55 -34.22
N ILE K 383 95.66 -71.51 -35.55
CA ILE K 383 95.73 -72.72 -36.35
C ILE K 383 96.28 -72.30 -37.71
N TYR K 384 96.92 -73.23 -38.39
CA TYR K 384 97.54 -72.93 -39.66
C TYR K 384 96.98 -73.84 -40.73
N TYR K 385 96.51 -73.28 -41.82
CA TYR K 385 96.23 -74.07 -43.01
C TYR K 385 97.39 -73.84 -43.96
N ALA K 386 98.26 -74.83 -44.09
CA ALA K 386 99.44 -74.65 -44.93
C ALA K 386 99.26 -75.45 -46.21
N PRO K 387 98.93 -74.83 -47.33
CA PRO K 387 98.76 -75.59 -48.57
C PRO K 387 100.08 -75.98 -49.18
N TYR K 388 100.14 -77.19 -49.72
CA TYR K 388 101.37 -77.73 -50.28
C TYR K 388 101.29 -77.79 -51.80
N VAL K 389 100.46 -78.66 -52.35
CA VAL K 389 100.12 -78.63 -53.77
C VAL K 389 98.60 -78.52 -53.88
N ALA K 390 98.14 -77.81 -54.91
CA ALA K 390 96.73 -77.46 -55.00
C ALA K 390 96.13 -78.00 -56.29
N LEU K 391 95.24 -78.99 -56.14
CA LEU K 391 94.34 -79.44 -57.20
C LEU K 391 95.07 -79.68 -58.52
N THR K 392 96.08 -80.52 -58.48
CA THR K 392 96.68 -80.87 -59.75
C THR K 392 95.73 -81.77 -60.52
N PRO K 393 95.14 -81.31 -61.62
CA PRO K 393 94.17 -82.13 -62.32
C PRO K 393 94.84 -83.23 -63.08
N LEU K 394 94.23 -84.41 -63.07
CA LEU K 394 94.77 -85.58 -63.71
C LEU K 394 93.75 -86.15 -64.68
N ARG K 395 94.22 -86.69 -65.80
CA ARG K 395 93.34 -87.26 -66.80
C ARG K 395 93.84 -88.64 -67.15
N GLY K 396 93.14 -89.29 -68.08
CA GLY K 396 93.56 -90.57 -68.58
C GLY K 396 92.37 -91.36 -69.07
N SER K 397 92.61 -92.52 -69.67
CA SER K 397 91.52 -93.38 -70.08
C SER K 397 92.04 -94.80 -70.09
N ASP K 398 91.16 -95.76 -69.84
CA ASP K 398 91.63 -97.13 -69.79
C ASP K 398 91.47 -97.78 -71.16
N PRO K 399 92.56 -98.17 -71.82
CA PRO K 399 92.46 -98.57 -73.22
C PRO K 399 91.52 -99.73 -73.47
N LYS K 400 91.13 -100.44 -72.42
CA LYS K 400 90.13 -101.49 -72.61
C LYS K 400 88.83 -100.91 -73.13
N ASN K 401 88.24 -99.96 -72.40
CA ASN K 401 86.98 -99.35 -72.79
C ASN K 401 87.06 -97.96 -73.40
N PHE K 402 88.24 -97.34 -73.47
CA PHE K 402 88.45 -96.03 -74.11
C PHE K 402 87.58 -94.92 -73.54
N GLN K 403 87.09 -95.05 -72.32
CA GLN K 403 86.19 -94.02 -71.82
C GLN K 403 86.83 -93.21 -70.71
N PRO K 404 86.82 -91.89 -70.82
CA PRO K 404 87.76 -91.08 -70.04
C PRO K 404 87.44 -91.09 -68.55
N VAL K 405 88.49 -91.02 -67.75
CA VAL K 405 88.41 -90.82 -66.32
C VAL K 405 89.15 -89.53 -66.03
N MET K 406 88.88 -88.97 -64.86
CA MET K 406 89.60 -87.79 -64.41
C MET K 406 89.57 -87.74 -62.89
N GLY K 407 90.46 -86.95 -62.33
CA GLY K 407 90.52 -86.84 -60.89
C GLY K 407 91.53 -85.79 -60.48
N PHE K 408 91.36 -85.30 -59.26
CA PHE K 408 92.18 -84.23 -58.73
C PHE K 408 92.89 -84.69 -57.47
N LYS K 409 94.08 -84.15 -57.21
CA LYS K 409 94.80 -84.42 -55.98
C LYS K 409 95.29 -83.13 -55.34
N THR K 410 95.15 -83.04 -54.02
CA THR K 410 95.68 -81.92 -53.26
C THR K 410 96.47 -82.44 -52.08
N ARG K 411 97.36 -81.62 -51.56
CA ARG K 411 98.07 -81.94 -50.34
C ARG K 411 98.18 -80.68 -49.52
N TYR K 412 97.74 -80.72 -48.28
CA TYR K 412 97.75 -79.47 -47.52
C TYR K 412 98.41 -79.63 -46.17
N GLY K 413 97.77 -80.31 -45.24
CA GLY K 413 98.33 -80.41 -43.92
C GLY K 413 97.99 -79.19 -43.11
N ILE K 414 97.82 -79.36 -41.80
CA ILE K 414 97.39 -78.32 -40.89
C ILE K 414 98.49 -78.16 -39.86
N GLY K 415 98.44 -77.07 -39.11
CA GLY K 415 99.38 -76.89 -38.03
C GLY K 415 98.72 -76.14 -36.91
N ILE K 416 99.27 -76.33 -35.73
CA ILE K 416 98.75 -75.72 -34.51
C ILE K 416 99.80 -74.72 -34.07
N ASN K 417 99.38 -73.62 -33.51
CA ASN K 417 100.34 -72.62 -33.10
C ASN K 417 101.14 -73.17 -31.92
N PRO K 418 102.46 -73.24 -32.00
CA PRO K 418 103.22 -73.38 -30.76
C PRO K 418 102.85 -72.23 -29.86
N PHE K 419 102.75 -72.49 -28.56
CA PHE K 419 102.25 -71.59 -27.55
C PHE K 419 100.73 -71.51 -27.56
N ALA K 420 100.04 -72.22 -28.44
CA ALA K 420 98.59 -72.18 -28.44
C ALA K 420 98.04 -72.55 -27.08
N GLU K 421 98.55 -73.64 -26.49
CA GLU K 421 98.06 -74.05 -25.19
C GLU K 421 98.25 -72.94 -24.16
N SER K 422 99.50 -72.51 -23.96
CA SER K 422 99.84 -71.30 -23.22
C SER K 422 99.43 -71.37 -21.75
N ALA K 423 98.65 -72.37 -21.38
CA ALA K 423 98.36 -72.62 -19.98
C ALA K 423 99.40 -73.52 -19.34
N ALA K 424 100.45 -73.87 -20.07
CA ALA K 424 101.43 -74.83 -19.62
C ALA K 424 102.82 -74.30 -19.87
N GLN K 425 103.64 -74.26 -18.82
CA GLN K 425 105.00 -73.75 -18.94
C GLN K 425 105.93 -74.71 -19.67
N ALA K 426 105.48 -75.92 -19.98
CA ALA K 426 106.37 -76.84 -20.60
C ALA K 426 105.68 -77.63 -21.69
N PRO K 427 106.36 -77.88 -22.79
CA PRO K 427 105.86 -78.84 -23.77
C PRO K 427 106.10 -80.25 -23.31
N ALA K 428 105.40 -81.18 -23.94
CA ALA K 428 105.70 -82.58 -23.78
C ALA K 428 106.53 -83.03 -24.99
N SER K 429 107.64 -83.70 -24.71
CA SER K 429 108.51 -84.42 -25.62
C SER K 429 109.45 -83.51 -26.42
N ARG K 430 109.19 -82.22 -26.52
CA ARG K 430 110.12 -81.25 -27.09
C ARG K 430 110.35 -81.43 -28.58
N ILE K 431 109.97 -82.57 -29.13
CA ILE K 431 109.70 -82.69 -30.55
C ILE K 431 108.27 -83.18 -30.63
N GLN K 432 107.37 -82.33 -31.09
CA GLN K 432 105.96 -82.55 -30.86
C GLN K 432 105.23 -82.36 -32.18
N SER K 433 104.21 -83.18 -32.40
CA SER K 433 103.47 -83.10 -33.64
C SER K 433 102.61 -81.84 -33.63
N GLY K 434 102.76 -81.02 -34.66
CA GLY K 434 101.91 -79.85 -34.81
C GLY K 434 100.58 -80.15 -35.44
N MET K 435 100.46 -81.26 -36.13
CA MET K 435 99.17 -81.72 -36.60
C MET K 435 98.21 -81.80 -35.41
N PRO K 436 96.98 -81.32 -35.52
CA PRO K 436 96.07 -81.36 -34.38
C PRO K 436 95.74 -82.79 -33.97
N SER K 437 95.85 -83.06 -32.67
CA SER K 437 95.55 -84.34 -32.07
C SER K 437 94.67 -84.11 -30.85
N ILE K 438 94.11 -85.17 -30.29
CA ILE K 438 93.34 -85.02 -29.07
C ILE K 438 94.21 -84.45 -27.95
N LEU K 439 95.45 -84.91 -27.86
CA LEU K 439 96.31 -84.48 -26.76
C LEU K 439 96.59 -82.99 -26.84
N ASN K 440 97.17 -82.52 -27.94
CA ASN K 440 97.63 -81.14 -27.95
C ASN K 440 96.51 -80.15 -28.24
N SER K 441 95.70 -80.39 -29.26
CA SER K 441 94.85 -79.33 -29.76
C SER K 441 93.41 -79.35 -29.28
N LEU K 442 92.94 -80.38 -28.59
CA LEU K 442 91.51 -80.44 -28.33
C LEU K 442 91.17 -79.49 -27.19
N GLY K 443 90.36 -78.48 -27.49
CA GLY K 443 89.93 -77.54 -26.48
C GLY K 443 91.05 -76.85 -25.74
N LYS K 444 92.28 -76.94 -26.24
CA LYS K 444 93.41 -76.33 -25.57
C LYS K 444 93.92 -75.05 -26.21
N ASN K 445 93.42 -74.62 -27.37
CA ASN K 445 93.96 -73.40 -27.94
C ASN K 445 93.54 -72.20 -27.12
N ALA K 446 94.52 -71.40 -26.72
CA ALA K 446 94.19 -70.14 -26.10
C ALA K 446 93.54 -69.19 -27.08
N TYR K 447 93.81 -69.36 -28.37
CA TYR K 447 93.37 -68.37 -29.35
C TYR K 447 91.88 -68.42 -29.63
N PHE K 448 91.23 -69.56 -29.42
CA PHE K 448 89.84 -69.73 -29.81
C PHE K 448 89.03 -70.09 -28.57
N ARG K 449 88.08 -69.25 -28.19
CA ARG K 449 87.20 -69.54 -27.08
C ARG K 449 85.78 -69.70 -27.58
N ARG K 450 85.02 -70.60 -26.97
CA ARG K 450 83.76 -71.06 -27.55
C ARG K 450 82.69 -71.19 -26.48
N VAL K 451 81.55 -70.57 -26.73
CA VAL K 451 80.44 -70.51 -25.78
C VAL K 451 79.19 -71.00 -26.48
N TYR K 452 78.54 -72.00 -25.90
CA TYR K 452 77.23 -72.38 -26.41
C TYR K 452 76.20 -71.42 -25.86
N VAL K 453 75.47 -70.75 -26.75
CA VAL K 453 74.36 -69.91 -26.33
C VAL K 453 73.10 -70.75 -26.35
N LYS K 454 72.33 -70.68 -25.28
CA LYS K 454 71.09 -71.41 -25.19
C LYS K 454 69.95 -70.46 -24.88
N GLY K 455 68.74 -70.94 -25.08
CA GLY K 455 67.59 -70.12 -24.81
C GLY K 455 67.29 -69.08 -25.87
N ILE K 456 67.72 -69.28 -27.10
CA ILE K 456 67.22 -68.45 -28.19
C ILE K 456 66.10 -69.18 -28.89
N ALA L 1 -13.68 -34.68 -41.26
CA ALA L 1 -12.34 -34.60 -40.70
C ALA L 1 -11.42 -35.50 -41.49
N GLU L 2 -10.86 -34.95 -42.57
CA GLU L 2 -10.09 -35.76 -43.48
C GLU L 2 -8.70 -35.99 -42.93
N ILE L 3 -8.39 -37.25 -42.64
CA ILE L 3 -7.16 -37.62 -41.96
C ILE L 3 -6.13 -37.97 -43.02
N GLY L 4 -4.91 -37.51 -42.83
CA GLY L 4 -3.87 -37.86 -43.77
C GLY L 4 -3.31 -39.23 -43.47
N GLY L 5 -3.25 -39.58 -42.19
CA GLY L 5 -2.80 -40.88 -41.78
C GLY L 5 -1.35 -41.10 -42.15
N ASP L 6 -0.89 -42.32 -41.88
CA ASP L 6 0.47 -42.71 -42.22
C ASP L 6 0.45 -44.06 -42.90
N HIS L 7 1.58 -44.39 -43.53
CA HIS L 7 1.84 -45.77 -43.87
C HIS L 7 1.92 -46.57 -42.59
N GLY L 8 1.66 -47.86 -42.67
CA GLY L 8 1.63 -48.59 -41.43
C GLY L 8 2.95 -48.73 -40.73
N TYR L 9 4.04 -48.21 -41.31
CA TYR L 9 5.42 -48.48 -40.95
C TYR L 9 5.84 -49.88 -41.33
N ASN L 10 4.93 -50.71 -41.82
CA ASN L 10 5.30 -51.96 -42.43
C ASN L 10 6.08 -51.68 -43.71
N ALA L 11 6.93 -52.62 -44.09
CA ALA L 11 7.75 -52.38 -45.27
C ALA L 11 6.98 -52.56 -46.54
N THR L 12 5.97 -53.43 -46.55
CA THR L 12 5.19 -53.61 -47.76
C THR L 12 4.20 -52.47 -47.95
N ASN L 13 3.52 -52.08 -46.88
CA ASN L 13 2.50 -51.06 -46.98
C ASN L 13 3.07 -49.75 -47.50
N ILE L 14 4.35 -49.50 -47.24
CA ILE L 14 4.95 -48.30 -47.79
C ILE L 14 5.23 -48.47 -49.27
N ALA L 15 5.87 -49.59 -49.63
CA ALA L 15 6.21 -49.80 -51.03
C ALA L 15 4.97 -49.75 -51.89
N ALA L 16 3.87 -50.32 -51.41
CA ALA L 16 2.60 -50.22 -52.12
C ALA L 16 1.97 -48.86 -51.99
N GLY L 17 2.52 -47.97 -51.16
CA GLY L 17 1.89 -46.70 -50.93
C GLY L 17 0.62 -46.77 -50.12
N GLN L 18 0.18 -47.98 -49.76
CA GLN L 18 -1.00 -48.16 -48.94
C GLN L 18 -0.91 -47.28 -47.70
N THR L 19 -2.03 -46.69 -47.31
CA THR L 19 -2.03 -45.75 -46.21
C THR L 19 -3.33 -45.86 -45.44
N SER L 20 -3.26 -45.77 -44.12
CA SER L 20 -4.43 -45.86 -43.27
C SER L 20 -5.40 -44.72 -43.45
N GLY L 21 -4.96 -43.60 -44.02
CA GLY L 21 -5.81 -42.44 -44.20
C GLY L 21 -6.52 -42.44 -45.53
N ALA L 22 -6.99 -41.26 -45.92
CA ALA L 22 -7.61 -41.07 -47.22
C ALA L 22 -6.67 -41.46 -48.34
N VAL L 23 -5.57 -40.72 -48.46
CA VAL L 23 -4.75 -40.77 -49.66
C VAL L 23 -3.84 -41.99 -49.67
N THR L 24 -3.73 -42.64 -50.82
CA THR L 24 -2.71 -43.66 -51.08
C THR L 24 -1.65 -43.03 -51.96
N GLN L 25 -0.43 -42.91 -51.44
CA GLN L 25 0.56 -42.19 -52.22
C GLN L 25 1.04 -43.03 -53.40
N ILE L 26 1.83 -42.40 -54.26
CA ILE L 26 2.39 -43.06 -55.43
C ILE L 26 3.26 -44.22 -54.98
N GLY L 27 4.41 -43.88 -54.39
CA GLY L 27 5.40 -44.86 -54.02
C GLY L 27 6.43 -44.27 -53.10
N PRO L 28 7.44 -45.04 -52.76
CA PRO L 28 8.47 -44.57 -51.83
C PRO L 28 9.67 -43.86 -52.45
N ALA L 29 9.40 -42.90 -53.34
CA ALA L 29 10.44 -42.12 -53.99
C ALA L 29 11.52 -43.06 -54.53
N VAL L 30 12.78 -42.62 -54.52
CA VAL L 30 13.96 -43.48 -54.54
C VAL L 30 15.08 -42.72 -53.86
N MET L 31 15.86 -43.41 -53.05
CA MET L 31 17.11 -42.84 -52.58
C MET L 31 18.32 -43.37 -53.33
N GLY L 32 18.14 -44.27 -54.28
CA GLY L 32 19.24 -44.80 -55.06
C GLY L 32 19.63 -46.19 -54.64
N MET L 33 20.58 -46.75 -55.36
CA MET L 33 20.99 -48.13 -55.20
C MET L 33 22.32 -48.22 -54.45
N VAL L 34 22.45 -49.29 -53.67
CA VAL L 34 23.67 -49.58 -52.93
C VAL L 34 24.13 -50.95 -53.36
N ARG L 35 25.34 -51.03 -53.90
CA ARG L 35 25.93 -52.29 -54.30
C ARG L 35 26.98 -52.70 -53.28
N ARG L 36 27.51 -53.89 -53.46
CA ARG L 36 28.54 -54.45 -52.59
C ARG L 36 29.87 -54.44 -53.34
N ALA L 37 30.93 -54.05 -52.65
CA ALA L 37 32.20 -53.79 -53.34
C ALA L 37 32.94 -55.08 -53.64
N ILE L 38 33.76 -55.03 -54.68
CA ILE L 38 34.55 -56.19 -55.11
C ILE L 38 35.82 -56.25 -54.25
N PRO L 39 36.08 -57.37 -53.57
CA PRO L 39 37.25 -57.44 -52.70
C PRO L 39 38.54 -57.40 -53.48
N ASN L 40 39.63 -57.09 -52.77
CA ASN L 40 40.90 -56.80 -53.39
C ASN L 40 41.80 -58.02 -53.46
N LEU L 41 42.59 -58.06 -54.54
CA LEU L 41 43.56 -59.10 -54.79
C LEU L 41 44.85 -58.87 -54.00
N ILE L 42 45.62 -59.95 -53.86
CA ILE L 42 46.95 -59.92 -53.27
C ILE L 42 48.05 -59.85 -54.34
N ALA L 43 47.66 -59.75 -55.59
CA ALA L 43 48.47 -59.86 -56.80
C ALA L 43 49.33 -61.11 -56.84
N PHE L 44 50.36 -61.10 -57.69
CA PHE L 44 51.19 -62.28 -57.90
C PHE L 44 52.65 -62.15 -57.51
N ASP L 45 53.09 -61.05 -56.92
CA ASP L 45 54.51 -60.94 -56.62
C ASP L 45 55.00 -62.08 -55.74
N ILE L 46 54.12 -62.65 -54.94
CA ILE L 46 54.50 -63.70 -54.00
C ILE L 46 54.77 -65.04 -54.66
N CYS L 47 54.33 -65.24 -55.90
CA CYS L 47 54.46 -66.54 -56.54
C CYS L 47 54.91 -66.33 -57.98
N GLY L 48 55.82 -67.18 -58.43
CA GLY L 48 56.27 -67.09 -59.81
C GLY L 48 55.11 -67.27 -60.77
N VAL L 49 55.21 -66.62 -61.91
CA VAL L 49 54.13 -66.66 -62.89
C VAL L 49 54.47 -67.63 -64.01
N GLN L 50 55.40 -67.27 -64.88
CA GLN L 50 55.76 -68.13 -66.00
C GLN L 50 54.58 -68.45 -66.88
N PRO L 51 54.08 -67.50 -67.67
CA PRO L 51 53.02 -67.83 -68.64
C PRO L 51 53.40 -69.06 -69.44
N MET L 52 52.42 -69.90 -69.70
CA MET L 52 52.64 -71.23 -70.24
C MET L 52 51.98 -71.30 -71.60
N ASN L 53 52.77 -71.47 -72.65
CA ASN L 53 52.25 -71.40 -74.01
C ASN L 53 51.54 -72.69 -74.40
N SER L 54 52.11 -73.81 -74.08
CA SER L 54 51.60 -75.12 -74.42
C SER L 54 51.22 -75.85 -73.15
N PRO L 55 50.28 -76.79 -73.20
CA PRO L 55 49.97 -77.56 -72.00
C PRO L 55 51.23 -78.28 -71.53
N THR L 56 51.20 -78.72 -70.29
CA THR L 56 52.22 -79.65 -69.80
C THR L 56 53.62 -79.09 -69.84
N GLY L 57 53.99 -78.18 -68.95
CA GLY L 57 55.38 -77.77 -68.86
C GLY L 57 56.23 -78.82 -68.19
N GLN L 58 57.55 -78.65 -68.28
CA GLN L 58 58.47 -79.54 -67.59
C GLN L 58 59.73 -78.78 -67.22
N VAL L 59 60.30 -79.10 -66.06
CA VAL L 59 61.42 -78.38 -65.48
C VAL L 59 62.44 -79.39 -65.02
N PHE L 60 63.66 -79.30 -65.53
CA PHE L 60 64.69 -80.24 -65.13
C PHE L 60 65.18 -79.91 -63.74
N ALA L 61 66.06 -80.74 -63.20
CA ALA L 61 66.77 -80.40 -62.00
C ALA L 61 68.09 -81.14 -62.02
N LEU L 62 69.17 -80.52 -61.60
CA LEU L 62 70.46 -81.20 -61.61
C LEU L 62 70.92 -81.38 -60.17
N ARG L 63 70.85 -82.60 -59.68
CA ARG L 63 71.42 -82.92 -58.39
C ARG L 63 72.89 -83.26 -58.60
N ALA L 64 73.75 -82.70 -57.78
CA ALA L 64 75.13 -83.17 -57.77
C ALA L 64 75.21 -84.24 -56.70
N VAL L 65 75.34 -85.47 -57.13
CA VAL L 65 75.32 -86.62 -56.24
C VAL L 65 76.69 -87.25 -56.25
N TYR L 66 77.16 -87.65 -55.08
CA TYR L 66 78.45 -88.31 -55.01
C TYR L 66 78.28 -89.71 -54.44
N GLY L 67 79.33 -90.48 -54.60
CA GLY L 67 79.26 -91.90 -54.36
C GLY L 67 79.27 -92.78 -55.59
N LYS L 68 79.68 -92.25 -56.75
CA LYS L 68 79.97 -93.07 -57.92
C LYS L 68 78.69 -93.48 -58.64
N ASP L 69 77.55 -93.30 -57.98
CA ASP L 69 76.25 -93.67 -58.53
C ASP L 69 75.36 -92.45 -58.56
N PRO L 70 75.32 -91.74 -59.67
CA PRO L 70 74.48 -90.54 -59.75
C PRO L 70 73.05 -90.81 -59.32
N VAL L 71 72.53 -92.01 -59.56
CA VAL L 71 71.26 -92.46 -59.01
C VAL L 71 71.54 -93.70 -58.21
N ALA L 72 71.16 -93.69 -56.94
CA ALA L 72 71.40 -94.82 -56.05
C ALA L 72 70.45 -94.70 -54.88
N ALA L 73 70.35 -95.78 -54.12
CA ALA L 73 69.57 -95.71 -52.90
C ALA L 73 70.27 -94.78 -51.92
N GLY L 74 69.57 -93.74 -51.50
CA GLY L 74 70.07 -92.85 -50.45
C GLY L 74 71.49 -92.35 -50.66
N ALA L 75 71.77 -91.77 -51.81
CA ALA L 75 73.09 -91.21 -52.09
C ALA L 75 73.08 -89.74 -51.72
N LYS L 76 74.00 -89.36 -50.84
CA LYS L 76 74.04 -87.98 -50.37
C LYS L 76 74.18 -87.01 -51.54
N GLU L 77 73.40 -85.94 -51.53
CA GLU L 77 73.54 -84.88 -52.51
C GLU L 77 74.71 -83.99 -52.12
N ALA L 78 75.39 -83.46 -53.13
CA ALA L 78 76.65 -82.79 -52.89
C ALA L 78 76.46 -81.43 -52.23
N PHE L 79 75.94 -80.46 -52.98
CA PHE L 79 75.93 -79.08 -52.52
C PHE L 79 74.50 -78.83 -52.07
N HIS L 80 74.26 -78.93 -50.77
CA HIS L 80 72.91 -78.93 -50.26
C HIS L 80 72.79 -77.83 -49.21
N PRO L 81 71.94 -76.84 -49.38
CA PRO L 81 71.86 -75.77 -48.37
C PRO L 81 71.58 -76.25 -46.95
N MET L 82 70.63 -77.17 -46.77
CA MET L 82 70.48 -77.89 -45.51
C MET L 82 71.81 -78.46 -45.06
N TYR L 83 72.23 -79.51 -45.76
CA TYR L 83 73.23 -80.44 -45.28
C TYR L 83 74.63 -80.02 -45.70
N GLY L 84 75.52 -79.86 -44.73
CA GLY L 84 76.91 -79.59 -45.00
C GLY L 84 77.58 -80.73 -45.74
N PRO L 85 78.69 -80.46 -46.39
CA PRO L 85 79.41 -81.53 -47.09
C PRO L 85 80.09 -82.42 -46.07
N ASP L 86 80.06 -83.73 -46.31
CA ASP L 86 80.76 -84.61 -45.39
C ASP L 86 82.24 -84.27 -45.45
N ALA L 87 82.77 -83.91 -44.29
CA ALA L 87 83.99 -83.13 -44.26
C ALA L 87 85.18 -83.92 -44.78
N MET L 88 85.25 -85.20 -44.46
CA MET L 88 86.25 -86.07 -45.07
C MET L 88 85.52 -87.08 -45.93
N PHE L 89 85.60 -86.86 -47.24
CA PHE L 89 85.10 -87.77 -48.25
C PHE L 89 86.23 -87.96 -49.23
N SER L 90 86.66 -86.84 -49.82
CA SER L 90 87.97 -86.75 -50.42
C SER L 90 89.04 -87.33 -49.54
N GLY L 91 89.00 -86.98 -48.26
CA GLY L 91 90.11 -87.19 -47.35
C GLY L 91 90.01 -88.53 -46.69
N GLN L 92 90.35 -88.57 -45.41
CA GLN L 92 90.43 -89.83 -44.68
C GLN L 92 89.25 -90.74 -44.96
N GLY L 93 88.09 -90.15 -45.20
CA GLY L 93 86.89 -90.95 -45.41
C GLY L 93 86.99 -91.91 -46.57
N ALA L 94 87.84 -91.61 -47.56
CA ALA L 94 88.02 -92.53 -48.68
C ALA L 94 89.00 -93.64 -48.35
N ALA L 95 89.91 -93.41 -47.42
CA ALA L 95 90.93 -94.39 -47.09
C ALA L 95 90.42 -95.48 -46.18
N LYS L 96 89.43 -95.17 -45.35
CA LYS L 96 88.83 -96.15 -44.45
C LYS L 96 87.33 -95.87 -44.38
N LYS L 97 86.61 -96.79 -43.75
CA LYS L 97 85.17 -96.64 -43.55
C LYS L 97 84.92 -96.37 -42.08
N PHE L 98 84.23 -95.23 -41.77
CA PHE L 98 84.12 -95.02 -40.32
C PHE L 98 82.84 -95.64 -39.80
N PRO L 99 82.89 -96.24 -38.61
CA PRO L 99 81.69 -96.88 -38.06
C PRO L 99 80.60 -95.87 -37.82
N ALA L 100 79.40 -96.19 -38.28
CA ALA L 100 78.25 -95.33 -38.05
C ALA L 100 77.94 -95.26 -36.57
N LEU L 101 77.24 -94.20 -36.19
CA LEU L 101 76.96 -93.92 -34.79
C LEU L 101 75.49 -94.17 -34.55
N ALA L 102 75.19 -95.09 -33.64
CA ALA L 102 73.82 -95.56 -33.44
C ALA L 102 73.56 -95.72 -31.96
N ALA L 103 72.30 -95.98 -31.62
CA ALA L 103 71.91 -96.15 -30.23
C ALA L 103 72.72 -97.23 -29.56
N SER L 104 73.35 -96.88 -28.44
CA SER L 104 74.24 -97.78 -27.70
C SER L 104 75.41 -98.26 -28.54
N THR L 105 76.09 -97.32 -29.18
CA THR L 105 77.43 -97.57 -29.71
C THR L 105 78.40 -96.98 -28.72
N GLN L 106 79.08 -97.84 -27.96
CA GLN L 106 79.95 -97.38 -26.90
C GLN L 106 81.20 -96.81 -27.54
N THR L 107 81.48 -95.54 -27.26
CA THR L 107 82.44 -94.78 -28.05
C THR L 107 83.81 -94.91 -27.41
N THR L 108 84.72 -95.62 -28.08
CA THR L 108 86.08 -95.67 -27.60
C THR L 108 86.74 -94.30 -27.77
N VAL L 109 87.82 -94.08 -27.04
CA VAL L 109 88.46 -92.78 -27.06
C VAL L 109 89.32 -92.68 -28.30
N GLY L 110 89.01 -91.70 -29.16
CA GLY L 110 89.80 -91.42 -30.33
C GLY L 110 89.22 -91.91 -31.63
N ASP L 111 88.31 -92.88 -31.61
CA ASP L 111 87.80 -93.43 -32.85
C ASP L 111 86.76 -92.50 -33.45
N ILE L 112 86.91 -92.21 -34.73
CA ILE L 112 86.01 -91.31 -35.44
C ILE L 112 84.75 -92.05 -35.81
N TYR L 113 83.59 -91.40 -35.62
CA TYR L 113 82.29 -91.98 -35.91
C TYR L 113 81.55 -91.08 -36.86
N THR L 114 80.95 -91.65 -37.90
CA THR L 114 80.12 -90.84 -38.77
C THR L 114 78.77 -90.61 -38.12
N HIS L 115 78.10 -89.57 -38.55
CA HIS L 115 76.66 -89.52 -38.33
C HIS L 115 76.06 -88.58 -39.35
N PHE L 116 74.78 -88.75 -39.59
CA PHE L 116 74.04 -87.90 -40.49
C PHE L 116 72.92 -87.24 -39.71
N PHE L 117 73.04 -85.95 -39.46
CA PHE L 117 71.99 -85.19 -38.79
C PHE L 117 70.89 -84.90 -39.78
N GLN L 118 69.64 -85.15 -39.38
CA GLN L 118 68.53 -84.85 -40.27
C GLN L 118 68.44 -83.36 -40.55
N GLU L 119 69.21 -82.57 -39.84
CA GLU L 119 69.26 -81.14 -40.04
C GLU L 119 70.70 -80.68 -39.90
N THR L 120 71.18 -79.94 -40.90
CA THR L 120 72.56 -79.47 -40.96
C THR L 120 73.54 -80.64 -41.07
N GLY L 121 73.21 -81.60 -41.91
CA GLY L 121 74.25 -82.34 -42.57
C GLY L 121 74.79 -83.58 -41.90
N THR L 122 75.92 -84.03 -42.42
CA THR L 122 76.62 -85.23 -41.98
C THR L 122 77.91 -84.87 -41.27
N VAL L 123 78.16 -85.53 -40.16
CA VAL L 123 79.23 -85.16 -39.25
C VAL L 123 80.14 -86.36 -39.04
N TYR L 124 81.43 -86.13 -39.02
CA TYR L 124 82.39 -87.15 -38.62
C TYR L 124 82.85 -86.78 -37.22
N LEU L 125 82.38 -87.52 -36.24
CA LEU L 125 82.56 -87.17 -34.84
C LEU L 125 83.72 -87.94 -34.27
N GLN L 126 84.67 -87.23 -33.68
CA GLN L 126 85.74 -87.86 -32.92
C GLN L 126 85.31 -87.92 -31.46
N ALA L 127 85.48 -89.08 -30.84
CA ALA L 127 85.07 -89.26 -29.46
C ALA L 127 86.25 -88.95 -28.56
N SER L 128 86.15 -87.89 -27.77
CA SER L 128 87.23 -87.53 -26.87
C SER L 128 87.20 -88.30 -25.55
N VAL L 129 86.04 -88.83 -25.16
CA VAL L 129 85.93 -89.57 -23.91
C VAL L 129 84.87 -90.64 -24.08
N GLN L 130 85.04 -91.76 -23.38
CA GLN L 130 84.17 -92.91 -23.58
C GLN L 130 82.77 -92.63 -23.06
N VAL L 131 81.77 -92.79 -23.92
CA VAL L 131 80.39 -92.52 -23.56
C VAL L 131 79.49 -93.41 -24.40
N THR L 132 78.34 -93.76 -23.85
CA THR L 132 77.36 -94.59 -24.53
C THR L 132 76.21 -93.72 -25.01
N ILE L 133 75.66 -94.06 -26.17
CA ILE L 133 74.70 -93.21 -26.85
C ILE L 133 73.27 -93.52 -26.41
N ASP L 134 73.12 -94.33 -25.35
CA ASP L 134 71.83 -94.43 -24.69
C ASP L 134 70.73 -95.01 -25.57
N ALA L 135 70.67 -96.34 -25.68
CA ALA L 135 69.70 -96.99 -26.58
C ALA L 135 68.28 -96.49 -26.40
N GLY L 136 67.98 -95.83 -25.29
CA GLY L 136 66.71 -95.16 -25.15
C GLY L 136 66.42 -94.14 -26.24
N ALA L 137 67.43 -93.77 -27.03
CA ALA L 137 67.23 -92.93 -28.20
C ALA L 137 67.30 -93.80 -29.45
N THR L 138 66.14 -94.04 -30.06
CA THR L 138 66.03 -94.84 -31.26
C THR L 138 65.59 -93.99 -32.45
N ASP L 139 64.43 -93.37 -32.36
CA ASP L 139 63.93 -92.50 -33.42
C ASP L 139 64.97 -91.47 -33.81
N ALA L 140 65.06 -91.18 -35.10
CA ALA L 140 66.10 -90.30 -35.61
C ALA L 140 66.16 -88.99 -34.84
N ALA L 141 65.03 -88.28 -34.76
CA ALA L 141 65.00 -87.03 -34.02
C ALA L 141 65.35 -87.23 -32.55
N LYS L 142 65.14 -88.43 -32.01
CA LYS L 142 65.60 -88.73 -30.66
C LYS L 142 67.08 -89.07 -30.63
N LEU L 143 67.65 -89.51 -31.74
CA LEU L 143 69.08 -89.80 -31.77
C LEU L 143 69.90 -88.53 -31.93
N ASP L 144 69.46 -87.62 -32.81
CA ASP L 144 70.18 -86.37 -32.98
C ASP L 144 70.27 -85.61 -31.67
N ALA L 145 69.14 -85.46 -30.99
CA ALA L 145 69.15 -84.83 -29.67
C ALA L 145 69.90 -85.66 -28.65
N GLU L 146 70.19 -86.93 -28.94
CA GLU L 146 71.09 -87.68 -28.07
C GLU L 146 72.55 -87.36 -28.37
N ILE L 147 72.89 -87.16 -29.64
CA ILE L 147 74.26 -86.86 -30.01
C ILE L 147 74.60 -85.40 -29.74
N LYS L 148 73.70 -84.49 -30.12
CA LYS L 148 73.94 -83.09 -29.78
C LYS L 148 74.15 -82.92 -28.29
N LYS L 149 73.39 -83.66 -27.49
CA LYS L 149 73.57 -83.61 -26.05
C LYS L 149 74.94 -84.12 -25.64
N GLN L 150 75.47 -85.12 -26.36
CA GLN L 150 76.85 -85.53 -26.13
C GLN L 150 77.82 -84.48 -26.64
N MET L 151 77.62 -84.03 -27.88
CA MET L 151 78.53 -83.11 -28.52
C MET L 151 78.49 -81.72 -27.89
N GLU L 152 77.40 -81.37 -27.22
CA GLU L 152 77.36 -80.13 -26.47
C GLU L 152 78.21 -80.21 -25.21
N ALA L 153 78.45 -81.42 -24.70
CA ALA L 153 79.28 -81.62 -23.53
C ALA L 153 80.75 -81.82 -23.87
N GLY L 154 81.12 -81.68 -25.15
CA GLY L 154 82.48 -81.85 -25.56
C GLY L 154 82.97 -83.28 -25.60
N ALA L 155 82.16 -84.23 -25.13
CA ALA L 155 82.58 -85.62 -25.13
C ALA L 155 82.88 -86.11 -26.53
N LEU L 156 81.93 -85.92 -27.43
CA LEU L 156 82.00 -86.41 -28.78
C LEU L 156 82.05 -85.20 -29.69
N VAL L 157 83.21 -84.94 -30.28
CA VAL L 157 83.45 -83.70 -30.99
C VAL L 157 83.56 -84.03 -32.48
N GLU L 158 83.67 -83.00 -33.30
CA GLU L 158 83.43 -83.12 -34.73
C GLU L 158 84.66 -82.65 -35.47
N ILE L 159 85.23 -83.52 -36.31
CA ILE L 159 86.50 -83.24 -36.96
C ILE L 159 86.39 -83.48 -38.46
N ALA L 160 87.42 -83.03 -39.16
CA ALA L 160 87.60 -83.26 -40.57
C ALA L 160 89.10 -83.45 -40.80
N GLU L 161 89.50 -84.50 -41.50
CA GLU L 161 90.91 -84.65 -41.77
C GLU L 161 91.08 -85.20 -43.17
N GLY L 162 92.33 -85.34 -43.58
CA GLY L 162 92.68 -85.73 -44.92
C GLY L 162 93.21 -87.14 -44.97
N MET L 163 93.80 -87.47 -46.11
CA MET L 163 94.28 -88.82 -46.40
C MET L 163 95.78 -88.80 -46.21
N ALA L 164 96.32 -89.85 -45.61
CA ALA L 164 97.77 -89.90 -45.43
C ALA L 164 98.44 -90.11 -46.79
N THR L 165 99.51 -89.37 -47.07
CA THR L 165 100.12 -89.44 -48.39
C THR L 165 100.70 -90.81 -48.70
N SER L 166 100.73 -91.72 -47.73
CA SER L 166 101.05 -93.10 -48.05
C SER L 166 99.89 -93.81 -48.69
N ILE L 167 98.67 -93.50 -48.24
CA ILE L 167 97.48 -94.10 -48.83
C ILE L 167 97.12 -93.43 -50.13
N ALA L 168 97.13 -92.10 -50.19
CA ALA L 168 96.72 -91.45 -51.42
C ALA L 168 97.71 -91.71 -52.54
N GLU L 169 98.94 -92.04 -52.21
CA GLU L 169 99.91 -92.32 -53.25
C GLU L 169 99.51 -93.54 -54.06
N LEU L 170 99.23 -94.64 -53.38
CA LEU L 170 98.69 -95.81 -54.06
C LEU L 170 97.20 -95.85 -53.74
N GLN L 171 96.39 -95.45 -54.71
CA GLN L 171 94.96 -95.39 -54.49
C GLN L 171 94.35 -95.92 -55.78
N GLU L 172 93.55 -96.98 -55.66
CA GLU L 172 93.08 -97.76 -56.78
C GLU L 172 94.27 -98.40 -57.51
N GLY L 173 94.85 -99.37 -56.82
CA GLY L 173 95.70 -100.35 -57.46
C GLY L 173 97.03 -99.90 -58.02
N PHE L 174 97.86 -99.27 -57.19
CA PHE L 174 99.23 -99.00 -57.58
C PHE L 174 100.15 -99.80 -56.69
N ASN L 175 101.31 -100.17 -57.23
CA ASN L 175 102.31 -100.90 -56.47
C ASN L 175 101.72 -102.17 -55.86
N GLY L 176 100.74 -102.73 -56.57
CA GLY L 176 100.17 -104.00 -56.18
C GLY L 176 98.99 -103.94 -55.25
N SER L 177 98.71 -102.80 -54.62
CA SER L 177 97.59 -102.71 -53.70
C SER L 177 96.28 -102.89 -54.44
N THR L 178 95.23 -103.21 -53.70
CA THR L 178 93.93 -103.40 -54.31
C THR L 178 92.82 -103.03 -53.34
N ASP L 179 91.58 -103.06 -53.85
CA ASP L 179 90.35 -102.85 -53.08
C ASP L 179 90.18 -101.45 -52.53
N ASN L 180 91.09 -100.53 -52.84
CA ASN L 180 91.04 -99.16 -52.33
C ASN L 180 90.75 -98.20 -53.46
N PRO L 181 89.49 -98.06 -53.87
CA PRO L 181 89.17 -97.14 -54.95
C PRO L 181 89.17 -95.69 -54.48
N TRP L 182 89.27 -94.77 -55.45
CA TRP L 182 89.04 -93.37 -55.17
C TRP L 182 87.55 -93.12 -54.95
N ASN L 183 87.24 -92.00 -54.30
CA ASN L 183 85.86 -91.56 -54.23
C ASN L 183 85.52 -90.68 -55.43
N GLU L 184 84.30 -90.80 -55.91
CA GLU L 184 83.89 -90.21 -57.17
C GLU L 184 82.64 -89.39 -56.94
N MET L 185 82.28 -88.57 -57.93
CA MET L 185 81.05 -87.79 -57.86
C MET L 185 80.35 -87.81 -59.19
N GLY L 186 79.01 -87.96 -59.17
CA GLY L 186 78.20 -87.87 -60.36
C GLY L 186 77.31 -86.64 -60.37
N PHE L 187 76.38 -86.62 -61.32
CA PHE L 187 75.30 -85.64 -61.32
C PHE L 187 74.04 -86.28 -61.89
N ARG L 188 72.91 -86.06 -61.23
CA ARG L 188 71.73 -86.87 -61.51
C ARG L 188 70.89 -86.37 -62.69
N ILE L 189 70.52 -85.09 -62.72
CA ILE L 189 69.66 -84.54 -63.78
C ILE L 189 68.30 -85.24 -63.88
N ASP L 190 67.37 -84.93 -62.99
CA ASP L 190 66.01 -85.44 -63.06
C ASP L 190 65.04 -84.31 -63.34
N LYS L 191 63.87 -84.65 -63.89
CA LYS L 191 62.95 -83.62 -64.38
C LYS L 191 61.66 -83.58 -63.57
N GLN L 192 60.83 -82.58 -63.88
CA GLN L 192 59.50 -82.46 -63.31
C GLN L 192 58.52 -82.10 -64.42
N VAL L 193 57.23 -82.18 -64.10
CA VAL L 193 56.17 -82.00 -65.08
C VAL L 193 54.96 -81.37 -64.41
N ILE L 194 54.31 -80.42 -65.09
CA ILE L 194 53.04 -79.87 -64.61
C ILE L 194 52.01 -79.96 -65.73
N GLU L 195 50.74 -79.79 -65.37
CA GLU L 195 49.61 -79.98 -66.27
C GLU L 195 48.62 -78.85 -66.09
N ALA L 196 47.93 -78.50 -67.15
CA ALA L 196 47.05 -77.34 -67.14
C ALA L 196 45.64 -77.75 -66.76
N LYS L 197 45.18 -77.30 -65.60
CA LYS L 197 43.84 -77.58 -65.13
C LYS L 197 42.90 -76.46 -65.53
N SER L 198 41.65 -76.83 -65.82
CA SER L 198 40.68 -75.90 -66.36
C SER L 198 39.81 -75.34 -65.24
N ARG L 199 38.84 -74.51 -65.61
CA ARG L 199 38.01 -73.79 -64.68
C ARG L 199 36.96 -73.00 -65.46
N GLN L 200 35.78 -72.73 -64.90
CA GLN L 200 34.70 -72.24 -65.77
C GLN L 200 33.42 -72.02 -64.99
N LEU L 201 32.54 -71.16 -65.55
CA LEU L 201 31.21 -70.89 -65.01
C LEU L 201 30.25 -70.59 -66.15
N LYS L 202 28.98 -70.36 -65.79
CA LYS L 202 27.85 -70.24 -66.70
C LYS L 202 27.00 -69.07 -66.22
N ALA L 203 26.03 -68.65 -67.02
CA ALA L 203 25.14 -67.62 -66.47
C ALA L 203 23.67 -67.91 -66.70
N ALA L 204 23.23 -67.88 -67.96
CA ALA L 204 21.85 -68.18 -68.35
C ALA L 204 20.85 -67.20 -67.72
N TYR L 205 20.88 -65.97 -68.24
CA TYR L 205 19.90 -64.97 -67.83
C TYR L 205 18.77 -64.93 -68.83
N SER L 206 17.55 -64.76 -68.33
CA SER L 206 16.37 -64.79 -69.17
C SER L 206 16.35 -63.62 -70.14
N ILE L 207 15.60 -63.78 -71.23
CA ILE L 207 15.39 -62.66 -72.14
C ILE L 207 14.27 -61.76 -71.64
N GLU L 208 13.30 -62.31 -70.93
CA GLU L 208 12.25 -61.48 -70.35
C GLU L 208 12.77 -60.66 -69.18
N LEU L 209 13.94 -60.99 -68.65
CA LEU L 209 14.54 -60.16 -67.61
C LEU L 209 15.13 -58.89 -68.20
N THR L 210 15.98 -59.02 -69.21
CA THR L 210 16.68 -57.85 -69.73
C THR L 210 15.72 -56.78 -70.22
N GLN L 211 14.52 -57.17 -70.64
CA GLN L 211 13.56 -56.17 -71.11
C GLN L 211 13.07 -55.31 -69.96
N ASP L 212 12.51 -55.95 -68.93
CA ASP L 212 11.84 -55.19 -67.89
C ASP L 212 12.81 -54.60 -66.88
N LEU L 213 13.89 -55.33 -66.59
CA LEU L 213 14.93 -54.77 -65.73
C LEU L 213 15.53 -53.52 -66.34
N ARG L 214 15.84 -53.54 -67.64
CA ARG L 214 16.36 -52.33 -68.26
C ARG L 214 15.32 -51.23 -68.31
N ALA L 215 14.03 -51.57 -68.26
CA ALA L 215 13.00 -50.55 -68.23
C ALA L 215 12.98 -49.83 -66.89
N VAL L 216 12.92 -50.58 -65.79
CA VAL L 216 12.80 -49.95 -64.49
C VAL L 216 14.16 -49.47 -63.95
N HIS L 217 15.17 -50.35 -63.92
CA HIS L 217 16.43 -49.99 -63.29
C HIS L 217 17.47 -49.43 -64.24
N GLY L 218 17.26 -49.56 -65.56
CA GLY L 218 18.28 -49.11 -66.48
C GLY L 218 19.54 -49.95 -66.55
N MET L 219 19.61 -51.05 -65.81
CA MET L 219 20.80 -51.90 -65.87
C MET L 219 20.87 -52.68 -67.16
N ASP L 220 22.07 -53.22 -67.43
CA ASP L 220 22.27 -54.03 -68.60
C ASP L 220 21.78 -55.46 -68.40
N ALA L 221 21.92 -56.00 -67.19
CA ALA L 221 21.49 -57.35 -66.81
C ALA L 221 22.26 -58.43 -67.53
N ASP L 222 23.06 -58.03 -68.51
CA ASP L 222 24.06 -58.87 -69.16
C ASP L 222 25.45 -58.59 -68.61
N ALA L 223 25.93 -57.36 -68.76
CA ALA L 223 27.19 -56.94 -68.16
C ALA L 223 27.19 -57.09 -66.65
N GLU L 224 26.05 -57.34 -66.02
CA GLU L 224 26.05 -57.69 -64.61
C GLU L 224 26.51 -59.11 -64.40
N LEU L 225 26.03 -60.07 -65.21
CA LEU L 225 26.50 -61.44 -65.08
C LEU L 225 27.88 -61.63 -65.69
N SER L 226 28.10 -61.10 -66.89
CA SER L 226 29.45 -61.11 -67.44
C SER L 226 30.44 -60.42 -66.53
N GLY L 227 29.96 -59.55 -65.66
CA GLY L 227 30.81 -58.90 -64.71
C GLY L 227 31.17 -59.80 -63.56
N ILE L 228 30.20 -60.49 -62.97
CA ILE L 228 30.50 -61.25 -61.76
C ILE L 228 31.01 -62.64 -62.05
N LEU L 229 30.92 -63.14 -63.26
CA LEU L 229 31.63 -64.37 -63.57
C LEU L 229 33.11 -64.10 -63.78
N ALA L 230 33.41 -63.14 -64.65
CA ALA L 230 34.80 -62.81 -64.93
C ALA L 230 35.51 -62.33 -63.67
N THR L 231 34.80 -61.66 -62.78
CA THR L 231 35.41 -61.21 -61.54
C THR L 231 35.50 -62.32 -60.51
N GLU L 232 34.60 -63.30 -60.57
CA GLU L 232 34.73 -64.41 -59.64
C GLU L 232 35.98 -65.23 -59.94
N ILE L 233 36.12 -65.67 -61.19
CA ILE L 233 37.25 -66.54 -61.54
C ILE L 233 38.57 -65.81 -61.33
N MET L 234 38.57 -64.49 -61.38
CA MET L 234 39.78 -63.78 -61.02
C MET L 234 39.97 -63.74 -59.51
N LEU L 235 38.88 -63.71 -58.75
CA LEU L 235 39.02 -63.73 -57.30
C LEU L 235 39.28 -65.13 -56.78
N GLU L 236 38.82 -66.16 -57.48
CA GLU L 236 39.09 -67.51 -57.02
C GLU L 236 40.50 -67.96 -57.35
N ILE L 237 40.96 -67.74 -58.58
CA ILE L 237 42.32 -68.10 -58.94
C ILE L 237 43.31 -67.35 -58.06
N ASN L 238 42.95 -66.14 -57.64
CA ASN L 238 43.83 -65.42 -56.74
C ASN L 238 43.65 -65.91 -55.31
N ARG L 239 42.44 -66.32 -54.94
CA ARG L 239 42.31 -67.00 -53.66
C ARG L 239 42.89 -68.39 -53.73
N GLU L 240 43.16 -68.87 -54.94
CA GLU L 240 43.72 -70.21 -55.04
C GLU L 240 45.16 -70.27 -54.58
N VAL L 241 46.03 -69.45 -55.16
CA VAL L 241 47.45 -69.60 -54.83
C VAL L 241 47.68 -69.28 -53.35
N VAL L 242 47.03 -68.23 -52.84
CA VAL L 242 47.20 -67.90 -51.43
C VAL L 242 46.67 -69.01 -50.56
N ASP L 243 45.79 -69.85 -51.11
CA ASP L 243 45.42 -71.07 -50.40
C ASP L 243 46.42 -72.18 -50.64
N TRP L 244 47.24 -72.09 -51.69
CA TRP L 244 48.35 -73.03 -51.81
C TRP L 244 49.54 -72.59 -50.98
N ILE L 245 49.88 -71.30 -51.00
CA ILE L 245 51.03 -70.85 -50.23
C ILE L 245 50.86 -71.18 -48.76
N ASN L 246 49.67 -70.97 -48.21
CA ASN L 246 49.42 -71.34 -46.84
C ASN L 246 49.30 -72.84 -46.68
N TYR L 247 48.86 -73.54 -47.72
CA TYR L 247 48.85 -74.99 -47.73
C TYR L 247 50.26 -75.54 -47.73
N SER L 248 51.13 -74.97 -48.56
CA SER L 248 52.44 -75.51 -48.82
C SER L 248 53.51 -75.01 -47.87
N ALA L 249 53.14 -74.24 -46.86
CA ALA L 249 54.13 -73.58 -46.01
C ALA L 249 54.49 -74.47 -44.82
N GLN L 250 55.79 -74.53 -44.53
CA GLN L 250 56.24 -75.31 -43.39
C GLN L 250 55.73 -74.72 -42.10
N VAL L 251 55.75 -75.52 -41.04
CA VAL L 251 55.40 -75.00 -39.75
C VAL L 251 56.55 -74.16 -39.24
N GLY L 252 56.30 -72.89 -38.98
CA GLY L 252 57.32 -72.01 -38.47
C GLY L 252 57.42 -72.10 -36.98
N LYS L 253 58.39 -71.39 -36.42
CA LYS L 253 58.68 -71.45 -35.01
C LYS L 253 58.75 -72.90 -34.55
N SER L 254 59.61 -73.65 -35.23
CA SER L 254 59.84 -75.06 -34.97
C SER L 254 61.24 -75.37 -35.45
N GLY L 255 61.74 -76.54 -35.06
CA GLY L 255 63.05 -76.91 -35.52
C GLY L 255 64.10 -75.97 -34.98
N MET L 256 64.82 -75.29 -35.86
CA MET L 256 65.91 -74.43 -35.44
C MET L 256 65.45 -73.03 -35.01
N THR L 257 64.24 -72.62 -35.37
CA THR L 257 63.75 -71.31 -34.97
C THR L 257 62.94 -71.34 -33.69
N LEU L 258 62.84 -72.48 -33.03
CA LEU L 258 62.07 -72.63 -31.82
C LEU L 258 62.92 -72.21 -30.63
N THR L 259 62.36 -71.38 -29.77
CA THR L 259 63.00 -71.07 -28.50
C THR L 259 62.72 -72.20 -27.50
N PRO L 260 63.75 -72.87 -26.99
CA PRO L 260 63.57 -74.24 -26.49
C PRO L 260 62.42 -74.45 -25.53
N GLY L 261 61.92 -73.42 -24.86
CA GLY L 261 60.83 -73.62 -23.93
C GLY L 261 59.47 -73.26 -24.51
N SER L 262 59.41 -72.98 -25.81
CA SER L 262 58.22 -72.38 -26.38
C SER L 262 57.21 -73.45 -26.81
N LYS L 263 56.17 -72.98 -27.52
CA LYS L 263 55.00 -73.82 -27.76
C LYS L 263 55.05 -74.49 -29.13
N ALA L 264 56.16 -74.35 -29.86
CA ALA L 264 56.38 -75.15 -31.06
C ALA L 264 55.33 -74.95 -32.15
N GLY L 265 55.38 -73.82 -32.84
CA GLY L 265 54.49 -73.54 -33.94
C GLY L 265 53.49 -72.44 -33.69
N VAL L 266 53.39 -71.92 -32.47
CA VAL L 266 52.55 -70.77 -32.17
C VAL L 266 53.37 -69.77 -31.37
N PHE L 267 53.36 -68.52 -31.81
CA PHE L 267 53.99 -67.43 -31.08
C PHE L 267 52.88 -66.68 -30.38
N ASP L 268 52.78 -66.81 -29.07
CA ASP L 268 51.70 -66.18 -28.34
C ASP L 268 52.25 -65.22 -27.30
N PHE L 269 51.79 -63.98 -27.34
CA PHE L 269 52.38 -62.93 -26.54
C PHE L 269 52.21 -63.16 -25.05
N GLN L 270 51.49 -64.18 -24.64
CA GLN L 270 51.26 -64.42 -23.22
C GLN L 270 52.24 -65.41 -22.61
N ASP L 271 53.20 -65.90 -23.37
CA ASP L 271 54.20 -66.82 -22.83
C ASP L 271 55.54 -66.11 -22.72
N PRO L 272 56.02 -65.83 -21.51
CA PRO L 272 57.19 -64.95 -21.37
C PRO L 272 58.43 -65.46 -22.05
N ILE L 273 58.48 -66.73 -22.43
CA ILE L 273 59.62 -67.23 -23.18
C ILE L 273 59.54 -66.82 -24.64
N ASP L 274 58.34 -66.67 -25.18
CA ASP L 274 58.17 -66.24 -26.56
C ASP L 274 58.48 -64.77 -26.73
N ILE L 275 58.06 -63.93 -25.78
CA ILE L 275 58.29 -62.50 -25.86
C ILE L 275 59.55 -62.12 -25.11
N ARG L 276 60.29 -63.10 -24.62
CA ARG L 276 61.55 -62.86 -23.95
C ARG L 276 61.37 -62.07 -22.66
N GLY L 277 60.41 -62.46 -21.85
CA GLY L 277 60.17 -61.76 -20.60
C GLY L 277 59.81 -60.32 -20.78
N ALA L 278 59.40 -59.93 -21.98
CA ALA L 278 59.17 -58.53 -22.28
C ALA L 278 58.04 -57.98 -21.42
N ARG L 279 58.35 -56.91 -20.73
CA ARG L 279 57.37 -56.22 -19.92
C ARG L 279 56.60 -55.21 -20.78
N TRP L 280 55.31 -55.12 -20.52
CA TRP L 280 54.34 -54.31 -21.25
C TRP L 280 54.36 -54.53 -22.75
N ALA L 281 54.24 -53.48 -23.54
CA ALA L 281 53.85 -53.68 -24.93
C ALA L 281 55.00 -53.48 -25.90
N GLY L 282 55.52 -52.27 -26.00
CA GLY L 282 56.63 -52.00 -26.88
C GLY L 282 57.79 -52.95 -26.70
N GLU L 283 57.96 -53.50 -25.50
CA GLU L 283 58.85 -54.64 -25.34
C GLU L 283 58.26 -55.90 -25.95
N SER L 284 56.95 -56.06 -25.86
CA SER L 284 56.34 -57.34 -26.22
C SER L 284 56.17 -57.49 -27.71
N PHE L 285 55.86 -56.41 -28.41
CA PHE L 285 55.69 -56.53 -29.85
C PHE L 285 57.02 -56.56 -30.57
N LYS L 286 58.02 -55.84 -30.06
CA LYS L 286 59.36 -55.96 -30.60
C LYS L 286 59.95 -57.36 -30.45
N ALA L 287 59.31 -58.22 -29.67
CA ALA L 287 59.76 -59.60 -29.57
C ALA L 287 59.09 -60.50 -30.60
N LEU L 288 58.13 -59.97 -31.36
CA LEU L 288 57.69 -60.64 -32.57
C LEU L 288 58.68 -60.41 -33.69
N LEU L 289 59.16 -59.18 -33.82
CA LEU L 289 60.08 -58.83 -34.89
C LEU L 289 61.36 -59.67 -34.80
N PHE L 290 61.71 -60.14 -33.62
CA PHE L 290 62.81 -61.07 -33.51
C PHE L 290 62.38 -62.51 -33.80
N GLN L 291 61.10 -62.82 -33.71
CA GLN L 291 60.62 -64.12 -34.18
C GLN L 291 60.48 -64.12 -35.69
N ILE L 292 60.11 -62.98 -36.26
CA ILE L 292 59.89 -62.91 -37.70
C ILE L 292 61.19 -62.78 -38.47
N ASP L 293 62.27 -62.35 -37.81
CA ASP L 293 63.57 -62.41 -38.45
C ASP L 293 64.13 -63.82 -38.37
N LYS L 294 63.96 -64.47 -37.24
CA LYS L 294 64.57 -65.76 -37.03
C LYS L 294 64.08 -66.79 -38.03
N GLU L 295 62.87 -66.61 -38.55
CA GLU L 295 62.38 -67.46 -39.63
C GLU L 295 62.78 -66.98 -41.01
N ALA L 296 62.70 -65.69 -41.28
CA ALA L 296 63.14 -65.19 -42.57
C ALA L 296 64.59 -65.54 -42.83
N VAL L 297 65.37 -65.72 -41.76
CA VAL L 297 66.73 -66.23 -41.90
C VAL L 297 66.71 -67.71 -42.21
N GLU L 298 65.83 -68.46 -41.55
CA GLU L 298 65.91 -69.91 -41.63
C GLU L 298 65.49 -70.42 -42.99
N ILE L 299 64.68 -69.66 -43.73
CA ILE L 299 64.45 -70.00 -45.12
C ILE L 299 65.76 -69.99 -45.88
N ALA L 300 66.65 -69.06 -45.56
CA ALA L 300 67.89 -68.99 -46.30
C ALA L 300 68.78 -70.18 -46.04
N ARG L 301 68.44 -70.98 -45.03
CA ARG L 301 69.10 -72.26 -44.81
C ARG L 301 68.48 -73.36 -45.65
N GLN L 302 67.16 -73.41 -45.72
CA GLN L 302 66.50 -74.48 -46.45
C GLN L 302 66.51 -74.25 -47.95
N THR L 303 66.29 -73.02 -48.38
CA THR L 303 66.29 -72.78 -49.82
C THR L 303 67.70 -72.69 -50.36
N GLY L 304 68.58 -72.00 -49.65
CA GLY L 304 69.85 -71.66 -50.21
C GLY L 304 69.80 -70.52 -51.18
N ARG L 305 68.63 -69.92 -51.39
CA ARG L 305 68.50 -68.79 -52.30
C ARG L 305 68.67 -67.46 -51.57
N GLY L 306 67.82 -67.17 -50.60
CA GLY L 306 68.00 -65.93 -49.87
C GLY L 306 67.15 -65.87 -48.64
N GLU L 307 67.31 -64.76 -47.92
CA GLU L 307 66.56 -64.52 -46.70
C GLU L 307 65.09 -64.29 -47.05
N GLY L 308 64.22 -64.48 -46.07
CA GLY L 308 62.80 -64.37 -46.34
C GLY L 308 62.37 -63.00 -46.81
N ASN L 309 61.80 -62.92 -48.01
CA ASN L 309 61.60 -61.65 -48.68
C ASN L 309 60.24 -61.03 -48.46
N PHE L 310 59.28 -61.77 -47.91
CA PHE L 310 57.96 -61.19 -47.69
C PHE L 310 57.28 -61.98 -46.60
N ILE L 311 56.26 -61.38 -46.01
CA ILE L 311 55.35 -62.13 -45.17
C ILE L 311 53.95 -61.83 -45.65
N ILE L 312 53.06 -62.79 -45.54
CA ILE L 312 51.64 -62.50 -45.62
C ILE L 312 51.08 -62.87 -44.26
N ALA L 313 49.98 -62.24 -43.88
CA ALA L 313 49.67 -62.20 -42.46
C ALA L 313 48.29 -61.64 -42.25
N SER L 314 47.73 -61.90 -41.07
CA SER L 314 46.39 -61.48 -40.75
C SER L 314 46.34 -60.00 -40.44
N ARG L 315 45.15 -59.43 -40.53
CA ARG L 315 44.97 -58.04 -40.14
C ARG L 315 45.52 -57.78 -38.75
N ASN L 316 45.31 -58.72 -37.82
CA ASN L 316 45.68 -58.49 -36.44
C ASN L 316 47.17 -58.24 -36.28
N VAL L 317 48.01 -59.18 -36.71
CA VAL L 317 49.43 -58.97 -36.51
C VAL L 317 49.92 -57.79 -37.32
N VAL L 318 49.15 -57.35 -38.33
CA VAL L 318 49.56 -56.17 -39.06
C VAL L 318 49.33 -54.90 -38.26
N ASN L 319 48.57 -54.96 -37.16
CA ASN L 319 48.72 -53.94 -36.13
C ASN L 319 50.02 -54.14 -35.35
N VAL L 320 50.21 -55.34 -34.81
CA VAL L 320 51.36 -55.60 -33.97
C VAL L 320 52.65 -55.33 -34.73
N LEU L 321 52.60 -55.35 -36.05
CA LEU L 321 53.72 -54.83 -36.83
C LEU L 321 53.64 -53.31 -36.94
N ALA L 322 52.45 -52.76 -37.09
CA ALA L 322 52.32 -51.34 -37.38
C ALA L 322 52.53 -50.50 -36.13
N SER L 323 52.04 -50.95 -34.99
CA SER L 323 51.97 -50.09 -33.82
C SER L 323 53.27 -50.01 -33.05
N VAL L 324 54.34 -50.64 -33.52
CA VAL L 324 55.60 -50.70 -32.77
C VAL L 324 56.76 -50.34 -33.66
N ASP L 325 57.61 -49.43 -33.19
CA ASP L 325 58.77 -49.00 -33.93
C ASP L 325 59.63 -50.21 -34.27
N THR L 326 59.89 -50.41 -35.55
CA THR L 326 60.56 -51.61 -36.03
C THR L 326 62.05 -51.44 -36.24
N GLY L 327 62.60 -50.25 -35.99
CA GLY L 327 64.03 -50.05 -36.05
C GLY L 327 64.65 -50.54 -34.76
N ILE L 328 65.85 -50.07 -34.47
CA ILE L 328 66.49 -50.38 -33.19
C ILE L 328 66.28 -49.12 -32.35
N SER L 329 65.21 -49.10 -31.57
CA SER L 329 65.02 -48.00 -30.63
C SER L 329 64.21 -48.46 -29.43
N TYR L 330 64.82 -48.45 -28.24
CA TYR L 330 64.14 -48.49 -26.94
C TYR L 330 62.87 -49.33 -26.97
N ALA L 331 61.79 -48.81 -26.38
CA ALA L 331 60.50 -49.51 -26.45
C ALA L 331 59.43 -48.47 -26.71
N ALA L 332 58.68 -48.63 -27.78
CA ALA L 332 57.69 -47.63 -28.13
C ALA L 332 56.43 -48.31 -28.64
N GLN L 333 55.32 -47.60 -28.55
CA GLN L 333 54.02 -48.06 -29.05
C GLN L 333 53.24 -46.83 -29.49
N GLY L 334 52.03 -47.07 -30.00
CA GLY L 334 51.13 -45.98 -30.32
C GLY L 334 50.09 -46.46 -31.33
N LEU L 335 49.45 -45.48 -31.96
CA LEU L 335 48.55 -45.79 -33.04
C LEU L 335 49.29 -46.47 -34.18
N ALA L 336 48.61 -47.36 -34.87
CA ALA L 336 49.19 -47.97 -36.06
C ALA L 336 49.44 -46.91 -37.10
N THR L 337 50.59 -46.96 -37.75
CA THR L 337 50.91 -45.91 -38.71
C THR L 337 51.38 -46.43 -40.06
N GLY L 338 52.55 -47.06 -40.08
CA GLY L 338 53.23 -47.30 -41.33
C GLY L 338 52.45 -48.14 -42.32
N PHE L 339 51.50 -48.94 -41.87
CA PHE L 339 50.92 -49.97 -42.71
C PHE L 339 49.46 -49.68 -42.98
N SER L 340 48.96 -50.21 -44.09
CA SER L 340 47.54 -50.17 -44.37
C SER L 340 46.94 -51.45 -43.81
N THR L 341 46.29 -51.34 -42.64
CA THR L 341 45.83 -52.53 -41.95
C THR L 341 44.50 -53.04 -42.48
N ASP L 342 43.67 -52.13 -42.99
CA ASP L 342 42.43 -52.54 -43.62
C ASP L 342 42.70 -53.08 -45.01
N THR L 343 41.80 -53.91 -45.51
CA THR L 343 41.83 -54.24 -46.92
C THR L 343 40.57 -53.63 -47.53
N THR L 344 40.73 -52.44 -48.09
CA THR L 344 39.78 -51.87 -49.01
C THR L 344 40.57 -51.19 -50.12
N LYS L 345 41.33 -50.17 -49.73
CA LYS L 345 42.28 -49.52 -50.61
C LYS L 345 43.08 -50.58 -51.35
N SER L 346 43.89 -51.33 -50.63
CA SER L 346 44.66 -52.40 -51.23
C SER L 346 45.05 -53.38 -50.13
N VAL L 347 45.40 -54.59 -50.56
CA VAL L 347 45.78 -55.62 -49.59
C VAL L 347 47.23 -55.44 -49.16
N PHE L 348 48.12 -55.13 -50.10
CA PHE L 348 49.51 -54.90 -49.77
C PHE L 348 49.64 -53.85 -48.69
N ALA L 349 50.28 -54.20 -47.59
CA ALA L 349 50.45 -53.28 -46.46
C ALA L 349 51.93 -53.07 -46.21
N GLY L 350 52.44 -51.91 -46.59
CA GLY L 350 53.75 -51.45 -46.18
C GLY L 350 54.91 -52.39 -46.46
N VAL L 351 56.01 -52.14 -45.76
CA VAL L 351 57.16 -53.03 -45.72
C VAL L 351 57.80 -52.85 -44.34
N LEU L 352 58.37 -53.92 -43.80
CA LEU L 352 59.09 -53.85 -42.54
C LEU L 352 60.54 -53.48 -42.78
N GLY L 353 60.95 -52.34 -42.26
CA GLY L 353 62.35 -51.97 -42.30
C GLY L 353 62.97 -52.05 -43.67
N GLY L 354 62.18 -51.80 -44.71
CA GLY L 354 62.69 -51.92 -46.06
C GLY L 354 63.16 -53.31 -46.41
N LYS L 355 62.55 -54.35 -45.84
CA LYS L 355 62.94 -55.71 -46.16
C LYS L 355 61.75 -56.57 -46.53
N TYR L 356 60.90 -56.88 -45.57
CA TYR L 356 59.79 -57.79 -45.80
C TYR L 356 58.60 -57.05 -46.41
N ARG L 357 58.10 -57.51 -47.55
CA ARG L 357 56.83 -57.00 -48.04
C ARG L 357 55.72 -57.70 -47.28
N VAL L 358 54.91 -56.95 -46.55
CA VAL L 358 53.93 -57.55 -45.65
C VAL L 358 52.57 -57.49 -46.33
N TYR L 359 52.10 -58.62 -46.83
CA TYR L 359 50.78 -58.68 -47.43
C TYR L 359 49.77 -59.12 -46.39
N ILE L 360 48.61 -58.55 -46.43
CA ILE L 360 47.53 -59.01 -45.56
C ILE L 360 46.89 -60.22 -46.22
N ASP L 361 46.38 -61.12 -45.41
CA ASP L 361 45.49 -62.16 -45.91
C ASP L 361 44.13 -61.81 -45.34
N GLN L 362 43.26 -61.28 -46.20
CA GLN L 362 42.05 -60.68 -45.70
C GLN L 362 41.07 -61.73 -45.21
N TYR L 363 41.23 -62.97 -45.61
CA TYR L 363 40.43 -64.08 -45.12
C TYR L 363 41.41 -64.91 -44.30
N ALA L 364 41.30 -64.83 -42.98
CA ALA L 364 42.27 -65.47 -42.11
C ALA L 364 41.49 -66.20 -41.05
N LYS L 365 41.60 -67.52 -41.04
CA LYS L 365 40.67 -68.30 -40.24
C LYS L 365 40.99 -68.19 -38.77
N GLN L 366 42.28 -68.13 -38.42
CA GLN L 366 42.58 -67.79 -37.04
C GLN L 366 43.44 -66.54 -37.00
N ASP L 367 44.72 -66.73 -37.28
CA ASP L 367 45.71 -65.67 -37.26
C ASP L 367 47.03 -66.32 -37.59
N TYR L 368 47.96 -65.53 -38.13
CA TYR L 368 49.27 -66.04 -38.52
C TYR L 368 50.11 -65.00 -39.24
N PHE L 369 51.35 -65.35 -39.55
CA PHE L 369 52.11 -64.65 -40.58
C PHE L 369 52.97 -65.68 -41.30
N THR L 370 52.93 -65.67 -42.62
CA THR L 370 53.69 -66.62 -43.42
C THR L 370 54.84 -65.88 -44.06
N VAL L 371 56.06 -66.15 -43.60
CA VAL L 371 57.23 -65.47 -44.13
C VAL L 371 57.74 -66.28 -45.30
N GLY L 372 57.67 -65.73 -46.50
CA GLY L 372 57.96 -66.46 -47.70
C GLY L 372 59.31 -66.13 -48.29
N TYR L 373 59.44 -66.38 -49.58
CA TYR L 373 60.56 -65.91 -50.36
C TYR L 373 60.11 -65.71 -51.79
N LYS L 374 60.58 -64.64 -52.43
CA LYS L 374 60.45 -64.49 -53.87
C LYS L 374 61.76 -63.93 -54.42
N GLY L 375 62.43 -64.70 -55.27
CA GLY L 375 63.70 -64.29 -55.80
C GLY L 375 63.53 -63.24 -56.87
N PRO L 376 64.66 -62.80 -57.41
CA PRO L 376 64.58 -61.83 -58.52
C PRO L 376 63.89 -62.40 -59.75
N ASN L 377 64.19 -63.65 -60.10
CA ASN L 377 63.57 -64.29 -61.23
C ASN L 377 62.10 -64.60 -60.95
N GLU L 378 61.34 -64.81 -62.01
CA GLU L 378 60.05 -65.46 -61.84
C GLU L 378 60.21 -66.97 -61.78
N MET L 379 61.40 -67.48 -62.06
CA MET L 379 61.68 -68.90 -61.95
C MET L 379 61.92 -69.32 -60.52
N ASP L 380 62.49 -68.44 -59.71
CA ASP L 380 62.81 -68.76 -58.32
C ASP L 380 61.70 -68.18 -57.48
N ALA L 381 60.79 -69.05 -57.08
CA ALA L 381 59.53 -68.64 -56.48
C ALA L 381 59.21 -69.47 -55.25
N GLY L 382 59.06 -70.76 -55.47
CA GLY L 382 58.56 -71.69 -54.48
C GLY L 382 57.16 -72.18 -54.79
N ILE L 383 56.42 -71.47 -55.61
CA ILE L 383 55.21 -71.99 -56.23
C ILE L 383 55.00 -71.21 -57.51
N TYR L 384 54.46 -71.87 -58.53
CA TYR L 384 54.33 -71.27 -59.84
C TYR L 384 52.87 -71.23 -60.22
N TYR L 385 52.34 -70.04 -60.47
CA TYR L 385 51.04 -69.92 -61.10
C TYR L 385 51.26 -69.63 -62.57
N ALA L 386 51.02 -70.63 -63.40
CA ALA L 386 51.31 -70.51 -64.82
C ALA L 386 50.00 -70.52 -65.59
N PRO L 387 49.56 -69.40 -66.14
CA PRO L 387 48.32 -69.40 -66.91
C PRO L 387 48.52 -70.05 -68.26
N TYR L 388 47.41 -70.43 -68.89
CA TYR L 388 47.45 -71.02 -70.23
C TYR L 388 46.56 -70.22 -71.17
N VAL L 389 45.24 -70.29 -71.01
CA VAL L 389 44.31 -69.40 -71.69
C VAL L 389 43.56 -68.63 -70.61
N ALA L 390 43.00 -67.49 -70.99
CA ALA L 390 42.38 -66.62 -70.01
C ALA L 390 40.97 -66.23 -70.46
N LEU L 391 39.97 -66.71 -69.72
CA LEU L 391 38.60 -66.23 -69.77
C LEU L 391 38.10 -66.08 -71.20
N THR L 392 38.20 -67.15 -71.97
CA THR L 392 37.58 -67.12 -73.27
C THR L 392 36.07 -67.08 -73.09
N PRO L 393 35.39 -66.00 -73.47
CA PRO L 393 33.96 -65.92 -73.26
C PRO L 393 33.22 -66.75 -74.29
N LEU L 394 32.01 -67.17 -73.93
CA LEU L 394 31.19 -68.02 -74.78
C LEU L 394 29.74 -67.59 -74.68
N ARG L 395 29.05 -67.58 -75.81
CA ARG L 395 27.64 -67.21 -75.85
C ARG L 395 26.86 -68.29 -76.58
N GLY L 396 25.55 -68.24 -76.42
CA GLY L 396 24.68 -69.18 -77.11
C GLY L 396 23.27 -69.15 -76.59
N SER L 397 22.33 -69.73 -77.32
CA SER L 397 20.95 -69.80 -76.89
C SER L 397 20.35 -71.11 -77.36
N ASP L 398 19.70 -71.82 -76.45
CA ASP L 398 19.05 -73.07 -76.81
C ASP L 398 17.77 -72.75 -77.56
N PRO L 399 17.60 -73.20 -78.80
CA PRO L 399 16.45 -72.76 -79.60
C PRO L 399 15.12 -73.11 -79.00
N LYS L 400 15.06 -74.01 -78.02
CA LYS L 400 13.80 -74.29 -77.36
C LYS L 400 13.21 -73.03 -76.76
N ASN L 401 13.94 -72.40 -75.84
CA ASN L 401 13.49 -71.21 -75.15
C ASN L 401 14.10 -69.91 -75.67
N PHE L 402 15.05 -69.98 -76.59
CA PHE L 402 15.71 -68.82 -77.20
C PHE L 402 16.30 -67.86 -76.18
N GLN L 403 16.62 -68.32 -74.98
CA GLN L 403 17.03 -67.33 -73.99
C GLN L 403 18.50 -67.45 -73.68
N PRO L 404 19.24 -66.35 -73.73
CA PRO L 404 20.69 -66.42 -73.88
C PRO L 404 21.37 -66.98 -72.64
N VAL L 405 22.35 -67.83 -72.87
CA VAL L 405 23.23 -68.33 -71.82
C VAL L 405 24.65 -67.95 -72.21
N MET L 406 25.50 -67.84 -71.21
CA MET L 406 26.86 -67.38 -71.45
C MET L 406 27.77 -67.96 -70.39
N GLY L 407 29.00 -68.23 -70.77
CA GLY L 407 29.92 -68.88 -69.85
C GLY L 407 31.35 -68.60 -70.21
N PHE L 408 32.23 -68.81 -69.25
CA PHE L 408 33.66 -68.54 -69.38
C PHE L 408 34.46 -69.81 -69.16
N LYS L 409 35.61 -69.91 -69.82
CA LYS L 409 36.53 -71.01 -69.60
C LYS L 409 37.93 -70.46 -69.41
N THR L 410 38.62 -70.96 -68.39
CA THR L 410 40.02 -70.63 -68.15
C THR L 410 40.78 -71.92 -67.91
N ARG L 411 42.05 -71.91 -68.27
CA ARG L 411 42.91 -73.06 -68.03
C ARG L 411 44.23 -72.55 -67.51
N TYR L 412 44.64 -72.98 -66.33
CA TYR L 412 45.87 -72.41 -65.81
C TYR L 412 46.90 -73.47 -65.44
N GLY L 413 46.69 -74.19 -64.37
CA GLY L 413 47.68 -75.13 -63.91
C GLY L 413 48.69 -74.45 -63.03
N ILE L 414 49.19 -75.17 -62.02
CA ILE L 414 50.08 -74.66 -61.00
C ILE L 414 51.33 -75.51 -61.08
N GLY L 415 52.38 -75.05 -60.43
CA GLY L 415 53.60 -75.84 -60.38
C GLY L 415 54.34 -75.58 -59.10
N ILE L 416 55.10 -76.57 -58.69
CA ILE L 416 55.88 -76.52 -57.47
C ILE L 416 57.34 -76.39 -57.89
N ASN L 417 58.11 -75.67 -57.11
CA ASN L 417 59.50 -75.49 -57.46
C ASN L 417 60.22 -76.82 -57.30
N PRO L 418 60.96 -77.30 -58.30
CA PRO L 418 61.95 -78.33 -58.00
C PRO L 418 62.89 -77.75 -56.96
N PHE L 419 63.44 -78.62 -56.12
CA PHE L 419 64.29 -78.24 -55.00
C PHE L 419 63.52 -77.52 -53.91
N ALA L 420 62.22 -77.30 -54.07
CA ALA L 420 61.48 -76.61 -53.03
C ALA L 420 61.50 -77.39 -51.73
N GLU L 421 61.23 -78.69 -51.80
CA GLU L 421 61.22 -79.50 -50.59
C GLU L 421 62.56 -79.41 -49.86
N SER L 422 63.66 -79.62 -50.59
CA SER L 422 65.01 -79.31 -50.13
C SER L 422 65.44 -80.15 -48.93
N ALA L 423 64.56 -80.97 -48.39
CA ALA L 423 64.94 -81.87 -47.33
C ALA L 423 65.43 -83.22 -47.85
N ALA L 424 65.35 -83.46 -49.16
CA ALA L 424 65.63 -84.77 -49.72
C ALA L 424 66.73 -84.65 -50.76
N GLN L 425 67.78 -85.45 -50.61
CA GLN L 425 68.86 -85.41 -51.59
C GLN L 425 68.42 -85.94 -52.94
N ALA L 426 67.30 -86.66 -53.00
CA ALA L 426 66.96 -87.35 -54.21
C ALA L 426 65.47 -87.26 -54.50
N PRO L 427 65.09 -87.08 -55.74
CA PRO L 427 63.68 -87.16 -56.11
C PRO L 427 63.27 -88.61 -56.27
N ALA L 428 61.97 -88.84 -56.14
CA ALA L 428 61.39 -90.13 -56.48
C ALA L 428 60.98 -90.12 -57.95
N SER L 429 61.32 -91.19 -58.65
CA SER L 429 60.86 -91.55 -59.99
C SER L 429 61.54 -90.78 -61.12
N ARG L 430 62.24 -89.68 -60.84
CA ARG L 430 63.05 -88.96 -61.83
C ARG L 430 62.22 -88.29 -62.91
N ILE L 431 60.96 -88.67 -63.05
CA ILE L 431 59.98 -87.90 -63.80
C ILE L 431 58.81 -87.73 -62.86
N GLN L 432 58.60 -86.51 -62.39
CA GLN L 432 57.85 -86.30 -61.17
C GLN L 432 56.82 -85.21 -61.40
N SER L 433 55.58 -85.49 -61.02
CA SER L 433 54.55 -84.48 -61.19
C SER L 433 54.90 -83.27 -60.36
N GLY L 434 54.80 -82.10 -60.96
CA GLY L 434 54.95 -80.85 -60.26
C GLY L 434 53.67 -80.28 -59.76
N MET L 435 52.55 -80.93 -60.03
CA MET L 435 51.28 -80.48 -59.48
C MET L 435 51.32 -80.64 -57.97
N PRO L 436 50.97 -79.62 -57.20
CA PRO L 436 51.06 -79.74 -55.75
C PRO L 436 50.13 -80.83 -55.23
N SER L 437 50.64 -81.63 -54.30
CA SER L 437 49.84 -82.69 -53.70
C SER L 437 50.40 -82.99 -52.32
N ILE L 438 49.59 -83.70 -51.52
CA ILE L 438 49.97 -83.99 -50.15
C ILE L 438 51.37 -84.57 -50.08
N LEU L 439 51.73 -85.39 -51.06
CA LEU L 439 53.04 -86.03 -51.04
C LEU L 439 54.16 -85.00 -51.00
N ASN L 440 54.36 -84.31 -52.12
CA ASN L 440 55.52 -83.43 -52.22
C ASN L 440 55.28 -82.04 -51.62
N SER L 441 54.12 -81.44 -51.84
CA SER L 441 53.96 -80.02 -51.58
C SER L 441 53.26 -79.65 -50.28
N LEU L 442 52.79 -80.59 -49.48
CA LEU L 442 52.03 -80.19 -48.30
C LEU L 442 52.98 -79.92 -47.15
N GLY L 443 53.04 -78.67 -46.71
CA GLY L 443 53.87 -78.32 -45.58
C GLY L 443 55.34 -78.58 -45.79
N LYS L 444 55.74 -78.96 -47.01
CA LYS L 444 57.13 -79.27 -47.26
C LYS L 444 57.91 -78.19 -47.98
N ASN L 445 57.29 -77.10 -48.45
CA ASN L 445 58.08 -76.09 -49.13
C ASN L 445 59.04 -75.40 -48.18
N ALA L 446 60.30 -75.35 -48.58
CA ALA L 446 61.27 -74.58 -47.84
C ALA L 446 61.01 -73.10 -47.95
N TYR L 447 60.32 -72.65 -48.99
CA TYR L 447 60.24 -71.23 -49.24
C TYR L 447 59.32 -70.51 -48.26
N PHE L 448 58.32 -71.20 -47.71
CA PHE L 448 57.24 -70.54 -47.00
C PHE L 448 57.16 -71.11 -45.58
N ARG L 449 57.34 -70.25 -44.59
CA ARG L 449 57.23 -70.66 -43.20
C ARG L 449 56.10 -69.91 -42.52
N ARG L 450 55.27 -70.63 -41.79
CA ARG L 450 53.99 -70.12 -41.29
C ARG L 450 53.94 -70.24 -39.78
N VAL L 451 53.45 -69.19 -39.11
CA VAL L 451 53.43 -69.14 -37.66
C VAL L 451 52.10 -68.60 -37.21
N TYR L 452 51.35 -69.39 -36.45
CA TYR L 452 50.12 -68.88 -35.90
C TYR L 452 50.46 -68.05 -34.68
N VAL L 453 50.14 -66.76 -34.72
CA VAL L 453 50.28 -65.91 -33.56
C VAL L 453 49.01 -66.03 -32.74
N LYS L 454 49.16 -66.20 -31.44
CA LYS L 454 48.03 -66.24 -30.54
C LYS L 454 48.21 -65.16 -29.49
N GLY L 455 47.14 -64.87 -28.77
CA GLY L 455 47.24 -63.91 -27.69
C GLY L 455 47.38 -62.49 -28.15
N ILE L 456 46.81 -62.15 -29.30
CA ILE L 456 46.65 -60.74 -29.63
C ILE L 456 45.27 -60.33 -29.17
N ALA M 1 19.76 8.23 20.17
CA ALA M 1 20.53 7.12 19.63
C ALA M 1 19.75 6.42 18.55
N GLU M 2 19.67 7.03 17.38
CA GLU M 2 18.92 6.43 16.27
C GLU M 2 19.77 5.38 15.60
N ILE M 3 19.32 4.15 15.59
CA ILE M 3 20.13 3.03 15.18
C ILE M 3 19.79 2.70 13.73
N GLY M 4 20.81 2.31 12.96
CA GLY M 4 20.58 2.01 11.56
C GLY M 4 20.05 0.62 11.34
N GLY M 5 20.43 -0.33 12.19
CA GLY M 5 19.89 -1.66 12.10
C GLY M 5 20.38 -2.39 10.88
N ASP M 6 20.06 -3.67 10.80
CA ASP M 6 20.40 -4.50 9.66
C ASP M 6 19.17 -5.26 9.21
N HIS M 7 19.20 -5.70 7.95
CA HIS M 7 18.36 -6.80 7.57
C HIS M 7 18.70 -7.98 8.46
N GLY M 8 17.74 -8.84 8.70
CA GLY M 8 18.05 -9.90 9.63
C GLY M 8 19.08 -10.89 9.15
N TYR M 9 19.63 -10.70 7.97
CA TYR M 9 20.41 -11.67 7.22
C TYR M 9 19.54 -12.81 6.76
N ASN M 10 18.26 -12.81 7.12
CA ASN M 10 17.29 -13.70 6.54
C ASN M 10 17.14 -13.40 5.06
N ALA M 11 16.77 -14.42 4.29
CA ALA M 11 16.70 -14.23 2.85
C ALA M 11 15.47 -13.42 2.46
N THR M 12 14.38 -13.53 3.21
CA THR M 12 13.21 -12.73 2.91
C THR M 12 13.36 -11.31 3.44
N ASN M 13 13.80 -11.18 4.69
CA ASN M 13 13.89 -9.87 5.32
C ASN M 13 14.79 -8.93 4.56
N ILE M 14 15.66 -9.46 3.71
CA ILE M 14 16.42 -8.59 2.84
C ILE M 14 15.60 -8.19 1.63
N ALA M 15 15.01 -9.17 0.95
CA ALA M 15 14.28 -8.88 -0.27
C ALA M 15 13.08 -8.00 -0.02
N ALA M 16 12.57 -7.99 1.22
CA ALA M 16 11.47 -7.11 1.59
C ALA M 16 11.95 -5.79 2.17
N GLY M 17 13.23 -5.64 2.45
CA GLY M 17 13.71 -4.43 3.07
C GLY M 17 13.35 -4.28 4.54
N GLN M 18 12.61 -5.22 5.11
CA GLN M 18 12.41 -5.26 6.55
C GLN M 18 13.74 -5.13 7.26
N THR M 19 13.83 -4.23 8.22
CA THR M 19 15.11 -3.95 8.86
C THR M 19 14.90 -3.70 10.34
N SER M 20 15.72 -4.36 11.17
CA SER M 20 15.55 -4.29 12.61
C SER M 20 15.64 -2.87 13.15
N GLY M 21 16.34 -1.99 12.46
CA GLY M 21 16.54 -0.64 12.94
C GLY M 21 15.40 0.27 12.58
N ALA M 22 15.69 1.58 12.59
CA ALA M 22 14.71 2.57 12.20
C ALA M 22 14.21 2.33 10.78
N VAL M 23 15.12 2.46 9.82
CA VAL M 23 14.74 2.61 8.42
C VAL M 23 14.51 1.24 7.79
N THR M 24 13.43 1.11 7.03
CA THR M 24 13.19 -0.04 6.17
C THR M 24 13.58 0.34 4.75
N GLN M 25 14.62 -0.29 4.21
CA GLN M 25 15.11 0.20 2.93
C GLN M 25 14.15 -0.16 1.82
N ILE M 26 14.43 0.37 0.63
CA ILE M 26 13.62 0.12 -0.55
C ILE M 26 13.67 -1.36 -0.86
N GLY M 27 14.85 -1.83 -1.23
CA GLY M 27 15.02 -3.21 -1.58
C GLY M 27 16.45 -3.51 -1.98
N PRO M 28 16.64 -4.66 -2.53
CA PRO M 28 17.98 -5.11 -2.90
C PRO M 28 18.65 -4.45 -4.11
N ALA M 29 17.91 -3.69 -4.91
CA ALA M 29 18.32 -3.35 -6.27
C ALA M 29 18.49 -4.62 -7.09
N VAL M 30 19.49 -4.69 -7.97
CA VAL M 30 19.74 -5.87 -8.78
C VAL M 30 21.22 -5.96 -9.05
N MET M 31 21.77 -7.17 -8.98
CA MET M 31 23.12 -7.45 -9.43
C MET M 31 23.13 -8.09 -10.81
N GLY M 32 21.97 -8.28 -11.42
CA GLY M 32 21.89 -8.86 -12.74
C GLY M 32 21.40 -10.29 -12.72
N MET M 33 21.00 -10.77 -13.88
CA MET M 33 20.37 -12.08 -14.03
C MET M 33 21.38 -13.10 -14.54
N VAL M 34 21.25 -14.33 -14.07
CA VAL M 34 22.12 -15.42 -14.50
C VAL M 34 21.26 -16.45 -15.21
N ARG M 35 21.55 -16.69 -16.48
CA ARG M 35 20.83 -17.70 -17.24
C ARG M 35 21.68 -18.97 -17.27
N ARG M 36 21.11 -20.03 -17.81
CA ARG M 36 21.78 -21.31 -17.92
C ARG M 36 22.22 -21.54 -19.36
N ALA M 37 23.44 -22.06 -19.53
CA ALA M 37 24.01 -22.16 -20.85
C ALA M 37 23.39 -23.31 -21.63
N ILE M 38 23.22 -23.10 -22.94
CA ILE M 38 22.64 -24.09 -23.84
C ILE M 38 23.70 -25.10 -24.25
N PRO M 39 23.42 -26.40 -24.17
CA PRO M 39 24.46 -27.40 -24.48
C PRO M 39 24.85 -27.38 -25.95
N ASN M 40 25.83 -28.21 -26.28
CA ASN M 40 26.47 -28.20 -27.58
C ASN M 40 26.13 -29.45 -28.38
N LEU M 41 25.92 -29.25 -29.68
CA LEU M 41 25.58 -30.36 -30.55
C LEU M 41 26.83 -31.09 -31.01
N ILE M 42 26.64 -32.36 -31.38
CA ILE M 42 27.71 -33.20 -31.90
C ILE M 42 27.80 -33.13 -33.41
N ALA M 43 26.94 -32.32 -34.03
CA ALA M 43 26.70 -32.21 -35.44
C ALA M 43 26.45 -33.55 -36.13
N PHE M 44 26.63 -33.58 -37.44
CA PHE M 44 26.13 -34.67 -38.26
C PHE M 44 27.19 -35.49 -38.96
N ASP M 45 28.47 -35.16 -38.80
CA ASP M 45 29.48 -35.86 -39.58
C ASP M 45 29.55 -37.34 -39.21
N ILE M 46 28.87 -37.74 -38.13
CA ILE M 46 28.93 -39.13 -37.70
C ILE M 46 27.85 -39.98 -38.34
N CYS M 47 26.87 -39.35 -38.99
CA CYS M 47 25.79 -40.07 -39.63
C CYS M 47 25.40 -39.39 -40.93
N GLY M 48 25.31 -40.14 -42.01
CA GLY M 48 24.99 -39.54 -43.28
C GLY M 48 23.64 -38.86 -43.25
N VAL M 49 23.59 -37.56 -43.56
CA VAL M 49 22.33 -36.83 -43.43
C VAL M 49 21.33 -37.30 -44.46
N GLN M 50 21.65 -37.14 -45.74
CA GLN M 50 20.80 -37.62 -46.83
C GLN M 50 19.37 -37.10 -46.68
N PRO M 51 19.12 -35.82 -46.97
CA PRO M 51 17.81 -35.25 -46.73
C PRO M 51 16.73 -35.97 -47.54
N MET M 52 15.48 -35.78 -47.13
CA MET M 52 14.38 -36.53 -47.70
C MET M 52 13.29 -35.55 -48.12
N ASN M 53 13.06 -35.46 -49.43
CA ASN M 53 12.16 -34.45 -49.98
C ASN M 53 10.71 -34.89 -49.86
N SER M 54 10.43 -36.16 -50.15
CA SER M 54 9.12 -36.76 -50.09
C SER M 54 9.15 -37.86 -49.06
N PRO M 55 8.09 -38.07 -48.30
CA PRO M 55 8.16 -39.05 -47.22
C PRO M 55 8.43 -40.43 -47.80
N THR M 56 8.97 -41.30 -46.97
CA THR M 56 9.18 -42.70 -47.33
C THR M 56 10.13 -42.87 -48.52
N GLY M 57 11.41 -42.66 -48.27
CA GLY M 57 12.40 -43.05 -49.24
C GLY M 57 12.52 -44.55 -49.38
N GLN M 58 13.32 -44.99 -50.36
CA GLN M 58 13.64 -46.39 -50.52
C GLN M 58 15.02 -46.55 -51.14
N VAL M 59 15.68 -47.66 -50.82
CA VAL M 59 17.05 -47.92 -51.24
C VAL M 59 17.16 -49.38 -51.64
N PHE M 60 17.75 -49.64 -52.79
CA PHE M 60 17.90 -51.01 -53.24
C PHE M 60 19.14 -51.64 -52.62
N ALA M 61 19.34 -52.92 -52.83
CA ALA M 61 20.62 -53.55 -52.54
C ALA M 61 20.87 -54.67 -53.53
N LEU M 62 21.99 -54.64 -54.25
CA LEU M 62 22.25 -55.70 -55.22
C LEU M 62 23.26 -56.67 -54.64
N ARG M 63 22.79 -57.85 -54.26
CA ARG M 63 23.68 -58.91 -53.84
C ARG M 63 24.08 -59.69 -55.07
N ALA M 64 25.34 -60.06 -55.16
CA ALA M 64 25.76 -61.00 -56.18
C ALA M 64 25.70 -62.38 -55.54
N VAL M 65 24.70 -63.15 -55.93
CA VAL M 65 24.39 -64.43 -55.31
C VAL M 65 24.70 -65.50 -56.32
N TYR M 66 25.29 -66.60 -55.89
CA TYR M 66 25.66 -67.62 -56.86
C TYR M 66 25.01 -68.95 -56.56
N GLY M 67 25.08 -69.82 -57.56
CA GLY M 67 24.53 -71.15 -57.48
C GLY M 67 23.28 -71.42 -58.27
N LYS M 68 22.91 -70.56 -59.21
CA LYS M 68 21.83 -70.73 -60.18
C LYS M 68 20.49 -70.24 -59.64
N ASP M 69 20.39 -69.91 -58.35
CA ASP M 69 19.17 -69.39 -57.75
C ASP M 69 19.46 -68.04 -57.10
N PRO M 70 19.23 -66.94 -57.82
CA PRO M 70 19.49 -65.63 -57.22
C PRO M 70 18.82 -65.43 -55.88
N VAL M 71 17.69 -66.08 -55.64
CA VAL M 71 17.04 -66.06 -54.34
C VAL M 71 16.74 -67.49 -53.93
N ALA M 72 17.39 -67.95 -52.88
CA ALA M 72 17.13 -69.30 -52.40
C ALA M 72 17.56 -69.38 -50.95
N ALA M 73 17.10 -70.41 -50.28
CA ALA M 73 17.48 -70.61 -48.89
C ALA M 73 18.99 -70.74 -48.79
N GLY M 74 19.59 -69.90 -47.97
CA GLY M 74 21.01 -69.95 -47.75
C GLY M 74 21.84 -69.95 -49.01
N ALA M 75 21.62 -68.96 -49.87
CA ALA M 75 22.41 -68.80 -51.08
C ALA M 75 23.53 -67.83 -50.78
N LYS M 76 24.76 -68.31 -50.86
CA LYS M 76 25.91 -67.53 -50.43
C LYS M 76 26.09 -66.31 -51.31
N GLU M 77 26.24 -65.15 -50.70
CA GLU M 77 26.56 -63.95 -51.46
C GLU M 77 27.97 -64.07 -52.01
N ALA M 78 28.18 -63.54 -53.22
CA ALA M 78 29.46 -63.74 -53.90
C ALA M 78 30.53 -62.84 -53.30
N PHE M 79 30.48 -61.55 -53.58
CA PHE M 79 31.56 -60.66 -53.20
C PHE M 79 31.15 -60.11 -51.85
N HIS M 80 31.70 -60.69 -50.79
CA HIS M 80 31.25 -60.38 -49.44
C HIS M 80 32.46 -59.95 -48.62
N PRO M 81 32.47 -58.76 -48.05
CA PRO M 81 33.67 -58.34 -47.30
C PRO M 81 34.07 -59.27 -46.18
N MET M 82 33.11 -59.71 -45.36
CA MET M 82 33.37 -60.75 -44.37
C MET M 82 33.95 -62.00 -45.01
N TYR M 83 33.10 -62.73 -45.70
CA TYR M 83 33.36 -64.10 -46.13
C TYR M 83 34.17 -64.13 -47.41
N GLY M 84 35.06 -65.09 -47.52
CA GLY M 84 35.85 -65.24 -48.71
C GLY M 84 35.08 -65.94 -49.82
N PRO M 85 35.68 -65.95 -51.00
CA PRO M 85 35.09 -66.71 -52.10
C PRO M 85 35.34 -68.19 -51.87
N ASP M 86 34.35 -69.01 -52.19
CA ASP M 86 34.58 -70.43 -52.05
C ASP M 86 35.66 -70.84 -53.03
N ALA M 87 36.71 -71.43 -52.48
CA ALA M 87 37.98 -71.51 -53.18
C ALA M 87 37.81 -72.15 -54.56
N MET M 88 37.28 -73.37 -54.59
CA MET M 88 37.03 -74.07 -55.84
C MET M 88 35.52 -74.19 -56.01
N PHE M 89 34.98 -73.39 -56.91
CA PHE M 89 33.57 -73.42 -57.25
C PHE M 89 33.52 -73.51 -58.75
N SER M 90 34.10 -72.51 -59.41
CA SER M 90 34.56 -72.68 -60.78
C SER M 90 35.39 -73.95 -60.93
N GLY M 91 36.23 -74.23 -59.95
CA GLY M 91 37.22 -75.27 -60.06
C GLY M 91 36.64 -76.62 -59.70
N GLN M 92 37.46 -77.47 -59.08
CA GLN M 92 37.05 -78.85 -58.81
C GLN M 92 35.68 -78.93 -58.18
N GLY M 93 35.29 -77.90 -57.43
CA GLY M 93 34.00 -77.94 -56.77
C GLY M 93 32.82 -78.10 -57.70
N ALA M 94 32.98 -77.74 -58.97
CA ALA M 94 31.90 -77.95 -59.94
C ALA M 94 31.89 -79.37 -60.48
N ALA M 95 33.05 -80.01 -60.57
CA ALA M 95 33.09 -81.38 -61.07
C ALA M 95 32.45 -82.33 -60.07
N LYS M 96 32.90 -82.29 -58.83
CA LYS M 96 32.32 -83.12 -57.79
C LYS M 96 31.86 -82.25 -56.65
N LYS M 97 31.01 -82.80 -55.79
CA LYS M 97 30.46 -82.11 -54.64
C LYS M 97 31.17 -82.64 -53.40
N PHE M 98 31.92 -81.79 -52.73
CA PHE M 98 32.70 -82.31 -51.63
C PHE M 98 31.82 -82.47 -50.39
N PRO M 99 32.01 -83.54 -49.63
CA PRO M 99 31.14 -83.76 -48.47
C PRO M 99 31.36 -82.68 -47.42
N ALA M 100 30.25 -82.10 -46.95
CA ALA M 100 30.33 -81.09 -45.92
C ALA M 100 30.86 -81.70 -44.64
N LEU M 101 31.40 -80.84 -43.78
CA LEU M 101 32.11 -81.27 -42.60
C LEU M 101 31.25 -81.00 -41.38
N ALA M 102 30.99 -82.02 -40.59
CA ALA M 102 30.08 -81.92 -39.46
C ALA M 102 30.63 -82.72 -38.29
N ALA M 103 29.99 -82.57 -37.14
CA ALA M 103 30.34 -83.35 -35.96
C ALA M 103 30.34 -84.84 -36.29
N SER M 104 31.32 -85.55 -35.77
CA SER M 104 31.50 -86.97 -36.04
C SER M 104 31.55 -87.26 -37.53
N THR M 105 32.44 -86.57 -38.22
CA THR M 105 32.85 -86.96 -39.56
C THR M 105 34.32 -87.31 -39.48
N GLN M 106 34.64 -88.59 -39.56
CA GLN M 106 36.03 -89.00 -39.54
C GLN M 106 36.64 -88.75 -40.90
N THR M 107 37.76 -88.06 -40.93
CA THR M 107 38.32 -87.52 -42.16
C THR M 107 39.32 -88.51 -42.73
N THR M 108 39.02 -89.11 -43.86
CA THR M 108 40.00 -89.96 -44.50
C THR M 108 41.07 -89.10 -45.15
N VAL M 109 42.29 -89.64 -45.21
CA VAL M 109 43.43 -88.83 -45.63
C VAL M 109 43.28 -88.48 -47.11
N GLY M 110 43.29 -87.20 -47.42
CA GLY M 110 43.24 -86.71 -48.77
C GLY M 110 41.88 -86.20 -49.21
N ASP M 111 40.79 -86.62 -48.58
CA ASP M 111 39.48 -86.19 -49.02
C ASP M 111 39.23 -84.75 -48.61
N ILE M 112 38.76 -83.94 -49.56
CA ILE M 112 38.49 -82.54 -49.30
C ILE M 112 37.11 -82.41 -48.70
N TYR M 113 36.95 -81.48 -47.77
CA TYR M 113 35.70 -81.27 -47.05
C TYR M 113 35.32 -79.80 -47.15
N THR M 114 34.05 -79.54 -47.38
CA THR M 114 33.57 -78.17 -47.41
C THR M 114 33.22 -77.74 -46.00
N HIS M 115 33.51 -76.49 -45.67
CA HIS M 115 32.93 -75.93 -44.47
C HIS M 115 32.76 -74.44 -44.65
N PHE M 116 31.73 -73.91 -44.03
CA PHE M 116 31.40 -72.49 -44.08
C PHE M 116 31.58 -71.92 -42.69
N PHE M 117 32.64 -71.14 -42.49
CA PHE M 117 32.85 -70.53 -41.19
C PHE M 117 31.94 -69.33 -41.00
N GLN M 118 31.35 -69.23 -39.81
CA GLN M 118 30.43 -68.13 -39.53
C GLN M 118 31.13 -66.79 -39.63
N GLU M 119 32.44 -66.81 -39.69
CA GLU M 119 33.24 -65.60 -39.78
C GLU M 119 34.36 -65.87 -40.79
N THR M 120 34.43 -65.04 -41.82
CA THR M 120 35.47 -65.15 -42.84
C THR M 120 35.47 -66.48 -43.57
N GLY M 121 34.45 -66.72 -44.37
CA GLY M 121 34.61 -67.56 -45.53
C GLY M 121 33.98 -68.93 -45.49
N THR M 122 33.95 -69.52 -46.68
CA THR M 122 33.62 -70.93 -46.89
C THR M 122 34.86 -71.61 -47.44
N VAL M 123 35.30 -72.66 -46.77
CA VAL M 123 36.57 -73.28 -47.08
C VAL M 123 36.33 -74.67 -47.63
N TYR M 124 37.28 -75.13 -48.42
CA TYR M 124 37.36 -76.53 -48.81
C TYR M 124 38.63 -77.07 -48.18
N LEU M 125 38.47 -77.85 -47.13
CA LEU M 125 39.58 -78.31 -46.31
C LEU M 125 40.01 -79.67 -46.79
N GLN M 126 41.31 -79.85 -46.95
CA GLN M 126 41.86 -81.16 -47.25
C GLN M 126 42.34 -81.78 -45.96
N ALA M 127 42.01 -83.04 -45.75
CA ALA M 127 42.36 -83.73 -44.51
C ALA M 127 43.71 -84.41 -44.71
N SER M 128 44.73 -83.89 -44.03
CA SER M 128 46.06 -84.46 -44.17
C SER M 128 46.31 -85.61 -43.19
N VAL M 129 45.45 -85.80 -42.20
CA VAL M 129 45.57 -86.92 -41.28
C VAL M 129 44.18 -87.28 -40.81
N GLN M 130 43.97 -88.57 -40.55
CA GLN M 130 42.66 -89.05 -40.14
C GLN M 130 42.34 -88.57 -38.74
N VAL M 131 41.22 -87.88 -38.58
CA VAL M 131 40.86 -87.27 -37.32
C VAL M 131 39.34 -87.15 -37.24
N THR M 132 38.83 -87.14 -36.02
CA THR M 132 37.41 -87.00 -35.79
C THR M 132 37.09 -85.59 -35.33
N ILE M 133 35.92 -85.10 -35.72
CA ILE M 133 35.57 -83.69 -35.53
C ILE M 133 34.91 -83.51 -34.17
N ASP M 134 34.97 -84.55 -33.33
CA ASP M 134 34.64 -84.38 -31.92
C ASP M 134 33.18 -84.03 -31.69
N ALA M 135 32.31 -85.04 -31.68
CA ALA M 135 30.86 -84.85 -31.70
C ALA M 135 30.36 -83.86 -30.68
N GLY M 136 31.16 -83.52 -29.68
CA GLY M 136 30.77 -82.47 -28.76
C GLY M 136 30.48 -81.14 -29.42
N ALA M 137 30.85 -80.96 -30.69
CA ALA M 137 30.63 -79.71 -31.40
C ALA M 137 29.40 -79.87 -32.28
N THR M 138 28.29 -79.24 -31.88
CA THR M 138 27.05 -79.27 -32.62
C THR M 138 26.70 -77.90 -33.17
N ASP M 139 26.52 -76.92 -32.29
CA ASP M 139 26.28 -75.55 -32.71
C ASP M 139 27.38 -75.08 -33.65
N ALA M 140 27.00 -74.31 -34.67
CA ALA M 140 27.96 -73.88 -35.67
C ALA M 140 29.04 -72.99 -35.09
N ALA M 141 28.79 -72.35 -33.95
CA ALA M 141 29.85 -71.60 -33.28
C ALA M 141 30.80 -72.52 -32.53
N LYS M 142 30.30 -73.64 -32.01
CA LYS M 142 31.16 -74.61 -31.38
C LYS M 142 31.84 -75.53 -32.37
N LEU M 143 31.36 -75.57 -33.60
CA LEU M 143 32.04 -76.38 -34.61
C LEU M 143 33.27 -75.67 -35.13
N ASP M 144 33.17 -74.37 -35.42
CA ASP M 144 34.32 -73.64 -35.93
C ASP M 144 35.48 -73.72 -34.94
N ALA M 145 35.22 -73.46 -33.67
CA ALA M 145 36.27 -73.59 -32.68
C ALA M 145 36.82 -75.01 -32.63
N GLU M 146 36.07 -75.99 -33.14
CA GLU M 146 36.60 -77.34 -33.24
C GLU M 146 37.44 -77.53 -34.50
N ILE M 147 36.99 -77.00 -35.63
CA ILE M 147 37.77 -77.12 -36.86
C ILE M 147 39.01 -76.27 -36.79
N LYS M 148 38.88 -75.01 -36.36
CA LYS M 148 40.06 -74.20 -36.15
C LYS M 148 41.03 -74.86 -35.19
N LYS M 149 40.54 -75.75 -34.32
CA LYS M 149 41.45 -76.53 -33.48
C LYS M 149 42.19 -77.55 -34.33
N GLN M 150 41.45 -78.27 -35.18
CA GLN M 150 42.09 -79.19 -36.11
C GLN M 150 43.00 -78.44 -37.06
N MET M 151 42.45 -77.46 -37.77
CA MET M 151 43.18 -76.81 -38.85
C MET M 151 44.41 -76.05 -38.36
N GLU M 152 44.43 -75.62 -37.10
CA GLU M 152 45.63 -75.01 -36.56
C GLU M 152 46.70 -76.04 -36.27
N ALA M 153 46.31 -77.28 -35.98
CA ALA M 153 47.28 -78.34 -35.73
C ALA M 153 47.82 -78.93 -37.02
N GLY M 154 47.40 -78.42 -38.17
CA GLY M 154 47.86 -78.92 -39.44
C GLY M 154 47.17 -80.18 -39.92
N ALA M 155 46.25 -80.72 -39.11
CA ALA M 155 45.54 -81.92 -39.53
C ALA M 155 44.74 -81.66 -40.80
N LEU M 156 43.83 -80.72 -40.73
CA LEU M 156 42.87 -80.46 -41.77
C LEU M 156 43.25 -79.12 -42.36
N VAL M 157 43.84 -79.13 -43.54
CA VAL M 157 44.39 -77.92 -44.14
C VAL M 157 43.47 -77.49 -45.27
N GLU M 158 43.79 -76.37 -45.91
CA GLU M 158 42.89 -75.71 -46.83
C GLU M 158 43.49 -75.63 -48.23
N ILE M 159 42.69 -75.95 -49.25
CA ILE M 159 43.15 -75.90 -50.63
C ILE M 159 42.12 -75.22 -51.53
N ALA M 160 42.60 -74.85 -52.71
CA ALA M 160 41.77 -74.44 -53.84
C ALA M 160 42.38 -75.06 -55.08
N GLU M 161 41.62 -75.87 -55.81
CA GLU M 161 42.20 -76.43 -57.01
C GLU M 161 41.24 -76.26 -58.18
N GLY M 162 41.69 -76.67 -59.36
CA GLY M 162 40.94 -76.47 -60.58
C GLY M 162 40.27 -77.73 -61.06
N MET M 163 39.42 -77.56 -62.07
CA MET M 163 38.72 -78.66 -62.69
C MET M 163 39.68 -79.37 -63.63
N ALA M 164 39.62 -80.69 -63.67
CA ALA M 164 40.53 -81.43 -64.54
C ALA M 164 40.11 -81.26 -65.99
N THR M 165 41.05 -80.84 -66.84
CA THR M 165 40.67 -80.43 -68.19
C THR M 165 40.06 -81.54 -69.03
N SER M 166 40.01 -82.76 -68.52
CA SER M 166 39.19 -83.78 -69.16
C SER M 166 37.73 -83.58 -68.83
N ILE M 167 37.43 -83.16 -67.60
CA ILE M 167 36.04 -82.96 -67.23
C ILE M 167 35.50 -81.66 -67.79
N ALA M 168 36.26 -80.58 -67.70
CA ALA M 168 35.76 -79.31 -68.21
C ALA M 168 35.54 -79.39 -69.71
N GLU M 169 36.31 -80.23 -70.40
CA GLU M 169 36.16 -80.35 -71.83
C GLU M 169 34.76 -80.82 -72.21
N LEU M 170 34.32 -81.92 -71.61
CA LEU M 170 32.96 -82.38 -71.77
C LEU M 170 32.21 -82.02 -70.50
N GLN M 171 31.40 -80.97 -70.57
CA GLN M 171 30.76 -80.47 -69.36
C GLN M 171 29.32 -80.15 -69.73
N GLU M 172 28.39 -80.78 -69.02
CA GLU M 172 26.97 -80.68 -69.30
C GLU M 172 26.66 -81.15 -70.72
N GLY M 173 26.72 -82.46 -70.88
CA GLY M 173 26.17 -83.05 -72.07
C GLY M 173 26.98 -82.86 -73.33
N PHE M 174 28.27 -83.13 -73.27
CA PHE M 174 29.05 -83.28 -74.49
C PHE M 174 29.55 -84.70 -74.57
N ASN M 175 29.71 -85.20 -75.79
CA ASN M 175 30.26 -86.53 -76.03
C ASN M 175 29.46 -87.61 -75.30
N GLY M 176 28.18 -87.33 -75.04
CA GLY M 176 27.32 -88.28 -74.39
C GLY M 176 27.24 -88.16 -72.88
N SER M 177 28.24 -87.56 -72.25
CA SER M 177 28.27 -87.49 -70.79
C SER M 177 27.09 -86.68 -70.26
N THR M 178 26.73 -86.91 -69.00
CA THR M 178 25.54 -86.28 -68.47
C THR M 178 25.65 -86.10 -66.95
N ASP M 179 24.63 -85.46 -66.38
CA ASP M 179 24.48 -85.14 -64.96
C ASP M 179 25.47 -84.14 -64.42
N ASN M 180 26.32 -83.55 -65.24
CA ASN M 180 27.41 -82.68 -64.78
C ASN M 180 27.17 -81.24 -65.22
N PRO M 181 26.38 -80.47 -64.48
CA PRO M 181 26.11 -79.09 -64.87
C PRO M 181 27.27 -78.17 -64.55
N TRP M 182 27.33 -77.05 -65.29
CA TRP M 182 28.24 -75.99 -64.89
C TRP M 182 27.67 -75.28 -63.68
N ASN M 183 28.52 -74.55 -62.97
CA ASN M 183 28.05 -73.70 -61.90
C ASN M 183 27.80 -72.29 -62.40
N GLU M 184 26.78 -71.63 -61.84
CA GLU M 184 26.29 -70.38 -62.36
C GLU M 184 26.25 -69.35 -61.24
N MET M 185 26.15 -68.08 -61.61
CA MET M 185 26.02 -67.00 -60.64
C MET M 185 24.91 -66.04 -61.05
N GLY M 186 24.07 -65.65 -60.09
CA GLY M 186 23.01 -64.69 -60.32
C GLY M 186 23.25 -63.37 -59.60
N PHE M 187 22.21 -62.55 -59.58
CA PHE M 187 22.18 -61.38 -58.70
C PHE M 187 20.76 -61.17 -58.22
N ARG M 188 20.60 -60.34 -57.19
CA ARG M 188 19.35 -60.36 -56.43
C ARG M 188 18.54 -59.07 -56.50
N ILE M 189 19.05 -57.93 -56.02
CA ILE M 189 18.35 -56.64 -56.04
C ILE M 189 17.07 -56.64 -55.20
N ASP M 190 17.21 -56.61 -53.89
CA ASP M 190 16.09 -56.50 -52.96
C ASP M 190 16.15 -55.13 -52.29
N LYS M 191 15.00 -54.60 -51.89
CA LYS M 191 14.94 -53.19 -51.57
C LYS M 191 14.72 -52.95 -50.09
N GLN M 192 14.79 -51.68 -49.71
CA GLN M 192 14.53 -51.22 -48.36
C GLN M 192 13.72 -49.94 -48.42
N VAL M 193 12.95 -49.69 -47.37
CA VAL M 193 12.03 -48.56 -47.36
C VAL M 193 12.00 -47.97 -45.95
N ILE M 194 12.04 -46.63 -45.85
CA ILE M 194 12.02 -45.97 -44.56
C ILE M 194 10.81 -45.05 -44.50
N GLU M 195 10.48 -44.60 -43.30
CA GLU M 195 9.31 -43.77 -43.06
C GLU M 195 9.74 -42.53 -42.29
N ALA M 196 8.94 -41.48 -42.38
CA ALA M 196 9.24 -40.24 -41.69
C ALA M 196 8.36 -40.15 -40.45
N LYS M 197 8.98 -40.30 -39.29
CA LYS M 197 8.29 -40.12 -38.02
C LYS M 197 8.32 -38.66 -37.60
N SER M 198 7.26 -38.20 -36.98
CA SER M 198 7.11 -36.79 -36.65
C SER M 198 7.62 -36.55 -35.23
N ARG M 199 7.44 -35.32 -34.74
CA ARG M 199 7.91 -34.88 -33.44
C ARG M 199 7.46 -33.45 -33.22
N GLN M 200 7.29 -32.99 -31.98
CA GLN M 200 6.58 -31.73 -31.79
C GLN M 200 6.42 -31.38 -30.32
N LEU M 201 6.24 -30.08 -30.04
CA LEU M 201 6.04 -29.56 -28.69
C LEU M 201 5.08 -28.38 -28.73
N LYS M 202 4.91 -27.75 -27.57
CA LYS M 202 3.85 -26.81 -27.28
C LYS M 202 4.39 -25.88 -26.20
N ALA M 203 3.77 -24.71 -26.04
CA ALA M 203 4.22 -23.85 -24.95
C ALA M 203 3.07 -23.31 -24.12
N ALA M 204 2.22 -22.50 -24.74
CA ALA M 204 1.00 -21.98 -24.11
C ALA M 204 1.32 -21.14 -22.87
N TYR M 205 1.91 -19.99 -23.12
CA TYR M 205 2.16 -19.06 -22.03
C TYR M 205 0.89 -18.27 -21.74
N SER M 206 0.98 -17.22 -20.94
CA SER M 206 -0.20 -16.51 -20.48
C SER M 206 -0.18 -15.06 -20.90
N ILE M 207 -1.37 -14.49 -21.05
CA ILE M 207 -1.47 -13.08 -21.44
C ILE M 207 -1.23 -12.18 -20.24
N GLU M 208 -1.54 -12.65 -19.03
CA GLU M 208 -1.28 -11.85 -17.85
C GLU M 208 0.19 -11.84 -17.51
N LEU M 209 0.93 -12.83 -18.01
CA LEU M 209 2.36 -12.89 -17.71
C LEU M 209 3.11 -11.81 -18.49
N THR M 210 2.96 -11.79 -19.81
CA THR M 210 3.77 -10.89 -20.61
C THR M 210 3.49 -9.43 -20.27
N GLN M 211 2.34 -9.15 -19.66
CA GLN M 211 2.08 -7.78 -19.25
C GLN M 211 3.05 -7.36 -18.16
N ASP M 212 3.11 -8.12 -17.06
CA ASP M 212 3.92 -7.77 -15.92
C ASP M 212 5.38 -8.20 -16.04
N LEU M 213 5.66 -9.39 -16.56
CA LEU M 213 7.04 -9.80 -16.79
C LEU M 213 7.77 -8.77 -17.64
N ARG M 214 7.22 -8.44 -18.80
CA ARG M 214 7.85 -7.42 -19.63
C ARG M 214 7.89 -6.09 -18.91
N ALA M 215 7.02 -5.87 -17.93
CA ALA M 215 7.06 -4.62 -17.20
C ALA M 215 8.20 -4.61 -16.20
N VAL M 216 8.36 -5.69 -15.45
CA VAL M 216 9.42 -5.72 -14.44
C VAL M 216 10.77 -6.10 -15.07
N HIS M 217 10.83 -7.19 -15.82
CA HIS M 217 12.10 -7.69 -16.34
C HIS M 217 12.46 -7.20 -17.73
N GLY M 218 11.53 -6.61 -18.46
CA GLY M 218 11.84 -6.25 -19.83
C GLY M 218 12.03 -7.42 -20.78
N MET M 219 11.91 -8.65 -20.30
CA MET M 219 11.99 -9.80 -21.18
C MET M 219 10.79 -9.87 -22.12
N ASP M 220 10.94 -10.70 -23.14
CA ASP M 220 9.85 -10.90 -24.09
C ASP M 220 8.75 -11.76 -23.49
N ALA M 221 9.08 -12.99 -23.09
CA ALA M 221 8.24 -14.03 -22.51
C ALA M 221 7.57 -14.87 -23.58
N ASP M 222 7.68 -14.49 -24.85
CA ASP M 222 7.38 -15.34 -25.98
C ASP M 222 8.65 -15.96 -26.55
N ALA M 223 9.56 -15.13 -27.06
CA ALA M 223 10.80 -15.66 -27.62
C ALA M 223 11.65 -16.37 -26.57
N GLU M 224 11.30 -16.25 -25.28
CA GLU M 224 11.93 -17.09 -24.30
C GLU M 224 11.35 -18.49 -24.28
N LEU M 225 10.06 -18.63 -24.58
CA LEU M 225 9.49 -19.96 -24.79
C LEU M 225 9.80 -20.48 -26.19
N SER M 226 9.57 -19.67 -27.21
CA SER M 226 9.94 -20.09 -28.55
C SER M 226 11.41 -20.42 -28.65
N GLY M 227 12.23 -19.87 -27.76
CA GLY M 227 13.64 -20.16 -27.79
C GLY M 227 13.99 -21.46 -27.10
N ILE M 228 13.20 -21.88 -26.12
CA ILE M 228 13.47 -23.15 -25.49
C ILE M 228 12.69 -24.31 -26.09
N LEU M 229 11.68 -24.05 -26.91
CA LEU M 229 11.11 -25.17 -27.65
C LEU M 229 11.92 -25.46 -28.91
N ALA M 230 12.20 -24.44 -29.70
CA ALA M 230 12.95 -24.65 -30.93
C ALA M 230 14.32 -25.21 -30.64
N THR M 231 14.88 -24.88 -29.47
CA THR M 231 16.13 -25.48 -29.07
C THR M 231 15.92 -26.90 -28.59
N GLU M 232 14.83 -27.16 -27.87
CA GLU M 232 14.65 -28.47 -27.27
C GLU M 232 14.38 -29.54 -28.31
N ILE M 233 13.76 -29.19 -29.44
CA ILE M 233 13.60 -30.21 -30.47
C ILE M 233 14.91 -30.42 -31.20
N MET M 234 15.73 -29.38 -31.32
CA MET M 234 16.99 -29.55 -32.01
C MET M 234 18.02 -30.27 -31.15
N LEU M 235 17.89 -30.22 -29.83
CA LEU M 235 18.74 -31.03 -28.98
C LEU M 235 18.31 -32.47 -28.97
N GLU M 236 17.01 -32.72 -28.87
CA GLU M 236 16.55 -34.09 -28.83
C GLU M 236 16.77 -34.80 -30.14
N ILE M 237 16.49 -34.16 -31.27
CA ILE M 237 16.84 -34.78 -32.54
C ILE M 237 18.33 -35.08 -32.59
N ASN M 238 19.15 -34.25 -31.97
CA ASN M 238 20.57 -34.52 -31.97
C ASN M 238 20.97 -35.54 -30.93
N ARG M 239 20.28 -35.60 -29.80
CA ARG M 239 20.56 -36.68 -28.87
C ARG M 239 20.04 -38.00 -29.41
N GLU M 240 19.14 -37.96 -30.38
CA GLU M 240 18.55 -39.19 -30.87
C GLU M 240 19.55 -40.02 -31.65
N VAL M 241 20.21 -39.43 -32.65
CA VAL M 241 21.09 -40.23 -33.49
C VAL M 241 22.26 -40.76 -32.67
N VAL M 242 22.85 -39.92 -31.83
CA VAL M 242 23.92 -40.38 -30.97
C VAL M 242 23.40 -41.42 -29.99
N ASP M 243 22.09 -41.48 -29.78
CA ASP M 243 21.50 -42.58 -29.08
C ASP M 243 21.08 -43.72 -29.99
N TRP M 244 21.09 -43.51 -31.31
CA TRP M 244 20.99 -44.67 -32.20
C TRP M 244 22.36 -45.30 -32.44
N ILE M 245 23.39 -44.48 -32.64
CA ILE M 245 24.72 -45.03 -32.88
C ILE M 245 25.14 -45.95 -31.74
N ASN M 246 24.97 -45.50 -30.51
CA ASN M 246 25.27 -46.36 -29.38
C ASN M 246 24.23 -47.45 -29.19
N TYR M 247 23.04 -47.29 -29.76
CA TYR M 247 22.06 -48.38 -29.76
C TYR M 247 22.35 -49.38 -30.87
N SER M 248 22.80 -48.90 -32.01
CA SER M 248 23.00 -49.75 -33.17
C SER M 248 24.42 -50.27 -33.28
N ALA M 249 25.29 -49.98 -32.33
CA ALA M 249 26.69 -50.33 -32.47
C ALA M 249 26.97 -51.73 -31.94
N GLN M 250 27.80 -52.47 -32.67
CA GLN M 250 28.18 -53.79 -32.20
C GLN M 250 28.93 -53.69 -30.89
N VAL M 251 28.96 -54.78 -30.16
CA VAL M 251 29.78 -54.84 -28.96
C VAL M 251 31.22 -54.99 -29.40
N GLY M 252 32.06 -54.04 -29.02
CA GLY M 252 33.45 -54.09 -29.40
C GLY M 252 34.24 -54.99 -28.48
N LYS M 253 35.52 -55.10 -28.79
CA LYS M 253 36.41 -55.99 -28.07
C LYS M 253 35.75 -57.35 -27.87
N SER M 254 35.21 -57.87 -28.97
CA SER M 254 34.58 -59.17 -28.95
C SER M 254 34.78 -59.82 -30.31
N GLY M 255 34.64 -61.14 -30.34
CA GLY M 255 34.88 -61.86 -31.57
C GLY M 255 36.34 -61.79 -31.95
N MET M 256 36.62 -61.28 -33.14
CA MET M 256 37.98 -61.31 -33.64
C MET M 256 38.91 -60.34 -32.94
N THR M 257 38.37 -59.35 -32.21
CA THR M 257 39.20 -58.36 -31.55
C THR M 257 39.52 -58.69 -30.10
N LEU M 258 39.10 -59.85 -29.59
CA LEU M 258 39.45 -60.23 -28.24
C LEU M 258 40.92 -60.55 -28.11
N THR M 259 41.54 -60.00 -27.09
CA THR M 259 42.71 -60.62 -26.53
C THR M 259 42.22 -61.83 -25.76
N PRO M 260 42.64 -63.06 -26.12
CA PRO M 260 41.84 -64.25 -25.78
C PRO M 260 41.36 -64.34 -24.34
N GLY M 261 42.10 -63.84 -23.37
CA GLY M 261 41.67 -63.98 -21.99
C GLY M 261 40.96 -62.77 -21.44
N SER M 262 40.49 -61.89 -22.32
CA SER M 262 39.93 -60.61 -21.89
C SER M 262 38.49 -60.79 -21.44
N LYS M 263 37.81 -59.68 -21.18
CA LYS M 263 36.48 -59.69 -20.60
C LYS M 263 35.37 -59.55 -21.62
N ALA M 264 35.69 -59.50 -22.91
CA ALA M 264 34.69 -59.53 -23.99
C ALA M 264 33.71 -58.35 -23.88
N GLY M 265 34.22 -57.19 -24.26
CA GLY M 265 33.41 -55.99 -24.36
C GLY M 265 33.73 -54.89 -23.39
N VAL M 266 34.64 -55.09 -22.43
CA VAL M 266 35.12 -54.01 -21.59
C VAL M 266 36.63 -53.97 -21.63
N PHE M 267 37.19 -52.78 -21.81
CA PHE M 267 38.62 -52.55 -21.74
C PHE M 267 38.86 -51.83 -20.43
N ASP M 268 39.49 -52.50 -19.48
CA ASP M 268 39.68 -51.92 -18.16
C ASP M 268 41.16 -51.94 -17.78
N PHE M 269 41.65 -50.78 -17.34
CA PHE M 269 43.07 -50.55 -17.14
C PHE M 269 43.64 -51.35 -15.99
N GLN M 270 42.83 -52.10 -15.27
CA GLN M 270 43.33 -52.89 -14.15
C GLN M 270 43.59 -54.34 -14.52
N ASP M 271 43.30 -54.77 -15.74
CA ASP M 271 43.51 -56.16 -16.11
C ASP M 271 44.75 -56.30 -16.97
N PRO M 272 45.79 -57.01 -16.51
CA PRO M 272 47.05 -57.03 -17.25
C PRO M 272 46.94 -57.61 -18.63
N ILE M 273 45.94 -58.45 -18.89
CA ILE M 273 45.77 -58.99 -20.23
C ILE M 273 45.17 -57.95 -21.15
N ASP M 274 44.38 -57.02 -20.61
CA ASP M 274 43.78 -55.98 -21.44
C ASP M 274 44.76 -54.88 -21.78
N ILE M 275 45.59 -54.47 -20.82
CA ILE M 275 46.56 -53.42 -21.07
C ILE M 275 47.88 -54.01 -21.54
N ARG M 276 47.90 -55.32 -21.77
CA ARG M 276 49.10 -56.00 -22.27
C ARG M 276 50.26 -55.87 -21.30
N GLY M 277 50.02 -56.27 -20.05
CA GLY M 277 51.10 -56.26 -19.08
C GLY M 277 51.64 -54.89 -18.75
N ALA M 278 51.01 -53.85 -19.28
CA ALA M 278 51.51 -52.50 -19.13
C ALA M 278 51.40 -52.04 -17.68
N ARG M 279 52.12 -50.97 -17.39
CA ARG M 279 52.38 -50.55 -16.01
C ARG M 279 52.58 -49.05 -15.97
N TRP M 280 52.26 -48.47 -14.83
CA TRP M 280 52.05 -47.04 -14.57
C TRP M 280 51.17 -46.46 -15.67
N ALA M 281 51.35 -45.18 -15.98
CA ALA M 281 50.36 -44.54 -16.83
C ALA M 281 50.68 -44.60 -18.31
N GLY M 282 51.92 -44.29 -18.69
CA GLY M 282 52.26 -44.22 -20.09
C GLY M 282 52.07 -45.56 -20.78
N GLU M 283 52.62 -46.62 -20.21
CA GLU M 283 52.39 -47.94 -20.75
C GLU M 283 50.90 -48.25 -20.80
N SER M 284 50.15 -47.87 -19.76
CA SER M 284 48.77 -48.31 -19.66
C SER M 284 47.88 -47.65 -20.69
N PHE M 285 47.88 -46.32 -20.74
CA PHE M 285 46.98 -45.60 -21.64
C PHE M 285 47.24 -45.98 -23.08
N LYS M 286 48.50 -46.06 -23.47
CA LYS M 286 48.82 -46.48 -24.84
C LYS M 286 48.15 -47.79 -25.20
N ALA M 287 48.01 -48.70 -24.23
CA ALA M 287 47.37 -49.97 -24.53
C ALA M 287 45.89 -49.82 -24.84
N LEU M 288 45.32 -48.64 -24.64
CA LEU M 288 44.03 -48.35 -25.24
C LEU M 288 44.17 -47.98 -26.71
N LEU M 289 45.15 -47.14 -27.02
CA LEU M 289 45.34 -46.73 -28.41
C LEU M 289 45.61 -47.92 -29.31
N PHE M 290 46.07 -49.04 -28.75
CA PHE M 290 46.11 -50.27 -29.52
C PHE M 290 44.76 -50.95 -29.54
N GLN M 291 43.93 -50.74 -28.53
CA GLN M 291 42.59 -51.31 -28.55
C GLN M 291 41.63 -50.48 -29.38
N ILE M 292 41.89 -49.17 -29.50
CA ILE M 292 41.03 -48.30 -30.27
C ILE M 292 41.31 -48.44 -31.76
N ASP M 293 42.50 -48.88 -32.14
CA ASP M 293 42.77 -49.19 -33.54
C ASP M 293 42.24 -50.56 -33.90
N LYS M 294 42.46 -51.54 -33.03
CA LYS M 294 42.21 -52.93 -33.39
C LYS M 294 40.78 -53.13 -33.86
N GLU M 295 39.86 -52.30 -33.40
CA GLU M 295 38.49 -52.30 -33.89
C GLU M 295 38.31 -51.47 -35.15
N ALA M 296 38.88 -50.28 -35.20
CA ALA M 296 38.87 -49.51 -36.44
C ALA M 296 39.42 -50.34 -37.58
N VAL M 297 40.33 -51.26 -37.30
CA VAL M 297 40.73 -52.24 -38.29
C VAL M 297 39.58 -53.18 -38.59
N GLU M 298 38.83 -53.56 -37.56
CA GLU M 298 37.87 -54.65 -37.71
C GLU M 298 36.52 -54.15 -38.22
N ILE M 299 36.27 -52.85 -38.18
CA ILE M 299 35.15 -52.31 -38.94
C ILE M 299 35.35 -52.51 -40.42
N ALA M 300 36.58 -52.35 -40.89
CA ALA M 300 36.90 -52.50 -42.30
C ALA M 300 36.82 -53.94 -42.76
N ARG M 301 36.75 -54.89 -41.84
CA ARG M 301 36.51 -56.26 -42.25
C ARG M 301 35.03 -56.48 -42.52
N GLN M 302 34.16 -56.02 -41.63
CA GLN M 302 32.74 -56.30 -41.77
C GLN M 302 32.06 -55.36 -42.74
N THR M 303 32.37 -54.08 -42.69
CA THR M 303 31.71 -53.14 -43.59
C THR M 303 32.16 -53.38 -45.03
N GLY M 304 33.42 -53.71 -45.22
CA GLY M 304 33.95 -53.71 -46.56
C GLY M 304 34.04 -52.35 -47.17
N ARG M 305 33.96 -51.30 -46.36
CA ARG M 305 34.09 -49.93 -46.84
C ARG M 305 35.44 -49.33 -46.47
N GLY M 306 35.75 -49.22 -45.20
CA GLY M 306 37.04 -48.65 -44.84
C GLY M 306 37.32 -48.83 -43.37
N GLU M 307 38.52 -48.41 -42.99
CA GLU M 307 38.95 -48.47 -41.60
C GLU M 307 38.11 -47.51 -40.77
N GLY M 308 38.06 -47.77 -39.46
CA GLY M 308 37.23 -46.94 -38.60
C GLY M 308 37.58 -45.48 -38.67
N ASN M 309 36.63 -44.67 -39.09
CA ASN M 309 36.88 -43.30 -39.47
C ASN M 309 36.68 -42.30 -38.35
N PHE M 310 36.00 -42.65 -37.27
CA PHE M 310 35.79 -41.71 -36.18
C PHE M 310 35.50 -42.51 -34.94
N ILE M 311 35.62 -41.86 -33.78
CA ILE M 311 35.14 -42.43 -32.54
C ILE M 311 34.34 -41.35 -31.83
N ILE M 312 33.41 -41.78 -30.98
CA ILE M 312 32.83 -40.89 -30.00
C ILE M 312 33.05 -41.54 -28.66
N ALA M 313 33.02 -40.76 -27.60
CA ALA M 313 33.55 -41.28 -26.35
C ALA M 313 33.29 -40.30 -25.22
N SER M 314 33.38 -40.81 -24.00
CA SER M 314 33.07 -40.02 -22.82
C SER M 314 34.16 -39.00 -22.55
N ARG M 315 33.84 -38.00 -21.73
CA ARG M 315 34.87 -37.11 -21.24
C ARG M 315 36.00 -37.88 -20.59
N ASN M 316 35.70 -39.04 -19.99
CA ASN M 316 36.73 -39.80 -19.30
C ASN M 316 37.87 -40.19 -20.23
N VAL M 317 37.56 -40.81 -21.37
CA VAL M 317 38.68 -41.30 -22.16
C VAL M 317 39.32 -40.17 -22.96
N VAL M 318 38.56 -39.14 -23.35
CA VAL M 318 39.19 -38.06 -24.07
C VAL M 318 40.14 -37.28 -23.17
N ASN M 319 40.11 -37.52 -21.87
CA ASN M 319 41.26 -37.17 -21.05
C ASN M 319 42.36 -38.22 -21.14
N VAL M 320 41.98 -39.49 -21.22
CA VAL M 320 42.99 -40.53 -21.38
C VAL M 320 43.67 -40.42 -22.72
N LEU M 321 42.94 -40.06 -23.77
CA LEU M 321 43.59 -39.87 -25.06
C LEU M 321 44.37 -38.56 -25.13
N ALA M 322 43.96 -37.57 -24.36
CA ALA M 322 44.64 -36.30 -24.40
C ALA M 322 45.96 -36.32 -23.69
N SER M 323 46.16 -37.24 -22.74
CA SER M 323 47.29 -37.20 -21.83
C SER M 323 48.46 -38.04 -22.29
N VAL M 324 48.40 -38.65 -23.47
CA VAL M 324 49.36 -39.66 -23.85
C VAL M 324 50.05 -39.21 -25.13
N ASP M 325 51.16 -39.85 -25.43
CA ASP M 325 51.83 -39.62 -26.69
C ASP M 325 51.26 -40.63 -27.68
N THR M 326 50.44 -40.17 -28.60
CA THR M 326 49.70 -41.09 -29.46
C THR M 326 50.58 -41.66 -30.55
N GLY M 327 51.69 -41.01 -30.87
CA GLY M 327 52.59 -41.51 -31.90
C GLY M 327 53.37 -42.69 -31.37
N ILE M 328 54.45 -43.06 -32.02
CA ILE M 328 55.25 -44.19 -31.59
C ILE M 328 56.43 -43.58 -30.84
N SER M 329 56.32 -43.46 -29.52
CA SER M 329 57.48 -43.07 -28.71
C SER M 329 57.28 -43.56 -27.28
N TYR M 330 58.25 -44.31 -26.77
CA TYR M 330 58.45 -44.62 -25.35
C TYR M 330 57.16 -44.72 -24.53
N ALA M 331 57.13 -44.12 -23.35
CA ALA M 331 55.96 -44.14 -22.49
C ALA M 331 55.79 -42.76 -21.91
N ALA M 332 54.66 -42.10 -22.17
CA ALA M 332 54.56 -40.70 -21.79
C ALA M 332 53.22 -40.42 -21.13
N GLN M 333 53.17 -39.28 -20.43
CA GLN M 333 51.97 -38.81 -19.76
C GLN M 333 52.17 -37.32 -19.50
N GLY M 334 51.17 -36.69 -18.93
CA GLY M 334 51.28 -35.31 -18.50
C GLY M 334 49.91 -34.67 -18.47
N LEU M 335 49.90 -33.36 -18.49
CA LEU M 335 48.64 -32.64 -18.58
C LEU M 335 47.97 -32.92 -19.91
N ALA M 336 46.65 -33.05 -19.87
CA ALA M 336 45.87 -33.22 -21.09
C ALA M 336 46.05 -32.03 -22.01
N THR M 337 46.45 -32.29 -23.25
CA THR M 337 46.85 -31.18 -24.10
C THR M 337 46.14 -31.17 -25.45
N GLY M 338 46.38 -32.18 -26.28
CA GLY M 338 46.04 -32.12 -27.69
C GLY M 338 44.56 -32.00 -27.99
N PHE M 339 43.70 -32.16 -27.00
CA PHE M 339 42.26 -32.28 -27.23
C PHE M 339 41.51 -31.17 -26.52
N SER M 340 40.24 -31.02 -26.91
CA SER M 340 39.32 -30.20 -26.15
C SER M 340 38.67 -31.12 -25.14
N THR M 341 39.06 -31.00 -23.89
CA THR M 341 38.61 -31.94 -22.88
C THR M 341 37.22 -31.61 -22.41
N ASP M 342 36.93 -30.32 -22.25
CA ASP M 342 35.64 -29.86 -21.79
C ASP M 342 34.63 -29.85 -22.92
N THR M 343 33.35 -29.94 -22.55
CA THR M 343 32.30 -29.58 -23.48
C THR M 343 31.68 -28.30 -22.95
N THR M 344 32.11 -27.18 -23.50
CA THR M 344 31.34 -25.96 -23.51
C THR M 344 31.53 -25.37 -24.89
N LYS M 345 32.78 -25.04 -25.20
CA LYS M 345 33.18 -24.56 -26.51
C LYS M 345 32.56 -25.41 -27.60
N SER M 346 33.00 -26.65 -27.74
CA SER M 346 32.39 -27.53 -28.72
C SER M 346 32.60 -28.98 -28.30
N VAL M 347 31.70 -29.84 -28.73
CA VAL M 347 31.77 -31.25 -28.36
C VAL M 347 32.93 -31.94 -29.07
N PHE M 348 33.10 -31.67 -30.35
CA PHE M 348 34.19 -32.27 -31.10
C PHE M 348 35.51 -32.01 -30.41
N ALA M 349 36.26 -33.07 -30.11
CA ALA M 349 37.54 -32.93 -29.43
C ALA M 349 38.65 -33.51 -30.30
N GLY M 350 39.45 -32.65 -30.88
CA GLY M 350 40.68 -33.04 -31.53
C GLY M 350 40.56 -34.12 -32.58
N VAL M 351 41.70 -34.74 -32.93
CA VAL M 351 41.76 -35.94 -33.74
C VAL M 351 42.94 -36.76 -33.23
N LEU M 352 42.91 -38.06 -33.49
CA LEU M 352 44.05 -38.93 -33.14
C LEU M 352 44.98 -39.06 -34.33
N GLY M 353 46.16 -38.48 -34.20
CA GLY M 353 47.18 -38.61 -35.22
C GLY M 353 46.72 -38.25 -36.61
N GLY M 354 45.73 -37.37 -36.71
CA GLY M 354 45.12 -37.10 -38.00
C GLY M 354 44.47 -38.33 -38.60
N LYS M 355 43.85 -39.16 -37.77
CA LYS M 355 43.18 -40.36 -38.26
C LYS M 355 41.76 -40.46 -37.75
N TYR M 356 41.56 -40.52 -36.44
CA TYR M 356 40.24 -40.65 -35.84
C TYR M 356 39.70 -39.27 -35.48
N ARG M 357 38.43 -39.03 -35.77
CA ARG M 357 37.76 -37.86 -35.27
C ARG M 357 37.09 -38.19 -33.96
N VAL M 358 37.57 -37.63 -32.86
CA VAL M 358 37.12 -38.06 -31.55
C VAL M 358 36.07 -37.08 -31.07
N TYR M 359 34.81 -37.50 -31.09
CA TYR M 359 33.73 -36.68 -30.57
C TYR M 359 33.47 -37.07 -29.13
N ILE M 360 33.15 -36.10 -28.32
CA ILE M 360 32.72 -36.39 -26.97
C ILE M 360 31.26 -36.78 -27.00
N ASP M 361 30.83 -37.57 -26.04
CA ASP M 361 29.42 -37.73 -25.74
C ASP M 361 29.25 -37.09 -24.38
N GLN M 362 28.68 -35.90 -24.35
CA GLN M 362 28.73 -35.14 -23.12
C GLN M 362 27.75 -35.65 -22.08
N TYR M 363 26.84 -36.53 -22.45
CA TYR M 363 25.97 -37.21 -21.51
C TYR M 363 26.39 -38.66 -21.60
N ALA M 364 27.11 -39.14 -20.60
CA ALA M 364 27.75 -40.44 -20.67
C ALA M 364 27.43 -41.18 -19.39
N LYS M 365 26.80 -42.33 -19.52
CA LYS M 365 26.30 -43.02 -18.33
C LYS M 365 27.44 -43.70 -17.61
N GLN M 366 28.12 -44.65 -18.26
CA GLN M 366 29.28 -45.22 -17.61
C GLN M 366 30.55 -44.64 -18.20
N ASP M 367 30.95 -45.17 -19.33
CA ASP M 367 32.09 -44.70 -20.11
C ASP M 367 32.23 -45.66 -21.27
N TYR M 368 32.86 -45.18 -22.33
CA TYR M 368 33.00 -45.99 -23.53
C TYR M 368 33.70 -45.21 -24.62
N PHE M 369 33.98 -45.88 -25.73
CA PHE M 369 34.27 -45.20 -26.97
C PHE M 369 33.68 -46.03 -28.09
N THR M 370 33.02 -45.39 -29.04
CA THR M 370 32.39 -46.09 -30.14
C THR M 370 33.14 -45.76 -31.42
N VAL M 371 33.94 -46.69 -31.90
CA VAL M 371 34.74 -46.44 -33.10
C VAL M 371 33.83 -46.66 -34.28
N GLY M 372 33.61 -45.62 -35.08
CA GLY M 372 32.59 -45.65 -36.09
C GLY M 372 33.14 -45.75 -37.49
N TYR M 373 32.32 -45.36 -38.45
CA TYR M 373 32.79 -45.13 -39.81
C TYR M 373 31.90 -44.07 -40.43
N LYS M 374 32.50 -43.18 -41.21
CA LYS M 374 31.75 -42.32 -42.11
C LYS M 374 32.54 -42.20 -43.41
N GLY M 375 31.95 -42.66 -44.50
CA GLY M 375 32.62 -42.62 -45.76
C GLY M 375 32.65 -41.21 -46.33
N PRO M 376 33.24 -41.08 -47.51
CA PRO M 376 33.19 -39.77 -48.19
C PRO M 376 31.78 -39.40 -48.62
N ASN M 377 30.96 -40.35 -49.04
CA ASN M 377 29.57 -40.07 -49.35
C ASN M 377 28.79 -39.85 -48.06
N GLU M 378 27.63 -39.22 -48.20
CA GLU M 378 26.63 -39.28 -47.15
C GLU M 378 25.64 -40.40 -47.41
N MET M 379 25.83 -41.16 -48.48
CA MET M 379 25.14 -42.44 -48.64
C MET M 379 25.78 -43.52 -47.81
N ASP M 380 27.09 -43.45 -47.59
CA ASP M 380 27.83 -44.51 -46.90
C ASP M 380 28.05 -44.04 -45.48
N ALA M 381 27.24 -44.55 -44.57
CA ALA M 381 27.29 -44.12 -43.19
C ALA M 381 27.18 -45.28 -42.22
N GLY M 382 26.06 -45.96 -42.28
CA GLY M 382 25.63 -46.90 -41.26
C GLY M 382 24.41 -46.46 -40.50
N ILE M 383 24.02 -45.19 -40.63
CA ILE M 383 22.70 -44.73 -40.21
C ILE M 383 22.44 -43.43 -40.95
N TYR M 384 21.17 -43.06 -41.07
CA TYR M 384 20.80 -41.89 -41.85
C TYR M 384 19.84 -41.04 -41.03
N TYR M 385 20.15 -39.77 -40.88
CA TYR M 385 19.18 -38.83 -40.35
C TYR M 385 18.59 -38.05 -41.51
N ALA M 386 17.37 -38.37 -41.89
CA ALA M 386 16.79 -37.73 -43.06
C ALA M 386 15.75 -36.75 -42.62
N PRO M 387 15.97 -35.45 -42.74
CA PRO M 387 14.92 -34.49 -42.41
C PRO M 387 13.87 -34.46 -43.50
N TYR M 388 12.66 -34.10 -43.11
CA TYR M 388 11.56 -33.98 -44.06
C TYR M 388 10.91 -32.61 -44.01
N VAL M 389 10.32 -32.22 -42.89
CA VAL M 389 9.98 -30.83 -42.64
C VAL M 389 10.74 -30.40 -41.39
N ALA M 390 10.93 -29.10 -41.23
CA ALA M 390 11.75 -28.60 -40.13
C ALA M 390 11.01 -27.54 -39.34
N LEU M 391 10.65 -27.88 -38.10
CA LEU M 391 10.17 -26.94 -37.09
C LEU M 391 9.22 -25.90 -37.67
N THR M 392 8.21 -26.36 -38.38
CA THR M 392 7.21 -25.41 -38.81
C THR M 392 6.51 -24.85 -37.58
N PRO M 393 6.67 -23.57 -37.25
CA PRO M 393 6.08 -23.06 -36.02
C PRO M 393 4.58 -22.89 -36.19
N LEU M 394 3.85 -23.10 -35.11
CA LEU M 394 2.40 -23.01 -35.12
C LEU M 394 1.96 -22.14 -33.95
N ARG M 395 0.97 -21.29 -34.20
CA ARG M 395 0.45 -20.36 -33.21
C ARG M 395 -1.06 -20.48 -33.14
N GLY M 396 -1.63 -19.88 -32.11
CA GLY M 396 -3.07 -19.86 -31.96
C GLY M 396 -3.44 -19.42 -30.55
N SER M 397 -4.71 -19.14 -30.38
CA SER M 397 -5.25 -18.71 -29.10
C SER M 397 -6.63 -19.31 -28.93
N ASP M 398 -6.90 -19.82 -27.73
CA ASP M 398 -8.15 -20.53 -27.51
C ASP M 398 -9.21 -19.54 -27.06
N PRO M 399 -10.30 -19.38 -27.79
CA PRO M 399 -11.28 -18.33 -27.45
C PRO M 399 -11.98 -18.53 -26.14
N LYS M 400 -11.90 -19.71 -25.52
CA LYS M 400 -12.38 -19.83 -24.14
C LYS M 400 -11.69 -18.80 -23.25
N ASN M 401 -10.38 -18.96 -23.06
CA ASN M 401 -9.59 -18.14 -22.16
C ASN M 401 -8.77 -17.05 -22.84
N PHE M 402 -8.76 -16.98 -24.17
CA PHE M 402 -8.07 -15.95 -24.95
C PHE M 402 -6.56 -15.87 -24.69
N GLN M 403 -5.94 -16.92 -24.17
CA GLN M 403 -4.52 -16.79 -23.85
C GLN M 403 -3.67 -17.62 -24.78
N PRO M 404 -2.65 -17.03 -25.40
CA PRO M 404 -2.06 -17.62 -26.59
C PRO M 404 -1.36 -18.93 -26.31
N VAL M 405 -1.41 -19.83 -27.29
CA VAL M 405 -0.68 -21.08 -27.27
C VAL M 405 0.18 -21.12 -28.51
N MET M 406 1.29 -21.82 -28.41
CA MET M 406 2.23 -21.92 -29.52
C MET M 406 2.87 -23.29 -29.49
N GLY M 407 3.25 -23.78 -30.65
CA GLY M 407 3.83 -25.10 -30.72
C GLY M 407 4.53 -25.32 -32.03
N PHE M 408 5.45 -26.29 -32.05
CA PHE M 408 6.25 -26.60 -33.21
C PHE M 408 5.98 -28.02 -33.67
N LYS M 409 6.19 -28.28 -34.96
CA LYS M 409 6.14 -29.63 -35.50
C LYS M 409 7.31 -29.89 -36.44
N THR M 410 7.85 -31.10 -36.39
CA THR M 410 8.88 -31.54 -37.30
C THR M 410 8.58 -32.96 -37.73
N ARG M 411 9.12 -33.34 -38.89
CA ARG M 411 9.05 -34.72 -39.35
C ARG M 411 10.41 -35.09 -39.91
N TYR M 412 11.04 -36.12 -39.35
CA TYR M 412 12.37 -36.44 -39.85
C TYR M 412 12.48 -37.90 -40.29
N GLY M 413 12.57 -38.81 -39.36
CA GLY M 413 12.74 -40.19 -39.76
C GLY M 413 14.20 -40.54 -39.98
N ILE M 414 14.53 -41.78 -39.64
CA ILE M 414 15.89 -42.30 -39.62
C ILE M 414 15.92 -43.50 -40.55
N GLY M 415 17.11 -43.91 -40.93
CA GLY M 415 17.24 -45.09 -41.75
C GLY M 415 18.53 -45.81 -41.41
N ILE M 416 18.54 -47.09 -41.73
CA ILE M 416 19.70 -47.93 -41.52
C ILE M 416 20.33 -48.13 -42.88
N ASN M 417 21.64 -48.26 -42.90
CA ASN M 417 22.31 -48.54 -44.14
C ASN M 417 21.90 -49.93 -44.61
N PRO M 418 21.43 -50.10 -45.85
CA PRO M 418 21.39 -51.46 -46.38
C PRO M 418 22.81 -51.99 -46.34
N PHE M 419 22.95 -53.29 -46.09
CA PHE M 419 24.23 -53.96 -45.88
C PHE M 419 24.74 -53.71 -44.48
N ALA M 420 24.00 -52.98 -43.63
CA ALA M 420 24.46 -52.69 -42.28
C ALA M 420 24.96 -53.95 -41.58
N GLU M 421 24.14 -55.00 -41.58
CA GLU M 421 24.52 -56.20 -40.84
C GLU M 421 25.73 -56.87 -41.47
N SER M 422 25.72 -57.02 -42.80
CA SER M 422 26.88 -57.44 -43.58
C SER M 422 27.34 -58.85 -43.23
N ALA M 423 26.81 -59.41 -42.16
CA ALA M 423 27.05 -60.80 -41.83
C ALA M 423 25.98 -61.72 -42.40
N ALA M 424 25.06 -61.18 -43.20
CA ALA M 424 23.95 -61.93 -43.76
C ALA M 424 24.05 -61.88 -45.27
N GLN M 425 24.11 -63.05 -45.91
CA GLN M 425 24.20 -63.07 -47.36
C GLN M 425 22.88 -62.76 -48.03
N ALA M 426 21.77 -62.85 -47.30
CA ALA M 426 20.50 -62.57 -47.93
C ALA M 426 19.64 -61.73 -47.01
N PRO M 427 18.93 -60.76 -47.56
CA PRO M 427 17.93 -60.07 -46.76
C PRO M 427 16.70 -60.93 -46.63
N ALA M 428 15.93 -60.65 -45.59
CA ALA M 428 14.67 -61.34 -45.38
C ALA M 428 13.53 -60.48 -45.88
N SER M 429 12.63 -61.09 -46.66
CA SER M 429 11.38 -60.55 -47.20
C SER M 429 11.59 -59.68 -48.43
N ARG M 430 12.81 -59.25 -48.75
CA ARG M 430 13.17 -58.61 -50.01
C ARG M 430 12.59 -57.21 -50.17
N ILE M 431 11.60 -56.85 -49.37
CA ILE M 431 11.19 -55.47 -49.21
C ILE M 431 11.18 -55.26 -47.71
N GLN M 432 12.13 -54.48 -47.21
CA GLN M 432 12.43 -54.57 -45.80
C GLN M 432 12.52 -53.18 -45.21
N SER M 433 11.86 -52.99 -44.08
CA SER M 433 11.86 -51.67 -43.47
C SER M 433 13.28 -51.27 -43.10
N GLY M 434 13.68 -50.09 -43.51
CA GLY M 434 14.97 -49.57 -43.12
C GLY M 434 14.97 -48.86 -41.80
N MET M 435 13.81 -48.51 -41.28
CA MET M 435 13.72 -47.91 -39.97
C MET M 435 14.43 -48.79 -38.95
N PRO M 436 15.18 -48.23 -38.00
CA PRO M 436 15.86 -49.07 -37.02
C PRO M 436 14.87 -49.78 -36.12
N SER M 437 15.23 -50.99 -35.71
CA SER M 437 14.34 -51.87 -34.98
C SER M 437 15.18 -52.62 -33.96
N ILE M 438 14.58 -53.64 -33.34
CA ILE M 438 15.40 -54.59 -32.60
C ILE M 438 16.01 -55.61 -33.54
N LEU M 439 15.24 -56.08 -34.52
CA LEU M 439 15.70 -57.19 -35.34
C LEU M 439 16.89 -56.81 -36.19
N ASN M 440 16.75 -55.79 -37.02
CA ASN M 440 17.82 -55.45 -37.95
C ASN M 440 18.88 -54.55 -37.31
N SER M 441 18.47 -53.55 -36.53
CA SER M 441 19.41 -52.50 -36.18
C SER M 441 20.04 -52.61 -34.80
N LEU M 442 19.65 -53.54 -33.95
CA LEU M 442 20.16 -53.53 -32.58
C LEU M 442 21.48 -54.28 -32.51
N GLY M 443 22.53 -53.58 -32.12
CA GLY M 443 23.83 -54.18 -31.94
C GLY M 443 24.36 -54.89 -33.16
N LYS M 444 23.74 -54.66 -34.32
CA LYS M 444 24.14 -55.34 -35.53
C LYS M 444 24.88 -54.47 -36.55
N ASN M 445 25.02 -53.16 -36.34
CA ASN M 445 25.73 -52.37 -37.35
C ASN M 445 27.19 -52.74 -37.40
N ALA M 446 27.66 -53.04 -38.61
CA ALA M 446 29.08 -53.24 -38.81
C ALA M 446 29.83 -51.94 -38.65
N TYR M 447 29.21 -50.82 -38.98
CA TYR M 447 29.93 -49.55 -39.04
C TYR M 447 30.35 -49.07 -37.66
N PHE M 448 29.66 -49.45 -36.59
CA PHE M 448 29.83 -48.83 -35.29
C PHE M 448 30.18 -49.89 -34.27
N ARG M 449 31.37 -49.79 -33.67
CA ARG M 449 31.81 -50.75 -32.67
C ARG M 449 32.09 -50.05 -31.35
N ARG M 450 31.51 -50.56 -30.28
CA ARG M 450 31.45 -49.88 -28.98
C ARG M 450 32.14 -50.68 -27.90
N VAL M 451 32.93 -50.01 -27.07
CA VAL M 451 33.68 -50.66 -26.00
C VAL M 451 33.58 -49.82 -24.75
N TYR M 452 33.18 -50.43 -23.64
CA TYR M 452 33.13 -49.72 -22.36
C TYR M 452 34.49 -49.73 -21.72
N VAL M 453 35.05 -48.58 -21.48
CA VAL M 453 36.30 -48.46 -20.75
C VAL M 453 35.97 -48.45 -19.26
N LYS M 454 36.76 -49.16 -18.47
CA LYS M 454 36.60 -49.15 -17.03
C LYS M 454 37.94 -48.95 -16.36
N GLY M 455 37.90 -48.56 -15.10
CA GLY M 455 39.12 -48.35 -14.36
C GLY M 455 39.78 -47.02 -14.56
N ILE M 456 39.05 -46.00 -14.98
CA ILE M 456 39.62 -44.66 -15.03
C ILE M 456 39.29 -43.94 -13.73
N ALA N 2 -106.49 23.49 -11.98
CA ALA N 2 -105.52 24.49 -11.54
C ALA N 2 -105.36 25.58 -12.59
N SER N 3 -104.88 26.75 -12.15
CA SER N 3 -104.67 27.84 -13.09
C SER N 3 -103.35 27.70 -13.84
N ALA N 4 -102.32 27.17 -13.18
CA ALA N 4 -101.01 26.92 -13.78
C ALA N 4 -100.27 28.20 -14.14
N ARG N 5 -100.91 29.35 -13.95
CA ARG N 5 -100.18 30.60 -14.16
C ARG N 5 -100.09 31.41 -12.88
N GLY N 6 -101.19 32.07 -12.54
CA GLY N 6 -101.22 32.89 -11.35
C GLY N 6 -102.65 33.06 -10.92
N TYR N 7 -102.82 33.55 -9.70
CA TYR N 7 -104.12 33.86 -9.16
C TYR N 7 -104.14 35.31 -8.72
N VAL N 8 -105.22 36.01 -9.07
CA VAL N 8 -105.44 37.37 -8.58
C VAL N 8 -106.39 37.27 -7.40
N ASN N 9 -105.89 37.55 -6.21
CA ASN N 9 -106.64 37.32 -4.98
C ASN N 9 -107.39 38.59 -4.61
N ILE N 10 -108.71 38.53 -4.67
CA ILE N 10 -109.57 39.68 -4.43
C ILE N 10 -110.22 39.52 -3.06
N LYS N 11 -110.14 40.56 -2.25
CA LYS N 11 -110.75 40.55 -0.92
C LYS N 11 -111.58 41.82 -0.79
N THR N 12 -112.90 41.69 -0.75
CA THR N 12 -113.77 42.84 -0.58
C THR N 12 -114.16 42.99 0.88
N PHE N 13 -114.29 44.24 1.31
CA PHE N 13 -114.52 44.55 2.72
C PHE N 13 -115.96 45.01 2.91
N GLU N 14 -116.58 44.52 3.99
CA GLU N 14 -117.97 44.81 4.23
C GLU N 14 -118.16 46.26 4.64
N GLN N 15 -119.26 46.84 4.18
CA GLN N 15 -119.66 48.18 4.60
C GLN N 15 -121.16 48.19 4.79
N LYS N 16 -121.66 49.23 5.44
CA LYS N 16 -123.09 49.40 5.66
C LYS N 16 -123.64 50.24 4.52
N LEU N 17 -124.41 49.61 3.63
CA LEU N 17 -124.93 50.32 2.48
C LEU N 17 -126.00 51.32 2.87
N ASP N 18 -126.83 50.96 3.85
CA ASP N 18 -127.99 51.75 4.22
C ASP N 18 -128.32 51.41 5.67
N GLY N 19 -129.46 51.89 6.16
CA GLY N 19 -129.88 51.55 7.50
C GLY N 19 -130.15 50.07 7.65
N ASN N 20 -129.40 49.44 8.56
CA ASN N 20 -129.48 48.00 8.83
C ASN N 20 -129.50 47.19 7.54
N LYS N 21 -128.41 47.31 6.78
CA LYS N 21 -128.16 46.49 5.60
C LYS N 21 -126.66 46.26 5.50
N LYS N 22 -126.24 45.50 4.49
CA LYS N 22 -124.83 45.21 4.30
C LYS N 22 -124.53 44.97 2.83
N ILE N 23 -123.29 45.28 2.45
CA ILE N 23 -122.65 44.72 1.27
C ILE N 23 -121.59 43.77 1.78
N GLU N 24 -121.82 42.47 1.61
CA GLU N 24 -121.04 41.49 2.35
C GLU N 24 -119.60 41.46 1.86
N GLY N 25 -118.67 41.35 2.80
CA GLY N 25 -117.26 41.18 2.45
C GLY N 25 -117.03 39.80 1.89
N LYS N 26 -116.32 39.72 0.76
CA LYS N 26 -116.09 38.46 0.08
C LYS N 26 -114.61 38.29 -0.20
N GLU N 27 -114.11 37.09 0.05
CA GLU N 27 -112.75 36.69 -0.28
C GLU N 27 -112.83 35.69 -1.40
N VAL N 28 -112.15 35.98 -2.52
CA VAL N 28 -112.21 35.13 -3.70
C VAL N 28 -110.86 35.14 -4.40
N SER N 29 -110.49 34.02 -5.00
CA SER N 29 -109.27 33.91 -5.79
C SER N 29 -109.66 33.56 -7.21
N VAL N 30 -109.03 34.20 -8.18
CA VAL N 30 -109.39 34.06 -9.58
C VAL N 30 -108.14 33.68 -10.37
N ALA N 31 -108.28 32.75 -11.31
CA ALA N 31 -107.18 32.42 -12.19
C ALA N 31 -106.74 33.67 -12.94
N PHE N 32 -105.43 33.83 -13.10
CA PHE N 32 -104.94 35.10 -13.64
C PHE N 32 -105.41 35.35 -15.05
N PRO N 33 -105.34 34.40 -15.99
CA PRO N 33 -105.83 34.68 -17.33
C PRO N 33 -107.33 34.86 -17.39
N LEU N 34 -108.08 34.32 -16.44
CA LEU N 34 -109.51 34.62 -16.38
C LEU N 34 -109.75 36.02 -15.85
N TYR N 35 -109.10 36.38 -14.74
CA TYR N 35 -109.24 37.72 -14.19
C TYR N 35 -108.90 38.77 -15.23
N SER N 36 -107.77 38.60 -15.91
CA SER N 36 -107.36 39.59 -16.91
C SER N 36 -108.42 39.73 -18.00
N ASP N 37 -109.01 38.63 -18.45
CA ASP N 37 -110.00 38.69 -19.51
C ASP N 37 -111.19 39.53 -19.09
N VAL N 38 -111.85 39.16 -18.00
CA VAL N 38 -113.02 39.86 -17.53
C VAL N 38 -112.87 40.07 -16.03
N HIS N 39 -112.71 41.32 -15.60
CA HIS N 39 -112.81 41.65 -14.19
C HIS N 39 -113.51 42.99 -14.03
N LYS N 40 -114.54 43.01 -13.20
CA LYS N 40 -115.39 44.18 -13.03
C LYS N 40 -114.95 45.09 -11.90
N ILE N 41 -113.93 44.71 -11.13
CA ILE N 41 -113.75 45.33 -9.82
C ILE N 41 -113.36 46.79 -9.98
N SER N 42 -114.21 47.67 -9.45
CA SER N 42 -113.90 49.07 -9.19
C SER N 42 -114.86 49.54 -8.12
N GLY N 43 -114.40 50.43 -7.26
CA GLY N 43 -115.27 50.94 -6.21
C GLY N 43 -115.86 49.88 -5.31
N ALA N 44 -115.24 48.70 -5.25
CA ALA N 44 -115.78 47.57 -4.50
C ALA N 44 -115.19 47.46 -3.10
N HIS N 45 -114.35 48.40 -2.69
CA HIS N 45 -113.68 48.37 -1.38
C HIS N 45 -112.94 47.05 -1.17
N TYR N 46 -111.89 46.89 -1.96
CA TYR N 46 -111.18 45.63 -2.02
C TYR N 46 -109.69 45.87 -1.78
N GLN N 47 -108.92 44.79 -1.84
CA GLN N 47 -107.49 44.87 -2.03
C GLN N 47 -107.05 43.59 -2.71
N THR N 48 -106.10 43.71 -3.65
CA THR N 48 -105.74 42.60 -4.53
C THR N 48 -104.25 42.34 -4.50
N PHE N 49 -103.88 41.06 -4.44
CA PHE N 49 -102.50 40.67 -4.60
C PHE N 49 -102.42 39.42 -5.45
N PRO N 50 -101.48 39.35 -6.38
CA PRO N 50 -101.28 38.12 -7.15
C PRO N 50 -100.46 37.10 -6.38
N SER N 51 -100.69 35.83 -6.70
CA SER N 51 -99.92 34.75 -6.12
C SER N 51 -100.01 33.55 -7.04
N GLU N 52 -99.05 32.63 -6.90
CA GLU N 52 -99.02 31.46 -7.75
C GLU N 52 -99.95 30.35 -7.26
N LYS N 53 -100.43 30.44 -6.03
CA LYS N 53 -101.44 29.52 -5.51
C LYS N 53 -102.60 30.35 -4.98
N ALA N 54 -103.80 29.77 -5.01
CA ALA N 54 -104.98 30.51 -4.58
C ALA N 54 -104.87 30.80 -3.09
N ALA N 55 -104.96 32.07 -2.73
CA ALA N 55 -104.78 32.50 -1.35
C ALA N 55 -106.09 32.63 -0.59
N TYR N 56 -107.21 32.26 -1.21
CA TYR N 56 -108.48 32.24 -0.51
C TYR N 56 -109.23 30.97 -0.89
N SER N 57 -110.18 30.59 -0.03
CA SER N 57 -110.83 29.29 -0.19
C SER N 57 -111.64 29.23 -1.48
N THR N 58 -112.36 30.31 -1.81
CA THR N 58 -113.20 30.32 -3.00
C THR N 58 -112.32 30.59 -4.22
N VAL N 59 -112.27 29.62 -5.14
CA VAL N 59 -111.30 29.63 -6.22
C VAL N 59 -112.04 29.52 -7.54
N TYR N 60 -111.84 30.48 -8.42
CA TYR N 60 -112.34 30.41 -9.80
C TYR N 60 -111.15 30.20 -10.72
N GLU N 61 -111.05 29.01 -11.27
CA GLU N 61 -109.91 28.60 -12.09
C GLU N 61 -110.16 29.01 -13.54
N GLU N 62 -109.38 28.44 -14.45
CA GLU N 62 -109.39 28.85 -15.84
C GLU N 62 -110.80 28.86 -16.42
N ASN N 63 -111.50 27.74 -16.35
CA ASN N 63 -112.82 27.67 -16.99
C ASN N 63 -113.87 27.79 -15.90
N GLN N 64 -114.36 29.02 -15.74
CA GLN N 64 -115.68 29.32 -15.20
C GLN N 64 -116.29 30.41 -16.07
N ARG N 65 -115.64 31.57 -16.12
CA ARG N 65 -116.15 32.69 -16.90
C ARG N 65 -117.55 33.04 -16.40
N THR N 66 -118.58 32.73 -17.18
CA THR N 66 -119.95 33.07 -16.79
C THR N 66 -120.27 32.64 -15.37
N GLU N 67 -119.54 31.68 -14.81
CA GLU N 67 -119.67 31.39 -13.39
C GLU N 67 -118.93 32.42 -12.54
N TRP N 68 -117.81 32.96 -13.03
CA TRP N 68 -117.15 34.08 -12.36
C TRP N 68 -117.78 35.41 -12.72
N ILE N 69 -118.10 35.63 -13.99
CA ILE N 69 -118.71 36.89 -14.42
C ILE N 69 -119.94 37.20 -13.61
N ALA N 70 -120.74 36.20 -13.29
CA ALA N 70 -121.84 36.40 -12.37
C ALA N 70 -121.37 36.67 -10.95
N ALA N 71 -120.15 36.27 -10.61
CA ALA N 71 -119.67 36.44 -9.24
C ALA N 71 -119.09 37.83 -9.00
N ASN N 72 -118.33 38.39 -9.94
CA ASN N 72 -117.63 39.63 -9.65
C ASN N 72 -118.59 40.81 -9.55
N GLU N 73 -119.66 40.82 -10.35
CA GLU N 73 -120.69 41.81 -10.15
C GLU N 73 -121.62 41.45 -9.01
N ASP N 74 -121.48 40.26 -8.44
CA ASP N 74 -122.15 39.92 -7.19
C ASP N 74 -121.40 40.43 -5.98
N LEU N 75 -120.19 40.97 -6.16
CA LEU N 75 -119.50 41.60 -5.04
C LEU N 75 -120.21 42.84 -4.53
N TRP N 76 -121.16 43.37 -5.29
CA TRP N 76 -121.99 44.49 -4.86
C TRP N 76 -123.32 44.03 -4.29
N LYS N 77 -123.53 42.73 -4.14
CA LYS N 77 -124.81 42.20 -3.69
C LYS N 77 -125.21 42.83 -2.36
N VAL N 78 -126.51 43.07 -2.21
CA VAL N 78 -127.07 43.72 -1.03
C VAL N 78 -127.70 42.66 -0.15
N THR N 79 -127.48 42.78 1.17
CA THR N 79 -128.09 41.88 2.14
C THR N 79 -128.70 42.71 3.27
N GLY N 80 -129.50 42.05 4.09
CA GLY N 80 -130.14 42.71 5.21
C GLY N 80 -129.17 43.21 6.25
N ALA O 2 -109.34 20.87 -19.19
CA ALA O 2 -108.60 21.47 -20.28
C ALA O 2 -107.32 22.11 -19.77
N SER O 3 -106.32 22.20 -20.64
CA SER O 3 -105.07 22.86 -20.25
C SER O 3 -105.02 24.31 -20.68
N ALA O 4 -106.06 24.81 -21.37
CA ALA O 4 -106.24 26.19 -21.76
C ALA O 4 -105.19 26.67 -22.77
N ARG O 5 -104.16 25.89 -23.06
CA ARG O 5 -103.20 26.28 -24.09
C ARG O 5 -103.30 25.38 -25.31
N GLY O 6 -102.80 24.16 -25.21
CA GLY O 6 -102.83 23.26 -26.34
C GLY O 6 -102.30 21.92 -25.89
N TYR O 7 -102.61 20.91 -26.69
CA TYR O 7 -102.13 19.57 -26.43
C TYR O 7 -101.29 19.09 -27.59
N VAL O 8 -100.13 18.51 -27.27
CA VAL O 8 -99.24 17.94 -28.26
C VAL O 8 -99.62 16.48 -28.40
N ASN O 9 -100.20 16.14 -29.55
CA ASN O 9 -100.79 14.81 -29.72
C ASN O 9 -99.76 13.88 -30.35
N ILE O 10 -99.35 12.88 -29.58
CA ILE O 10 -98.30 11.96 -30.00
C ILE O 10 -98.92 10.60 -30.26
N LYS O 11 -98.65 10.04 -31.44
CA LYS O 11 -99.06 8.69 -31.77
C LYS O 11 -97.82 7.89 -32.10
N THR O 12 -97.42 6.98 -31.22
CA THR O 12 -96.25 6.16 -31.47
C THR O 12 -96.67 4.87 -32.16
N PHE O 13 -96.04 4.57 -33.29
CA PHE O 13 -96.39 3.39 -34.05
C PHE O 13 -95.61 2.19 -33.54
N GLU O 14 -96.33 1.12 -33.24
CA GLU O 14 -95.69 -0.07 -32.69
C GLU O 14 -94.79 -0.73 -33.72
N GLN O 15 -93.88 -1.56 -33.22
CA GLN O 15 -92.91 -2.22 -34.07
C GLN O 15 -92.65 -3.61 -33.50
N LYS O 16 -92.15 -4.50 -34.37
CA LYS O 16 -91.82 -5.85 -33.93
C LYS O 16 -90.37 -5.80 -33.52
N LEU O 17 -90.12 -5.81 -32.21
CA LEU O 17 -88.77 -5.59 -31.73
C LEU O 17 -87.96 -6.88 -31.71
N ASP O 18 -88.58 -7.97 -31.26
CA ASP O 18 -87.83 -9.14 -30.85
C ASP O 18 -88.70 -10.36 -31.13
N GLY O 19 -88.17 -11.55 -30.82
CA GLY O 19 -88.92 -12.77 -31.05
C GLY O 19 -90.15 -12.83 -30.18
N ASN O 20 -91.32 -12.91 -30.80
CA ASN O 20 -92.61 -12.85 -30.12
C ASN O 20 -92.63 -11.75 -29.06
N LYS O 21 -92.40 -10.52 -29.52
CA LYS O 21 -92.36 -9.34 -28.65
C LYS O 21 -92.69 -8.12 -29.48
N LYS O 22 -93.12 -7.07 -28.79
CA LYS O 22 -93.50 -5.83 -29.43
C LYS O 22 -93.20 -4.67 -28.50
N ILE O 23 -93.04 -3.49 -29.09
CA ILE O 23 -93.12 -2.24 -28.35
C ILE O 23 -94.49 -1.65 -28.69
N GLU O 24 -95.39 -1.68 -27.72
CA GLU O 24 -96.78 -1.36 -27.96
C GLU O 24 -96.94 0.06 -28.50
N GLY O 25 -97.77 0.20 -29.52
CA GLY O 25 -98.07 1.51 -30.06
C GLY O 25 -98.94 2.29 -29.08
N LYS O 26 -98.53 3.50 -28.74
CA LYS O 26 -99.16 4.26 -27.67
C LYS O 26 -99.55 5.63 -28.18
N GLU O 27 -100.85 5.88 -28.25
CA GLU O 27 -101.37 7.21 -28.52
C GLU O 27 -101.43 7.98 -27.21
N VAL O 28 -100.86 9.19 -27.20
CA VAL O 28 -100.85 10.01 -25.99
C VAL O 28 -100.90 11.48 -26.40
N SER O 29 -101.50 12.30 -25.55
CA SER O 29 -101.51 13.75 -25.71
C SER O 29 -100.96 14.39 -24.47
N VAL O 30 -100.16 15.43 -24.64
CA VAL O 30 -99.55 16.14 -23.51
C VAL O 30 -99.98 17.59 -23.59
N ALA O 31 -100.34 18.17 -22.43
CA ALA O 31 -100.59 19.59 -22.39
C ALA O 31 -99.35 20.32 -22.87
N PHE O 32 -99.53 21.22 -23.83
CA PHE O 32 -98.38 21.76 -24.57
C PHE O 32 -97.28 22.28 -23.67
N PRO O 33 -97.53 23.16 -22.70
CA PRO O 33 -96.44 23.64 -21.87
C PRO O 33 -95.79 22.57 -21.02
N LEU O 34 -96.42 21.42 -20.84
CA LEU O 34 -95.68 20.29 -20.25
C LEU O 34 -94.84 19.58 -21.29
N TYR O 35 -95.33 19.45 -22.52
CA TYR O 35 -94.57 18.76 -23.54
C TYR O 35 -93.29 19.49 -23.87
N SER O 36 -93.35 20.82 -23.96
CA SER O 36 -92.15 21.57 -24.27
C SER O 36 -91.09 21.38 -23.20
N ASP O 37 -91.49 21.41 -21.92
CA ASP O 37 -90.59 21.30 -20.79
C ASP O 37 -89.67 20.10 -20.90
N VAL O 38 -90.23 18.89 -20.84
CA VAL O 38 -89.47 17.66 -20.95
C VAL O 38 -90.20 16.74 -21.91
N HIS O 39 -89.59 16.45 -23.06
CA HIS O 39 -90.10 15.43 -23.96
C HIS O 39 -88.93 14.66 -24.54
N LYS O 40 -88.95 13.34 -24.38
CA LYS O 40 -87.84 12.47 -24.74
C LYS O 40 -87.92 11.95 -26.16
N ILE O 41 -88.91 12.37 -26.94
CA ILE O 41 -89.21 11.65 -28.18
C ILE O 41 -88.12 11.91 -29.20
N SER O 42 -87.42 10.83 -29.58
CA SER O 42 -86.55 10.78 -30.73
C SER O 42 -86.48 9.32 -31.15
N GLY O 43 -86.45 9.06 -32.45
CA GLY O 43 -86.38 7.70 -32.93
C GLY O 43 -87.45 6.80 -32.35
N ALA O 44 -88.59 7.39 -31.97
CA ALA O 44 -89.67 6.66 -31.32
C ALA O 44 -90.72 6.16 -32.31
N HIS O 45 -90.55 6.43 -33.60
CA HIS O 45 -91.50 6.00 -34.64
C HIS O 45 -92.91 6.51 -34.33
N TYR O 46 -93.05 7.82 -34.42
CA TYR O 46 -94.27 8.50 -34.01
C TYR O 46 -94.75 9.40 -35.13
N GLN O 47 -95.80 10.16 -34.85
CA GLN O 47 -96.14 11.35 -35.60
C GLN O 47 -96.92 12.26 -34.66
N THR O 48 -96.68 13.56 -34.77
CA THR O 48 -97.19 14.52 -33.79
C THR O 48 -97.97 15.63 -34.47
N PHE O 49 -99.10 16.01 -33.88
CA PHE O 49 -99.80 17.21 -34.32
C PHE O 49 -100.32 17.97 -33.12
N PRO O 50 -100.22 19.30 -33.12
CA PRO O 50 -100.77 20.09 -32.03
C PRO O 50 -102.27 20.32 -32.20
N SER O 51 -102.94 20.52 -31.06
CA SER O 51 -104.35 20.83 -31.07
C SER O 51 -104.70 21.54 -29.76
N GLU O 52 -105.81 22.26 -29.77
CA GLU O 52 -106.25 22.95 -28.56
C GLU O 52 -107.06 22.04 -27.64
N LYS O 53 -107.54 20.90 -28.12
CA LYS O 53 -108.13 19.87 -27.29
C LYS O 53 -107.45 18.55 -27.61
N ALA O 54 -107.09 17.81 -26.56
CA ALA O 54 -106.36 16.57 -26.75
C ALA O 54 -107.17 15.60 -27.59
N ALA O 55 -106.57 15.10 -28.66
CA ALA O 55 -107.25 14.23 -29.62
C ALA O 55 -107.03 12.76 -29.33
N TYR O 56 -106.38 12.41 -28.22
CA TYR O 56 -106.22 11.01 -27.85
C TYR O 56 -106.62 10.83 -26.39
N SER O 57 -107.03 9.60 -26.07
CA SER O 57 -107.64 9.33 -24.78
C SER O 57 -106.67 9.57 -23.63
N THR O 58 -105.42 9.12 -23.78
CA THR O 58 -104.42 9.30 -22.74
C THR O 58 -103.97 10.75 -22.73
N VAL O 59 -104.17 11.45 -21.62
CA VAL O 59 -103.93 12.88 -21.55
C VAL O 59 -103.11 13.19 -20.31
N TYR O 60 -102.00 13.90 -20.49
CA TYR O 60 -101.17 14.36 -19.39
C TYR O 60 -101.27 15.88 -19.35
N GLU O 61 -101.95 16.39 -18.34
CA GLU O 61 -102.24 17.81 -18.26
C GLU O 61 -101.01 18.57 -17.79
N GLU O 62 -101.19 19.86 -17.53
CA GLU O 62 -100.07 20.74 -17.18
C GLU O 62 -99.29 20.21 -15.98
N ASN O 63 -99.97 19.69 -14.98
CA ASN O 63 -99.28 19.13 -13.83
C ASN O 63 -99.51 17.63 -13.83
N GLN O 64 -98.53 16.90 -14.35
CA GLN O 64 -98.20 15.53 -14.02
C GLN O 64 -96.69 15.47 -13.86
N ARG O 65 -95.96 15.84 -14.91
CA ARG O 65 -94.51 15.81 -14.89
C ARG O 65 -94.05 14.38 -14.63
N THR O 66 -93.51 14.08 -13.45
CA THR O 66 -92.87 12.79 -13.21
C THR O 66 -93.73 11.61 -13.66
N GLU O 67 -95.04 11.80 -13.79
CA GLU O 67 -95.86 10.77 -14.42
C GLU O 67 -95.67 10.76 -15.93
N TRP O 68 -95.54 11.93 -16.56
CA TRP O 68 -95.25 11.97 -17.98
C TRP O 68 -93.81 11.63 -18.27
N ILE O 69 -92.88 12.18 -17.50
CA ILE O 69 -91.46 11.83 -17.64
C ILE O 69 -91.28 10.32 -17.59
N ALA O 70 -92.13 9.63 -16.82
CA ALA O 70 -92.13 8.18 -16.87
C ALA O 70 -92.85 7.63 -18.09
N ALA O 71 -93.78 8.39 -18.66
CA ALA O 71 -94.57 7.88 -19.78
C ALA O 71 -93.82 8.00 -21.11
N ASN O 72 -93.12 9.12 -21.35
CA ASN O 72 -92.45 9.28 -22.63
C ASN O 72 -91.31 8.28 -22.76
N GLU O 73 -90.60 7.99 -21.68
CA GLU O 73 -89.63 6.90 -21.68
C GLU O 73 -90.28 5.56 -21.36
N ASP O 74 -91.60 5.53 -21.17
CA ASP O 74 -92.36 4.30 -21.27
C ASP O 74 -92.72 3.96 -22.71
N LEU O 75 -92.61 4.91 -23.62
CA LEU O 75 -92.83 4.63 -25.02
C LEU O 75 -91.80 3.66 -25.58
N TRP O 76 -90.71 3.41 -24.87
CA TRP O 76 -89.73 2.40 -25.22
C TRP O 76 -89.89 1.09 -24.46
N LYS O 77 -90.84 0.97 -23.54
CA LYS O 77 -90.96 -0.26 -22.78
C LYS O 77 -91.43 -1.41 -23.69
N VAL O 78 -90.86 -2.58 -23.46
CA VAL O 78 -90.97 -3.72 -24.38
C VAL O 78 -91.86 -4.78 -23.72
N THR O 79 -92.80 -5.31 -24.49
CA THR O 79 -93.71 -6.35 -24.01
C THR O 79 -93.75 -7.49 -25.02
N GLY O 80 -94.34 -8.60 -24.60
CA GLY O 80 -94.43 -9.79 -25.43
C GLY O 80 -95.68 -9.84 -26.29
N ALA P 2 -58.69 -21.56 -25.35
CA ALA P 2 -58.55 -20.11 -25.46
C ALA P 2 -57.82 -19.74 -26.75
N SER P 3 -58.29 -18.68 -27.40
CA SER P 3 -57.65 -18.21 -28.62
C SER P 3 -56.41 -17.36 -28.34
N ALA P 4 -56.30 -16.82 -27.12
CA ALA P 4 -55.11 -16.12 -26.64
C ALA P 4 -54.86 -14.79 -27.33
N ARG P 5 -55.64 -14.47 -28.37
CA ARG P 5 -55.44 -13.20 -29.06
C ARG P 5 -56.59 -12.24 -28.83
N GLY P 6 -57.71 -12.49 -29.50
CA GLY P 6 -58.85 -11.62 -29.41
C GLY P 6 -60.06 -12.29 -30.01
N TYR P 7 -61.23 -11.83 -29.58
CA TYR P 7 -62.49 -12.41 -30.03
C TYR P 7 -63.36 -11.30 -30.63
N VAL P 8 -63.79 -11.51 -31.86
CA VAL P 8 -64.76 -10.64 -32.50
C VAL P 8 -66.15 -11.15 -32.16
N ASN P 9 -66.95 -10.30 -31.52
CA ASN P 9 -68.22 -10.71 -30.93
C ASN P 9 -69.35 -10.21 -31.80
N ILE P 10 -70.13 -11.13 -32.35
CA ILE P 10 -71.21 -10.80 -33.28
C ILE P 10 -72.53 -11.04 -32.58
N LYS P 11 -73.33 -9.97 -32.43
CA LYS P 11 -74.65 -10.09 -31.82
C LYS P 11 -75.68 -9.72 -32.88
N THR P 12 -76.42 -10.71 -33.37
CA THR P 12 -77.46 -10.48 -34.35
C THR P 12 -78.81 -10.29 -33.65
N PHE P 13 -79.58 -9.33 -34.14
CA PHE P 13 -80.87 -9.00 -33.54
C PHE P 13 -81.97 -9.64 -34.37
N GLU P 14 -82.83 -10.42 -33.72
CA GLU P 14 -83.84 -11.15 -34.48
C GLU P 14 -84.94 -10.22 -34.94
N GLN P 15 -85.63 -10.67 -35.98
CA GLN P 15 -86.55 -9.85 -36.74
C GLN P 15 -87.71 -10.72 -37.20
N LYS P 16 -88.79 -10.07 -37.60
CA LYS P 16 -89.91 -10.78 -38.21
C LYS P 16 -89.71 -10.72 -39.72
N LEU P 17 -89.39 -11.87 -40.31
CA LEU P 17 -89.14 -11.91 -41.75
C LEU P 17 -90.45 -11.96 -42.54
N ASP P 18 -91.41 -12.75 -42.07
CA ASP P 18 -92.61 -13.04 -42.84
C ASP P 18 -93.78 -13.08 -41.85
N GLY P 19 -94.95 -13.48 -42.34
CA GLY P 19 -96.07 -13.70 -41.45
C GLY P 19 -95.83 -14.89 -40.55
N ASN P 20 -95.83 -14.66 -39.24
CA ASN P 20 -95.54 -15.69 -38.23
C ASN P 20 -94.29 -16.50 -38.62
N LYS P 21 -93.18 -15.78 -38.75
CA LYS P 21 -91.86 -16.38 -38.95
C LYS P 21 -90.81 -15.46 -38.36
N LYS P 22 -89.56 -15.90 -38.39
CA LYS P 22 -88.47 -15.17 -37.75
C LYS P 22 -87.17 -15.53 -38.43
N ILE P 23 -86.18 -14.66 -38.25
CA ILE P 23 -84.77 -15.04 -38.30
C ILE P 23 -84.21 -14.77 -36.90
N GLU P 24 -83.94 -15.83 -36.15
CA GLU P 24 -83.69 -15.68 -34.73
C GLU P 24 -82.33 -15.04 -34.47
N GLY P 25 -82.22 -14.35 -33.34
CA GLY P 25 -80.97 -13.68 -33.00
C GLY P 25 -80.00 -14.64 -32.34
N LYS P 26 -78.71 -14.43 -32.62
CA LYS P 26 -77.67 -15.33 -32.17
C LYS P 26 -76.51 -14.52 -31.59
N GLU P 27 -76.23 -14.72 -30.31
CA GLU P 27 -75.09 -14.11 -29.64
C GLU P 27 -73.94 -15.10 -29.72
N VAL P 28 -72.86 -14.73 -30.42
CA VAL P 28 -71.76 -15.66 -30.65
C VAL P 28 -70.45 -14.88 -30.67
N SER P 29 -69.39 -15.53 -30.18
CA SER P 29 -68.03 -14.99 -30.23
C SER P 29 -67.19 -15.86 -31.15
N VAL P 30 -66.17 -15.24 -31.73
CA VAL P 30 -65.32 -15.89 -32.71
C VAL P 30 -63.88 -15.50 -32.43
N ALA P 31 -62.97 -16.47 -32.45
CA ALA P 31 -61.56 -16.15 -32.38
C ALA P 31 -61.21 -15.23 -33.53
N PHE P 32 -60.51 -14.14 -33.22
CA PHE P 32 -60.26 -13.12 -34.25
C PHE P 32 -59.55 -13.68 -35.47
N PRO P 33 -58.48 -14.46 -35.36
CA PRO P 33 -57.90 -15.06 -36.56
C PRO P 33 -58.80 -16.05 -37.25
N LEU P 34 -59.85 -16.55 -36.60
CA LEU P 34 -60.91 -17.23 -37.34
C LEU P 34 -61.89 -16.24 -37.94
N TYR P 35 -62.14 -15.12 -37.26
CA TYR P 35 -63.12 -14.16 -37.77
C TYR P 35 -62.62 -13.48 -39.03
N SER P 36 -61.33 -13.12 -39.09
CA SER P 36 -60.83 -12.49 -40.30
C SER P 36 -60.85 -13.45 -41.49
N ASP P 37 -60.59 -14.73 -41.24
CA ASP P 37 -60.55 -15.70 -42.34
C ASP P 37 -61.91 -15.82 -42.99
N VAL P 38 -62.92 -16.21 -42.22
CA VAL P 38 -64.27 -16.42 -42.74
C VAL P 38 -65.24 -15.67 -41.84
N HIS P 39 -65.84 -14.60 -42.35
CA HIS P 39 -67.03 -14.04 -41.71
C HIS P 39 -68.01 -13.62 -42.80
N LYS P 40 -69.20 -14.20 -42.79
CA LYS P 40 -70.21 -13.96 -43.81
C LYS P 40 -71.11 -12.79 -43.45
N ILE P 41 -70.83 -12.07 -42.37
CA ILE P 41 -71.82 -11.16 -41.81
C ILE P 41 -71.93 -9.90 -42.67
N SER P 42 -73.11 -9.73 -43.27
CA SER P 42 -73.53 -8.50 -43.91
C SER P 42 -75.05 -8.52 -43.93
N GLY P 43 -75.65 -7.34 -43.82
CA GLY P 43 -77.10 -7.25 -43.86
C GLY P 43 -77.79 -8.13 -42.84
N ALA P 44 -77.06 -8.58 -41.82
CA ALA P 44 -77.56 -9.54 -40.86
C ALA P 44 -78.24 -8.89 -39.68
N HIS P 45 -78.30 -7.56 -39.62
CA HIS P 45 -78.88 -6.82 -38.50
C HIS P 45 -78.16 -7.19 -37.19
N TYR P 46 -76.89 -6.79 -37.14
CA TYR P 46 -75.98 -7.19 -36.08
C TYR P 46 -75.26 -5.99 -35.49
N GLN P 47 -74.31 -6.26 -34.59
CA GLN P 47 -73.28 -5.31 -34.19
C GLN P 47 -72.08 -6.10 -33.70
N THR P 48 -70.88 -5.54 -33.92
CA THR P 48 -69.66 -6.27 -33.65
C THR P 48 -68.69 -5.44 -32.82
N PHE P 49 -68.11 -6.05 -31.80
CA PHE P 49 -67.02 -5.44 -31.06
C PHE P 49 -65.95 -6.47 -30.74
N PRO P 50 -64.68 -6.10 -30.85
CA PRO P 50 -63.61 -6.98 -30.40
C PRO P 50 -63.38 -6.90 -28.89
N SER P 51 -62.89 -8.01 -28.33
CA SER P 51 -62.53 -8.05 -26.92
C SER P 51 -61.48 -9.15 -26.72
N GLU P 52 -60.71 -8.99 -25.64
CA GLU P 52 -59.65 -9.97 -25.35
C GLU P 52 -60.21 -11.29 -24.85
N LYS P 53 -61.38 -11.25 -24.22
CA LYS P 53 -62.06 -12.44 -23.73
C LYS P 53 -63.45 -12.50 -24.36
N ALA P 54 -63.86 -13.69 -24.75
CA ALA P 54 -65.14 -13.85 -25.43
C ALA P 54 -66.27 -13.29 -24.57
N ALA P 55 -67.03 -12.37 -25.14
CA ALA P 55 -68.08 -11.69 -24.39
C ALA P 55 -69.43 -12.40 -24.46
N TYR P 56 -69.58 -13.40 -25.31
CA TYR P 56 -70.85 -14.10 -25.44
C TYR P 56 -70.69 -15.59 -25.16
N SER P 57 -71.82 -16.23 -24.88
CA SER P 57 -71.80 -17.61 -24.37
C SER P 57 -71.26 -18.58 -25.41
N THR P 58 -71.82 -18.55 -26.63
CA THR P 58 -71.40 -19.46 -27.68
C THR P 58 -70.09 -18.95 -28.28
N VAL P 59 -69.03 -19.74 -28.18
CA VAL P 59 -67.68 -19.31 -28.51
C VAL P 59 -67.10 -20.27 -29.53
N TYR P 60 -66.52 -19.73 -30.59
CA TYR P 60 -65.79 -20.52 -31.58
C TYR P 60 -64.33 -20.12 -31.54
N GLU P 61 -63.48 -21.02 -31.05
CA GLU P 61 -62.08 -20.74 -30.79
C GLU P 61 -61.28 -20.81 -32.08
N GLU P 62 -59.95 -20.80 -31.93
CA GLU P 62 -59.04 -20.77 -33.06
C GLU P 62 -59.41 -21.80 -34.12
N ASN P 63 -59.60 -23.05 -33.71
CA ASN P 63 -59.94 -24.12 -34.64
C ASN P 63 -61.37 -24.56 -34.35
N GLN P 64 -62.29 -24.10 -35.20
CA GLN P 64 -63.51 -24.79 -35.56
C GLN P 64 -63.62 -24.76 -37.07
N ARG P 65 -63.65 -23.56 -37.64
CA ARG P 65 -63.78 -23.41 -39.09
C ARG P 65 -65.04 -24.11 -39.55
N THR P 66 -64.92 -25.27 -40.18
CA THR P 66 -66.07 -25.96 -40.75
C THR P 66 -67.24 -26.04 -39.78
N GLU P 67 -66.98 -25.99 -38.47
CA GLU P 67 -68.07 -25.87 -37.51
C GLU P 67 -68.55 -24.41 -37.35
N TRP P 68 -67.66 -23.43 -37.53
CA TRP P 68 -68.11 -22.04 -37.56
C TRP P 68 -68.65 -21.65 -38.93
N ILE P 69 -67.96 -22.03 -40.01
CA ILE P 69 -68.43 -21.71 -41.36
C ILE P 69 -69.86 -22.17 -41.56
N ALA P 70 -70.24 -23.29 -40.94
CA ALA P 70 -71.63 -23.68 -40.97
C ALA P 70 -72.50 -22.75 -40.12
N ALA P 71 -71.92 -22.14 -39.08
CA ALA P 71 -72.71 -21.32 -38.19
C ALA P 71 -72.91 -19.90 -38.73
N ASN P 72 -71.88 -19.29 -39.31
CA ASN P 72 -72.02 -17.88 -39.70
C ASN P 72 -73.07 -17.72 -40.79
N GLU P 73 -73.06 -18.62 -41.78
CA GLU P 73 -74.11 -18.59 -42.79
C GLU P 73 -75.40 -19.20 -42.29
N ASP P 74 -75.41 -19.74 -41.07
CA ASP P 74 -76.65 -20.16 -40.42
C ASP P 74 -77.30 -19.01 -39.65
N LEU P 75 -76.69 -17.83 -39.65
CA LEU P 75 -77.36 -16.64 -39.13
C LEU P 75 -78.58 -16.26 -39.97
N TRP P 76 -78.71 -16.83 -41.16
CA TRP P 76 -79.86 -16.62 -42.02
C TRP P 76 -80.91 -17.71 -41.88
N LYS P 77 -80.75 -18.65 -40.94
CA LYS P 77 -81.77 -19.66 -40.71
C LYS P 77 -83.12 -19.00 -40.43
N VAL P 78 -84.13 -19.42 -41.18
CA VAL P 78 -85.48 -18.89 -41.04
C VAL P 78 -86.27 -19.86 -40.17
N THR P 79 -86.89 -19.34 -39.11
CA THR P 79 -87.57 -20.17 -38.15
C THR P 79 -89.06 -19.84 -38.12
N GLY P 80 -89.85 -20.78 -37.61
CA GLY P 80 -91.29 -20.59 -37.50
C GLY P 80 -91.77 -20.53 -36.06
N ALA Q 2 -53.89 -26.32 -28.65
CA ALA Q 2 -52.61 -26.06 -29.30
C ALA Q 2 -52.17 -24.62 -29.10
N SER Q 3 -50.89 -24.35 -29.35
CA SER Q 3 -50.40 -22.99 -29.28
C SER Q 3 -50.76 -22.19 -30.52
N ALA Q 4 -50.95 -22.88 -31.65
CA ALA Q 4 -51.33 -22.33 -32.94
C ALA Q 4 -50.27 -21.44 -33.57
N ARG Q 5 -49.15 -21.17 -32.90
CA ARG Q 5 -48.03 -20.53 -33.56
C ARG Q 5 -46.93 -21.53 -33.87
N GLY Q 6 -46.16 -21.94 -32.87
CA GLY Q 6 -45.04 -22.82 -33.13
C GLY Q 6 -44.55 -23.41 -31.83
N TYR Q 7 -43.73 -24.44 -31.97
CA TYR Q 7 -43.15 -25.11 -30.81
C TYR Q 7 -41.64 -25.17 -30.96
N VAL Q 8 -40.94 -24.61 -29.97
CA VAL Q 8 -39.49 -24.73 -29.86
C VAL Q 8 -39.20 -25.92 -28.96
N ASN Q 9 -38.65 -26.98 -29.54
CA ASN Q 9 -38.46 -28.25 -28.85
C ASN Q 9 -37.04 -28.34 -28.33
N ILE Q 10 -36.91 -28.34 -27.01
CA ILE Q 10 -35.61 -28.37 -26.35
C ILE Q 10 -35.29 -29.80 -25.95
N LYS Q 11 -34.14 -30.30 -26.40
CA LYS Q 11 -33.70 -31.66 -26.07
C LYS Q 11 -32.39 -31.53 -25.33
N THR Q 12 -32.40 -31.81 -24.02
CA THR Q 12 -31.22 -31.62 -23.19
C THR Q 12 -30.54 -32.96 -22.96
N PHE Q 13 -29.21 -32.95 -22.96
CA PHE Q 13 -28.41 -34.16 -22.87
C PHE Q 13 -27.73 -34.20 -21.51
N GLU Q 14 -28.07 -35.20 -20.70
CA GLU Q 14 -27.57 -35.19 -19.34
C GLU Q 14 -26.10 -35.56 -19.27
N GLN Q 15 -25.45 -35.10 -18.22
CA GLN Q 15 -24.04 -35.32 -17.99
C GLN Q 15 -23.84 -35.80 -16.56
N LYS Q 16 -22.64 -36.28 -16.27
CA LYS Q 16 -22.25 -36.64 -14.92
C LYS Q 16 -21.62 -35.41 -14.28
N LEU Q 17 -22.32 -34.81 -13.33
CA LEU Q 17 -21.81 -33.58 -12.73
C LEU Q 17 -20.71 -33.86 -11.73
N ASP Q 18 -20.92 -34.85 -10.88
CA ASP Q 18 -20.10 -35.04 -9.69
C ASP Q 18 -19.97 -36.54 -9.47
N GLY Q 19 -19.48 -36.94 -8.30
CA GLY Q 19 -19.41 -38.36 -8.04
C GLY Q 19 -20.79 -38.98 -7.95
N ASN Q 20 -21.04 -39.94 -8.83
CA ASN Q 20 -22.32 -40.66 -8.93
C ASN Q 20 -23.50 -39.69 -8.80
N LYS Q 21 -23.56 -38.75 -9.75
CA LYS Q 21 -24.60 -37.73 -9.80
C LYS Q 21 -24.81 -37.32 -11.26
N LYS Q 22 -25.96 -36.69 -11.51
CA LYS Q 22 -26.33 -36.31 -12.87
C LYS Q 22 -27.06 -34.98 -12.85
N ILE Q 23 -26.95 -34.26 -13.96
CA ILE Q 23 -27.84 -33.14 -14.25
C ILE Q 23 -28.80 -33.64 -15.32
N GLU Q 24 -30.04 -33.87 -14.92
CA GLU Q 24 -30.97 -34.67 -15.72
C GLU Q 24 -31.28 -34.01 -17.05
N GLY Q 25 -31.18 -34.78 -18.12
CA GLY Q 25 -31.62 -34.29 -19.43
C GLY Q 25 -33.11 -34.50 -19.60
N LYS Q 26 -33.75 -33.52 -20.25
CA LYS Q 26 -35.19 -33.51 -20.40
C LYS Q 26 -35.57 -33.09 -21.81
N GLU Q 27 -36.37 -33.90 -22.46
CA GLU Q 27 -36.93 -33.55 -23.77
C GLU Q 27 -38.26 -32.86 -23.53
N VAL Q 28 -38.40 -31.63 -24.02
CA VAL Q 28 -39.55 -30.78 -23.69
C VAL Q 28 -39.90 -29.91 -24.89
N SER Q 29 -41.18 -29.60 -25.03
CA SER Q 29 -41.68 -28.69 -26.06
C SER Q 29 -42.19 -27.42 -25.39
N VAL Q 30 -42.09 -26.30 -26.12
CA VAL Q 30 -42.50 -25.01 -25.59
C VAL Q 30 -43.23 -24.26 -26.70
N ALA Q 31 -44.35 -23.63 -26.35
CA ALA Q 31 -45.04 -22.76 -27.30
C ALA Q 31 -44.11 -21.62 -27.71
N PHE Q 32 -43.97 -21.43 -29.03
CA PHE Q 32 -42.96 -20.50 -29.52
C PHE Q 32 -43.10 -19.09 -28.96
N PRO Q 33 -44.30 -18.54 -28.76
CA PRO Q 33 -44.39 -17.27 -28.04
C PRO Q 33 -44.01 -17.37 -26.58
N LEU Q 34 -44.28 -18.49 -25.91
CA LEU Q 34 -43.80 -18.63 -24.55
C LEU Q 34 -42.29 -18.81 -24.50
N TYR Q 35 -41.71 -19.47 -25.52
CA TYR Q 35 -40.28 -19.67 -25.52
C TYR Q 35 -39.53 -18.37 -25.75
N SER Q 36 -39.97 -17.59 -26.74
CA SER Q 36 -39.28 -16.34 -27.05
C SER Q 36 -39.29 -15.41 -25.85
N ASP Q 37 -40.41 -15.37 -25.11
CA ASP Q 37 -40.55 -14.43 -24.01
C ASP Q 37 -39.54 -14.70 -22.91
N VAL Q 38 -39.55 -15.91 -22.35
CA VAL Q 38 -38.64 -16.31 -21.29
C VAL Q 38 -38.09 -17.68 -21.65
N HIS Q 39 -36.80 -17.75 -21.93
CA HIS Q 39 -36.11 -19.04 -22.05
C HIS Q 39 -34.72 -18.90 -21.46
N LYS Q 40 -34.37 -19.79 -20.54
CA LYS Q 40 -33.11 -19.69 -19.82
C LYS Q 40 -32.01 -20.54 -20.43
N ILE Q 41 -32.25 -21.19 -21.57
CA ILE Q 41 -31.28 -22.19 -22.03
C ILE Q 41 -30.00 -21.49 -22.44
N SER Q 42 -28.92 -21.83 -21.75
CA SER Q 42 -27.56 -21.58 -22.17
C SER Q 42 -26.69 -22.58 -21.42
N GLY Q 43 -25.61 -23.04 -22.07
CA GLY Q 43 -24.73 -23.98 -21.41
C GLY Q 43 -25.41 -25.23 -20.89
N ALA Q 44 -26.62 -25.50 -21.35
CA ALA Q 44 -27.40 -26.63 -20.86
C ALA Q 44 -27.23 -27.89 -21.69
N HIS Q 45 -26.38 -27.86 -22.72
CA HIS Q 45 -26.10 -29.01 -23.57
C HIS Q 45 -27.38 -29.58 -24.16
N TYR Q 46 -27.98 -28.76 -25.01
CA TYR Q 46 -29.26 -29.06 -25.65
C TYR Q 46 -29.07 -29.13 -27.16
N GLN Q 47 -30.18 -29.37 -27.85
CA GLN Q 47 -30.30 -29.04 -29.26
C GLN Q 47 -31.76 -28.64 -29.51
N THR Q 48 -31.97 -27.51 -30.16
CA THR Q 48 -33.29 -26.92 -30.31
C THR Q 48 -33.70 -26.89 -31.78
N PHE Q 49 -34.98 -27.15 -32.04
CA PHE Q 49 -35.51 -27.01 -33.39
C PHE Q 49 -36.93 -26.50 -33.33
N PRO Q 50 -37.35 -25.69 -34.29
CA PRO Q 50 -38.76 -25.32 -34.40
C PRO Q 50 -39.57 -26.45 -35.03
N SER Q 51 -40.88 -26.42 -34.77
CA SER Q 51 -41.79 -27.41 -35.30
C SER Q 51 -43.19 -26.85 -35.34
N GLU Q 52 -44.03 -27.45 -36.19
CA GLU Q 52 -45.44 -27.04 -36.24
C GLU Q 52 -46.25 -27.69 -35.13
N LYS Q 53 -46.06 -28.98 -34.90
CA LYS Q 53 -46.73 -29.71 -33.84
C LYS Q 53 -45.72 -30.14 -32.79
N ALA Q 54 -46.18 -30.25 -31.55
CA ALA Q 54 -45.28 -30.55 -30.45
C ALA Q 54 -44.52 -31.84 -30.73
N ALA Q 55 -43.19 -31.76 -30.67
CA ALA Q 55 -42.34 -32.87 -31.02
C ALA Q 55 -41.92 -33.70 -29.83
N TYR Q 56 -42.30 -33.32 -28.61
CA TYR Q 56 -42.00 -34.12 -27.44
C TYR Q 56 -43.21 -34.19 -26.54
N SER Q 57 -43.20 -35.19 -25.65
CA SER Q 57 -44.36 -35.47 -24.82
C SER Q 57 -44.66 -34.31 -23.88
N THR Q 58 -43.63 -33.72 -23.29
CA THR Q 58 -43.82 -32.61 -22.36
C THR Q 58 -44.04 -31.33 -23.16
N VAL Q 59 -45.20 -30.71 -22.98
CA VAL Q 59 -45.62 -29.56 -23.79
C VAL Q 59 -45.95 -28.41 -22.86
N TYR Q 60 -45.55 -27.20 -23.24
CA TYR Q 60 -45.92 -25.98 -22.53
C TYR Q 60 -46.58 -25.03 -23.52
N GLU Q 61 -47.87 -24.78 -23.32
CA GLU Q 61 -48.70 -24.12 -24.30
C GLU Q 61 -48.57 -22.60 -24.15
N GLU Q 62 -49.48 -21.87 -24.82
CA GLU Q 62 -49.44 -20.41 -24.79
C GLU Q 62 -49.34 -19.87 -23.37
N ASN Q 63 -50.18 -20.37 -22.47
CA ASN Q 63 -50.20 -19.90 -21.08
C ASN Q 63 -49.72 -21.04 -20.19
N GLN Q 64 -48.47 -20.96 -19.76
CA GLN Q 64 -47.96 -21.56 -18.54
C GLN Q 64 -47.14 -20.54 -17.78
N ARG Q 65 -46.07 -20.04 -18.40
CA ARG Q 65 -45.20 -19.07 -17.76
C ARG Q 65 -44.65 -19.65 -16.47
N THR Q 66 -45.14 -19.19 -15.31
CA THR Q 66 -44.59 -19.61 -14.03
C THR Q 66 -44.43 -21.12 -13.90
N GLU Q 67 -45.15 -21.90 -14.69
CA GLU Q 67 -44.88 -23.33 -14.75
C GLU Q 67 -43.66 -23.62 -15.61
N TRP Q 68 -43.57 -23.02 -16.80
CA TRP Q 68 -42.40 -23.23 -17.64
C TRP Q 68 -41.16 -22.58 -17.03
N ILE Q 69 -41.27 -21.33 -16.60
CA ILE Q 69 -40.14 -20.63 -16.01
C ILE Q 69 -39.51 -21.45 -14.89
N ALA Q 70 -40.33 -22.25 -14.20
CA ALA Q 70 -39.79 -23.21 -13.26
C ALA Q 70 -39.14 -24.40 -13.94
N ALA Q 71 -39.59 -24.78 -15.14
CA ALA Q 71 -39.04 -25.96 -15.79
C ALA Q 71 -37.74 -25.68 -16.52
N ASN Q 72 -37.60 -24.51 -17.14
CA ASN Q 72 -36.38 -24.27 -17.92
C ASN Q 72 -35.18 -24.09 -17.01
N GLU Q 73 -35.38 -23.53 -15.82
CA GLU Q 73 -34.33 -23.48 -14.82
C GLU Q 73 -34.07 -24.84 -14.22
N ASP Q 74 -35.06 -25.74 -14.27
CA ASP Q 74 -34.91 -27.07 -13.70
C ASP Q 74 -34.20 -28.02 -14.66
N LEU Q 75 -33.84 -27.55 -15.85
CA LEU Q 75 -32.94 -28.32 -16.70
C LEU Q 75 -31.60 -28.55 -16.01
N TRP Q 76 -31.26 -27.71 -15.04
CA TRP Q 76 -30.04 -27.81 -14.27
C TRP Q 76 -30.20 -28.60 -12.98
N LYS Q 77 -31.36 -29.25 -12.77
CA LYS Q 77 -31.57 -30.03 -11.56
C LYS Q 77 -30.46 -31.04 -11.37
N VAL Q 78 -29.89 -31.04 -10.16
CA VAL Q 78 -28.78 -31.92 -9.80
C VAL Q 78 -29.36 -33.04 -8.93
N THR Q 79 -29.30 -34.27 -9.44
CA THR Q 79 -29.86 -35.41 -8.73
C THR Q 79 -28.75 -36.38 -8.31
N GLY Q 80 -29.01 -37.14 -7.27
CA GLY Q 80 -28.07 -38.14 -6.81
C GLY Q 80 -28.10 -39.37 -7.69
N ALA R 2 -1.83 -64.77 -38.77
CA ALA R 2 -1.43 -63.38 -38.58
C ALA R 2 -1.44 -62.62 -39.89
N SER R 3 -1.48 -61.29 -39.80
CA SER R 3 -1.55 -60.46 -41.00
C SER R 3 -0.19 -60.29 -41.65
N ALA R 4 0.89 -60.41 -40.88
CA ALA R 4 2.26 -60.37 -41.37
C ALA R 4 2.66 -59.00 -41.91
N ARG R 5 1.71 -58.07 -42.04
CA ARG R 5 2.09 -56.74 -42.47
C ARG R 5 2.14 -55.76 -41.30
N GLY R 6 0.97 -55.30 -40.86
CA GLY R 6 0.93 -54.31 -39.81
C GLY R 6 -0.41 -54.39 -39.11
N TYR R 7 -0.50 -53.67 -38.00
CA TYR R 7 -1.73 -53.61 -37.23
C TYR R 7 -1.96 -52.20 -36.75
N VAL R 8 -3.19 -51.71 -36.93
CA VAL R 8 -3.60 -50.40 -36.47
C VAL R 8 -4.40 -50.61 -35.20
N ASN R 9 -3.83 -50.19 -34.07
CA ASN R 9 -4.43 -50.44 -32.77
C ASN R 9 -5.29 -49.24 -32.38
N ILE R 10 -6.60 -49.45 -32.28
CA ILE R 10 -7.54 -48.40 -31.91
C ILE R 10 -8.00 -48.67 -30.49
N LYS R 11 -7.80 -47.71 -29.60
CA LYS R 11 -8.31 -47.80 -28.24
C LYS R 11 -9.34 -46.70 -28.05
N THR R 12 -10.61 -47.08 -28.02
CA THR R 12 -11.70 -46.13 -27.84
C THR R 12 -11.99 -45.96 -26.36
N PHE R 13 -12.02 -44.71 -25.91
CA PHE R 13 -12.23 -44.42 -24.50
C PHE R 13 -13.72 -44.40 -24.21
N GLU R 14 -14.08 -44.93 -23.04
CA GLU R 14 -15.49 -45.05 -22.66
C GLU R 14 -15.97 -43.76 -22.02
N GLN R 15 -17.11 -43.28 -22.52
CA GLN R 15 -17.71 -42.05 -22.02
C GLN R 15 -19.13 -42.35 -21.56
N LYS R 16 -19.66 -41.46 -20.74
CA LYS R 16 -21.02 -41.62 -20.23
C LYS R 16 -21.94 -40.91 -21.21
N LEU R 17 -22.68 -41.69 -22.00
CA LEU R 17 -23.49 -41.10 -23.06
C LEU R 17 -24.81 -40.59 -22.51
N ASP R 18 -25.43 -41.37 -21.62
CA ASP R 18 -26.68 -40.98 -20.98
C ASP R 18 -26.54 -41.33 -19.49
N GLY R 19 -27.61 -41.22 -18.72
CA GLY R 19 -27.59 -41.67 -17.34
C GLY R 19 -27.46 -43.18 -17.28
N ASN R 20 -26.41 -43.68 -16.62
CA ASN R 20 -26.14 -45.11 -16.48
C ASN R 20 -26.11 -45.82 -17.83
N LYS R 21 -25.71 -45.12 -18.88
CA LYS R 21 -25.56 -45.69 -20.21
C LYS R 21 -24.19 -45.32 -20.75
N LYS R 22 -23.40 -46.33 -21.08
CA LYS R 22 -22.01 -46.13 -21.46
C LYS R 22 -21.81 -46.49 -22.92
N ILE R 23 -20.77 -45.91 -23.50
CA ILE R 23 -20.17 -46.40 -24.73
C ILE R 23 -18.95 -47.18 -24.32
N GLU R 24 -19.02 -48.50 -24.43
CA GLU R 24 -17.99 -49.37 -23.89
C GLU R 24 -16.63 -49.05 -24.48
N GLY R 25 -15.64 -48.86 -23.62
CA GLY R 25 -14.28 -48.68 -24.08
C GLY R 25 -13.76 -49.96 -24.71
N LYS R 26 -13.31 -49.88 -25.96
CA LYS R 26 -13.00 -51.08 -26.73
C LYS R 26 -11.56 -51.01 -27.24
N GLU R 27 -10.72 -51.91 -26.73
CA GLU R 27 -9.39 -52.13 -27.27
C GLU R 27 -9.51 -53.06 -28.46
N VAL R 28 -8.97 -52.66 -29.61
CA VAL R 28 -9.05 -53.49 -30.81
C VAL R 28 -7.82 -53.23 -31.68
N SER R 29 -7.35 -54.29 -32.33
CA SER R 29 -6.33 -54.22 -33.36
C SER R 29 -6.95 -54.63 -34.69
N VAL R 30 -6.40 -54.10 -35.77
CA VAL R 30 -6.91 -54.39 -37.12
C VAL R 30 -5.72 -54.55 -38.05
N ALA R 31 -5.79 -55.54 -38.94
CA ALA R 31 -4.79 -55.67 -39.98
C ALA R 31 -4.76 -54.40 -40.82
N PHE R 32 -3.56 -53.85 -41.00
CA PHE R 32 -3.44 -52.55 -41.64
C PHE R 32 -4.08 -52.46 -43.02
N PRO R 33 -3.96 -53.45 -43.90
CA PRO R 33 -4.71 -53.38 -45.17
C PRO R 33 -6.20 -53.54 -45.00
N LEU R 34 -6.68 -54.08 -43.87
CA LEU R 34 -8.11 -54.04 -43.60
C LEU R 34 -8.52 -52.69 -43.04
N TYR R 35 -7.74 -52.13 -42.11
CA TYR R 35 -8.08 -50.84 -41.55
C TYR R 35 -7.97 -49.73 -42.58
N SER R 36 -7.06 -49.87 -43.54
CA SER R 36 -6.95 -48.86 -44.58
C SER R 36 -8.14 -48.88 -45.52
N ASP R 37 -8.63 -50.07 -45.85
CA ASP R 37 -9.73 -50.19 -46.80
C ASP R 37 -10.99 -49.53 -46.25
N VAL R 38 -11.46 -49.98 -45.10
CA VAL R 38 -12.70 -49.49 -44.49
C VAL R 38 -12.42 -49.19 -43.04
N HIS R 39 -12.46 -47.91 -42.66
CA HIS R 39 -12.41 -47.53 -41.25
C HIS R 39 -13.34 -46.36 -41.00
N LYS R 40 -14.27 -46.54 -40.07
CA LYS R 40 -15.33 -45.57 -39.82
C LYS R 40 -14.97 -44.58 -38.72
N ILE R 41 -13.75 -44.63 -38.18
CA ILE R 41 -13.48 -43.94 -36.94
C ILE R 41 -13.32 -42.45 -37.21
N SER R 42 -14.24 -41.66 -36.66
CA SER R 42 -14.11 -40.22 -36.48
C SER R 42 -15.00 -39.86 -35.31
N GLY R 43 -14.55 -38.93 -34.48
CA GLY R 43 -15.34 -38.55 -33.33
C GLY R 43 -15.65 -39.68 -32.38
N ALA R 44 -14.94 -40.80 -32.49
CA ALA R 44 -15.20 -41.97 -31.66
C ALA R 44 -14.47 -41.94 -30.33
N HIS R 45 -13.69 -40.89 -30.07
CA HIS R 45 -12.92 -40.76 -28.83
C HIS R 45 -11.97 -41.94 -28.66
N TYR R 46 -10.97 -41.97 -29.53
CA TYR R 46 -10.00 -43.04 -29.62
C TYR R 46 -8.59 -42.48 -29.49
N GLN R 47 -7.61 -43.36 -29.53
CA GLN R 47 -6.24 -42.98 -29.87
C GLN R 47 -5.62 -44.16 -30.59
N THR R 48 -4.94 -43.89 -31.71
CA THR R 48 -4.52 -44.93 -32.62
C THR R 48 -3.01 -44.93 -32.79
N PHE R 49 -2.42 -46.12 -32.86
CA PHE R 49 -1.00 -46.25 -33.16
C PHE R 49 -0.75 -47.48 -34.00
N PRO R 50 0.17 -47.40 -34.95
CA PRO R 50 0.58 -48.60 -35.69
C PRO R 50 1.46 -49.49 -34.86
N SER R 51 1.63 -50.73 -35.33
CA SER R 51 2.48 -51.69 -34.63
C SER R 51 2.95 -52.76 -35.59
N GLU R 52 3.95 -53.52 -35.16
CA GLU R 52 4.40 -54.68 -35.93
C GLU R 52 3.49 -55.87 -35.70
N LYS R 53 3.10 -56.11 -34.46
CA LYS R 53 2.15 -57.15 -34.09
C LYS R 53 0.90 -56.50 -33.50
N ALA R 54 -0.21 -57.23 -33.54
CA ALA R 54 -1.42 -56.75 -32.89
C ALA R 54 -1.17 -56.53 -31.41
N ALA R 55 -1.45 -55.33 -30.93
CA ALA R 55 -1.15 -54.95 -29.55
C ALA R 55 -2.33 -55.10 -28.61
N TYR R 56 -3.48 -55.56 -29.09
CA TYR R 56 -4.63 -55.77 -28.23
C TYR R 56 -5.23 -57.14 -28.49
N SER R 57 -6.14 -57.54 -27.60
CA SER R 57 -6.63 -58.92 -27.57
C SER R 57 -7.67 -59.19 -28.65
N THR R 58 -8.43 -58.17 -29.06
CA THR R 58 -9.42 -58.35 -30.12
C THR R 58 -8.77 -57.97 -31.44
N VAL R 59 -8.51 -58.97 -32.28
CA VAL R 59 -7.71 -58.80 -33.48
C VAL R 59 -8.58 -59.14 -34.68
N TYR R 60 -8.62 -58.24 -35.67
CA TYR R 60 -9.30 -58.47 -36.94
C TYR R 60 -8.23 -58.53 -38.02
N GLU R 61 -8.00 -59.73 -38.55
CA GLU R 61 -6.87 -59.97 -39.41
C GLU R 61 -7.21 -59.55 -40.84
N GLU R 62 -6.37 -59.97 -41.79
CA GLU R 62 -6.56 -59.63 -43.20
C GLU R 62 -7.99 -59.86 -43.66
N ASN R 63 -8.54 -61.04 -43.38
CA ASN R 63 -9.89 -61.36 -43.81
C ASN R 63 -10.80 -61.41 -42.59
N GLN R 64 -11.54 -60.34 -42.38
CA GLN R 64 -12.82 -60.32 -41.70
C GLN R 64 -13.78 -59.47 -42.51
N ARG R 65 -13.44 -58.20 -42.72
CA ARG R 65 -14.28 -57.28 -43.50
C ARG R 65 -15.64 -57.18 -42.82
N THR R 66 -16.68 -57.77 -43.42
CA THR R 66 -18.04 -57.58 -42.93
C THR R 66 -18.16 -57.81 -41.43
N GLU R 67 -17.22 -58.52 -40.81
CA GLU R 67 -17.20 -58.61 -39.35
C GLU R 67 -16.56 -57.37 -38.73
N TRP R 68 -15.52 -56.81 -39.36
CA TRP R 68 -14.97 -55.55 -38.88
C TRP R 68 -15.83 -54.36 -39.29
N ILE R 69 -16.35 -54.37 -40.52
CA ILE R 69 -17.27 -53.31 -40.94
C ILE R 69 -18.39 -53.13 -39.92
N ALA R 70 -18.88 -54.24 -39.37
CA ALA R 70 -19.83 -54.15 -38.27
C ALA R 70 -19.16 -53.84 -36.94
N ALA R 71 -17.87 -54.14 -36.80
CA ALA R 71 -17.19 -53.96 -35.52
C ALA R 71 -16.73 -52.52 -35.28
N ASN R 72 -16.41 -51.76 -36.33
CA ASN R 72 -16.00 -50.38 -36.10
C ASN R 72 -17.19 -49.47 -35.84
N GLU R 73 -18.29 -49.69 -36.58
CA GLU R 73 -19.54 -49.03 -36.21
C GLU R 73 -20.10 -49.58 -34.91
N ASP R 74 -19.56 -50.70 -34.42
CA ASP R 74 -19.87 -51.19 -33.10
C ASP R 74 -19.27 -50.33 -32.01
N LEU R 75 -18.28 -49.50 -32.34
CA LEU R 75 -17.64 -48.65 -31.34
C LEU R 75 -18.57 -47.56 -30.83
N TRP R 76 -19.70 -47.33 -31.52
CA TRP R 76 -20.71 -46.37 -31.08
C TRP R 76 -21.87 -47.03 -30.34
N LYS R 77 -21.82 -48.34 -30.10
CA LYS R 77 -22.93 -49.03 -29.43
C LYS R 77 -23.23 -48.38 -28.09
N VAL R 78 -24.51 -48.32 -27.77
CA VAL R 78 -24.99 -47.77 -26.51
C VAL R 78 -25.31 -48.93 -25.59
N THR R 79 -24.56 -49.05 -24.50
CA THR R 79 -24.75 -50.12 -23.53
C THR R 79 -25.55 -49.58 -22.35
N GLY R 80 -26.57 -50.33 -21.95
CA GLY R 80 -27.42 -49.91 -20.84
C GLY R 80 -26.70 -49.86 -19.52
N ALA S 2 0.59 -20.06 12.41
CA ALA S 2 -0.07 -19.74 11.14
C ALA S 2 0.96 -19.58 10.03
N SER S 3 0.47 -19.42 8.80
CA SER S 3 1.38 -19.23 7.67
C SER S 3 2.05 -17.86 7.72
N ALA S 4 1.34 -16.85 8.24
CA ALA S 4 1.80 -15.48 8.38
C ALA S 4 1.99 -14.76 7.05
N ARG S 5 1.81 -15.43 5.91
CA ARG S 5 1.90 -14.70 4.66
C ARG S 5 0.63 -14.81 3.80
N GLY S 6 0.44 -15.94 3.16
CA GLY S 6 -0.70 -16.08 2.25
C GLY S 6 -1.04 -17.53 2.07
N TYR S 7 -2.26 -17.78 1.62
CA TYR S 7 -2.76 -19.13 1.41
C TYR S 7 -3.26 -19.27 -0.01
N VAL S 8 -2.55 -20.06 -0.81
CA VAL S 8 -3.03 -20.44 -2.14
C VAL S 8 -3.87 -21.70 -1.99
N ASN S 9 -5.12 -21.61 -2.42
CA ASN S 9 -6.13 -22.63 -2.12
C ASN S 9 -6.52 -23.33 -3.41
N ILE S 10 -6.11 -24.59 -3.54
CA ILE S 10 -6.42 -25.39 -4.73
C ILE S 10 -7.63 -26.25 -4.41
N LYS S 11 -8.67 -26.14 -5.23
CA LYS S 11 -9.83 -27.02 -5.12
C LYS S 11 -9.93 -27.82 -6.40
N THR S 12 -9.61 -29.11 -6.34
CA THR S 12 -9.80 -29.97 -7.49
C THR S 12 -11.25 -30.40 -7.58
N PHE S 13 -11.72 -30.59 -8.81
CA PHE S 13 -13.10 -30.98 -9.07
C PHE S 13 -13.11 -32.39 -9.60
N GLU S 14 -13.79 -33.29 -8.89
CA GLU S 14 -13.73 -34.70 -9.23
C GLU S 14 -14.46 -34.98 -10.53
N GLN S 15 -14.11 -36.10 -11.13
CA GLN S 15 -14.52 -36.44 -12.48
C GLN S 15 -14.44 -37.95 -12.65
N LYS S 16 -15.11 -38.45 -13.67
CA LYS S 16 -15.05 -39.87 -14.00
C LYS S 16 -13.93 -40.05 -15.01
N LEU S 17 -12.83 -40.66 -14.57
CA LEU S 17 -11.72 -40.91 -15.48
C LEU S 17 -11.95 -42.18 -16.29
N ASP S 18 -12.46 -43.22 -15.65
CA ASP S 18 -12.56 -44.54 -16.24
C ASP S 18 -13.90 -45.13 -15.77
N GLY S 19 -14.18 -46.36 -16.17
CA GLY S 19 -15.45 -46.96 -15.81
C GLY S 19 -15.61 -47.15 -14.31
N ASN S 20 -16.65 -46.52 -13.75
CA ASN S 20 -16.95 -46.58 -12.31
C ASN S 20 -15.73 -46.20 -11.48
N LYS S 21 -15.03 -45.14 -11.90
CA LYS S 21 -13.83 -44.67 -11.23
C LYS S 21 -13.82 -43.15 -11.22
N LYS S 22 -13.15 -42.58 -10.21
CA LYS S 22 -13.12 -41.14 -10.02
C LYS S 22 -11.70 -40.68 -9.73
N ILE S 23 -11.46 -39.40 -9.96
CA ILE S 23 -10.32 -38.69 -9.39
C ILE S 23 -10.89 -37.72 -8.37
N GLU S 24 -10.71 -38.02 -7.09
CA GLU S 24 -11.51 -37.36 -6.06
C GLU S 24 -11.10 -35.89 -5.91
N GLY S 25 -12.08 -35.00 -6.00
CA GLY S 25 -11.81 -33.58 -5.80
C GLY S 25 -11.55 -33.29 -4.34
N LYS S 26 -10.48 -32.51 -4.09
CA LYS S 26 -9.97 -32.32 -2.75
C LYS S 26 -9.74 -30.85 -2.48
N GLU S 27 -10.48 -30.31 -1.51
CA GLU S 27 -10.22 -28.96 -1.03
C GLU S 27 -8.93 -28.96 -0.22
N VAL S 28 -7.95 -28.16 -0.62
CA VAL S 28 -6.68 -28.10 0.08
C VAL S 28 -6.19 -26.66 0.09
N SER S 29 -5.48 -26.28 1.15
CA SER S 29 -4.88 -24.97 1.28
C SER S 29 -3.38 -25.12 1.49
N VAL S 30 -2.63 -24.15 0.98
CA VAL S 30 -1.17 -24.19 1.04
C VAL S 30 -0.66 -22.84 1.49
N ALA S 31 0.30 -22.83 2.41
CA ALA S 31 1.02 -21.61 2.72
C ALA S 31 1.69 -21.07 1.47
N PHE S 32 1.49 -19.78 1.21
CA PHE S 32 1.92 -19.21 -0.07
C PHE S 32 3.40 -19.44 -0.36
N PRO S 33 4.35 -19.20 0.56
CA PRO S 33 5.75 -19.44 0.21
C PRO S 33 6.03 -20.89 -0.13
N LEU S 34 5.39 -21.83 0.57
CA LEU S 34 5.51 -23.23 0.19
C LEU S 34 4.91 -23.49 -1.19
N TYR S 35 3.80 -22.82 -1.50
CA TYR S 35 3.12 -23.07 -2.78
C TYR S 35 3.98 -22.61 -3.95
N SER S 36 4.47 -21.37 -3.90
CA SER S 36 5.29 -20.87 -5.00
C SER S 36 6.52 -21.74 -5.21
N ASP S 37 7.01 -22.39 -4.16
CA ASP S 37 8.19 -23.24 -4.29
C ASP S 37 7.85 -24.52 -5.04
N VAL S 38 6.82 -25.23 -4.59
CA VAL S 38 6.46 -26.53 -5.15
C VAL S 38 4.95 -26.57 -5.36
N HIS S 39 4.52 -26.62 -6.62
CA HIS S 39 3.17 -27.07 -6.92
C HIS S 39 3.15 -27.76 -8.27
N LYS S 40 2.53 -28.94 -8.33
CA LYS S 40 2.52 -29.75 -9.55
C LYS S 40 1.25 -29.55 -10.36
N ILE S 41 0.36 -28.64 -9.95
CA ILE S 41 -0.99 -28.65 -10.47
C ILE S 41 -1.05 -28.03 -11.87
N SER S 42 -1.40 -28.84 -12.85
CA SER S 42 -1.76 -28.40 -14.19
C SER S 42 -2.62 -29.49 -14.80
N GLY S 43 -3.58 -29.08 -15.64
CA GLY S 43 -4.48 -30.05 -16.22
C GLY S 43 -5.26 -30.86 -15.21
N ALA S 44 -5.29 -30.43 -13.96
CA ALA S 44 -5.84 -31.22 -12.87
C ALA S 44 -7.28 -30.89 -12.55
N HIS S 45 -7.93 -30.02 -13.32
CA HIS S 45 -9.32 -29.62 -13.11
C HIS S 45 -9.51 -29.03 -11.71
N TYR S 46 -8.94 -27.84 -11.55
CA TYR S 46 -8.89 -27.15 -10.28
C TYR S 46 -9.35 -25.72 -10.48
N GLN S 47 -9.36 -24.95 -9.40
CA GLN S 47 -9.35 -23.51 -9.47
C GLN S 47 -8.72 -22.99 -8.19
N THR S 48 -7.91 -21.93 -8.30
CA THR S 48 -7.10 -21.47 -7.19
C THR S 48 -7.36 -20.00 -6.90
N PHE S 49 -7.29 -19.63 -5.62
CA PHE S 49 -7.39 -18.24 -5.22
C PHE S 49 -6.53 -18.02 -3.99
N PRO S 50 -5.93 -16.84 -3.86
CA PRO S 50 -5.25 -16.49 -2.60
C PRO S 50 -6.24 -16.02 -1.55
N SER S 51 -5.86 -16.20 -0.29
CA SER S 51 -6.67 -15.74 0.83
C SER S 51 -5.77 -15.47 2.03
N GLU S 52 -6.16 -14.47 2.84
CA GLU S 52 -5.36 -14.14 4.02
C GLU S 52 -5.40 -15.26 5.05
N LYS S 53 -6.54 -15.92 5.20
CA LYS S 53 -6.67 -17.12 6.01
C LYS S 53 -6.99 -18.31 5.12
N ALA S 54 -6.60 -19.50 5.57
CA ALA S 54 -6.82 -20.70 4.78
C ALA S 54 -8.31 -20.91 4.58
N ALA S 55 -8.73 -21.02 3.32
CA ALA S 55 -10.14 -21.09 2.97
C ALA S 55 -10.65 -22.52 2.81
N TYR S 56 -9.83 -23.53 3.10
CA TYR S 56 -10.30 -24.90 3.06
C TYR S 56 -9.77 -25.66 4.26
N SER S 57 -10.55 -26.66 4.68
CA SER S 57 -10.28 -27.36 5.93
C SER S 57 -9.01 -28.18 5.90
N THR S 58 -8.45 -28.45 4.72
CA THR S 58 -7.17 -29.14 4.59
C THR S 58 -6.09 -28.07 4.48
N VAL S 59 -5.28 -27.92 5.51
CA VAL S 59 -4.38 -26.78 5.64
C VAL S 59 -2.95 -27.28 5.70
N TYR S 60 -2.07 -26.65 4.93
CA TYR S 60 -0.64 -26.93 4.94
C TYR S 60 0.13 -25.67 5.25
N GLU S 61 0.87 -25.70 6.36
CA GLU S 61 1.48 -24.50 6.92
C GLU S 61 2.82 -24.23 6.24
N GLU S 62 3.61 -23.34 6.85
CA GLU S 62 4.92 -22.98 6.31
C GLU S 62 5.77 -24.20 6.00
N ASN S 63 5.94 -25.08 6.98
CA ASN S 63 6.86 -26.21 6.87
C ASN S 63 6.07 -27.50 6.87
N GLN S 64 5.94 -28.10 5.69
CA GLN S 64 5.64 -29.51 5.51
C GLN S 64 6.60 -30.11 4.49
N ARG S 65 6.60 -29.58 3.26
CA ARG S 65 7.40 -30.12 2.18
C ARG S 65 6.97 -31.56 1.92
N THR S 66 7.82 -32.55 2.21
CA THR S 66 7.53 -33.94 1.83
C THR S 66 6.15 -34.40 2.25
N GLU S 67 5.54 -33.76 3.26
CA GLU S 67 4.14 -34.03 3.56
C GLU S 67 3.22 -33.43 2.51
N TRP S 68 3.56 -32.24 2.01
CA TRP S 68 2.75 -31.64 0.94
C TRP S 68 3.08 -32.23 -0.41
N ILE S 69 4.36 -32.46 -0.70
CA ILE S 69 4.75 -33.03 -1.99
C ILE S 69 4.00 -34.33 -2.23
N ALA S 70 3.66 -35.05 -1.18
CA ALA S 70 2.85 -36.24 -1.32
C ALA S 70 1.36 -35.94 -1.44
N ALA S 71 0.92 -34.76 -0.99
CA ALA S 71 -0.49 -34.42 -1.05
C ALA S 71 -0.90 -33.87 -2.42
N ASN S 72 -0.05 -33.10 -3.09
CA ASN S 72 -0.45 -32.54 -4.38
C ASN S 72 -0.49 -33.60 -5.45
N GLU S 73 0.50 -34.49 -5.49
CA GLU S 73 0.44 -35.64 -6.36
C GLU S 73 -0.63 -36.63 -5.95
N ASP S 74 -1.19 -36.48 -4.75
CA ASP S 74 -2.34 -37.24 -4.33
C ASP S 74 -3.63 -36.70 -4.92
N LEU S 75 -3.62 -35.46 -5.45
CA LEU S 75 -4.79 -34.93 -6.12
C LEU S 75 -5.15 -35.73 -7.37
N TRP S 76 -4.20 -36.48 -7.92
CA TRP S 76 -4.43 -37.32 -9.08
C TRP S 76 -4.80 -38.75 -8.71
N LYS S 77 -4.99 -39.07 -7.42
CA LYS S 77 -5.32 -40.43 -7.03
C LYS S 77 -6.65 -40.85 -7.64
N VAL S 78 -6.64 -42.00 -8.31
CA VAL S 78 -7.79 -42.53 -9.01
C VAL S 78 -8.40 -43.62 -8.15
N THR S 79 -9.59 -43.37 -7.61
CA THR S 79 -10.31 -44.34 -6.81
C THR S 79 -11.61 -44.73 -7.50
N GLY S 80 -12.08 -45.93 -7.20
CA GLY S 80 -13.32 -46.43 -7.77
C GLY S 80 -14.56 -45.99 -7.02
N ALA T 2 -5.18 -67.73 -45.47
CA ALA T 2 -5.52 -66.79 -46.53
C ALA T 2 -4.36 -65.83 -46.79
N SER T 3 -3.57 -66.12 -47.82
CA SER T 3 -2.41 -65.29 -48.12
C SER T 3 -2.80 -63.90 -48.59
N ALA T 4 -3.86 -63.81 -49.40
CA ALA T 4 -4.46 -62.55 -49.85
C ALA T 4 -3.59 -61.78 -50.83
N ARG T 5 -2.34 -62.19 -51.02
CA ARG T 5 -1.56 -61.58 -52.11
C ARG T 5 -1.62 -62.45 -53.37
N GLY T 6 -0.91 -63.57 -53.36
CA GLY T 6 -0.90 -64.41 -54.54
C GLY T 6 -0.28 -65.74 -54.20
N TYR T 7 -0.52 -66.70 -55.08
CA TYR T 7 0.04 -68.04 -54.93
C TYR T 7 0.79 -68.39 -56.21
N VAL T 8 2.07 -68.70 -56.06
CA VAL T 8 2.89 -69.19 -57.16
C VAL T 8 2.86 -70.71 -57.10
N ASN T 9 2.21 -71.33 -58.07
CA ASN T 9 1.96 -72.76 -58.04
C ASN T 9 3.07 -73.48 -58.80
N ILE T 10 3.58 -74.56 -58.22
CA ILE T 10 4.69 -75.31 -58.80
C ILE T 10 4.28 -76.76 -58.93
N LYS T 11 4.34 -77.28 -60.16
CA LYS T 11 4.08 -78.68 -60.42
C LYS T 11 5.37 -79.32 -60.93
N THR T 12 5.99 -80.14 -60.10
CA THR T 12 7.21 -80.83 -60.50
C THR T 12 6.87 -82.17 -61.13
N PHE T 13 7.53 -82.47 -62.24
CA PHE T 13 7.26 -83.69 -62.99
C PHE T 13 8.32 -84.73 -62.65
N GLU T 14 7.88 -85.89 -62.18
CA GLU T 14 8.83 -86.86 -61.67
C GLU T 14 9.59 -87.52 -62.81
N GLN T 15 10.88 -87.75 -62.57
CA GLN T 15 11.75 -88.42 -63.53
C GLN T 15 12.37 -89.63 -62.85
N LYS T 16 12.90 -90.54 -63.66
CA LYS T 16 13.53 -91.75 -63.15
C LYS T 16 15.01 -91.48 -62.99
N LEU T 17 15.47 -91.38 -61.74
CA LEU T 17 16.85 -91.03 -61.48
C LEU T 17 17.77 -92.24 -61.54
N ASP T 18 17.27 -93.39 -61.13
CA ASP T 18 18.11 -94.56 -60.94
C ASP T 18 17.20 -95.79 -61.01
N GLY T 19 17.77 -96.98 -60.85
CA GLY T 19 16.98 -98.19 -60.92
C GLY T 19 15.95 -98.28 -59.83
N ASN T 20 14.68 -98.37 -60.23
CA ASN T 20 13.54 -98.47 -59.33
C ASN T 20 13.57 -97.34 -58.29
N LYS T 21 14.05 -96.18 -58.73
CA LYS T 21 14.14 -95.00 -57.88
C LYS T 21 13.54 -93.82 -58.61
N LYS T 22 12.80 -93.02 -57.85
CA LYS T 22 12.05 -91.90 -58.41
C LYS T 22 12.41 -90.63 -57.66
N ILE T 23 12.20 -89.51 -58.32
CA ILE T 23 12.16 -88.21 -57.67
C ILE T 23 10.72 -87.74 -57.73
N GLU T 24 10.03 -87.78 -56.60
CA GLU T 24 8.58 -87.68 -56.60
C GLU T 24 8.11 -86.34 -57.16
N GLY T 25 7.22 -86.40 -58.13
CA GLY T 25 6.55 -85.19 -58.58
C GLY T 25 5.56 -84.70 -57.55
N LYS T 26 5.59 -83.40 -57.26
CA LYS T 26 4.80 -82.84 -56.17
C LYS T 26 4.10 -81.58 -56.63
N GLU T 27 2.77 -81.61 -56.66
CA GLU T 27 1.99 -80.39 -56.89
C GLU T 27 1.93 -79.61 -55.59
N VAL T 28 2.46 -78.39 -55.58
CA VAL T 28 2.53 -77.60 -54.36
C VAL T 28 2.35 -76.12 -54.71
N SER T 29 1.68 -75.40 -53.82
CA SER T 29 1.44 -73.97 -53.98
C SER T 29 2.11 -73.23 -52.84
N VAL T 30 2.62 -72.04 -53.14
CA VAL T 30 3.28 -71.19 -52.17
C VAL T 30 2.70 -69.79 -52.26
N ALA T 31 2.47 -69.18 -51.11
CA ALA T 31 2.06 -67.78 -51.09
C ALA T 31 3.11 -66.94 -51.78
N PHE T 32 2.69 -66.12 -52.73
CA PHE T 32 3.63 -65.32 -53.50
C PHE T 32 4.58 -64.51 -52.63
N PRO T 33 4.16 -63.86 -51.55
CA PRO T 33 5.13 -63.16 -50.71
C PRO T 33 6.13 -64.08 -50.06
N LEU T 34 5.81 -65.35 -49.88
CA LEU T 34 6.81 -66.32 -49.46
C LEU T 34 7.64 -66.80 -50.63
N TYR T 35 6.99 -67.12 -51.76
CA TYR T 35 7.71 -67.68 -52.90
C TYR T 35 8.77 -66.71 -53.41
N SER T 36 8.45 -65.41 -53.42
CA SER T 36 9.42 -64.44 -53.88
C SER T 36 10.61 -64.37 -52.94
N ASP T 37 10.37 -64.51 -51.64
CA ASP T 37 11.45 -64.39 -50.66
C ASP T 37 12.44 -65.53 -50.78
N VAL T 38 11.96 -66.77 -50.73
CA VAL T 38 12.83 -67.94 -50.84
C VAL T 38 12.17 -68.94 -51.78
N HIS T 39 12.80 -69.19 -52.93
CA HIS T 39 12.41 -70.29 -53.80
C HIS T 39 13.67 -70.93 -54.37
N LYS T 40 13.81 -72.24 -54.15
CA LYS T 40 15.01 -72.98 -54.57
C LYS T 40 14.87 -73.57 -55.97
N ILE T 41 13.80 -73.27 -56.69
CA ILE T 41 13.51 -74.02 -57.90
C ILE T 41 14.43 -73.58 -59.03
N SER T 42 15.26 -74.51 -59.49
CA SER T 42 15.90 -74.48 -60.81
C SER T 42 16.20 -75.93 -61.15
N GLY T 43 16.14 -76.27 -62.43
CA GLY T 43 16.45 -77.64 -62.81
C GLY T 43 15.63 -78.69 -62.08
N ALA T 44 14.50 -78.30 -61.50
CA ALA T 44 13.64 -79.21 -60.75
C ALA T 44 12.53 -79.79 -61.62
N HIS T 45 12.52 -79.50 -62.91
CA HIS T 45 11.53 -80.02 -63.85
C HIS T 45 10.12 -79.71 -63.38
N TYR T 46 9.82 -78.42 -63.33
CA TYR T 46 8.54 -77.91 -62.89
C TYR T 46 7.84 -77.22 -64.06
N GLN T 47 6.66 -76.66 -63.77
CA GLN T 47 6.11 -75.56 -64.56
C GLN T 47 5.33 -74.68 -63.60
N THR T 48 5.59 -73.38 -63.65
CA THR T 48 5.07 -72.44 -62.65
C THR T 48 4.10 -71.47 -63.29
N PHE T 49 3.02 -71.18 -62.56
CA PHE T 49 2.11 -70.12 -62.95
C PHE T 49 1.67 -69.36 -61.71
N PRO T 50 1.60 -68.04 -61.78
CA PRO T 50 0.99 -67.27 -60.69
C PRO T 50 -0.53 -67.35 -60.77
N SER T 51 -1.17 -67.11 -59.64
CA SER T 51 -2.61 -67.28 -59.58
C SER T 51 -3.19 -66.45 -58.45
N GLU T 52 -4.51 -66.27 -58.48
CA GLU T 52 -5.21 -65.60 -57.39
C GLU T 52 -5.34 -66.50 -56.17
N LYS T 53 -5.81 -67.73 -56.38
CA LYS T 53 -5.96 -68.71 -55.32
C LYS T 53 -5.03 -69.88 -55.59
N ALA T 54 -4.66 -70.59 -54.52
CA ALA T 54 -3.82 -71.78 -54.66
C ALA T 54 -4.54 -72.80 -55.52
N ALA T 55 -3.88 -73.23 -56.59
CA ALA T 55 -4.46 -74.17 -57.54
C ALA T 55 -4.08 -75.62 -57.25
N TYR T 56 -3.34 -75.88 -56.19
CA TYR T 56 -2.98 -77.25 -55.83
C TYR T 56 -3.20 -77.45 -54.34
N SER T 57 -3.31 -78.72 -53.94
CA SER T 57 -3.82 -79.05 -52.63
C SER T 57 -2.86 -78.66 -51.51
N THR T 58 -1.56 -78.85 -51.73
CA THR T 58 -0.56 -78.55 -50.70
C THR T 58 -0.19 -77.08 -50.78
N VAL T 59 -0.47 -76.33 -49.71
CA VAL T 59 -0.39 -74.87 -49.73
C VAL T 59 0.51 -74.41 -48.60
N TYR T 60 1.34 -73.41 -48.88
CA TYR T 60 2.19 -72.77 -47.88
C TYR T 60 1.90 -71.27 -47.91
N GLU T 61 1.32 -70.75 -46.84
CA GLU T 61 0.99 -69.33 -46.78
C GLU T 61 2.23 -68.53 -46.41
N GLU T 62 2.04 -67.22 -46.20
CA GLU T 62 3.15 -66.34 -45.87
C GLU T 62 3.92 -66.80 -44.64
N ASN T 63 3.26 -67.48 -43.72
CA ASN T 63 3.95 -68.01 -42.55
C ASN T 63 4.01 -69.53 -42.66
N GLN T 64 5.11 -70.01 -43.23
CA GLN T 64 5.71 -71.32 -42.93
C GLN T 64 7.22 -71.13 -42.89
N ARG T 65 7.78 -70.70 -44.01
CA ARG T 65 9.24 -70.58 -44.18
C ARG T 65 9.87 -71.95 -43.97
N THR T 66 10.61 -72.12 -42.87
CA THR T 66 11.41 -73.34 -42.69
C THR T 66 10.61 -74.61 -42.90
N GLU T 67 9.27 -74.54 -42.86
CA GLU T 67 8.48 -75.66 -43.33
C GLU T 67 8.50 -75.77 -44.85
N TRP T 68 8.54 -74.62 -45.55
CA TRP T 68 8.68 -74.63 -47.01
C TRP T 68 10.13 -74.78 -47.44
N ILE T 69 11.05 -74.07 -46.79
CA ILE T 69 12.46 -74.20 -47.12
C ILE T 69 12.93 -75.64 -46.98
N ALA T 70 12.34 -76.39 -46.05
CA ALA T 70 12.58 -77.82 -46.00
C ALA T 70 11.78 -78.57 -47.04
N ALA T 71 10.70 -77.98 -47.56
CA ALA T 71 9.94 -78.60 -48.63
C ALA T 71 10.52 -78.32 -50.02
N ASN T 72 11.00 -77.11 -50.28
CA ASN T 72 11.40 -76.78 -51.64
C ASN T 72 12.71 -77.45 -52.03
N GLU T 73 13.59 -77.70 -51.05
CA GLU T 73 14.75 -78.54 -51.28
C GLU T 73 14.42 -80.01 -51.09
N ASP T 74 13.19 -80.32 -50.67
CA ASP T 74 12.70 -81.68 -50.61
C ASP T 74 12.21 -82.18 -51.96
N LEU T 75 12.08 -81.29 -52.95
CA LEU T 75 11.70 -81.72 -54.29
C LEU T 75 12.74 -82.60 -54.93
N TRP T 76 13.94 -82.68 -54.35
CA TRP T 76 14.97 -83.60 -54.80
C TRP T 76 15.00 -84.91 -54.02
N LYS T 77 14.07 -85.12 -53.08
CA LYS T 77 14.05 -86.37 -52.35
C LYS T 77 13.82 -87.54 -53.30
N VAL T 78 14.70 -88.53 -53.20
CA VAL T 78 14.67 -89.71 -54.06
C VAL T 78 14.02 -90.84 -53.29
N THR T 79 13.01 -91.46 -53.88
CA THR T 79 12.25 -92.52 -53.24
C THR T 79 12.44 -93.84 -53.95
N GLY T 80 12.23 -94.93 -53.22
CA GLY T 80 12.30 -96.26 -53.78
C GLY T 80 11.04 -97.07 -53.49
N ALA U 2 7.95 -21.96 15.09
CA ALA U 2 9.12 -21.14 14.84
C ALA U 2 8.82 -20.01 13.85
N SER U 3 9.48 -18.87 14.03
CA SER U 3 9.20 -17.70 13.20
C SER U 3 9.62 -17.93 11.75
N ALA U 4 10.62 -18.79 11.53
CA ALA U 4 11.08 -19.19 10.20
C ALA U 4 11.77 -18.07 9.44
N ARG U 5 11.79 -16.84 9.98
CA ARG U 5 12.52 -15.78 9.31
C ARG U 5 13.87 -15.51 9.96
N GLY U 6 13.85 -14.81 11.10
CA GLY U 6 15.07 -14.44 11.77
C GLY U 6 14.77 -14.17 13.23
N TYR U 7 15.81 -14.29 14.05
CA TYR U 7 15.67 -14.14 15.49
C TYR U 7 16.72 -13.16 15.99
N VAL U 8 16.26 -12.07 16.60
CA VAL U 8 17.15 -11.06 17.16
C VAL U 8 17.36 -11.42 18.62
N ASN U 9 18.57 -11.84 18.95
CA ASN U 9 18.89 -12.39 20.26
C ASN U 9 19.46 -11.28 21.13
N ILE U 10 18.83 -11.04 22.27
CA ILE U 10 19.22 -9.95 23.17
C ILE U 10 19.67 -10.53 24.50
N LYS U 11 20.79 -10.03 25.01
CA LYS U 11 21.32 -10.44 26.30
C LYS U 11 21.56 -9.16 27.11
N THR U 12 20.82 -9.00 28.21
CA THR U 12 20.91 -7.81 29.04
C THR U 12 21.75 -8.10 30.28
N PHE U 13 22.57 -7.13 30.68
CA PHE U 13 23.58 -7.30 31.70
C PHE U 13 23.13 -6.57 32.96
N GLU U 14 22.81 -7.33 34.00
CA GLU U 14 22.31 -6.74 35.23
C GLU U 14 23.40 -5.93 35.92
N GLN U 15 22.96 -5.04 36.80
CA GLN U 15 23.83 -4.04 37.39
C GLN U 15 23.25 -3.62 38.73
N LYS U 16 24.06 -2.94 39.53
CA LYS U 16 23.60 -2.41 40.81
C LYS U 16 23.09 -1.01 40.57
N LEU U 17 21.77 -0.83 40.71
CA LEU U 17 21.16 0.46 40.43
C LEU U 17 21.32 1.41 41.61
N ASP U 18 21.15 0.90 42.82
CA ASP U 18 21.19 1.70 44.04
C ASP U 18 21.78 0.83 45.13
N GLY U 19 21.70 1.28 46.38
CA GLY U 19 22.13 0.44 47.47
C GLY U 19 21.29 -0.82 47.59
N ASN U 20 21.95 -1.96 47.48
CA ASN U 20 21.31 -3.28 47.48
C ASN U 20 20.04 -3.30 46.63
N LYS U 21 20.23 -3.02 45.34
CA LYS U 21 19.15 -3.08 44.36
C LYS U 21 19.75 -3.45 43.01
N LYS U 22 19.00 -4.22 42.24
CA LYS U 22 19.46 -4.70 40.95
C LYS U 22 18.38 -4.52 39.91
N ILE U 23 18.80 -4.31 38.67
CA ILE U 23 17.92 -4.38 37.50
C ILE U 23 18.17 -5.74 36.87
N GLU U 24 17.19 -6.63 36.98
CA GLU U 24 17.41 -8.03 36.67
C GLU U 24 17.78 -8.21 35.20
N GLY U 25 18.92 -8.84 34.95
CA GLY U 25 19.31 -9.14 33.59
C GLY U 25 18.51 -10.32 33.06
N LYS U 26 18.02 -10.20 31.84
CA LYS U 26 17.19 -11.24 31.24
C LYS U 26 17.66 -11.53 29.82
N GLU U 27 18.12 -12.76 29.59
CA GLU U 27 18.39 -13.23 28.24
C GLU U 27 17.06 -13.51 27.55
N VAL U 28 16.93 -13.07 26.31
CA VAL U 28 15.68 -13.24 25.57
C VAL U 28 16.00 -13.22 24.08
N SER U 29 15.09 -13.78 23.28
CA SER U 29 15.18 -13.74 21.83
C SER U 29 13.82 -13.40 21.27
N VAL U 30 13.81 -12.78 20.09
CA VAL U 30 12.59 -12.29 19.46
C VAL U 30 12.63 -12.62 17.98
N ALA U 31 11.48 -13.00 17.42
CA ALA U 31 11.34 -13.10 15.98
C ALA U 31 11.70 -11.78 15.33
N PHE U 32 12.53 -11.83 14.30
CA PHE U 32 13.01 -10.60 13.66
C PHE U 32 11.91 -9.64 13.26
N PRO U 33 10.80 -10.07 12.64
CA PRO U 33 9.71 -9.11 12.39
C PRO U 33 9.12 -8.51 13.64
N LEU U 34 8.87 -9.31 14.68
CA LEU U 34 8.38 -8.74 15.93
C LEU U 34 9.39 -7.77 16.54
N TYR U 35 10.68 -8.03 16.35
CA TYR U 35 11.69 -7.13 16.90
C TYR U 35 11.71 -5.82 16.15
N SER U 36 11.80 -5.86 14.82
CA SER U 36 11.84 -4.64 14.03
C SER U 36 10.58 -3.82 14.25
N ASP U 37 9.43 -4.49 14.35
CA ASP U 37 8.18 -3.80 14.64
C ASP U 37 8.29 -3.03 15.96
N VAL U 38 8.48 -3.76 17.05
CA VAL U 38 8.51 -3.19 18.39
C VAL U 38 9.77 -3.66 19.10
N HIS U 39 10.69 -2.74 19.38
CA HIS U 39 11.75 -3.02 20.34
C HIS U 39 12.03 -1.77 21.15
N LYS U 40 11.98 -1.89 22.48
CA LYS U 40 12.12 -0.75 23.37
C LYS U 40 13.55 -0.58 23.88
N ILE U 41 14.49 -1.42 23.44
CA ILE U 41 15.78 -1.50 24.10
C ILE U 41 16.66 -0.32 23.70
N SER U 42 16.98 0.52 24.67
CA SER U 42 18.05 1.51 24.59
C SER U 42 18.46 1.82 26.02
N GLY U 43 19.75 2.12 26.21
CA GLY U 43 20.24 2.40 27.55
C GLY U 43 20.08 1.24 28.51
N ALA U 44 19.81 0.04 27.98
CA ALA U 44 19.51 -1.12 28.78
C ALA U 44 20.71 -2.02 29.03
N HIS U 45 21.89 -1.65 28.54
CA HIS U 45 23.13 -2.39 28.79
C HIS U 45 23.03 -3.83 28.27
N TYR U 46 22.97 -3.92 26.95
CA TYR U 46 22.77 -5.19 26.25
C TYR U 46 23.83 -5.42 25.20
N GLN U 47 23.68 -6.51 24.44
CA GLN U 47 24.30 -6.65 23.14
C GLN U 47 23.42 -7.61 22.34
N THR U 48 23.27 -7.34 21.04
CA THR U 48 22.26 -8.00 20.23
C THR U 48 22.85 -8.53 18.93
N PHE U 49 22.49 -9.76 18.58
CA PHE U 49 22.95 -10.38 17.35
C PHE U 49 21.82 -11.14 16.68
N PRO U 50 21.72 -11.09 15.36
CA PRO U 50 20.78 -11.95 14.65
C PRO U 50 21.34 -13.36 14.49
N SER U 51 20.43 -14.31 14.31
CA SER U 51 20.80 -15.68 14.02
C SER U 51 19.61 -16.37 13.38
N GLU U 52 19.89 -17.47 12.67
CA GLU U 52 18.80 -18.20 12.02
C GLU U 52 17.84 -18.78 13.05
N LYS U 53 18.35 -19.17 14.20
CA LYS U 53 17.54 -19.70 15.30
C LYS U 53 17.74 -18.82 16.53
N ALA U 54 16.80 -18.91 17.47
CA ALA U 54 16.93 -18.18 18.70
C ALA U 54 18.06 -18.78 19.53
N ALA U 55 19.00 -17.92 19.96
CA ALA U 55 20.17 -18.36 20.69
C ALA U 55 19.99 -18.28 22.21
N TYR U 56 18.81 -17.91 22.70
CA TYR U 56 18.59 -17.76 24.13
C TYR U 56 17.33 -18.50 24.58
N SER U 57 17.19 -18.60 25.89
CA SER U 57 16.17 -19.46 26.50
C SER U 57 14.76 -18.97 26.20
N THR U 58 14.45 -17.72 26.55
CA THR U 58 13.11 -17.19 26.34
C THR U 58 12.99 -16.76 24.89
N VAL U 59 12.08 -17.39 24.15
CA VAL U 59 11.96 -17.20 22.72
C VAL U 59 10.58 -16.65 22.41
N TYR U 60 10.52 -15.64 21.54
CA TYR U 60 9.26 -15.07 21.06
C TYR U 60 9.18 -15.26 19.56
N GLU U 61 8.18 -16.05 19.13
CA GLU U 61 7.97 -16.32 17.72
C GLU U 61 7.19 -15.16 17.11
N GLU U 62 6.64 -15.38 15.90
CA GLU U 62 5.90 -14.35 15.21
C GLU U 62 4.82 -13.73 16.10
N ASN U 63 3.94 -14.56 16.66
CA ASN U 63 2.80 -14.06 17.41
C ASN U 63 3.08 -14.27 18.90
N GLN U 64 3.46 -13.18 19.56
CA GLN U 64 3.30 -12.96 20.99
C GLN U 64 2.75 -11.56 21.18
N ARG U 65 3.47 -10.56 20.68
CA ARG U 65 3.04 -9.16 20.79
C ARG U 65 2.93 -8.79 22.27
N THR U 66 1.70 -8.58 22.76
CA THR U 66 1.51 -8.06 24.11
C THR U 66 2.24 -8.86 25.18
N GLU U 67 2.70 -10.08 24.87
CA GLU U 67 3.62 -10.76 25.78
C GLU U 67 5.02 -10.18 25.67
N TRP U 68 5.47 -9.83 24.47
CA TRP U 68 6.77 -9.18 24.32
C TRP U 68 6.69 -7.67 24.56
N ILE U 69 5.63 -7.01 24.11
CA ILE U 69 5.46 -5.59 24.39
C ILE U 69 5.44 -5.35 25.90
N ALA U 70 4.92 -6.32 26.65
CA ALA U 70 5.09 -6.27 28.10
C ALA U 70 6.46 -6.75 28.53
N ALA U 71 7.13 -7.56 27.72
CA ALA U 71 8.45 -8.07 28.10
C ALA U 71 9.58 -7.08 27.80
N ASN U 72 9.52 -6.40 26.65
CA ASN U 72 10.63 -5.50 26.32
C ASN U 72 10.75 -4.38 27.34
N GLU U 73 9.63 -3.85 27.81
CA GLU U 73 9.62 -2.88 28.89
C GLU U 73 9.84 -3.53 30.26
N ASP U 74 9.74 -4.86 30.34
CA ASP U 74 9.97 -5.57 31.59
C ASP U 74 11.44 -5.63 31.96
N LEU U 75 12.35 -5.33 31.04
CA LEU U 75 13.78 -5.38 31.33
C LEU U 75 14.22 -4.28 32.30
N TRP U 76 13.38 -3.28 32.55
CA TRP U 76 13.71 -2.21 33.49
C TRP U 76 13.15 -2.43 34.89
N LYS U 77 12.46 -3.55 35.14
CA LYS U 77 11.97 -3.84 36.47
C LYS U 77 13.12 -3.87 37.47
N VAL U 78 12.91 -3.21 38.61
CA VAL U 78 13.93 -3.05 39.63
C VAL U 78 13.66 -4.04 40.76
N THR U 79 14.68 -4.81 41.12
CA THR U 79 14.59 -5.76 42.22
C THR U 79 15.65 -5.44 43.27
N GLY U 80 15.41 -5.90 44.49
CA GLY U 80 16.33 -5.69 45.59
C GLY U 80 17.49 -6.67 45.59
N ALA V 2 65.10 -7.95 47.72
CA ALA V 2 65.10 -6.61 47.15
C ALA V 2 65.12 -6.67 45.63
N SER V 3 64.32 -5.82 44.99
CA SER V 3 64.34 -5.78 43.53
C SER V 3 65.52 -4.99 43.01
N ALA V 4 66.00 -4.02 43.77
CA ALA V 4 67.16 -3.19 43.48
C ALA V 4 66.95 -2.26 42.29
N ARG V 5 65.89 -2.40 41.52
CA ARG V 5 65.60 -1.46 40.45
C ARG V 5 64.41 -0.57 40.79
N GLY V 6 63.21 -1.09 40.67
CA GLY V 6 62.04 -0.32 41.02
C GLY V 6 60.94 -1.26 41.42
N TYR V 7 59.81 -0.67 41.75
CA TYR V 7 58.58 -1.42 41.96
C TYR V 7 57.44 -0.66 41.31
N VAL V 8 56.71 -1.32 40.41
CA VAL V 8 55.52 -0.73 39.81
C VAL V 8 54.34 -1.12 40.67
N ASN V 9 53.79 -0.14 41.37
CA ASN V 9 52.76 -0.38 42.36
C ASN V 9 51.40 -0.19 41.70
N ILE V 10 50.66 -1.27 41.56
CA ILE V 10 49.34 -1.24 40.95
C ILE V 10 48.29 -1.29 42.05
N LYS V 11 47.32 -0.38 41.98
CA LYS V 11 46.23 -0.35 42.94
C LYS V 11 44.93 -0.48 42.18
N THR V 12 44.25 -1.61 42.33
CA THR V 12 43.06 -1.90 41.56
C THR V 12 41.82 -1.76 42.44
N PHE V 13 40.75 -1.25 41.86
CA PHE V 13 39.54 -0.94 42.61
C PHE V 13 38.44 -1.91 42.21
N GLU V 14 37.65 -2.33 43.18
CA GLU V 14 36.62 -3.29 42.88
C GLU V 14 35.50 -2.65 42.07
N GLN V 15 34.73 -3.49 41.41
CA GLN V 15 33.54 -3.06 40.70
C GLN V 15 32.49 -4.16 40.79
N LYS V 16 31.25 -3.79 40.51
CA LYS V 16 30.16 -4.76 40.51
C LYS V 16 29.98 -5.27 39.09
N LEU V 17 30.37 -6.52 38.86
CA LEU V 17 30.36 -7.08 37.51
C LEU V 17 28.97 -7.57 37.12
N ASP V 18 28.28 -8.22 38.04
CA ASP V 18 27.09 -8.97 37.71
C ASP V 18 26.17 -8.94 38.93
N GLY V 19 25.05 -9.64 38.86
CA GLY V 19 24.13 -9.69 39.97
C GLY V 19 24.76 -10.39 41.16
N ASN V 20 24.86 -9.69 42.29
CA ASN V 20 25.51 -10.17 43.49
C ASN V 20 26.84 -10.86 43.17
N LYS V 21 27.72 -10.08 42.56
CA LYS V 21 29.05 -10.53 42.15
C LYS V 21 29.97 -9.33 42.07
N LYS V 22 31.26 -9.58 42.27
CA LYS V 22 32.26 -8.53 42.26
C LYS V 22 33.48 -8.99 41.48
N ILE V 23 34.32 -8.02 41.13
CA ILE V 23 35.70 -8.28 40.76
C ILE V 23 36.55 -7.61 41.83
N GLU V 24 37.20 -8.42 42.66
CA GLU V 24 37.78 -7.91 43.90
C GLU V 24 38.87 -6.88 43.61
N GLY V 25 38.86 -5.80 44.37
CA GLY V 25 39.95 -4.83 44.30
C GLY V 25 41.20 -5.41 44.92
N LYS V 26 42.31 -5.36 44.18
CA LYS V 26 43.56 -5.96 44.61
C LYS V 26 44.68 -4.93 44.50
N GLU V 27 45.22 -4.52 45.65
CA GLU V 27 46.45 -3.75 45.69
C GLU V 27 47.61 -4.72 45.53
N VAL V 28 48.42 -4.53 44.48
CA VAL V 28 49.52 -5.45 44.18
C VAL V 28 50.72 -4.66 43.68
N SER V 29 51.92 -5.12 44.03
CA SER V 29 53.16 -4.51 43.59
C SER V 29 53.96 -5.51 42.78
N VAL V 30 54.86 -4.98 41.95
CA VAL V 30 55.65 -5.79 41.03
C VAL V 30 57.05 -5.22 40.97
N ALA V 31 58.05 -6.09 40.98
CA ALA V 31 59.41 -5.65 40.69
C ALA V 31 59.48 -5.12 39.27
N PHE V 32 60.03 -3.91 39.11
CA PHE V 32 59.87 -3.21 37.84
C PHE V 32 60.28 -4.01 36.63
N PRO V 33 61.45 -4.66 36.59
CA PRO V 33 61.79 -5.43 35.39
C PRO V 33 60.91 -6.63 35.17
N LEU V 34 60.20 -7.11 36.19
CA LEU V 34 59.18 -8.13 35.94
C LEU V 34 57.93 -7.51 35.35
N TYR V 35 57.59 -6.28 35.77
CA TYR V 35 56.39 -5.63 35.25
C TYR V 35 56.50 -5.38 33.76
N SER V 36 57.60 -4.77 33.33
CA SER V 36 57.76 -4.42 31.92
C SER V 36 57.67 -5.64 31.03
N ASP V 37 58.26 -6.75 31.44
CA ASP V 37 58.29 -7.96 30.62
C ASP V 37 56.89 -8.41 30.26
N VAL V 38 56.07 -8.67 31.28
CA VAL V 38 54.68 -9.07 31.10
C VAL V 38 53.82 -8.27 32.05
N HIS V 39 52.95 -7.40 31.52
CA HIS V 39 51.92 -6.77 32.32
C HIS V 39 50.63 -6.73 31.51
N LYS V 40 49.58 -7.32 32.06
CA LYS V 40 48.31 -7.52 31.36
C LYS V 40 47.34 -6.38 31.56
N ILE V 41 47.72 -5.32 32.26
CA ILE V 41 46.73 -4.35 32.71
C ILE V 41 46.33 -3.46 31.54
N SER V 42 45.05 -3.52 31.20
CA SER V 42 44.33 -2.50 30.46
C SER V 42 42.86 -2.67 30.79
N GLY V 43 42.12 -1.57 30.85
CA GLY V 43 40.73 -1.66 31.21
C GLY V 43 40.48 -2.36 32.53
N ALA V 44 41.49 -2.39 33.40
CA ALA V 44 41.43 -3.16 34.62
C ALA V 44 41.03 -2.32 35.83
N HIS V 45 40.79 -1.02 35.66
CA HIS V 45 40.38 -0.12 36.75
C HIS V 45 41.43 -0.11 37.86
N TYR V 46 42.56 0.49 37.54
CA TYR V 46 43.72 0.56 38.41
C TYR V 46 44.23 2.00 38.47
N GLN V 47 45.25 2.21 39.29
CA GLN V 47 46.12 3.38 39.19
C GLN V 47 47.52 2.94 39.61
N THR V 48 48.51 3.36 38.85
CA THR V 48 49.87 2.86 39.02
C THR V 48 50.83 3.98 39.39
N PHE V 49 51.79 3.67 40.26
CA PHE V 49 52.91 4.57 40.45
C PHE V 49 54.18 3.77 40.74
N PRO V 50 55.32 4.19 40.19
CA PRO V 50 56.58 3.54 40.53
C PRO V 50 57.13 4.04 41.86
N SER V 51 58.00 3.23 42.46
CA SER V 51 58.61 3.59 43.73
C SER V 51 59.91 2.82 43.91
N GLU V 52 60.76 3.32 44.80
CA GLU V 52 61.99 2.61 45.14
C GLU V 52 61.67 1.29 45.84
N LYS V 53 60.71 1.31 46.74
CA LYS V 53 60.29 0.13 47.51
C LYS V 53 58.81 -0.11 47.28
N ALA V 54 58.43 -1.39 47.20
CA ALA V 54 57.04 -1.73 47.00
C ALA V 54 56.21 -1.21 48.16
N ALA V 55 55.18 -0.42 47.86
CA ALA V 55 54.37 0.20 48.90
C ALA V 55 53.21 -0.67 49.33
N TYR V 56 53.01 -1.83 48.70
CA TYR V 56 51.88 -2.68 49.01
C TYR V 56 52.36 -4.04 49.50
N SER V 57 51.61 -4.61 50.45
CA SER V 57 52.04 -5.82 51.11
C SER V 57 52.05 -7.03 50.20
N THR V 58 51.41 -6.96 49.02
CA THR V 58 51.47 -8.03 48.04
C THR V 58 52.60 -7.70 47.08
N VAL V 59 53.69 -8.46 47.17
CA VAL V 59 54.93 -8.12 46.48
C VAL V 59 55.30 -9.28 45.57
N TYR V 60 55.50 -8.98 44.29
CA TYR V 60 56.05 -9.93 43.33
C TYR V 60 57.45 -9.45 42.96
N GLU V 61 58.45 -10.18 43.41
CA GLU V 61 59.84 -9.78 43.28
C GLU V 61 60.32 -10.10 41.87
N GLU V 62 61.64 -10.06 41.67
CA GLU V 62 62.21 -10.28 40.34
C GLU V 62 61.68 -11.56 39.70
N ASN V 63 61.87 -12.68 40.38
CA ASN V 63 61.48 -13.97 39.82
C ASN V 63 60.18 -14.40 40.48
N GLN V 64 59.08 -14.19 39.77
CA GLN V 64 57.85 -14.95 39.90
C GLN V 64 57.39 -15.32 38.50
N ARG V 65 57.13 -14.31 37.67
CA ARG V 65 56.66 -14.55 36.31
C ARG V 65 55.40 -15.39 36.38
N THR V 66 55.49 -16.67 36.01
CA THR V 66 54.30 -17.52 35.97
C THR V 66 53.49 -17.48 37.26
N GLU V 67 54.08 -17.02 38.37
CA GLU V 67 53.26 -16.68 39.52
C GLU V 67 52.59 -15.31 39.33
N TRP V 68 53.33 -14.32 38.83
CA TRP V 68 52.72 -13.03 38.53
C TRP V 68 51.81 -13.09 37.30
N ILE V 69 52.28 -13.72 36.23
CA ILE V 69 51.47 -13.85 35.02
C ILE V 69 50.08 -14.37 35.34
N ALA V 70 50.00 -15.35 36.25
CA ALA V 70 48.71 -15.80 36.73
C ALA V 70 48.10 -14.85 37.75
N ALA V 71 48.88 -13.92 38.29
CA ALA V 71 48.34 -12.98 39.28
C ALA V 71 47.63 -11.81 38.63
N ASN V 72 48.19 -11.25 37.56
CA ASN V 72 47.56 -10.08 36.95
C ASN V 72 46.38 -10.46 36.07
N GLU V 73 46.46 -11.58 35.36
CA GLU V 73 45.27 -12.07 34.67
C GLU V 73 44.21 -12.55 35.65
N ASP V 74 44.55 -12.64 36.92
CA ASP V 74 43.59 -12.94 37.97
C ASP V 74 42.96 -11.68 38.56
N LEU V 75 43.43 -10.50 38.16
CA LEU V 75 42.76 -9.27 38.57
C LEU V 75 41.36 -9.17 38.01
N TRP V 76 41.04 -9.97 37.00
CA TRP V 76 39.71 -10.06 36.44
C TRP V 76 38.85 -11.12 37.12
N LYS V 77 39.32 -11.73 38.21
CA LYS V 77 38.64 -12.86 38.82
C LYS V 77 37.18 -12.54 39.09
N VAL V 78 36.31 -13.44 38.66
CA VAL V 78 34.88 -13.32 38.88
C VAL V 78 34.54 -14.04 40.19
N THR V 79 34.09 -13.27 41.18
CA THR V 79 33.73 -13.82 42.48
C THR V 79 32.24 -13.62 42.71
N GLY V 80 31.65 -14.52 43.49
CA GLY V 80 30.22 -14.46 43.78
C GLY V 80 29.81 -13.22 44.54
N ALA W 2 13.42 31.04 58.53
CA ALA W 2 13.89 30.10 57.53
C ALA W 2 15.00 30.70 56.69
N SER W 3 15.06 30.30 55.42
CA SER W 3 16.03 30.88 54.50
C SER W 3 15.58 32.24 54.00
N ALA W 4 14.30 32.38 53.66
CA ALA W 4 13.66 33.58 53.14
C ALA W 4 14.15 33.97 51.74
N ARG W 5 15.13 33.26 51.19
CA ARG W 5 15.57 33.57 49.83
C ARG W 5 15.38 32.39 48.89
N GLY W 6 16.26 31.41 48.95
CA GLY W 6 16.20 30.28 48.04
C GLY W 6 17.02 29.13 48.56
N TYR W 7 16.67 27.94 48.10
CA TYR W 7 17.31 26.71 48.54
C TYR W 7 17.99 26.05 47.35
N VAL W 8 19.23 25.61 47.55
CA VAL W 8 19.94 24.80 46.56
C VAL W 8 19.93 23.37 47.06
N ASN W 9 19.18 22.52 46.38
CA ASN W 9 18.95 21.16 46.81
C ASN W 9 19.99 20.25 46.16
N ILE W 10 20.71 19.48 46.97
CA ILE W 10 21.79 18.63 46.49
C ILE W 10 21.43 17.18 46.76
N LYS W 11 21.40 16.36 45.71
CA LYS W 11 21.05 14.95 45.82
C LYS W 11 22.22 14.13 45.31
N THR W 12 22.91 13.45 46.22
CA THR W 12 24.10 12.66 45.89
C THR W 12 23.74 11.20 45.79
N PHE W 13 24.37 10.51 44.84
CA PHE W 13 24.07 9.12 44.54
C PHE W 13 25.17 8.24 45.10
N GLU W 14 24.80 7.26 45.92
CA GLU W 14 25.79 6.44 46.60
C GLU W 14 26.48 5.50 45.63
N GLN W 15 27.80 5.51 45.64
CA GLN W 15 28.59 4.68 44.73
C GLN W 15 29.41 3.67 45.53
N LYS W 16 29.58 2.49 44.93
CA LYS W 16 30.49 1.49 45.47
C LYS W 16 31.92 1.97 45.28
N LEU W 17 32.70 2.02 46.35
CA LEU W 17 34.03 2.62 46.22
C LEU W 17 35.12 1.55 46.32
N ASP W 18 35.36 1.03 47.50
CA ASP W 18 36.36 -0.02 47.68
C ASP W 18 35.63 -1.25 48.20
N GLY W 19 36.36 -2.32 48.54
CA GLY W 19 35.74 -3.56 48.96
C GLY W 19 34.74 -3.43 50.10
N ASN W 20 33.51 -3.85 49.84
CA ASN W 20 32.39 -3.76 50.78
C ASN W 20 32.37 -2.42 51.51
N LYS W 21 32.21 -1.36 50.72
CA LYS W 21 32.16 0.01 51.23
C LYS W 21 31.32 0.84 50.28
N LYS W 22 30.61 1.82 50.83
CA LYS W 22 29.79 2.72 50.03
C LYS W 22 30.02 4.15 50.49
N ILE W 23 30.01 5.07 49.52
CA ILE W 23 30.02 6.50 49.81
C ILE W 23 28.56 6.92 49.87
N GLU W 24 28.10 7.28 51.06
CA GLU W 24 26.66 7.35 51.32
C GLU W 24 26.03 8.49 50.52
N GLY W 25 25.05 8.15 49.69
CA GLY W 25 24.31 9.16 48.97
C GLY W 25 23.37 9.90 49.91
N LYS W 26 23.41 11.22 49.86
CA LYS W 26 22.67 12.05 50.79
C LYS W 26 21.87 13.11 50.05
N GLU W 27 20.65 13.33 50.53
CA GLU W 27 19.78 14.38 50.04
C GLU W 27 19.80 15.50 51.06
N VAL W 28 20.05 16.72 50.60
CA VAL W 28 20.23 17.87 51.49
C VAL W 28 19.74 19.12 50.78
N SER W 29 19.20 20.08 51.55
CA SER W 29 18.73 21.36 51.04
C SER W 29 19.45 22.47 51.79
N VAL W 30 20.10 23.35 51.04
CA VAL W 30 20.91 24.42 51.61
C VAL W 30 20.35 25.76 51.18
N ALA W 31 20.28 26.70 52.12
CA ALA W 31 19.89 28.06 51.78
C ALA W 31 20.86 28.63 50.76
N PHE W 32 20.31 29.33 49.76
CA PHE W 32 21.13 29.74 48.62
C PHE W 32 22.28 30.64 49.01
N PRO W 33 22.09 31.77 49.69
CA PRO W 33 23.25 32.62 50.01
C PRO W 33 24.24 31.96 50.95
N LEU W 34 23.86 30.87 51.61
CA LEU W 34 24.87 30.02 52.24
C LEU W 34 25.55 29.12 51.21
N TYR W 35 24.78 28.55 50.28
CA TYR W 35 25.34 27.68 49.28
C TYR W 35 26.25 28.41 48.31
N SER W 36 25.95 29.66 47.97
CA SER W 36 26.80 30.41 47.06
C SER W 36 28.13 30.78 47.72
N ASP W 37 28.12 31.07 49.01
CA ASP W 37 29.33 31.52 49.69
C ASP W 37 30.37 30.41 49.78
N VAL W 38 29.97 29.24 50.31
CA VAL W 38 30.83 28.07 50.42
C VAL W 38 30.05 26.85 49.97
N HIS W 39 30.48 26.23 48.86
CA HIS W 39 29.94 24.94 48.46
C HIS W 39 31.06 24.11 47.85
N LYS W 40 31.25 22.88 48.36
CA LYS W 40 32.41 22.08 48.00
C LYS W 40 32.13 21.08 46.88
N ILE W 41 30.90 20.96 46.41
CA ILE W 41 30.52 19.79 45.64
C ILE W 41 31.06 19.88 44.21
N SER W 42 31.94 18.94 43.86
CA SER W 42 32.32 18.62 42.50
C SER W 42 32.81 17.19 42.52
N GLY W 43 32.58 16.46 41.42
CA GLY W 43 32.94 15.05 41.42
C GLY W 43 32.24 14.24 42.49
N ALA W 44 31.19 14.78 43.09
CA ALA W 44 30.47 14.13 44.17
C ALA W 44 29.25 13.36 43.69
N HIS W 45 29.02 13.29 42.37
CA HIS W 45 27.91 12.55 41.78
C HIS W 45 26.58 13.00 42.37
N TYR W 46 26.27 14.26 42.10
CA TYR W 46 25.06 14.91 42.56
C TYR W 46 24.18 15.24 41.37
N GLN W 47 23.00 15.78 41.65
CA GLN W 47 22.30 16.64 40.70
C GLN W 47 21.62 17.72 41.51
N THR W 48 21.95 18.98 41.22
CA THR W 48 21.52 20.10 42.04
C THR W 48 20.45 20.91 41.31
N PHE W 49 19.43 21.34 42.06
CA PHE W 49 18.43 22.21 41.49
C PHE W 49 18.05 23.27 42.50
N PRO W 50 17.88 24.51 42.05
CA PRO W 50 17.40 25.56 42.94
C PRO W 50 15.89 25.48 43.14
N SER W 51 15.45 25.94 44.31
CA SER W 51 14.02 25.97 44.62
C SER W 51 13.81 27.00 45.71
N GLU W 52 12.57 27.44 45.84
CA GLU W 52 12.24 28.49 46.80
C GLU W 52 11.79 27.96 48.16
N LYS W 53 11.57 26.66 48.28
CA LYS W 53 11.36 26.01 49.57
C LYS W 53 12.04 24.65 49.56
N ALA W 54 12.57 24.25 50.72
CA ALA W 54 13.44 23.09 50.80
C ALA W 54 12.75 21.85 50.26
N ALA W 55 13.43 21.16 49.34
CA ALA W 55 12.90 19.98 48.69
C ALA W 55 13.38 18.68 49.32
N TYR W 56 14.17 18.74 50.40
CA TYR W 56 14.65 17.53 51.05
C TYR W 56 14.58 17.70 52.56
N SER W 57 14.77 16.59 53.27
CA SER W 57 14.51 16.56 54.71
C SER W 57 15.56 17.35 55.48
N THR W 58 16.84 17.05 55.28
CA THR W 58 17.90 17.71 56.03
C THR W 58 18.14 19.09 55.41
N VAL W 59 17.90 20.14 56.18
CA VAL W 59 17.85 21.51 55.68
C VAL W 59 18.91 22.31 56.42
N TYR W 60 19.69 23.09 55.67
CA TYR W 60 20.70 23.98 56.22
C TYR W 60 20.28 25.42 55.98
N GLU W 61 19.97 26.13 57.06
CA GLU W 61 19.41 27.47 56.99
C GLU W 61 20.51 28.48 56.63
N GLU W 62 20.15 29.76 56.74
CA GLU W 62 21.14 30.80 56.50
C GLU W 62 22.35 30.64 57.41
N ASN W 63 22.13 30.28 58.67
CA ASN W 63 23.22 30.19 59.64
C ASN W 63 23.49 28.71 59.92
N GLN W 64 24.52 28.18 59.25
CA GLN W 64 25.28 27.03 59.70
C GLN W 64 26.76 27.29 59.50
N ARG W 65 27.18 27.48 58.25
CA ARG W 65 28.59 27.63 57.93
C ARG W 65 29.33 26.39 58.41
N THR W 66 30.15 26.52 59.46
CA THR W 66 30.95 25.40 59.94
C THR W 66 30.14 24.11 60.10
N GLU W 67 28.84 24.23 60.35
CA GLU W 67 27.99 23.04 60.37
C GLU W 67 27.72 22.50 58.97
N TRP W 68 27.62 23.38 57.96
CA TRP W 68 27.55 22.91 56.58
C TRP W 68 28.92 22.57 56.02
N ILE W 69 29.95 23.34 56.41
CA ILE W 69 31.31 23.00 56.03
C ILE W 69 31.71 21.65 56.61
N ALA W 70 31.01 21.19 57.65
CA ALA W 70 31.16 19.80 58.06
C ALA W 70 30.39 18.87 57.13
N ALA W 71 29.21 19.29 56.67
CA ALA W 71 28.37 18.44 55.83
C ALA W 71 28.78 18.47 54.37
N ASN W 72 29.25 19.61 53.86
CA ASN W 72 29.55 19.72 52.44
C ASN W 72 30.68 18.79 52.04
N GLU W 73 31.66 18.59 52.93
CA GLU W 73 32.72 17.63 52.73
C GLU W 73 32.43 16.30 53.42
N ASP W 74 31.30 16.19 54.12
CA ASP W 74 30.86 14.91 54.65
C ASP W 74 30.31 14.00 53.56
N LEU W 75 30.03 14.53 52.36
CA LEU W 75 29.55 13.72 51.26
C LEU W 75 30.61 12.74 50.74
N TRP W 76 31.87 12.95 51.10
CA TRP W 76 32.94 12.00 50.76
C TRP W 76 33.26 11.03 51.89
N LYS W 77 32.53 11.07 52.99
CA LYS W 77 32.73 10.08 54.05
C LYS W 77 32.27 8.71 53.58
N VAL W 78 33.13 7.72 53.72
CA VAL W 78 32.97 6.41 53.09
C VAL W 78 32.59 5.39 54.15
N THR W 79 31.34 4.93 54.11
CA THR W 79 30.85 3.94 55.05
C THR W 79 31.12 2.54 54.49
N GLY W 80 31.50 1.62 55.38
CA GLY W 80 31.78 0.25 54.99
C GLY W 80 30.59 -0.48 54.41
N ALA X 2 18.78 35.28 63.23
CA ALA X 2 19.20 36.64 62.92
C ALA X 2 18.65 37.09 61.59
N SER X 3 18.76 38.40 61.32
CA SER X 3 18.39 38.90 60.00
C SER X 3 19.50 38.69 58.99
N ALA X 4 20.75 38.71 59.45
CA ALA X 4 21.95 38.56 58.63
C ALA X 4 22.14 39.74 57.67
N ARG X 5 21.17 40.65 57.61
CA ARG X 5 21.31 41.83 56.76
C ARG X 5 21.54 43.10 57.58
N GLY X 6 20.49 43.62 58.19
CA GLY X 6 20.61 44.86 58.94
C GLY X 6 19.40 45.01 59.82
N TYR X 7 19.57 45.79 60.89
CA TYR X 7 18.52 45.96 61.88
C TYR X 7 18.21 47.44 62.01
N VAL X 8 16.99 47.83 61.63
CA VAL X 8 16.58 49.22 61.65
C VAL X 8 15.97 49.52 63.01
N ASN X 9 16.63 50.40 63.76
CA ASN X 9 16.35 50.60 65.17
C ASN X 9 15.42 51.78 65.37
N ILE X 10 14.20 51.52 65.84
CA ILE X 10 13.17 52.54 66.01
C ILE X 10 13.05 52.85 67.49
N LYS X 11 13.29 54.11 67.86
CA LYS X 11 13.26 54.54 69.25
C LYS X 11 12.22 55.63 69.41
N THR X 12 11.10 55.30 70.06
CA THR X 12 10.03 56.26 70.30
C THR X 12 10.15 56.82 71.70
N PHE X 13 9.80 58.10 71.85
CA PHE X 13 10.02 58.82 73.09
C PHE X 13 8.72 59.00 73.84
N GLU X 14 8.67 58.48 75.07
CA GLU X 14 7.45 58.53 75.85
C GLU X 14 7.02 59.98 76.10
N GLN X 15 5.80 60.28 75.71
CA GLN X 15 5.25 61.63 75.81
C GLN X 15 3.94 61.58 76.57
N LYS X 16 3.50 62.73 77.06
CA LYS X 16 2.27 62.82 77.82
C LYS X 16 1.15 63.19 76.85
N LEU X 17 0.27 62.22 76.56
CA LEU X 17 -0.80 62.44 75.60
C LEU X 17 -2.01 63.10 76.26
N ASP X 18 -2.38 62.63 77.45
CA ASP X 18 -3.64 62.99 78.08
C ASP X 18 -3.38 63.12 79.57
N GLY X 19 -4.39 63.47 80.34
CA GLY X 19 -4.20 63.70 81.77
C GLY X 19 -3.76 62.45 82.49
N ASN X 20 -2.57 62.52 83.09
CA ASN X 20 -1.90 61.37 83.68
C ASN X 20 -2.01 60.15 82.77
N LYS X 21 -1.48 60.31 81.55
CA LYS X 21 -1.42 59.24 80.56
C LYS X 21 -0.16 59.42 79.73
N LYS X 22 0.10 58.46 78.84
CA LYS X 22 1.34 58.42 78.09
C LYS X 22 1.15 57.61 76.83
N ILE X 23 2.09 57.78 75.90
CA ILE X 23 2.39 56.80 74.87
C ILE X 23 3.79 56.31 75.18
N GLU X 24 3.90 55.07 75.65
CA GLU X 24 5.15 54.61 76.25
C GLU X 24 6.29 54.67 75.23
N GLY X 25 7.45 55.12 75.70
CA GLY X 25 8.64 55.15 74.87
C GLY X 25 9.11 53.74 74.58
N LYS X 26 9.24 53.40 73.30
CA LYS X 26 9.49 52.02 72.88
C LYS X 26 10.74 51.97 72.03
N GLU X 27 11.68 51.12 72.44
CA GLU X 27 12.96 50.95 71.75
C GLU X 27 12.94 49.57 71.11
N VAL X 28 12.86 49.52 69.78
CA VAL X 28 12.67 48.27 69.06
C VAL X 28 13.57 48.25 67.83
N SER X 29 14.16 47.09 67.57
CA SER X 29 14.95 46.84 66.38
C SER X 29 14.15 45.97 65.41
N VAL X 30 14.31 46.22 64.12
CA VAL X 30 13.59 45.50 63.08
C VAL X 30 14.58 45.03 62.03
N ALA X 31 14.44 43.77 61.61
CA ALA X 31 15.19 43.30 60.46
C ALA X 31 14.90 44.19 59.26
N PHE X 32 15.96 44.66 58.61
CA PHE X 32 15.84 45.59 57.50
C PHE X 32 14.94 45.06 56.39
N PRO X 33 15.12 43.81 55.92
CA PRO X 33 14.21 43.31 54.89
C PRO X 33 12.78 43.15 55.36
N LEU X 34 12.54 43.14 56.67
CA LEU X 34 11.18 43.31 57.18
C LEU X 34 10.79 44.79 57.21
N TYR X 35 11.73 45.64 57.63
CA TYR X 35 11.44 47.06 57.75
C TYR X 35 11.29 47.71 56.38
N SER X 36 12.05 47.25 55.39
CA SER X 36 11.95 47.84 54.06
C SER X 36 10.64 47.44 53.38
N ASP X 37 10.12 46.26 53.72
CA ASP X 37 8.85 45.83 53.13
C ASP X 37 7.69 46.62 53.71
N VAL X 38 7.56 46.63 55.03
CA VAL X 38 6.44 47.25 55.72
C VAL X 38 6.96 47.98 56.93
N HIS X 39 6.81 49.31 56.95
CA HIS X 39 7.04 50.08 58.17
C HIS X 39 6.05 51.23 58.23
N LYS X 40 5.39 51.37 59.38
CA LYS X 40 4.32 52.34 59.54
C LYS X 40 4.81 53.68 60.10
N ILE X 41 6.11 53.86 60.28
CA ILE X 41 6.57 55.00 61.07
C ILE X 41 6.42 56.28 60.28
N SER X 42 5.60 57.19 60.80
CA SER X 42 5.62 58.62 60.53
C SER X 42 4.96 59.28 61.71
N GLY X 43 5.40 60.47 62.06
CA GLY X 43 4.87 61.14 63.24
C GLY X 43 4.98 60.27 64.48
N ALA X 44 5.96 59.38 64.51
CA ALA X 44 6.13 58.41 65.57
C ALA X 44 7.08 58.86 66.66
N HIS X 45 7.63 60.07 66.55
CA HIS X 45 8.61 60.58 67.50
C HIS X 45 9.73 59.58 67.70
N TYR X 46 10.46 59.34 66.62
CA TYR X 46 11.53 58.35 66.59
C TYR X 46 12.84 58.98 66.15
N GLN X 47 13.89 58.17 66.18
CA GLN X 47 15.10 58.43 65.42
C GLN X 47 15.65 57.06 65.03
N THR X 48 15.94 56.89 63.74
CA THR X 48 16.14 55.57 63.19
C THR X 48 17.52 55.42 62.57
N PHE X 49 18.25 54.41 63.02
CA PHE X 49 19.55 54.13 62.47
C PHE X 49 19.67 52.66 62.12
N PRO X 50 20.26 52.33 60.97
CA PRO X 50 20.55 50.93 60.67
C PRO X 50 21.82 50.46 61.37
N SER X 51 21.91 49.15 61.53
CA SER X 51 23.11 48.53 62.08
C SER X 51 23.14 47.08 61.63
N GLU X 52 24.32 46.47 61.75
CA GLU X 52 24.48 45.07 61.37
C GLU X 52 24.07 44.11 62.48
N LYS X 53 23.84 44.62 63.69
CA LYS X 53 23.36 43.82 64.80
C LYS X 53 22.37 44.65 65.58
N ALA X 54 21.22 44.06 65.92
CA ALA X 54 20.14 44.80 66.54
C ALA X 54 20.64 45.48 67.82
N ALA X 55 20.18 46.72 68.02
CA ALA X 55 20.67 47.55 69.12
C ALA X 55 19.78 47.51 70.35
N TYR X 56 18.69 46.75 70.34
CA TYR X 56 17.79 46.71 71.48
C TYR X 56 17.38 45.28 71.78
N SER X 57 16.92 45.06 73.02
CA SER X 57 16.53 43.73 73.46
C SER X 57 15.35 43.20 72.65
N THR X 58 14.31 44.01 72.49
CA THR X 58 13.19 43.63 71.63
C THR X 58 13.65 43.64 70.19
N VAL X 59 13.50 42.51 69.50
CA VAL X 59 14.00 42.34 68.14
C VAL X 59 12.94 41.64 67.31
N TYR X 60 12.67 42.17 66.12
CA TYR X 60 11.76 41.56 65.15
C TYR X 60 12.57 41.14 63.93
N GLU X 61 12.70 39.84 63.74
CA GLU X 61 13.61 39.28 62.75
C GLU X 61 12.91 39.16 61.40
N GLU X 62 13.58 38.50 60.45
CA GLU X 62 13.02 38.33 59.11
C GLU X 62 11.58 37.83 59.14
N ASN X 63 11.32 36.79 59.94
CA ASN X 63 9.98 36.22 60.00
C ASN X 63 9.31 36.71 61.27
N GLN X 64 8.50 37.75 61.11
CA GLN X 64 7.34 38.03 61.96
C GLN X 64 6.18 38.44 61.09
N ARG X 65 6.35 39.56 60.36
CA ARG X 65 5.25 40.19 59.63
C ARG X 65 4.14 40.53 60.60
N THR X 66 2.99 39.85 60.52
CA THR X 66 1.82 40.23 61.30
C THR X 66 2.10 40.36 62.78
N GLU X 67 3.21 39.80 63.27
CA GLU X 67 3.64 40.09 64.64
C GLU X 67 4.30 41.46 64.74
N TRP X 68 4.99 41.91 63.69
CA TRP X 68 5.47 43.29 63.65
C TRP X 68 4.37 44.25 63.22
N ILE X 69 3.55 43.86 62.25
CA ILE X 69 2.45 44.70 61.80
C ILE X 69 1.48 45.00 62.94
N ALA X 70 1.42 44.13 63.94
CA ALA X 70 0.76 44.51 65.19
C ALA X 70 1.66 45.34 66.07
N ALA X 71 2.99 45.21 65.92
CA ALA X 71 3.93 45.94 66.76
C ALA X 71 4.38 47.26 66.15
N ASN X 72 4.12 47.50 64.85
CA ASN X 72 4.50 48.78 64.28
C ASN X 72 3.46 49.85 64.59
N GLU X 73 2.20 49.46 64.58
CA GLU X 73 1.10 50.30 65.04
C GLU X 73 0.92 50.20 66.55
N ASP X 74 1.80 49.45 67.22
CA ASP X 74 1.88 49.45 68.67
C ASP X 74 2.55 50.71 69.19
N LEU X 75 3.21 51.48 68.33
CA LEU X 75 3.91 52.68 68.78
C LEU X 75 2.95 53.84 69.02
N TRP X 76 1.73 53.77 68.50
CA TRP X 76 0.72 54.77 68.79
C TRP X 76 -0.23 54.37 69.91
N LYS X 77 0.02 53.22 70.55
CA LYS X 77 -0.83 52.78 71.65
C LYS X 77 -0.92 53.86 72.72
N VAL X 78 -2.12 54.04 73.25
CA VAL X 78 -2.36 54.97 74.35
C VAL X 78 -2.43 54.14 75.63
N THR X 79 -1.86 54.69 76.71
CA THR X 79 -1.84 54.02 78.00
C THR X 79 -2.47 54.91 79.05
N GLY X 80 -2.81 54.31 80.19
CA GLY X 80 -3.38 55.06 81.30
C GLY X 80 -2.39 56.04 81.89
N SER Y 302 -58.72 31.47 34.03
CA SER Y 302 -57.43 30.85 34.26
C SER Y 302 -56.32 31.89 34.38
N ALA Y 303 -55.07 31.42 34.44
CA ALA Y 303 -53.93 32.30 34.62
C ALA Y 303 -52.95 32.20 33.45
N TYR Y 304 -51.79 32.84 33.59
CA TYR Y 304 -50.79 32.84 32.53
C TYR Y 304 -49.39 32.90 33.11
N ILE Y 305 -48.66 31.80 33.03
CA ILE Y 305 -47.28 31.73 33.49
C ILE Y 305 -46.41 31.46 32.28
N TRP Y 306 -45.48 32.37 32.00
CA TRP Y 306 -44.58 32.21 30.86
C TRP Y 306 -43.49 31.22 31.25
N CYS Y 307 -43.48 30.06 30.61
CA CYS Y 307 -42.44 29.06 30.78
C CYS Y 307 -41.80 28.78 29.43
N GLY Y 308 -40.48 28.72 29.39
CA GLY Y 308 -39.75 28.42 28.18
C GLY Y 308 -39.87 26.96 27.80
N TRP Y 309 -39.21 26.59 26.70
CA TRP Y 309 -39.28 25.21 26.24
C TRP Y 309 -38.38 24.31 27.06
N TRP Y 310 -37.50 24.88 27.88
CA TRP Y 310 -36.63 24.06 28.71
C TRP Y 310 -37.41 23.38 29.82
N VAL Y 311 -38.50 24.01 30.26
CA VAL Y 311 -39.43 23.32 31.14
C VAL Y 311 -40.23 22.31 30.36
N MET Y 312 -40.59 22.64 29.12
CA MET Y 312 -41.32 21.69 28.28
C MET Y 312 -40.41 20.61 27.72
N ASP Y 313 -39.11 20.86 27.61
CA ASP Y 313 -38.16 19.79 27.32
C ASP Y 313 -38.08 18.83 28.50
N GLU Y 314 -38.14 19.36 29.71
CA GLU Y 314 -38.16 18.50 30.89
C GLU Y 314 -39.46 17.72 30.98
N ILE Y 315 -40.58 18.39 30.70
CA ILE Y 315 -41.90 17.77 30.83
C ILE Y 315 -42.10 16.69 29.77
N GLN Y 316 -41.66 16.95 28.53
CA GLN Y 316 -41.72 15.91 27.51
C GLN Y 316 -40.65 14.84 27.69
N LYS Y 317 -39.71 15.02 28.61
CA LYS Y 317 -38.77 13.98 29.00
C LYS Y 317 -39.25 13.22 30.24
N MET Y 318 -40.05 13.85 31.09
CA MET Y 318 -40.60 13.16 32.24
C MET Y 318 -41.63 12.12 31.81
N THR Y 319 -42.69 12.56 31.14
CA THR Y 319 -43.80 11.69 30.79
C THR Y 319 -43.47 10.68 29.70
N GLU Y 320 -42.42 10.90 28.91
CA GLU Y 320 -41.99 9.91 27.93
C GLU Y 320 -40.94 8.96 28.47
N GLU Y 321 -40.57 9.08 29.74
CA GLU Y 321 -39.67 8.14 30.41
C GLU Y 321 -40.38 7.47 31.59
N GLY Y 322 -41.69 7.65 31.68
CA GLY Y 322 -42.47 6.98 32.72
C GLY Y 322 -42.41 7.62 34.08
N LYS Y 323 -42.41 8.94 34.14
CA LYS Y 323 -42.45 9.64 35.42
C LYS Y 323 -43.91 9.90 35.79
N ASP Y 324 -44.14 10.73 36.82
CA ASP Y 324 -45.47 10.80 37.43
C ASP Y 324 -46.09 12.20 37.42
N TRP Y 325 -45.31 13.26 37.21
CA TRP Y 325 -45.90 14.59 37.23
C TRP Y 325 -45.11 15.53 36.33
N LYS Y 326 -45.82 16.47 35.74
CA LYS Y 326 -45.27 17.37 34.74
C LYS Y 326 -46.12 18.62 34.58
N UNK Z 1 -48.98 16.05 31.17
CA UNK Z 1 -50.34 15.70 30.79
C UNK Z 1 -50.39 15.30 29.33
N UNK Z 2 -51.41 14.53 28.95
CA UNK Z 2 -51.61 14.11 27.57
C UNK Z 2 -52.63 14.98 26.85
N UNK Z 3 -53.82 15.13 27.44
CA UNK Z 3 -54.87 15.98 26.87
C UNK Z 3 -55.83 16.40 27.97
N UNK Z 4 -56.60 17.44 27.68
CA UNK Z 4 -57.77 17.88 28.45
C UNK Z 4 -57.45 18.27 29.88
N UNK Z 5 -56.23 18.76 30.12
CA UNK Z 5 -55.84 19.24 31.44
C UNK Z 5 -55.43 20.70 31.43
N UNK Z 6 -54.57 21.09 30.50
CA UNK Z 6 -54.15 22.47 30.34
C UNK Z 6 -53.81 22.68 28.88
N UNK Z 7 -53.98 23.92 28.42
CA UNK Z 7 -53.69 24.29 27.04
C UNK Z 7 -52.48 25.21 27.04
N UNK Z 8 -51.42 24.80 26.38
CA UNK Z 8 -50.25 25.65 26.20
C UNK Z 8 -50.61 26.83 25.32
N UNK Z 9 -50.22 28.03 25.74
CA UNK Z 9 -50.78 29.24 25.16
C UNK Z 9 -50.20 29.55 23.79
N UNK Z 10 -48.88 29.45 23.63
CA UNK Z 10 -48.21 29.90 22.41
C UNK Z 10 -47.22 28.83 21.97
N UNK Z 11 -46.38 29.19 21.00
CA UNK Z 11 -45.32 28.33 20.51
C UNK Z 11 -43.96 29.01 20.69
N UNK Z 12 -43.88 29.89 21.67
CA UNK Z 12 -42.63 30.59 22.00
C UNK Z 12 -41.71 29.64 22.74
N UNK Z 13 -41.04 28.78 21.99
CA UNK Z 13 -40.04 27.90 22.56
C UNK Z 13 -38.85 28.72 23.03
N UNK Z 14 -38.21 28.30 24.12
CA UNK Z 14 -37.02 29.00 24.60
C UNK Z 14 -35.94 28.10 25.20
N UNK Z 15 -35.86 26.83 24.84
CA UNK Z 15 -34.91 25.93 25.50
C UNK Z 15 -33.47 26.14 25.08
#